data_8E2I
#
_entry.id   8E2I
#
_cell.length_a   1.00
_cell.length_b   1.00
_cell.length_c   1.00
_cell.angle_alpha   90.00
_cell.angle_beta   90.00
_cell.angle_gamma   90.00
#
_symmetry.space_group_name_H-M   'P 1'
#
loop_
_entity.id
_entity.type
_entity.pdbx_description
1 polymer 'Baculoviral IAP repeat-containing protein 6'
2 polymer 'Diablo IAP-binding mitochondrial protein'
3 polymer 'Baculoviral IAP repeat-containing protein 6'
#
loop_
_entity_poly.entity_id
_entity_poly.type
_entity_poly.pdbx_seq_one_letter_code
_entity_poly.pdbx_strand_id
1 'polypeptide(L)'
;MDYKDDDDKLAAANSSIDLISTSLYKKAGLTMVTGGGAAPPGTVTEPLPSVIVLSAGRKMAAAAAAASGPGCSSAAGAGA
AGVSEWLVLRDGCMHCDADGLHSLSYHPALNAILAVTSRGTIKVIDGTSGATLQASALSAKPGGQVKCQYISAVDKVIFV
DDYAVGCRKDLNGILLLDTALQTPVSKQDDVVQLELPVTEAQQLLSACLEKVDISSTEGYDLFITQLKDGLKNTSHETAA
NHKVAKWATVTFHLPHHVLKSIASAIVNELKKINQNVAALPVASSVMDRLSYLLPSARPELGVGPGRSVDRSLMYSEANR
RETFTSWPHVGYRWAQPDPMAQAGFYHQPASSGDDRAMCFTCSVCLVCWEPTDEPWSEHERHSPNCPFVKGEHTQNVPLS
VTLATSPAQFPCTDGTDRISCFGSGSCPHFLAAATKRGKICIWDVSKLMKVHLKFEINAYDPAIVQQLILSGDPSSGVDS
RRPTLAWLEDSSSCSDIPKLEGDSDDLLEDSDSEEHSRSDSVTGHTSQKEAMEVSLDITALSILQQPEKLQWEIVANVLE
DTVKDLEELGANPCLTNSKSEKTKEKHQEQHNIPFPCLLAGGLLTYKSPATSPISSNSHRSLDGLSRTQGESISEQGSTD
NESCTNSELNSPLVRRTLPVLLLYSIKESDEKAGKIFSQMNNIMSKSLHDDGFTVPQIIEMELDSQEQLLLQDPPVTYIQ
QFADAAANLTSPDSEKWNSVFPKPGTLVQCLRLPKFAEEENLCIDSITPCADGIHLLVGLRTCPVESLSAINQVEALNNL
NKLNSALCNRRKGELESNLAVVNGANISVIQHESPADVQTPLIIQPEQRNVSGGYLVLYKMNYATRIVTLEEEPIKIQHI
KDPQDTITSLILLPPDILDNREDDCEEPIEDMQLTSKNGFEREKTSDISTLGHLVITTQGGYVKILDLSNFEILAKVEPP
KKEGTEEQDTFVSVIYCSGTDRLCACTKGGELHFLQIGGTCDDIDEADILVDGSLSKGIEPSSEGSKPLSNPSSPGISGV
DLLVDQPFTLEILTSLVELTRFETLTPRFSATVPPCWVEVQQEQQQRRHPQHLHQQHHGDAAQHTRTWKLQTDSNSWDEH
VFELVLPKACMVGHVDFKFVLNSNITNIPQIQVTLLKNKAPGLGKVNALNIEVEQNGKPSLVDLNEEMQHMDVEESQCLR
LCPFLEDHKEDILCGPVWLASGLDLSGHAGMLTLTSPKLVKGMAGGKYRSFLIHVKAVNERGTEEICNGGMRPVVRLPSL
KHQSNKGYSLASLLAKVAAGKEKSSNVKNENTSGTRKSENLRGCDLLQEVSVTIRRFKKTSISKERVQRCAMLQFSEFHE
KLVNTLCRKTDDGQITEHAQSLVLDTLCWLAGVHSNGPGSSKEGNENLLSKTRKFLSDIVRVCFFEAGRSIAHKCARFLA
LCISNGKCDPCQPAFGPVLLKALLDNMSFLPAATTGGSVYWYFVLLNYVKDEDLAGCSTACASLLTAVSRQLQDRLTPME
ALLQTRYGLYSSPFDPVLFDLEMSGSSCKNVYNSSIGVQSDEIDLSDVLSGNGKVSSCTAAEGSFTSLTGLLEVEPLHFT
CVSTSDGTRIERDDAMSSFGVTPAVGGLSSGTVGEASTALSSAAQVALQSLSHAMASAEQQLQVLQEKQQQLLKLQQQKA
KLEAKLHQTTAAAAAAASAVGPVHNSVPSNPVAAPGFFIHPSDVIPPTPKTTPLFMTPPLTPPNEAVSVVINAELAQLFP
GSVIDPPAVNLAAHNKNSNKSRMNPLGSGLALAISHASHFLQPPPHQSIIIERMHSGARRFVTLDFGRPILLTDVLIPTC
GDLASLSIDIWTLGEEVDGRRLVVATDISTHSLILHDLIPPPVCRFMKITVIGRYGSTNARAKIPLGFYYGHTYILPWES
ELKLMHDPLKGEGESANQPEIDQHLAMMVALQEDIQCRYNLACHRLETLLQSIDLPPLNSANNAQYFLRKPDKAVEEDSR
VFSAYQDCIQLQLQLNLAHNAVQRLKVALGASRKMLSETSNPEDLIQTSSTEQLRTIIRYLLDTLLSLLHASNGHSVPAV
LQSTFHAQACEELFKHLCISGTPKIRLHTGLLLVQLCGGERWWGQFLSNVLQELYNSEQLLIFPQDRVFMLLSCIGQRSL
SNSGVLESLLNLLDNLLSPLQPQLPMHRRTEGVLDIPMISWVVMLVSRLLDYVATVEDEAAAAKKPLNGNQWSFINNNLH
TQSLNRSSKGSSSLDRLYSRKIRKQLVHHKQQLNLLKAKQKALVEQMEKEKIQSNKGSSYKLLVEQAKLKQATSKHFKDL
IRLRRTAEWSRSNLDTEVTTAKESPEIEPLPFTLAHERCISVVQKLVLFLLSMDFTCHADLLLFVCKVLARIANATRPTI
HLCEIVNEPQLERLLLLLVGTDFNRGDISWGGAWAQYSLTCMLQDILAGELLAPVAAEAMEEGTVGDDVGATAGDSDDSL
QQSSVQLLETIDEPLTHDITGAPPLSSLEKDKEIDLELLQDLMEVDIDPLDIDLEKDPLAAKVFKPISSTWYDYWGADYG
TYNYNPYIGGLGIPVAKPPANTEKNGSQTVSVSVSQALDARLEVGLEQQAELMLKMMSTLEADSILQALTNTSPTLSQSP
TGTDDSLLGGLQAANQTSQLIIQLSSVPMLNVCFNKLFSMLQVHHVQLESLLQLWLTLSLNSSSTGNKENGADIFLYNAN
RIPVISLNQASITSFLTVLAWYPNTLLRTWCLVLHSLTLMTNMQLNSGSSSAIGTQESTAHLLVSDPNLIHVLVKFLSGT
SPHGTNQHSPQVGPTATQAMQEFLTRLQVHLSSTCPQIFSEFLLKLIHILSTERGAFQTGQGPLDAQVKLLEFTLEQNFE
VVSVSTISAVIESVTFLVHHYITCSDKVMSRSGSDSSVGARACFGGLFANLIRPGDAKAVCGEMTRDQLMFDLLKLVNIL
VQLPLSGNREYSARVSVTTNTTDSVSDEEKVSGGKDGNGSSTSVQGSPAYVADLVLANQQIMSQILSALGLCNSSAMAMI
IGASGLHLTKHENFHGGLDAISVGDGLFTILTTLSKKASTVHMMLQPILTYMACGYMGRQGSLATCQLSEPLLWFILRVL
DTSDALKAFHDMGGVQLICNNMVTSTRAIVNTARSMVSTIMKFLDSGPNKAVDSTLKTRILASEPDNAEGIHNFAPLGTI
TSSSPTAQPAEVLLQATPPHRRARSAAWSYIFLPEEAWCDLTIHLPAAVLLKEIHIQPHLASLATCPSSVSVEVSADGVN
MLPLSTPVVTSGLTYIKIQLVKAEVASAVCLRLHRPRDASTLGLSQIKLLGLTAFGTTSSATVNNPFLPSEDQVSKTSIG
WLRLLHHCLTHISDLEGMMASAAAPTANLLQTCAALLMSPYCGMHSPNIEVVLVKIGLQSTRIGLKLIDILLRNCAASGS
DPTDLNSPLLFGRLNGLSSDSTIDILYQLGTTQDPGTKDRIQALLKWVSDSARVAAMKRSGRMNYMCPNSSTVEYGLLMP
SPSHLHCVAAILWHSYELLVEYDLPALLDQELFELLFNWSMSLPCNMVLKKAVDSLLCSMCHVHPNYFSLLMGWMGITPP
PVQCHHRLSMTDDSKKQDLSSSLTDDSKNAQAPLALTESHLATLASSSQSPEAIKQLLDSGLPSLLVRSLASFCFSHISS
SESIAQSIDISQDKLRRHHVPQQCNKMPITADLVAPILRFLTEVGNSHIMKDWLGGSEVNPLWTALLFLLCHSGSTSGSH
NLGAQQTSARSASLSSAATTGLTTQQRTAIENATVAFFLQCISCHPNNQKLMAQVLCELFQTSPQRGNLPTSGNISGFIR
RLFLQLMLEDEKVTMFLQSPCPLYKGRINATSHVIQHPMYGAGHKFRTLHLPVSTTLSDVLDRVSDTPSITAKLISEQKD
DKEKKNHEEKEKVKAENGFQDNYSVVVASGLKSQSKRAVSATPPRPPSRRGRTIPDKIGSTSGAEAANKIITVPVFHLFH
KLLAGQPLPAEMTLAQLLTLLYDRKLPQGYRSIDLTVKLGSRVITDPSLSKTDSYKRLHPEKDHGDLLASCPEDEALTPG
DECMDGILDESLLETCPIQSPLQVFAGMGGLALIAERLPMLYPEVIQQVSAPVVTSTTQEKPKDSDQFEWVTIEQSGELV
YEAPETVAAEPPPIKSAVQTMSPIPAHSLAAFGLFLRLPGYAEVLLKERKHAQCLLRLVLGVTDDGEGSHILQSPSANVL
PTLPFHVLRSLFSTTPLTTDDGVLLRRMALEIGALHLILVCLSALSHHSPRVPNSSVNQTEPQVSSSHNPTSTEEQQLYW
AKGTGFGTGSTASGWDVEQALTKQRLEEEHVTCLLQVLASYINPVSSAVNGEAQSSHETRGQNSNALPSVLLELLSQSCL
IPAMSSYLRNDSVLDMARHVPLYRALLELLRAIASCAAMVPLLLPLSTENGEEEEEQSECQTSVGTLLAKMKTCVDTYTN
RLRSKRENVKTGVKPDASDQEPEGLTLLVPDIQKTAEIVYAATTSLRQANQEKKLGEYSKKAAMKPKPLSVLKSLEEKYV
AVMKKLQFDTFEMVSEDEDGKLGFKVNYHYMSQVKNANDANSAARARRLAQEAVTLSTSLPLSSSSSVFVRCDEERLDIM
KVLITGPADTPYANGCFEFDVYFPQDYPSSPPLVNLETTGGHSVRFNPNLYNDGKVCLSILNTWHGRPEEKWNPQTSSFL
QVLVSVQSLILVAEPYFNEPGYERSRGTPSGTQSSREYDGNIRQATVKWAMLEQIRNPSPCFKEVIHKHFYLKRVEIMAQ
CEEWIADIQQYSSDKRVGRTMSHHAAALKRHTAQLREELLKLPCPEGLDPDTDDAPEVCRATTGAEETLMHDQVKPSSSK
ELPSDFQL
;
A,B
2 'polypeptide(L)'
;MAVPIAQKSEPHSLSSEALMRRAVSLVTDSTSTFLSQTTYALIEAITEYTKAVYTLTSLYRQYTSLLGKMNSEEEDEVWQ
VIIGARAEMTSKHQEYLKLETTWMTAVGLSEMAAEAAYQTGADQASITARNHIQLVKLQVEEVHQLSRKAETKLAEAQIE
ELRQKTQEEGEERAESEQEAYLREDHHHHHHHHH
;
F,E
3 'polypeptide(L)'
;(UNK)(UNK)(UNK)(UNK)(UNK)(UNK)(UNK)(UNK)(UNK)(UNK)(UNK)(UNK)(UNK)(UNK)(UNK)(UNK)
(UNK)(UNK)(UNK)(UNK)(UNK)(UNK)(UNK)(UNK)(UNK)(UNK)(UNK)(UNK)(UNK)(UNK)(UNK)(UNK)
(UNK)(UNK)(UNK)(UNK)(UNK)(UNK)(UNK)(UNK)(UNK)(UNK)(UNK)(UNK)(UNK)(UNK)(UNK)(UNK)
(UNK)(UNK)(UNK)(UNK)(UNK)(UNK)(UNK)(UNK)(UNK)
;
C,D
#
# COMPACT_ATOMS: atom_id res chain seq x y z
N ASP A 99 -35.42 31.33 -91.70
CA ASP A 99 -36.21 30.13 -91.51
C ASP A 99 -37.55 30.45 -90.86
N GLY A 100 -37.48 31.01 -89.66
CA GLY A 100 -38.67 31.39 -88.90
C GLY A 100 -38.54 30.92 -87.47
N LEU A 101 -39.15 31.68 -86.56
CA LEU A 101 -39.15 31.39 -85.13
C LEU A 101 -40.51 30.95 -84.61
N HIS A 102 -41.57 31.69 -84.95
CA HIS A 102 -42.96 31.35 -84.70
C HIS A 102 -43.32 31.59 -83.23
N SER A 103 -42.38 31.93 -82.36
CA SER A 103 -42.66 32.21 -80.96
C SER A 103 -41.37 32.69 -80.32
N LEU A 104 -41.52 33.37 -79.17
CA LEU A 104 -40.37 33.90 -78.45
C LEU A 104 -40.61 33.86 -76.96
N SER A 105 -39.51 33.94 -76.21
CA SER A 105 -39.54 34.20 -74.78
C SER A 105 -38.18 34.76 -74.39
N TYR A 106 -38.14 35.44 -73.25
CA TYR A 106 -36.93 36.08 -72.77
C TYR A 106 -36.72 35.79 -71.30
N HIS A 107 -35.45 35.68 -70.90
CA HIS A 107 -35.10 35.42 -69.51
C HIS A 107 -34.59 36.71 -68.89
N PRO A 108 -35.30 37.32 -67.93
CA PRO A 108 -34.81 38.56 -67.34
C PRO A 108 -33.65 38.37 -66.39
N ALA A 109 -33.66 37.30 -65.60
CA ALA A 109 -32.53 37.02 -64.73
C ALA A 109 -31.26 36.83 -65.53
N LEU A 110 -31.35 36.12 -66.66
CA LEU A 110 -30.28 36.01 -67.63
C LEU A 110 -30.37 37.16 -68.64
N ASN A 111 -29.62 37.05 -69.73
CA ASN A 111 -29.65 37.99 -70.85
C ASN A 111 -29.83 37.24 -72.16
N ALA A 112 -30.79 36.32 -72.19
CA ALA A 112 -30.93 35.38 -73.29
C ALA A 112 -32.31 35.51 -73.92
N ILE A 113 -32.36 35.44 -75.25
CA ILE A 113 -33.61 35.38 -75.98
C ILE A 113 -33.86 33.93 -76.32
N LEU A 114 -34.94 33.37 -75.80
CA LEU A 114 -35.34 31.99 -76.09
C LEU A 114 -36.47 31.99 -77.10
N ALA A 115 -36.12 31.75 -78.36
CA ALA A 115 -37.08 31.63 -79.45
C ALA A 115 -37.37 30.18 -79.73
N VAL A 116 -38.62 29.87 -80.06
CA VAL A 116 -38.94 28.55 -80.59
C VAL A 116 -38.62 28.54 -82.08
N THR A 117 -38.53 27.35 -82.65
CA THR A 117 -38.41 27.20 -84.09
C THR A 117 -39.52 26.32 -84.62
N SER A 118 -39.88 26.55 -85.88
CA SER A 118 -40.86 25.72 -86.55
C SER A 118 -40.36 24.28 -86.72
N ARG A 119 -39.05 24.07 -86.55
CA ARG A 119 -38.44 22.76 -86.66
C ARG A 119 -38.53 21.95 -85.37
N GLY A 120 -38.90 22.58 -84.26
CA GLY A 120 -38.97 21.91 -82.98
C GLY A 120 -37.77 22.15 -82.09
N THR A 121 -36.83 22.98 -82.52
CA THR A 121 -35.65 23.29 -81.73
C THR A 121 -35.84 24.62 -80.99
N ILE A 122 -34.81 25.01 -80.26
CA ILE A 122 -34.74 26.29 -79.57
C ILE A 122 -33.43 26.95 -79.95
N LYS A 123 -33.51 28.20 -80.38
CA LYS A 123 -32.33 29.01 -80.67
C LYS A 123 -32.14 30.03 -79.57
N VAL A 124 -31.01 29.97 -78.89
CA VAL A 124 -30.64 30.95 -77.87
C VAL A 124 -29.75 31.98 -78.55
N ILE A 125 -30.15 33.24 -78.47
CA ILE A 125 -29.46 34.32 -79.17
C ILE A 125 -29.03 35.39 -78.16
N ASP A 126 -27.96 36.09 -78.49
CA ASP A 126 -27.48 37.19 -77.67
C ASP A 126 -28.43 38.38 -77.77
N GLY A 127 -28.77 38.94 -76.63
CA GLY A 127 -29.69 40.06 -76.61
C GLY A 127 -29.07 41.40 -76.90
N THR A 128 -27.74 41.45 -77.05
CA THR A 128 -27.05 42.70 -77.30
C THR A 128 -26.57 42.86 -78.75
N SER A 129 -26.34 41.75 -79.46
CA SER A 129 -25.84 41.81 -80.83
C SER A 129 -26.69 41.04 -81.84
N GLY A 130 -27.55 40.12 -81.40
CA GLY A 130 -28.31 39.31 -82.34
C GLY A 130 -27.56 38.11 -82.87
N ALA A 131 -26.46 37.73 -82.22
CA ALA A 131 -25.69 36.56 -82.63
C ALA A 131 -26.22 35.32 -81.93
N THR A 132 -26.36 34.23 -82.69
CA THR A 132 -26.85 32.98 -82.13
C THR A 132 -25.90 32.49 -81.05
N LEU A 133 -26.48 32.09 -79.90
CA LEU A 133 -25.69 31.57 -78.79
C LEU A 133 -25.66 30.06 -78.74
N GLN A 134 -26.70 29.39 -79.22
CA GLN A 134 -26.76 27.93 -79.24
C GLN A 134 -28.03 27.52 -79.98
N ALA A 135 -28.02 26.29 -80.50
CA ALA A 135 -29.17 25.70 -81.15
C ALA A 135 -29.36 24.28 -80.62
N SER A 136 -30.31 24.11 -79.70
CA SER A 136 -30.47 22.86 -78.96
C SER A 136 -31.88 22.34 -79.16
N ALA A 137 -31.99 21.02 -79.30
CA ALA A 137 -33.27 20.32 -79.33
C ALA A 137 -33.61 19.77 -77.95
N LEU A 138 -34.82 20.06 -77.48
CA LEU A 138 -35.23 19.70 -76.13
C LEU A 138 -35.59 18.22 -76.00
N SER A 139 -35.28 17.41 -77.00
CA SER A 139 -35.68 16.00 -77.05
C SER A 139 -37.19 15.87 -76.97
N ALA A 140 -37.91 16.87 -77.45
CA ALA A 140 -39.36 16.91 -77.34
C ALA A 140 -39.99 15.90 -78.30
N LYS A 141 -41.32 15.76 -78.17
CA LYS A 141 -42.08 14.85 -79.00
C LYS A 141 -42.70 15.58 -80.18
N GLY A 144 -47.18 19.38 -83.03
CA GLY A 144 -47.76 20.48 -82.28
C GLY A 144 -46.74 21.52 -81.86
N GLN A 145 -47.24 22.66 -81.40
CA GLN A 145 -46.38 23.75 -80.97
C GLN A 145 -45.57 23.36 -79.73
N VAL A 146 -44.41 23.98 -79.58
CA VAL A 146 -43.51 23.75 -78.45
C VAL A 146 -43.38 25.07 -77.70
N LYS A 147 -43.64 25.02 -76.40
CA LYS A 147 -43.55 26.20 -75.54
C LYS A 147 -42.23 26.27 -74.81
N CYS A 148 -41.76 27.50 -74.61
CA CYS A 148 -40.47 27.77 -74.00
C CYS A 148 -40.61 28.90 -73.01
N GLN A 149 -41.83 29.30 -72.69
CA GLN A 149 -42.07 30.55 -71.98
C GLN A 149 -41.45 30.49 -70.60
N TYR A 150 -40.68 31.53 -70.27
CA TYR A 150 -40.19 31.73 -68.91
C TYR A 150 -41.26 32.49 -68.13
N ILE A 151 -41.50 32.04 -66.90
CA ILE A 151 -42.54 32.61 -66.06
C ILE A 151 -41.85 33.43 -64.98
N SER A 152 -42.13 34.73 -64.93
CA SER A 152 -41.40 35.63 -64.05
C SER A 152 -41.75 35.38 -62.59
N ALA A 153 -43.04 35.24 -62.27
CA ALA A 153 -43.45 35.09 -60.88
C ALA A 153 -42.82 33.85 -60.27
N VAL A 154 -42.85 32.74 -61.00
CA VAL A 154 -42.25 31.50 -60.50
C VAL A 154 -40.73 31.51 -60.67
N ASP A 155 -40.21 32.31 -61.59
CA ASP A 155 -38.77 32.45 -61.82
C ASP A 155 -38.14 31.12 -62.23
N LYS A 156 -38.70 30.52 -63.27
CA LYS A 156 -38.14 29.30 -63.86
C LYS A 156 -38.55 29.23 -65.31
N VAL A 157 -37.81 28.44 -66.08
CA VAL A 157 -38.07 28.28 -67.52
C VAL A 157 -38.93 27.05 -67.68
N ILE A 158 -40.11 27.22 -68.25
CA ILE A 158 -41.10 26.16 -68.43
C ILE A 158 -41.17 25.81 -69.90
N PHE A 159 -40.77 24.59 -70.24
CA PHE A 159 -40.93 24.08 -71.59
C PHE A 159 -42.11 23.12 -71.64
N VAL A 160 -42.84 23.14 -72.75
CA VAL A 160 -43.99 22.27 -72.94
C VAL A 160 -44.04 21.83 -74.39
N ASP A 161 -44.11 20.52 -74.60
CA ASP A 161 -44.47 19.95 -75.88
C ASP A 161 -45.91 19.44 -75.80
N ASP A 162 -46.38 18.76 -76.84
CA ASP A 162 -47.76 18.29 -76.86
C ASP A 162 -48.07 17.39 -75.67
N TYR A 163 -47.07 16.72 -75.10
CA TYR A 163 -47.30 15.65 -74.14
C TYR A 163 -46.82 15.94 -72.73
N ALA A 164 -45.61 16.48 -72.57
CA ALA A 164 -45.01 16.62 -71.25
C ALA A 164 -44.66 18.07 -70.96
N VAL A 165 -44.63 18.39 -69.66
CA VAL A 165 -44.27 19.72 -69.17
C VAL A 165 -42.99 19.58 -68.35
N GLY A 166 -41.88 20.10 -68.89
CA GLY A 166 -40.62 20.12 -68.19
C GLY A 166 -40.39 21.46 -67.50
N CYS A 167 -39.59 21.45 -66.44
CA CYS A 167 -39.36 22.65 -65.62
C CYS A 167 -37.88 22.71 -65.29
N ARG A 168 -37.17 23.62 -65.94
CA ARG A 168 -35.72 23.79 -65.79
C ARG A 168 -35.42 25.17 -65.24
N LYS A 169 -34.51 25.21 -64.26
CA LYS A 169 -34.01 26.47 -63.72
C LYS A 169 -32.65 26.81 -64.33
N ASP A 170 -32.30 28.09 -64.23
CA ASP A 170 -31.04 28.59 -64.78
C ASP A 170 -29.85 28.10 -63.96
N LEU A 171 -28.73 27.88 -64.65
CA LEU A 171 -27.49 27.44 -64.01
C LEU A 171 -26.30 28.04 -64.72
N ASN A 172 -25.41 28.65 -63.94
CA ASN A 172 -24.16 29.26 -64.45
C ASN A 172 -24.44 30.26 -65.57
N GLY A 173 -25.60 30.91 -65.54
CA GLY A 173 -25.90 31.88 -66.56
C GLY A 173 -26.32 31.28 -67.89
N ILE A 174 -26.62 29.98 -67.92
CA ILE A 174 -27.00 29.27 -69.14
C ILE A 174 -28.11 28.30 -68.77
N LEU A 175 -28.76 27.76 -69.79
CA LEU A 175 -29.83 26.79 -69.62
C LEU A 175 -29.45 25.49 -70.29
N LEU A 176 -29.59 24.38 -69.57
CA LEU A 176 -29.30 23.06 -70.11
C LEU A 176 -30.57 22.61 -70.82
N LEU A 177 -30.58 22.77 -72.14
CA LEU A 177 -31.78 22.60 -72.94
C LEU A 177 -31.80 21.31 -73.74
N ASP A 178 -30.71 20.53 -73.73
CA ASP A 178 -30.65 19.35 -74.57
C ASP A 178 -31.59 18.25 -74.09
N THR A 179 -31.99 18.27 -72.82
CA THR A 179 -32.91 17.27 -72.28
C THR A 179 -33.93 17.95 -71.39
N ALA A 180 -34.37 19.16 -71.76
CA ALA A 180 -35.33 19.88 -70.94
C ALA A 180 -36.65 19.11 -70.85
N LEU A 181 -37.11 18.57 -71.99
CA LEU A 181 -38.39 17.89 -72.07
C LEU A 181 -38.25 16.38 -72.06
N GLN A 182 -37.06 15.87 -71.82
CA GLN A 182 -36.87 14.42 -71.74
C GLN A 182 -37.54 13.91 -70.48
N THR A 183 -38.30 12.83 -70.61
CA THR A 183 -39.05 12.26 -69.52
C THR A 183 -38.34 11.05 -68.93
N PRO A 184 -38.72 10.65 -67.71
CA PRO A 184 -38.04 9.52 -67.07
C PRO A 184 -38.16 8.25 -67.91
N VAL A 185 -37.13 7.42 -67.84
CA VAL A 185 -37.16 6.12 -68.49
C VAL A 185 -37.84 5.11 -67.58
N SER A 186 -38.23 3.98 -68.16
CA SER A 186 -38.91 2.92 -67.41
C SER A 186 -38.07 1.67 -67.21
N LYS A 187 -37.00 1.48 -68.00
CA LYS A 187 -36.11 0.35 -67.84
C LYS A 187 -34.68 0.86 -67.70
N GLN A 188 -33.91 0.21 -66.83
CA GLN A 188 -32.51 0.58 -66.67
C GLN A 188 -31.74 0.40 -67.97
N ASP A 189 -32.19 -0.52 -68.82
CA ASP A 189 -31.56 -0.71 -70.13
C ASP A 189 -31.88 0.43 -71.09
N ASP A 190 -32.89 1.24 -70.78
CA ASP A 190 -33.27 2.33 -71.67
C ASP A 190 -32.14 3.33 -71.85
N VAL A 191 -32.05 3.87 -73.06
CA VAL A 191 -30.99 4.81 -73.40
C VAL A 191 -31.42 6.19 -72.87
N VAL A 192 -30.74 6.64 -71.83
CA VAL A 192 -31.00 7.95 -71.24
C VAL A 192 -30.15 8.98 -71.96
N GLN A 193 -30.66 10.21 -71.96
CA GLN A 193 -29.95 11.35 -72.53
C GLN A 193 -29.61 12.30 -71.39
N LEU A 194 -28.36 12.73 -71.33
CA LEU A 194 -27.88 13.57 -70.22
C LEU A 194 -26.90 14.58 -70.78
N GLU A 195 -27.23 15.86 -70.63
CA GLU A 195 -26.40 16.95 -71.14
C GLU A 195 -25.52 17.49 -70.01
N LEU A 196 -24.31 17.87 -70.38
CA LEU A 196 -23.37 18.48 -69.44
C LEU A 196 -22.72 19.68 -70.10
N PRO A 197 -22.34 20.69 -69.33
CA PRO A 197 -21.58 21.81 -69.91
C PRO A 197 -20.25 21.34 -70.46
N VAL A 198 -19.73 22.10 -71.43
CA VAL A 198 -18.47 21.72 -72.06
C VAL A 198 -17.35 21.70 -71.03
N THR A 199 -17.34 22.67 -70.11
CA THR A 199 -16.30 22.72 -69.10
C THR A 199 -16.38 21.51 -68.17
N GLU A 200 -17.58 21.19 -67.69
CA GLU A 200 -17.75 20.02 -66.83
C GLU A 200 -17.41 18.74 -67.57
N ALA A 201 -17.72 18.69 -68.87
CA ALA A 201 -17.34 17.55 -69.69
C ALA A 201 -15.83 17.38 -69.73
N GLN A 202 -15.09 18.50 -69.81
CA GLN A 202 -13.63 18.43 -69.82
C GLN A 202 -13.13 17.80 -68.52
N GLN A 203 -13.73 18.16 -67.39
CA GLN A 203 -13.35 17.55 -66.12
C GLN A 203 -13.54 16.05 -66.15
N LEU A 204 -14.70 15.58 -66.64
CA LEU A 204 -14.95 14.15 -66.68
C LEU A 204 -13.95 13.44 -67.57
N LEU A 205 -13.68 14.00 -68.76
CA LEU A 205 -12.71 13.38 -69.66
C LEU A 205 -11.31 13.39 -69.05
N SER A 206 -10.94 14.49 -68.40
CA SER A 206 -9.62 14.57 -67.77
C SER A 206 -9.48 13.51 -66.68
N ALA A 207 -10.53 13.31 -65.88
CA ALA A 207 -10.48 12.29 -64.85
C ALA A 207 -10.30 10.90 -65.45
N CYS A 208 -10.99 10.63 -66.56
CA CYS A 208 -10.91 9.29 -67.15
C CYS A 208 -9.54 8.99 -67.75
N LEU A 209 -8.87 10.00 -68.32
CA LEU A 209 -7.59 9.74 -68.97
C LEU A 209 -6.40 9.86 -68.02
N GLU A 210 -6.53 10.61 -66.93
CA GLU A 210 -5.39 10.86 -66.05
C GLU A 210 -5.62 10.35 -64.63
N LYS A 211 -6.76 10.67 -64.02
CA LYS A 211 -6.90 10.48 -62.58
C LYS A 211 -7.40 9.10 -62.19
N VAL A 212 -8.44 8.59 -62.86
CA VAL A 212 -9.12 7.37 -62.44
C VAL A 212 -8.97 6.32 -63.54
N ASP A 213 -9.40 5.10 -63.21
CA ASP A 213 -9.24 3.93 -64.07
C ASP A 213 -10.56 3.16 -64.18
N ILE A 214 -11.64 3.88 -64.49
CA ILE A 214 -12.96 3.26 -64.54
C ILE A 214 -13.17 2.61 -65.90
N SER A 215 -12.10 2.53 -66.69
CA SER A 215 -12.15 1.86 -67.99
C SER A 215 -12.59 0.41 -67.83
N SER A 216 -12.98 -0.19 -68.96
CA SER A 216 -13.51 -1.55 -69.08
C SER A 216 -14.95 -1.66 -68.62
N THR A 217 -15.55 -0.59 -68.12
CA THR A 217 -16.96 -0.64 -67.72
C THR A 217 -17.84 -0.86 -68.95
N GLU A 218 -18.96 -1.55 -68.75
CA GLU A 218 -19.85 -1.85 -69.85
C GLU A 218 -20.18 -0.59 -70.63
N GLY A 219 -19.88 -0.61 -71.92
CA GLY A 219 -20.15 0.55 -72.75
C GLY A 219 -19.33 1.76 -72.35
N TYR A 220 -18.13 1.54 -71.80
CA TYR A 220 -17.25 2.64 -71.46
C TYR A 220 -16.77 3.36 -72.72
N ASP A 221 -16.50 2.60 -73.79
CA ASP A 221 -16.03 3.21 -75.02
C ASP A 221 -17.08 4.15 -75.59
N LEU A 222 -18.34 3.74 -75.57
CA LEU A 222 -19.41 4.57 -76.11
C LEU A 222 -19.52 5.85 -75.29
N PHE A 223 -19.45 5.74 -73.96
CA PHE A 223 -19.46 6.93 -73.11
C PHE A 223 -18.29 7.84 -73.44
N ILE A 224 -17.08 7.28 -73.49
CA ILE A 224 -15.91 8.08 -73.79
C ILE A 224 -15.98 8.63 -75.21
N THR A 225 -16.39 7.79 -76.17
CA THR A 225 -16.48 8.23 -77.55
C THR A 225 -17.47 9.40 -77.68
N GLN A 226 -18.64 9.26 -77.06
CA GLN A 226 -19.63 10.33 -77.12
C GLN A 226 -19.10 11.59 -76.47
N LEU A 227 -18.48 11.46 -75.29
CA LEU A 227 -17.95 12.62 -74.58
C LEU A 227 -16.90 13.33 -75.41
N LYS A 228 -15.98 12.58 -76.02
CA LYS A 228 -14.88 13.20 -76.76
C LYS A 228 -15.37 14.00 -77.96
N ASP A 229 -16.32 13.45 -78.73
CA ASP A 229 -16.78 14.16 -79.92
C ASP A 229 -17.57 15.41 -79.55
N GLY A 230 -18.30 15.38 -78.44
CA GLY A 230 -18.99 16.58 -77.98
C GLY A 230 -18.05 17.73 -77.71
N LEU A 231 -16.97 17.46 -76.97
CA LEU A 231 -15.99 18.49 -76.68
C LEU A 231 -15.30 19.00 -77.95
N LYS A 232 -14.95 18.10 -78.87
CA LYS A 232 -14.30 18.53 -80.10
C LYS A 232 -15.23 19.41 -80.93
N ASN A 233 -16.49 19.02 -81.06
CA ASN A 233 -17.43 19.83 -81.84
C ASN A 233 -17.65 21.19 -81.19
N THR A 234 -17.79 21.22 -79.87
CA THR A 234 -17.94 22.47 -79.12
C THR A 234 -16.63 23.21 -78.93
N SER A 235 -15.49 22.62 -79.28
CA SER A 235 -14.20 23.28 -79.12
C SER A 235 -14.12 24.55 -79.98
N LYS A 243 -19.26 33.58 -77.18
CA LYS A 243 -20.33 33.22 -76.26
C LYS A 243 -20.92 31.85 -76.58
N VAL A 244 -20.71 31.38 -77.81
CA VAL A 244 -21.20 30.06 -78.17
C VAL A 244 -20.55 29.00 -77.30
N ALA A 245 -19.25 29.17 -77.01
CA ALA A 245 -18.55 28.20 -76.18
C ALA A 245 -19.16 28.16 -74.77
N LYS A 246 -19.54 29.32 -74.24
CA LYS A 246 -20.15 29.38 -72.91
C LYS A 246 -21.46 28.60 -72.86
N TRP A 247 -22.21 28.58 -73.95
CA TRP A 247 -23.49 27.88 -73.98
C TRP A 247 -23.39 26.47 -74.55
N ALA A 248 -22.22 26.07 -75.04
CA ALA A 248 -22.04 24.74 -75.60
C ALA A 248 -22.24 23.66 -74.54
N THR A 249 -22.77 22.51 -74.99
CA THR A 249 -23.07 21.41 -74.08
C THR A 249 -22.83 20.10 -74.82
N VAL A 250 -22.58 19.04 -74.05
CA VAL A 250 -22.38 17.70 -74.60
C VAL A 250 -23.40 16.74 -73.99
N THR A 251 -23.97 15.90 -74.84
CA THR A 251 -25.10 15.04 -74.48
C THR A 251 -24.69 13.57 -74.58
N PHE A 252 -24.63 12.89 -73.44
CA PHE A 252 -24.51 11.43 -73.41
C PHE A 252 -25.81 10.79 -73.89
N HIS A 253 -25.67 9.76 -74.73
CA HIS A 253 -26.80 8.94 -75.19
C HIS A 253 -26.48 7.48 -74.89
N LEU A 254 -26.78 7.04 -73.67
CA LEU A 254 -26.34 5.74 -73.16
C LEU A 254 -27.46 5.05 -72.41
N PRO A 255 -27.44 3.72 -72.32
CA PRO A 255 -28.38 3.02 -71.45
C PRO A 255 -28.26 3.50 -70.02
N HIS A 256 -29.41 3.61 -69.34
CA HIS A 256 -29.42 4.17 -67.99
C HIS A 256 -28.41 3.48 -67.09
N HIS A 257 -28.34 2.15 -67.17
CA HIS A 257 -27.41 1.42 -66.30
C HIS A 257 -25.96 1.72 -66.66
N VAL A 258 -25.66 1.88 -67.96
CA VAL A 258 -24.28 2.15 -68.35
C VAL A 258 -23.81 3.48 -67.78
N LEU A 259 -24.58 4.54 -68.01
CA LEU A 259 -24.17 5.86 -67.54
C LEU A 259 -24.18 5.90 -66.01
N LYS A 260 -25.18 5.29 -65.39
CA LYS A 260 -25.25 5.28 -63.93
C LYS A 260 -24.08 4.52 -63.33
N SER A 261 -23.76 3.35 -63.89
CA SER A 261 -22.62 2.59 -63.39
C SER A 261 -21.31 3.35 -63.62
N ILE A 262 -21.16 3.97 -64.79
CA ILE A 262 -19.93 4.70 -65.09
C ILE A 262 -19.78 5.88 -64.14
N ALA A 263 -20.86 6.64 -63.93
CA ALA A 263 -20.79 7.79 -63.04
C ALA A 263 -20.51 7.37 -61.60
N SER A 264 -21.16 6.30 -61.13
CA SER A 264 -20.92 5.82 -59.77
C SER A 264 -19.48 5.36 -59.60
N ALA A 265 -18.94 4.66 -60.61
CA ALA A 265 -17.55 4.25 -60.54
C ALA A 265 -16.62 5.45 -60.44
N ILE A 266 -16.91 6.49 -61.23
CA ILE A 266 -16.09 7.70 -61.15
C ILE A 266 -16.19 8.30 -59.75
N VAL A 267 -17.41 8.38 -59.21
CA VAL A 267 -17.59 8.90 -57.86
C VAL A 267 -16.84 8.01 -56.87
N ASN A 268 -17.01 6.70 -56.99
CA ASN A 268 -16.32 5.80 -56.08
C ASN A 268 -14.81 5.92 -56.23
N GLU A 269 -14.34 5.97 -57.48
CA GLU A 269 -12.90 6.10 -57.71
C GLU A 269 -12.40 7.47 -57.30
N LEU A 270 -13.15 8.53 -57.62
CA LEU A 270 -12.73 9.87 -57.20
C LEU A 270 -12.78 9.99 -55.69
N LYS A 271 -13.73 9.30 -55.04
CA LYS A 271 -13.74 9.24 -53.59
C LYS A 271 -12.60 8.37 -53.08
N LYS A 272 -12.28 7.30 -53.82
CA LYS A 272 -11.20 6.40 -53.41
C LYS A 272 -9.84 7.09 -53.48
N ILE A 273 -9.54 7.73 -54.62
CA ILE A 273 -8.25 8.40 -54.74
C ILE A 273 -8.18 9.59 -53.78
N ASN A 274 -9.31 10.23 -53.51
CA ASN A 274 -9.47 11.32 -52.55
C ASN A 274 -8.86 12.63 -53.03
N GLN A 275 -8.26 12.66 -54.22
CA GLN A 275 -7.74 13.91 -54.78
C GLN A 275 -8.91 14.70 -55.36
N ASN A 276 -9.30 15.77 -54.67
CA ASN A 276 -10.46 16.55 -55.07
C ASN A 276 -10.29 17.14 -56.48
N VAL A 277 -11.13 16.68 -57.40
CA VAL A 277 -11.15 17.17 -58.79
C VAL A 277 -12.58 17.51 -59.13
N ALA A 278 -12.73 18.40 -60.11
CA ALA A 278 -14.06 18.91 -60.45
C ALA A 278 -14.98 17.82 -60.97
N ALA A 279 -14.45 16.65 -61.34
CA ALA A 279 -15.30 15.61 -61.89
C ALA A 279 -16.17 14.98 -60.81
N LEU A 280 -15.74 15.02 -59.56
CA LEU A 280 -16.54 14.42 -58.49
C LEU A 280 -17.91 15.07 -58.34
N PRO A 281 -18.02 16.40 -58.20
CA PRO A 281 -19.36 16.99 -58.14
C PRO A 281 -20.17 16.79 -59.41
N VAL A 282 -19.52 16.81 -60.59
CA VAL A 282 -20.25 16.56 -61.82
C VAL A 282 -20.77 15.13 -61.85
N ALA A 283 -19.93 14.17 -61.47
CA ALA A 283 -20.37 12.78 -61.44
C ALA A 283 -21.47 12.60 -60.41
N SER A 284 -21.37 13.29 -59.27
CA SER A 284 -22.43 13.23 -58.27
C SER A 284 -23.75 13.75 -58.85
N SER A 285 -23.68 14.86 -59.59
CA SER A 285 -24.88 15.38 -60.24
C SER A 285 -25.42 14.40 -61.26
N VAL A 286 -24.52 13.76 -62.02
CA VAL A 286 -24.94 12.76 -63.00
C VAL A 286 -25.69 11.62 -62.31
N MET A 287 -25.13 11.13 -61.20
CA MET A 287 -25.77 10.03 -60.49
C MET A 287 -27.15 10.43 -59.98
N ASP A 288 -27.26 11.65 -59.43
CA ASP A 288 -28.56 12.12 -58.94
C ASP A 288 -29.55 12.28 -60.09
N ARG A 289 -29.09 12.84 -61.22
CA ARG A 289 -29.98 13.04 -62.36
C ARG A 289 -30.46 11.71 -62.92
N LEU A 290 -29.58 10.72 -62.99
CA LEU A 290 -29.98 9.39 -63.45
C LEU A 290 -30.97 8.76 -62.47
N SER A 291 -30.74 8.92 -61.17
CA SER A 291 -31.67 8.42 -60.18
C SER A 291 -33.04 9.05 -60.35
N TYR A 292 -33.08 10.36 -60.62
CA TYR A 292 -34.36 11.03 -60.85
C TYR A 292 -35.05 10.49 -62.10
N LEU A 293 -34.27 10.18 -63.14
CA LEU A 293 -34.87 9.70 -64.38
C LEU A 293 -35.49 8.31 -64.25
N LEU A 294 -35.21 7.59 -63.16
CA LEU A 294 -35.80 6.28 -62.89
C LEU A 294 -36.36 6.32 -61.47
N PRO A 295 -37.58 6.83 -61.29
CA PRO A 295 -38.14 6.90 -59.93
C PRO A 295 -38.29 5.55 -59.25
N SER A 296 -38.33 4.46 -60.02
CA SER A 296 -38.42 3.12 -59.44
C SER A 296 -37.27 2.88 -58.47
N VAL A 309 -31.54 7.77 -41.68
CA VAL A 309 -31.38 8.24 -43.05
C VAL A 309 -30.05 7.75 -43.61
N ASP A 310 -30.07 7.26 -44.85
CA ASP A 310 -28.86 6.77 -45.49
C ASP A 310 -27.91 7.94 -45.73
N ARG A 311 -26.75 7.90 -45.07
CA ARG A 311 -25.80 9.01 -45.21
C ARG A 311 -25.25 9.10 -46.63
N SER A 312 -25.05 7.96 -47.28
CA SER A 312 -24.49 7.96 -48.63
C SER A 312 -25.40 8.63 -49.65
N LEU A 313 -26.67 8.86 -49.30
CA LEU A 313 -27.63 9.49 -50.19
C LEU A 313 -27.73 11.00 -49.96
N MET A 314 -26.86 11.55 -49.12
CA MET A 314 -26.89 12.96 -48.76
C MET A 314 -25.96 13.80 -49.61
N TYR A 315 -25.39 13.22 -50.66
CA TYR A 315 -24.50 13.94 -51.57
C TYR A 315 -25.22 15.03 -52.36
N SER A 316 -26.56 15.03 -52.36
CA SER A 316 -27.35 16.02 -53.07
C SER A 316 -28.11 16.89 -52.07
N GLU A 317 -28.24 18.18 -52.39
CA GLU A 317 -28.91 19.08 -51.47
C GLU A 317 -30.38 18.70 -51.32
N ALA A 318 -31.01 18.22 -52.39
CA ALA A 318 -32.42 17.90 -52.32
C ALA A 318 -32.67 16.81 -51.30
N ASN A 319 -31.84 15.76 -51.30
CA ASN A 319 -32.03 14.70 -50.33
C ASN A 319 -31.84 15.23 -48.91
N ARG A 320 -30.82 16.06 -48.71
CA ARG A 320 -30.66 16.71 -47.42
C ARG A 320 -31.88 17.57 -47.09
N ARG A 321 -32.33 18.35 -48.07
CA ARG A 321 -33.51 19.18 -47.87
C ARG A 321 -34.72 18.35 -47.45
N GLU A 322 -34.93 17.23 -48.13
CA GLU A 322 -36.04 16.35 -47.75
C GLU A 322 -35.87 15.82 -46.33
N THR A 323 -34.63 15.60 -45.88
CA THR A 323 -34.44 15.08 -44.54
C THR A 323 -34.99 16.02 -43.48
N PHE A 324 -35.09 17.32 -43.77
CA PHE A 324 -35.56 18.28 -42.80
C PHE A 324 -37.08 18.36 -42.71
N THR A 325 -37.79 17.35 -43.22
CA THR A 325 -39.25 17.40 -43.21
C THR A 325 -39.81 17.45 -41.79
N SER A 326 -39.05 16.99 -40.81
CA SER A 326 -39.45 17.03 -39.40
C SER A 326 -38.56 18.00 -38.62
N TRP A 327 -38.20 19.11 -39.25
CA TRP A 327 -37.35 20.10 -38.61
C TRP A 327 -38.20 20.87 -37.59
N PRO A 328 -37.81 20.92 -36.32
CA PRO A 328 -38.67 21.60 -35.32
C PRO A 328 -38.45 23.10 -35.19
N HIS A 329 -37.34 23.61 -35.72
CA HIS A 329 -37.00 25.03 -35.61
C HIS A 329 -37.38 25.82 -36.86
N VAL A 330 -38.51 25.46 -37.49
CA VAL A 330 -38.95 26.14 -38.70
C VAL A 330 -39.16 27.64 -38.49
N GLY A 331 -39.32 28.08 -37.25
CA GLY A 331 -39.51 29.49 -36.96
C GLY A 331 -38.25 30.33 -36.96
N TYR A 332 -37.10 29.72 -37.16
CA TYR A 332 -35.84 30.45 -37.18
C TYR A 332 -35.69 31.20 -38.52
N ARG A 333 -34.74 32.13 -38.55
CA ARG A 333 -34.52 32.93 -39.76
C ARG A 333 -33.51 32.28 -40.70
N TRP A 334 -32.39 31.81 -40.17
CA TRP A 334 -31.33 31.22 -40.99
C TRP A 334 -31.13 29.74 -40.74
N ALA A 335 -31.70 29.18 -39.67
CA ALA A 335 -31.59 27.76 -39.37
C ALA A 335 -32.74 26.96 -39.99
N GLN A 336 -33.33 27.48 -41.07
CA GLN A 336 -34.43 26.82 -41.72
C GLN A 336 -33.97 25.58 -42.47
N PRO A 337 -34.91 24.68 -42.80
CA PRO A 337 -34.52 23.45 -43.52
C PRO A 337 -33.68 23.68 -44.77
N ASP A 338 -34.15 24.53 -45.70
CA ASP A 338 -33.43 24.70 -46.95
C ASP A 338 -32.06 25.34 -46.78
N PRO A 339 -31.90 26.41 -46.00
CA PRO A 339 -30.55 26.96 -45.81
C PRO A 339 -29.52 25.96 -45.31
N MET A 340 -29.90 25.09 -44.38
CA MET A 340 -28.94 24.10 -43.89
C MET A 340 -28.57 23.11 -44.97
N ALA A 341 -29.54 22.68 -45.77
CA ALA A 341 -29.23 21.81 -46.90
C ALA A 341 -28.24 22.46 -47.85
N GLN A 342 -28.31 23.79 -47.98
CA GLN A 342 -27.36 24.50 -48.83
C GLN A 342 -25.93 24.31 -48.32
N ALA A 343 -25.75 24.34 -47.01
CA ALA A 343 -24.43 24.19 -46.41
C ALA A 343 -23.99 22.73 -46.29
N GLY A 344 -24.78 21.79 -46.77
CA GLY A 344 -24.41 20.39 -46.73
C GLY A 344 -25.02 19.60 -45.60
N PHE A 345 -25.87 20.23 -44.78
CA PHE A 345 -26.45 19.56 -43.62
C PHE A 345 -27.75 18.85 -43.99
N TYR A 346 -28.00 17.73 -43.32
CA TYR A 346 -29.22 16.97 -43.44
C TYR A 346 -29.72 16.60 -42.04
N HIS A 347 -31.03 16.44 -41.92
CA HIS A 347 -31.66 16.21 -40.62
C HIS A 347 -31.77 14.72 -40.38
N GLN A 348 -31.12 14.26 -39.31
CA GLN A 348 -31.17 12.86 -38.89
C GLN A 348 -31.55 12.84 -37.40
N PRO A 349 -32.81 13.10 -37.08
CA PRO A 349 -33.20 13.19 -35.66
C PRO A 349 -32.98 11.88 -34.93
N ALA A 350 -32.60 11.98 -33.66
CA ALA A 350 -32.45 10.83 -32.79
C ALA A 350 -33.58 10.71 -31.79
N SER A 351 -34.36 11.77 -31.58
CA SER A 351 -35.48 11.74 -30.67
C SER A 351 -36.54 12.70 -31.18
N SER A 352 -37.64 12.83 -30.42
CA SER A 352 -38.69 13.77 -30.79
C SER A 352 -38.22 15.20 -30.56
N GLY A 353 -38.41 16.06 -31.56
CA GLY A 353 -37.94 17.42 -31.46
C GLY A 353 -36.43 17.55 -31.48
N ASP A 354 -35.73 16.53 -31.95
CA ASP A 354 -34.28 16.55 -32.01
C ASP A 354 -33.83 17.36 -33.22
N ASP A 355 -33.08 18.42 -32.97
CA ASP A 355 -32.56 19.30 -34.02
C ASP A 355 -31.16 18.85 -34.45
N ARG A 356 -31.09 17.64 -35.01
CA ARG A 356 -29.84 17.00 -35.36
C ARG A 356 -29.49 17.27 -36.83
N ALA A 357 -28.40 17.98 -37.05
CA ALA A 357 -27.93 18.33 -38.39
C ALA A 357 -26.53 17.78 -38.55
N MET A 358 -26.33 16.92 -39.55
CA MET A 358 -25.04 16.30 -39.84
C MET A 358 -24.64 16.63 -41.27
N CYS A 359 -23.34 16.80 -41.48
CA CYS A 359 -22.83 17.08 -42.81
C CYS A 359 -22.62 15.78 -43.59
N PHE A 360 -22.98 15.82 -44.88
CA PHE A 360 -22.91 14.62 -45.71
C PHE A 360 -21.50 14.10 -45.85
N THR A 361 -20.49 14.97 -45.80
CA THR A 361 -19.10 14.59 -46.01
C THR A 361 -18.19 14.89 -44.83
N CYS A 362 -18.45 15.97 -44.08
CA CYS A 362 -17.52 16.38 -43.04
C CYS A 362 -17.55 15.44 -41.83
N SER A 363 -18.69 14.82 -41.57
CA SER A 363 -18.95 13.98 -40.40
C SER A 363 -19.21 14.83 -39.16
N VAL A 364 -19.19 16.16 -39.28
CA VAL A 364 -19.43 17.00 -38.11
C VAL A 364 -20.85 16.77 -37.64
N CYS A 365 -21.07 16.93 -36.33
CA CYS A 365 -22.38 16.76 -35.73
C CYS A 365 -22.70 18.01 -34.92
N LEU A 366 -23.85 18.61 -35.19
CA LEU A 366 -24.28 19.84 -34.54
C LEU A 366 -25.68 19.64 -33.99
N VAL A 367 -25.91 20.19 -32.79
CA VAL A 367 -27.17 20.02 -32.08
C VAL A 367 -27.49 21.32 -31.35
N CYS A 368 -28.74 21.43 -30.91
CA CYS A 368 -29.19 22.56 -30.10
C CYS A 368 -28.92 23.88 -30.82
N TRP A 369 -29.52 24.04 -31.99
CA TRP A 369 -29.31 25.25 -32.76
C TRP A 369 -30.02 26.43 -32.11
N GLU A 370 -29.65 27.63 -32.53
CA GLU A 370 -30.21 28.87 -32.01
C GLU A 370 -30.67 29.75 -33.18
N PRO A 371 -31.57 30.70 -32.91
CA PRO A 371 -32.13 31.49 -34.01
C PRO A 371 -31.07 32.23 -34.81
N THR A 372 -29.98 32.66 -34.18
CA THR A 372 -28.95 33.43 -34.85
C THR A 372 -27.95 32.57 -35.61
N ASP A 373 -27.99 31.26 -35.45
CA ASP A 373 -27.03 30.40 -36.13
C ASP A 373 -27.23 30.44 -37.64
N GLU A 374 -26.11 30.39 -38.36
CA GLU A 374 -26.11 30.40 -39.81
C GLU A 374 -25.38 29.17 -40.32
N PRO A 375 -25.92 28.47 -41.33
CA PRO A 375 -25.31 27.21 -41.77
C PRO A 375 -23.81 27.28 -41.94
N TRP A 376 -23.36 28.21 -42.80
CA TRP A 376 -21.93 28.30 -43.13
C TRP A 376 -21.08 28.62 -41.90
N SER A 377 -21.56 29.52 -41.03
CA SER A 377 -20.78 29.90 -39.87
C SER A 377 -20.52 28.71 -38.96
N GLU A 378 -21.57 27.96 -38.61
CA GLU A 378 -21.40 26.81 -37.74
C GLU A 378 -20.49 25.76 -38.37
N HIS A 379 -20.67 25.48 -39.65
CA HIS A 379 -19.88 24.43 -40.29
C HIS A 379 -18.40 24.76 -40.28
N GLU A 380 -18.04 26.02 -40.58
CA GLU A 380 -16.63 26.39 -40.59
C GLU A 380 -16.04 26.34 -39.19
N ARG A 381 -16.70 26.99 -38.23
CA ARG A 381 -16.13 27.06 -36.89
C ARG A 381 -16.05 25.67 -36.25
N HIS A 382 -17.08 24.85 -36.45
CA HIS A 382 -17.11 23.53 -35.84
C HIS A 382 -16.23 22.53 -36.59
N SER A 383 -15.90 22.81 -37.85
CA SER A 383 -15.09 21.91 -38.66
C SER A 383 -14.47 22.66 -39.82
N PRO A 384 -13.37 23.40 -39.59
CA PRO A 384 -12.71 24.09 -40.71
C PRO A 384 -12.09 23.16 -41.73
N ASN A 385 -11.89 21.89 -41.40
CA ASN A 385 -11.20 20.98 -42.30
C ASN A 385 -12.11 20.39 -43.35
N CYS A 386 -13.40 20.71 -43.35
CA CYS A 386 -14.30 20.14 -44.33
C CYS A 386 -13.90 20.60 -45.73
N PRO A 387 -13.78 19.70 -46.70
CA PRO A 387 -13.55 20.17 -48.08
C PRO A 387 -14.66 21.05 -48.60
N PHE A 388 -15.92 20.77 -48.22
CA PHE A 388 -17.03 21.57 -48.72
C PHE A 388 -17.01 22.98 -48.15
N VAL A 389 -16.69 23.13 -46.86
CA VAL A 389 -16.64 24.46 -46.29
C VAL A 389 -15.57 25.27 -47.02
N LYS A 390 -14.43 24.65 -47.29
CA LYS A 390 -13.36 25.32 -48.02
C LYS A 390 -13.73 25.54 -49.48
N GLY A 391 -14.83 24.97 -49.94
CA GLY A 391 -15.21 25.05 -51.34
C GLY A 391 -14.58 24.01 -52.23
N GLU A 392 -14.07 22.92 -51.67
CA GLU A 392 -13.38 21.91 -52.47
C GLU A 392 -14.38 21.11 -53.31
N HIS A 393 -13.85 20.13 -54.03
CA HIS A 393 -14.63 19.29 -54.95
C HIS A 393 -15.13 18.05 -54.20
N THR A 394 -16.21 18.24 -53.44
CA THR A 394 -16.81 17.16 -52.68
C THR A 394 -17.82 16.42 -53.56
N GLN A 395 -18.62 15.55 -52.96
CA GLN A 395 -19.66 14.82 -53.66
C GLN A 395 -20.95 15.61 -53.75
N ASN A 396 -20.94 16.86 -53.29
CA ASN A 396 -22.14 17.66 -53.21
C ASN A 396 -22.77 17.86 -54.59
N VAL A 397 -24.09 17.77 -54.63
CA VAL A 397 -24.88 18.09 -55.82
C VAL A 397 -25.79 19.25 -55.44
N PRO A 398 -25.43 20.49 -55.79
CA PRO A 398 -26.23 21.63 -55.35
C PRO A 398 -27.62 21.59 -55.96
N LEU A 399 -28.50 22.42 -55.38
CA LEU A 399 -29.84 22.55 -55.91
C LEU A 399 -29.85 23.21 -57.28
N SER A 400 -28.83 24.02 -57.58
CA SER A 400 -28.82 24.73 -58.86
C SER A 400 -28.76 23.75 -60.02
N VAL A 401 -27.89 22.74 -59.94
CA VAL A 401 -27.85 21.74 -61.00
C VAL A 401 -29.11 20.89 -60.96
N THR A 402 -29.61 20.59 -59.76
CA THR A 402 -30.82 19.79 -59.64
C THR A 402 -32.01 20.48 -60.29
N LEU A 403 -32.18 21.78 -60.03
CA LEU A 403 -33.28 22.52 -60.64
C LEU A 403 -33.04 22.77 -62.11
N ALA A 404 -31.77 22.89 -62.52
CA ALA A 404 -31.40 23.10 -63.90
C ALA A 404 -31.33 21.81 -64.72
N THR A 405 -31.54 20.64 -64.09
CA THR A 405 -31.46 19.38 -64.82
C THR A 405 -32.58 18.41 -64.45
N SER A 406 -33.67 18.91 -63.86
CA SER A 406 -34.77 18.03 -63.48
C SER A 406 -35.40 17.42 -64.72
N PRO A 407 -35.88 16.18 -64.63
CA PRO A 407 -36.51 15.56 -65.80
C PRO A 407 -37.89 16.12 -66.08
N ALA A 408 -38.37 15.86 -67.29
CA ALA A 408 -39.71 16.31 -67.63
C ALA A 408 -40.74 15.47 -66.89
N GLN A 409 -41.99 15.93 -66.93
CA GLN A 409 -43.08 15.27 -66.23
C GLN A 409 -44.34 15.33 -67.05
N PHE A 410 -44.93 14.16 -67.31
CA PHE A 410 -46.22 14.11 -67.99
C PHE A 410 -47.31 14.62 -67.06
N PRO A 411 -48.25 15.45 -67.55
CA PRO A 411 -49.33 15.91 -66.67
C PRO A 411 -50.31 14.80 -66.32
N CYS A 412 -50.69 13.97 -67.28
CA CYS A 412 -51.53 12.82 -66.97
C CYS A 412 -50.73 11.76 -66.25
N THR A 413 -51.42 10.95 -65.45
CA THR A 413 -50.77 9.85 -64.74
C THR A 413 -50.15 8.84 -65.70
N ASP A 414 -50.65 8.76 -66.93
CA ASP A 414 -50.11 7.85 -67.93
C ASP A 414 -49.37 8.56 -69.04
N GLY A 415 -49.64 9.84 -69.27
CA GLY A 415 -48.98 10.59 -70.34
C GLY A 415 -49.45 10.25 -71.73
N THR A 416 -50.61 9.60 -71.86
CA THR A 416 -51.08 9.18 -73.18
C THR A 416 -51.65 10.33 -73.99
N ASP A 417 -52.11 11.39 -73.34
CA ASP A 417 -52.87 12.44 -73.99
C ASP A 417 -51.95 13.51 -74.59
N ARG A 418 -52.60 14.53 -75.14
CA ARG A 418 -51.96 15.73 -75.65
C ARG A 418 -52.19 16.89 -74.68
N ILE A 419 -51.27 17.84 -74.67
CA ILE A 419 -51.34 18.98 -73.76
C ILE A 419 -52.09 20.09 -74.48
N SER A 420 -53.08 20.66 -73.79
CA SER A 420 -53.88 21.76 -74.30
C SER A 420 -53.60 23.09 -73.62
N CYS A 421 -53.24 23.07 -72.33
CA CYS A 421 -53.01 24.30 -71.58
C CYS A 421 -51.68 24.20 -70.84
N PHE A 422 -51.02 25.35 -70.73
CA PHE A 422 -49.76 25.46 -70.00
C PHE A 422 -49.70 26.77 -69.22
N GLY A 423 -50.86 27.33 -68.87
CA GLY A 423 -50.88 28.64 -68.26
C GLY A 423 -50.21 28.66 -66.90
N SER A 424 -49.79 29.85 -66.50
CA SER A 424 -49.17 30.06 -65.20
C SER A 424 -50.01 31.09 -64.42
N GLY A 425 -49.53 31.48 -63.25
CA GLY A 425 -50.22 32.47 -62.45
C GLY A 425 -49.25 33.38 -61.72
N SER A 426 -49.80 34.49 -61.20
CA SER A 426 -49.01 35.46 -60.47
C SER A 426 -48.41 34.86 -59.19
N CYS A 427 -49.00 33.79 -58.67
CA CYS A 427 -48.43 33.11 -57.52
C CYS A 427 -47.08 32.52 -57.88
N PRO A 428 -46.04 32.68 -57.06
CA PRO A 428 -44.70 32.20 -57.42
C PRO A 428 -44.44 30.75 -57.03
N HIS A 429 -45.47 29.99 -56.68
CA HIS A 429 -45.31 28.62 -56.23
C HIS A 429 -46.12 27.62 -57.05
N PHE A 430 -46.80 28.06 -58.12
CA PHE A 430 -47.76 27.21 -58.80
C PHE A 430 -47.72 27.40 -60.31
N LEU A 431 -47.79 26.27 -61.03
CA LEU A 431 -48.03 26.25 -62.47
C LEU A 431 -49.14 25.24 -62.75
N ALA A 432 -49.91 25.49 -63.81
CA ALA A 432 -51.07 24.68 -64.12
C ALA A 432 -51.05 24.25 -65.58
N ALA A 433 -51.59 23.05 -65.83
CA ALA A 433 -51.72 22.51 -67.18
C ALA A 433 -52.99 21.69 -67.26
N ALA A 434 -53.51 21.55 -68.48
CA ALA A 434 -54.74 20.82 -68.75
C ALA A 434 -54.52 19.85 -69.90
N THR A 435 -55.30 18.77 -69.90
CA THR A 435 -55.22 17.75 -70.94
C THR A 435 -56.52 17.69 -71.72
N LYS A 436 -56.42 17.12 -72.93
CA LYS A 436 -57.59 17.01 -73.80
C LYS A 436 -58.66 16.10 -73.19
N ARG A 437 -58.25 15.15 -72.35
CA ARG A 437 -59.18 14.22 -71.72
C ARG A 437 -59.84 14.79 -70.47
N GLY A 438 -59.46 16.01 -70.06
CA GLY A 438 -60.09 16.67 -68.93
C GLY A 438 -59.27 16.65 -67.65
N LYS A 439 -58.18 15.88 -67.61
CA LYS A 439 -57.31 15.84 -66.45
C LYS A 439 -56.46 17.10 -66.41
N ILE A 440 -56.48 17.80 -65.28
CA ILE A 440 -55.76 19.05 -65.09
C ILE A 440 -54.75 18.84 -63.98
N CYS A 441 -53.49 19.16 -64.27
CA CYS A 441 -52.41 19.03 -63.30
C CYS A 441 -51.97 20.41 -62.81
N ILE A 442 -51.59 20.49 -61.54
CA ILE A 442 -51.11 21.72 -60.92
C ILE A 442 -49.82 21.37 -60.18
N TRP A 443 -48.71 21.93 -60.65
CA TRP A 443 -47.40 21.69 -60.06
C TRP A 443 -47.06 22.78 -59.05
N ASP A 444 -46.50 22.36 -57.91
CA ASP A 444 -45.89 23.28 -56.96
C ASP A 444 -44.46 23.56 -57.43
N VAL A 445 -44.36 24.36 -58.49
CA VAL A 445 -43.10 24.59 -59.20
C VAL A 445 -42.03 25.06 -58.22
N SER A 446 -42.46 25.56 -57.07
CA SER A 446 -41.52 25.88 -55.99
C SER A 446 -40.60 24.68 -55.73
N LYS A 447 -39.30 24.91 -55.88
CA LYS A 447 -38.31 23.85 -55.69
C LYS A 447 -38.48 22.75 -56.75
N LEU A 448 -39.01 21.59 -56.37
CA LEU A 448 -38.86 20.37 -57.16
C LEU A 448 -40.07 20.08 -58.05
N MET A 449 -40.90 21.09 -58.35
CA MET A 449 -42.00 20.92 -59.30
C MET A 449 -42.88 19.73 -58.93
N LYS A 450 -43.14 19.55 -57.64
CA LYS A 450 -44.02 18.48 -57.21
C LYS A 450 -45.45 18.75 -57.64
N VAL A 451 -46.10 17.74 -58.21
CA VAL A 451 -47.50 17.88 -58.60
C VAL A 451 -48.33 18.13 -57.35
N HIS A 452 -48.97 19.30 -57.30
CA HIS A 452 -49.72 19.70 -56.11
C HIS A 452 -51.16 19.21 -56.12
N LEU A 453 -51.84 19.25 -57.27
CA LEU A 453 -53.23 18.83 -57.30
C LEU A 453 -53.65 18.47 -58.72
N LYS A 454 -54.20 17.27 -58.87
CA LYS A 454 -54.77 16.75 -60.11
C LYS A 454 -56.24 16.44 -59.85
N PHE A 455 -57.13 17.04 -60.63
CA PHE A 455 -58.57 16.86 -60.46
C PHE A 455 -59.20 16.55 -61.80
N GLU A 456 -60.52 16.38 -61.79
CA GLU A 456 -61.27 16.00 -63.00
C GLU A 456 -62.27 17.10 -63.35
N ILE A 457 -62.45 17.30 -64.64
CA ILE A 457 -63.39 18.28 -65.17
C ILE A 457 -64.53 17.55 -65.84
N ASN A 458 -65.73 17.73 -65.33
CA ASN A 458 -66.95 17.11 -65.86
C ASN A 458 -67.89 18.20 -66.34
N ALA A 459 -68.34 18.10 -67.59
CA ALA A 459 -69.25 19.11 -68.12
C ALA A 459 -70.57 19.11 -67.36
N TYR A 460 -70.95 17.97 -66.79
CA TYR A 460 -72.20 17.85 -66.06
C TYR A 460 -72.00 18.37 -64.64
N ASP A 461 -71.50 19.63 -64.51
CA ASP A 461 -71.23 20.20 -63.21
C ASP A 461 -72.41 21.04 -62.74
N PRO A 462 -72.65 21.14 -61.42
CA PRO A 462 -73.80 21.94 -60.97
C PRO A 462 -73.80 23.38 -61.43
N ALA A 463 -72.63 24.03 -61.50
CA ALA A 463 -72.60 25.40 -61.98
C ALA A 463 -72.83 25.50 -63.49
N ILE A 464 -72.11 24.68 -64.27
CA ILE A 464 -72.20 24.78 -65.72
C ILE A 464 -73.58 24.39 -66.22
N VAL A 465 -74.13 23.30 -65.70
CA VAL A 465 -75.41 22.79 -66.22
C VAL A 465 -76.52 23.81 -66.04
N GLN A 466 -76.42 24.67 -65.03
CA GLN A 466 -77.39 25.75 -64.85
C GLN A 466 -77.04 26.96 -65.71
N GLN A 467 -75.76 27.28 -65.85
CA GLN A 467 -75.36 28.45 -66.62
C GLN A 467 -75.75 28.31 -68.08
N LEU A 468 -75.96 27.08 -68.55
CA LEU A 468 -76.36 26.87 -69.93
C LEU A 468 -77.70 27.53 -70.25
N ILE A 469 -78.50 27.83 -69.23
CA ILE A 469 -79.75 28.53 -69.41
C ILE A 469 -79.50 30.04 -69.35
N GLU A 533 -76.78 16.17 -75.22
CA GLU A 533 -75.33 16.10 -75.34
C GLU A 533 -74.66 17.35 -74.78
N VAL A 534 -73.49 17.20 -74.18
CA VAL A 534 -72.74 18.34 -73.67
C VAL A 534 -71.29 17.90 -73.45
N SER A 535 -70.36 18.80 -73.76
CA SER A 535 -68.94 18.58 -73.53
C SER A 535 -68.30 19.86 -73.00
N LEU A 536 -67.16 19.71 -72.36
CA LEU A 536 -66.38 20.82 -71.83
C LEU A 536 -64.92 20.63 -72.23
N ASP A 537 -64.30 21.68 -72.75
CA ASP A 537 -62.90 21.66 -73.15
C ASP A 537 -62.20 22.90 -72.59
N ILE A 538 -61.16 22.68 -71.80
CA ILE A 538 -60.35 23.78 -71.29
C ILE A 538 -59.34 24.19 -72.35
N THR A 539 -59.13 25.49 -72.51
CA THR A 539 -58.19 26.01 -73.49
C THR A 539 -57.22 27.05 -72.94
N ALA A 540 -57.48 27.63 -71.77
CA ALA A 540 -56.58 28.59 -71.15
C ALA A 540 -56.51 28.30 -69.66
N LEU A 541 -55.41 28.71 -69.04
CA LEU A 541 -55.20 28.49 -67.61
C LEU A 541 -54.55 29.71 -66.98
N SER A 542 -54.83 29.92 -65.70
CA SER A 542 -54.24 31.01 -64.93
C SER A 542 -54.59 30.84 -63.46
N ILE A 543 -53.70 31.33 -62.60
CA ILE A 543 -53.90 31.33 -61.16
C ILE A 543 -53.71 32.75 -60.64
N LEU A 544 -54.57 33.17 -59.73
CA LEU A 544 -54.61 34.55 -59.26
C LEU A 544 -54.01 34.63 -57.86
N GLN A 545 -53.14 35.62 -57.66
CA GLN A 545 -52.64 35.96 -56.32
C GLN A 545 -52.61 37.47 -56.20
N GLN A 546 -52.72 37.95 -54.97
CA GLN A 546 -52.73 39.38 -54.69
C GLN A 546 -51.49 40.06 -55.26
N PHE A 595 -58.07 30.26 -50.33
CA PHE A 595 -58.24 31.56 -50.96
C PHE A 595 -57.67 31.61 -52.39
N PRO A 596 -56.53 30.96 -52.62
CA PRO A 596 -56.05 30.82 -54.00
C PRO A 596 -57.06 30.03 -54.83
N CYS A 597 -57.17 30.42 -56.11
CA CYS A 597 -58.14 29.83 -57.01
C CYS A 597 -57.50 29.57 -58.36
N LEU A 598 -57.96 28.53 -59.04
CA LEU A 598 -57.51 28.21 -60.39
C LEU A 598 -58.56 28.71 -61.36
N LEU A 599 -58.17 29.64 -62.23
CA LEU A 599 -59.07 30.22 -63.23
C LEU A 599 -58.67 29.64 -64.58
N ALA A 600 -59.49 28.73 -65.10
CA ALA A 600 -59.24 28.15 -66.41
C ALA A 600 -60.17 28.79 -67.44
N GLY A 601 -59.71 28.82 -68.68
CA GLY A 601 -60.53 29.21 -69.82
C GLY A 601 -60.84 27.98 -70.65
N GLY A 602 -62.11 27.86 -71.05
CA GLY A 602 -62.55 26.70 -71.79
C GLY A 602 -63.58 27.07 -72.84
N LEU A 603 -63.75 26.17 -73.80
CA LEU A 603 -64.82 26.26 -74.78
C LEU A 603 -65.71 25.04 -74.57
N LEU A 604 -66.98 25.28 -74.27
CA LEU A 604 -67.96 24.21 -74.17
C LEU A 604 -68.67 24.03 -75.50
N THR A 605 -68.86 22.77 -75.91
CA THR A 605 -69.58 22.44 -77.13
C THR A 605 -70.66 21.43 -76.78
N TYR A 606 -71.91 21.88 -76.82
CA TYR A 606 -73.04 21.03 -76.41
C TYR A 606 -73.30 19.94 -77.43
N ARG A 655 -76.75 21.75 -81.02
CA ARG A 655 -75.40 21.83 -80.49
C ARG A 655 -74.85 23.24 -80.67
N ARG A 656 -74.70 23.96 -79.57
CA ARG A 656 -74.10 25.28 -79.54
C ARG A 656 -72.87 25.26 -78.64
N THR A 657 -72.13 26.38 -78.66
CA THR A 657 -70.88 26.49 -77.92
C THR A 657 -70.91 27.78 -77.11
N LEU A 658 -70.17 27.77 -76.01
CA LEU A 658 -70.17 28.92 -75.12
C LEU A 658 -68.85 29.03 -74.36
N PRO A 659 -68.12 30.14 -74.48
CA PRO A 659 -66.92 30.33 -73.66
C PRO A 659 -67.31 30.88 -72.30
N VAL A 660 -66.69 30.32 -71.25
CA VAL A 660 -67.03 30.66 -69.87
C VAL A 660 -65.77 30.66 -69.03
N LEU A 661 -65.90 31.13 -67.80
CA LEU A 661 -64.83 31.09 -66.82
C LEU A 661 -65.16 30.04 -65.78
N LEU A 662 -64.12 29.43 -65.21
CA LEU A 662 -64.27 28.34 -64.26
C LEU A 662 -63.35 28.62 -63.08
N LEU A 663 -63.93 28.85 -61.90
CA LEU A 663 -63.17 29.06 -60.67
C LEU A 663 -63.11 27.73 -59.93
N TYR A 664 -61.94 27.09 -59.99
CA TYR A 664 -61.69 25.86 -59.25
C TYR A 664 -60.83 26.14 -58.03
N SER A 665 -60.73 25.15 -57.17
CA SER A 665 -59.98 25.27 -55.91
C SER A 665 -58.58 24.70 -56.09
N ILE A 666 -57.61 25.37 -55.45
CA ILE A 666 -56.22 24.95 -55.46
C ILE A 666 -55.81 24.38 -54.11
N LYS A 667 -56.10 25.10 -53.03
CA LYS A 667 -55.73 24.66 -51.69
C LYS A 667 -56.73 23.64 -51.19
N PRO A 744 -60.06 21.83 -53.29
CA PRO A 744 -59.49 21.05 -54.38
C PRO A 744 -60.54 20.41 -55.29
N GLY A 745 -60.44 20.66 -56.59
CA GLY A 745 -61.38 20.07 -57.53
C GLY A 745 -62.80 20.52 -57.40
N THR A 746 -63.05 21.64 -56.72
CA THR A 746 -64.40 22.16 -56.52
C THR A 746 -64.56 23.44 -57.33
N LEU A 747 -65.62 23.50 -58.13
CA LEU A 747 -65.94 24.66 -58.95
C LEU A 747 -66.61 25.72 -58.09
N VAL A 748 -65.83 26.71 -57.65
CA VAL A 748 -66.38 27.75 -56.79
C VAL A 748 -67.43 28.55 -57.54
N GLN A 749 -67.11 28.96 -58.78
CA GLN A 749 -68.00 29.80 -59.57
C GLN A 749 -67.72 29.55 -61.05
N CYS A 750 -68.77 29.29 -61.82
CA CYS A 750 -68.70 29.27 -63.27
C CYS A 750 -69.33 30.55 -63.81
N LEU A 751 -68.52 31.35 -64.51
CA LEU A 751 -68.93 32.67 -64.97
C LEU A 751 -69.11 32.59 -66.49
N ARG A 752 -70.36 32.73 -66.93
CA ARG A 752 -70.70 32.72 -68.34
C ARG A 752 -70.36 34.05 -68.99
N LEU A 753 -69.67 34.00 -70.12
CA LEU A 753 -69.30 35.21 -70.84
C LEU A 753 -70.51 35.78 -71.58
N PRO A 754 -70.42 37.03 -72.03
CA PRO A 754 -71.62 37.72 -72.54
C PRO A 754 -72.44 36.91 -73.54
N LYS A 755 -73.70 37.32 -73.67
CA LYS A 755 -74.66 36.57 -74.48
C LYS A 755 -74.22 36.46 -75.93
N PHE A 756 -73.61 37.51 -76.47
CA PHE A 756 -73.27 37.51 -77.90
C PHE A 756 -72.28 36.40 -78.24
N ALA A 757 -71.45 36.00 -77.28
CA ALA A 757 -70.49 34.92 -77.52
C ALA A 757 -71.20 33.61 -77.83
N GLU A 758 -72.45 33.45 -77.38
CA GLU A 758 -73.17 32.20 -77.58
C GLU A 758 -73.36 31.92 -79.06
N GLU A 759 -73.63 32.96 -79.85
CA GLU A 759 -73.94 32.81 -81.26
C GLU A 759 -72.80 33.22 -82.19
N GLU A 760 -71.78 33.91 -81.68
CA GLU A 760 -70.69 34.38 -82.51
C GLU A 760 -69.59 33.34 -82.68
N ASN A 761 -69.70 32.19 -82.03
CA ASN A 761 -68.75 31.08 -82.19
C ASN A 761 -67.32 31.53 -81.88
N LEU A 762 -67.10 31.86 -80.61
CA LEU A 762 -65.81 32.32 -80.12
C LEU A 762 -65.30 31.43 -79.00
N CYS A 763 -63.97 31.38 -78.85
CA CYS A 763 -63.33 30.63 -77.78
C CYS A 763 -62.19 31.44 -77.18
N ILE A 764 -62.05 31.35 -75.85
CA ILE A 764 -60.98 32.05 -75.14
C ILE A 764 -59.62 31.53 -75.59
N ASP A 765 -58.69 32.45 -75.84
CA ASP A 765 -57.34 32.09 -76.28
C ASP A 765 -56.24 32.45 -75.29
N SER A 766 -56.48 33.38 -74.37
CA SER A 766 -55.48 33.78 -73.40
C SER A 766 -56.19 34.37 -72.18
N ILE A 767 -55.59 34.17 -71.01
CA ILE A 767 -56.08 34.79 -69.78
C ILE A 767 -54.87 35.21 -68.94
N THR A 768 -54.81 36.50 -68.59
CA THR A 768 -53.66 37.04 -67.86
C THR A 768 -54.12 38.01 -66.77
N PRO A 769 -53.57 37.92 -65.56
CA PRO A 769 -53.86 38.93 -64.54
C PRO A 769 -53.32 40.29 -64.95
N CYS A 770 -54.05 41.35 -64.55
CA CYS A 770 -53.73 42.69 -64.98
C CYS A 770 -52.27 43.03 -64.69
N ALA A 771 -51.72 43.95 -65.48
CA ALA A 771 -50.34 44.39 -65.28
C ALA A 771 -50.18 45.12 -63.95
N ASP A 772 -51.14 45.96 -63.58
CA ASP A 772 -51.05 46.65 -62.31
C ASP A 772 -51.50 45.75 -61.16
N GLY A 773 -52.54 44.95 -61.39
CA GLY A 773 -53.07 44.05 -60.39
C GLY A 773 -54.56 44.25 -60.19
N ILE A 774 -55.12 43.42 -59.30
CA ILE A 774 -56.54 43.44 -58.94
C ILE A 774 -57.40 43.58 -60.18
N HIS A 775 -56.96 43.01 -61.30
CA HIS A 775 -57.75 42.99 -62.52
C HIS A 775 -57.22 41.88 -63.42
N LEU A 776 -58.05 41.48 -64.38
CA LEU A 776 -57.76 40.34 -65.22
C LEU A 776 -58.21 40.66 -66.64
N LEU A 777 -57.34 40.37 -67.62
CA LEU A 777 -57.63 40.65 -69.02
C LEU A 777 -57.68 39.31 -69.77
N VAL A 778 -58.81 39.05 -70.42
CA VAL A 778 -59.02 37.83 -71.18
C VAL A 778 -59.26 38.20 -72.65
N GLY A 779 -58.80 37.33 -73.54
CA GLY A 779 -58.99 37.50 -74.97
C GLY A 779 -59.76 36.35 -75.56
N LEU A 780 -60.60 36.65 -76.55
CA LEU A 780 -61.44 35.65 -77.20
C LEU A 780 -61.26 35.74 -78.71
N ARG A 781 -60.93 34.62 -79.32
CA ARG A 781 -60.80 34.52 -80.77
C ARG A 781 -61.80 33.51 -81.32
N THR A 782 -61.98 33.55 -82.63
CA THR A 782 -62.91 32.63 -83.29
C THR A 782 -62.37 31.21 -83.23
N CYS A 783 -63.27 30.25 -83.08
CA CYS A 783 -62.89 28.84 -83.01
C CYS A 783 -62.21 28.41 -84.32
N GLY A 853 -60.83 40.84 -85.35
CA GLY A 853 -61.62 39.63 -85.27
C GLY A 853 -61.46 38.91 -83.95
N GLY A 854 -61.86 39.58 -82.88
CA GLY A 854 -61.75 38.99 -81.55
C GLY A 854 -62.32 39.92 -80.50
N TYR A 855 -62.24 39.47 -79.25
CA TYR A 855 -62.76 40.20 -78.11
C TYR A 855 -61.71 40.26 -77.02
N LEU A 856 -61.62 41.42 -76.36
CA LEU A 856 -60.79 41.59 -75.17
C LEU A 856 -61.69 42.04 -74.03
N VAL A 857 -61.81 41.19 -73.00
CA VAL A 857 -62.70 41.42 -71.88
C VAL A 857 -61.85 41.52 -70.62
N LEU A 858 -62.10 42.55 -69.82
CA LEU A 858 -61.32 42.83 -68.62
C LEU A 858 -62.20 42.58 -67.41
N TYR A 859 -61.77 41.66 -66.56
CA TYR A 859 -62.47 41.35 -65.31
C TYR A 859 -61.68 41.92 -64.14
N LYS A 860 -62.42 42.38 -63.12
CA LYS A 860 -61.84 42.74 -61.84
C LYS A 860 -61.85 41.53 -60.92
N MET A 861 -60.68 41.13 -60.43
CA MET A 861 -60.57 39.89 -59.67
C MET A 861 -61.54 39.93 -58.48
N ASN A 862 -62.27 38.83 -58.31
CA ASN A 862 -63.40 38.77 -57.39
C ASN A 862 -62.93 38.19 -56.06
N TYR A 863 -62.25 39.04 -55.28
CA TYR A 863 -61.79 38.64 -53.95
C TYR A 863 -62.98 38.41 -53.03
N GLU A 873 -70.19 40.41 -63.73
CA GLU A 873 -69.91 40.82 -65.11
C GLU A 873 -68.64 41.66 -65.17
N PRO A 874 -68.01 41.72 -66.34
CA PRO A 874 -66.71 42.40 -66.45
C PRO A 874 -66.84 43.87 -66.12
N ILE A 875 -65.69 44.53 -65.97
CA ILE A 875 -65.65 45.98 -65.79
C ILE A 875 -65.29 46.74 -67.07
N LYS A 876 -64.75 46.06 -68.09
CA LYS A 876 -64.48 46.71 -69.36
C LYS A 876 -64.60 45.69 -70.48
N ILE A 877 -64.88 46.19 -71.68
CA ILE A 877 -65.09 45.34 -72.85
C ILE A 877 -64.43 45.99 -74.07
N GLN A 878 -63.96 45.14 -74.99
CA GLN A 878 -63.45 45.60 -76.27
C GLN A 878 -63.63 44.49 -77.30
N HIS A 879 -63.98 44.88 -78.52
CA HIS A 879 -64.20 43.96 -79.63
C HIS A 879 -63.28 44.34 -80.77
N ILE A 880 -62.62 43.36 -81.36
CA ILE A 880 -61.74 43.56 -82.51
C ILE A 880 -62.44 42.98 -83.74
N LYS A 881 -62.66 43.81 -84.75
CA LYS A 881 -63.41 43.43 -85.94
C LYS A 881 -62.54 43.12 -87.15
N ASP A 882 -61.47 43.87 -87.36
CA ASP A 882 -60.67 43.68 -88.56
C ASP A 882 -60.06 42.29 -88.56
N PRO A 883 -60.25 41.50 -89.64
CA PRO A 883 -59.64 40.16 -89.66
C PRO A 883 -58.12 40.19 -89.69
N GLN A 884 -57.51 41.31 -90.07
CA GLN A 884 -56.06 41.46 -90.04
C GLN A 884 -55.56 42.06 -88.73
N ASP A 885 -56.45 42.43 -87.81
CA ASP A 885 -56.05 42.96 -86.51
C ASP A 885 -56.26 41.96 -85.37
N THR A 886 -56.52 40.69 -85.68
CA THR A 886 -56.66 39.70 -84.63
C THR A 886 -55.35 39.54 -83.88
N ILE A 887 -55.43 39.52 -82.56
CA ILE A 887 -54.24 39.47 -81.71
C ILE A 887 -53.57 38.11 -81.85
N THR A 888 -52.23 38.12 -81.80
CA THR A 888 -51.45 36.89 -81.85
C THR A 888 -50.41 36.82 -80.74
N SER A 889 -50.48 37.70 -79.75
CA SER A 889 -49.55 37.68 -78.63
C SER A 889 -50.12 38.60 -77.54
N LEU A 890 -49.47 38.57 -76.38
CA LEU A 890 -49.86 39.43 -75.27
C LEU A 890 -48.75 39.43 -74.22
N ILE A 891 -48.30 40.62 -73.82
CA ILE A 891 -47.20 40.72 -72.85
C ILE A 891 -47.70 41.43 -71.59
N LEU A 892 -48.67 42.33 -71.74
CA LEU A 892 -49.28 43.02 -70.61
C LEU A 892 -48.20 43.74 -69.80
N LEU A 893 -47.57 44.71 -70.45
CA LEU A 893 -46.48 45.44 -69.83
C LEU A 893 -46.98 46.23 -68.61
N PRO A 894 -46.10 46.49 -67.63
CA PRO A 894 -46.50 47.17 -66.39
C PRO A 894 -46.76 48.66 -66.60
N LEU A 931 -54.22 50.46 -65.63
CA LEU A 931 -54.33 49.11 -66.16
C LEU A 931 -53.03 48.66 -66.81
N GLY A 932 -51.92 49.27 -66.38
CA GLY A 932 -50.63 48.90 -66.95
C GLY A 932 -50.57 49.18 -68.43
N HIS A 933 -50.00 48.24 -69.19
CA HIS A 933 -49.84 48.40 -70.62
C HIS A 933 -50.12 47.07 -71.31
N LEU A 934 -50.19 47.12 -72.64
CA LEU A 934 -50.37 45.93 -73.45
C LEU A 934 -49.52 46.04 -74.71
N VAL A 935 -49.02 44.90 -75.17
CA VAL A 935 -48.27 44.80 -76.42
C VAL A 935 -48.75 43.55 -77.14
N ILE A 936 -49.26 43.73 -78.35
CA ILE A 936 -49.82 42.64 -79.13
C ILE A 936 -49.14 42.62 -80.50
N THR A 937 -49.39 41.55 -81.24
CA THR A 937 -48.97 41.41 -82.63
C THR A 937 -50.16 40.90 -83.43
N THR A 938 -50.58 41.67 -84.43
CA THR A 938 -51.80 41.37 -85.15
C THR A 938 -51.55 40.39 -86.29
N GLN A 939 -52.64 39.94 -86.92
CA GLN A 939 -52.53 39.07 -88.08
C GLN A 939 -51.80 39.75 -89.22
N GLY A 940 -52.01 41.07 -89.38
CA GLY A 940 -51.36 41.81 -90.44
C GLY A 940 -49.88 42.03 -90.24
N GLY A 941 -49.33 41.59 -89.12
CA GLY A 941 -47.92 41.78 -88.84
C GLY A 941 -47.58 43.11 -88.18
N TYR A 942 -48.56 43.79 -87.62
CA TYR A 942 -48.35 45.07 -86.94
C TYR A 942 -48.54 44.86 -85.45
N VAL A 943 -47.51 45.12 -84.67
CA VAL A 943 -47.63 45.15 -83.22
C VAL A 943 -48.21 46.49 -82.80
N LYS A 944 -49.08 46.46 -81.79
CA LYS A 944 -49.93 47.58 -81.45
C LYS A 944 -49.71 47.98 -80.00
N ILE A 945 -48.44 48.22 -79.66
CA ILE A 945 -48.04 48.60 -78.31
C ILE A 945 -49.05 49.63 -77.84
N LEU A 946 -49.65 49.38 -76.68
CA LEU A 946 -50.88 50.06 -76.30
C LEU A 946 -50.99 50.11 -74.79
N ASP A 947 -51.81 51.03 -74.31
CA ASP A 947 -52.08 51.20 -72.89
C ASP A 947 -53.50 50.69 -72.62
N LEU A 948 -53.65 49.96 -71.53
CA LEU A 948 -54.93 49.35 -71.21
C LEU A 948 -55.87 50.28 -70.45
N SER A 949 -55.40 51.45 -70.00
CA SER A 949 -56.27 52.34 -69.24
C SER A 949 -57.52 52.70 -70.04
N ASN A 950 -57.34 53.05 -71.32
CA ASN A 950 -58.45 53.33 -72.20
C ASN A 950 -58.20 52.77 -73.60
N PHE A 951 -57.37 51.72 -73.69
CA PHE A 951 -57.04 51.07 -74.95
C PHE A 951 -56.46 52.07 -75.95
N GLU A 952 -55.38 52.71 -75.55
CA GLU A 952 -54.67 53.68 -76.38
C GLU A 952 -53.50 52.99 -77.08
N ILE A 953 -53.54 52.95 -78.42
CA ILE A 953 -52.43 52.42 -79.20
C ILE A 953 -51.25 53.35 -79.06
N LEU A 954 -50.13 52.84 -78.52
CA LEU A 954 -48.91 53.62 -78.37
C LEU A 954 -48.01 53.59 -79.60
N ALA A 955 -47.87 52.46 -80.28
CA ALA A 955 -46.97 52.40 -81.43
C ALA A 955 -47.34 51.20 -82.30
N LYS A 956 -47.76 51.47 -83.54
CA LYS A 956 -48.02 50.41 -84.51
C LYS A 956 -46.84 50.30 -85.47
N VAL A 957 -45.81 49.58 -85.03
CA VAL A 957 -44.65 49.34 -85.88
C VAL A 957 -45.06 48.46 -87.05
N GLU A 958 -44.39 48.63 -88.19
CA GLU A 958 -44.77 47.95 -89.42
C GLU A 958 -43.77 46.86 -89.80
N PRO A 959 -44.24 45.81 -90.48
CA PRO A 959 -43.33 44.71 -90.81
C PRO A 959 -42.31 45.11 -91.85
N PRO A 960 -41.11 44.53 -91.80
CA PRO A 960 -40.09 44.80 -92.82
C PRO A 960 -40.31 43.91 -94.04
N LYS A 961 -39.39 43.99 -94.99
CA LYS A 961 -39.43 43.14 -96.18
C LYS A 961 -38.65 41.85 -95.93
N GLU A 967 -41.81 41.49 -100.37
CA GLU A 967 -43.09 41.52 -99.69
C GLU A 967 -42.90 41.72 -98.19
N GLN A 968 -43.99 42.09 -97.51
CA GLN A 968 -43.94 42.29 -96.07
C GLN A 968 -43.72 40.96 -95.36
N ASP A 969 -42.94 41.01 -94.29
CA ASP A 969 -42.76 39.86 -93.40
C ASP A 969 -43.50 40.19 -92.11
N THR A 970 -44.64 39.53 -91.90
CA THR A 970 -45.55 39.94 -90.85
C THR A 970 -44.95 39.61 -89.50
N PHE A 971 -45.01 40.57 -88.57
CA PHE A 971 -44.68 40.27 -87.18
C PHE A 971 -45.67 39.25 -86.64
N VAL A 972 -45.16 38.24 -85.94
CA VAL A 972 -45.99 37.18 -85.41
C VAL A 972 -46.00 37.17 -83.88
N SER A 973 -44.95 37.66 -83.23
CA SER A 973 -44.92 37.76 -81.78
C SER A 973 -43.87 38.78 -81.39
N VAL A 974 -43.76 39.04 -80.09
CA VAL A 974 -42.91 40.10 -79.57
C VAL A 974 -42.62 39.79 -78.11
N ILE A 975 -41.51 40.35 -77.61
CA ILE A 975 -41.09 40.17 -76.23
C ILE A 975 -40.29 41.39 -75.81
N TYR A 976 -40.16 41.58 -74.50
CA TYR A 976 -39.43 42.72 -73.94
C TYR A 976 -38.20 42.22 -73.21
N CYS A 977 -37.04 42.77 -73.56
CA CYS A 977 -35.77 42.42 -72.92
C CYS A 977 -35.58 43.37 -71.75
N SER A 978 -35.81 42.87 -70.53
CA SER A 978 -35.65 43.68 -69.33
C SER A 978 -34.18 43.95 -69.01
N GLY A 979 -33.25 43.29 -69.69
CA GLY A 979 -31.84 43.48 -69.44
C GLY A 979 -31.23 44.51 -70.36
N THR A 980 -31.94 44.84 -71.44
CA THR A 980 -31.49 45.82 -72.41
C THR A 980 -32.44 47.00 -72.58
N ASP A 981 -33.66 46.92 -72.05
CA ASP A 981 -34.67 47.98 -72.13
C ASP A 981 -35.16 48.18 -73.56
N ARG A 982 -34.84 47.27 -74.46
CA ARG A 982 -35.24 47.34 -75.86
C ARG A 982 -36.28 46.25 -76.13
N LEU A 983 -37.41 46.65 -76.69
CA LEU A 983 -38.41 45.67 -77.09
C LEU A 983 -37.83 44.83 -78.23
N CYS A 984 -38.23 43.56 -78.27
CA CYS A 984 -37.73 42.62 -79.26
C CYS A 984 -38.89 41.98 -79.98
N ALA A 985 -38.88 42.04 -81.30
CA ALA A 985 -39.95 41.54 -82.15
C ALA A 985 -39.44 40.43 -83.04
N CYS A 986 -40.30 39.45 -83.30
CA CYS A 986 -39.96 38.29 -84.11
C CYS A 986 -40.97 38.17 -85.23
N THR A 987 -40.47 38.03 -86.45
CA THR A 987 -41.32 37.93 -87.62
C THR A 987 -41.64 36.48 -87.93
N LYS A 988 -42.60 36.28 -88.83
CA LYS A 988 -42.88 34.94 -89.32
C LYS A 988 -41.68 34.41 -90.10
N GLY A 989 -41.04 35.27 -90.91
CA GLY A 989 -39.93 34.82 -91.72
C GLY A 989 -38.73 34.37 -90.90
N GLY A 990 -38.52 34.97 -89.74
CA GLY A 990 -37.38 34.60 -88.91
C GLY A 990 -36.39 35.72 -88.67
N GLU A 991 -36.85 36.96 -88.65
CA GLU A 991 -35.99 38.11 -88.44
C GLU A 991 -36.25 38.72 -87.07
N LEU A 992 -35.20 39.33 -86.51
CA LEU A 992 -35.25 39.96 -85.19
C LEU A 992 -35.04 41.46 -85.33
N HIS A 993 -35.93 42.24 -84.70
CA HIS A 993 -35.87 43.68 -84.72
C HIS A 993 -35.99 44.20 -83.29
N PHE A 994 -35.16 45.17 -82.94
CA PHE A 994 -35.17 45.76 -81.61
C PHE A 994 -35.97 47.06 -81.62
N LEU A 995 -37.03 47.10 -80.82
CA LEU A 995 -37.88 48.27 -80.66
C LEU A 995 -37.62 48.90 -79.30
N GLN A 996 -37.54 50.23 -79.28
CA GLN A 996 -37.28 50.95 -78.04
C GLN A 996 -38.61 51.37 -77.41
N ILE A 997 -38.70 51.21 -76.09
CA ILE A 997 -39.87 51.62 -75.34
C ILE A 997 -39.47 52.35 -74.06
N ASP A 1041 -25.20 80.67 -60.05
CA ASP A 1041 -25.79 79.43 -60.54
C ASP A 1041 -25.00 78.23 -60.02
N LEU A 1042 -23.78 78.06 -60.54
CA LEU A 1042 -22.92 76.98 -60.11
C LEU A 1042 -22.37 77.24 -58.72
N LEU A 1043 -22.26 76.18 -57.93
CA LEU A 1043 -21.65 76.31 -56.60
C LEU A 1043 -20.21 76.76 -56.71
N VAL A 1044 -19.54 76.41 -57.81
CA VAL A 1044 -18.15 76.79 -57.99
C VAL A 1044 -18.01 78.31 -57.93
N ASP A 1045 -18.96 79.02 -58.54
CA ASP A 1045 -18.88 80.47 -58.61
C ASP A 1045 -19.35 81.17 -57.34
N GLN A 1046 -20.08 80.48 -56.48
CA GLN A 1046 -20.60 81.13 -55.29
C GLN A 1046 -19.56 81.24 -54.19
N PRO A 1047 -19.72 82.18 -53.27
CA PRO A 1047 -18.80 82.28 -52.14
C PRO A 1047 -18.81 81.02 -51.31
N PHE A 1048 -17.66 80.71 -50.71
CA PHE A 1048 -17.52 79.49 -49.93
C PHE A 1048 -18.07 79.71 -48.53
N THR A 1049 -19.41 79.77 -48.46
CA THR A 1049 -20.10 79.70 -47.19
C THR A 1049 -20.17 78.26 -46.73
N LEU A 1050 -20.64 78.06 -45.50
CA LEU A 1050 -20.75 76.70 -44.98
C LEU A 1050 -21.69 75.86 -45.83
N GLU A 1051 -22.74 76.47 -46.38
CA GLU A 1051 -23.68 75.74 -47.22
C GLU A 1051 -23.04 75.31 -48.53
N ILE A 1052 -22.32 76.22 -49.19
CA ILE A 1052 -21.70 75.88 -50.47
C ILE A 1052 -20.65 74.79 -50.26
N LEU A 1053 -19.85 74.93 -49.20
CA LEU A 1053 -18.85 73.90 -48.91
C LEU A 1053 -19.51 72.58 -48.57
N THR A 1054 -20.57 72.62 -47.76
CA THR A 1054 -21.30 71.39 -47.45
C THR A 1054 -21.90 70.78 -48.71
N SER A 1055 -22.43 71.62 -49.59
CA SER A 1055 -22.98 71.11 -50.84
C SER A 1055 -21.92 70.40 -51.66
N LEU A 1056 -20.72 70.99 -51.75
CA LEU A 1056 -19.64 70.37 -52.52
C LEU A 1056 -19.30 68.99 -51.96
N VAL A 1057 -19.19 68.87 -50.64
CA VAL A 1057 -18.83 67.59 -50.04
C VAL A 1057 -19.89 66.55 -50.35
N GLU A 1058 -21.17 66.91 -50.14
CA GLU A 1058 -22.25 65.98 -50.49
C GLU A 1058 -22.17 65.58 -51.96
N LEU A 1059 -21.79 66.51 -52.83
CA LEU A 1059 -21.62 66.16 -54.24
C LEU A 1059 -20.54 65.11 -54.43
N THR A 1060 -19.49 65.14 -53.61
CA THR A 1060 -18.36 64.24 -53.74
C THR A 1060 -18.62 62.85 -53.16
N ARG A 1061 -19.76 62.62 -52.53
CA ARG A 1061 -20.00 61.34 -51.88
C ARG A 1061 -20.29 60.27 -52.92
N PHE A 1062 -20.31 59.00 -52.49
CA PHE A 1062 -20.48 57.89 -53.40
C PHE A 1062 -21.45 56.86 -52.83
N GLU A 1063 -22.06 56.10 -53.74
CA GLU A 1063 -22.86 54.94 -53.39
C GLU A 1063 -22.51 53.78 -54.32
N THR A 1064 -22.77 52.57 -53.86
CA THR A 1064 -22.60 51.36 -54.65
C THR A 1064 -23.86 51.03 -55.44
N LEU A 1065 -23.67 50.60 -56.69
CA LEU A 1065 -24.78 50.25 -57.57
C LEU A 1065 -25.58 49.09 -57.02
N THR A 1066 -26.85 49.34 -56.67
CA THR A 1066 -27.68 48.30 -56.07
C THR A 1066 -27.86 47.08 -56.96
N PRO A 1067 -28.18 47.20 -58.25
CA PRO A 1067 -28.27 46.03 -59.13
C PRO A 1067 -26.95 45.69 -59.80
N ARG A 1068 -26.64 44.40 -59.83
CA ARG A 1068 -25.36 43.96 -60.36
C ARG A 1068 -25.26 44.18 -61.86
N PHE A 1069 -24.10 44.64 -62.28
CA PHE A 1069 -23.76 44.80 -63.69
C PHE A 1069 -23.45 43.43 -64.30
N SER A 1070 -23.61 43.35 -65.62
CA SER A 1070 -23.19 42.16 -66.34
C SER A 1070 -21.79 42.35 -66.91
N ALA A 1071 -21.03 41.25 -66.95
CA ALA A 1071 -19.65 41.29 -67.38
C ALA A 1071 -19.38 40.10 -68.30
N THR A 1072 -18.67 40.36 -69.39
CA THR A 1072 -18.19 39.30 -70.29
C THR A 1072 -16.68 39.34 -70.37
N VAL A 1073 -16.06 38.19 -70.14
CA VAL A 1073 -14.61 38.07 -70.02
C VAL A 1073 -14.13 36.91 -70.87
N PRO A 1074 -12.83 36.79 -71.13
CA PRO A 1074 -12.33 35.62 -71.85
C PRO A 1074 -12.62 34.35 -71.10
N PRO A 1075 -12.66 33.20 -71.78
CA PRO A 1075 -13.00 31.94 -71.09
C PRO A 1075 -12.11 31.65 -69.90
N CYS A 1076 -10.83 32.02 -69.95
CA CYS A 1076 -9.91 31.70 -68.86
C CYS A 1076 -10.35 32.30 -67.53
N TRP A 1077 -11.19 33.33 -67.55
CA TRP A 1077 -11.71 33.91 -66.32
C TRP A 1077 -13.00 33.19 -65.94
N VAL A 1078 -13.05 32.65 -64.72
CA VAL A 1078 -14.18 31.87 -64.24
C VAL A 1078 -14.73 32.56 -63.00
N GLU A 1079 -16.03 32.84 -63.01
CA GLU A 1079 -16.66 33.57 -61.93
C GLU A 1079 -16.76 32.69 -60.68
N VAL A 1080 -16.83 33.34 -59.52
CA VAL A 1080 -17.03 32.66 -58.24
C VAL A 1080 -18.20 33.31 -57.51
N GLN A 1081 -19.07 32.49 -56.95
CA GLN A 1081 -20.20 33.00 -56.18
C GLN A 1081 -19.71 33.86 -55.03
N GLN A 1082 -20.36 35.01 -54.84
CA GLN A 1082 -19.92 35.96 -53.83
C GLN A 1082 -20.02 35.38 -52.42
N GLU A 1083 -20.97 34.47 -52.20
CA GLU A 1083 -21.04 33.81 -50.90
C GLU A 1083 -19.78 32.99 -50.64
N GLN A 1084 -19.25 32.32 -51.67
CA GLN A 1084 -18.00 31.59 -51.51
C GLN A 1084 -16.85 32.52 -51.17
N GLN A 1085 -16.73 33.63 -51.89
CA GLN A 1085 -15.62 34.56 -51.66
C GLN A 1085 -15.70 35.17 -50.27
N GLN A 1086 -16.91 35.51 -49.83
CA GLN A 1086 -17.12 36.16 -48.53
C GLN A 1086 -17.47 35.15 -47.44
N ARG A 1087 -17.10 33.88 -47.64
CA ARG A 1087 -17.42 32.88 -46.62
C ARG A 1087 -16.76 33.24 -45.30
N ARG A 1088 -15.50 33.65 -45.34
CA ARG A 1088 -14.82 34.08 -44.12
C ARG A 1088 -15.46 35.32 -43.53
N HIS A 1089 -15.89 36.25 -44.39
CA HIS A 1089 -16.46 37.52 -43.96
C HIS A 1089 -17.83 37.71 -44.61
N PRO A 1090 -18.85 37.06 -44.08
CA PRO A 1090 -20.18 37.13 -44.71
C PRO A 1090 -20.72 38.56 -44.68
N GLN A 1091 -21.51 38.89 -45.69
CA GLN A 1091 -22.17 40.19 -45.78
C GLN A 1091 -23.69 40.06 -45.73
N HIS A 1092 -24.20 38.96 -45.17
CA HIS A 1092 -25.63 38.69 -45.22
C HIS A 1092 -26.43 39.72 -44.43
N LEU A 1093 -25.88 40.19 -43.30
CA LEU A 1093 -26.58 41.25 -42.57
C LEU A 1093 -26.62 42.52 -43.40
N HIS A 1094 -25.56 42.79 -44.16
CA HIS A 1094 -25.55 43.97 -45.01
C HIS A 1094 -26.44 43.78 -46.23
N GLN A 1095 -26.77 42.53 -46.56
CA GLN A 1095 -27.62 42.26 -47.72
C GLN A 1095 -28.93 43.03 -47.63
N GLN A 1096 -29.37 43.36 -46.41
CA GLN A 1096 -30.65 44.05 -46.25
C GLN A 1096 -30.63 45.36 -47.02
N HIS A 1097 -29.56 46.13 -46.91
CA HIS A 1097 -29.41 47.36 -47.66
C HIS A 1097 -28.53 47.16 -48.89
N HIS A 1098 -28.54 45.96 -49.45
CA HIS A 1098 -27.84 45.65 -50.69
C HIS A 1098 -26.35 45.95 -50.58
N GLY A 1099 -25.79 45.74 -49.39
CA GLY A 1099 -24.37 45.94 -49.16
C GLY A 1099 -23.56 44.69 -49.46
N ASP A 1100 -24.22 43.54 -49.50
CA ASP A 1100 -23.50 42.31 -49.78
C ASP A 1100 -23.07 42.26 -51.24
N ALA A 1101 -22.00 41.50 -51.49
CA ALA A 1101 -21.44 41.43 -52.83
C ALA A 1101 -22.30 40.67 -53.83
N ALA A 1102 -23.24 39.84 -53.37
CA ALA A 1102 -24.04 39.05 -54.30
C ALA A 1102 -24.96 39.89 -55.16
N GLN A 1103 -25.25 41.13 -54.77
CA GLN A 1103 -26.17 41.98 -55.51
C GLN A 1103 -25.49 42.94 -56.48
N HIS A 1104 -24.19 43.22 -56.28
CA HIS A 1104 -23.50 44.22 -57.07
C HIS A 1104 -22.10 43.87 -57.54
N THR A 1105 -21.45 42.84 -56.99
CA THR A 1105 -20.04 42.59 -57.23
C THR A 1105 -19.83 41.32 -58.06
N ARG A 1106 -18.92 41.42 -59.03
CA ARG A 1106 -18.48 40.29 -59.83
C ARG A 1106 -17.04 39.96 -59.50
N THR A 1107 -16.70 38.68 -59.62
CA THR A 1107 -15.40 38.17 -59.26
C THR A 1107 -14.97 37.11 -60.27
N TRP A 1108 -13.68 37.10 -60.60
CA TRP A 1108 -13.16 36.11 -61.55
C TRP A 1108 -11.83 35.58 -61.05
N LYS A 1109 -11.68 34.25 -61.11
CA LYS A 1109 -10.40 33.59 -60.92
C LYS A 1109 -9.73 33.44 -62.29
N LEU A 1110 -8.40 33.43 -62.29
CA LEU A 1110 -7.65 33.36 -63.54
C LEU A 1110 -7.28 31.89 -63.80
N GLN A 1111 -7.57 31.43 -65.01
CA GLN A 1111 -7.14 30.12 -65.49
C GLN A 1111 -5.91 30.28 -66.36
N THR A 1112 -4.85 29.55 -66.03
CA THR A 1112 -3.57 29.71 -66.71
C THR A 1112 -3.70 29.09 -68.10
N ASP A 1113 -4.33 29.85 -69.00
CA ASP A 1113 -4.53 29.42 -70.38
C ASP A 1113 -3.25 29.68 -71.17
N SER A 1114 -3.31 29.47 -72.48
CA SER A 1114 -2.13 29.69 -73.32
C SER A 1114 -1.77 31.17 -73.36
N ASN A 1115 -2.77 32.04 -73.51
CA ASN A 1115 -2.56 33.48 -73.60
C ASN A 1115 -3.01 34.21 -72.34
N SER A 1116 -3.14 33.50 -71.22
CA SER A 1116 -3.57 34.15 -69.99
C SER A 1116 -2.61 35.27 -69.60
N TRP A 1117 -1.33 35.13 -69.99
CA TRP A 1117 -0.36 36.18 -69.67
C TRP A 1117 -0.63 37.45 -70.45
N ASP A 1118 -1.45 37.37 -71.48
CA ASP A 1118 -1.66 38.47 -72.43
C ASP A 1118 -2.92 39.23 -72.05
N GLU A 1119 -3.38 40.09 -72.97
CA GLU A 1119 -4.50 40.97 -72.70
C GLU A 1119 -5.68 40.21 -72.10
N HIS A 1120 -6.39 40.91 -71.22
CA HIS A 1120 -7.68 40.48 -70.69
C HIS A 1120 -8.60 41.68 -70.78
N VAL A 1121 -9.85 41.41 -71.14
CA VAL A 1121 -10.83 42.48 -71.29
C VAL A 1121 -12.08 42.10 -70.52
N PHE A 1122 -12.49 42.97 -69.60
CA PHE A 1122 -13.74 42.80 -68.87
C PHE A 1122 -14.69 43.83 -69.46
N GLU A 1123 -15.73 43.35 -70.13
CA GLU A 1123 -16.72 44.22 -70.73
C GLU A 1123 -17.85 44.37 -69.73
N LEU A 1124 -18.16 45.61 -69.36
CA LEU A 1124 -18.99 45.88 -68.19
C LEU A 1124 -20.18 46.73 -68.60
N VAL A 1125 -21.35 46.12 -68.63
CA VAL A 1125 -22.60 46.80 -68.97
C VAL A 1125 -23.27 47.19 -67.66
N LEU A 1126 -23.62 48.46 -67.52
CA LEU A 1126 -24.24 48.86 -66.28
C LEU A 1126 -25.71 48.49 -66.27
N PRO A 1127 -26.30 48.31 -65.09
CA PRO A 1127 -27.75 48.03 -65.05
C PRO A 1127 -28.56 49.16 -65.63
N LYS A 1128 -28.11 50.39 -65.42
CA LYS A 1128 -28.85 51.57 -65.84
C LYS A 1128 -27.87 52.70 -66.05
N ALA A 1129 -28.29 53.71 -66.81
CA ALA A 1129 -27.49 54.92 -66.92
C ALA A 1129 -27.47 55.63 -65.57
N CYS A 1130 -26.30 56.07 -65.15
CA CYS A 1130 -26.15 56.68 -63.83
C CYS A 1130 -24.92 57.57 -63.83
N MET A 1131 -24.83 58.41 -62.81
CA MET A 1131 -23.67 59.28 -62.62
C MET A 1131 -22.58 58.46 -61.96
N VAL A 1132 -21.76 57.81 -62.78
CA VAL A 1132 -20.74 56.90 -62.27
C VAL A 1132 -19.62 57.68 -61.62
N GLY A 1133 -19.33 57.36 -60.37
CA GLY A 1133 -18.26 58.03 -59.65
C GLY A 1133 -16.93 57.39 -59.98
N HIS A 1134 -16.86 56.07 -59.92
CA HIS A 1134 -15.63 55.36 -60.27
C HIS A 1134 -15.94 53.89 -60.42
N VAL A 1135 -14.93 53.16 -60.90
CA VAL A 1135 -14.96 51.71 -61.01
C VAL A 1135 -13.76 51.21 -60.22
N ASP A 1136 -14.01 50.36 -59.23
CA ASP A 1136 -12.96 49.79 -58.39
C ASP A 1136 -12.42 48.52 -59.03
N PHE A 1137 -11.18 48.58 -59.51
CA PHE A 1137 -10.50 47.43 -60.10
C PHE A 1137 -9.57 46.84 -59.05
N LYS A 1138 -10.07 45.86 -58.31
CA LYS A 1138 -9.30 45.14 -57.32
C LYS A 1138 -8.56 43.95 -57.93
N PHE A 1139 -7.36 43.67 -57.40
CA PHE A 1139 -6.57 42.56 -57.88
C PHE A 1139 -5.80 41.97 -56.71
N VAL A 1140 -5.64 40.64 -56.71
CA VAL A 1140 -4.82 39.93 -55.74
C VAL A 1140 -3.81 39.09 -56.52
N LEU A 1141 -2.52 39.27 -56.22
CA LEU A 1141 -1.47 38.52 -56.89
C LEU A 1141 -1.07 37.28 -56.09
N ASN A 1142 -0.50 36.31 -56.81
CA ASN A 1142 0.03 35.11 -56.17
C ASN A 1142 1.08 35.49 -55.13
N SER A 1143 1.02 34.85 -53.95
CA SER A 1143 1.98 35.17 -52.90
C SER A 1143 3.41 34.95 -53.35
N ASN A 1144 3.66 33.85 -54.08
CA ASN A 1144 4.98 33.50 -54.59
C ASN A 1144 5.27 34.27 -55.89
N ILE A 1145 5.32 35.60 -55.77
CA ILE A 1145 5.51 36.48 -56.91
C ILE A 1145 6.93 37.03 -56.87
N THR A 1146 7.74 36.65 -57.86
CA THR A 1146 9.13 37.08 -57.91
C THR A 1146 9.23 38.56 -58.28
N ASN A 1147 8.50 38.99 -59.31
CA ASN A 1147 8.55 40.37 -59.76
C ASN A 1147 7.14 40.91 -59.93
N ILE A 1148 7.02 42.22 -59.77
CA ILE A 1148 5.73 42.91 -59.98
C ILE A 1148 5.48 43.05 -61.48
N PRO A 1149 4.33 42.61 -61.98
CA PRO A 1149 4.14 42.63 -63.44
C PRO A 1149 3.93 44.04 -63.97
N GLN A 1150 4.21 44.21 -65.25
CA GLN A 1150 4.01 45.49 -65.94
C GLN A 1150 2.71 45.38 -66.75
N ILE A 1151 1.60 45.65 -66.08
CA ILE A 1151 0.28 45.56 -66.70
C ILE A 1151 -0.41 46.91 -66.59
N GLN A 1152 -0.93 47.40 -67.71
CA GLN A 1152 -1.67 48.65 -67.79
C GLN A 1152 -3.16 48.33 -67.78
N VAL A 1153 -3.92 49.06 -66.96
CA VAL A 1153 -5.36 48.87 -66.85
C VAL A 1153 -6.05 50.16 -67.28
N THR A 1154 -6.97 50.04 -68.24
CA THR A 1154 -7.69 51.18 -68.79
C THR A 1154 -9.16 50.81 -68.97
N LEU A 1155 -10.01 51.83 -69.02
CA LEU A 1155 -11.45 51.68 -69.17
C LEU A 1155 -11.90 52.30 -70.49
N LEU A 1156 -12.70 51.56 -71.25
CA LEU A 1156 -13.19 52.04 -72.54
C LEU A 1156 -14.70 51.85 -72.64
N LYS A 1157 -15.28 52.42 -73.71
CA LYS A 1157 -16.69 52.28 -74.03
C LYS A 1157 -16.86 51.46 -75.30
N ASN A 1158 -17.94 50.68 -75.35
CA ASN A 1158 -18.22 49.82 -76.49
C ASN A 1158 -18.73 50.64 -77.68
N LYS A 1159 -18.60 50.07 -78.87
CA LYS A 1159 -19.03 50.74 -80.09
C LYS A 1159 -20.49 51.16 -80.02
N LEU A 1201 0.43 53.78 -76.72
CA LEU A 1201 -0.78 53.03 -76.38
C LEU A 1201 -0.73 51.64 -77.00
N CYS A 1202 -1.49 50.70 -76.44
CA CYS A 1202 -1.51 49.35 -76.96
C CYS A 1202 -2.28 49.30 -78.28
N PRO A 1203 -1.98 48.31 -79.13
CA PRO A 1203 -2.66 48.27 -80.44
C PRO A 1203 -4.18 48.27 -80.31
N PHE A 1204 -4.72 47.49 -79.37
CA PHE A 1204 -6.17 47.48 -79.16
C PHE A 1204 -6.65 48.84 -78.71
N LEU A 1205 -5.93 49.47 -77.77
CA LEU A 1205 -6.32 50.78 -77.26
C LEU A 1205 -6.12 51.89 -78.28
N GLU A 1206 -5.12 51.77 -79.15
CA GLU A 1206 -4.98 52.73 -80.23
C GLU A 1206 -6.20 52.68 -81.14
N ASP A 1207 -6.65 51.47 -81.49
CA ASP A 1207 -7.88 51.33 -82.25
C ASP A 1207 -9.07 51.86 -81.47
N HIS A 1208 -9.13 51.58 -80.17
CA HIS A 1208 -10.19 52.06 -79.31
C HIS A 1208 -9.79 53.30 -78.51
N LYS A 1209 -8.96 54.15 -79.12
CA LYS A 1209 -8.45 55.33 -78.42
C LYS A 1209 -9.58 56.27 -78.03
N GLU A 1210 -10.55 56.47 -78.94
CA GLU A 1210 -11.64 57.39 -78.67
C GLU A 1210 -12.58 56.84 -77.62
N ASP A 1211 -12.58 55.53 -77.40
CA ASP A 1211 -13.46 54.91 -76.42
C ASP A 1211 -12.86 54.88 -75.01
N ILE A 1212 -11.62 55.33 -74.84
CA ILE A 1212 -10.99 55.30 -73.53
C ILE A 1212 -11.73 56.22 -72.58
N LEU A 1213 -12.08 55.67 -71.40
CA LEU A 1213 -12.69 56.44 -70.33
C LEU A 1213 -11.77 56.63 -69.12
N CYS A 1214 -10.84 55.70 -68.90
CA CYS A 1214 -9.84 55.82 -67.84
C CYS A 1214 -8.50 55.40 -68.40
N GLY A 1215 -7.54 56.33 -68.41
CA GLY A 1215 -6.23 56.10 -68.96
C GLY A 1215 -5.53 54.86 -68.42
N PRO A 1216 -4.50 54.38 -69.15
CA PRO A 1216 -3.75 53.20 -68.69
C PRO A 1216 -3.24 53.34 -67.26
N VAL A 1217 -3.63 52.42 -66.38
CA VAL A 1217 -3.23 52.46 -64.98
C VAL A 1217 -2.27 51.30 -64.72
N TRP A 1218 -1.08 51.63 -64.21
CA TRP A 1218 -0.12 50.60 -63.85
C TRP A 1218 -0.69 49.66 -62.80
N LEU A 1219 -0.54 48.35 -63.02
CA LEU A 1219 -1.04 47.37 -62.08
C LEU A 1219 -0.38 47.51 -60.72
N ALA A 1220 0.93 47.71 -60.70
CA ALA A 1220 1.67 47.84 -59.44
C ALA A 1220 1.15 48.97 -58.56
N SER A 1221 0.59 50.02 -59.16
CA SER A 1221 0.12 51.17 -58.38
C SER A 1221 -0.94 50.79 -57.36
N GLY A 1222 -1.69 49.72 -57.61
CA GLY A 1222 -2.75 49.33 -56.70
C GLY A 1222 -2.36 48.39 -55.59
N LEU A 1223 -1.08 48.07 -55.44
CA LEU A 1223 -0.67 47.03 -54.52
C LEU A 1223 -1.02 47.38 -53.08
N ASP A 1224 -1.31 46.34 -52.28
CA ASP A 1224 -1.48 46.51 -50.84
C ASP A 1224 -0.17 46.22 -50.11
N LEU A 1225 -0.20 46.49 -48.80
CA LEU A 1225 0.98 46.25 -47.96
C LEU A 1225 1.37 44.79 -47.90
N SER A 1226 0.40 43.88 -48.05
CA SER A 1226 0.70 42.45 -47.94
C SER A 1226 1.71 41.97 -48.97
N GLY A 1227 1.88 42.71 -50.06
CA GLY A 1227 2.82 42.30 -51.10
C GLY A 1227 2.11 41.57 -52.20
N HIS A 1228 1.11 40.76 -51.84
CA HIS A 1228 0.28 40.03 -52.79
C HIS A 1228 -1.15 40.45 -52.52
N ALA A 1229 -1.52 41.62 -53.01
CA ALA A 1229 -2.88 42.15 -52.93
C ALA A 1229 -2.86 43.54 -53.54
N GLY A 1230 -4.03 44.12 -53.66
CA GLY A 1230 -4.15 45.54 -53.93
C GLY A 1230 -5.43 45.85 -54.67
N MET A 1231 -5.55 47.10 -55.09
CA MET A 1231 -6.77 47.54 -55.74
C MET A 1231 -6.51 48.81 -56.52
N LEU A 1232 -7.15 48.93 -57.69
CA LEU A 1232 -7.12 50.15 -58.49
C LEU A 1232 -8.52 50.72 -58.54
N THR A 1233 -8.65 52.02 -58.23
CA THR A 1233 -9.93 52.72 -58.28
C THR A 1233 -10.03 53.41 -59.64
N LEU A 1234 -10.45 52.63 -60.64
CA LEU A 1234 -10.59 53.16 -61.98
C LEU A 1234 -11.55 54.33 -62.01
N THR A 1235 -11.03 55.52 -62.29
CA THR A 1235 -11.82 56.74 -62.32
C THR A 1235 -11.05 57.75 -63.15
N SER A 1236 -11.76 58.79 -63.59
CA SER A 1236 -11.14 59.87 -64.35
C SER A 1236 -12.16 60.98 -64.56
N PRO A 1237 -11.73 62.18 -64.98
CA PRO A 1237 -12.72 63.22 -65.30
C PRO A 1237 -13.69 62.80 -66.39
N LYS A 1238 -13.24 62.03 -67.38
CA LYS A 1238 -14.14 61.56 -68.42
C LYS A 1238 -15.22 60.65 -67.85
N LEU A 1239 -14.85 59.77 -66.92
CA LEU A 1239 -15.84 58.87 -66.32
C LEU A 1239 -16.90 59.66 -65.57
N VAL A 1240 -16.50 60.70 -64.84
CA VAL A 1240 -17.50 61.53 -64.16
C VAL A 1240 -18.34 62.27 -65.18
N LYS A 1241 -17.73 62.75 -66.26
CA LYS A 1241 -18.43 63.47 -67.33
C LYS A 1241 -19.08 62.46 -68.29
N GLY A 1242 -20.14 61.85 -67.81
CA GLY A 1242 -20.86 60.86 -68.59
C GLY A 1242 -21.94 60.23 -67.75
N MET A 1243 -22.66 59.30 -68.37
CA MET A 1243 -23.73 58.60 -67.67
C MET A 1243 -23.89 57.19 -68.22
N ARG A 1249 -23.43 53.29 -71.30
CA ARG A 1249 -24.22 52.20 -70.73
C ARG A 1249 -23.35 50.98 -70.47
N SER A 1250 -22.29 50.83 -71.27
CA SER A 1250 -21.41 49.69 -71.20
C SER A 1250 -19.97 50.17 -71.22
N PHE A 1251 -19.07 49.37 -70.65
CA PHE A 1251 -17.69 49.77 -70.52
C PHE A 1251 -16.80 48.58 -70.83
N LEU A 1252 -15.53 48.87 -71.07
CA LEU A 1252 -14.51 47.84 -71.26
C LEU A 1252 -13.34 48.11 -70.33
N ILE A 1253 -12.91 47.09 -69.60
CA ILE A 1253 -11.69 47.15 -68.80
C ILE A 1253 -10.64 46.35 -69.57
N HIS A 1254 -9.63 47.05 -70.07
CA HIS A 1254 -8.58 46.43 -70.88
C HIS A 1254 -7.34 46.27 -70.02
N VAL A 1255 -6.92 45.02 -69.84
CA VAL A 1255 -5.79 44.67 -68.99
C VAL A 1255 -4.79 43.91 -69.85
N LYS A 1256 -3.67 44.56 -70.18
CA LYS A 1256 -2.68 43.99 -71.07
C LYS A 1256 -1.31 44.06 -70.42
N ALA A 1257 -0.59 42.94 -70.43
CA ALA A 1257 0.77 42.87 -69.90
C ALA A 1257 1.76 43.26 -70.99
N VAL A 1258 2.59 44.25 -70.72
CA VAL A 1258 3.57 44.70 -71.68
C VAL A 1258 4.68 43.66 -71.80
N LEU A 1321 5.70 32.43 -64.48
CA LEU A 1321 4.53 33.21 -64.88
C LEU A 1321 4.94 34.60 -65.36
N ARG A 1322 4.25 35.09 -66.38
CA ARG A 1322 4.58 36.34 -67.04
C ARG A 1322 3.38 37.28 -67.02
N GLY A 1323 3.63 38.54 -66.72
CA GLY A 1323 2.58 39.54 -66.86
C GLY A 1323 1.34 39.17 -66.11
N CYS A 1324 0.19 39.25 -66.80
CA CYS A 1324 -1.08 39.00 -66.17
C CYS A 1324 -1.21 37.57 -65.65
N ASP A 1325 -0.39 36.64 -66.14
CA ASP A 1325 -0.43 35.29 -65.58
C ASP A 1325 -0.09 35.30 -64.10
N LEU A 1326 0.70 36.28 -63.65
CA LEU A 1326 0.97 36.42 -62.23
C LEU A 1326 -0.21 37.04 -61.48
N LEU A 1327 -1.20 37.55 -62.20
CA LEU A 1327 -2.37 38.18 -61.60
C LEU A 1327 -3.33 37.06 -61.23
N GLN A 1328 -3.24 36.60 -59.98
CA GLN A 1328 -4.03 35.45 -59.57
C GLN A 1328 -5.51 35.74 -59.63
N GLU A 1329 -5.93 36.88 -59.07
CA GLU A 1329 -7.36 37.15 -58.93
C GLU A 1329 -7.62 38.63 -59.12
N VAL A 1330 -8.77 38.94 -59.73
CA VAL A 1330 -9.22 40.30 -59.96
C VAL A 1330 -10.68 40.37 -59.56
N SER A 1331 -11.12 41.56 -59.16
CA SER A 1331 -12.53 41.80 -58.89
C SER A 1331 -12.85 43.26 -59.17
N VAL A 1332 -14.10 43.51 -59.59
CA VAL A 1332 -14.54 44.84 -59.96
C VAL A 1332 -15.85 45.16 -59.25
N THR A 1333 -15.97 46.39 -58.76
CA THR A 1333 -17.22 46.94 -58.25
C THR A 1333 -17.38 48.36 -58.79
N ILE A 1334 -18.63 48.81 -58.89
CA ILE A 1334 -18.95 50.14 -59.37
C ILE A 1334 -19.62 50.94 -58.26
N ARG A 1335 -19.20 52.19 -58.10
CA ARG A 1335 -19.75 53.10 -57.10
C ARG A 1335 -20.21 54.36 -57.83
N ARG A 1336 -21.46 54.75 -57.58
CA ARG A 1336 -22.02 55.95 -58.19
C ARG A 1336 -21.94 57.12 -57.21
N PHE A 1337 -22.21 58.31 -57.72
CA PHE A 1337 -22.30 59.47 -56.85
C PHE A 1337 -23.59 59.41 -56.04
N LYS A 1338 -23.55 59.87 -54.80
CA LYS A 1338 -24.76 59.88 -54.00
C LYS A 1338 -25.81 60.77 -54.66
N LYS A 1339 -27.07 60.41 -54.48
CA LYS A 1339 -28.17 61.18 -55.04
C LYS A 1339 -28.41 62.40 -54.15
N THR A 1340 -28.23 63.60 -54.72
CA THR A 1340 -28.27 64.83 -53.95
C THR A 1340 -29.37 65.74 -54.49
N SER A 1341 -30.02 66.45 -53.58
CA SER A 1341 -31.08 67.38 -53.95
C SER A 1341 -30.58 68.53 -54.79
N ILE A 1342 -29.27 68.75 -54.86
CA ILE A 1342 -28.76 69.88 -55.62
C ILE A 1342 -29.22 69.77 -57.06
N SER A 1343 -29.65 70.89 -57.62
CA SER A 1343 -30.13 70.90 -58.99
C SER A 1343 -28.95 70.75 -59.95
N LYS A 1344 -29.14 69.95 -60.99
CA LYS A 1344 -28.10 69.75 -62.00
C LYS A 1344 -26.80 69.28 -61.35
N GLU A 1345 -26.92 68.35 -60.40
CA GLU A 1345 -25.75 67.91 -59.64
C GLU A 1345 -24.65 67.40 -60.56
N ARG A 1346 -25.02 66.82 -61.70
CA ARG A 1346 -24.03 66.41 -62.68
C ARG A 1346 -23.27 67.61 -63.24
N VAL A 1347 -24.00 68.69 -63.54
CA VAL A 1347 -23.35 69.90 -64.03
C VAL A 1347 -22.45 70.52 -62.98
N GLN A 1348 -22.83 70.43 -61.69
CA GLN A 1348 -21.97 70.98 -60.65
C GLN A 1348 -20.64 70.24 -60.56
N ARG A 1349 -20.65 68.91 -60.66
CA ARG A 1349 -19.40 68.17 -60.60
C ARG A 1349 -18.55 68.43 -61.84
N CYS A 1350 -19.17 68.48 -63.02
CA CYS A 1350 -18.43 68.87 -64.21
C CYS A 1350 -17.73 70.21 -64.00
N ALA A 1351 -18.41 71.17 -63.38
CA ALA A 1351 -17.81 72.48 -63.16
C ALA A 1351 -16.58 72.38 -62.27
N MET A 1352 -16.67 71.62 -61.17
CA MET A 1352 -15.52 71.51 -60.28
C MET A 1352 -14.35 70.84 -60.98
N LEU A 1353 -14.63 69.85 -61.82
CA LEU A 1353 -13.55 69.09 -62.45
C LEU A 1353 -12.81 69.93 -63.49
N GLN A 1354 -13.51 70.81 -64.20
CA GLN A 1354 -12.88 71.56 -65.28
C GLN A 1354 -12.16 72.79 -64.72
N PHE A 1355 -12.89 73.63 -63.99
CA PHE A 1355 -12.43 74.98 -63.70
C PHE A 1355 -11.29 74.96 -62.70
N SER A 1356 -10.19 75.64 -63.03
CA SER A 1356 -9.05 75.76 -62.13
C SER A 1356 -9.29 76.77 -61.01
N GLU A 1357 -10.04 77.84 -61.28
CA GLU A 1357 -10.29 78.83 -60.24
C GLU A 1357 -10.89 78.21 -58.99
N PHE A 1358 -11.71 77.18 -59.14
CA PHE A 1358 -12.25 76.49 -57.97
C PHE A 1358 -11.14 75.92 -57.11
N HIS A 1359 -10.17 75.25 -57.74
CA HIS A 1359 -9.06 74.67 -57.00
C HIS A 1359 -8.22 75.74 -56.31
N GLU A 1360 -7.92 76.84 -57.00
CA GLU A 1360 -7.10 77.88 -56.40
C GLU A 1360 -7.79 78.49 -55.19
N LYS A 1361 -9.10 78.72 -55.29
CA LYS A 1361 -9.80 79.35 -54.18
C LYS A 1361 -9.94 78.40 -53.00
N LEU A 1362 -10.06 77.10 -53.28
CA LEU A 1362 -10.04 76.11 -52.20
C LEU A 1362 -8.76 76.20 -51.40
N VAL A 1363 -7.62 76.30 -52.08
CA VAL A 1363 -6.35 76.42 -51.38
C VAL A 1363 -6.33 77.67 -50.51
N ASN A 1364 -6.82 78.79 -51.04
CA ASN A 1364 -6.80 80.04 -50.29
C ASN A 1364 -7.60 79.95 -49.00
N THR A 1365 -8.81 79.38 -49.08
CA THR A 1365 -9.61 79.24 -47.86
C THR A 1365 -8.97 78.28 -46.87
N LEU A 1366 -8.36 77.20 -47.37
CA LEU A 1366 -7.65 76.29 -46.48
C LEU A 1366 -6.53 77.01 -45.76
N CYS A 1367 -5.80 77.86 -46.48
CA CYS A 1367 -4.70 78.65 -45.91
C CYS A 1367 -5.19 79.82 -45.08
N ARG A 1368 -6.51 80.03 -44.98
CA ARG A 1368 -7.07 81.15 -44.26
C ARG A 1368 -6.64 82.47 -44.89
N LYS A 1369 -6.48 82.47 -46.21
CA LYS A 1369 -6.17 83.66 -46.99
C LYS A 1369 -7.42 84.28 -47.63
N THR A 1370 -8.60 83.94 -47.12
CA THR A 1370 -9.85 84.41 -47.70
C THR A 1370 -10.85 84.66 -46.58
N ASP A 1371 -11.75 85.63 -46.81
CA ASP A 1371 -12.81 85.96 -45.86
C ASP A 1371 -12.21 86.42 -44.53
N ASP A 1372 -11.11 87.16 -44.59
CA ASP A 1372 -10.49 87.74 -43.41
C ASP A 1372 -10.00 86.65 -42.45
N GLY A 1373 -9.66 85.49 -43.02
CA GLY A 1373 -9.10 84.41 -42.22
C GLY A 1373 -10.03 83.94 -41.13
N GLN A 1374 -11.34 84.09 -41.32
CA GLN A 1374 -12.33 83.66 -40.34
C GLN A 1374 -12.87 82.28 -40.66
N ILE A 1375 -12.14 81.49 -41.43
CA ILE A 1375 -12.58 80.15 -41.78
C ILE A 1375 -12.53 79.28 -40.54
N THR A 1376 -13.63 78.62 -40.24
CA THR A 1376 -13.70 77.81 -39.02
C THR A 1376 -12.96 76.50 -39.22
N GLU A 1377 -12.55 75.89 -38.11
CA GLU A 1377 -11.85 74.62 -38.17
C GLU A 1377 -12.67 73.57 -38.91
N HIS A 1378 -13.98 73.56 -38.69
CA HIS A 1378 -14.83 72.65 -39.43
C HIS A 1378 -14.83 72.98 -40.92
N ALA A 1379 -14.78 74.26 -41.25
CA ALA A 1379 -14.71 74.67 -42.65
C ALA A 1379 -13.43 74.17 -43.32
N GLN A 1380 -12.30 74.28 -42.62
CA GLN A 1380 -11.05 73.75 -43.16
C GLN A 1380 -11.12 72.24 -43.36
N SER A 1381 -11.76 71.54 -42.42
CA SER A 1381 -11.92 70.10 -42.57
C SER A 1381 -12.71 69.76 -43.82
N LEU A 1382 -13.80 70.49 -44.08
CA LEU A 1382 -14.59 70.25 -45.27
C LEU A 1382 -13.80 70.50 -46.54
N VAL A 1383 -12.99 71.56 -46.55
CA VAL A 1383 -12.18 71.86 -47.74
C VAL A 1383 -11.26 70.69 -48.06
N LEU A 1384 -10.68 70.07 -47.03
CA LEU A 1384 -9.83 68.92 -47.25
C LEU A 1384 -10.63 67.74 -47.79
N ASP A 1385 -11.87 67.57 -47.34
CA ASP A 1385 -12.71 66.52 -47.89
C ASP A 1385 -12.89 66.69 -49.39
N THR A 1386 -13.18 67.93 -49.82
CA THR A 1386 -13.31 68.18 -51.25
C THR A 1386 -12.01 67.91 -51.98
N LEU A 1387 -10.89 68.32 -51.38
CA LEU A 1387 -9.59 68.12 -52.01
C LEU A 1387 -9.27 66.64 -52.15
N CYS A 1388 -9.62 65.83 -51.16
CA CYS A 1388 -9.36 64.40 -51.25
C CYS A 1388 -10.10 63.80 -52.43
N TRP A 1389 -11.36 64.19 -52.62
CA TRP A 1389 -12.12 63.70 -53.76
C TRP A 1389 -11.48 64.10 -55.07
N LEU A 1390 -11.02 65.35 -55.17
CA LEU A 1390 -10.43 65.80 -56.42
C LEU A 1390 -9.19 64.98 -56.79
N ALA A 1391 -8.31 64.75 -55.82
CA ALA A 1391 -7.11 63.97 -56.11
C ALA A 1391 -7.44 62.53 -56.48
N GLY A 1392 -8.39 61.91 -55.77
CA GLY A 1392 -8.76 60.55 -56.10
C GLY A 1392 -9.40 60.44 -57.47
N VAL A 1393 -10.27 61.39 -57.81
CA VAL A 1393 -10.94 61.35 -59.10
C VAL A 1393 -9.94 61.60 -60.22
N HIS A 1394 -9.11 62.64 -60.09
CA HIS A 1394 -8.16 62.94 -61.13
C HIS A 1394 -7.11 61.84 -61.27
N SER A 1395 -6.70 61.25 -60.14
CA SER A 1395 -5.73 60.17 -60.16
C SER A 1395 -5.35 59.76 -58.73
N ASN A 1407 -2.84 70.12 -63.37
CA ASN A 1407 -2.75 71.54 -63.05
C ASN A 1407 -3.14 71.79 -61.59
N LEU A 1408 -4.08 70.99 -61.10
CA LEU A 1408 -4.49 71.08 -59.71
C LEU A 1408 -3.29 70.94 -58.77
N LEU A 1409 -2.33 70.11 -59.15
CA LEU A 1409 -1.13 69.93 -58.34
C LEU A 1409 -0.36 71.24 -58.22
N SER A 1410 -0.36 72.04 -59.28
CA SER A 1410 0.37 73.31 -59.24
C SER A 1410 -0.16 74.25 -58.16
N LYS A 1411 -1.48 74.37 -58.02
CA LYS A 1411 -2.02 75.25 -56.99
C LYS A 1411 -1.61 74.79 -55.59
N THR A 1412 -1.73 73.49 -55.31
CA THR A 1412 -1.33 72.99 -54.01
C THR A 1412 0.17 73.16 -53.80
N ARG A 1413 0.97 72.86 -54.82
CA ARG A 1413 2.41 72.95 -54.70
C ARG A 1413 2.91 74.39 -54.53
N LYS A 1414 2.24 75.35 -55.18
CA LYS A 1414 2.70 76.72 -55.07
C LYS A 1414 2.40 77.30 -53.70
N PHE A 1415 1.34 76.83 -53.04
CA PHE A 1415 0.94 77.32 -51.72
C PHE A 1415 1.23 76.30 -50.62
N LEU A 1416 2.13 75.35 -50.88
CA LEU A 1416 2.32 74.22 -49.98
C LEU A 1416 2.77 74.66 -48.59
N SER A 1417 3.68 75.63 -48.51
CA SER A 1417 4.19 76.03 -47.21
C SER A 1417 3.05 76.45 -46.28
N ASP A 1418 2.13 77.27 -46.76
CA ASP A 1418 1.04 77.72 -45.91
C ASP A 1418 0.11 76.57 -45.56
N ILE A 1419 -0.13 75.67 -46.52
CA ILE A 1419 -0.97 74.52 -46.25
C ILE A 1419 -0.40 73.69 -45.11
N VAL A 1420 0.89 73.39 -45.19
CA VAL A 1420 1.55 72.63 -44.13
C VAL A 1420 1.49 73.39 -42.81
N ARG A 1421 1.77 74.68 -42.83
CA ARG A 1421 1.77 75.46 -41.60
C ARG A 1421 0.42 75.40 -40.90
N VAL A 1422 -0.64 75.75 -41.61
CA VAL A 1422 -1.95 75.84 -40.97
C VAL A 1422 -2.46 74.48 -40.54
N CYS A 1423 -2.15 73.43 -41.30
CA CYS A 1423 -2.74 72.12 -41.04
C CYS A 1423 -1.98 71.31 -40.02
N PHE A 1424 -0.69 71.59 -39.82
CA PHE A 1424 0.12 70.79 -38.91
C PHE A 1424 0.60 71.57 -37.69
N PHE A 1425 0.53 72.90 -37.72
CA PHE A 1425 1.01 73.72 -36.63
C PHE A 1425 -0.04 74.66 -36.10
N GLU A 1426 -1.22 74.71 -36.72
CA GLU A 1426 -2.29 75.58 -36.28
C GLU A 1426 -3.64 74.89 -36.23
N ALA A 1427 -3.70 73.59 -36.53
CA ALA A 1427 -4.94 72.83 -36.52
C ALA A 1427 -4.76 71.61 -35.63
N GLY A 1428 -5.81 70.80 -35.54
CA GLY A 1428 -5.82 69.65 -34.68
C GLY A 1428 -5.29 68.40 -35.35
N ARG A 1429 -5.39 67.29 -34.62
CA ARG A 1429 -4.93 66.01 -35.15
C ARG A 1429 -5.72 65.62 -36.39
N SER A 1430 -7.04 65.81 -36.35
CA SER A 1430 -7.88 65.41 -37.47
C SER A 1430 -7.51 66.15 -38.74
N ILE A 1431 -7.27 67.45 -38.64
CA ILE A 1431 -6.91 68.21 -39.83
C ILE A 1431 -5.62 67.69 -40.41
N ALA A 1432 -4.64 67.41 -39.54
CA ALA A 1432 -3.37 66.86 -40.01
C ALA A 1432 -3.58 65.50 -40.65
N HIS A 1433 -4.41 64.67 -40.03
CA HIS A 1433 -4.67 63.35 -40.60
C HIS A 1433 -5.35 63.49 -41.95
N LYS A 1434 -6.33 64.39 -42.04
CA LYS A 1434 -6.98 64.64 -43.32
C LYS A 1434 -6.00 65.26 -44.30
N CYS A 1435 -5.19 66.21 -43.83
CA CYS A 1435 -4.16 66.78 -44.68
C CYS A 1435 -3.13 65.73 -45.05
N ALA A 1436 -2.82 64.83 -44.11
CA ALA A 1436 -1.93 63.72 -44.43
C ALA A 1436 -2.52 62.84 -45.50
N ARG A 1437 -3.82 62.57 -45.42
CA ARG A 1437 -4.47 61.79 -46.47
C ARG A 1437 -4.42 62.53 -47.79
N PHE A 1438 -4.67 63.84 -47.77
CA PHE A 1438 -4.61 64.62 -49.00
C PHE A 1438 -3.20 64.61 -49.59
N LEU A 1439 -2.19 64.82 -48.75
CA LEU A 1439 -0.82 64.76 -49.25
C LEU A 1439 -0.44 63.35 -49.67
N ALA A 1440 -0.95 62.34 -48.97
CA ALA A 1440 -0.68 60.96 -49.37
C ALA A 1440 -1.20 60.69 -50.77
N LEU A 1441 -2.42 61.14 -51.07
CA LEU A 1441 -2.97 60.97 -52.42
C LEU A 1441 -2.13 61.71 -53.46
N CYS A 1442 -1.69 62.92 -53.12
CA CYS A 1442 -0.88 63.69 -54.07
C CYS A 1442 0.39 62.95 -54.44
N ILE A 1443 1.07 62.36 -53.44
CA ILE A 1443 2.29 61.61 -53.72
C ILE A 1443 2.00 60.43 -54.63
N SER A 1444 0.90 59.72 -54.36
CA SER A 1444 0.55 58.55 -55.14
C SER A 1444 0.37 58.87 -56.62
N ASN A 1445 0.08 60.12 -56.97
CA ASN A 1445 -0.09 60.50 -58.36
C ASN A 1445 1.23 60.37 -59.10
N CYS A 1451 4.68 63.65 -66.01
CA CYS A 1451 5.67 64.54 -66.60
C CYS A 1451 5.92 65.76 -65.73
N GLN A 1452 5.19 65.85 -64.62
CA GLN A 1452 5.33 66.99 -63.72
C GLN A 1452 6.60 66.89 -62.89
N PRO A 1453 7.04 68.00 -62.30
CA PRO A 1453 8.23 67.95 -61.45
C PRO A 1453 8.00 66.99 -60.27
N ALA A 1454 9.10 66.38 -59.82
CA ALA A 1454 9.02 65.44 -58.71
C ALA A 1454 8.40 66.09 -57.50
N PHE A 1455 7.44 65.39 -56.89
CA PHE A 1455 6.71 65.92 -55.75
C PHE A 1455 7.47 65.79 -54.43
N GLY A 1456 8.42 64.88 -54.33
CA GLY A 1456 9.14 64.67 -53.10
C GLY A 1456 9.92 65.89 -52.68
N PRO A 1457 10.70 66.45 -53.60
CA PRO A 1457 11.45 67.67 -53.26
C PRO A 1457 10.54 68.82 -52.82
N VAL A 1458 9.39 68.97 -53.47
CA VAL A 1458 8.50 70.08 -53.15
C VAL A 1458 7.88 69.90 -51.76
N LEU A 1459 7.41 68.69 -51.46
CA LEU A 1459 6.88 68.44 -50.13
C LEU A 1459 7.94 68.59 -49.06
N LEU A 1460 9.15 68.11 -49.35
CA LEU A 1460 10.23 68.22 -48.37
C LEU A 1460 10.54 69.67 -48.06
N LYS A 1461 10.59 70.53 -49.08
CA LYS A 1461 10.92 71.93 -48.83
C LYS A 1461 9.88 72.57 -47.91
N ALA A 1462 8.60 72.30 -48.15
CA ALA A 1462 7.57 72.87 -47.30
C ALA A 1462 7.71 72.37 -45.87
N LEU A 1463 7.92 71.06 -45.69
CA LEU A 1463 8.04 70.53 -44.34
C LEU A 1463 9.28 71.08 -43.65
N LEU A 1464 10.39 71.15 -44.37
CA LEU A 1464 11.62 71.69 -43.80
C LEU A 1464 11.48 73.19 -43.53
N ASP A 1465 10.80 73.90 -44.42
CA ASP A 1465 10.61 75.34 -44.23
C ASP A 1465 9.82 75.63 -42.97
N ASN A 1466 8.83 74.79 -42.66
CA ASN A 1466 8.04 74.94 -41.45
C ASN A 1466 8.68 74.30 -40.24
N MET A 1467 9.73 73.50 -40.42
CA MET A 1467 10.35 72.79 -39.31
C MET A 1467 10.73 73.74 -38.18
N SER A 1468 11.25 74.92 -38.52
CA SER A 1468 11.68 75.85 -37.48
C SER A 1468 10.52 76.27 -36.58
N PHE A 1469 9.29 76.10 -37.03
CA PHE A 1469 8.11 76.46 -36.26
C PHE A 1469 7.59 75.30 -35.43
N LEU A 1470 8.27 74.16 -35.43
CA LEU A 1470 7.84 73.04 -34.61
C LEU A 1470 7.66 73.39 -33.15
N PRO A 1471 8.50 74.22 -32.53
CA PRO A 1471 8.28 74.56 -31.12
C PRO A 1471 6.92 75.20 -30.88
N ALA A 1472 6.32 75.80 -31.90
CA ALA A 1472 5.04 76.47 -31.78
C ALA A 1472 3.87 75.61 -32.23
N ALA A 1473 4.10 74.34 -32.55
CA ALA A 1473 3.02 73.47 -32.97
C ALA A 1473 1.99 73.33 -31.84
N THR A 1474 0.74 73.13 -32.23
CA THR A 1474 -0.35 73.17 -31.26
C THR A 1474 -0.55 71.84 -30.54
N THR A 1475 -0.48 70.72 -31.24
CA THR A 1475 -0.80 69.42 -30.67
C THR A 1475 0.21 68.37 -31.10
N GLY A 1476 0.37 67.36 -30.26
CA GLY A 1476 1.31 66.29 -30.57
C GLY A 1476 0.86 65.45 -31.75
N GLY A 1477 -0.43 65.15 -31.82
CA GLY A 1477 -0.93 64.38 -32.94
C GLY A 1477 -0.71 65.08 -34.26
N SER A 1478 -0.70 66.41 -34.25
CA SER A 1478 -0.42 67.16 -35.46
C SER A 1478 1.03 66.98 -35.89
N VAL A 1479 1.95 67.09 -34.94
CA VAL A 1479 3.37 66.88 -35.24
C VAL A 1479 3.64 65.46 -35.70
N TYR A 1480 2.90 64.49 -35.17
CA TYR A 1480 3.14 63.10 -35.55
C TYR A 1480 3.02 62.90 -37.04
N TRP A 1481 1.93 63.38 -37.63
CA TRP A 1481 1.74 63.23 -39.07
C TRP A 1481 2.78 64.04 -39.83
N TYR A 1482 3.10 65.24 -39.32
CA TYR A 1482 4.13 66.05 -39.95
C TYR A 1482 5.44 65.25 -40.09
N PHE A 1483 5.87 64.60 -39.00
CA PHE A 1483 7.13 63.89 -39.06
C PHE A 1483 7.02 62.60 -39.85
N VAL A 1484 5.84 61.98 -39.86
CA VAL A 1484 5.61 60.81 -40.68
C VAL A 1484 5.81 61.15 -42.16
N LEU A 1485 5.20 62.23 -42.62
CA LEU A 1485 5.36 62.61 -44.02
C LEU A 1485 6.81 62.96 -44.32
N LEU A 1486 7.45 63.70 -43.42
CA LEU A 1486 8.84 64.07 -43.64
C LEU A 1486 9.73 62.83 -43.70
N ASN A 1487 9.44 61.85 -42.86
CA ASN A 1487 10.24 60.62 -42.86
C ASN A 1487 10.17 59.93 -44.21
N TYR A 1488 8.99 59.88 -44.81
CA TYR A 1488 8.90 59.28 -46.14
C TYR A 1488 9.68 60.08 -47.18
N VAL A 1489 9.58 61.41 -47.12
CA VAL A 1489 10.14 62.25 -48.16
C VAL A 1489 11.57 62.69 -47.86
N LYS A 1490 12.15 62.24 -46.75
CA LYS A 1490 13.50 62.64 -46.42
C LYS A 1490 14.53 62.13 -47.42
N ASP A 1491 14.21 61.09 -48.20
CA ASP A 1491 15.21 60.50 -49.09
C ASP A 1491 15.82 61.53 -50.03
N GLU A 1492 15.07 62.55 -50.40
CA GLU A 1492 15.64 63.64 -51.19
C GLU A 1492 16.33 64.64 -50.27
N ASP A 1493 17.42 65.24 -50.78
CA ASP A 1493 18.16 66.26 -50.05
C ASP A 1493 18.41 65.80 -48.61
N LEU A 1494 19.18 64.73 -48.50
CA LEU A 1494 19.45 64.16 -47.19
C LEU A 1494 20.08 65.18 -46.26
N ALA A 1495 20.98 66.01 -46.80
CA ALA A 1495 21.68 66.99 -45.98
C ALA A 1495 20.70 67.99 -45.37
N GLY A 1496 19.70 68.41 -46.14
CA GLY A 1496 18.77 69.41 -45.63
C GLY A 1496 17.99 68.93 -44.42
N CYS A 1497 17.44 67.72 -44.50
CA CYS A 1497 16.74 67.18 -43.33
C CYS A 1497 17.71 67.00 -42.17
N SER A 1498 18.89 66.47 -42.45
CA SER A 1498 19.88 66.27 -41.40
C SER A 1498 20.32 67.59 -40.79
N THR A 1499 20.67 68.56 -41.63
CA THR A 1499 21.13 69.84 -41.12
C THR A 1499 20.00 70.60 -40.43
N ALA A 1500 18.80 70.57 -41.01
CA ALA A 1500 17.67 71.24 -40.38
C ALA A 1500 17.38 70.60 -39.03
N CYS A 1501 17.28 69.28 -39.00
CA CYS A 1501 17.01 68.60 -37.74
C CYS A 1501 18.15 68.82 -36.76
N ALA A 1502 19.40 68.75 -37.25
CA ALA A 1502 20.54 68.95 -36.37
C ALA A 1502 20.53 70.37 -35.79
N SER A 1503 20.29 71.37 -36.65
CA SER A 1503 20.27 72.74 -36.17
C SER A 1503 19.15 72.93 -35.16
N LEU A 1504 17.96 72.44 -35.50
CA LEU A 1504 16.84 72.57 -34.58
C LEU A 1504 17.09 71.75 -33.32
N LEU A 1505 17.65 70.55 -33.47
CA LEU A 1505 17.93 69.72 -32.30
C LEU A 1505 18.95 70.38 -31.39
N THR A 1506 20.02 70.92 -31.98
CA THR A 1506 21.01 71.64 -31.17
C THR A 1506 20.38 72.86 -30.54
N ALA A 1507 19.56 73.60 -31.31
CA ALA A 1507 18.90 74.77 -30.77
C ALA A 1507 17.94 74.41 -29.65
N VAL A 1508 17.22 73.30 -29.81
CA VAL A 1508 16.19 72.96 -28.85
C VAL A 1508 16.82 72.29 -27.63
N SER A 1509 17.94 71.59 -27.84
CA SER A 1509 18.59 70.89 -26.73
C SER A 1509 19.12 71.85 -25.70
N ARG A 1510 19.69 72.97 -26.14
CA ARG A 1510 20.20 73.96 -25.20
C ARG A 1510 19.10 74.44 -24.26
N GLN A 1511 17.95 74.81 -24.83
CA GLN A 1511 16.85 75.28 -23.99
C GLN A 1511 16.37 74.16 -23.07
N LEU A 1512 16.35 72.93 -23.58
CA LEU A 1512 15.91 71.82 -22.75
C LEU A 1512 16.78 71.68 -21.52
N GLN A 1513 18.09 71.79 -21.68
CA GLN A 1513 18.98 71.72 -20.52
C GLN A 1513 18.74 72.90 -19.60
N ASP A 1514 18.50 74.08 -20.17
CA ASP A 1514 18.29 75.28 -19.37
C ASP A 1514 16.98 75.25 -18.60
N ARG A 1515 16.04 74.39 -18.98
CA ARG A 1515 14.73 74.35 -18.34
C ARG A 1515 14.64 73.29 -17.25
N LEU A 1516 15.70 72.53 -17.03
CA LEU A 1516 15.67 71.52 -15.98
C LEU A 1516 15.65 72.18 -14.62
N THR A 1517 14.77 71.77 -13.82
CA THR A 1517 14.74 72.33 -12.49
C THR A 1517 15.45 71.39 -11.51
N PRO A 1518 15.97 71.91 -10.40
CA PRO A 1518 16.59 71.01 -9.42
C PRO A 1518 15.64 69.94 -8.91
N MET A 1519 14.35 70.25 -8.80
CA MET A 1519 13.38 69.25 -8.37
C MET A 1519 13.24 68.15 -9.43
N GLU A 1520 13.19 68.53 -10.70
CA GLU A 1520 13.12 67.55 -11.77
C GLU A 1520 14.36 66.67 -11.81
N ALA A 1521 15.54 67.26 -11.61
CA ALA A 1521 16.76 66.47 -11.59
C ALA A 1521 16.75 65.46 -10.45
N LEU A 1522 16.26 65.86 -9.27
CA LEU A 1522 16.20 64.93 -8.16
C LEU A 1522 15.31 63.73 -8.48
N LEU A 1523 14.15 63.97 -9.10
CA LEU A 1523 13.28 62.87 -9.45
C LEU A 1523 13.95 61.94 -10.45
N GLN A 1524 14.65 62.50 -11.45
CA GLN A 1524 15.29 61.65 -12.44
C GLN A 1524 16.32 60.74 -11.79
N THR A 1525 17.10 61.24 -10.84
CA THR A 1525 18.19 60.49 -10.26
C THR A 1525 17.71 59.52 -9.20
N ARG A 1526 17.02 60.03 -8.19
CA ARG A 1526 16.62 59.19 -7.06
C ARG A 1526 15.56 58.16 -7.47
N TYR A 1527 14.66 58.51 -8.39
CA TYR A 1527 13.52 57.66 -8.69
C TYR A 1527 13.39 57.23 -10.14
N GLY A 1528 14.14 57.83 -11.06
CA GLY A 1528 13.98 57.48 -12.45
C GLY A 1528 12.69 57.94 -13.10
N LEU A 1529 12.04 58.95 -12.54
CA LEU A 1529 10.79 59.49 -13.07
C LEU A 1529 11.13 60.72 -13.90
N TYR A 1530 10.78 60.69 -15.19
CA TYR A 1530 11.27 61.70 -16.12
C TYR A 1530 10.19 62.64 -16.66
N SER A 1531 8.95 62.52 -16.20
CA SER A 1531 7.95 63.50 -16.59
C SER A 1531 8.16 64.80 -15.80
N SER A 1532 7.50 65.85 -16.24
CA SER A 1532 7.56 67.11 -15.51
C SER A 1532 6.26 67.34 -14.76
N PRO A 1533 6.09 66.76 -13.57
CA PRO A 1533 4.81 66.89 -12.87
C PRO A 1533 4.44 68.32 -12.55
N PHE A 1534 5.41 69.21 -12.46
CA PHE A 1534 5.14 70.62 -12.17
C PHE A 1534 4.93 71.45 -13.42
N ASP A 1535 5.11 70.87 -14.61
CA ASP A 1535 4.82 71.55 -15.86
C ASP A 1535 3.46 71.08 -16.35
N PRO A 1536 2.41 71.89 -16.25
CA PRO A 1536 1.06 71.38 -16.56
C PRO A 1536 0.84 71.06 -18.02
N VAL A 1537 1.65 71.62 -18.93
CA VAL A 1537 1.37 71.55 -20.36
C VAL A 1537 2.07 70.33 -20.95
N LEU A 1538 1.29 69.38 -21.43
CA LEU A 1538 1.76 68.27 -22.24
C LEU A 1538 1.71 68.64 -23.71
N PHE A 1539 2.27 67.76 -24.53
CA PHE A 1539 2.19 67.95 -25.97
C PHE A 1539 1.66 66.71 -26.69
N ASP A 1540 1.99 65.53 -26.17
CA ASP A 1540 1.58 64.30 -26.81
C ASP A 1540 1.33 63.22 -25.77
N LEU A 1541 0.42 62.30 -26.11
CA LEU A 1541 0.14 61.12 -25.30
C LEU A 1541 0.03 59.93 -26.22
N GLU A 1542 0.59 58.80 -25.77
CA GLU A 1542 0.59 57.58 -26.56
C GLU A 1542 0.20 56.43 -25.64
N MET A 1543 -0.32 55.36 -26.23
CA MET A 1543 -0.76 54.20 -25.48
C MET A 1543 -0.08 52.91 -25.89
N SER A 1544 0.11 52.68 -27.18
CA SER A 1544 0.77 51.47 -27.65
C SER A 1544 -0.02 50.23 -27.23
N PHE A 1585 5.81 55.63 -33.46
CA PHE A 1585 5.37 55.11 -34.75
C PHE A 1585 4.75 53.71 -34.64
N THR A 1586 4.51 53.25 -33.41
CA THR A 1586 3.82 51.97 -33.20
C THR A 1586 2.73 52.10 -32.15
N SER A 1587 2.23 53.30 -31.92
CA SER A 1587 1.27 53.55 -30.86
C SER A 1587 0.27 54.59 -31.34
N LEU A 1588 -0.88 54.61 -30.68
CA LEU A 1588 -1.83 55.71 -30.88
C LEU A 1588 -1.17 57.01 -30.47
N THR A 1589 -1.38 58.07 -31.25
CA THR A 1589 -0.75 59.35 -30.98
C THR A 1589 -1.79 60.46 -30.98
N GLY A 1590 -1.44 61.58 -30.35
CA GLY A 1590 -2.34 62.71 -30.27
C GLY A 1590 -3.59 62.40 -29.49
N LEU A 1591 -3.45 61.66 -28.39
CA LEU A 1591 -4.59 61.23 -27.59
C LEU A 1591 -5.02 62.28 -26.57
N LEU A 1592 -4.36 63.42 -26.53
CA LEU A 1592 -4.84 64.51 -25.68
C LEU A 1592 -6.08 65.17 -26.25
N GLU A 1593 -6.27 65.10 -27.57
CA GLU A 1593 -7.44 65.70 -28.20
C GLU A 1593 -8.71 64.90 -28.02
N VAL A 1594 -8.63 63.68 -27.50
CA VAL A 1594 -9.79 62.81 -27.36
C VAL A 1594 -9.94 62.45 -25.89
N GLU A 1595 -11.11 61.99 -25.55
CA GLU A 1595 -11.44 61.64 -24.18
C GLU A 1595 -11.42 60.13 -23.99
N PRO A 1596 -11.03 59.66 -22.81
CA PRO A 1596 -11.22 58.23 -22.51
C PRO A 1596 -12.70 57.91 -22.38
N LEU A 1597 -13.11 56.80 -23.00
CA LEU A 1597 -14.52 56.44 -23.10
C LEU A 1597 -14.83 55.34 -22.10
N HIS A 1598 -15.60 55.69 -21.07
CA HIS A 1598 -16.06 54.72 -20.07
C HIS A 1598 -17.27 53.95 -20.60
N PHE A 1599 -17.42 52.72 -20.14
CA PHE A 1599 -18.54 51.90 -20.56
C PHE A 1599 -18.93 50.97 -19.42
N THR A 1600 -20.18 50.50 -19.46
CA THR A 1600 -20.73 49.60 -18.47
C THR A 1600 -21.22 48.33 -19.15
N CYS A 1601 -20.92 47.18 -18.55
CA CYS A 1601 -21.40 45.91 -19.07
C CYS A 1601 -22.90 45.76 -18.84
N VAL A 1602 -23.65 45.60 -19.93
CA VAL A 1602 -25.10 45.49 -19.86
C VAL A 1602 -25.58 44.08 -20.22
N SER A 1603 -24.99 43.46 -21.23
CA SER A 1603 -25.34 42.11 -21.63
C SER A 1603 -24.07 41.34 -21.98
N THR A 1604 -24.11 40.02 -21.74
CA THR A 1604 -22.98 39.15 -22.02
C THR A 1604 -23.50 37.82 -22.52
N SER A 1605 -22.63 37.12 -23.25
CA SER A 1605 -22.93 35.78 -23.75
C SER A 1605 -22.49 34.75 -22.72
N ASP A 1606 -23.38 33.81 -22.43
CA ASP A 1606 -23.09 32.74 -21.46
C ASP A 1606 -22.85 33.37 -20.09
N GLY A 1607 -21.97 32.78 -19.29
CA GLY A 1607 -21.64 33.23 -17.96
C GLY A 1607 -20.49 34.21 -17.89
N THR A 1608 -20.05 34.75 -19.03
CA THR A 1608 -18.94 35.68 -19.04
C THR A 1608 -19.30 36.97 -18.33
N ARG A 1609 -18.28 37.71 -17.91
CA ARG A 1609 -18.47 38.99 -17.25
C ARG A 1609 -17.19 39.80 -17.41
N ILE A 1610 -17.20 40.99 -16.83
CA ILE A 1610 -16.03 41.88 -16.83
C ILE A 1610 -15.61 42.17 -15.39
N GLU A 1611 -14.33 42.42 -15.21
CA GLU A 1611 -13.79 42.78 -13.91
C GLU A 1611 -12.64 43.76 -14.10
N ARG A 1612 -12.45 44.64 -13.12
CA ARG A 1612 -11.46 45.70 -13.21
C ARG A 1612 -10.08 45.12 -12.87
N ASP A 1613 -9.61 44.27 -13.76
CA ASP A 1613 -8.29 43.66 -13.62
C ASP A 1613 -7.60 43.57 -14.98
N GLN A 1802 -11.31 61.38 -17.41
CA GLN A 1802 -10.53 60.39 -16.67
C GLN A 1802 -10.42 59.10 -17.49
N PRO A 1803 -9.40 58.30 -17.22
CA PRO A 1803 -9.18 57.08 -18.01
C PRO A 1803 -10.00 55.93 -17.47
N PRO A 1804 -10.49 55.04 -18.35
CA PRO A 1804 -11.23 53.89 -17.86
C PRO A 1804 -10.30 52.91 -17.16
N PRO A 1805 -10.78 52.20 -16.14
CA PRO A 1805 -9.94 51.16 -15.53
C PRO A 1805 -9.70 50.04 -16.53
N HIS A 1806 -8.52 49.45 -16.47
CA HIS A 1806 -8.26 48.30 -17.32
C HIS A 1806 -9.27 47.20 -17.03
N GLN A 1807 -9.93 46.73 -18.08
CA GLN A 1807 -10.98 45.72 -17.96
C GLN A 1807 -10.74 44.63 -18.98
N SER A 1808 -11.04 43.40 -18.58
CA SER A 1808 -10.87 42.23 -19.43
C SER A 1808 -12.09 41.36 -19.25
N ILE A 1809 -12.47 40.66 -20.31
CA ILE A 1809 -13.58 39.72 -20.24
C ILE A 1809 -13.05 38.40 -19.72
N ILE A 1810 -13.61 37.94 -18.61
CA ILE A 1810 -13.35 36.61 -18.09
C ILE A 1810 -14.44 35.71 -18.64
N ILE A 1811 -14.03 34.64 -19.32
CA ILE A 1811 -14.94 33.68 -19.92
C ILE A 1811 -14.72 32.34 -19.24
N GLU A 1812 -15.80 31.77 -18.72
CA GLU A 1812 -15.68 30.56 -17.91
C GLU A 1812 -15.38 29.34 -18.77
N ARG A 1813 -15.86 29.32 -20.01
CA ARG A 1813 -15.65 28.19 -20.89
C ARG A 1813 -15.29 28.72 -22.28
N MET A 1814 -14.04 28.52 -22.69
CA MET A 1814 -13.56 29.06 -23.96
C MET A 1814 -13.72 28.07 -25.12
N HIS A 1815 -13.52 26.79 -24.86
CA HIS A 1815 -13.58 25.77 -25.92
C HIS A 1815 -12.55 26.13 -26.99
N SER A 1816 -12.78 25.69 -28.23
CA SER A 1816 -11.91 25.99 -29.35
C SER A 1816 -12.76 26.53 -30.49
N GLY A 1817 -12.29 27.62 -31.10
CA GLY A 1817 -13.03 28.23 -32.18
C GLY A 1817 -14.42 28.67 -31.81
N ALA A 1818 -14.68 28.90 -30.52
CA ALA A 1818 -16.01 29.24 -30.04
C ALA A 1818 -16.19 30.74 -29.97
N ARG A 1819 -17.33 31.22 -30.45
CA ARG A 1819 -17.64 32.64 -30.46
C ARG A 1819 -18.32 33.02 -29.14
N ARG A 1820 -17.87 34.13 -28.56
CA ARG A 1820 -18.54 34.77 -27.46
C ARG A 1820 -18.64 36.26 -27.79
N PHE A 1821 -19.57 36.95 -27.14
CA PHE A 1821 -19.76 38.36 -27.41
C PHE A 1821 -20.03 39.10 -26.10
N VAL A 1822 -19.67 40.38 -26.09
CA VAL A 1822 -19.97 41.29 -25.00
C VAL A 1822 -20.50 42.58 -25.59
N THR A 1823 -21.55 43.12 -24.98
CA THR A 1823 -22.18 44.35 -25.43
C THR A 1823 -21.86 45.45 -24.42
N LEU A 1824 -21.33 46.56 -24.90
CA LEU A 1824 -20.91 47.67 -24.06
C LEU A 1824 -21.81 48.87 -24.31
N ASP A 1825 -22.36 49.42 -23.24
CA ASP A 1825 -23.23 50.59 -23.31
C ASP A 1825 -22.46 51.78 -22.76
N PHE A 1826 -22.14 52.73 -23.64
CA PHE A 1826 -21.47 53.95 -23.20
C PHE A 1826 -22.41 54.88 -22.46
N GLY A 1827 -23.71 54.61 -22.47
CA GLY A 1827 -24.67 55.47 -21.82
C GLY A 1827 -25.10 56.66 -22.65
N ARG A 1828 -24.61 56.78 -23.88
CA ARG A 1828 -24.96 57.89 -24.75
C ARG A 1828 -24.31 57.67 -26.12
N PRO A 1829 -24.85 58.25 -27.19
CA PRO A 1829 -24.10 58.31 -28.45
C PRO A 1829 -22.79 59.06 -28.27
N ILE A 1830 -21.68 58.36 -28.51
CA ILE A 1830 -20.34 58.92 -28.32
C ILE A 1830 -19.64 58.93 -29.67
N LEU A 1831 -19.00 60.04 -30.00
CA LEU A 1831 -18.21 60.13 -31.21
C LEU A 1831 -16.95 59.30 -31.03
N LEU A 1832 -16.98 58.05 -31.47
CA LEU A 1832 -15.84 57.17 -31.30
C LEU A 1832 -14.75 57.52 -32.30
N THR A 1833 -13.52 57.73 -31.80
CA THR A 1833 -12.44 58.20 -32.65
C THR A 1833 -11.21 57.29 -32.59
N ASP A 1834 -10.96 56.64 -31.45
CA ASP A 1834 -9.78 55.80 -31.33
C ASP A 1834 -10.09 54.61 -30.44
N VAL A 1835 -9.56 53.44 -30.81
CA VAL A 1835 -9.75 52.21 -30.08
C VAL A 1835 -8.43 51.45 -30.03
N LEU A 1836 -8.16 50.82 -28.89
CA LEU A 1836 -6.96 50.01 -28.73
C LEU A 1836 -7.33 48.78 -27.91
N ILE A 1837 -7.10 47.59 -28.47
CA ILE A 1837 -7.33 46.33 -27.79
C ILE A 1837 -6.01 45.58 -27.72
N PRO A 1838 -5.50 45.26 -26.52
CA PRO A 1838 -4.25 44.50 -26.44
C PRO A 1838 -4.36 43.16 -27.13
N THR A 1839 -3.23 42.72 -27.71
CA THR A 1839 -3.20 41.43 -28.38
C THR A 1839 -3.67 40.34 -27.43
N CYS A 1840 -4.54 39.46 -27.91
CA CYS A 1840 -5.09 38.37 -27.13
C CYS A 1840 -4.83 37.05 -27.85
N GLY A 1841 -3.93 36.24 -27.29
CA GLY A 1841 -3.61 34.95 -27.87
C GLY A 1841 -4.64 33.87 -27.60
N ASP A 1842 -5.63 34.13 -26.75
CA ASP A 1842 -6.66 33.14 -26.45
C ASP A 1842 -7.71 33.03 -27.54
N LEU A 1843 -7.77 34.00 -28.45
CA LEU A 1843 -8.77 34.00 -29.50
C LEU A 1843 -8.10 34.14 -30.86
N ALA A 1844 -8.75 33.58 -31.88
CA ALA A 1844 -8.24 33.60 -33.25
C ALA A 1844 -8.60 34.87 -34.00
N SER A 1845 -9.81 35.40 -33.77
CA SER A 1845 -10.25 36.60 -34.47
C SER A 1845 -11.21 37.37 -33.58
N LEU A 1846 -11.32 38.67 -33.86
CA LEU A 1846 -12.16 39.57 -33.08
C LEU A 1846 -12.93 40.49 -34.01
N SER A 1847 -14.25 40.55 -33.81
CA SER A 1847 -15.13 41.38 -34.60
C SER A 1847 -15.73 42.45 -33.70
N ILE A 1848 -15.81 43.68 -34.22
CA ILE A 1848 -16.36 44.81 -33.48
C ILE A 1848 -17.52 45.38 -34.29
N ASP A 1849 -18.70 45.40 -33.67
CA ASP A 1849 -19.87 46.03 -34.25
C ASP A 1849 -20.35 47.13 -33.32
N ILE A 1850 -20.99 48.13 -33.91
CA ILE A 1850 -21.42 49.32 -33.17
C ILE A 1850 -22.81 49.71 -33.67
N TRP A 1851 -23.67 50.12 -32.73
CA TRP A 1851 -25.03 50.51 -33.05
C TRP A 1851 -25.53 51.50 -32.00
N THR A 1852 -26.37 52.44 -32.43
CA THR A 1852 -26.93 53.40 -31.49
C THR A 1852 -28.23 52.87 -30.89
N LEU A 1853 -29.22 52.56 -31.73
CA LEU A 1853 -30.52 52.07 -31.26
C LEU A 1853 -30.51 50.56 -31.05
N GLY A 1854 -30.15 49.80 -32.09
CA GLY A 1854 -30.09 48.35 -31.98
C GLY A 1854 -29.22 47.77 -33.07
N GLU A 1855 -28.73 46.56 -32.81
CA GLU A 1855 -27.85 45.90 -33.78
C GLU A 1855 -28.53 45.71 -35.12
N GLU A 1856 -29.79 45.29 -35.13
CA GLU A 1856 -30.52 45.05 -36.36
C GLU A 1856 -31.25 46.29 -36.87
N VAL A 1857 -31.14 47.42 -36.18
CA VAL A 1857 -31.80 48.65 -36.58
C VAL A 1857 -30.81 49.54 -37.29
N ASP A 1858 -29.70 49.86 -36.60
CA ASP A 1858 -28.64 50.69 -37.17
C ASP A 1858 -27.26 50.10 -36.90
N GLY A 1859 -27.17 48.77 -36.81
CA GLY A 1859 -25.92 48.10 -36.52
C GLY A 1859 -24.83 48.36 -37.54
N ARG A 1860 -23.63 48.68 -37.08
CA ARG A 1860 -22.48 48.88 -37.95
C ARG A 1860 -21.33 48.00 -37.49
N ARG A 1861 -20.62 47.43 -38.46
CA ARG A 1861 -19.39 46.68 -38.21
C ARG A 1861 -18.21 47.66 -38.21
N LEU A 1862 -17.62 47.88 -37.04
CA LEU A 1862 -16.48 48.78 -36.96
C LEU A 1862 -15.24 48.15 -37.58
N VAL A 1863 -14.94 46.91 -37.22
CA VAL A 1863 -13.72 46.26 -37.66
C VAL A 1863 -13.82 44.77 -37.36
N VAL A 1864 -13.03 43.97 -38.09
CA VAL A 1864 -12.81 42.56 -37.81
C VAL A 1864 -11.31 42.33 -37.89
N ALA A 1865 -10.74 41.81 -36.80
CA ALA A 1865 -9.31 41.58 -36.72
C ALA A 1865 -9.05 40.08 -36.69
N THR A 1866 -8.31 39.60 -37.69
CA THR A 1866 -7.96 38.18 -37.78
C THR A 1866 -6.58 37.87 -37.22
N ASP A 1867 -5.70 38.88 -37.08
CA ASP A 1867 -4.40 38.70 -36.46
C ASP A 1867 -4.35 39.29 -35.06
N ILE A 1868 -5.49 39.34 -34.38
CA ILE A 1868 -5.55 39.88 -33.03
C ILE A 1868 -4.79 39.00 -32.04
N SER A 1869 -4.46 37.77 -32.43
CA SER A 1869 -3.65 36.91 -31.57
C SER A 1869 -2.18 37.32 -31.59
N THR A 1870 -1.71 37.91 -32.68
CA THR A 1870 -0.32 38.35 -32.80
C THR A 1870 -0.16 39.86 -32.88
N HIS A 1871 -1.24 40.62 -32.90
CA HIS A 1871 -1.16 42.07 -32.87
C HIS A 1871 -2.31 42.62 -32.05
N SER A 1872 -2.06 43.75 -31.38
CA SER A 1872 -3.13 44.44 -30.71
C SER A 1872 -3.95 45.24 -31.72
N LEU A 1873 -5.22 45.46 -31.39
CA LEU A 1873 -6.09 46.22 -32.28
C LEU A 1873 -5.90 47.70 -31.98
N ILE A 1874 -5.55 48.47 -33.00
CA ILE A 1874 -5.28 49.90 -32.85
C ILE A 1874 -6.03 50.64 -33.95
N LEU A 1875 -7.13 51.31 -33.58
CA LEU A 1875 -7.85 52.21 -34.47
C LEU A 1875 -7.47 53.66 -34.13
N HIS A 1876 -6.78 54.31 -35.06
CA HIS A 1876 -6.20 55.64 -34.81
C HIS A 1876 -6.92 56.69 -35.65
N ASP A 1877 -7.64 57.58 -34.97
CA ASP A 1877 -8.19 58.78 -35.60
C ASP A 1877 -9.09 58.43 -36.79
N LEU A 1878 -10.19 57.76 -36.48
CA LEU A 1878 -11.23 57.50 -37.46
C LEU A 1878 -11.69 58.80 -38.12
N ILE A 1879 -11.51 58.91 -39.43
CA ILE A 1879 -11.78 60.15 -40.14
C ILE A 1879 -13.28 60.37 -40.29
N PRO A 1880 -14.06 59.36 -40.66
CA PRO A 1880 -15.50 59.43 -40.46
C PRO A 1880 -15.90 58.78 -39.15
N PRO A 1881 -15.64 59.42 -38.02
CA PRO A 1881 -15.85 58.76 -36.73
C PRO A 1881 -17.29 58.33 -36.56
N PRO A 1882 -17.54 57.10 -36.11
CA PRO A 1882 -18.92 56.67 -35.87
C PRO A 1882 -19.51 57.41 -34.68
N VAL A 1883 -20.85 57.46 -34.65
CA VAL A 1883 -21.58 58.15 -33.61
C VAL A 1883 -22.33 57.16 -32.74
N CYS A 1884 -21.79 55.94 -32.63
CA CYS A 1884 -22.47 54.86 -31.96
C CYS A 1884 -22.63 55.14 -30.47
N ARG A 1885 -23.37 54.25 -29.80
CA ARG A 1885 -23.50 54.28 -28.34
C ARG A 1885 -23.22 52.90 -27.75
N PHE A 1886 -23.47 51.85 -28.52
CA PHE A 1886 -23.35 50.48 -28.04
C PHE A 1886 -22.30 49.71 -28.82
N MET A 1887 -21.50 48.93 -28.10
CA MET A 1887 -20.30 48.30 -28.64
C MET A 1887 -20.33 46.80 -28.36
N LYS A 1888 -20.51 46.02 -29.41
CA LYS A 1888 -20.51 44.56 -29.31
C LYS A 1888 -19.17 44.02 -29.80
N ILE A 1889 -18.44 43.34 -28.92
CA ILE A 1889 -17.20 42.67 -29.26
C ILE A 1889 -17.47 41.18 -29.27
N THR A 1890 -17.32 40.56 -30.43
CA THR A 1890 -17.50 39.11 -30.58
C THR A 1890 -16.13 38.49 -30.81
N VAL A 1891 -15.73 37.60 -29.91
CA VAL A 1891 -14.41 36.97 -29.93
C VAL A 1891 -14.57 35.48 -30.24
N ILE A 1892 -13.77 34.99 -31.18
CA ILE A 1892 -13.75 33.59 -31.55
C ILE A 1892 -12.49 32.96 -30.96
N GLY A 1893 -12.68 31.99 -30.07
CA GLY A 1893 -11.58 31.32 -29.42
C GLY A 1893 -10.56 30.73 -30.37
N ARG A 1894 -9.35 30.49 -29.87
CA ARG A 1894 -8.29 29.91 -30.70
C ARG A 1894 -8.65 28.49 -31.11
N TYR A 1895 -8.33 28.14 -32.35
CA TYR A 1895 -8.51 26.77 -32.82
C TYR A 1895 -7.47 25.86 -32.18
N GLY A 1896 -7.89 24.65 -31.82
CA GLY A 1896 -7.00 23.75 -31.12
C GLY A 1896 -6.62 24.26 -29.75
N SER A 1897 -7.61 24.67 -28.96
CA SER A 1897 -7.38 25.22 -27.65
C SER A 1897 -8.59 24.92 -26.77
N THR A 1898 -8.31 24.51 -25.53
CA THR A 1898 -9.36 24.21 -24.56
C THR A 1898 -9.03 24.83 -23.21
N ASN A 1899 -8.56 26.08 -23.22
CA ASN A 1899 -8.34 26.81 -21.98
C ASN A 1899 -9.67 27.06 -21.28
N ALA A 1900 -9.85 26.44 -20.10
CA ALA A 1900 -11.11 26.55 -19.38
C ALA A 1900 -11.54 28.02 -19.28
N ARG A 1901 -10.69 28.83 -18.66
CA ARG A 1901 -10.96 30.24 -18.40
C ARG A 1901 -10.15 31.07 -19.38
N ALA A 1902 -10.76 32.14 -19.89
CA ALA A 1902 -10.09 33.05 -20.81
C ALA A 1902 -10.15 34.46 -20.25
N LYS A 1903 -9.04 35.19 -20.41
CA LYS A 1903 -8.93 36.58 -19.98
C LYS A 1903 -8.53 37.42 -21.20
N ILE A 1904 -9.52 38.10 -21.78
CA ILE A 1904 -9.33 38.88 -23.00
C ILE A 1904 -9.29 40.35 -22.59
N PRO A 1905 -8.15 41.03 -22.65
CA PRO A 1905 -8.14 42.47 -22.36
C PRO A 1905 -9.12 43.21 -23.27
N LEU A 1906 -10.09 43.89 -22.66
CA LEU A 1906 -11.06 44.63 -23.44
C LEU A 1906 -10.41 45.72 -24.26
N GLY A 1907 -9.43 46.42 -23.67
CA GLY A 1907 -8.72 47.47 -24.35
C GLY A 1907 -9.11 48.87 -23.92
N PHE A 1908 -8.90 49.84 -24.81
CA PHE A 1908 -9.21 51.23 -24.52
C PHE A 1908 -9.89 51.86 -25.71
N TYR A 1909 -10.81 52.78 -25.44
CA TYR A 1909 -11.59 53.43 -26.48
C TYR A 1909 -11.64 54.92 -26.19
N TYR A 1910 -11.45 55.72 -27.24
CA TYR A 1910 -11.40 57.17 -27.09
C TYR A 1910 -12.26 57.85 -28.14
N GLY A 1911 -12.62 59.09 -27.86
CA GLY A 1911 -13.43 59.88 -28.74
C GLY A 1911 -13.97 61.12 -28.05
N HIS A 1912 -15.26 61.41 -28.18
CA HIS A 1912 -15.85 62.57 -27.52
C HIS A 1912 -17.22 62.22 -26.98
N THR A 1913 -17.57 62.81 -25.85
CA THR A 1913 -18.89 62.66 -25.26
C THR A 1913 -19.84 63.81 -25.58
N TYR A 1914 -19.42 64.75 -26.43
CA TYR A 1914 -20.27 65.86 -26.86
C TYR A 1914 -20.18 65.95 -28.37
N ILE A 1915 -21.09 65.26 -29.07
CA ILE A 1915 -21.05 65.29 -30.52
C ILE A 1915 -21.56 66.65 -30.97
N LEU A 1916 -20.83 67.28 -31.89
CA LEU A 1916 -21.28 68.55 -32.39
C LEU A 1916 -22.45 68.35 -33.33
N PRO A 1917 -23.27 69.37 -33.55
CA PRO A 1917 -24.44 69.18 -34.42
C PRO A 1917 -24.08 68.65 -35.79
N TRP A 1918 -22.98 69.13 -36.36
CA TRP A 1918 -22.52 68.62 -37.65
C TRP A 1918 -21.86 67.26 -37.51
N GLU A 1919 -21.21 67.00 -36.37
CA GLU A 1919 -20.61 65.68 -36.15
C GLU A 1919 -21.68 64.60 -36.10
N SER A 1920 -22.79 64.86 -35.42
CA SER A 1920 -23.90 63.91 -35.34
C SER A 1920 -24.74 63.87 -36.60
N GLU A 1921 -24.64 64.88 -37.45
CA GLU A 1921 -25.45 64.95 -38.66
C GLU A 1921 -25.37 63.65 -39.43
N LEU A 1922 -26.54 63.03 -39.64
CA LEU A 1922 -26.65 61.75 -40.31
C LEU A 1922 -26.65 61.88 -41.83
N LYS A 1923 -26.71 63.11 -42.34
CA LYS A 1923 -26.69 63.39 -43.76
C LYS A 1923 -25.30 63.52 -44.34
N LEU A 1924 -24.28 63.68 -43.50
CA LEU A 1924 -22.90 63.89 -43.94
C LEU A 1924 -22.10 62.59 -44.07
N MET A 1925 -22.72 61.43 -43.87
CA MET A 1925 -22.03 60.15 -43.86
C MET A 1925 -22.34 59.37 -45.13
N HIS A 1926 -21.67 58.23 -45.28
CA HIS A 1926 -21.90 57.32 -46.40
C HIS A 1926 -22.80 56.18 -45.92
N ASP A 1927 -23.86 55.91 -46.68
CA ASP A 1927 -24.76 54.81 -46.36
C ASP A 1927 -25.17 54.93 -44.90
N PRO A 1928 -25.92 55.97 -44.53
CA PRO A 1928 -26.40 56.07 -43.14
C PRO A 1928 -27.38 54.98 -42.74
N LEU A 1929 -27.79 55.01 -41.48
CA LEU A 1929 -28.74 54.05 -40.94
C LEU A 1929 -29.77 54.74 -40.07
N ASP A 1942 -22.84 74.99 -27.18
CA ASP A 1942 -22.19 76.11 -26.51
C ASP A 1942 -22.33 76.00 -25.00
N GLN A 1943 -23.45 75.44 -24.55
CA GLN A 1943 -23.63 75.20 -23.12
C GLN A 1943 -22.57 74.25 -22.60
N HIS A 1944 -22.26 73.21 -23.37
CA HIS A 1944 -21.24 72.25 -22.98
C HIS A 1944 -19.90 72.92 -22.73
N LEU A 1945 -19.58 73.97 -23.49
CA LEU A 1945 -18.32 74.68 -23.28
C LEU A 1945 -18.24 75.30 -21.89
N ALA A 1946 -19.33 75.92 -21.42
CA ALA A 1946 -19.31 76.49 -20.09
C ALA A 1946 -19.10 75.43 -19.02
N MET A 1947 -19.80 74.29 -19.15
CA MET A 1947 -19.63 73.22 -18.19
C MET A 1947 -18.21 72.66 -18.22
N MET A 1948 -17.64 72.50 -19.40
CA MET A 1948 -16.28 71.95 -19.51
C MET A 1948 -15.26 72.90 -18.88
N VAL A 1949 -15.44 74.21 -19.05
CA VAL A 1949 -14.52 75.16 -18.45
C VAL A 1949 -14.63 75.12 -16.93
N ALA A 1950 -15.85 74.93 -16.41
CA ALA A 1950 -16.00 74.78 -14.98
C ALA A 1950 -15.22 73.58 -14.46
N LEU A 1951 -15.31 72.45 -15.17
CA LEU A 1951 -14.54 71.27 -14.80
C LEU A 1951 -13.05 71.52 -14.93
N GLN A 1952 -12.63 72.22 -15.98
CA GLN A 1952 -11.20 72.48 -16.18
C GLN A 1952 -10.63 73.32 -15.04
N GLU A 1953 -11.39 74.30 -14.58
CA GLU A 1953 -10.92 75.10 -13.45
C GLU A 1953 -10.73 74.24 -12.22
N ASP A 1954 -11.65 73.32 -11.97
CA ASP A 1954 -11.49 72.40 -10.85
C ASP A 1954 -10.20 71.60 -10.97
N ILE A 1955 -9.93 71.07 -12.16
CA ILE A 1955 -8.73 70.26 -12.34
C ILE A 1955 -7.48 71.11 -12.15
N GLN A 1956 -7.51 72.37 -12.60
CA GLN A 1956 -6.38 73.26 -12.36
C GLN A 1956 -6.14 73.42 -10.87
N CYS A 1957 -7.21 73.64 -10.11
CA CYS A 1957 -7.06 73.81 -8.67
C CYS A 1957 -6.51 72.56 -8.02
N ARG A 1958 -7.10 71.40 -8.33
CA ARG A 1958 -6.62 70.16 -7.73
C ARG A 1958 -5.22 69.80 -8.20
N TYR A 1959 -4.92 70.03 -9.48
CA TYR A 1959 -3.61 69.69 -9.98
C TYR A 1959 -2.53 70.56 -9.35
N ASN A 1960 -2.83 71.84 -9.13
CA ASN A 1960 -1.90 72.68 -8.39
C ASN A 1960 -1.76 72.19 -6.95
N LEU A 1961 -2.86 71.78 -6.33
CA LEU A 1961 -2.76 71.22 -4.99
C LEU A 1961 -1.91 69.96 -4.98
N ALA A 1962 -2.12 69.09 -5.97
CA ALA A 1962 -1.30 67.87 -6.04
C ALA A 1962 0.15 68.20 -6.28
N CYS A 1963 0.42 69.19 -7.15
CA CYS A 1963 1.79 69.60 -7.39
C CYS A 1963 2.42 70.16 -6.12
N HIS A 1964 1.66 70.92 -5.35
CA HIS A 1964 2.19 71.43 -4.09
C HIS A 1964 2.53 70.28 -3.15
N ARG A 1965 1.69 69.24 -3.11
CA ARG A 1965 1.99 68.10 -2.26
C ARG A 1965 3.33 67.48 -2.62
N LEU A 1966 3.60 67.33 -3.93
CA LEU A 1966 4.86 66.72 -4.34
C LEU A 1966 6.06 67.55 -3.85
N GLU A 1967 5.97 68.87 -3.94
CA GLU A 1967 7.07 69.71 -3.49
C GLU A 1967 7.29 69.58 -1.99
N THR A 1968 6.21 69.59 -1.20
CA THR A 1968 6.37 69.50 0.25
C THR A 1968 7.00 68.18 0.64
N LEU A 1969 6.58 67.08 0.02
CA LEU A 1969 7.16 65.78 0.35
C LEU A 1969 8.62 65.70 -0.10
N LEU A 1970 8.94 66.26 -1.26
CA LEU A 1970 10.31 66.20 -1.75
C LEU A 1970 11.25 67.14 -1.01
N GLN A 1971 10.74 68.24 -0.45
CA GLN A 1971 11.61 69.17 0.24
C GLN A 1971 12.30 68.53 1.45
N SER A 1972 11.74 67.45 1.99
CA SER A 1972 12.39 66.68 3.04
C SER A 1972 13.22 65.52 2.50
N ILE A 1973 13.23 65.32 1.17
CA ILE A 1973 13.99 64.25 0.54
C ILE A 1973 15.39 64.74 0.22
N ASP A 1974 16.40 63.95 0.59
CA ASP A 1974 17.81 64.26 0.37
C ASP A 1974 18.46 63.12 -0.40
N LEU A 1975 19.35 63.46 -1.33
CA LEU A 1975 20.06 62.48 -2.13
C LEU A 1975 21.53 62.44 -1.75
N PRO A 1976 21.99 61.42 -1.01
CA PRO A 1976 23.42 61.31 -0.73
C PRO A 1976 24.23 61.13 -2.00
N PRO A 1977 25.35 61.83 -2.15
CA PRO A 1977 26.22 61.59 -3.29
C PRO A 1977 26.92 60.25 -3.19
N LEU A 1978 27.17 59.63 -4.35
CA LEU A 1978 27.87 58.35 -4.40
C LEU A 1978 29.39 58.58 -4.44
N ASN A 1979 29.91 58.99 -3.28
CA ASN A 1979 31.34 59.26 -3.15
C ASN A 1979 31.96 58.72 -1.86
N SER A 1980 31.23 57.92 -1.08
CA SER A 1980 31.78 57.38 0.15
C SER A 1980 31.14 56.03 0.44
N ALA A 1981 31.80 55.26 1.32
CA ALA A 1981 31.31 53.94 1.66
C ALA A 1981 29.97 54.01 2.37
N ASN A 1982 29.76 55.04 3.21
CA ASN A 1982 28.48 55.15 3.89
C ASN A 1982 27.37 55.40 2.89
N ASN A 1983 27.63 56.22 1.88
CA ASN A 1983 26.67 56.44 0.81
C ASN A 1983 26.39 55.16 0.04
N ALA A 1984 27.43 54.35 -0.19
CA ALA A 1984 27.22 53.08 -0.88
C ALA A 1984 26.28 52.16 -0.10
N GLN A 1985 26.42 52.11 1.22
CA GLN A 1985 25.51 51.32 2.03
C GLN A 1985 24.09 51.87 1.99
N TYR A 1986 23.95 53.20 2.00
CA TYR A 1986 22.62 53.78 1.83
C TYR A 1986 21.93 53.23 0.59
N PHE A 1987 22.66 53.12 -0.52
CA PHE A 1987 22.05 52.59 -1.73
C PHE A 1987 21.87 51.07 -1.65
N LEU A 1988 22.72 50.39 -0.88
CA LEU A 1988 22.62 48.93 -0.83
C LEU A 1988 21.44 48.46 0.01
N ARG A 1989 21.29 49.00 1.21
CA ARG A 1989 20.13 48.70 2.06
C ARG A 1989 19.42 50.01 2.34
N LYS A 1990 18.33 50.27 1.63
CA LYS A 1990 17.55 51.47 1.88
C LYS A 1990 16.88 51.35 3.23
N PRO A 1991 17.11 52.27 4.18
CA PRO A 1991 16.47 52.14 5.50
C PRO A 1991 14.96 52.28 5.36
N ASP A 1992 14.25 51.72 6.35
CA ASP A 1992 12.79 51.67 6.25
C ASP A 1992 12.20 53.05 6.07
N LYS A 1993 12.68 54.04 6.83
CA LYS A 1993 12.16 55.40 6.66
C LYS A 1993 12.43 55.91 5.24
N ALA A 1994 13.60 55.60 4.68
CA ALA A 1994 13.87 55.97 3.30
C ALA A 1994 12.91 55.27 2.34
N VAL A 1995 12.60 54.00 2.61
CA VAL A 1995 11.65 53.27 1.78
C VAL A 1995 10.27 53.91 1.83
N GLU A 1996 9.82 54.27 3.05
CA GLU A 1996 8.51 54.89 3.19
C GLU A 1996 8.46 56.23 2.47
N GLU A 1997 9.52 57.02 2.56
CA GLU A 1997 9.54 58.30 1.85
C GLU A 1997 9.38 58.10 0.35
N ASP A 1998 10.04 57.08 -0.20
CA ASP A 1998 9.88 56.80 -1.62
C ASP A 1998 8.46 56.34 -1.94
N SER A 1999 7.86 55.54 -1.05
CA SER A 1999 6.48 55.12 -1.27
C SER A 1999 5.53 56.31 -1.29
N ARG A 2000 5.68 57.23 -0.32
CA ARG A 2000 4.83 58.41 -0.32
C ARG A 2000 5.09 59.25 -1.56
N VAL A 2001 6.36 59.41 -1.93
CA VAL A 2001 6.68 60.20 -3.12
C VAL A 2001 6.08 59.57 -4.36
N PHE A 2002 6.18 58.25 -4.49
CA PHE A 2002 5.62 57.60 -5.66
C PHE A 2002 4.10 57.76 -5.71
N SER A 2003 3.43 57.61 -4.57
CA SER A 2003 1.99 57.79 -4.55
C SER A 2003 1.63 59.22 -4.92
N ALA A 2004 2.31 60.18 -4.29
CA ALA A 2004 2.05 61.59 -4.58
C ALA A 2004 2.39 61.93 -6.02
N TYR A 2005 3.48 61.35 -6.54
CA TYR A 2005 3.87 61.63 -7.91
C TYR A 2005 2.83 61.11 -8.89
N GLN A 2006 2.25 59.95 -8.62
CA GLN A 2006 1.21 59.43 -9.50
C GLN A 2006 0.03 60.38 -9.56
N ASP A 2007 -0.37 60.95 -8.42
CA ASP A 2007 -1.46 61.91 -8.42
C ASP A 2007 -1.18 63.08 -9.35
N CYS A 2008 0.04 63.62 -9.31
CA CYS A 2008 0.37 64.74 -10.19
C CYS A 2008 0.26 64.35 -11.66
N ILE A 2009 0.75 63.17 -12.01
CA ILE A 2009 0.71 62.75 -13.41
C ILE A 2009 -0.73 62.52 -13.86
N GLN A 2010 -1.55 61.91 -13.01
CA GLN A 2010 -2.95 61.70 -13.38
C GLN A 2010 -3.65 63.02 -13.64
N LEU A 2011 -3.46 63.97 -12.73
CA LEU A 2011 -4.12 65.27 -12.86
C LEU A 2011 -3.55 66.05 -14.03
N GLN A 2012 -2.27 65.88 -14.33
CA GLN A 2012 -1.69 66.55 -15.49
C GLN A 2012 -2.36 66.09 -16.78
N LEU A 2013 -2.58 64.78 -16.91
CA LEU A 2013 -3.28 64.28 -18.09
C LEU A 2013 -4.71 64.83 -18.15
N GLN A 2014 -5.42 64.80 -17.03
CA GLN A 2014 -6.79 65.31 -17.02
C GLN A 2014 -6.83 66.78 -17.36
N LEU A 2015 -5.89 67.56 -16.84
CA LEU A 2015 -5.87 68.98 -17.13
C LEU A 2015 -5.66 69.22 -18.61
N ASN A 2016 -4.76 68.47 -19.24
CA ASN A 2016 -4.56 68.64 -20.67
C ASN A 2016 -5.78 68.17 -21.45
N LEU A 2017 -6.39 67.06 -21.02
CA LEU A 2017 -7.63 66.63 -21.66
C LEU A 2017 -8.74 67.65 -21.46
N ALA A 2018 -8.86 68.20 -20.25
CA ALA A 2018 -9.89 69.20 -20.01
C ALA A 2018 -9.62 70.43 -20.86
N HIS A 2019 -8.36 70.85 -20.94
CA HIS A 2019 -8.00 71.95 -21.81
C HIS A 2019 -8.28 71.60 -23.27
N ASN A 2020 -7.97 70.37 -23.67
CA ASN A 2020 -8.22 69.96 -25.05
C ASN A 2020 -9.71 69.86 -25.35
N ALA A 2021 -10.50 69.38 -24.39
CA ALA A 2021 -11.95 69.34 -24.61
C ALA A 2021 -12.52 70.75 -24.70
N VAL A 2022 -12.11 71.64 -23.80
CA VAL A 2022 -12.58 73.01 -23.87
C VAL A 2022 -12.13 73.67 -25.16
N GLN A 2023 -10.91 73.37 -25.61
CA GLN A 2023 -10.44 73.97 -26.86
C GLN A 2023 -11.23 73.44 -28.06
N ARG A 2024 -11.60 72.16 -28.03
CA ARG A 2024 -12.43 71.65 -29.13
C ARG A 2024 -13.74 72.43 -29.22
N LEU A 2025 -14.37 72.69 -28.07
CA LEU A 2025 -15.63 73.43 -28.10
C LEU A 2025 -15.40 74.87 -28.56
N LYS A 2026 -14.32 75.49 -28.09
CA LYS A 2026 -13.99 76.83 -28.58
C LYS A 2026 -13.51 76.79 -30.02
N VAL A 2027 -13.16 75.61 -30.52
CA VAL A 2027 -12.79 75.46 -31.93
C VAL A 2027 -14.02 75.21 -32.80
N ALA A 2028 -15.03 74.53 -32.28
CA ALA A 2028 -16.31 74.44 -32.98
C ALA A 2028 -16.85 75.83 -33.29
N LEU A 2029 -16.86 76.70 -32.29
CA LEU A 2029 -17.12 78.11 -32.52
C LEU A 2029 -16.03 78.70 -33.39
N GLY A 2030 -16.40 79.63 -34.25
CA GLY A 2030 -15.42 80.20 -35.17
C GLY A 2030 -14.22 80.71 -34.41
N ALA A 2031 -13.09 80.03 -34.56
CA ALA A 2031 -11.87 80.45 -33.89
C ALA A 2031 -10.69 79.72 -34.52
N SER A 2032 -9.50 80.25 -34.26
CA SER A 2032 -8.24 79.68 -34.72
C SER A 2032 -7.39 79.34 -33.51
N ARG A 2033 -6.74 78.19 -33.54
CA ARG A 2033 -5.84 77.81 -32.45
C ARG A 2033 -4.51 78.51 -32.68
N LYS A 2034 -4.30 79.60 -31.94
CA LYS A 2034 -3.09 80.41 -32.09
C LYS A 2034 -2.91 80.87 -33.54
N PRO A 2042 11.60 83.19 -34.41
CA PRO A 2042 12.08 81.82 -34.63
C PRO A 2042 12.62 81.19 -33.35
N GLU A 2043 13.69 81.78 -32.83
CA GLU A 2043 14.28 81.28 -31.60
C GLU A 2043 13.44 81.62 -30.38
N ASP A 2044 12.74 82.76 -30.42
CA ASP A 2044 11.84 83.10 -29.32
C ASP A 2044 10.75 82.06 -29.15
N LEU A 2045 10.36 81.39 -30.24
CA LEU A 2045 9.38 80.31 -30.13
C LEU A 2045 9.89 79.22 -29.22
N ILE A 2046 11.15 78.81 -29.40
CA ILE A 2046 11.74 77.82 -28.51
C ILE A 2046 11.75 78.36 -27.10
N GLN A 2047 12.03 79.65 -26.94
CA GLN A 2047 12.06 80.24 -25.62
C GLN A 2047 10.70 80.09 -24.93
N THR A 2048 9.63 80.25 -25.69
CA THR A 2048 8.27 80.24 -25.16
C THR A 2048 7.60 78.87 -25.21
N SER A 2049 8.26 77.86 -25.77
CA SER A 2049 7.65 76.54 -25.87
C SER A 2049 7.61 75.87 -24.50
N SER A 2050 6.70 74.92 -24.36
CA SER A 2050 6.61 74.12 -23.16
C SER A 2050 7.71 73.07 -23.12
N THR A 2051 8.01 72.62 -21.90
CA THR A 2051 9.04 71.60 -21.73
C THR A 2051 8.66 70.31 -22.46
N GLU A 2052 7.39 69.90 -22.32
CA GLU A 2052 6.93 68.65 -22.91
C GLU A 2052 7.00 68.71 -24.43
N GLN A 2053 6.69 69.85 -25.01
CA GLN A 2053 6.78 70.01 -26.45
C GLN A 2053 8.22 69.86 -26.93
N LEU A 2054 9.17 70.44 -26.21
CA LEU A 2054 10.57 70.30 -26.62
C LEU A 2054 11.02 68.85 -26.56
N ARG A 2055 10.63 68.12 -25.52
CA ARG A 2055 11.04 66.73 -25.43
C ARG A 2055 10.49 65.93 -26.59
N THR A 2056 9.23 66.16 -26.93
CA THR A 2056 8.62 65.46 -28.06
C THR A 2056 9.32 65.81 -29.36
N ILE A 2057 9.65 67.09 -29.55
CA ILE A 2057 10.34 67.50 -30.77
C ILE A 2057 11.69 66.81 -30.87
N ILE A 2058 12.41 66.72 -29.76
CA ILE A 2058 13.71 66.07 -29.80
C ILE A 2058 13.57 64.59 -30.11
N ARG A 2059 12.59 63.92 -29.49
CA ARG A 2059 12.40 62.50 -29.79
C ARG A 2059 12.19 62.30 -31.29
N TYR A 2060 11.28 63.07 -31.88
CA TYR A 2060 11.03 62.88 -33.29
C TYR A 2060 12.27 63.20 -34.10
N LEU A 2061 12.98 64.26 -33.71
CA LEU A 2061 14.22 64.62 -34.38
C LEU A 2061 15.29 63.56 -34.20
N LEU A 2062 15.42 63.02 -32.99
CA LEU A 2062 16.41 61.98 -32.77
C LEU A 2062 16.07 60.75 -33.61
N ASP A 2063 14.79 60.38 -33.64
CA ASP A 2063 14.36 59.26 -34.46
C ASP A 2063 14.61 59.53 -35.93
N THR A 2064 14.33 60.76 -36.37
CA THR A 2064 14.58 61.11 -37.76
C THR A 2064 16.07 61.00 -38.08
N LEU A 2065 16.92 61.49 -37.19
CA LEU A 2065 18.35 61.39 -37.43
C LEU A 2065 18.80 59.93 -37.39
N LEU A 2066 18.24 59.15 -36.46
CA LEU A 2066 18.60 57.75 -36.38
C LEU A 2066 18.21 57.03 -37.67
N SER A 2067 17.00 57.27 -38.16
CA SER A 2067 16.60 56.69 -39.44
C SER A 2067 17.48 57.19 -40.56
N LEU A 2068 17.94 58.45 -40.46
CA LEU A 2068 18.84 58.98 -41.47
C LEU A 2068 20.13 58.18 -41.50
N LEU A 2069 20.72 57.93 -40.33
CA LEU A 2069 21.95 57.16 -40.27
C LEU A 2069 21.73 55.73 -40.72
N HIS A 2070 20.63 55.11 -40.27
CA HIS A 2070 20.33 53.75 -40.70
C HIS A 2070 20.10 53.70 -42.21
N ALA A 2071 19.38 54.69 -42.74
CA ALA A 2071 19.06 54.75 -44.15
C ALA A 2071 20.18 55.35 -45.00
N SER A 2072 21.29 55.75 -44.38
CA SER A 2072 22.41 56.32 -45.11
C SER A 2072 22.80 55.46 -46.30
N SER A 2076 25.97 60.21 -48.55
CA SER A 2076 26.69 61.46 -48.35
C SER A 2076 26.27 62.14 -47.05
N VAL A 2077 25.27 61.58 -46.40
CA VAL A 2077 24.78 62.14 -45.13
C VAL A 2077 25.89 62.12 -44.09
N PRO A 2078 26.84 61.17 -44.11
CA PRO A 2078 27.94 61.25 -43.15
C PRO A 2078 28.96 62.32 -43.49
N ALA A 2079 29.06 62.72 -44.76
CA ALA A 2079 29.96 63.82 -45.11
C ALA A 2079 29.50 65.12 -44.47
N VAL A 2080 28.21 65.43 -44.60
CA VAL A 2080 27.58 66.47 -43.79
C VAL A 2080 27.38 65.90 -42.40
N LEU A 2081 27.03 66.75 -41.43
CA LEU A 2081 26.97 66.41 -40.03
C LEU A 2081 28.36 66.24 -39.41
N GLN A 2082 29.40 66.63 -40.12
CA GLN A 2082 30.75 66.73 -39.55
C GLN A 2082 31.16 68.17 -39.28
N SER A 2083 30.69 69.12 -40.09
CA SER A 2083 30.83 70.52 -39.71
C SER A 2083 30.12 70.79 -38.39
N THR A 2084 28.96 70.18 -38.19
CA THR A 2084 28.31 70.12 -36.90
C THR A 2084 28.60 68.77 -36.23
N PHE A 2085 28.14 68.64 -34.99
CA PHE A 2085 28.42 67.46 -34.18
C PHE A 2085 29.93 67.24 -34.07
N HIS A 2086 30.65 68.34 -33.85
CA HIS A 2086 32.08 68.28 -33.55
C HIS A 2086 32.27 68.00 -32.06
N ALA A 2087 33.50 68.14 -31.58
CA ALA A 2087 33.80 67.79 -30.19
C ALA A 2087 32.90 68.55 -29.22
N GLN A 2088 32.80 69.87 -29.39
CA GLN A 2088 32.00 70.66 -28.47
C GLN A 2088 30.51 70.36 -28.66
N ALA A 2089 30.06 70.31 -29.92
CA ALA A 2089 28.66 70.04 -30.18
C ALA A 2089 28.29 68.65 -29.67
N CYS A 2090 29.16 67.68 -29.90
CA CYS A 2090 28.91 66.35 -29.36
C CYS A 2090 28.85 66.42 -27.84
N GLU A 2091 29.81 67.13 -27.24
CA GLU A 2091 29.79 67.33 -25.80
C GLU A 2091 28.55 68.11 -25.39
N GLU A 2092 28.22 69.17 -26.13
CA GLU A 2092 27.04 69.96 -25.78
C GLU A 2092 25.78 69.12 -25.87
N LEU A 2093 25.64 68.35 -26.94
CA LEU A 2093 24.47 67.52 -27.11
C LEU A 2093 24.38 66.47 -26.00
N PHE A 2094 25.50 65.79 -25.72
CA PHE A 2094 25.50 64.79 -24.67
C PHE A 2094 25.18 65.40 -23.31
N LYS A 2095 25.82 66.53 -22.99
CA LYS A 2095 25.61 67.12 -21.68
C LYS A 2095 24.17 67.58 -21.50
N HIS A 2096 23.57 68.13 -22.55
CA HIS A 2096 22.22 68.66 -22.44
C HIS A 2096 21.18 67.56 -22.40
N LEU A 2097 21.37 66.51 -23.19
CA LEU A 2097 20.32 65.52 -23.42
C LEU A 2097 20.53 64.21 -22.66
N CYS A 2098 21.75 63.67 -22.66
CA CYS A 2098 21.96 62.36 -22.06
C CYS A 2098 21.94 62.42 -20.55
N ILE A 2099 22.35 63.54 -19.97
CA ILE A 2099 22.40 63.65 -18.52
C ILE A 2099 21.01 63.89 -17.96
N SER A 2100 20.29 64.85 -18.53
CA SER A 2100 18.99 65.26 -18.00
C SER A 2100 17.81 64.69 -18.79
N GLY A 2101 18.03 64.17 -19.98
CA GLY A 2101 16.94 63.74 -20.83
C GLY A 2101 16.22 62.53 -20.30
N THR A 2102 15.11 62.20 -20.99
CA THR A 2102 14.35 61.00 -20.67
C THR A 2102 15.12 59.76 -21.09
N PRO A 2103 14.77 58.60 -20.54
CA PRO A 2103 15.50 57.38 -20.88
C PRO A 2103 15.55 57.11 -22.36
N LYS A 2104 14.45 57.33 -23.08
CA LYS A 2104 14.47 57.12 -24.51
C LYS A 2104 15.31 58.18 -25.20
N ILE A 2105 15.16 59.45 -24.80
CA ILE A 2105 16.02 60.49 -25.33
C ILE A 2105 17.47 60.22 -24.95
N ARG A 2106 17.69 59.86 -23.68
CA ARG A 2106 19.04 59.54 -23.25
C ARG A 2106 19.61 58.43 -24.10
N LEU A 2107 18.88 57.33 -24.22
CA LEU A 2107 19.39 56.18 -24.97
C LEU A 2107 19.64 56.57 -26.42
N HIS A 2108 18.68 57.27 -27.03
CA HIS A 2108 18.83 57.58 -28.46
C HIS A 2108 19.94 58.59 -28.69
N THR A 2109 20.07 59.57 -27.79
CA THR A 2109 21.18 60.52 -27.94
C THR A 2109 22.52 59.80 -27.83
N GLY A 2110 22.66 58.90 -26.87
CA GLY A 2110 23.91 58.17 -26.77
C GLY A 2110 24.17 57.33 -27.99
N LEU A 2111 23.14 56.57 -28.41
CA LEU A 2111 23.29 55.72 -29.58
C LEU A 2111 23.49 56.56 -30.83
N LEU A 2112 22.79 57.69 -30.92
CA LEU A 2112 23.00 58.60 -32.03
C LEU A 2112 24.44 59.12 -32.06
N LEU A 2113 24.97 59.48 -30.90
CA LEU A 2113 26.33 60.01 -30.85
C LEU A 2113 27.35 58.96 -31.28
N VAL A 2114 27.12 57.71 -30.90
CA VAL A 2114 28.03 56.64 -31.31
C VAL A 2114 28.01 56.48 -32.82
N GLN A 2115 26.82 56.37 -33.40
CA GLN A 2115 26.72 56.11 -34.82
C GLN A 2115 27.32 57.23 -35.66
N LEU A 2116 27.27 58.46 -35.16
CA LEU A 2116 27.77 59.60 -35.91
C LEU A 2116 29.26 59.85 -35.66
N CYS A 2117 29.63 60.01 -34.40
CA CYS A 2117 30.98 60.43 -34.04
C CYS A 2117 31.79 59.32 -33.39
N GLY A 2118 31.23 58.11 -33.28
CA GLY A 2118 31.97 57.02 -32.68
C GLY A 2118 33.26 56.72 -33.39
N GLY A 2119 33.31 57.00 -34.69
CA GLY A 2119 34.49 56.71 -35.50
C GLY A 2119 35.46 57.86 -35.64
N GLU A 2120 35.28 58.94 -34.88
CA GLU A 2120 36.20 60.07 -34.94
C GLU A 2120 37.31 59.88 -33.92
N ARG A 2121 38.47 60.48 -34.21
CA ARG A 2121 39.63 60.26 -33.36
C ARG A 2121 39.41 60.84 -31.97
N TRP A 2122 38.74 61.98 -31.89
CA TRP A 2122 38.52 62.63 -30.60
C TRP A 2122 37.46 61.94 -29.77
N TRP A 2123 36.84 60.87 -30.28
CA TRP A 2123 35.72 60.26 -29.59
C TRP A 2123 36.11 59.75 -28.21
N GLY A 2124 37.21 59.02 -28.13
CA GLY A 2124 37.65 58.50 -26.84
C GLY A 2124 37.93 59.61 -25.84
N GLN A 2125 38.54 60.69 -26.29
CA GLN A 2125 38.77 61.83 -25.41
C GLN A 2125 37.45 62.39 -24.91
N PHE A 2126 36.44 62.44 -25.79
CA PHE A 2126 35.14 62.92 -25.35
C PHE A 2126 34.58 62.04 -24.25
N LEU A 2127 34.68 60.72 -24.39
CA LEU A 2127 34.18 59.83 -23.37
C LEU A 2127 34.91 60.04 -22.04
N SER A 2128 36.24 60.14 -22.10
CA SER A 2128 37.00 60.37 -20.89
C SER A 2128 36.69 61.73 -20.29
N ASN A 2129 36.57 62.76 -21.13
CA ASN A 2129 36.24 64.07 -20.62
C ASN A 2129 34.87 64.07 -19.97
N VAL A 2130 33.91 63.40 -20.61
CA VAL A 2130 32.59 63.24 -20.01
C VAL A 2130 32.73 62.53 -18.68
N LEU A 2131 33.48 61.44 -18.67
CA LEU A 2131 33.71 60.69 -17.44
C LEU A 2131 34.37 61.57 -16.40
N GLN A 2132 35.41 62.29 -16.78
CA GLN A 2132 36.07 63.19 -15.84
C GLN A 2132 35.10 64.22 -15.29
N GLU A 2133 34.42 64.93 -16.18
CA GLU A 2133 33.58 66.05 -15.77
C GLU A 2133 32.41 65.57 -14.92
N LEU A 2134 31.79 64.45 -15.31
CA LEU A 2134 30.55 64.05 -14.67
C LEU A 2134 30.78 63.25 -13.38
N TYR A 2135 31.89 62.55 -13.26
CA TYR A 2135 32.08 61.65 -12.14
C TYR A 2135 33.22 62.03 -11.23
N ASN A 2136 33.98 63.07 -11.53
CA ASN A 2136 34.95 63.57 -10.57
C ASN A 2136 34.23 64.09 -9.34
N SER A 2137 34.89 63.96 -8.19
CA SER A 2137 34.21 64.26 -6.93
C SER A 2137 33.96 65.75 -6.75
N GLU A 2138 34.52 66.61 -7.61
CA GLU A 2138 34.23 68.03 -7.54
C GLU A 2138 32.95 68.40 -8.27
N GLN A 2139 32.31 67.45 -8.96
CA GLN A 2139 31.07 67.70 -9.67
C GLN A 2139 29.89 67.72 -8.70
N LEU A 2140 29.18 68.85 -8.66
CA LEU A 2140 27.98 68.98 -7.86
C LEU A 2140 26.70 68.70 -8.64
N LEU A 2141 26.78 68.56 -9.95
CA LEU A 2141 25.60 68.31 -10.75
C LEU A 2141 24.93 67.02 -10.29
N ILE A 2142 23.63 67.08 -10.05
CA ILE A 2142 22.85 65.92 -9.64
C ILE A 2142 22.21 65.30 -10.88
N PHE A 2143 22.52 64.03 -11.13
CA PHE A 2143 21.98 63.33 -12.28
C PHE A 2143 22.11 61.83 -12.01
N PRO A 2144 21.39 61.00 -12.77
CA PRO A 2144 21.45 59.54 -12.52
C PRO A 2144 22.77 58.92 -12.95
N GLN A 2145 23.76 58.99 -12.05
CA GLN A 2145 25.08 58.46 -12.37
C GLN A 2145 25.00 57.01 -12.84
N ASP A 2146 24.19 56.21 -12.17
CA ASP A 2146 24.07 54.80 -12.53
C ASP A 2146 23.48 54.65 -13.93
N ARG A 2147 22.41 55.37 -14.22
CA ARG A 2147 21.81 55.26 -15.54
C ARG A 2147 22.72 55.86 -16.59
N VAL A 2148 23.34 57.00 -16.30
CA VAL A 2148 24.28 57.58 -17.24
C VAL A 2148 25.50 56.69 -17.39
N PHE A 2149 25.92 56.05 -16.30
CA PHE A 2149 27.07 55.16 -16.37
C PHE A 2149 26.76 53.94 -17.22
N MET A 2150 25.56 53.37 -17.06
CA MET A 2150 25.17 52.27 -17.94
C MET A 2150 25.22 52.72 -19.39
N LEU A 2151 24.75 53.93 -19.67
CA LEU A 2151 24.83 54.46 -21.01
C LEU A 2151 26.27 54.53 -21.47
N LEU A 2152 27.15 55.05 -20.60
CA LEU A 2152 28.55 55.19 -20.99
C LEU A 2152 29.19 53.84 -21.26
N SER A 2153 28.88 52.85 -20.42
CA SER A 2153 29.40 51.51 -20.66
C SER A 2153 28.88 50.99 -22.00
N CYS A 2154 27.59 51.17 -22.25
CA CYS A 2154 27.03 50.79 -23.54
C CYS A 2154 27.69 51.55 -24.68
N ILE A 2155 27.89 52.86 -24.50
CA ILE A 2155 28.48 53.67 -25.56
C ILE A 2155 29.89 53.21 -25.86
N GLY A 2156 30.68 52.94 -24.84
CA GLY A 2156 32.04 52.50 -25.09
C GLY A 2156 32.09 51.16 -25.80
N GLN A 2157 31.21 50.24 -25.42
CA GLN A 2157 31.17 48.95 -26.07
C GLN A 2157 30.86 49.08 -27.55
N ARG A 2158 29.92 49.95 -27.90
CA ARG A 2158 29.56 50.13 -29.30
C ARG A 2158 30.59 50.94 -30.06
N SER A 2159 31.52 51.59 -29.36
CA SER A 2159 32.61 52.31 -30.00
C SER A 2159 33.96 51.71 -29.65
N LEU A 2160 33.97 50.52 -29.07
CA LEU A 2160 35.23 49.94 -28.61
C LEU A 2160 36.13 49.56 -29.76
N SER A 2161 35.59 49.47 -30.98
CA SER A 2161 36.42 49.28 -32.16
C SER A 2161 37.34 50.47 -32.41
N ASN A 2162 37.00 51.65 -31.90
CA ASN A 2162 37.87 52.81 -32.02
C ASN A 2162 38.96 52.69 -30.97
N SER A 2163 40.21 52.55 -31.42
CA SER A 2163 41.31 52.31 -30.49
C SER A 2163 41.46 53.43 -29.46
N GLY A 2164 40.95 54.62 -29.75
CA GLY A 2164 41.11 55.74 -28.84
C GLY A 2164 40.26 55.64 -27.59
N VAL A 2165 39.21 54.82 -27.61
CA VAL A 2165 38.33 54.71 -26.44
C VAL A 2165 39.09 54.19 -25.24
N LEU A 2166 39.63 52.98 -25.34
CA LEU A 2166 40.33 52.39 -24.21
C LEU A 2166 41.63 53.12 -23.90
N GLU A 2167 42.31 53.62 -24.93
CA GLU A 2167 43.53 54.39 -24.72
C GLU A 2167 43.27 55.57 -23.80
N SER A 2168 42.25 56.36 -24.11
CA SER A 2168 41.95 57.54 -23.32
C SER A 2168 41.43 57.16 -21.94
N LEU A 2169 40.62 56.11 -21.87
CA LEU A 2169 40.09 55.69 -20.57
C LEU A 2169 41.21 55.26 -19.64
N LEU A 2170 42.21 54.57 -20.16
CA LEU A 2170 43.33 54.15 -19.32
C LEU A 2170 44.22 55.34 -18.99
N ASN A 2171 44.32 56.33 -19.88
CA ASN A 2171 45.05 57.54 -19.55
C ASN A 2171 44.40 58.26 -18.38
N LEU A 2172 43.07 58.29 -18.34
CA LEU A 2172 42.40 58.88 -17.18
C LEU A 2172 42.72 58.08 -15.94
N LEU A 2173 42.70 56.75 -16.05
CA LEU A 2173 43.05 55.91 -14.91
C LEU A 2173 44.50 56.14 -14.53
N ASP A 2174 45.38 56.27 -15.53
CA ASP A 2174 46.78 56.59 -15.27
C ASP A 2174 46.91 57.90 -14.49
N ASN A 2175 46.25 58.95 -14.96
CA ASN A 2175 46.35 60.25 -14.30
C ASN A 2175 45.72 60.21 -12.91
N LEU A 2176 44.61 59.50 -12.75
CA LEU A 2176 43.97 59.43 -11.45
C LEU A 2176 44.84 58.73 -10.42
N LEU A 2177 45.64 57.76 -10.85
CA LEU A 2177 46.50 57.02 -9.95
C LEU A 2177 47.88 57.65 -9.78
N SER A 2178 48.20 58.69 -10.54
CA SER A 2178 49.48 59.36 -10.40
C SER A 2178 49.84 59.71 -8.97
N PRO A 2179 48.92 60.12 -8.10
CA PRO A 2179 49.32 60.47 -6.73
C PRO A 2179 50.11 59.38 -6.01
N LEU A 2180 49.78 58.11 -6.24
CA LEU A 2180 50.54 57.04 -5.60
C LEU A 2180 52.01 57.10 -6.02
N GLN A 2181 52.26 57.30 -7.31
CA GLN A 2181 53.62 57.29 -7.84
C GLN A 2181 54.24 58.68 -7.74
N VAL A 2193 46.51 63.74 -4.57
CA VAL A 2193 45.59 62.95 -3.78
C VAL A 2193 44.75 62.08 -4.71
N LEU A 2194 44.48 60.84 -4.28
CA LEU A 2194 43.66 59.93 -5.06
C LEU A 2194 42.19 60.25 -4.86
N ASP A 2195 41.43 60.18 -5.96
CA ASP A 2195 39.98 60.35 -5.93
C ASP A 2195 39.35 58.98 -6.07
N ILE A 2196 39.15 58.30 -4.94
CA ILE A 2196 38.72 56.90 -4.98
C ILE A 2196 37.38 56.73 -5.68
N PRO A 2197 36.36 57.55 -5.43
CA PRO A 2197 35.10 57.37 -6.19
C PRO A 2197 35.29 57.53 -7.67
N MET A 2198 36.05 58.53 -8.10
CA MET A 2198 36.32 58.69 -9.52
C MET A 2198 37.06 57.46 -10.07
N ILE A 2199 38.03 56.96 -9.32
CA ILE A 2199 38.75 55.77 -9.75
C ILE A 2199 37.82 54.58 -9.87
N SER A 2200 36.87 54.45 -8.94
CA SER A 2200 35.96 53.31 -8.99
C SER A 2200 35.15 53.33 -10.27
N TRP A 2201 34.57 54.48 -10.61
CA TRP A 2201 33.82 54.60 -11.84
C TRP A 2201 34.69 54.26 -13.05
N VAL A 2202 35.90 54.80 -13.09
CA VAL A 2202 36.76 54.60 -14.25
C VAL A 2202 37.16 53.14 -14.37
N VAL A 2203 37.52 52.51 -13.25
CA VAL A 2203 37.95 51.12 -13.28
C VAL A 2203 36.81 50.21 -13.71
N MET A 2204 35.62 50.43 -13.17
CA MET A 2204 34.48 49.58 -13.54
C MET A 2204 34.15 49.74 -15.01
N LEU A 2205 34.18 50.98 -15.50
CA LEU A 2205 33.97 51.19 -16.92
C LEU A 2205 35.06 50.48 -17.71
N VAL A 2206 36.31 50.65 -17.29
CA VAL A 2206 37.42 50.03 -18.00
C VAL A 2206 37.34 48.52 -17.88
N SER A 2207 36.93 48.01 -16.71
CA SER A 2207 36.82 46.57 -16.53
C SER A 2207 35.75 45.98 -17.44
N ARG A 2208 34.57 46.59 -17.49
CA ARG A 2208 33.51 46.09 -18.35
C ARG A 2208 33.91 46.17 -19.81
N LEU A 2209 34.57 47.26 -20.20
CA LEU A 2209 34.98 47.38 -21.61
C LEU A 2209 36.04 46.35 -21.95
N LEU A 2210 36.99 46.10 -21.05
CA LEU A 2210 38.05 45.16 -21.36
C LEU A 2210 37.54 43.73 -21.45
N ASP A 2211 36.67 43.33 -20.53
CA ASP A 2211 36.16 41.96 -20.59
C ASP A 2211 35.33 41.72 -21.84
N TYR A 2212 34.81 42.79 -22.45
CA TYR A 2212 34.20 42.64 -23.76
C TYR A 2212 35.25 42.47 -24.85
N VAL A 2213 36.45 43.00 -24.61
CA VAL A 2213 37.53 42.86 -25.58
C VAL A 2213 38.07 41.43 -25.53
N ASN A 2230 37.49 33.10 -18.05
CA ASN A 2230 36.44 32.40 -17.31
C ASN A 2230 36.67 32.49 -15.81
N GLN A 2231 37.94 32.51 -15.40
CA GLN A 2231 38.24 32.58 -13.97
C GLN A 2231 37.64 33.82 -13.35
N TRP A 2232 37.44 34.87 -14.14
CA TRP A 2232 36.85 36.12 -13.67
C TRP A 2232 35.34 36.17 -13.88
N SER A 2233 34.74 35.07 -14.35
CA SER A 2233 33.30 35.06 -14.57
C SER A 2233 32.53 35.28 -13.27
N PHE A 2234 33.17 35.05 -12.12
CA PHE A 2234 32.53 35.32 -10.84
C PHE A 2234 32.24 36.79 -10.65
N ILE A 2235 32.93 37.66 -11.40
CA ILE A 2235 32.73 39.10 -11.27
C ILE A 2235 31.43 39.54 -11.95
N ASN A 2236 31.05 38.90 -13.04
CA ASN A 2236 29.79 39.21 -13.72
C ASN A 2236 28.61 39.01 -12.78
N HIS A 2356 53.84 49.89 -25.22
CA HIS A 2356 52.97 49.60 -24.08
C HIS A 2356 53.53 50.20 -22.80
N GLU A 2357 54.20 51.35 -22.92
CA GLU A 2357 54.84 51.95 -21.76
C GLU A 2357 53.81 52.51 -20.80
N ARG A 2358 52.82 53.23 -21.34
CA ARG A 2358 51.73 53.72 -20.50
C ARG A 2358 50.98 52.57 -19.86
N CYS A 2359 50.88 51.43 -20.53
CA CYS A 2359 50.25 50.28 -19.93
C CYS A 2359 51.01 49.83 -18.69
N ILE A 2360 52.33 49.83 -18.77
CA ILE A 2360 53.13 49.50 -17.59
C ILE A 2360 52.87 50.52 -16.49
N SER A 2361 52.82 51.81 -16.86
CA SER A 2361 52.60 52.85 -15.87
C SER A 2361 51.31 52.62 -15.11
N VAL A 2362 50.21 52.39 -15.83
CA VAL A 2362 48.94 52.19 -15.14
C VAL A 2362 48.97 50.90 -14.34
N VAL A 2363 49.61 49.87 -14.89
CA VAL A 2363 49.69 48.61 -14.17
C VAL A 2363 50.57 48.76 -12.94
N GLN A 2364 51.68 49.49 -13.07
CA GLN A 2364 52.52 49.74 -11.91
C GLN A 2364 51.76 50.53 -10.85
N LYS A 2365 51.01 51.55 -11.29
CA LYS A 2365 50.23 52.33 -10.34
C LYS A 2365 49.08 51.51 -9.78
N LEU A 2366 48.53 50.60 -10.58
CA LEU A 2366 47.50 49.71 -10.07
C LEU A 2366 48.06 48.79 -9.00
N VAL A 2367 49.28 48.28 -9.20
CA VAL A 2367 49.89 47.45 -8.18
C VAL A 2367 50.17 48.28 -6.94
N LEU A 2368 50.70 49.50 -7.11
CA LEU A 2368 50.89 50.37 -5.97
C LEU A 2368 49.58 50.59 -5.25
N PHE A 2369 48.51 50.78 -6.02
CA PHE A 2369 47.20 50.91 -5.40
C PHE A 2369 46.86 49.63 -4.66
N LEU A 2370 47.06 48.48 -5.29
CA LEU A 2370 46.86 47.21 -4.61
C LEU A 2370 47.68 47.14 -3.33
N LEU A 2371 48.95 47.53 -3.43
CA LEU A 2371 49.82 47.48 -2.27
C LEU A 2371 49.50 48.57 -1.27
N SER A 2372 48.81 49.62 -1.71
CA SER A 2372 48.45 50.75 -0.86
C SER A 2372 47.07 50.59 -0.25
N MET A 2373 46.34 49.53 -0.57
CA MET A 2373 44.98 49.39 -0.08
C MET A 2373 45.01 49.09 1.41
N ASP A 2374 44.38 49.94 2.19
CA ASP A 2374 44.23 49.75 3.62
C ASP A 2374 42.76 49.83 3.97
N PHE A 2375 42.44 49.95 5.26
CA PHE A 2375 41.04 49.90 5.67
C PHE A 2375 40.19 50.96 5.01
N THR A 2376 40.79 52.05 4.51
CA THR A 2376 40.03 53.04 3.77
C THR A 2376 39.65 52.61 2.37
N CYS A 2377 40.29 51.58 1.82
CA CYS A 2377 39.90 51.02 0.53
C CYS A 2377 39.08 49.76 0.76
N HIS A 2378 38.44 49.28 -0.29
CA HIS A 2378 37.46 48.22 -0.14
C HIS A 2378 37.79 47.05 -1.06
N ALA A 2379 37.49 45.85 -0.56
CA ALA A 2379 37.87 44.63 -1.25
C ALA A 2379 37.14 44.52 -2.58
N ASP A 2380 35.87 44.95 -2.63
CA ASP A 2380 35.12 44.84 -3.87
C ASP A 2380 35.82 45.59 -4.99
N LEU A 2381 36.35 46.77 -4.69
CA LEU A 2381 37.16 47.46 -5.69
C LEU A 2381 38.42 46.67 -6.01
N LEU A 2382 38.97 45.95 -5.03
CA LEU A 2382 40.18 45.18 -5.27
C LEU A 2382 39.95 44.14 -6.34
N LEU A 2383 38.78 43.50 -6.34
CA LEU A 2383 38.49 42.50 -7.35
C LEU A 2383 38.64 43.07 -8.75
N PHE A 2384 38.05 44.25 -8.97
CA PHE A 2384 38.11 44.88 -10.28
C PHE A 2384 39.50 45.39 -10.59
N VAL A 2385 40.23 45.85 -9.57
CA VAL A 2385 41.62 46.24 -9.80
C VAL A 2385 42.43 45.06 -10.28
N CYS A 2386 42.24 43.91 -9.61
CA CYS A 2386 42.95 42.69 -10.01
C CYS A 2386 42.56 42.25 -11.42
N LYS A 2387 41.26 42.27 -11.72
CA LYS A 2387 40.82 41.87 -13.05
C LYS A 2387 41.40 42.79 -14.11
N VAL A 2388 41.36 44.09 -13.86
CA VAL A 2388 41.88 45.04 -14.83
C VAL A 2388 43.38 44.88 -14.96
N LEU A 2389 44.06 44.67 -13.84
CA LEU A 2389 45.50 44.45 -13.87
C LEU A 2389 45.85 43.26 -14.76
N ALA A 2390 45.18 42.13 -14.52
CA ALA A 2390 45.43 40.95 -15.35
C ALA A 2390 45.06 41.21 -16.79
N ARG A 2391 43.92 41.85 -17.02
CA ARG A 2391 43.43 42.06 -18.38
C ARG A 2391 44.37 42.98 -19.14
N ILE A 2392 44.83 44.05 -18.50
CA ILE A 2392 45.76 44.95 -19.16
C ILE A 2392 47.06 44.23 -19.45
N ALA A 2393 47.55 43.46 -18.47
CA ALA A 2393 48.80 42.74 -18.64
C ALA A 2393 48.73 41.78 -19.82
N ASN A 2394 47.61 41.11 -20.00
CA ASN A 2394 47.46 40.12 -21.06
C ASN A 2394 46.96 40.72 -22.37
N ALA A 2395 46.70 42.02 -22.40
CA ALA A 2395 46.15 42.64 -23.59
C ALA A 2395 47.21 43.26 -24.50
N THR A 2396 48.39 43.54 -23.96
CA THR A 2396 49.45 44.17 -24.76
C THR A 2396 50.15 43.14 -25.63
N ARG A 2397 50.62 43.59 -26.80
CA ARG A 2397 51.27 42.68 -27.74
C ARG A 2397 52.50 42.03 -27.11
N PRO A 2398 53.49 42.78 -26.60
CA PRO A 2398 54.48 42.16 -25.71
C PRO A 2398 53.93 42.12 -24.28
N THR A 2399 53.16 41.08 -23.98
CA THR A 2399 52.47 40.97 -22.71
C THR A 2399 53.36 41.38 -21.55
N ILE A 2400 52.78 42.14 -20.62
CA ILE A 2400 53.54 42.63 -19.48
C ILE A 2400 53.84 41.46 -18.54
N HIS A 2401 55.11 41.29 -18.21
CA HIS A 2401 55.52 40.22 -17.30
C HIS A 2401 55.54 40.74 -15.87
N LEU A 2402 55.31 39.83 -14.93
CA LEU A 2402 55.27 40.23 -13.51
C LEU A 2402 56.53 40.95 -13.09
N CYS A 2403 57.69 40.60 -13.67
CA CYS A 2403 58.92 41.30 -13.33
C CYS A 2403 58.91 42.74 -13.79
N GLU A 2404 58.17 43.03 -14.87
CA GLU A 2404 58.03 44.40 -15.36
C GLU A 2404 57.13 45.23 -14.46
N ILE A 2405 56.33 44.61 -13.60
CA ILE A 2405 55.34 45.32 -12.81
C ILE A 2405 55.85 45.62 -11.41
N VAL A 2406 56.51 44.66 -10.77
CA VAL A 2406 56.92 44.81 -9.38
C VAL A 2406 58.43 44.71 -9.27
N ASN A 2407 58.95 45.23 -8.17
CA ASN A 2407 60.30 44.96 -7.73
C ASN A 2407 60.26 43.99 -6.55
N GLU A 2408 61.43 43.57 -6.10
CA GLU A 2408 61.48 42.51 -5.11
C GLU A 2408 60.73 42.83 -3.83
N PRO A 2409 60.92 43.99 -3.20
CA PRO A 2409 60.12 44.27 -1.99
C PRO A 2409 58.63 44.28 -2.25
N GLN A 2410 58.20 44.80 -3.41
CA GLN A 2410 56.77 44.84 -3.71
C GLN A 2410 56.22 43.44 -3.93
N LEU A 2411 56.93 42.61 -4.70
CA LEU A 2411 56.46 41.26 -4.94
C LEU A 2411 56.42 40.47 -3.65
N GLU A 2412 57.41 40.66 -2.78
CA GLU A 2412 57.38 40.00 -1.49
C GLU A 2412 56.12 40.41 -0.73
N ARG A 2413 55.81 41.71 -0.75
CA ARG A 2413 54.56 42.15 -0.13
C ARG A 2413 53.37 41.56 -0.84
N LEU A 2414 53.43 41.47 -2.18
CA LEU A 2414 52.31 40.93 -2.93
C LEU A 2414 51.99 39.51 -2.48
N LEU A 2415 52.99 38.65 -2.39
CA LEU A 2415 52.74 37.28 -1.96
C LEU A 2415 52.40 37.22 -0.48
N LEU A 2416 52.93 38.15 0.32
CA LEU A 2416 52.61 38.16 1.74
C LEU A 2416 51.17 38.54 1.97
N LEU A 2417 50.58 39.29 1.04
CA LEU A 2417 49.14 39.55 1.13
C LEU A 2417 48.37 38.25 1.14
N LEU A 2418 48.84 37.27 0.38
CA LEU A 2418 48.19 35.97 0.27
C LEU A 2418 48.60 35.01 1.37
N VAL A 2419 49.85 35.05 1.80
CA VAL A 2419 50.40 33.97 2.62
C VAL A 2419 50.99 34.49 3.92
N GLY A 2420 51.16 35.80 4.04
CA GLY A 2420 51.77 36.34 5.23
C GLY A 2420 50.85 36.23 6.43
N THR A 2421 51.44 36.00 7.60
CA THR A 2421 50.64 35.87 8.80
C THR A 2421 50.27 37.22 9.41
N ASP A 2422 50.89 38.30 8.95
CA ASP A 2422 50.43 39.64 9.31
C ASP A 2422 49.21 40.07 8.50
N PHE A 2423 48.99 39.43 7.35
CA PHE A 2423 47.83 39.70 6.52
C PHE A 2423 46.78 38.61 6.56
N ASN A 2424 47.14 37.41 7.02
CA ASN A 2424 46.22 36.29 7.10
C ASN A 2424 46.34 35.69 8.49
N ARG A 2425 45.20 35.37 9.10
CA ARG A 2425 45.15 34.83 10.45
C ARG A 2425 44.36 33.54 10.48
N GLY A 2426 44.66 32.65 9.55
CA GLY A 2426 43.98 31.37 9.49
C GLY A 2426 42.66 31.47 8.73
N ASP A 2427 41.54 31.44 9.46
CA ASP A 2427 40.24 31.58 8.81
C ASP A 2427 40.04 32.93 8.17
N ILE A 2428 40.77 33.96 8.61
CA ILE A 2428 40.66 35.30 8.07
C ILE A 2428 41.79 35.54 7.09
N SER A 2429 41.46 35.79 5.84
CA SER A 2429 42.45 36.07 4.81
C SER A 2429 42.31 37.53 4.38
N TRP A 2430 43.41 38.11 3.93
CA TRP A 2430 43.40 39.51 3.55
C TRP A 2430 42.47 39.76 2.38
N GLY A 2431 41.54 40.69 2.57
CA GLY A 2431 40.55 41.00 1.55
C GLY A 2431 39.48 39.95 1.34
N GLY A 2432 39.45 38.91 2.15
CA GLY A 2432 38.45 37.87 2.02
C GLY A 2432 38.82 36.87 0.94
N ALA A 2433 38.00 35.83 0.84
CA ALA A 2433 38.26 34.77 -0.14
C ALA A 2433 38.29 35.33 -1.54
N TRP A 2434 37.43 36.30 -1.84
CA TRP A 2434 37.37 36.88 -3.17
C TRP A 2434 38.64 37.62 -3.52
N ALA A 2435 39.18 38.39 -2.58
CA ALA A 2435 40.44 39.07 -2.83
C ALA A 2435 41.57 38.07 -3.04
N GLN A 2436 41.62 37.03 -2.20
CA GLN A 2436 42.62 36.00 -2.36
C GLN A 2436 42.50 35.34 -3.73
N TYR A 2437 41.27 34.98 -4.10
CA TYR A 2437 41.05 34.36 -5.39
C TYR A 2437 41.41 35.31 -6.52
N SER A 2438 41.05 36.57 -6.38
CA SER A 2438 41.37 37.54 -7.42
C SER A 2438 42.87 37.75 -7.52
N LEU A 2439 43.56 37.88 -6.38
CA LEU A 2439 45.01 38.00 -6.43
C LEU A 2439 45.62 36.74 -7.00
N THR A 2440 45.15 35.57 -6.56
CA THR A 2440 45.69 34.32 -7.08
C THR A 2440 45.46 34.26 -8.58
N CYS A 2441 44.24 34.60 -9.02
CA CYS A 2441 43.95 34.62 -10.44
C CYS A 2441 44.77 35.70 -11.13
N MET A 2442 44.93 36.84 -10.46
CA MET A 2442 45.73 37.92 -11.03
C MET A 2442 47.17 37.50 -11.20
N LEU A 2443 47.76 36.92 -10.15
CA LEU A 2443 49.13 36.42 -10.27
C LEU A 2443 49.20 35.33 -11.32
N GLN A 2444 48.28 34.39 -11.26
CA GLN A 2444 48.26 33.31 -12.23
C GLN A 2444 48.02 33.84 -13.63
N ASP A 2445 47.12 34.80 -13.77
CA ASP A 2445 46.81 35.34 -15.08
C ASP A 2445 48.02 36.05 -15.67
N ILE A 2446 48.72 36.85 -14.87
CA ILE A 2446 49.87 37.58 -15.36
C ILE A 2446 50.96 36.59 -15.79
N LEU A 2447 51.22 35.60 -14.95
CA LEU A 2447 52.24 34.60 -15.25
C LEU A 2447 51.88 33.77 -16.46
N ALA A 2448 50.60 33.41 -16.61
CA ALA A 2448 50.19 32.62 -17.76
C ALA A 2448 50.47 33.36 -19.06
N GLY A 2449 50.22 34.66 -19.09
CA GLY A 2449 50.60 35.46 -20.24
C GLY A 2449 52.09 35.42 -20.48
N GLU A 2450 52.88 35.47 -19.40
CA GLU A 2450 54.32 35.39 -19.54
C GLU A 2450 54.76 34.08 -20.19
N LEU A 2451 54.16 32.97 -19.78
CA LEU A 2451 54.56 31.66 -20.27
C LEU A 2451 53.67 31.21 -21.42
N GLN A 2596 -2.30 46.54 -42.30
CA GLN A 2596 -2.62 45.63 -41.22
C GLN A 2596 -3.97 45.93 -40.61
N ALA A 2597 -4.98 45.12 -40.93
CA ALA A 2597 -6.28 45.20 -40.29
C ALA A 2597 -6.85 46.62 -40.33
N LEU A 2598 -7.07 47.10 -41.55
CA LEU A 2598 -7.75 48.38 -41.72
C LEU A 2598 -9.23 48.23 -41.44
N ASP A 2599 -9.86 49.34 -41.06
CA ASP A 2599 -11.31 49.37 -40.91
C ASP A 2599 -11.97 49.31 -42.29
N ALA A 2600 -12.93 48.41 -42.45
CA ALA A 2600 -13.53 48.14 -43.75
C ALA A 2600 -14.29 49.33 -44.32
N ARG A 2601 -14.59 50.34 -43.49
CA ARG A 2601 -15.37 51.48 -43.97
C ARG A 2601 -14.56 52.39 -44.87
N LEU A 2602 -13.24 52.25 -44.88
CA LEU A 2602 -12.41 53.06 -45.77
C LEU A 2602 -12.60 52.69 -47.23
N GLU A 2603 -13.09 51.48 -47.53
CA GLU A 2603 -13.30 51.10 -48.91
C GLU A 2603 -14.41 51.90 -49.58
N VAL A 2604 -15.30 52.51 -48.79
CA VAL A 2604 -16.45 53.20 -49.35
C VAL A 2604 -16.00 54.43 -50.13
N GLY A 2605 -15.05 55.17 -49.59
CA GLY A 2605 -14.56 56.39 -50.19
C GLY A 2605 -13.33 56.11 -51.03
N LEU A 2606 -12.60 57.18 -51.33
CA LEU A 2606 -11.37 57.10 -52.12
C LEU A 2606 -10.13 57.19 -51.24
N GLU A 2607 -10.29 56.99 -49.94
CA GLU A 2607 -9.22 57.19 -48.96
C GLU A 2607 -8.71 55.88 -48.37
N GLN A 2608 -9.06 54.73 -48.96
CA GLN A 2608 -8.52 53.48 -48.44
C GLN A 2608 -7.05 53.35 -48.81
N GLN A 2609 -6.70 53.66 -50.06
CA GLN A 2609 -5.30 53.65 -50.45
C GLN A 2609 -4.50 54.70 -49.70
N ALA A 2610 -5.09 55.87 -49.48
CA ALA A 2610 -4.38 56.91 -48.73
C ALA A 2610 -4.11 56.46 -47.31
N GLU A 2611 -5.09 55.84 -46.65
CA GLU A 2611 -4.87 55.37 -45.29
C GLU A 2611 -3.86 54.23 -45.26
N LEU A 2612 -3.90 53.34 -46.24
CA LEU A 2612 -2.91 52.27 -46.30
C LEU A 2612 -1.51 52.83 -46.44
N MET A 2613 -1.36 53.87 -47.27
CA MET A 2613 -0.04 54.45 -47.49
C MET A 2613 0.48 55.13 -46.22
N LEU A 2614 -0.41 55.78 -45.46
CA LEU A 2614 0.04 56.40 -44.22
C LEU A 2614 0.53 55.36 -43.21
N LYS A 2615 -0.21 54.26 -43.08
CA LYS A 2615 0.23 53.22 -42.14
C LYS A 2615 1.54 52.61 -42.58
N MET A 2616 1.73 52.43 -43.90
CA MET A 2616 3.01 51.94 -44.39
C MET A 2616 4.11 52.91 -44.04
N MET A 2617 3.83 54.20 -44.16
CA MET A 2617 4.79 55.22 -43.71
C MET A 2617 5.14 55.03 -42.25
N SER A 2618 4.12 54.94 -41.39
CA SER A 2618 4.36 54.81 -39.96
C SER A 2618 5.13 53.54 -39.63
N THR A 2619 4.76 52.41 -40.25
CA THR A 2619 5.43 51.15 -39.95
C THR A 2619 6.87 51.14 -40.45
N LEU A 2620 7.13 51.68 -41.64
CA LEU A 2620 8.50 51.72 -42.13
C LEU A 2620 9.38 52.56 -41.22
N GLU A 2621 8.87 53.70 -40.75
CA GLU A 2621 9.65 54.53 -39.84
C GLU A 2621 9.92 53.81 -38.54
N ALA A 2622 8.93 53.12 -37.99
CA ALA A 2622 9.13 52.38 -36.75
C ALA A 2622 10.20 51.31 -36.91
N ASP A 2623 10.18 50.59 -38.04
CA ASP A 2623 11.19 49.57 -38.26
C ASP A 2623 12.59 50.17 -38.34
N SER A 2624 12.74 51.31 -39.01
CA SER A 2624 14.05 51.93 -39.11
C SER A 2624 14.60 52.31 -37.73
N ILE A 2625 13.75 52.86 -36.86
CA ILE A 2625 14.22 53.22 -35.53
C ILE A 2625 14.68 51.98 -34.77
N LEU A 2626 13.87 50.92 -34.81
CA LEU A 2626 14.23 49.71 -34.09
C LEU A 2626 15.53 49.13 -34.64
N GLN A 2627 15.66 49.11 -35.97
CA GLN A 2627 16.89 48.60 -36.58
C GLN A 2627 18.09 49.47 -36.24
N ALA A 2628 17.91 50.79 -36.22
CA ALA A 2628 19.01 51.68 -35.86
C ALA A 2628 19.45 51.45 -34.43
N LEU A 2629 18.50 51.24 -33.52
CA LEU A 2629 18.84 51.05 -32.11
C LEU A 2629 19.51 49.71 -31.83
N THR A 2630 19.35 48.74 -32.73
CA THR A 2630 19.81 47.37 -32.51
C THR A 2630 21.01 47.04 -33.39
N ASN A 2631 21.93 47.98 -33.52
CA ASN A 2631 23.14 47.76 -34.29
C ASN A 2631 24.12 46.88 -33.50
N GLN A 2663 60.08 40.94 -21.73
CA GLN A 2663 61.24 40.29 -22.33
C GLN A 2663 61.95 39.42 -21.30
N LEU A 2664 62.16 39.97 -20.10
CA LEU A 2664 62.80 39.23 -19.02
C LEU A 2664 61.79 38.32 -18.34
N SER A 2665 62.25 37.13 -17.96
CA SER A 2665 61.42 36.19 -17.23
C SER A 2665 61.31 36.57 -15.76
N SER A 2666 60.14 36.34 -15.18
CA SER A 2666 59.91 36.59 -13.77
C SER A 2666 60.30 35.42 -12.87
N VAL A 2667 60.69 34.28 -13.44
CA VAL A 2667 60.95 33.10 -12.64
C VAL A 2667 62.09 33.34 -11.66
N PRO A 2668 63.22 33.93 -12.06
CA PRO A 2668 64.28 34.18 -11.06
C PRO A 2668 63.77 35.03 -9.92
N MET A 2669 62.98 36.04 -10.24
CA MET A 2669 62.42 36.91 -9.21
C MET A 2669 61.46 36.13 -8.32
N LEU A 2670 60.62 35.29 -8.92
CA LEU A 2670 59.73 34.45 -8.13
C LEU A 2670 60.50 33.47 -7.27
N ASN A 2671 61.59 32.92 -7.81
CA ASN A 2671 62.39 31.97 -7.04
C ASN A 2671 62.90 32.62 -5.77
N VAL A 2672 63.45 33.83 -5.88
CA VAL A 2672 63.92 34.55 -4.72
C VAL A 2672 62.79 34.75 -3.73
N CYS A 2673 61.64 35.24 -4.23
N CYS A 2673 61.64 35.24 -4.23
CA CYS A 2673 60.53 35.55 -3.35
CA CYS A 2673 60.53 35.55 -3.35
C CYS A 2673 59.99 34.30 -2.66
C CYS A 2673 59.99 34.30 -2.66
N PHE A 2674 59.83 33.20 -3.41
CA PHE A 2674 59.28 32.00 -2.80
C PHE A 2674 60.31 31.33 -1.91
N ASN A 2675 61.58 31.38 -2.28
CA ASN A 2675 62.61 30.87 -1.38
C ASN A 2675 62.64 31.69 -0.11
N LYS A 2676 62.50 33.01 -0.23
CA LYS A 2676 62.40 33.85 0.95
C LYS A 2676 61.18 33.45 1.78
N LEU A 2677 60.05 33.22 1.10
CA LEU A 2677 58.84 32.82 1.83
C LEU A 2677 59.07 31.50 2.54
N PHE A 2678 59.68 30.53 1.86
CA PHE A 2678 59.93 29.25 2.51
C PHE A 2678 60.90 29.42 3.67
N SER A 2679 61.92 30.27 3.50
CA SER A 2679 62.82 30.57 4.61
C SER A 2679 62.10 31.29 5.73
N MET A 2680 60.94 31.87 5.44
CA MET A 2680 60.14 32.55 6.43
C MET A 2680 59.21 31.61 7.17
N LEU A 2681 59.11 30.36 6.72
CA LEU A 2681 58.16 29.43 7.31
C LEU A 2681 58.48 29.16 8.78
N GLN A 2682 59.76 28.94 9.09
CA GLN A 2682 60.13 28.52 10.44
C GLN A 2682 59.82 29.59 11.46
N VAL A 2683 60.00 30.86 11.10
CA VAL A 2683 59.75 31.95 12.04
C VAL A 2683 58.28 32.32 12.03
N HIS A 2684 57.47 31.55 11.28
CA HIS A 2684 56.03 31.72 11.23
C HIS A 2684 55.62 33.03 10.58
N HIS A 2685 56.39 33.48 9.58
CA HIS A 2685 55.99 34.65 8.80
C HIS A 2685 55.18 34.29 7.58
N VAL A 2686 55.04 33.00 7.27
CA VAL A 2686 54.27 32.54 6.12
C VAL A 2686 53.48 31.31 6.54
N GLN A 2687 52.21 31.25 6.18
CA GLN A 2687 51.41 30.07 6.48
C GLN A 2687 51.65 28.97 5.44
N LEU A 2688 51.89 27.76 5.93
CA LEU A 2688 52.25 26.66 5.06
C LEU A 2688 51.13 26.34 4.07
N GLU A 2689 49.89 26.32 4.55
CA GLU A 2689 48.78 25.91 3.69
C GLU A 2689 48.64 26.86 2.52
N SER A 2690 48.60 28.16 2.81
CA SER A 2690 48.43 29.15 1.75
C SER A 2690 49.65 29.21 0.85
N LEU A 2691 50.85 29.09 1.42
CA LEU A 2691 52.05 29.07 0.57
C LEU A 2691 52.01 27.86 -0.34
N LEU A 2692 51.67 26.70 0.20
CA LEU A 2692 51.59 25.50 -0.62
C LEU A 2692 50.50 25.66 -1.66
N GLN A 2693 49.35 26.20 -1.24
CA GLN A 2693 48.26 26.43 -2.17
C GLN A 2693 48.72 27.41 -3.25
N LEU A 2694 49.38 28.49 -2.84
CA LEU A 2694 49.89 29.47 -3.79
C LEU A 2694 51.00 28.90 -4.65
N TRP A 2695 51.96 28.19 -4.02
CA TRP A 2695 53.09 27.69 -4.78
C TRP A 2695 52.63 26.70 -5.84
N LEU A 2696 51.72 25.81 -5.48
CA LEU A 2696 51.18 24.89 -6.47
C LEU A 2696 50.46 25.64 -7.57
N THR A 2697 49.64 26.63 -7.20
CA THR A 2697 48.83 27.33 -8.19
C THR A 2697 49.70 28.07 -9.20
N LEU A 2698 50.70 28.80 -8.71
CA LEU A 2698 51.50 29.63 -9.61
C LEU A 2698 52.49 28.81 -10.42
N SER A 2699 52.96 27.70 -9.86
CA SER A 2699 53.96 26.85 -10.49
C SER A 2699 53.35 25.78 -11.39
N LEU A 2700 52.04 25.61 -11.38
CA LEU A 2700 51.37 24.63 -12.22
C LEU A 2700 50.94 25.31 -13.52
N ASN A 2701 51.79 25.22 -14.53
CA ASN A 2701 51.49 25.73 -15.85
C ASN A 2701 52.30 24.99 -16.91
N PHE A 2715 46.66 23.62 -16.96
CA PHE A 2715 46.47 24.02 -15.57
C PHE A 2715 46.03 22.86 -14.69
N LEU A 2716 45.83 21.70 -15.31
CA LEU A 2716 45.43 20.50 -14.57
C LEU A 2716 46.62 19.94 -13.81
N TYR A 2717 46.40 19.58 -12.55
CA TYR A 2717 47.47 18.98 -11.77
C TYR A 2717 47.87 17.64 -12.38
N ASN A 2718 49.15 17.34 -12.33
CA ASN A 2718 49.67 16.08 -12.83
C ASN A 2718 50.99 15.82 -12.14
N ALA A 2719 51.20 14.59 -11.70
CA ALA A 2719 52.36 14.28 -10.89
C ALA A 2719 53.67 14.44 -11.66
N ASN A 2720 53.63 14.52 -12.97
CA ASN A 2720 54.84 14.62 -13.79
C ASN A 2720 55.16 16.05 -14.22
N ARG A 2721 54.48 17.04 -13.67
CA ARG A 2721 54.72 18.42 -14.08
C ARG A 2721 56.00 18.93 -13.44
N ILE A 2722 56.83 19.61 -14.24
CA ILE A 2722 58.04 20.26 -13.75
C ILE A 2722 57.65 21.66 -13.29
N PRO A 2723 57.79 21.99 -12.01
CA PRO A 2723 57.41 23.33 -11.56
C PRO A 2723 58.25 24.41 -12.20
N VAL A 2724 57.60 25.52 -12.57
CA VAL A 2724 58.32 26.69 -13.04
C VAL A 2724 59.14 27.30 -11.92
N ILE A 2725 58.58 27.33 -10.71
CA ILE A 2725 59.24 27.98 -9.58
C ILE A 2725 60.04 26.93 -8.82
N SER A 2726 61.35 27.09 -8.81
CA SER A 2726 62.26 26.15 -8.18
C SER A 2726 62.63 26.64 -6.79
N LEU A 2727 62.42 25.79 -5.80
CA LEU A 2727 62.87 26.07 -4.44
C LEU A 2727 64.29 25.56 -4.26
N ASN A 2728 65.00 26.18 -3.33
CA ASN A 2728 66.39 25.79 -3.09
C ASN A 2728 66.46 24.78 -1.96
N GLN A 2729 67.67 24.28 -1.73
CA GLN A 2729 67.86 23.20 -0.76
C GLN A 2729 67.41 23.64 0.62
N ALA A 2730 67.75 24.87 1.01
CA ALA A 2730 67.32 25.37 2.31
C ALA A 2730 65.81 25.40 2.40
N SER A 2731 65.13 25.80 1.33
CA SER A 2731 63.68 25.87 1.33
C SER A 2731 63.06 24.50 1.58
N ILE A 2732 63.54 23.47 0.86
CA ILE A 2732 62.97 22.14 1.04
C ILE A 2732 63.25 21.64 2.44
N THR A 2733 64.47 21.85 2.94
CA THR A 2733 64.79 21.42 4.29
C THR A 2733 63.91 22.14 5.29
N SER A 2734 63.72 23.45 5.11
N SER A 2734 63.72 23.45 5.10
CA SER A 2734 62.83 24.19 5.98
CA SER A 2734 62.83 24.21 5.97
C SER A 2734 61.39 23.72 5.81
C SER A 2734 61.39 23.72 5.81
N PHE A 2735 60.98 23.43 4.58
CA PHE A 2735 59.65 22.89 4.36
C PHE A 2735 59.47 21.58 5.09
N LEU A 2736 60.43 20.66 4.93
CA LEU A 2736 60.36 19.39 5.63
C LEU A 2736 60.50 19.58 7.13
N THR A 2737 61.39 20.48 7.54
CA THR A 2737 61.56 20.73 8.96
C THR A 2737 60.25 21.21 9.57
N VAL A 2738 59.61 22.18 8.91
CA VAL A 2738 58.35 22.70 9.41
C VAL A 2738 57.30 21.60 9.46
N LEU A 2739 57.23 20.80 8.38
CA LEU A 2739 56.25 19.72 8.33
C LEU A 2739 56.45 18.73 9.47
N ALA A 2740 57.71 18.45 9.81
CA ALA A 2740 57.96 17.50 10.88
C ALA A 2740 57.34 17.94 12.20
N TRP A 2741 57.37 19.24 12.49
CA TRP A 2741 56.78 19.75 13.71
C TRP A 2741 55.40 20.36 13.51
N TYR A 2742 54.96 20.55 12.27
CA TYR A 2742 53.71 21.23 12.01
C TYR A 2742 52.59 20.52 12.77
N PRO A 2743 51.94 21.16 13.73
CA PRO A 2743 50.93 20.45 14.53
C PRO A 2743 49.56 20.36 13.88
N ASN A 2744 49.14 21.44 13.22
CA ASN A 2744 47.83 21.53 12.59
C ASN A 2744 47.95 21.22 11.11
N THR A 2745 48.07 19.94 10.79
CA THR A 2745 48.13 19.48 9.41
C THR A 2745 46.85 18.71 9.12
N LEU A 2746 45.85 19.40 8.57
CA LEU A 2746 44.62 18.76 8.17
C LEU A 2746 44.77 18.13 6.79
N LEU A 2747 43.72 17.44 6.35
CA LEU A 2747 43.82 16.65 5.13
C LEU A 2747 44.10 17.51 3.91
N ARG A 2748 43.46 18.68 3.81
CA ARG A 2748 43.77 19.54 2.67
C ARG A 2748 45.23 19.94 2.69
N THR A 2749 45.77 20.24 3.87
CA THR A 2749 47.20 20.51 3.96
C THR A 2749 48.00 19.32 3.46
N TRP A 2750 47.60 18.11 3.87
CA TRP A 2750 48.33 16.91 3.47
C TRP A 2750 48.26 16.69 1.98
N CYS A 2751 47.09 16.92 1.39
CA CYS A 2751 46.97 16.77 -0.06
C CYS A 2751 47.86 17.78 -0.76
N LEU A 2752 47.86 19.01 -0.27
CA LEU A 2752 48.77 20.02 -0.78
C LEU A 2752 50.22 19.60 -0.56
N VAL A 2753 50.52 19.07 0.63
CA VAL A 2753 51.89 18.67 0.94
C VAL A 2753 52.33 17.57 0.00
N LEU A 2754 51.48 16.56 -0.20
CA LEU A 2754 51.85 15.44 -1.04
C LEU A 2754 51.98 15.87 -2.48
N HIS A 2755 51.05 16.68 -2.98
CA HIS A 2755 51.21 17.19 -4.34
C HIS A 2755 52.48 18.01 -4.45
N SER A 2756 52.75 18.85 -3.47
N SER A 2756 52.74 18.87 -3.47
CA SER A 2756 53.95 19.67 -3.53
CA SER A 2756 53.96 19.66 -3.51
C SER A 2756 55.20 18.80 -3.38
C SER A 2756 55.19 18.78 -3.40
N LEU A 2757 55.16 17.79 -2.50
CA LEU A 2757 56.29 16.90 -2.37
C LEU A 2757 56.50 16.13 -3.66
N THR A 2758 55.40 15.70 -4.29
CA THR A 2758 55.48 15.08 -5.59
C THR A 2758 56.15 16.01 -6.58
N LEU A 2759 55.66 17.25 -6.68
CA LEU A 2759 56.21 18.20 -7.63
C LEU A 2759 57.66 18.57 -7.31
N MET A 2760 58.02 18.64 -6.04
CA MET A 2760 59.40 18.95 -5.68
C MET A 2760 60.38 17.92 -6.20
N THR A 2761 60.03 16.64 -6.13
CA THR A 2761 60.90 15.62 -6.70
C THR A 2761 61.21 15.89 -8.17
N ASN A 2762 60.30 16.54 -8.90
CA ASN A 2762 60.58 16.90 -10.28
C ASN A 2762 61.44 18.13 -10.44
N MET A 2763 61.87 18.77 -9.35
CA MET A 2763 62.68 19.97 -9.46
C MET A 2763 64.14 19.61 -9.72
N GLN A 2764 64.83 20.50 -10.42
CA GLN A 2764 66.28 20.39 -10.60
C GLN A 2764 66.94 21.34 -9.60
N LEU A 2765 67.59 20.77 -8.59
CA LEU A 2765 68.24 21.57 -7.56
C LEU A 2765 69.51 22.21 -8.10
N GLU A 2777 73.15 16.59 -6.77
CA GLU A 2777 72.23 15.84 -5.92
C GLU A 2777 70.79 16.04 -6.37
N SER A 2778 70.10 14.94 -6.65
CA SER A 2778 68.69 15.02 -6.99
C SER A 2778 67.86 15.45 -5.78
N THR A 2779 66.71 16.08 -6.05
N THR A 2779 66.71 16.08 -6.05
CA THR A 2779 65.83 16.52 -4.98
CA THR A 2779 65.84 16.51 -4.97
C THR A 2779 65.30 15.34 -4.18
C THR A 2779 65.31 15.33 -4.17
N ALA A 2780 65.02 14.22 -4.85
CA ALA A 2780 64.52 13.04 -4.16
C ALA A 2780 65.51 12.52 -3.16
N HIS A 2781 66.80 12.51 -3.51
CA HIS A 2781 67.80 12.04 -2.55
C HIS A 2781 67.78 12.90 -1.31
N LEU A 2782 67.68 14.22 -1.49
CA LEU A 2782 67.59 15.12 -0.35
C LEU A 2782 66.36 14.81 0.48
N LEU A 2783 65.23 14.54 -0.18
CA LEU A 2783 64.01 14.27 0.54
C LEU A 2783 64.12 12.96 1.31
N VAL A 2784 64.55 11.90 0.64
N VAL A 2784 64.55 11.90 0.64
CA VAL A 2784 64.63 10.59 1.30
CA VAL A 2784 64.63 10.59 1.30
C VAL A 2784 65.73 10.59 2.35
C VAL A 2784 65.73 10.59 2.35
N SER A 2785 66.85 11.25 2.06
CA SER A 2785 67.95 11.31 3.00
C SER A 2785 67.62 12.14 4.23
N ASP A 2786 66.52 12.87 4.22
CA ASP A 2786 66.19 13.73 5.34
C ASP A 2786 65.39 12.94 6.35
N PRO A 2787 65.84 12.83 7.61
CA PRO A 2787 65.03 12.11 8.60
C PRO A 2787 63.67 12.73 8.80
N ASN A 2788 63.54 14.04 8.56
CA ASN A 2788 62.25 14.68 8.70
C ASN A 2788 61.21 14.11 7.75
N LEU A 2789 61.63 13.60 6.59
CA LEU A 2789 60.65 13.00 5.68
C LEU A 2789 59.98 11.80 6.31
N ILE A 2790 60.74 10.93 6.96
CA ILE A 2790 60.13 9.79 7.64
C ILE A 2790 59.22 10.28 8.74
N HIS A 2791 59.66 11.30 9.49
CA HIS A 2791 58.81 11.87 10.51
C HIS A 2791 57.51 12.37 9.90
N VAL A 2792 57.60 12.96 8.72
CA VAL A 2792 56.43 13.55 8.07
C VAL A 2792 55.42 12.47 7.70
N LEU A 2793 55.88 11.41 7.04
CA LEU A 2793 54.97 10.36 6.61
C LEU A 2793 54.38 9.58 7.76
N VAL A 2794 55.11 9.43 8.87
CA VAL A 2794 54.52 8.76 10.02
C VAL A 2794 53.32 9.55 10.54
N LYS A 2795 53.47 10.87 10.63
CA LYS A 2795 52.32 11.70 11.01
C LYS A 2795 51.18 11.52 10.02
N PHE A 2796 51.50 11.51 8.73
CA PHE A 2796 50.47 11.35 7.71
C PHE A 2796 49.71 10.04 7.89
N LEU A 2797 50.45 8.94 8.06
CA LEU A 2797 49.86 7.63 8.17
C LEU A 2797 49.38 7.31 9.59
N SER A 2798 49.75 8.12 10.58
CA SER A 2798 49.30 7.89 11.95
C SER A 2798 48.02 8.64 12.27
N GLY A 2799 47.52 9.47 11.36
CA GLY A 2799 46.29 10.19 11.60
C GLY A 2799 46.46 11.34 12.58
N GLN A 2807 32.51 13.59 13.48
CA GLN A 2807 32.66 12.17 13.19
C GLN A 2807 33.12 12.00 11.76
N HIS A 2808 34.42 11.71 11.60
CA HIS A 2808 35.02 11.50 10.29
C HIS A 2808 35.53 10.07 10.22
N SER A 2809 35.49 9.51 9.02
CA SER A 2809 36.06 8.18 8.82
C SER A 2809 37.58 8.25 8.90
N PRO A 2810 38.22 7.24 9.50
CA PRO A 2810 39.69 7.26 9.53
C PRO A 2810 40.34 7.27 8.17
N GLN A 2811 39.64 6.81 7.12
CA GLN A 2811 40.23 6.82 5.81
C GLN A 2811 40.52 8.25 5.40
N VAL A 2812 41.27 8.41 4.31
CA VAL A 2812 41.49 9.72 3.73
C VAL A 2812 40.78 9.91 2.39
N GLY A 2813 40.18 8.86 1.85
CA GLY A 2813 39.50 8.97 0.58
C GLY A 2813 40.46 8.68 -0.55
N PRO A 2814 39.94 8.39 -1.73
CA PRO A 2814 40.82 8.04 -2.86
C PRO A 2814 41.78 9.15 -3.24
N THR A 2815 41.36 10.42 -3.11
CA THR A 2815 42.21 11.49 -3.61
C THR A 2815 43.47 11.64 -2.77
N ALA A 2816 43.31 11.70 -1.44
CA ALA A 2816 44.48 11.79 -0.58
C ALA A 2816 45.32 10.54 -0.66
N THR A 2817 44.67 9.38 -0.68
CA THR A 2817 45.38 8.11 -0.82
C THR A 2817 46.11 8.06 -2.14
N GLN A 2818 45.47 8.53 -3.21
CA GLN A 2818 46.13 8.56 -4.51
C GLN A 2818 47.33 9.50 -4.49
N ALA A 2819 47.24 10.59 -3.73
CA ALA A 2819 48.37 11.51 -3.62
C ALA A 2819 49.58 10.83 -2.98
N MET A 2820 49.36 10.06 -1.90
CA MET A 2820 50.47 9.37 -1.26
C MET A 2820 51.11 8.38 -2.21
N GLN A 2821 50.31 7.59 -2.94
CA GLN A 2821 50.89 6.69 -3.91
C GLN A 2821 51.62 7.47 -4.99
N GLU A 2822 51.03 8.59 -5.42
CA GLU A 2822 51.67 9.41 -6.43
C GLU A 2822 52.98 9.97 -5.92
N PHE A 2823 53.01 10.38 -4.65
CA PHE A 2823 54.24 10.86 -4.04
C PHE A 2823 55.30 9.78 -3.99
N LEU A 2824 54.94 8.59 -3.49
CA LEU A 2824 55.91 7.51 -3.39
C LEU A 2824 56.37 7.05 -4.76
N THR A 2825 55.46 6.95 -5.72
CA THR A 2825 55.85 6.51 -7.05
C THR A 2825 56.88 7.44 -7.66
N ARG A 2826 56.72 8.75 -7.48
CA ARG A 2826 57.69 9.68 -8.05
C ARG A 2826 59.04 9.52 -7.39
N LEU A 2827 59.06 9.35 -6.06
CA LEU A 2827 60.32 9.06 -5.38
C LEU A 2827 61.00 7.85 -6.00
N GLN A 2828 60.25 6.77 -6.19
CA GLN A 2828 60.83 5.55 -6.73
C GLN A 2828 61.41 5.77 -8.11
N VAL A 2829 60.69 6.46 -8.98
CA VAL A 2829 61.15 6.65 -10.35
C VAL A 2829 62.43 7.46 -10.38
N HIS A 2830 62.51 8.51 -9.58
CA HIS A 2830 63.66 9.40 -9.63
C HIS A 2830 64.90 8.73 -9.04
N LEU A 2831 64.72 7.80 -8.11
CA LEU A 2831 65.82 7.11 -7.48
C LEU A 2831 66.21 5.82 -8.19
N SER A 2832 65.41 5.38 -9.16
CA SER A 2832 65.61 4.05 -9.73
C SER A 2832 66.99 3.91 -10.36
N SER A 2833 67.37 4.86 -11.21
CA SER A 2833 68.58 4.70 -12.00
C SER A 2833 69.86 5.04 -11.24
N THR A 2834 69.76 5.57 -10.02
CA THR A 2834 70.95 5.99 -9.29
C THR A 2834 71.11 5.33 -7.93
N CYS A 2835 70.05 5.20 -7.15
CA CYS A 2835 70.22 4.75 -5.78
C CYS A 2835 68.92 4.26 -5.15
N PRO A 2836 68.33 3.18 -5.67
CA PRO A 2836 67.06 2.71 -5.11
C PRO A 2836 67.16 2.08 -3.73
N GLN A 2837 68.36 1.72 -3.27
CA GLN A 2837 68.46 1.07 -1.97
C GLN A 2837 68.04 2.00 -0.83
N ILE A 2838 68.33 3.29 -0.94
CA ILE A 2838 67.92 4.21 0.10
C ILE A 2838 66.41 4.36 0.15
N PHE A 2839 65.75 4.31 -1.02
CA PHE A 2839 64.30 4.36 -1.01
C PHE A 2839 63.70 3.15 -0.31
N SER A 2840 64.22 1.96 -0.60
N SER A 2840 64.22 1.96 -0.60
CA SER A 2840 63.72 0.76 0.06
CA SER A 2840 63.72 0.76 0.06
C SER A 2840 64.03 0.80 1.55
C SER A 2840 64.03 0.80 1.55
N GLU A 2841 65.22 1.26 1.92
CA GLU A 2841 65.56 1.39 3.32
C GLU A 2841 64.60 2.37 3.97
N PHE A 2842 64.30 3.45 3.27
CA PHE A 2842 63.34 4.42 3.78
C PHE A 2842 61.97 3.77 3.98
N LEU A 2843 61.52 2.97 3.00
CA LEU A 2843 60.25 2.28 3.16
C LEU A 2843 60.28 1.33 4.34
N LEU A 2844 61.35 0.55 4.45
CA LEU A 2844 61.43 -0.42 5.53
C LEU A 2844 61.60 0.29 6.87
N LYS A 2845 62.40 1.36 6.89
CA LYS A 2845 62.50 2.17 8.10
C LYS A 2845 61.16 2.80 8.40
N LEU A 2846 60.48 3.26 7.36
CA LEU A 2846 59.13 3.79 7.53
C LEU A 2846 58.20 2.72 8.07
N ILE A 2847 58.23 1.53 7.46
CA ILE A 2847 57.36 0.46 7.90
C ILE A 2847 57.73 -0.01 9.29
N HIS A 2848 59.03 -0.04 9.60
CA HIS A 2848 59.44 -0.42 10.94
C HIS A 2848 58.89 0.56 11.97
N ILE A 2849 59.06 1.85 11.72
CA ILE A 2849 58.58 2.85 12.66
C ILE A 2849 57.09 2.71 12.88
N LEU A 2850 56.35 2.46 11.80
CA LEU A 2850 54.91 2.32 11.90
C LEU A 2850 54.51 1.06 12.65
N SER A 2851 55.32 0.01 12.57
N SER A 2851 55.33 0.01 12.56
CA SER A 2851 54.96 -1.26 13.18
CA SER A 2851 55.01 -1.28 13.15
C SER A 2851 55.54 -1.49 14.57
C SER A 2851 55.48 -1.44 14.59
N THR A 2852 56.46 -0.66 15.03
CA THR A 2852 56.97 -0.82 16.39
C THR A 2852 55.84 -0.64 17.40
N GLU A 2853 56.05 -1.14 18.61
CA GLU A 2853 55.02 -1.02 19.63
C GLU A 2853 54.64 0.43 19.82
N ARG A 2854 53.34 0.67 19.97
CA ARG A 2854 52.79 2.02 20.01
C ARG A 2854 52.94 2.73 18.67
N GLY A 2855 53.24 1.98 17.61
CA GLY A 2855 53.26 2.52 16.27
C GLY A 2855 51.88 2.56 15.66
N ALA A 2856 51.83 3.07 14.43
CA ALA A 2856 50.54 3.25 13.77
C ALA A 2856 49.82 1.92 13.57
N PHE A 2857 50.52 0.95 12.98
CA PHE A 2857 49.89 -0.34 12.71
C PHE A 2857 49.48 -1.06 13.98
N GLN A 2858 50.33 -1.03 15.00
CA GLN A 2858 50.03 -1.81 16.20
C GLN A 2858 48.79 -1.28 16.90
N THR A 2859 48.59 0.03 16.88
CA THR A 2859 47.44 0.63 17.53
C THR A 2859 46.24 0.78 16.62
N GLY A 2860 46.34 0.33 15.37
CA GLY A 2860 45.22 0.46 14.44
C GLY A 2860 44.84 1.89 14.15
N GLN A 2861 45.80 2.79 14.16
CA GLN A 2861 45.57 4.21 13.94
C GLN A 2861 45.82 4.56 12.46
N GLY A 2862 45.31 5.72 12.07
CA GLY A 2862 45.67 6.28 10.78
C GLY A 2862 44.80 5.82 9.64
N PRO A 2863 45.03 6.40 8.47
CA PRO A 2863 44.25 6.02 7.29
C PRO A 2863 44.56 4.61 6.84
N LEU A 2864 43.63 3.69 7.04
CA LEU A 2864 43.88 2.31 6.65
C LEU A 2864 44.05 2.19 5.15
N ASP A 2865 43.26 2.91 4.38
CA ASP A 2865 43.42 2.86 2.93
C ASP A 2865 44.81 3.34 2.53
N ALA A 2866 45.26 4.43 3.14
CA ALA A 2866 46.59 4.94 2.80
C ALA A 2866 47.69 4.01 3.29
N GLN A 2867 47.53 3.44 4.49
CA GLN A 2867 48.53 2.50 4.98
C GLN A 2867 48.60 1.27 4.10
N VAL A 2868 47.44 0.73 3.71
CA VAL A 2868 47.42 -0.43 2.86
C VAL A 2868 47.99 -0.10 1.49
N LYS A 2869 47.70 1.10 0.98
CA LYS A 2869 48.27 1.50 -0.29
C LYS A 2869 49.79 1.58 -0.17
N LEU A 2870 50.29 2.10 0.94
CA LEU A 2870 51.73 2.10 1.15
C LEU A 2870 52.27 0.69 1.19
N LEU A 2871 51.58 -0.19 1.93
CA LEU A 2871 52.01 -1.57 2.01
C LEU A 2871 51.96 -2.23 0.64
N GLU A 2872 50.90 -1.97 -0.11
CA GLU A 2872 50.80 -2.51 -1.46
C GLU A 2872 51.91 -1.95 -2.33
N PHE A 2873 52.23 -0.66 -2.17
CA PHE A 2873 53.32 -0.08 -2.92
C PHE A 2873 54.65 -0.72 -2.55
N THR A 2874 54.88 -0.96 -1.25
CA THR A 2874 56.15 -1.51 -0.82
C THR A 2874 56.38 -2.89 -1.42
N LEU A 2875 55.29 -3.67 -1.54
CA LEU A 2875 55.41 -5.04 -2.03
C LEU A 2875 55.91 -5.12 -3.46
N GLU A 2876 55.89 -4.02 -4.20
CA GLU A 2876 56.36 -3.99 -5.57
C GLU A 2876 57.77 -3.46 -5.70
N GLN A 2877 58.45 -3.20 -4.59
CA GLN A 2877 59.79 -2.63 -4.64
C GLN A 2877 60.85 -3.73 -4.59
N ASN A 2878 62.04 -3.35 -5.02
CA ASN A 2878 63.22 -4.21 -5.03
C ASN A 2878 64.10 -3.87 -3.83
N PHE A 2879 64.39 -4.87 -3.00
CA PHE A 2879 65.09 -4.67 -1.74
C PHE A 2879 66.54 -5.10 -1.80
N GLU A 2880 67.15 -5.05 -2.98
CA GLU A 2880 68.57 -5.37 -3.11
C GLU A 2880 69.43 -4.30 -2.44
N VAL A 2881 70.56 -4.74 -1.89
CA VAL A 2881 71.51 -3.83 -1.28
C VAL A 2881 70.87 -3.06 -0.14
N VAL A 2882 70.00 -3.72 0.62
CA VAL A 2882 69.42 -3.15 1.82
C VAL A 2882 70.09 -3.76 3.03
N SER A 2883 70.44 -2.91 4.00
CA SER A 2883 71.20 -3.40 5.14
C SER A 2883 70.40 -4.47 5.88
N VAL A 2884 71.10 -5.47 6.39
CA VAL A 2884 70.44 -6.56 7.09
C VAL A 2884 69.87 -6.10 8.42
N SER A 2885 70.41 -5.03 8.99
CA SER A 2885 69.90 -4.55 10.27
C SER A 2885 68.45 -4.12 10.14
N THR A 2886 68.14 -3.31 9.13
CA THR A 2886 66.76 -2.87 8.96
C THR A 2886 65.84 -4.03 8.59
N ILE A 2887 66.31 -4.93 7.73
CA ILE A 2887 65.48 -6.05 7.32
C ILE A 2887 65.10 -6.88 8.54
N SER A 2888 66.07 -7.17 9.39
CA SER A 2888 65.78 -7.93 10.60
C SER A 2888 64.88 -7.15 11.52
N ALA A 2889 65.05 -5.84 11.57
CA ALA A 2889 64.19 -5.00 12.39
C ALA A 2889 62.74 -5.07 11.94
N VAL A 2890 62.51 -4.96 10.63
CA VAL A 2890 61.13 -5.00 10.13
C VAL A 2890 60.53 -6.38 10.31
N ILE A 2891 61.30 -7.43 10.02
CA ILE A 2891 60.79 -8.78 10.20
C ILE A 2891 60.44 -9.02 11.65
N GLU A 2892 61.33 -8.61 12.56
CA GLU A 2892 61.03 -8.79 13.98
C GLU A 2892 59.79 -8.01 14.36
N SER A 2893 59.73 -6.74 13.94
CA SER A 2893 58.59 -5.90 14.27
C SER A 2893 57.32 -6.41 13.59
N VAL A 2894 57.43 -6.83 12.33
CA VAL A 2894 56.25 -7.26 11.59
C VAL A 2894 55.71 -8.58 12.13
N THR A 2895 56.60 -9.53 12.40
CA THR A 2895 56.18 -10.80 12.95
C THR A 2895 55.57 -10.62 14.33
N PHE A 2896 56.20 -9.76 15.14
CA PHE A 2896 55.61 -9.46 16.44
C PHE A 2896 54.22 -8.86 16.26
N LEU A 2897 54.08 -7.95 15.30
CA LEU A 2897 52.79 -7.32 15.07
C LEU A 2897 51.76 -8.35 14.65
N VAL A 2898 52.10 -9.22 13.69
CA VAL A 2898 51.12 -10.17 13.20
C VAL A 2898 50.80 -11.19 14.27
N HIS A 2899 51.80 -11.61 15.05
CA HIS A 2899 51.51 -12.49 16.18
C HIS A 2899 50.59 -11.78 17.15
N HIS A 2900 50.86 -10.50 17.39
CA HIS A 2900 49.98 -9.71 18.24
C HIS A 2900 48.58 -9.65 17.66
N TYR A 2901 48.46 -9.44 16.35
CA TYR A 2901 47.15 -9.36 15.73
C TYR A 2901 46.37 -10.64 15.91
N ILE A 2902 47.01 -11.79 15.69
CA ILE A 2902 46.29 -13.05 15.78
C ILE A 2902 45.93 -13.35 17.23
N THR A 2903 46.82 -13.05 18.16
CA THR A 2903 46.49 -13.31 19.56
C THR A 2903 45.48 -12.30 20.07
N CYS A 2904 45.50 -11.08 19.53
CA CYS A 2904 44.59 -10.03 19.96
C CYS A 2904 43.33 -9.94 19.11
N SER A 2905 42.93 -11.02 18.44
CA SER A 2905 41.73 -10.96 17.63
C SER A 2905 40.53 -10.70 18.52
N ASP A 2906 39.52 -10.05 17.95
CA ASP A 2906 38.38 -9.64 18.76
C ASP A 2906 37.54 -10.87 19.11
N LYS A 2907 36.84 -10.78 20.24
CA LYS A 2907 36.07 -11.93 20.70
C LYS A 2907 34.84 -12.17 19.83
N VAL A 2908 34.16 -11.11 19.41
CA VAL A 2908 32.99 -11.24 18.58
C VAL A 2908 33.39 -10.94 17.13
N MET A 2909 32.50 -11.25 16.21
CA MET A 2909 32.73 -11.00 14.79
C MET A 2909 31.43 -10.56 14.15
N SER A 2910 31.43 -9.38 13.53
CA SER A 2910 30.25 -8.82 12.89
C SER A 2910 30.68 -8.27 11.54
N ARG A 2911 30.21 -8.89 10.47
CA ARG A 2911 30.45 -8.42 9.12
C ARG A 2911 29.11 -8.15 8.43
N SER A 2912 29.13 -7.25 7.47
CA SER A 2912 27.97 -7.03 6.64
C SER A 2912 27.79 -8.18 5.65
N GLY A 2913 26.55 -8.37 5.20
CA GLY A 2913 26.28 -9.41 4.23
C GLY A 2913 27.08 -9.26 2.95
N SER A 2914 27.41 -8.03 2.58
CA SER A 2914 28.25 -7.81 1.41
C SER A 2914 29.63 -8.40 1.59
N ASP A 2915 30.23 -8.23 2.77
CA ASP A 2915 31.57 -8.73 3.03
C ASP A 2915 31.59 -10.25 2.98
N SER A 2916 32.56 -10.80 2.25
CA SER A 2916 32.73 -12.25 2.13
C SER A 2916 34.19 -12.64 2.29
N SER A 2917 34.97 -11.81 2.98
CA SER A 2917 36.38 -12.09 3.19
C SER A 2917 36.57 -13.30 4.11
N VAL A 2918 37.79 -13.80 4.14
CA VAL A 2918 38.15 -14.95 4.96
C VAL A 2918 38.86 -14.43 6.21
N GLY A 2919 38.41 -14.90 7.37
CA GLY A 2919 39.01 -14.52 8.63
C GLY A 2919 40.50 -14.80 8.70
N ALA A 2920 41.21 -14.08 9.57
CA ALA A 2920 42.65 -14.31 9.71
C ALA A 2920 42.94 -15.73 10.14
N ARG A 2921 42.18 -16.25 11.10
CA ARG A 2921 42.35 -17.62 11.61
C ARG A 2921 41.64 -18.60 10.67
N ALA A 2922 42.12 -18.66 9.43
CA ALA A 2922 41.54 -19.54 8.42
C ALA A 2922 42.53 -19.70 7.29
N CYS A 2923 42.90 -20.95 6.97
CA CYS A 2923 43.98 -21.23 6.05
C CYS A 2923 43.46 -21.94 4.81
N PHE A 2924 44.28 -21.89 3.75
CA PHE A 2924 43.98 -22.59 2.50
C PHE A 2924 42.63 -22.20 1.94
N GLY A 2925 42.33 -20.90 1.98
CA GLY A 2925 41.08 -20.41 1.44
C GLY A 2925 41.01 -20.61 -0.07
N THR A 2945 39.98 -3.25 5.65
CA THR A 2945 39.99 -3.97 6.92
C THR A 2945 41.41 -4.22 7.40
N ARG A 2946 41.57 -4.30 8.72
CA ARG A 2946 42.89 -4.53 9.30
C ARG A 2946 43.47 -5.87 8.87
N ASP A 2947 42.62 -6.85 8.57
CA ASP A 2947 43.10 -8.14 8.10
C ASP A 2947 43.92 -7.99 6.82
N GLN A 2948 43.47 -7.15 5.90
CA GLN A 2948 44.24 -6.96 4.67
C GLN A 2948 45.61 -6.37 4.98
N LEU A 2949 45.66 -5.43 5.93
CA LEU A 2949 46.95 -4.86 6.29
C LEU A 2949 47.90 -5.91 6.85
N MET A 2950 47.40 -6.75 7.76
CA MET A 2950 48.26 -7.77 8.34
C MET A 2950 48.72 -8.75 7.28
N PHE A 2951 47.83 -9.14 6.38
CA PHE A 2951 48.22 -10.00 5.27
C PHE A 2951 49.21 -9.30 4.38
N ASP A 2952 49.02 -8.00 4.16
CA ASP A 2952 49.95 -7.24 3.34
C ASP A 2952 51.33 -7.17 3.98
N LEU A 2953 51.38 -7.03 5.30
CA LEU A 2953 52.66 -7.08 5.99
C LEU A 2953 53.33 -8.45 5.84
N LEU A 2954 52.53 -9.51 5.97
CA LEU A 2954 53.08 -10.85 5.83
C LEU A 2954 53.60 -11.11 4.42
N LYS A 2955 52.94 -10.58 3.40
CA LYS A 2955 53.48 -10.71 2.06
C LYS A 2955 54.84 -10.04 1.98
N LEU A 2956 54.99 -8.90 2.65
CA LEU A 2956 56.28 -8.22 2.66
C LEU A 2956 57.36 -9.09 3.30
N VAL A 2957 57.04 -9.72 4.43
CA VAL A 2957 58.03 -10.56 5.11
C VAL A 2957 58.48 -11.68 4.19
N ASN A 2958 57.54 -12.27 3.46
CA ASN A 2958 57.89 -13.35 2.53
C ASN A 2958 58.86 -12.86 1.47
N ILE A 2959 58.66 -11.65 0.95
CA ILE A 2959 59.58 -11.11 -0.04
C ILE A 2959 60.97 -10.91 0.55
N LEU A 2960 61.04 -10.49 1.81
CA LEU A 2960 62.34 -10.15 2.41
C LEU A 2960 63.17 -11.40 2.69
N VAL A 2961 62.54 -12.45 3.21
CA VAL A 2961 63.29 -13.64 3.58
C VAL A 2961 63.88 -14.34 2.37
N GLN A 2962 63.36 -14.08 1.18
CA GLN A 2962 63.89 -14.70 -0.03
C GLN A 2962 65.09 -13.95 -0.60
N LEU A 2963 65.46 -12.82 -0.03
CA LEU A 2963 66.55 -12.03 -0.59
C LEU A 2963 67.88 -12.73 -0.34
N PRO A 2964 68.71 -12.92 -1.37
CA PRO A 2964 70.06 -13.41 -1.12
C PRO A 2964 70.89 -12.38 -0.37
N LEU A 2965 71.81 -12.86 0.45
CA LEU A 2965 72.67 -12.00 1.24
C LEU A 2965 74.01 -11.79 0.53
N SER A 2966 74.59 -10.61 0.76
CA SER A 2966 75.89 -10.27 0.22
C SER A 2966 76.97 -11.13 0.88
N GLY A 2967 78.21 -10.98 0.40
CA GLY A 2967 79.29 -11.81 0.88
C GLY A 2967 79.48 -11.71 2.39
N ASN A 2968 79.40 -10.50 2.94
CA ASN A 2968 79.63 -10.28 4.37
C ASN A 2968 78.37 -10.35 5.22
N ARG A 2969 77.22 -10.73 4.65
CA ARG A 2969 75.99 -10.91 5.42
C ARG A 2969 75.51 -9.63 6.07
N GLU A 2970 75.84 -8.47 5.50
CA GLU A 2970 75.36 -7.21 6.02
C GLU A 2970 74.36 -6.51 5.11
N TYR A 2971 74.29 -6.90 3.83
CA TYR A 2971 73.37 -6.30 2.88
C TYR A 2971 72.81 -7.39 1.98
N SER A 2972 71.62 -7.17 1.45
CA SER A 2972 71.07 -8.04 0.43
C SER A 2972 71.91 -7.98 -0.85
N ALA A 2973 72.11 -9.14 -1.45
CA ALA A 2973 73.01 -9.27 -2.59
C ALA A 2973 72.36 -8.74 -3.87
N ARG A 2974 73.12 -8.79 -4.95
CA ARG A 2974 72.66 -8.35 -6.27
C ARG A 2974 72.44 -6.85 -6.33
N PRO A 3008 75.31 -18.34 -1.42
CA PRO A 3008 73.89 -18.66 -1.63
C PRO A 3008 73.07 -18.62 -0.35
N ALA A 3009 73.52 -17.88 0.65
CA ALA A 3009 72.79 -17.78 1.90
C ALA A 3009 71.59 -16.85 1.71
N TYR A 3010 70.72 -16.82 2.73
CA TYR A 3010 69.50 -16.04 2.65
C TYR A 3010 69.18 -15.46 4.04
N VAL A 3011 68.35 -14.43 4.03
CA VAL A 3011 67.88 -13.86 5.29
C VAL A 3011 67.16 -14.91 6.12
N ALA A 3012 66.59 -15.92 5.46
CA ALA A 3012 65.91 -16.98 6.18
C ALA A 3012 66.82 -17.57 7.25
N ASP A 3013 68.12 -17.66 6.97
CA ASP A 3013 69.04 -18.20 7.96
C ASP A 3013 69.08 -17.30 9.19
N LEU A 3014 69.15 -15.99 8.99
CA LEU A 3014 69.10 -15.08 10.13
C LEU A 3014 67.76 -15.19 10.83
N VAL A 3015 66.68 -15.30 10.06
CA VAL A 3015 65.37 -15.44 10.66
C VAL A 3015 65.31 -16.76 11.42
N LEU A 3016 65.76 -17.84 10.77
CA LEU A 3016 65.74 -19.14 11.43
C LEU A 3016 66.69 -19.16 12.62
N ALA A 3017 67.84 -18.50 12.50
CA ALA A 3017 68.76 -18.41 13.61
C ALA A 3017 68.24 -17.51 14.72
N ASN A 3018 67.18 -16.75 14.45
CA ASN A 3018 66.59 -15.86 15.46
C ASN A 3018 65.49 -16.64 16.18
N GLN A 3019 65.73 -16.95 17.45
CA GLN A 3019 64.79 -17.79 18.17
C GLN A 3019 63.49 -17.06 18.45
N GLN A 3020 63.57 -15.77 18.75
CA GLN A 3020 62.34 -15.02 19.05
C GLN A 3020 61.46 -14.89 17.82
N ILE A 3021 62.05 -14.58 16.67
CA ILE A 3021 61.26 -14.45 15.45
C ILE A 3021 60.57 -15.76 15.12
N MET A 3022 61.33 -16.86 15.18
CA MET A 3022 60.76 -18.15 14.85
C MET A 3022 59.68 -18.56 15.82
N SER A 3023 59.88 -18.28 17.11
CA SER A 3023 58.84 -18.60 18.08
C SER A 3023 57.54 -17.88 17.77
N GLN A 3024 57.63 -16.61 17.42
CA GLN A 3024 56.44 -15.83 17.09
C GLN A 3024 55.71 -16.41 15.87
N ILE A 3025 56.44 -16.70 14.80
CA ILE A 3025 55.80 -17.20 13.59
C ILE A 3025 55.15 -18.54 13.85
N LEU A 3026 55.88 -19.47 14.48
CA LEU A 3026 55.33 -20.80 14.69
C LEU A 3026 54.18 -20.77 15.68
N SER A 3027 54.32 -20.03 16.78
CA SER A 3027 53.21 -19.92 17.72
C SER A 3027 52.04 -19.21 17.08
N ALA A 3028 52.31 -18.21 16.24
CA ALA A 3028 51.25 -17.52 15.53
C ALA A 3028 50.48 -18.47 14.61
N LEU A 3029 51.19 -19.26 13.82
CA LEU A 3029 50.52 -20.22 12.94
C LEU A 3029 49.73 -21.26 13.72
N GLY A 3030 50.17 -21.59 14.92
CA GLY A 3030 49.45 -22.54 15.74
C GLY A 3030 48.10 -22.05 16.21
N LEU A 3031 47.87 -20.75 16.19
CA LEU A 3031 46.56 -20.21 16.51
C LEU A 3031 45.65 -20.07 15.30
N CYS A 3032 46.12 -20.44 14.11
CA CYS A 3032 45.27 -20.45 12.93
C CYS A 3032 44.56 -21.79 12.80
N ASN A 3033 43.61 -21.86 11.87
CA ASN A 3033 42.92 -23.11 11.59
C ASN A 3033 42.71 -23.24 10.09
N SER A 3034 42.37 -24.45 9.67
CA SER A 3034 42.17 -24.76 8.26
C SER A 3034 41.21 -23.78 7.61
N ILE A 3061 42.82 -15.38 0.23
CA ILE A 3061 44.04 -15.64 0.97
C ILE A 3061 44.01 -14.78 2.23
N SER A 3062 44.32 -15.38 3.37
CA SER A 3062 44.20 -14.73 4.67
C SER A 3062 45.54 -14.67 5.38
N VAL A 3063 45.49 -14.26 6.64
CA VAL A 3063 46.71 -14.12 7.45
C VAL A 3063 47.36 -15.48 7.69
N GLY A 3064 46.54 -16.50 7.99
CA GLY A 3064 47.09 -17.83 8.17
C GLY A 3064 47.83 -18.31 6.92
N ASP A 3065 47.32 -18.01 5.74
CA ASP A 3065 48.04 -18.34 4.53
C ASP A 3065 49.38 -17.61 4.47
N GLY A 3066 49.41 -16.36 4.94
CA GLY A 3066 50.66 -15.64 4.96
C GLY A 3066 51.68 -16.26 5.90
N LEU A 3067 51.24 -16.62 7.11
CA LEU A 3067 52.17 -17.28 8.02
C LEU A 3067 52.63 -18.62 7.45
N PHE A 3068 51.69 -19.39 6.92
CA PHE A 3068 52.06 -20.67 6.35
C PHE A 3068 53.00 -20.50 5.17
N THR A 3069 52.73 -19.54 4.29
CA THR A 3069 53.61 -19.31 3.16
C THR A 3069 55.00 -18.88 3.62
N ILE A 3070 55.08 -18.01 4.63
CA ILE A 3070 56.38 -17.58 5.14
C ILE A 3070 57.14 -18.76 5.70
N LEU A 3071 56.46 -19.59 6.50
CA LEU A 3071 57.12 -20.77 7.05
C LEU A 3071 57.53 -21.72 5.95
N THR A 3072 56.69 -21.89 4.94
CA THR A 3072 57.09 -22.70 3.79
C THR A 3072 58.31 -22.09 3.12
N THR A 3073 58.32 -20.77 2.99
CA THR A 3073 59.46 -20.08 2.39
C THR A 3073 60.72 -20.27 3.22
N LEU A 3074 60.60 -20.20 4.55
CA LEU A 3074 61.76 -20.42 5.40
C LEU A 3074 62.37 -21.80 5.19
N SER A 3075 61.52 -22.82 5.11
CA SER A 3075 62.01 -24.17 4.90
C SER A 3075 62.74 -24.32 3.59
N LYS A 3076 62.20 -23.73 2.51
CA LYS A 3076 62.84 -23.85 1.21
C LYS A 3076 64.22 -23.21 1.20
N LYS A 3077 64.37 -22.06 1.86
CA LYS A 3077 65.61 -21.30 1.82
C LYS A 3077 66.56 -21.64 2.96
N ALA A 3078 66.16 -22.47 3.91
CA ALA A 3078 67.04 -22.82 5.02
C ALA A 3078 68.33 -23.44 4.50
N SER A 3079 69.45 -22.99 5.05
CA SER A 3079 70.75 -23.50 4.62
C SER A 3079 70.88 -24.99 4.89
N THR A 3080 70.45 -25.44 6.06
CA THR A 3080 70.47 -26.86 6.39
C THR A 3080 69.14 -27.23 7.03
N VAL A 3081 68.80 -28.51 6.91
CA VAL A 3081 67.55 -29.00 7.48
C VAL A 3081 67.54 -28.81 8.98
N HIS A 3082 68.72 -28.82 9.61
CA HIS A 3082 68.78 -28.59 11.05
C HIS A 3082 68.33 -27.18 11.40
N MET A 3083 68.68 -26.21 10.56
CA MET A 3083 68.29 -24.84 10.82
C MET A 3083 66.78 -24.71 10.91
N MET A 3084 66.06 -25.38 10.01
CA MET A 3084 64.60 -25.32 10.04
C MET A 3084 64.03 -26.16 11.18
N LEU A 3085 64.64 -27.30 11.46
CA LEU A 3085 64.07 -28.22 12.46
C LEU A 3085 64.22 -27.68 13.87
N GLN A 3086 65.33 -27.02 14.15
CA GLN A 3086 65.57 -26.57 15.52
C GLN A 3086 64.48 -25.65 16.03
N PRO A 3087 64.04 -24.62 15.30
CA PRO A 3087 62.92 -23.82 15.81
C PRO A 3087 61.67 -24.64 15.99
N ILE A 3088 61.39 -25.57 15.08
CA ILE A 3088 60.21 -26.41 15.21
C ILE A 3088 60.35 -27.27 16.46
N LEU A 3089 61.51 -27.90 16.61
CA LEU A 3089 61.74 -28.76 17.76
C LEU A 3089 61.74 -27.96 19.05
N THR A 3090 62.30 -26.76 19.02
CA THR A 3090 62.26 -25.90 20.19
C THR A 3090 60.83 -25.57 20.56
N TYR A 3091 60.01 -25.24 19.56
CA TYR A 3091 58.60 -24.96 19.84
C TYR A 3091 57.91 -26.19 20.38
N MET A 3092 58.16 -27.35 19.77
CA MET A 3092 57.53 -28.57 20.23
C MET A 3092 58.00 -28.98 21.61
N ALA A 3093 59.13 -28.48 22.06
CA ALA A 3093 59.69 -28.85 23.35
C ALA A 3093 59.20 -27.95 24.47
N CYS A 3094 58.40 -26.94 24.18
CA CYS A 3094 57.90 -26.00 25.19
C CYS A 3094 56.40 -25.86 25.05
N GLY A 3095 55.80 -25.26 26.07
CA GLY A 3095 54.38 -25.00 26.11
C GLY A 3095 54.03 -23.61 25.63
N TYR A 3096 52.96 -23.06 26.20
CA TYR A 3096 52.52 -21.72 25.82
C TYR A 3096 53.61 -20.70 26.14
N MET A 3097 53.97 -19.91 25.13
CA MET A 3097 54.99 -18.87 25.26
C MET A 3097 56.30 -19.41 25.84
N GLY A 3098 56.70 -20.58 25.35
CA GLY A 3098 57.96 -21.17 25.78
C GLY A 3098 57.97 -21.69 27.19
N ARG A 3099 56.82 -21.84 27.83
CA ARG A 3099 56.82 -22.33 29.20
C ARG A 3099 57.26 -23.79 29.25
N GLN A 3100 57.72 -24.20 30.42
CA GLN A 3100 58.02 -25.59 30.73
C GLN A 3100 57.02 -26.12 31.75
N GLY A 3101 57.10 -27.41 32.02
CA GLY A 3101 56.18 -28.09 32.92
C GLY A 3101 55.88 -29.49 32.43
N SER A 3102 55.48 -30.35 33.36
CA SER A 3102 55.24 -31.75 33.03
C SER A 3102 54.18 -31.88 31.95
N LEU A 3103 53.03 -31.25 32.15
CA LEU A 3103 51.89 -31.39 31.24
C LEU A 3103 51.80 -30.30 30.19
N ALA A 3104 52.77 -29.40 30.14
CA ALA A 3104 52.76 -28.36 29.11
C ALA A 3104 53.28 -28.92 27.80
N THR A 3105 52.52 -28.68 26.72
N THR A 3105 52.51 -28.71 26.73
CA THR A 3105 52.91 -29.10 25.39
CA THR A 3105 52.89 -29.11 25.39
C THR A 3105 52.45 -28.06 24.39
C THR A 3105 52.49 -28.02 24.41
N CYS A 3106 53.18 -27.95 23.28
CA CYS A 3106 52.94 -26.86 22.35
C CYS A 3106 51.58 -27.03 21.69
N GLN A 3107 51.01 -25.91 21.25
CA GLN A 3107 49.73 -25.92 20.55
C GLN A 3107 49.96 -26.30 19.09
N LEU A 3108 49.30 -27.36 18.64
CA LEU A 3108 49.33 -27.74 17.23
C LEU A 3108 48.05 -27.31 16.54
N SER A 3109 48.16 -27.11 15.22
CA SER A 3109 47.02 -26.81 14.39
C SER A 3109 47.21 -27.48 13.05
N GLU A 3110 46.11 -27.68 12.33
CA GLU A 3110 46.20 -28.29 11.01
C GLU A 3110 47.16 -27.55 10.09
N PRO A 3111 47.18 -26.22 10.01
CA PRO A 3111 48.19 -25.57 9.18
C PRO A 3111 49.60 -25.80 9.69
N LEU A 3112 49.81 -25.68 11.00
CA LEU A 3112 51.14 -25.93 11.53
C LEU A 3112 51.50 -27.40 11.39
N LEU A 3113 50.55 -28.28 11.69
CA LEU A 3113 50.80 -29.71 11.51
C LEU A 3113 51.05 -30.04 10.05
N TRP A 3114 50.27 -29.43 9.15
CA TRP A 3114 50.51 -29.64 7.73
C TRP A 3114 51.90 -29.17 7.37
N PHE A 3115 52.30 -28.03 7.90
CA PHE A 3115 53.65 -27.53 7.61
C PHE A 3115 54.71 -28.48 8.14
N ILE A 3116 54.54 -28.97 9.37
CA ILE A 3116 55.56 -29.86 9.93
C ILE A 3116 55.71 -31.09 9.05
N LEU A 3117 54.59 -31.64 8.58
CA LEU A 3117 54.65 -32.79 7.70
C LEU A 3117 55.41 -32.46 6.42
N ARG A 3118 55.19 -31.28 5.86
CA ARG A 3118 55.97 -30.88 4.69
C ARG A 3118 57.44 -30.76 5.04
N VAL A 3119 57.74 -30.26 6.23
CA VAL A 3119 59.14 -30.17 6.67
C VAL A 3119 59.73 -31.57 6.81
N LEU A 3120 58.92 -32.52 7.27
CA LEU A 3120 59.32 -33.90 7.46
C LEU A 3120 59.10 -34.74 6.21
N ASP A 3121 59.07 -34.12 5.05
CA ASP A 3121 58.74 -34.84 3.81
C ASP A 3121 59.90 -35.67 3.28
N THR A 3122 61.14 -35.28 3.55
CA THR A 3122 62.29 -35.96 2.98
C THR A 3122 62.93 -36.92 3.97
N SER A 3123 63.67 -37.88 3.43
CA SER A 3123 64.39 -38.82 4.28
C SER A 3123 65.46 -38.12 5.10
N ASP A 3124 66.14 -37.14 4.50
CA ASP A 3124 67.16 -36.41 5.23
C ASP A 3124 66.55 -35.63 6.39
N ALA A 3125 65.42 -34.97 6.14
CA ALA A 3125 64.75 -34.25 7.21
C ALA A 3125 64.27 -35.21 8.28
N LEU A 3126 63.71 -36.35 7.88
CA LEU A 3126 63.26 -37.33 8.86
C LEU A 3126 64.43 -37.88 9.65
N LYS A 3127 65.56 -38.14 8.98
CA LYS A 3127 66.73 -38.61 9.69
C LYS A 3127 67.21 -37.56 10.69
N ALA A 3128 67.24 -36.29 10.26
CA ALA A 3128 67.63 -35.21 11.16
C ALA A 3128 66.63 -35.04 12.30
N PHE A 3129 65.34 -35.13 11.99
CA PHE A 3129 64.34 -35.03 13.04
C PHE A 3129 64.55 -36.10 14.10
N HIS A 3130 64.81 -37.33 13.65
CA HIS A 3130 65.12 -38.41 14.57
C HIS A 3130 66.37 -38.15 15.38
N ASP A 3131 67.43 -37.66 14.71
CA ASP A 3131 68.71 -37.47 15.37
C ASP A 3131 68.65 -36.44 16.49
N MET A 3132 67.73 -35.48 16.41
CA MET A 3132 67.63 -34.42 17.40
C MET A 3132 66.59 -34.71 18.47
N GLY A 3133 66.21 -35.97 18.64
CA GLY A 3133 65.24 -36.31 19.66
C GLY A 3133 63.83 -35.94 19.29
N GLY A 3134 63.56 -35.75 18.00
CA GLY A 3134 62.23 -35.32 17.59
C GLY A 3134 61.20 -36.40 17.83
N VAL A 3135 61.52 -37.65 17.49
CA VAL A 3135 60.56 -38.73 17.63
C VAL A 3135 60.20 -38.93 19.09
N GLN A 3136 61.21 -38.97 19.97
CA GLN A 3136 60.93 -39.08 21.38
C GLN A 3136 60.11 -37.90 21.85
N LEU A 3137 60.42 -36.70 21.33
CA LEU A 3137 59.69 -35.51 21.71
C LEU A 3137 58.22 -35.61 21.35
N ILE A 3138 57.91 -35.98 20.10
CA ILE A 3138 56.50 -36.02 19.70
C ILE A 3138 55.79 -37.15 20.42
N CYS A 3139 56.49 -38.27 20.64
CA CYS A 3139 55.89 -39.39 21.36
C CYS A 3139 55.67 -39.02 22.82
N ASN A 3140 56.64 -38.37 23.44
CA ASN A 3140 56.47 -37.86 24.79
C ASN A 3140 55.31 -36.89 24.86
N ASN A 3141 55.19 -36.02 23.85
CA ASN A 3141 54.11 -35.05 23.83
C ASN A 3141 52.76 -35.73 23.72
N MET A 3142 52.66 -36.76 22.88
CA MET A 3142 51.39 -37.46 22.72
C MET A 3142 50.95 -38.04 24.05
N VAL A 3143 51.85 -38.71 24.75
CA VAL A 3143 51.49 -39.28 26.05
C VAL A 3143 51.05 -38.16 26.98
N THR A 3144 51.85 -37.11 27.05
CA THR A 3144 51.55 -36.01 27.96
C THR A 3144 50.27 -35.28 27.55
N SER A 3145 50.17 -34.92 26.26
CA SER A 3145 49.00 -34.18 25.79
C SER A 3145 47.73 -35.00 25.94
N THR A 3146 47.82 -36.31 25.72
CA THR A 3146 46.66 -37.18 25.92
C THR A 3146 46.22 -37.15 27.38
N ARG A 3147 47.16 -37.05 28.31
CA ARG A 3147 46.79 -36.89 29.70
C ARG A 3147 46.10 -35.56 29.94
N ALA A 3148 46.45 -34.54 29.17
CA ALA A 3148 46.07 -33.16 29.41
C ALA A 3148 44.77 -32.76 28.75
N ILE A 3149 44.08 -33.69 28.10
N ILE A 3149 44.08 -33.69 28.10
CA ILE A 3149 42.87 -33.41 27.35
CA ILE A 3149 42.87 -33.41 27.35
C ILE A 3149 41.77 -34.34 27.83
C ILE A 3149 41.77 -34.34 27.83
N VAL A 3150 40.54 -33.85 27.84
CA VAL A 3150 39.35 -34.66 28.11
C VAL A 3150 38.55 -34.68 26.82
N ASN A 3151 38.01 -35.84 26.48
CA ASN A 3151 37.33 -35.98 25.20
C ASN A 3151 36.01 -35.22 25.23
N THR A 3152 35.86 -34.26 24.32
CA THR A 3152 34.61 -33.53 24.17
C THR A 3152 33.64 -34.22 23.22
N ALA A 3153 34.06 -35.29 22.54
CA ALA A 3153 33.14 -36.06 21.73
C ALA A 3153 32.04 -36.65 22.61
N ARG A 3154 30.83 -36.66 22.08
CA ARG A 3154 29.69 -37.17 22.84
C ARG A 3154 29.83 -38.66 23.08
N SER A 3155 29.38 -39.09 24.26
CA SER A 3155 29.53 -40.48 24.68
C SER A 3155 28.20 -41.07 25.12
N MET A 3156 28.24 -42.24 25.73
CA MET A 3156 27.01 -42.93 26.10
C MET A 3156 26.17 -42.12 27.08
N VAL A 3157 26.78 -41.16 27.78
CA VAL A 3157 25.99 -40.28 28.62
C VAL A 3157 25.09 -39.40 27.76
N SER A 3158 25.64 -38.87 26.67
CA SER A 3158 24.82 -38.09 25.74
C SER A 3158 23.73 -38.95 25.11
N THR A 3159 24.06 -40.20 24.80
CA THR A 3159 23.07 -41.13 24.25
C THR A 3159 21.95 -41.38 25.25
N ILE A 3160 22.30 -41.53 26.53
CA ILE A 3160 21.29 -41.77 27.56
C ILE A 3160 20.37 -40.56 27.68
N MET A 3161 20.93 -39.35 27.59
CA MET A 3161 20.08 -38.17 27.59
C MET A 3161 19.14 -38.19 26.40
N LYS A 3162 19.64 -38.58 25.22
CA LYS A 3162 18.80 -38.68 24.04
C LYS A 3162 17.70 -39.72 24.24
N PHE A 3163 18.05 -40.87 24.82
CA PHE A 3163 17.05 -41.88 25.12
C PHE A 3163 15.98 -41.34 26.05
N LEU A 3164 16.35 -40.44 26.96
CA LEU A 3164 15.38 -39.77 27.81
C LEU A 3164 14.75 -38.57 27.13
N ASP A 3165 14.80 -38.51 25.80
CA ASP A 3165 14.21 -37.42 25.03
C ASP A 3165 14.95 -36.11 25.30
N GLY A 3190 22.72 -24.21 11.44
CA GLY A 3190 22.84 -25.45 12.19
C GLY A 3190 22.41 -25.29 13.63
N ILE A 3191 22.59 -24.09 14.17
CA ILE A 3191 22.22 -23.80 15.55
C ILE A 3191 20.76 -23.40 15.62
N HIS A 3192 20.20 -23.40 16.83
CA HIS A 3192 18.77 -23.28 17.05
C HIS A 3192 18.47 -21.99 17.80
N ASN A 3193 17.43 -21.30 17.36
CA ASN A 3193 17.04 -20.01 17.95
C ASN A 3193 16.32 -20.23 19.27
N PHE A 3194 16.90 -19.73 20.35
CA PHE A 3194 16.33 -19.81 21.68
C PHE A 3194 15.65 -18.52 22.09
N ALA A 3195 15.73 -17.48 21.26
CA ALA A 3195 15.05 -16.24 21.60
C ALA A 3195 13.56 -16.45 21.85
N PRO A 3196 12.84 -17.21 21.03
CA PRO A 3196 11.40 -17.38 21.29
C PRO A 3196 11.13 -17.94 22.66
N LEU A 3197 12.02 -18.77 23.18
CA LEU A 3197 11.82 -19.35 24.50
C LEU A 3197 12.12 -18.37 25.61
N GLY A 3198 12.79 -17.26 25.30
CA GLY A 3198 13.22 -16.32 26.33
C GLY A 3198 12.22 -15.22 26.58
N THR A 3199 12.48 -14.45 27.64
CA THR A 3199 11.71 -13.26 27.97
C THR A 3199 12.62 -12.05 27.83
N ILE A 3200 12.15 -11.05 27.10
CA ILE A 3200 12.94 -9.86 26.77
C ILE A 3200 12.36 -8.68 27.53
N THR A 3201 13.22 -8.00 28.30
CA THR A 3201 12.82 -6.83 29.06
C THR A 3201 13.80 -5.70 28.79
N SER A 3202 13.44 -4.50 29.27
CA SER A 3202 14.27 -3.32 29.12
C SER A 3202 14.28 -2.56 30.44
N SER A 3203 15.39 -1.87 30.70
CA SER A 3203 15.50 -1.09 31.93
C SER A 3203 14.66 0.18 31.90
N SER A 3204 14.31 0.69 30.72
CA SER A 3204 13.49 1.89 30.64
C SER A 3204 12.03 1.56 30.91
N PRO A 3205 11.40 2.16 31.93
CA PRO A 3205 9.99 1.83 32.20
C PRO A 3205 9.06 2.17 31.05
N THR A 3206 9.44 3.08 30.17
CA THR A 3206 8.57 3.58 29.11
C THR A 3206 8.73 2.83 27.80
N ALA A 3207 9.56 1.80 27.75
CA ALA A 3207 9.77 1.09 26.49
C ALA A 3207 8.54 0.29 26.09
N GLN A 3208 8.29 0.24 24.79
CA GLN A 3208 7.26 -0.63 24.25
C GLN A 3208 7.65 -2.09 24.50
N PRO A 3209 6.72 -2.96 24.87
CA PRO A 3209 7.06 -4.38 25.02
C PRO A 3209 7.65 -4.94 23.73
N ALA A 3210 8.75 -5.68 23.87
CA ALA A 3210 9.52 -6.16 22.73
C ALA A 3210 9.33 -7.65 22.47
N GLU A 3211 8.36 -8.30 23.10
CA GLU A 3211 8.20 -9.74 22.90
C GLU A 3211 8.03 -10.06 21.42
N VAL A 3212 7.43 -9.16 20.66
CA VAL A 3212 7.26 -9.39 19.24
C VAL A 3212 8.61 -9.60 18.58
N LEU A 3213 9.67 -9.03 19.13
CA LEU A 3213 10.99 -9.22 18.56
C LEU A 3213 11.44 -10.68 18.70
N LEU A 3214 11.04 -11.35 19.77
CA LEU A 3214 11.50 -12.71 20.02
C LEU A 3214 10.78 -13.75 19.16
N GLN A 3215 9.67 -13.39 18.53
CA GLN A 3215 8.93 -14.36 17.75
C GLN A 3215 9.78 -14.94 16.64
N ALA A 3216 9.70 -16.25 16.47
CA ALA A 3216 10.51 -16.92 15.48
C ALA A 3216 10.20 -16.43 14.08
N THR A 3217 8.95 -16.08 13.82
CA THR A 3217 8.55 -15.64 12.49
C THR A 3217 8.74 -14.13 12.37
N PRO A 3218 9.63 -13.65 11.51
CA PRO A 3218 9.82 -12.21 11.36
C PRO A 3218 8.65 -11.59 10.63
N PRO A 3219 8.39 -10.30 10.82
CA PRO A 3219 7.34 -9.65 10.02
C PRO A 3219 7.81 -9.47 8.58
N HIS A 3220 6.84 -9.20 7.70
CA HIS A 3220 7.15 -8.99 6.30
C HIS A 3220 8.12 -7.83 6.13
N ARG A 3221 9.10 -8.00 5.24
CA ARG A 3221 10.14 -7.01 5.08
C ARG A 3221 9.63 -5.62 4.70
N ARG A 3222 8.43 -5.48 4.14
CA ARG A 3222 7.91 -4.16 3.81
C ARG A 3222 6.87 -3.65 4.81
N ALA A 3223 6.73 -4.30 5.95
CA ALA A 3223 5.85 -3.82 7.01
C ALA A 3223 6.14 -2.36 7.36
N ARG A 3224 5.11 -1.52 7.34
CA ARG A 3224 5.33 -0.09 7.52
C ARG A 3224 5.64 0.29 8.96
N SER A 3225 5.32 -0.56 9.93
CA SER A 3225 5.58 -0.25 11.33
C SER A 3225 6.58 -1.23 11.91
N ALA A 3226 7.63 -0.69 12.53
CA ALA A 3226 8.62 -1.50 13.21
C ALA A 3226 7.93 -2.35 14.27
N ALA A 3227 8.29 -3.63 14.33
CA ALA A 3227 7.66 -4.50 15.32
C ALA A 3227 7.81 -3.91 16.72
N TRP A 3228 8.96 -3.31 17.00
CA TRP A 3228 9.21 -2.64 18.26
C TRP A 3228 9.92 -1.33 18.01
N SER A 3229 9.54 -0.30 18.75
CA SER A 3229 10.13 1.02 18.63
C SER A 3229 10.43 1.57 20.01
N TYR A 3230 11.53 2.32 20.11
CA TYR A 3230 11.92 2.97 21.34
C TYR A 3230 12.11 4.45 21.09
N ILE A 3231 11.44 5.28 21.88
CA ILE A 3231 11.57 6.73 21.78
C ILE A 3231 12.65 7.19 22.74
N PHE A 3232 13.71 7.78 22.20
CA PHE A 3232 14.83 8.20 23.02
C PHE A 3232 14.54 9.51 23.73
N LEU A 3233 14.79 9.55 25.03
CA LEU A 3233 14.80 10.82 25.72
C LEU A 3233 15.96 11.65 25.18
N PRO A 3234 15.87 12.97 25.23
CA PRO A 3234 16.93 13.80 24.61
C PRO A 3234 18.31 13.54 25.20
N GLU A 3235 18.40 13.08 26.44
CA GLU A 3235 19.69 12.81 27.07
C GLU A 3235 20.10 11.35 27.01
N GLU A 3236 19.35 10.49 26.34
CA GLU A 3236 19.64 9.06 26.30
C GLU A 3236 20.40 8.69 25.05
N ALA A 3237 21.54 8.03 25.23
CA ALA A 3237 22.33 7.52 24.13
C ALA A 3237 22.16 6.03 23.90
N TRP A 3238 21.89 5.25 24.95
CA TRP A 3238 21.82 3.80 24.86
C TRP A 3238 20.48 3.33 25.39
N CYS A 3239 19.86 2.39 24.67
CA CYS A 3239 18.76 1.61 25.20
C CYS A 3239 19.21 0.16 25.37
N ASP A 3240 18.60 -0.53 26.32
CA ASP A 3240 19.01 -1.89 26.66
C ASP A 3240 17.84 -2.85 26.57
N LEU A 3241 18.15 -4.06 26.12
CA LEU A 3241 17.18 -5.15 26.01
C LEU A 3241 17.81 -6.39 26.63
N THR A 3242 17.26 -6.85 27.75
CA THR A 3242 17.76 -8.02 28.44
C THR A 3242 16.92 -9.23 28.07
N ILE A 3243 17.54 -10.22 27.44
CA ILE A 3243 16.87 -11.46 27.09
C ILE A 3243 17.30 -12.52 28.10
N HIS A 3244 16.37 -12.98 28.92
CA HIS A 3244 16.63 -14.09 29.82
C HIS A 3244 16.19 -15.38 29.16
N LEU A 3245 17.06 -16.35 29.14
CA LEU A 3245 16.71 -17.65 28.59
C LEU A 3245 16.35 -18.59 29.72
N PRO A 3246 15.49 -19.58 29.49
CA PRO A 3246 15.15 -20.52 30.59
C PRO A 3246 16.35 -21.28 31.11
N ALA A 3247 17.32 -21.60 30.26
CA ALA A 3247 18.52 -22.30 30.69
C ALA A 3247 19.69 -21.83 29.84
N ALA A 3248 20.90 -22.05 30.35
CA ALA A 3248 22.09 -21.64 29.63
C ALA A 3248 22.21 -22.38 28.31
N VAL A 3249 22.66 -21.68 27.28
CA VAL A 3249 22.88 -22.27 25.98
C VAL A 3249 24.26 -21.85 25.50
N LEU A 3250 24.83 -22.64 24.60
CA LEU A 3250 26.09 -22.26 23.96
C LEU A 3250 25.76 -21.25 22.88
N LEU A 3251 25.82 -19.98 23.24
CA LEU A 3251 25.52 -18.92 22.28
C LEU A 3251 26.62 -18.79 21.25
N LYS A 3252 26.23 -18.74 19.99
CA LYS A 3252 27.17 -18.60 18.89
C LYS A 3252 26.92 -17.36 18.06
N GLU A 3253 25.67 -16.97 17.87
CA GLU A 3253 25.34 -15.77 17.10
C GLU A 3253 24.17 -15.05 17.76
N ILE A 3254 24.11 -13.75 17.54
CA ILE A 3254 22.97 -12.93 17.90
C ILE A 3254 22.56 -12.18 16.65
N HIS A 3255 21.34 -12.40 16.19
CA HIS A 3255 20.82 -11.70 15.02
C HIS A 3255 19.79 -10.70 15.48
N ILE A 3256 19.96 -9.45 15.04
CA ILE A 3256 19.00 -8.38 15.28
C ILE A 3256 18.56 -7.84 13.92
N GLN A 3257 17.25 -7.79 13.71
CA GLN A 3257 16.69 -7.33 12.44
C GLN A 3257 16.13 -5.93 12.65
N PRO A 3258 16.74 -4.89 12.09
CA PRO A 3258 16.16 -3.55 12.20
C PRO A 3258 14.96 -3.43 11.28
N HIS A 3259 14.11 -2.43 11.58
CA HIS A 3259 12.94 -2.19 10.73
C HIS A 3259 13.40 -1.74 9.36
N LEU A 3260 13.26 -2.59 8.35
CA LEU A 3260 13.83 -2.28 7.04
C LEU A 3260 13.12 -1.11 6.38
N ALA A 3261 11.84 -0.90 6.70
CA ALA A 3261 11.11 0.18 6.05
C ALA A 3261 11.65 1.56 6.45
N SER A 3262 12.09 1.71 7.70
CA SER A 3262 12.67 2.95 8.18
C SER A 3262 14.04 2.61 8.79
N LEU A 3263 15.06 2.60 7.95
CA LEU A 3263 16.40 2.27 8.43
C LEU A 3263 17.02 3.39 9.24
N ALA A 3264 16.47 4.60 9.19
CA ALA A 3264 16.99 5.68 10.00
C ALA A 3264 16.88 5.40 11.48
N THR A 3265 15.97 4.53 11.89
CA THR A 3265 15.81 4.18 13.29
C THR A 3265 16.67 2.99 13.71
N CYS A 3266 17.46 2.43 12.80
CA CYS A 3266 18.37 1.37 13.19
C CYS A 3266 19.40 1.92 14.16
N PRO A 3267 19.74 1.20 15.23
CA PRO A 3267 20.76 1.71 16.15
C PRO A 3267 22.08 1.93 15.44
N SER A 3268 22.79 2.99 15.84
CA SER A 3268 24.08 3.27 15.24
C SER A 3268 25.12 2.26 15.68
N SER A 3269 25.03 1.76 16.90
CA SER A 3269 25.92 0.72 17.36
C SER A 3269 25.23 -0.12 18.42
N VAL A 3270 25.74 -1.33 18.60
CA VAL A 3270 25.15 -2.30 19.52
C VAL A 3270 26.28 -2.85 20.39
N SER A 3271 26.08 -2.80 21.70
CA SER A 3271 27.03 -3.37 22.66
C SER A 3271 26.41 -4.64 23.21
N VAL A 3272 27.05 -5.77 22.96
CA VAL A 3272 26.55 -7.07 23.38
C VAL A 3272 27.23 -7.45 24.68
N GLU A 3273 26.43 -7.71 25.71
CA GLU A 3273 26.94 -8.29 26.94
C GLU A 3273 26.34 -9.68 27.10
N VAL A 3274 27.14 -10.61 27.61
CA VAL A 3274 26.72 -11.99 27.77
C VAL A 3274 26.94 -12.39 29.22
N SER A 3275 25.98 -13.11 29.78
CA SER A 3275 26.08 -13.60 31.14
C SER A 3275 25.88 -15.11 31.13
N ALA A 3276 26.92 -15.86 31.49
CA ALA A 3276 26.77 -17.30 31.56
C ALA A 3276 25.80 -17.68 32.67
N ASP A 3277 25.88 -17.00 33.80
CA ASP A 3277 24.94 -17.22 34.89
C ASP A 3277 23.68 -16.38 34.76
N GLY A 3278 23.64 -15.46 33.81
CA GLY A 3278 22.45 -14.64 33.59
C GLY A 3278 22.25 -13.51 34.55
N VAL A 3279 23.23 -13.21 35.41
CA VAL A 3279 23.10 -12.19 36.45
C VAL A 3279 24.14 -11.10 36.28
N ASN A 3280 25.40 -11.49 36.09
CA ASN A 3280 26.50 -10.54 35.98
C ASN A 3280 26.86 -10.42 34.50
N MET A 3281 26.35 -9.37 33.88
CA MET A 3281 26.62 -9.15 32.47
C MET A 3281 28.07 -8.70 32.28
N LEU A 3282 28.68 -9.15 31.20
CA LEU A 3282 30.06 -8.79 30.89
C LEU A 3282 30.12 -8.43 29.41
N PRO A 3283 30.55 -7.23 29.04
CA PRO A 3283 30.64 -6.90 27.62
C PRO A 3283 31.51 -7.89 26.87
N LEU A 3284 31.02 -8.34 25.73
CA LEU A 3284 31.82 -9.23 24.89
C LEU A 3284 32.96 -8.47 24.25
N SER A 3285 32.66 -7.30 23.69
CA SER A 3285 33.66 -6.50 23.02
C SER A 3285 33.15 -5.06 22.97
N THR A 3286 33.92 -4.19 22.31
CA THR A 3286 33.48 -2.83 22.13
C THR A 3286 32.25 -2.81 21.23
N PRO A 3287 31.41 -1.78 21.34
CA PRO A 3287 30.17 -1.78 20.56
C PRO A 3287 30.46 -1.89 19.07
N VAL A 3288 29.62 -2.66 18.38
N VAL A 3288 29.62 -2.66 18.38
CA VAL A 3288 29.74 -2.85 16.95
CA VAL A 3288 29.74 -2.85 16.95
C VAL A 3288 29.02 -1.71 16.24
C VAL A 3288 29.02 -1.71 16.24
N VAL A 3289 29.68 -1.11 15.25
CA VAL A 3289 29.04 -0.03 14.49
C VAL A 3289 27.99 -0.67 13.60
N THR A 3290 26.74 -0.23 13.76
CA THR A 3290 25.61 -0.88 13.09
C THR A 3290 24.79 0.05 12.21
N SER A 3291 25.10 1.34 12.17
CA SER A 3291 24.36 2.23 11.29
C SER A 3291 24.56 1.82 9.84
N GLY A 3292 23.47 1.83 9.06
CA GLY A 3292 23.53 1.43 7.69
C GLY A 3292 23.43 -0.05 7.44
N LEU A 3293 23.13 -0.85 8.46
CA LEU A 3293 23.01 -2.29 8.31
C LEU A 3293 21.55 -2.70 8.26
N THR A 3294 21.18 -3.42 7.20
CA THR A 3294 19.86 -4.01 7.10
C THR A 3294 19.72 -5.25 7.96
N TYR A 3295 20.84 -5.88 8.31
CA TYR A 3295 20.84 -7.08 9.14
C TYR A 3295 22.06 -7.07 10.03
N ILE A 3296 21.84 -7.35 11.32
CA ILE A 3296 22.88 -7.34 12.34
C ILE A 3296 23.17 -8.76 12.74
N LYS A 3297 24.30 -9.30 12.31
CA LYS A 3297 24.73 -10.64 12.65
C LYS A 3297 25.99 -10.53 13.51
N ILE A 3298 25.86 -10.82 14.80
CA ILE A 3298 26.98 -10.76 15.74
C ILE A 3298 27.39 -12.19 16.03
N GLN A 3299 28.49 -12.63 15.42
CA GLN A 3299 29.01 -13.98 15.60
C GLN A 3299 30.08 -13.99 16.68
N LEU A 3300 29.89 -14.83 17.69
CA LEU A 3300 30.92 -15.07 18.68
C LEU A 3300 31.96 -16.02 18.09
N VAL A 3301 33.21 -15.57 18.00
CA VAL A 3301 34.27 -16.44 17.51
C VAL A 3301 34.40 -17.66 18.41
N LYS A 3302 34.33 -17.47 19.71
CA LYS A 3302 34.32 -18.56 20.68
C LYS A 3302 32.94 -18.60 21.31
N ALA A 3303 32.20 -19.68 21.05
CA ALA A 3303 30.88 -19.81 21.60
C ALA A 3303 30.94 -19.71 23.12
N GLU A 3304 30.00 -18.98 23.70
CA GLU A 3304 30.02 -18.70 25.12
C GLU A 3304 28.75 -19.19 25.78
N VAL A 3305 28.88 -19.76 26.97
CA VAL A 3305 27.71 -20.14 27.73
C VAL A 3305 26.99 -18.87 28.15
N ALA A 3306 25.69 -18.80 27.88
CA ALA A 3306 24.92 -17.58 28.07
C ALA A 3306 23.51 -17.97 28.49
N SER A 3307 23.11 -17.56 29.68
CA SER A 3307 21.71 -17.66 30.07
C SER A 3307 20.98 -16.33 29.94
N ALA A 3308 21.69 -15.22 29.72
CA ALA A 3308 21.08 -13.94 29.47
C ALA A 3308 21.94 -13.17 28.49
N VAL A 3309 21.30 -12.36 27.64
CA VAL A 3309 21.99 -11.52 26.68
C VAL A 3309 21.41 -10.12 26.78
N CYS A 3310 22.25 -9.14 27.10
CA CYS A 3310 21.84 -7.75 27.19
C CYS A 3310 22.35 -7.02 25.96
N LEU A 3311 21.44 -6.55 25.13
CA LEU A 3311 21.78 -5.73 23.97
C LEU A 3311 21.61 -4.26 24.34
N ARG A 3312 22.70 -3.52 24.29
CA ARG A 3312 22.70 -2.08 24.49
C ARG A 3312 22.83 -1.43 23.12
N LEU A 3313 21.75 -0.82 22.66
CA LEU A 3313 21.67 -0.24 21.32
C LEU A 3313 21.85 1.27 21.40
N HIS A 3314 22.76 1.81 20.60
CA HIS A 3314 23.03 3.24 20.61
C HIS A 3314 21.99 4.00 19.81
N ARG A 3315 21.61 5.16 20.32
CA ARG A 3315 20.67 6.02 19.62
C ARG A 3315 21.08 6.16 18.16
N PRO A 3316 20.13 6.12 17.21
CA PRO A 3316 20.50 6.30 15.81
C PRO A 3316 21.14 7.65 15.60
N ARG A 3317 21.94 7.75 14.54
CA ARG A 3317 22.61 9.00 14.24
C ARG A 3317 21.61 10.12 14.00
N ASP A 3318 20.53 9.82 13.27
CA ASP A 3318 19.60 10.82 12.75
C ASP A 3318 18.16 10.43 13.03
N ALA A 3319 17.88 10.02 14.27
CA ALA A 3319 16.50 9.71 14.64
C ALA A 3319 16.43 9.60 16.15
N SER A 3320 15.29 9.98 16.70
CA SER A 3320 15.05 9.89 18.13
C SER A 3320 14.34 8.60 18.52
N THR A 3321 14.00 7.75 17.55
CA THR A 3321 13.31 6.50 17.80
C THR A 3321 14.09 5.34 17.22
N LEU A 3322 14.15 4.24 17.97
CA LEU A 3322 14.83 3.02 17.57
C LEU A 3322 13.78 1.97 17.22
N GLY A 3323 13.81 1.48 15.98
CA GLY A 3323 12.85 0.50 15.53
C GLY A 3323 13.49 -0.85 15.24
N LEU A 3324 13.00 -1.91 15.88
CA LEU A 3324 13.53 -3.25 15.69
C LEU A 3324 12.43 -4.21 15.25
N SER A 3325 12.82 -5.20 14.46
CA SER A 3325 11.92 -6.24 14.00
C SER A 3325 12.05 -7.55 14.77
N GLN A 3326 13.26 -8.09 14.90
CA GLN A 3326 13.44 -9.39 15.51
C GLN A 3326 14.82 -9.50 16.14
N ILE A 3327 14.90 -10.30 17.20
CA ILE A 3327 16.15 -10.67 17.85
C ILE A 3327 16.22 -12.19 17.89
N LYS A 3328 17.30 -12.76 17.35
CA LYS A 3328 17.56 -14.17 17.46
C LYS A 3328 18.79 -14.43 18.32
N LEU A 3329 18.69 -15.39 19.22
CA LEU A 3329 19.82 -15.88 20.00
C LEU A 3329 20.08 -17.32 19.57
N LEU A 3330 21.01 -17.50 18.64
CA LEU A 3330 21.31 -18.81 18.10
C LEU A 3330 22.36 -19.52 18.94
N GLY A 3331 22.24 -20.83 19.07
CA GLY A 3331 23.22 -21.57 19.83
C GLY A 3331 22.83 -23.03 19.98
N LEU A 3332 23.35 -23.65 21.04
CA LEU A 3332 23.14 -25.06 21.31
C LEU A 3332 22.80 -25.24 22.77
N THR A 3333 22.17 -26.37 23.08
CA THR A 3333 21.97 -26.83 24.45
C THR A 3333 23.04 -27.86 24.82
N ALA A 3334 23.12 -28.13 26.12
CA ALA A 3334 24.07 -29.13 26.59
C ALA A 3334 23.77 -30.50 25.98
N PHE A 3335 22.50 -30.88 25.95
CA PHE A 3335 22.08 -32.16 25.42
C PHE A 3335 20.81 -31.98 24.59
N GLY A 3336 20.30 -33.08 24.06
CA GLY A 3336 19.08 -33.05 23.29
C GLY A 3336 19.29 -32.89 21.79
N THR A 3337 18.16 -32.72 21.10
CA THR A 3337 18.20 -32.56 19.65
C THR A 3337 18.84 -31.25 19.24
N THR A 3338 18.69 -30.21 20.06
CA THR A 3338 19.25 -28.91 19.74
C THR A 3338 20.74 -28.82 20.05
N SER A 3339 21.36 -29.92 20.48
CA SER A 3339 22.77 -29.96 20.80
C SER A 3339 23.63 -30.37 19.61
N SER A 3340 23.09 -30.26 18.40
CA SER A 3340 23.81 -30.61 17.19
C SER A 3340 25.26 -30.12 17.21
N ASP A 3352 38.82 -27.66 14.55
CA ASP A 3352 40.17 -28.19 14.39
C ASP A 3352 40.45 -29.25 15.44
N GLN A 3353 40.28 -30.52 15.06
CA GLN A 3353 40.53 -31.61 16.00
C GLN A 3353 41.99 -31.67 16.41
N VAL A 3354 42.91 -31.41 15.47
CA VAL A 3354 44.32 -31.45 15.80
C VAL A 3354 44.66 -30.48 16.92
N SER A 3355 43.96 -29.35 16.97
CA SER A 3355 44.25 -28.36 17.98
C SER A 3355 43.69 -28.72 19.35
N LYS A 3356 42.61 -29.50 19.39
CA LYS A 3356 41.89 -29.77 20.62
C LYS A 3356 42.08 -31.18 21.15
N THR A 3357 42.85 -32.02 20.46
CA THR A 3357 43.09 -33.39 20.85
C THR A 3357 44.59 -33.67 20.74
N SER A 3358 45.01 -34.85 21.17
CA SER A 3358 46.40 -35.26 21.04
C SER A 3358 46.67 -35.94 19.71
N ILE A 3359 45.68 -35.95 18.82
CA ILE A 3359 45.81 -36.71 17.58
C ILE A 3359 46.91 -36.12 16.71
N GLY A 3360 47.18 -34.83 16.86
CA GLY A 3360 48.21 -34.22 16.02
C GLY A 3360 49.55 -34.87 16.22
N TRP A 3361 49.88 -35.22 17.46
CA TRP A 3361 51.13 -35.92 17.71
C TRP A 3361 51.13 -37.28 17.04
N LEU A 3362 50.00 -37.99 17.09
CA LEU A 3362 49.92 -39.30 16.45
C LEU A 3362 50.02 -39.18 14.94
N ARG A 3363 49.44 -38.13 14.35
CA ARG A 3363 49.57 -37.94 12.92
C ARG A 3363 51.02 -37.68 12.55
N LEU A 3364 51.73 -36.93 13.38
CA LEU A 3364 53.16 -36.75 13.17
C LEU A 3364 53.89 -38.08 13.29
N LEU A 3365 53.55 -38.86 14.32
CA LEU A 3365 54.22 -40.14 14.53
C LEU A 3365 53.94 -41.10 13.38
N HIS A 3366 52.69 -41.15 12.91
CA HIS A 3366 52.37 -42.02 11.79
C HIS A 3366 53.14 -41.62 10.54
N HIS A 3367 53.23 -40.32 10.27
CA HIS A 3367 53.97 -39.88 9.09
C HIS A 3367 55.43 -40.32 9.17
N CYS A 3368 56.03 -40.19 10.35
CA CYS A 3368 57.42 -40.59 10.51
C CYS A 3368 57.60 -42.07 10.23
N LEU A 3369 56.67 -42.90 10.72
CA LEU A 3369 56.80 -44.34 10.58
C LEU A 3369 56.57 -44.80 9.15
N THR A 3370 55.72 -44.12 8.41
CA THR A 3370 55.22 -44.64 7.14
C THR A 3370 55.71 -43.87 5.93
N HIS A 3371 56.09 -42.60 6.08
CA HIS A 3371 56.38 -41.79 4.90
C HIS A 3371 57.54 -42.37 4.11
N ILE A 3372 58.62 -42.73 4.78
CA ILE A 3372 59.79 -43.34 4.15
C ILE A 3372 59.98 -44.72 4.76
N SER A 3373 59.67 -45.76 3.98
CA SER A 3373 59.71 -47.11 4.51
C SER A 3373 61.11 -47.51 4.96
N ASP A 3374 62.13 -47.13 4.19
CA ASP A 3374 63.48 -47.56 4.50
C ASP A 3374 63.95 -47.12 5.88
N LEU A 3375 63.35 -46.05 6.41
CA LEU A 3375 63.71 -45.53 7.72
C LEU A 3375 62.76 -46.00 8.81
N GLU A 3376 61.63 -46.59 8.44
CA GLU A 3376 60.61 -47.01 9.39
C GLU A 3376 61.22 -47.64 10.64
N GLY A 3377 61.99 -48.71 10.46
CA GLY A 3377 62.63 -49.40 11.57
C GLY A 3377 63.25 -48.46 12.57
N MET A 3378 64.17 -47.61 12.12
CA MET A 3378 64.83 -46.67 13.01
C MET A 3378 63.80 -45.88 13.82
N MET A 3379 62.81 -45.30 13.14
CA MET A 3379 61.81 -44.51 13.83
C MET A 3379 61.11 -45.33 14.91
N ALA A 3380 60.69 -46.55 14.56
CA ALA A 3380 60.03 -47.40 15.54
C ALA A 3380 60.95 -47.65 16.72
N SER A 3381 62.22 -47.94 16.45
CA SER A 3381 63.17 -48.18 17.53
C SER A 3381 63.30 -46.96 18.43
N ALA A 3382 63.27 -45.76 17.84
CA ALA A 3382 63.34 -44.54 18.63
C ALA A 3382 62.02 -44.25 19.34
N ALA A 3383 60.91 -44.76 18.83
CA ALA A 3383 59.60 -44.43 19.37
C ALA A 3383 59.14 -45.46 20.39
N ALA A 3384 59.55 -46.71 20.21
CA ALA A 3384 59.09 -47.77 21.11
C ALA A 3384 59.42 -47.51 22.58
N PRO A 3385 60.62 -47.06 22.94
CA PRO A 3385 60.98 -47.02 24.37
C PRO A 3385 60.08 -46.16 25.22
N THR A 3386 59.54 -45.06 24.70
CA THR A 3386 58.86 -44.10 25.55
C THR A 3386 57.73 -44.74 26.34
N ALA A 3387 57.67 -44.44 27.62
CA ALA A 3387 56.70 -45.05 28.51
C ALA A 3387 55.28 -44.65 28.13
N ASN A 3388 54.37 -45.60 28.19
CA ASN A 3388 52.94 -45.39 27.98
C ASN A 3388 52.61 -44.97 26.57
N LEU A 3389 53.53 -45.13 25.62
CA LEU A 3389 53.20 -44.80 24.23
C LEU A 3389 52.16 -45.75 23.66
N LEU A 3390 52.35 -47.06 23.87
CA LEU A 3390 51.40 -48.03 23.33
C LEU A 3390 50.05 -47.92 24.01
N GLN A 3391 50.04 -47.73 25.33
CA GLN A 3391 48.75 -47.59 26.00
C GLN A 3391 47.99 -46.40 25.44
N THR A 3392 48.69 -45.29 25.22
CA THR A 3392 48.04 -44.10 24.65
C THR A 3392 47.54 -44.34 23.23
N CYS A 3393 48.35 -44.98 22.40
CA CYS A 3393 47.92 -45.22 21.02
C CYS A 3393 46.71 -46.14 20.97
N ALA A 3394 46.65 -47.11 21.88
CA ALA A 3394 45.46 -47.95 21.96
C ALA A 3394 44.25 -47.10 22.34
N ALA A 3395 44.42 -46.18 23.28
CA ALA A 3395 43.32 -45.29 23.64
C ALA A 3395 42.86 -44.46 22.45
N LEU A 3396 43.80 -43.93 21.67
CA LEU A 3396 43.42 -43.19 20.48
C LEU A 3396 42.80 -44.11 19.43
N LEU A 3397 43.19 -45.38 19.43
CA LEU A 3397 42.59 -46.32 18.49
C LEU A 3397 41.12 -46.55 18.81
N MET A 3398 40.78 -46.69 20.09
CA MET A 3398 39.43 -46.99 20.53
C MET A 3398 38.58 -45.76 20.79
N SER A 3399 39.09 -44.57 20.51
N SER A 3399 39.09 -44.57 20.49
CA SER A 3399 38.34 -43.34 20.69
CA SER A 3399 38.32 -43.35 20.70
C SER A 3399 37.54 -43.01 19.44
C SER A 3399 37.56 -42.98 19.44
N PRO A 3400 36.46 -42.23 19.58
CA PRO A 3400 35.73 -41.79 18.38
C PRO A 3400 36.61 -40.96 17.46
N TYR A 3401 36.35 -41.09 16.17
CA TYR A 3401 37.14 -40.39 15.15
C TYR A 3401 37.39 -38.96 15.58
N CYS A 3402 38.65 -38.58 15.64
CA CYS A 3402 39.07 -37.25 16.07
C CYS A 3402 40.12 -36.69 15.14
N GLY A 3403 39.90 -36.82 13.84
CA GLY A 3403 40.79 -36.27 12.84
C GLY A 3403 41.83 -37.22 12.30
N MET A 3404 41.79 -38.49 12.71
CA MET A 3404 42.72 -39.50 12.23
C MET A 3404 41.93 -40.79 12.07
N HIS A 3405 41.93 -41.36 10.87
CA HIS A 3405 41.17 -42.57 10.64
C HIS A 3405 41.84 -43.73 11.37
N SER A 3406 41.02 -44.66 11.82
CA SER A 3406 41.54 -45.80 12.59
C SER A 3406 42.64 -46.55 11.85
N PRO A 3407 42.54 -46.80 10.54
CA PRO A 3407 43.61 -47.58 9.88
C PRO A 3407 45.00 -47.01 10.07
N ASN A 3408 45.13 -45.68 10.09
CA ASN A 3408 46.44 -45.08 10.31
C ASN A 3408 46.93 -45.36 11.73
N ILE A 3409 46.04 -45.31 12.72
CA ILE A 3409 46.43 -45.67 14.07
C ILE A 3409 46.87 -47.12 14.13
N GLU A 3410 46.20 -47.99 13.38
CA GLU A 3410 46.59 -49.39 13.33
C GLU A 3410 48.01 -49.55 12.80
N VAL A 3411 48.36 -48.78 11.77
CA VAL A 3411 49.71 -48.86 11.22
C VAL A 3411 50.74 -48.50 12.29
N VAL A 3412 50.47 -47.45 13.06
CA VAL A 3412 51.40 -47.06 14.12
C VAL A 3412 51.55 -48.18 15.14
N LEU A 3413 50.43 -48.71 15.63
CA LEU A 3413 50.51 -49.75 16.65
C LEU A 3413 51.22 -50.99 16.13
N VAL A 3414 50.90 -51.40 14.91
CA VAL A 3414 51.52 -52.60 14.36
C VAL A 3414 53.03 -52.39 14.20
N LYS A 3415 53.42 -51.25 13.64
CA LYS A 3415 54.83 -51.00 13.41
C LYS A 3415 55.61 -50.84 14.71
N ILE A 3416 55.00 -50.26 15.74
CA ILE A 3416 55.67 -50.16 17.03
C ILE A 3416 55.79 -51.53 17.68
N GLY A 3417 54.70 -52.29 17.68
CA GLY A 3417 54.71 -53.59 18.34
C GLY A 3417 55.60 -54.61 17.67
N LEU A 3418 55.85 -54.46 16.37
CA LEU A 3418 56.63 -55.42 15.62
C LEU A 3418 58.11 -55.11 15.58
N GLN A 3419 58.53 -53.94 16.06
CA GLN A 3419 59.94 -53.59 15.96
C GLN A 3419 60.80 -54.31 16.98
N SER A 3420 60.17 -54.93 17.99
CA SER A 3420 60.90 -55.80 18.90
C SER A 3420 59.89 -56.64 19.67
N THR A 3421 60.37 -57.79 20.15
CA THR A 3421 59.51 -58.77 20.79
C THR A 3421 58.95 -58.25 22.11
N ARG A 3422 59.76 -57.54 22.89
CA ARG A 3422 59.34 -57.13 24.23
C ARG A 3422 58.06 -56.30 24.17
N ILE A 3423 58.00 -55.31 23.27
N ILE A 3423 58.00 -55.31 23.27
CA ILE A 3423 56.80 -54.49 23.18
CA ILE A 3423 56.80 -54.49 23.18
C ILE A 3423 55.65 -55.22 22.50
C ILE A 3423 55.65 -55.22 22.50
N GLY A 3424 55.94 -56.23 21.69
CA GLY A 3424 54.87 -57.07 21.17
C GLY A 3424 54.14 -57.77 22.28
N LEU A 3425 54.89 -58.29 23.27
CA LEU A 3425 54.24 -58.90 24.42
C LEU A 3425 53.46 -57.84 25.18
N LYS A 3426 54.05 -56.66 25.35
CA LYS A 3426 53.35 -55.56 26.00
C LYS A 3426 52.14 -55.13 25.18
N LEU A 3427 52.30 -55.07 23.85
CA LEU A 3427 51.19 -54.69 22.99
C LEU A 3427 50.06 -55.72 23.04
N ILE A 3428 50.41 -57.00 23.01
CA ILE A 3428 49.40 -58.04 23.13
C ILE A 3428 48.72 -57.94 24.48
N ASP A 3429 49.50 -57.75 25.54
CA ASP A 3429 48.92 -57.61 26.87
C ASP A 3429 48.00 -56.41 26.93
N ILE A 3430 48.42 -55.31 26.29
CA ILE A 3430 47.60 -54.10 26.27
C ILE A 3430 46.28 -54.36 25.57
N LEU A 3431 46.33 -55.05 24.42
CA LEU A 3431 45.11 -55.27 23.66
C LEU A 3431 44.20 -56.29 24.35
N LEU A 3432 44.78 -57.26 25.06
CA LEU A 3432 44.02 -58.37 25.61
C LEU A 3432 43.88 -58.34 27.12
N ARG A 3433 44.88 -57.87 27.85
CA ARG A 3433 44.91 -58.05 29.30
C ARG A 3433 44.74 -56.74 30.06
N ASN A 3434 45.63 -55.78 29.84
CA ASN A 3434 45.64 -54.57 30.65
C ASN A 3434 46.19 -53.42 29.81
N CYS A 3435 45.31 -52.53 29.36
CA CYS A 3435 45.69 -51.39 28.54
C CYS A 3435 45.91 -50.12 29.34
N ALA A 3436 45.75 -50.15 30.66
CA ALA A 3436 45.93 -48.95 31.45
C ALA A 3436 47.41 -48.57 31.53
N ALA A 3437 47.65 -47.29 31.82
CA ALA A 3437 49.00 -46.77 31.87
C ALA A 3437 49.79 -47.43 32.99
N SER A 3438 51.08 -47.65 32.75
CA SER A 3438 51.97 -48.22 33.75
C SER A 3438 52.50 -47.13 34.68
N LEU A 3445 49.61 -36.64 39.91
CA LEU A 3445 48.58 -36.01 39.09
C LEU A 3445 49.09 -35.69 37.69
N ASN A 3446 50.39 -35.92 37.47
CA ASN A 3446 51.00 -35.67 36.17
C ASN A 3446 51.21 -36.94 35.35
N SER A 3447 51.09 -38.12 35.96
CA SER A 3447 51.34 -39.37 35.27
C SER A 3447 50.18 -39.74 34.34
N PRO A 3448 50.46 -40.29 33.16
CA PRO A 3448 49.37 -40.79 32.31
C PRO A 3448 48.57 -41.86 33.00
N LEU A 3449 47.26 -41.85 32.79
CA LEU A 3449 46.36 -42.81 33.42
C LEU A 3449 45.65 -43.70 32.42
N LEU A 3450 44.93 -43.13 31.45
CA LEU A 3450 44.17 -43.89 30.48
C LEU A 3450 43.25 -44.89 31.18
N PHE A 3451 42.57 -44.42 32.23
CA PHE A 3451 41.61 -45.25 32.96
C PHE A 3451 40.29 -45.40 32.24
N GLY A 3452 40.04 -44.63 31.18
CA GLY A 3452 38.71 -44.48 30.67
C GLY A 3452 38.15 -45.64 29.88
N ARG A 3453 38.98 -46.62 29.53
CA ARG A 3453 38.61 -47.67 28.58
C ARG A 3453 38.67 -49.05 29.21
N LEU A 3454 37.66 -49.87 28.88
CA LEU A 3454 37.60 -51.25 29.34
C LEU A 3454 38.74 -52.07 28.73
N ASN A 3455 39.23 -53.03 29.51
CA ASN A 3455 40.30 -53.90 29.04
C ASN A 3455 39.78 -54.94 28.07
N GLY A 3456 40.56 -55.21 27.04
CA GLY A 3456 40.27 -56.31 26.15
C GLY A 3456 39.17 -56.06 25.14
N LEU A 3457 38.61 -54.86 25.08
CA LEU A 3457 37.58 -54.60 24.09
C LEU A 3457 38.14 -54.80 22.69
N SER A 3458 37.31 -55.33 21.82
CA SER A 3458 37.72 -55.67 20.47
C SER A 3458 36.96 -54.80 19.49
N SER A 3459 37.64 -54.46 18.40
CA SER A 3459 37.02 -53.77 17.28
C SER A 3459 37.64 -54.32 16.01
N ASP A 3460 37.15 -53.84 14.87
CA ASP A 3460 37.80 -54.17 13.62
C ASP A 3460 39.29 -53.87 13.69
N SER A 3461 39.65 -52.74 14.30
CA SER A 3461 41.05 -52.35 14.39
C SER A 3461 41.85 -53.30 15.28
N THR A 3462 41.36 -53.57 16.48
CA THR A 3462 42.11 -54.43 17.39
C THR A 3462 42.21 -55.84 16.85
N ILE A 3463 41.14 -56.35 16.27
CA ILE A 3463 41.17 -57.69 15.70
C ILE A 3463 42.20 -57.76 14.59
N ASP A 3464 42.23 -56.76 13.72
CA ASP A 3464 43.21 -56.75 12.64
C ASP A 3464 44.62 -56.70 13.19
N ILE A 3465 44.85 -55.89 14.24
CA ILE A 3465 46.18 -55.78 14.82
C ILE A 3465 46.62 -57.12 15.38
N LEU A 3466 45.73 -57.80 16.12
CA LEU A 3466 46.11 -59.09 16.69
C LEU A 3466 46.42 -60.08 15.59
N TYR A 3467 45.62 -60.08 14.52
CA TYR A 3467 45.92 -60.95 13.38
C TYR A 3467 47.26 -60.59 12.76
N GLN A 3468 47.53 -59.29 12.62
CA GLN A 3468 48.78 -58.87 12.00
C GLN A 3468 49.97 -59.26 12.85
N LEU A 3469 49.84 -59.14 14.18
CA LEU A 3469 50.92 -59.60 15.05
C LEU A 3469 51.13 -61.10 14.93
N GLY A 3470 50.04 -61.87 14.90
CA GLY A 3470 50.18 -63.31 14.86
C GLY A 3470 50.78 -63.84 13.57
N THR A 3471 50.38 -63.26 12.43
CA THR A 3471 50.73 -63.80 11.13
C THR A 3471 51.94 -63.12 10.52
N THR A 3472 52.56 -62.18 11.21
CA THR A 3472 53.79 -61.57 10.73
C THR A 3472 54.97 -62.46 11.05
N GLN A 3473 55.80 -62.75 10.04
CA GLN A 3473 56.90 -63.70 10.16
C GLN A 3473 58.17 -62.95 10.55
N ASP A 3474 58.68 -63.23 11.74
CA ASP A 3474 59.92 -62.60 12.19
C ASP A 3474 60.45 -63.36 13.40
N PRO A 3475 61.63 -63.00 13.92
CA PRO A 3475 62.17 -63.76 15.07
C PRO A 3475 61.22 -63.81 16.25
N GLY A 3476 60.49 -62.73 16.52
CA GLY A 3476 59.63 -62.69 17.68
C GLY A 3476 58.31 -63.41 17.52
N THR A 3477 57.97 -63.79 16.29
CA THR A 3477 56.67 -64.40 16.01
C THR A 3477 56.32 -65.47 17.03
N LYS A 3478 57.20 -66.45 17.20
CA LYS A 3478 56.97 -67.51 18.18
C LYS A 3478 56.52 -66.96 19.52
N ASP A 3479 57.34 -66.10 20.12
CA ASP A 3479 57.01 -65.54 21.43
C ASP A 3479 55.62 -64.92 21.43
N ARG A 3480 55.32 -64.11 20.42
CA ARG A 3480 54.00 -63.48 20.35
C ARG A 3480 52.90 -64.53 20.32
N ILE A 3481 53.03 -65.52 19.44
CA ILE A 3481 52.05 -66.60 19.38
C ILE A 3481 51.91 -67.24 20.75
N GLN A 3482 53.03 -67.53 21.40
CA GLN A 3482 52.99 -68.09 22.75
C GLN A 3482 52.13 -67.22 23.64
N ALA A 3483 52.39 -65.92 23.65
CA ALA A 3483 51.60 -65.01 24.48
C ALA A 3483 50.11 -65.15 24.18
N LEU A 3484 49.74 -65.14 22.91
CA LEU A 3484 48.34 -65.32 22.56
C LEU A 3484 47.79 -66.60 23.18
N LEU A 3485 48.48 -67.72 22.93
CA LEU A 3485 48.02 -68.98 23.47
C LEU A 3485 48.01 -68.93 24.98
N LYS A 3486 49.01 -68.29 25.57
CA LYS A 3486 49.01 -68.09 27.02
C LYS A 3486 47.73 -67.39 27.45
N TRP A 3487 47.39 -66.28 26.80
CA TRP A 3487 46.15 -65.60 27.14
C TRP A 3487 44.96 -66.51 26.98
N VAL A 3488 44.98 -67.37 25.96
CA VAL A 3488 43.89 -68.32 25.78
C VAL A 3488 43.80 -69.23 26.99
N SER A 3489 44.92 -69.85 27.36
CA SER A 3489 44.90 -70.76 28.50
C SER A 3489 44.50 -70.00 29.76
N ASP A 3490 45.15 -68.85 29.98
CA ASP A 3490 44.78 -67.99 31.10
C ASP A 3490 43.28 -67.70 31.07
N SER A 3491 42.79 -67.28 29.90
CA SER A 3491 41.36 -67.02 29.76
C SER A 3491 40.55 -68.25 30.11
N ALA A 3492 40.87 -69.38 29.47
CA ALA A 3492 40.17 -70.62 29.77
C ALA A 3492 40.27 -70.97 31.25
N ARG A 3493 41.47 -70.88 31.82
CA ARG A 3493 41.63 -71.19 33.22
C ARG A 3493 40.79 -70.26 34.09
N VAL A 3494 40.81 -68.97 33.77
CA VAL A 3494 40.00 -68.02 34.53
C VAL A 3494 38.53 -68.33 34.34
N ALA A 3495 38.14 -68.79 33.15
CA ALA A 3495 36.75 -69.18 32.94
C ALA A 3495 36.37 -70.36 33.82
N ALA A 3496 37.31 -71.27 34.05
CA ALA A 3496 37.01 -72.46 34.84
C ALA A 3496 36.81 -72.13 36.31
N MET A 3497 37.23 -70.94 36.75
CA MET A 3497 37.12 -70.54 38.14
C MET A 3497 35.80 -69.82 38.39
N GLU A 3514 43.29 -58.02 34.12
CA GLU A 3514 42.57 -59.12 34.75
C GLU A 3514 41.16 -59.17 34.22
N TYR A 3515 40.60 -58.01 33.86
CA TYR A 3515 39.29 -57.98 33.23
C TYR A 3515 39.29 -58.68 31.88
N GLY A 3516 40.36 -58.52 31.11
CA GLY A 3516 40.45 -59.21 29.83
C GLY A 3516 40.33 -60.71 29.95
N LEU A 3517 40.80 -61.26 31.06
CA LEU A 3517 40.61 -62.68 31.32
C LEU A 3517 39.18 -62.99 31.77
N LEU A 3518 38.58 -62.11 32.57
CA LEU A 3518 37.22 -62.36 33.03
C LEU A 3518 36.22 -62.28 31.88
N MET A 3519 36.48 -61.44 30.87
CA MET A 3519 35.57 -61.22 29.75
C MET A 3519 36.35 -61.31 28.44
N PRO A 3520 36.78 -62.51 28.06
CA PRO A 3520 37.53 -62.66 26.81
C PRO A 3520 36.65 -62.30 25.60
N SER A 3521 37.23 -61.54 24.70
CA SER A 3521 36.51 -61.16 23.49
C SER A 3521 36.29 -62.37 22.61
N PRO A 3522 35.05 -62.70 22.24
CA PRO A 3522 34.85 -63.76 21.24
C PRO A 3522 35.52 -63.49 19.91
N SER A 3523 35.57 -62.23 19.48
CA SER A 3523 36.26 -61.90 18.24
C SER A 3523 37.75 -62.19 18.33
N HIS A 3524 38.35 -61.91 19.49
CA HIS A 3524 39.78 -62.16 19.64
C HIS A 3524 40.07 -63.65 19.68
N LEU A 3525 39.20 -64.43 20.32
CA LEU A 3525 39.37 -65.88 20.34
C LEU A 3525 39.33 -66.43 18.92
N HIS A 3526 38.40 -65.97 18.11
CA HIS A 3526 38.37 -66.37 16.72
C HIS A 3526 39.61 -65.86 15.98
N CYS A 3527 40.11 -64.70 16.38
CA CYS A 3527 41.33 -64.18 15.76
C CYS A 3527 42.52 -65.07 16.10
N VAL A 3528 42.58 -65.56 17.35
CA VAL A 3528 43.65 -66.49 17.70
C VAL A 3528 43.54 -67.75 16.87
N ALA A 3529 42.32 -68.26 16.69
CA ALA A 3529 42.11 -69.44 15.88
C ALA A 3529 42.54 -69.21 14.44
N ALA A 3530 42.16 -68.06 13.87
CA ALA A 3530 42.54 -67.78 12.50
C ALA A 3530 44.05 -67.66 12.36
N ILE A 3531 44.71 -67.08 13.36
CA ILE A 3531 46.16 -67.01 13.35
C ILE A 3531 46.76 -68.40 13.29
N LEU A 3532 46.26 -69.30 14.14
CA LEU A 3532 46.76 -70.67 14.17
C LEU A 3532 46.54 -71.35 12.83
N TRP A 3533 45.33 -71.23 12.28
CA TRP A 3533 45.04 -71.85 11.00
C TRP A 3533 45.97 -71.34 9.92
N HIS A 3534 46.10 -70.02 9.79
CA HIS A 3534 46.87 -69.48 8.68
C HIS A 3534 48.36 -69.72 8.87
N SER A 3535 48.81 -69.84 10.11
CA SER A 3535 50.21 -70.20 10.35
C SER A 3535 50.49 -71.62 9.90
N TYR A 3536 49.55 -72.54 10.14
CA TYR A 3536 49.72 -73.91 9.67
C TYR A 3536 49.78 -73.99 8.15
N GLU A 3537 48.92 -73.25 7.46
CA GLU A 3537 48.91 -73.29 6.00
C GLU A 3537 50.00 -72.44 5.35
N LEU A 3538 50.75 -71.67 6.13
CA LEU A 3538 51.83 -70.85 5.58
C LEU A 3538 53.20 -71.51 5.71
N LEU A 3539 53.30 -72.65 6.40
CA LEU A 3539 54.56 -73.34 6.58
C LEU A 3539 55.58 -72.44 7.31
N VAL A 3540 55.24 -72.09 8.55
CA VAL A 3540 56.06 -71.19 9.33
C VAL A 3540 57.38 -71.89 9.67
N GLU A 3541 58.36 -71.12 10.14
CA GLU A 3541 59.69 -71.64 10.44
C GLU A 3541 59.89 -71.93 11.92
N TYR A 3542 58.85 -71.91 12.73
CA TYR A 3542 58.95 -72.33 14.13
C TYR A 3542 58.03 -73.53 14.35
N ASP A 3543 58.17 -74.15 15.52
CA ASP A 3543 57.44 -75.38 15.83
C ASP A 3543 56.06 -75.03 16.38
N LEU A 3544 55.14 -74.74 15.47
CA LEU A 3544 53.78 -74.42 15.89
C LEU A 3544 53.11 -75.60 16.59
N PRO A 3545 53.16 -76.83 16.08
CA PRO A 3545 52.48 -77.93 16.76
C PRO A 3545 52.96 -78.17 18.17
N ALA A 3546 54.25 -77.95 18.46
CA ALA A 3546 54.75 -78.16 19.80
C ALA A 3546 54.07 -77.24 20.80
N LEU A 3547 53.65 -76.07 20.36
CA LEU A 3547 52.97 -75.13 21.25
C LEU A 3547 51.58 -75.62 21.61
N LEU A 3548 50.95 -76.40 20.73
CA LEU A 3548 49.60 -76.88 20.94
C LEU A 3548 49.64 -78.21 21.69
N ASP A 3549 49.82 -78.13 23.00
CA ASP A 3549 49.87 -79.33 23.81
C ASP A 3549 48.44 -79.81 24.11
N GLN A 3550 48.35 -81.06 24.55
CA GLN A 3550 47.04 -81.65 24.84
C GLN A 3550 46.36 -80.97 26.03
N GLU A 3551 47.13 -80.48 27.01
CA GLU A 3551 46.50 -79.88 28.18
C GLU A 3551 45.70 -78.64 27.79
N LEU A 3552 46.26 -77.80 26.91
CA LEU A 3552 45.51 -76.65 26.44
C LEU A 3552 44.26 -77.08 25.68
N PHE A 3553 44.38 -78.11 24.85
CA PHE A 3553 43.22 -78.58 24.10
C PHE A 3553 42.12 -79.08 25.02
N GLU A 3554 42.48 -79.80 26.07
CA GLU A 3554 41.48 -80.27 27.03
C GLU A 3554 40.81 -79.09 27.71
N LEU A 3555 41.59 -78.06 28.05
CA LEU A 3555 41.02 -76.87 28.66
C LEU A 3555 39.93 -76.27 27.76
N LEU A 3556 40.22 -76.15 26.46
CA LEU A 3556 39.24 -75.56 25.56
C LEU A 3556 37.98 -76.41 25.49
N PHE A 3557 38.14 -77.73 25.46
CA PHE A 3557 36.97 -78.61 25.40
C PHE A 3557 36.12 -78.43 26.66
N ASN A 3558 36.76 -78.44 27.82
CA ASN A 3558 36.01 -78.25 29.06
C ASN A 3558 35.31 -76.90 29.07
N TRP A 3559 36.00 -75.85 28.62
CA TRP A 3559 35.41 -74.52 28.58
C TRP A 3559 34.16 -74.49 27.70
N SER A 3560 34.27 -75.00 26.47
CA SER A 3560 33.16 -74.93 25.53
C SER A 3560 31.96 -75.72 26.01
N MET A 3561 32.19 -76.90 26.59
CA MET A 3561 31.08 -77.68 27.10
C MET A 3561 30.42 -77.03 28.31
N SER A 3562 31.12 -76.14 29.00
CA SER A 3562 30.55 -75.41 30.11
C SER A 3562 29.62 -74.30 29.65
N LEU A 3563 29.71 -73.89 28.36
CA LEU A 3563 28.95 -72.75 27.86
C LEU A 3563 27.59 -73.20 27.33
N PRO A 3564 26.58 -72.34 27.41
CA PRO A 3564 25.28 -72.70 26.82
C PRO A 3564 25.39 -72.76 25.30
N CYS A 3565 24.56 -73.59 24.70
CA CYS A 3565 24.56 -73.76 23.26
C CYS A 3565 24.11 -72.48 22.56
N ASN A 3566 24.64 -72.28 21.35
CA ASN A 3566 24.34 -71.15 20.47
C ASN A 3566 24.99 -69.85 20.93
N MET A 3567 25.65 -69.82 22.08
CA MET A 3567 26.35 -68.62 22.49
C MET A 3567 27.52 -68.33 21.56
N VAL A 3568 27.67 -67.07 21.18
CA VAL A 3568 28.70 -66.69 20.22
C VAL A 3568 30.09 -67.00 20.76
N LEU A 3569 30.29 -66.82 22.07
CA LEU A 3569 31.57 -67.16 22.67
C LEU A 3569 31.89 -68.64 22.49
N LYS A 3570 30.89 -69.50 22.66
CA LYS A 3570 31.10 -70.93 22.43
C LYS A 3570 31.49 -71.19 20.99
N LYS A 3571 30.90 -70.47 20.05
CA LYS A 3571 31.30 -70.63 18.66
C LYS A 3571 32.76 -70.27 18.47
N ALA A 3572 33.22 -69.20 19.14
CA ALA A 3572 34.61 -68.81 19.02
C ALA A 3572 35.54 -69.84 19.66
N VAL A 3573 35.20 -70.33 20.85
CA VAL A 3573 36.03 -71.35 21.47
C VAL A 3573 36.09 -72.60 20.60
N ASP A 3574 34.97 -72.93 19.95
CA ASP A 3574 34.93 -74.08 19.07
C ASP A 3574 35.73 -73.85 17.80
N SER A 3575 35.80 -72.60 17.34
CA SER A 3575 36.67 -72.28 16.21
C SER A 3575 38.13 -72.51 16.58
N LEU A 3576 38.51 -72.17 17.81
CA LEU A 3576 39.85 -72.49 18.29
C LEU A 3576 40.07 -73.99 18.30
N LEU A 3577 39.07 -74.76 18.78
CA LEU A 3577 39.21 -76.21 18.77
C LEU A 3577 39.37 -76.71 17.35
N CYS A 3578 38.63 -76.13 16.41
CA CYS A 3578 38.82 -76.52 15.01
C CYS A 3578 40.24 -76.28 14.57
N SER A 3579 40.80 -75.13 14.93
CA SER A 3579 42.18 -74.83 14.56
C SER A 3579 43.14 -75.82 15.22
N MET A 3580 42.95 -76.11 16.50
CA MET A 3580 43.84 -77.05 17.17
C MET A 3580 43.69 -78.44 16.57
N CYS A 3581 42.46 -78.85 16.28
CA CYS A 3581 42.24 -80.14 15.62
C CYS A 3581 42.87 -80.16 14.24
N HIS A 3582 42.82 -79.04 13.52
CA HIS A 3582 43.43 -79.01 12.20
C HIS A 3582 44.95 -79.16 12.25
N VAL A 3583 45.59 -78.66 13.31
CA VAL A 3583 47.02 -78.85 13.46
C VAL A 3583 47.33 -80.25 13.95
N HIS A 3584 46.61 -80.71 14.97
CA HIS A 3584 46.73 -82.08 15.47
C HIS A 3584 45.43 -82.83 15.20
N PRO A 3585 45.32 -83.57 14.10
CA PRO A 3585 44.09 -84.33 13.86
C PRO A 3585 43.74 -85.29 14.98
N ASN A 3586 44.75 -85.91 15.62
CA ASN A 3586 44.48 -86.84 16.70
C ASN A 3586 43.67 -86.19 17.81
N TYR A 3587 43.85 -84.89 18.02
CA TYR A 3587 43.03 -84.20 19.01
C TYR A 3587 41.54 -84.43 18.76
N PHE A 3588 41.12 -84.40 17.50
CA PHE A 3588 39.73 -84.67 17.18
C PHE A 3588 39.31 -86.03 17.72
N SER A 3589 40.12 -87.05 17.46
CA SER A 3589 39.84 -88.36 18.06
C SER A 3589 39.69 -88.23 19.57
N LEU A 3590 40.65 -87.55 20.20
CA LEU A 3590 40.56 -87.33 21.63
C LEU A 3590 39.26 -86.63 21.99
N LEU A 3591 38.88 -85.61 21.22
CA LEU A 3591 37.60 -84.95 21.43
C LEU A 3591 36.48 -85.98 21.39
N MET A 3592 36.42 -86.76 20.30
CA MET A 3592 35.38 -87.76 20.17
C MET A 3592 35.43 -88.78 21.31
N GLY A 3593 36.63 -89.06 21.82
CA GLY A 3593 36.73 -89.95 22.97
C GLY A 3593 36.12 -89.36 24.22
N TRP A 3594 36.26 -88.04 24.38
CA TRP A 3594 35.79 -87.37 25.60
C TRP A 3594 34.29 -87.22 25.66
N MET A 3595 33.59 -87.36 24.54
CA MET A 3595 32.14 -87.21 24.51
C MET A 3595 31.41 -88.54 24.68
N GLY A 3596 32.12 -89.66 24.73
CA GLY A 3596 31.49 -90.95 24.92
C GLY A 3596 31.34 -91.80 23.67
N ILE A 3597 31.83 -91.33 22.53
CA ILE A 3597 31.77 -92.12 21.31
C ILE A 3597 32.91 -93.12 21.30
N LEU A 3634 23.86 -94.27 24.78
CA LEU A 3634 24.45 -93.04 24.29
C LEU A 3634 23.57 -91.84 24.65
N ALA A 3635 24.20 -90.74 25.01
CA ALA A 3635 23.49 -89.49 25.35
C ALA A 3635 24.29 -88.31 24.77
N LEU A 3636 23.91 -87.88 23.58
CA LEU A 3636 24.57 -86.76 22.92
C LEU A 3636 23.71 -85.52 23.12
N THR A 3637 24.26 -84.54 23.83
CA THR A 3637 23.54 -83.30 24.06
C THR A 3637 23.66 -82.37 22.86
N GLU A 3638 22.88 -81.29 22.90
CA GLU A 3638 22.91 -80.33 21.81
C GLU A 3638 24.27 -79.64 21.73
N SER A 3639 24.89 -79.38 22.89
CA SER A 3639 26.21 -78.80 22.92
C SER A 3639 27.25 -79.72 22.29
N HIS A 3640 27.17 -81.02 22.57
CA HIS A 3640 28.10 -81.98 21.98
C HIS A 3640 28.04 -81.93 20.45
N LEU A 3641 26.84 -81.90 19.88
CA LEU A 3641 26.73 -81.85 18.44
C LEU A 3641 27.35 -80.57 17.90
N ALA A 3642 27.06 -79.44 18.55
CA ALA A 3642 27.64 -78.18 18.10
C ALA A 3642 29.15 -78.22 18.21
N THR A 3643 29.66 -78.65 19.38
CA THR A 3643 31.10 -78.69 19.56
C THR A 3643 31.74 -79.65 18.56
N LEU A 3644 31.15 -80.85 18.42
CA LEU A 3644 31.68 -81.82 17.49
C LEU A 3644 31.53 -81.33 16.06
N ALA A 3645 30.37 -80.77 15.72
CA ALA A 3645 30.16 -80.27 14.38
C ALA A 3645 31.14 -79.15 14.07
N SER A 3646 31.32 -78.24 15.03
CA SER A 3646 32.25 -77.13 14.84
C SER A 3646 33.69 -77.60 14.76
N SER A 3647 34.09 -78.44 15.71
CA SER A 3647 35.49 -78.88 15.78
C SER A 3647 35.85 -79.82 14.64
N SER A 3648 34.85 -80.44 14.02
CA SER A 3648 35.07 -81.42 12.97
C SER A 3648 35.22 -80.80 11.59
N GLN A 3649 35.23 -79.47 11.50
CA GLN A 3649 35.23 -78.81 10.20
C GLN A 3649 36.61 -78.75 9.57
N SER A 3650 37.29 -79.88 9.44
CA SER A 3650 38.55 -79.94 8.73
C SER A 3650 38.59 -81.19 7.88
N PRO A 3651 39.35 -81.19 6.79
CA PRO A 3651 39.42 -82.42 5.97
C PRO A 3651 39.87 -83.62 6.77
N GLU A 3652 40.99 -83.52 7.50
CA GLU A 3652 41.42 -84.62 8.34
C GLU A 3652 40.39 -84.88 9.45
N ALA A 3653 39.90 -83.82 10.09
CA ALA A 3653 38.94 -84.00 11.17
C ALA A 3653 37.65 -84.62 10.67
N ILE A 3654 37.17 -84.19 9.51
CA ILE A 3654 35.95 -84.76 8.95
C ILE A 3654 36.18 -86.22 8.58
N LYS A 3655 37.38 -86.56 8.10
CA LYS A 3655 37.69 -87.95 7.78
C LYS A 3655 37.56 -88.82 9.02
N GLN A 3656 38.09 -88.35 10.15
CA GLN A 3656 37.96 -89.12 11.40
C GLN A 3656 36.51 -89.15 11.87
N LEU A 3657 35.77 -88.07 11.69
CA LEU A 3657 34.38 -88.07 12.10
C LEU A 3657 33.59 -89.15 11.37
N LEU A 3658 33.80 -89.26 10.06
CA LEU A 3658 33.12 -90.31 9.31
C LEU A 3658 33.57 -91.69 9.79
N ASP A 3659 34.87 -91.87 10.01
CA ASP A 3659 35.39 -93.15 10.44
C ASP A 3659 34.97 -93.52 11.86
N SER A 3660 34.43 -92.58 12.63
CA SER A 3660 33.92 -92.89 13.95
C SER A 3660 32.58 -93.61 13.90
N GLY A 3661 31.89 -93.55 12.76
CA GLY A 3661 30.60 -94.17 12.59
C GLY A 3661 29.43 -93.36 13.11
N LEU A 3662 29.68 -92.22 13.74
CA LEU A 3662 28.56 -91.41 14.22
C LEU A 3662 27.70 -90.87 13.09
N PRO A 3663 28.25 -90.30 12.02
CA PRO A 3663 27.37 -89.84 10.93
C PRO A 3663 26.50 -90.93 10.36
N SER A 3664 27.05 -92.13 10.17
CA SER A 3664 26.23 -93.24 9.70
C SER A 3664 25.17 -93.61 10.73
N LEU A 3665 25.56 -93.68 12.00
CA LEU A 3665 24.61 -94.00 13.06
C LEU A 3665 23.52 -92.96 13.17
N LEU A 3666 23.87 -91.68 13.09
CA LEU A 3666 22.88 -90.61 13.22
C LEU A 3666 21.80 -90.72 12.16
N VAL A 3667 22.19 -90.94 10.91
CA VAL A 3667 21.21 -90.99 9.83
C VAL A 3667 20.26 -92.17 10.02
N ARG A 3668 20.78 -93.33 10.37
CA ARG A 3668 19.93 -94.50 10.54
C ARG A 3668 18.91 -94.28 11.65
N SER A 3669 19.35 -93.74 12.78
CA SER A 3669 18.41 -93.50 13.88
C SER A 3669 17.37 -92.46 13.50
N LEU A 3670 17.80 -91.42 12.77
CA LEU A 3670 16.85 -90.40 12.34
C LEU A 3670 15.86 -90.96 11.34
N ALA A 3671 16.33 -91.75 10.38
CA ALA A 3671 15.42 -92.36 9.41
C ALA A 3671 14.46 -93.31 10.10
N SER A 3672 14.95 -94.08 11.07
CA SER A 3672 14.08 -94.99 11.80
C SER A 3672 12.98 -94.24 12.54
N PHE A 3673 13.32 -93.10 13.15
CA PHE A 3673 12.30 -92.31 13.83
C PHE A 3673 11.22 -91.83 12.85
N CYS A 3674 11.63 -91.38 11.66
CA CYS A 3674 10.66 -90.81 10.73
C CYS A 3674 9.61 -91.84 10.32
N PHE A 3675 10.04 -93.06 10.03
CA PHE A 3675 9.12 -94.09 9.60
C PHE A 3675 8.31 -94.68 10.74
N SER A 3676 8.65 -94.36 11.98
CA SER A 3676 7.91 -94.85 13.13
C SER A 3676 6.79 -93.89 13.50
N LYS A 3706 20.00 -97.66 16.07
CA LYS A 3706 20.50 -98.40 17.23
C LYS A 3706 20.58 -97.51 18.47
N MET A 3707 20.18 -96.24 18.31
CA MET A 3707 20.18 -95.28 19.39
C MET A 3707 18.76 -94.82 19.70
N PRO A 3708 18.41 -94.64 20.97
CA PRO A 3708 17.09 -94.07 21.28
C PRO A 3708 17.05 -92.61 20.83
N ILE A 3709 16.09 -92.31 19.95
CA ILE A 3709 15.96 -90.97 19.38
C ILE A 3709 14.56 -90.45 19.71
N THR A 3710 14.50 -89.25 20.26
CA THR A 3710 13.24 -88.60 20.53
C THR A 3710 13.05 -87.43 19.58
N ALA A 3711 11.81 -86.95 19.50
CA ALA A 3711 11.50 -85.87 18.56
C ALA A 3711 12.32 -84.62 18.86
N ASP A 3712 12.77 -84.44 20.11
CA ASP A 3712 13.54 -83.27 20.47
C ASP A 3712 14.92 -83.28 19.83
N LEU A 3713 15.52 -84.45 19.65
CA LEU A 3713 16.87 -84.53 19.11
C LEU A 3713 16.90 -84.46 17.59
N VAL A 3714 15.75 -84.55 16.93
CA VAL A 3714 15.73 -84.56 15.47
C VAL A 3714 16.25 -83.23 14.92
N ALA A 3715 15.70 -82.12 15.40
CA ALA A 3715 16.15 -80.82 14.89
C ALA A 3715 17.61 -80.55 15.20
N PRO A 3716 18.10 -80.75 16.43
CA PRO A 3716 19.55 -80.59 16.64
C PRO A 3716 20.36 -81.48 15.73
N ILE A 3717 19.90 -82.71 15.51
CA ILE A 3717 20.66 -83.62 14.67
C ILE A 3717 20.60 -83.19 13.22
N LEU A 3718 19.43 -82.71 12.77
CA LEU A 3718 19.35 -82.18 11.42
C LEU A 3718 20.24 -80.96 11.28
N ARG A 3719 20.24 -80.08 12.29
CA ARG A 3719 21.14 -78.95 12.27
C ARG A 3719 22.59 -79.42 12.33
N PHE A 3720 22.86 -80.45 13.12
CA PHE A 3720 24.20 -81.01 13.17
C PHE A 3720 24.64 -81.50 11.81
N LEU A 3721 23.75 -82.22 11.11
CA LEU A 3721 24.08 -82.70 9.78
C LEU A 3721 24.28 -81.54 8.80
N THR A 3722 23.44 -80.52 8.91
CA THR A 3722 23.59 -79.37 8.03
C THR A 3722 24.93 -78.69 8.27
N GLU A 3723 25.26 -78.43 9.53
CA GLU A 3723 26.51 -77.73 9.83
C GLU A 3723 27.71 -78.55 9.38
N VAL A 3724 27.72 -79.85 9.67
CA VAL A 3724 28.85 -80.67 9.24
C VAL A 3724 28.86 -80.82 7.73
N GLY A 3725 27.70 -80.68 7.08
CA GLY A 3725 27.66 -80.74 5.64
C GLY A 3725 28.21 -79.53 4.94
N ASN A 3726 28.46 -78.44 5.68
CA ASN A 3726 29.29 -77.36 5.16
C ASN A 3726 30.52 -77.94 4.48
N SER A 3727 31.09 -78.99 5.06
CA SER A 3727 32.22 -79.66 4.43
C SER A 3727 31.75 -80.43 3.20
N HIS A 3728 32.60 -80.44 2.17
CA HIS A 3728 32.24 -81.16 0.94
C HIS A 3728 32.22 -82.67 1.17
N ILE A 3729 33.05 -83.17 2.08
CA ILE A 3729 33.07 -84.60 2.34
C ILE A 3729 31.74 -85.06 2.91
N MET A 3730 31.23 -84.32 3.90
CA MET A 3730 29.91 -84.65 4.43
C MET A 3730 28.84 -84.39 3.39
N LYS A 3731 29.08 -83.45 2.46
CA LYS A 3731 28.13 -83.21 1.38
C LYS A 3731 28.08 -84.40 0.42
N ASP A 3732 29.24 -84.96 0.06
CA ASP A 3732 29.25 -86.16 -0.77
C ASP A 3732 28.60 -87.33 -0.03
N TRP A 3733 28.92 -87.47 1.25
CA TRP A 3733 28.35 -88.57 2.03
C TRP A 3733 26.83 -88.46 2.14
N LEU A 3734 26.31 -87.26 2.36
CA LEU A 3734 24.88 -87.09 2.53
C LEU A 3734 24.12 -87.38 1.24
N GLY A 3735 24.73 -87.15 0.09
CA GLY A 3735 24.10 -87.43 -1.18
C GLY A 3735 24.32 -88.84 -1.70
N GLY A 3736 24.93 -89.72 -0.91
CA GLY A 3736 25.17 -91.08 -1.35
C GLY A 3736 23.95 -91.97 -1.18
N SER A 3737 24.10 -93.20 -1.68
CA SER A 3737 23.00 -94.16 -1.65
C SER A 3737 22.60 -94.47 -0.21
N GLU A 3738 23.57 -94.55 0.69
CA GLU A 3738 23.29 -94.95 2.07
C GLU A 3738 22.43 -93.93 2.80
N VAL A 3739 22.45 -92.66 2.38
CA VAL A 3739 21.75 -91.60 3.09
C VAL A 3739 20.47 -91.17 2.38
N ASN A 3740 20.36 -91.40 1.07
CA ASN A 3740 19.18 -90.94 0.35
C ASN A 3740 17.87 -91.53 0.88
N PRO A 3741 17.83 -92.71 1.49
CA PRO A 3741 16.57 -93.14 2.11
C PRO A 3741 16.10 -92.21 3.21
N LEU A 3742 17.02 -91.53 3.89
CA LEU A 3742 16.62 -90.61 4.95
C LEU A 3742 15.84 -89.44 4.37
N TRP A 3743 16.14 -89.06 3.13
CA TRP A 3743 15.48 -87.92 2.51
C TRP A 3743 13.98 -88.19 2.40
N THR A 3744 13.62 -89.36 1.85
CA THR A 3744 12.21 -89.74 1.78
C THR A 3744 11.61 -89.92 3.18
N ALA A 3745 12.39 -90.44 4.12
CA ALA A 3745 11.87 -90.63 5.47
C ALA A 3745 11.44 -89.31 6.08
N LEU A 3746 12.24 -88.27 5.91
CA LEU A 3746 11.87 -86.96 6.44
C LEU A 3746 10.60 -86.47 5.77
N LEU A 3747 10.52 -86.59 4.44
CA LEU A 3747 9.36 -86.11 3.72
C LEU A 3747 8.09 -86.81 4.17
N PHE A 3748 8.15 -88.13 4.39
CA PHE A 3748 6.97 -88.85 4.86
C PHE A 3748 6.54 -88.36 6.23
N LEU A 3749 7.49 -88.14 7.14
CA LEU A 3749 7.12 -87.71 8.48
C LEU A 3749 6.42 -86.36 8.44
N LEU A 3750 6.88 -85.47 7.57
CA LEU A 3750 6.31 -84.12 7.52
C LEU A 3750 5.18 -84.00 6.51
N CYS A 3751 5.15 -84.85 5.50
CA CYS A 3751 4.08 -84.82 4.50
C CYS A 3751 3.11 -85.97 4.74
N LEU A 3782 3.95 -85.68 16.25
CA LEU A 3782 4.85 -84.54 16.29
C LEU A 3782 4.17 -83.30 16.86
N THR A 3783 4.87 -82.60 17.73
CA THR A 3783 4.37 -81.32 18.23
C THR A 3783 4.61 -80.23 17.19
N THR A 3784 3.83 -79.15 17.30
CA THR A 3784 3.92 -78.08 16.33
C THR A 3784 5.30 -77.46 16.32
N GLN A 3785 5.87 -77.20 17.50
CA GLN A 3785 7.22 -76.65 17.55
C GLN A 3785 8.23 -77.63 17.00
N GLN A 3786 8.12 -78.91 17.37
CA GLN A 3786 9.00 -79.91 16.80
C GLN A 3786 8.82 -79.99 15.30
N ARG A 3787 7.57 -79.99 14.85
CA ARG A 3787 7.30 -80.03 13.43
C ARG A 3787 7.84 -78.78 12.76
N THR A 3788 7.63 -77.62 13.38
CA THR A 3788 8.17 -76.38 12.82
C THR A 3788 9.69 -76.40 12.84
N ALA A 3789 10.28 -76.83 13.96
CA ALA A 3789 11.73 -76.90 14.02
C ALA A 3789 12.27 -77.89 13.00
N ILE A 3790 11.63 -79.06 12.89
CA ILE A 3790 12.10 -80.07 11.96
C ILE A 3790 11.91 -79.60 10.53
N GLU A 3791 10.80 -78.91 10.25
CA GLU A 3791 10.59 -78.40 8.90
C GLU A 3791 11.66 -77.40 8.53
N ASN A 3792 11.94 -76.46 9.43
CA ASN A 3792 12.99 -75.48 9.16
C ASN A 3792 14.33 -76.16 8.99
N ALA A 3793 14.64 -77.10 9.89
CA ALA A 3793 15.91 -77.82 9.79
C ALA A 3793 15.98 -78.63 8.51
N THR A 3794 14.87 -79.25 8.13
CA THR A 3794 14.86 -80.07 6.93
C THR A 3794 15.02 -79.23 5.67
N VAL A 3795 14.33 -78.09 5.59
CA VAL A 3795 14.51 -77.21 4.44
C VAL A 3795 15.96 -76.75 4.38
N ALA A 3796 16.49 -76.31 5.53
CA ALA A 3796 17.89 -75.93 5.58
C ALA A 3796 18.78 -77.12 5.27
N PHE A 3797 18.40 -78.29 5.80
CA PHE A 3797 19.19 -79.50 5.60
C PHE A 3797 19.29 -79.83 4.11
N PHE A 3798 18.16 -79.80 3.41
CA PHE A 3798 18.18 -80.08 1.97
C PHE A 3798 18.88 -78.96 1.21
N LEU A 3799 18.66 -77.72 1.63
CA LEU A 3799 19.30 -76.59 0.96
C LEU A 3799 20.82 -76.70 1.05
N GLN A 3800 21.33 -77.12 2.20
CA GLN A 3800 22.76 -77.33 2.35
C GLN A 3800 23.24 -78.50 1.50
N CYS A 3801 22.46 -79.57 1.45
CA CYS A 3801 22.89 -80.77 0.73
C CYS A 3801 23.08 -80.50 -0.76
N ILE A 3802 22.15 -79.78 -1.38
CA ILE A 3802 22.24 -79.52 -2.82
C ILE A 3802 22.93 -78.20 -3.14
N SER A 3803 23.43 -77.48 -2.13
CA SER A 3803 24.05 -76.18 -2.38
C SER A 3803 25.25 -76.34 -3.29
N CYS A 3804 25.13 -75.85 -4.53
CA CYS A 3804 26.21 -75.91 -5.51
C CYS A 3804 26.74 -77.33 -5.67
N HIS A 3805 25.83 -78.31 -5.60
CA HIS A 3805 26.16 -79.73 -5.75
C HIS A 3805 25.27 -80.30 -6.83
N PRO A 3806 25.74 -80.31 -8.08
CA PRO A 3806 24.86 -80.79 -9.17
C PRO A 3806 24.31 -82.19 -8.95
N ASN A 3807 25.12 -83.11 -8.43
CA ASN A 3807 24.66 -84.48 -8.25
C ASN A 3807 23.51 -84.55 -7.26
N ASN A 3808 23.65 -83.87 -6.11
CA ASN A 3808 22.58 -83.87 -5.13
C ASN A 3808 21.37 -83.07 -5.61
N GLN A 3809 21.60 -82.07 -6.47
CA GLN A 3809 20.47 -81.36 -7.07
C GLN A 3809 19.64 -82.32 -7.92
N LYS A 3810 20.30 -83.15 -8.73
CA LYS A 3810 19.59 -84.16 -9.52
C LYS A 3810 18.87 -85.14 -8.61
N LEU A 3811 19.53 -85.61 -7.56
CA LEU A 3811 18.95 -86.60 -6.67
C LEU A 3811 17.68 -86.09 -6.00
N MET A 3812 17.70 -84.85 -5.52
CA MET A 3812 16.54 -84.35 -4.79
C MET A 3812 15.36 -84.13 -5.72
N ALA A 3813 15.62 -83.70 -6.95
CA ALA A 3813 14.53 -83.57 -7.92
C ALA A 3813 13.85 -84.92 -8.15
N GLN A 3814 14.63 -85.99 -8.23
CA GLN A 3814 14.05 -87.32 -8.38
C GLN A 3814 13.16 -87.68 -7.20
N VAL A 3815 13.61 -87.40 -5.96
CA VAL A 3815 12.79 -87.73 -4.80
C VAL A 3815 11.49 -86.93 -4.84
N LEU A 3816 11.56 -85.66 -5.21
CA LEU A 3816 10.36 -84.84 -5.29
C LEU A 3816 9.43 -85.37 -6.38
N CYS A 3817 9.99 -85.80 -7.51
CA CYS A 3817 9.17 -86.38 -8.56
C CYS A 3817 8.45 -87.62 -8.05
N GLU A 3818 9.15 -88.46 -7.29
CA GLU A 3818 8.52 -89.62 -6.69
C GLU A 3818 7.39 -89.23 -5.74
N LEU A 3819 7.60 -88.18 -4.94
CA LEU A 3819 6.55 -87.73 -4.03
C LEU A 3819 5.31 -87.32 -4.79
N PHE A 3820 5.47 -86.60 -5.91
CA PHE A 3820 4.32 -86.10 -6.65
C PHE A 3820 3.64 -87.19 -7.47
N GLN A 3821 4.36 -88.25 -7.84
CA GLN A 3821 3.76 -89.34 -8.58
C GLN A 3821 3.34 -90.47 -7.64
N ILE A 3835 -1.53 -80.42 -3.31
CA ILE A 3835 -0.25 -79.74 -3.24
C ILE A 3835 -0.36 -78.65 -2.19
N SER A 3836 -0.17 -79.03 -0.93
CA SER A 3836 -0.34 -78.08 0.17
C SER A 3836 0.44 -78.56 1.39
N GLY A 3837 0.67 -77.63 2.30
CA GLY A 3837 1.38 -77.90 3.55
C GLY A 3837 2.88 -77.78 3.46
N PHE A 3838 3.58 -78.73 4.10
CA PHE A 3838 5.04 -78.67 4.13
C PHE A 3838 5.64 -78.75 2.73
N ILE A 3839 5.06 -79.58 1.86
CA ILE A 3839 5.68 -79.81 0.56
C ILE A 3839 5.69 -78.52 -0.25
N ARG A 3840 4.62 -77.74 -0.18
CA ARG A 3840 4.58 -76.47 -0.90
C ARG A 3840 5.63 -75.50 -0.37
N ARG A 3841 5.73 -75.39 0.97
CA ARG A 3841 6.73 -74.52 1.56
C ARG A 3841 8.15 -74.96 1.20
N LEU A 3842 8.42 -76.26 1.26
CA LEU A 3842 9.76 -76.75 0.93
C LEU A 3842 10.11 -76.39 -0.51
N PHE A 3843 9.19 -76.60 -1.44
CA PHE A 3843 9.48 -76.29 -2.83
C PHE A 3843 9.76 -74.80 -3.00
N LEU A 3844 8.99 -73.95 -2.32
CA LEU A 3844 9.20 -72.52 -2.42
C LEU A 3844 10.57 -72.12 -1.90
N GLN A 3845 10.98 -72.66 -0.76
CA GLN A 3845 12.24 -72.26 -0.17
C GLN A 3845 13.42 -72.79 -0.97
N LEU A 3846 13.30 -73.98 -1.56
CA LEU A 3846 14.44 -74.67 -2.13
C LEU A 3846 14.64 -74.32 -3.61
N MET A 3847 13.57 -74.35 -4.39
CA MET A 3847 13.65 -74.09 -5.83
C MET A 3847 13.20 -72.67 -6.19
N LEU A 3848 12.18 -72.14 -5.52
CA LEU A 3848 11.68 -70.81 -5.83
C LEU A 3848 12.38 -69.71 -5.06
N GLU A 3849 13.60 -69.96 -4.60
CA GLU A 3849 14.47 -68.92 -4.06
C GLU A 3849 15.84 -69.08 -4.67
N ASP A 3850 16.50 -67.95 -4.94
CA ASP A 3850 17.80 -67.99 -5.58
C ASP A 3850 18.83 -68.65 -4.68
N GLU A 3851 19.69 -69.48 -5.26
CA GLU A 3851 20.73 -70.14 -4.49
C GLU A 3851 21.76 -69.12 -4.01
N LYS A 3852 22.17 -69.27 -2.75
CA LYS A 3852 23.15 -68.40 -2.14
C LYS A 3852 24.44 -69.16 -1.93
N VAL A 3853 25.54 -68.58 -2.35
CA VAL A 3853 26.86 -69.20 -2.21
C VAL A 3853 27.71 -68.33 -1.29
N THR A 3854 28.60 -68.97 -0.54
CA THR A 3854 29.53 -68.28 0.34
C THR A 3854 30.79 -67.95 -0.45
N MET A 3855 31.14 -66.67 -0.48
CA MET A 3855 32.32 -66.19 -1.18
C MET A 3855 33.38 -65.80 -0.16
N PHE A 3856 34.59 -66.32 -0.32
CA PHE A 3856 35.72 -66.01 0.53
C PHE A 3856 36.71 -65.19 -0.28
N LEU A 3857 36.83 -63.91 0.06
CA LEU A 3857 37.71 -63.00 -0.64
C LEU A 3857 38.94 -62.74 0.22
N GLN A 3858 40.11 -62.96 -0.36
CA GLN A 3858 41.37 -62.58 0.28
C GLN A 3858 41.95 -61.39 -0.46
N SER A 3859 42.66 -60.55 0.26
CA SER A 3859 43.33 -59.41 -0.34
C SER A 3859 44.68 -59.18 0.34
N PRO A 3860 45.66 -58.64 -0.39
CA PRO A 3860 46.90 -58.21 0.25
C PRO A 3860 46.76 -56.90 1.00
N CYS A 3861 45.63 -56.21 0.87
CA CYS A 3861 45.37 -54.95 1.53
C CYS A 3861 44.03 -55.03 2.25
N PRO A 3862 43.86 -54.27 3.32
CA PRO A 3862 42.60 -54.35 4.07
C PRO A 3862 41.42 -53.93 3.21
N LEU A 3863 40.27 -54.56 3.47
CA LEU A 3863 39.02 -54.23 2.79
C LEU A 3863 38.10 -53.60 3.82
N TYR A 3864 38.06 -52.26 3.82
CA TYR A 3864 37.34 -51.51 4.83
C TYR A 3864 35.89 -51.25 4.46
N LYS A 3865 35.57 -51.21 3.17
CA LYS A 3865 34.22 -50.87 2.76
C LYS A 3865 33.22 -51.88 3.29
N GLY A 3866 32.07 -51.38 3.73
CA GLY A 3866 31.00 -52.21 4.22
C GLY A 3866 31.09 -52.56 5.69
N ARG A 3867 32.09 -52.03 6.40
CA ARG A 3867 32.33 -52.36 7.80
C ARG A 3867 31.99 -51.18 8.68
N ILE A 3868 31.64 -51.48 9.93
CA ILE A 3868 31.22 -50.47 10.90
C ILE A 3868 32.23 -50.47 12.04
N ASN A 3869 32.59 -49.28 12.52
CA ASN A 3869 33.59 -49.17 13.57
C ASN A 3869 33.11 -49.83 14.86
N ALA A 3870 31.80 -49.91 15.05
CA ALA A 3870 31.25 -50.54 16.24
C ALA A 3870 31.53 -52.05 16.20
N THR A 3871 31.48 -52.66 17.39
CA THR A 3871 31.81 -54.07 17.52
C THR A 3871 30.75 -54.94 16.85
N SER A 3872 31.20 -55.92 16.06
CA SER A 3872 30.34 -56.91 15.44
C SER A 3872 31.00 -58.27 15.59
N HIS A 3873 30.27 -59.24 16.14
CA HIS A 3873 30.82 -60.57 16.39
C HIS A 3873 30.41 -61.48 15.23
N VAL A 3874 31.29 -61.57 14.24
CA VAL A 3874 31.09 -62.45 13.09
C VAL A 3874 32.00 -63.65 13.30
N ILE A 3875 31.44 -64.71 13.90
CA ILE A 3875 32.20 -65.92 14.20
C ILE A 3875 32.00 -66.89 13.04
N GLN A 3876 32.92 -66.86 12.09
CA GLN A 3876 32.93 -67.80 10.97
C GLN A 3876 34.03 -68.83 11.20
N HIS A 3877 34.15 -69.74 10.25
CA HIS A 3877 35.21 -70.73 10.34
C HIS A 3877 36.57 -70.04 10.23
N PRO A 3878 37.54 -70.41 11.06
CA PRO A 3878 38.82 -69.68 11.05
C PRO A 3878 39.51 -69.66 9.70
N MET A 3879 39.25 -70.63 8.83
CA MET A 3879 39.89 -70.61 7.52
C MET A 3879 39.45 -69.40 6.70
N TYR A 3880 38.35 -68.77 7.06
CA TYR A 3880 37.93 -67.53 6.41
C TYR A 3880 38.64 -66.31 6.99
N GLY A 3881 39.58 -66.53 7.90
CA GLY A 3881 40.42 -65.47 8.42
C GLY A 3881 39.69 -64.52 9.35
N ALA A 3882 40.38 -63.41 9.65
CA ALA A 3882 39.84 -62.36 10.49
C ALA A 3882 40.55 -61.07 10.13
N GLY A 3883 39.95 -59.95 10.52
CA GLY A 3883 40.54 -58.66 10.25
C GLY A 3883 40.03 -58.06 8.96
N HIS A 3884 40.80 -57.10 8.46
CA HIS A 3884 40.41 -56.30 7.31
C HIS A 3884 40.82 -56.91 5.98
N LYS A 3885 41.71 -57.89 5.97
CA LYS A 3885 42.18 -58.46 4.71
C LYS A 3885 41.36 -59.65 4.25
N PHE A 3886 40.36 -60.06 5.02
CA PHE A 3886 39.49 -61.18 4.66
C PHE A 3886 38.05 -60.74 4.78
N ARG A 3887 37.22 -61.19 3.83
CA ARG A 3887 35.80 -60.94 3.90
C ARG A 3887 35.07 -62.18 3.40
N THR A 3888 33.92 -62.46 4.02
CA THR A 3888 33.08 -63.59 3.64
C THR A 3888 31.65 -63.10 3.46
N LEU A 3889 31.08 -63.38 2.29
CA LEU A 3889 29.75 -62.94 1.93
C LEU A 3889 28.88 -64.15 1.61
N HIS A 3890 27.58 -64.02 1.86
CA HIS A 3890 26.59 -65.04 1.51
C HIS A 3890 25.66 -64.42 0.47
N LEU A 3891 25.97 -64.65 -0.80
CA LEU A 3891 25.35 -63.94 -1.90
C LEU A 3891 24.61 -64.88 -2.85
N PRO A 3892 23.51 -64.43 -3.46
CA PRO A 3892 22.85 -65.25 -4.48
C PRO A 3892 23.79 -65.54 -5.65
N VAL A 3893 23.68 -66.75 -6.19
CA VAL A 3893 24.55 -67.17 -7.29
C VAL A 3893 24.37 -66.32 -8.53
N SER A 3894 23.28 -65.57 -8.64
CA SER A 3894 23.09 -64.67 -9.78
C SER A 3894 23.86 -63.37 -9.63
N THR A 3895 24.39 -63.07 -8.45
CA THR A 3895 25.07 -61.81 -8.22
C THR A 3895 26.27 -61.68 -9.14
N THR A 3896 26.39 -60.51 -9.78
CA THR A 3896 27.53 -60.23 -10.63
C THR A 3896 28.74 -59.83 -9.80
N LEU A 3897 29.93 -60.17 -10.32
CA LEU A 3897 31.16 -59.85 -9.61
C LEU A 3897 31.30 -58.37 -9.30
N SER A 3898 30.76 -57.51 -10.16
CA SER A 3898 30.82 -56.08 -9.90
C SER A 3898 30.08 -55.72 -8.62
N ASP A 3899 28.94 -56.34 -8.37
CA ASP A 3899 28.23 -56.10 -7.12
C ASP A 3899 29.04 -56.58 -5.93
N VAL A 3900 29.69 -57.72 -6.06
CA VAL A 3900 30.54 -58.23 -5.00
C VAL A 3900 31.63 -57.23 -4.65
N LEU A 3901 32.31 -56.70 -5.68
CA LEU A 3901 33.40 -55.76 -5.45
C LEU A 3901 32.92 -54.50 -4.74
N ASP A 3902 31.75 -53.99 -5.11
CA ASP A 3902 31.24 -52.80 -4.44
C ASP A 3902 30.98 -53.03 -2.96
N ARG A 3903 30.74 -54.28 -2.55
CA ARG A 3903 30.57 -54.56 -1.14
C ARG A 3903 31.88 -54.51 -0.36
N VAL A 3904 33.03 -54.53 -1.05
CA VAL A 3904 34.33 -54.52 -0.36
C VAL A 3904 35.20 -53.40 -0.89
N SER A 3905 34.81 -52.78 -1.99
CA SER A 3905 35.59 -51.68 -2.56
C SER A 3905 34.76 -50.85 -3.53
N VAL A 3995 42.94 -50.10 -10.71
CA VAL A 3995 41.95 -51.08 -11.15
C VAL A 3995 42.10 -52.35 -10.33
N PHE A 3996 40.97 -52.86 -9.82
CA PHE A 3996 40.95 -54.09 -9.03
C PHE A 3996 40.45 -55.26 -9.86
N HIS A 3997 41.17 -56.37 -9.78
CA HIS A 3997 40.88 -57.59 -10.54
C HIS A 3997 40.72 -58.76 -9.58
N LEU A 3998 39.69 -59.57 -9.79
CA LEU A 3998 39.45 -60.75 -8.97
C LEU A 3998 40.12 -61.97 -9.58
N PHE A 3999 40.79 -62.75 -8.74
CA PHE A 3999 41.48 -63.96 -9.15
C PHE A 3999 41.01 -65.14 -8.30
N HIS A 4000 41.10 -66.34 -8.89
CA HIS A 4000 40.92 -67.59 -8.18
C HIS A 4000 42.15 -68.46 -8.39
N LYS A 4001 42.48 -69.25 -7.36
CA LYS A 4001 43.69 -70.07 -7.44
C LYS A 4001 43.59 -71.09 -8.56
N LEU A 4002 42.42 -71.68 -8.76
CA LEU A 4002 42.24 -72.62 -9.85
C LEU A 4002 42.46 -71.96 -11.20
N LEU A 4003 41.92 -70.76 -11.39
CA LEU A 4003 42.16 -69.97 -12.59
C LEU A 4003 43.35 -69.04 -12.37
N ALA A 4004 44.53 -69.65 -12.22
CA ALA A 4004 45.72 -68.88 -11.90
C ALA A 4004 46.06 -67.92 -13.03
N GLY A 4005 46.42 -66.70 -12.66
CA GLY A 4005 46.88 -65.72 -13.62
C GLY A 4005 45.94 -65.38 -14.75
N GLN A 4006 44.66 -65.17 -14.43
CA GLN A 4006 43.67 -64.81 -15.43
C GLN A 4006 42.62 -63.94 -14.76
N PRO A 4007 42.62 -62.63 -14.99
CA PRO A 4007 41.60 -61.78 -14.36
C PRO A 4007 40.19 -62.22 -14.72
N LEU A 4008 39.31 -62.25 -13.71
CA LEU A 4008 37.93 -62.64 -13.97
C LEU A 4008 37.12 -61.42 -14.39
N PRO A 4009 36.35 -61.49 -15.47
CA PRO A 4009 35.47 -60.37 -15.80
C PRO A 4009 34.47 -60.11 -14.68
N ALA A 4010 34.18 -58.83 -14.45
CA ALA A 4010 33.35 -58.44 -13.31
C ALA A 4010 31.89 -58.78 -13.52
N GLU A 4011 31.51 -59.17 -14.74
CA GLU A 4011 30.11 -59.48 -15.05
C GLU A 4011 29.89 -60.97 -15.27
N MET A 4012 30.81 -61.81 -14.80
CA MET A 4012 30.69 -63.24 -15.05
C MET A 4012 29.49 -63.82 -14.31
N THR A 4013 29.25 -63.36 -13.08
CA THR A 4013 28.22 -63.92 -12.19
C THR A 4013 28.73 -65.22 -11.58
N LEU A 4014 28.29 -65.51 -10.35
CA LEU A 4014 28.87 -66.62 -9.61
C LEU A 4014 28.45 -67.96 -10.19
N ALA A 4015 27.25 -68.03 -10.79
CA ALA A 4015 26.82 -69.28 -11.40
C ALA A 4015 27.73 -69.67 -12.57
N GLN A 4016 28.05 -68.71 -13.42
CA GLN A 4016 28.95 -68.99 -14.55
C GLN A 4016 30.34 -69.35 -14.06
N LEU A 4017 30.84 -68.65 -13.04
CA LEU A 4017 32.14 -68.97 -12.46
C LEU A 4017 32.15 -70.37 -11.87
N LEU A 4018 31.05 -70.78 -11.23
CA LEU A 4018 30.99 -72.13 -10.68
C LEU A 4018 31.15 -73.18 -11.77
N THR A 4019 30.55 -72.94 -12.94
CA THR A 4019 30.73 -73.86 -14.05
C THR A 4019 32.21 -74.04 -14.37
N LEU A 4020 32.93 -72.93 -14.52
CA LEU A 4020 34.36 -73.02 -14.83
C LEU A 4020 35.11 -73.78 -13.75
N LEU A 4021 34.88 -73.45 -12.48
CA LEU A 4021 35.67 -74.04 -11.42
C LEU A 4021 35.42 -75.55 -11.35
N TYR A 4022 34.17 -75.97 -11.51
CA TYR A 4022 33.90 -77.39 -11.58
C TYR A 4022 34.48 -77.97 -12.87
N ASP A 4023 34.38 -77.23 -13.98
CA ASP A 4023 35.07 -77.63 -15.20
C ASP A 4023 36.58 -77.60 -15.02
N ARG A 4024 37.07 -76.77 -14.12
CA ARG A 4024 38.49 -76.71 -13.78
C ARG A 4024 38.82 -77.60 -12.59
N LYS A 4025 37.97 -78.60 -12.32
CA LYS A 4025 38.20 -79.65 -11.34
C LYS A 4025 38.04 -79.18 -9.90
N LEU A 4026 37.29 -78.11 -9.67
CA LEU A 4026 36.94 -77.75 -8.30
C LEU A 4026 36.01 -78.81 -7.71
N PRO A 4027 36.33 -79.37 -6.54
CA PRO A 4027 35.46 -80.41 -5.98
C PRO A 4027 34.04 -79.88 -5.88
N GLN A 4028 33.08 -80.72 -6.29
CA GLN A 4028 31.69 -80.29 -6.28
C GLN A 4028 31.19 -80.10 -4.86
N GLY A 4029 30.47 -79.00 -4.64
CA GLY A 4029 29.98 -78.66 -3.32
C GLY A 4029 31.01 -78.11 -2.35
N TYR A 4030 32.19 -77.71 -2.80
CA TYR A 4030 33.17 -77.18 -1.87
C TYR A 4030 32.59 -75.92 -1.21
N ARG A 4031 32.89 -75.76 0.08
CA ARG A 4031 32.12 -74.84 0.91
C ARG A 4031 32.08 -73.42 0.34
N SER A 4032 33.18 -72.94 -0.23
CA SER A 4032 33.22 -71.54 -0.64
C SER A 4032 34.13 -71.34 -1.84
N ILE A 4033 33.86 -70.26 -2.56
CA ILE A 4033 34.69 -69.80 -3.68
C ILE A 4033 35.77 -68.87 -3.13
N ASP A 4034 37.02 -69.32 -3.18
CA ASP A 4034 38.13 -68.55 -2.62
C ASP A 4034 38.76 -67.70 -3.72
N LEU A 4035 38.53 -66.39 -3.68
CA LEU A 4035 39.09 -65.46 -4.64
C LEU A 4035 40.14 -64.56 -3.99
N THR A 4036 41.00 -64.00 -4.82
CA THR A 4036 42.05 -63.08 -4.41
C THR A 4036 41.77 -61.72 -5.02
N VAL A 4037 41.77 -60.68 -4.18
CA VAL A 4037 41.49 -59.32 -4.62
C VAL A 4037 42.81 -58.60 -4.78
N LYS A 4038 43.33 -58.55 -6.00
CA LYS A 4038 44.59 -57.90 -6.31
C LYS A 4038 44.31 -56.68 -7.19
N LEU A 4039 45.37 -55.93 -7.48
CA LEU A 4039 45.25 -54.77 -8.35
C LEU A 4039 46.57 -54.42 -9.03
N LEU A 4092 34.23 -65.46 -22.77
CA LEU A 4092 33.58 -66.32 -21.79
C LEU A 4092 32.19 -65.81 -21.43
N LEU A 4093 31.82 -64.66 -22.01
CA LEU A 4093 30.52 -64.08 -21.70
C LEU A 4093 29.38 -65.01 -22.10
N GLU A 4094 29.61 -65.83 -23.12
CA GLU A 4094 28.61 -66.81 -23.55
C GLU A 4094 28.46 -67.97 -22.58
N THR A 4095 29.32 -68.09 -21.56
CA THR A 4095 29.27 -69.26 -20.69
C THR A 4095 27.90 -69.41 -20.04
N CYS A 4096 27.41 -70.65 -20.06
CA CYS A 4096 26.13 -70.94 -19.44
C CYS A 4096 26.26 -70.97 -17.92
N PRO A 4097 25.28 -70.42 -17.20
CA PRO A 4097 25.27 -70.56 -15.74
C PRO A 4097 25.06 -72.01 -15.33
N ILE A 4098 25.58 -72.35 -14.16
CA ILE A 4098 25.37 -73.71 -13.65
C ILE A 4098 23.89 -73.95 -13.54
N GLN A 4099 23.47 -75.18 -13.81
CA GLN A 4099 22.05 -75.49 -13.78
C GLN A 4099 21.54 -75.35 -12.35
N SER A 4100 20.48 -74.56 -12.20
CA SER A 4100 19.88 -74.38 -10.88
C SER A 4100 19.08 -75.61 -10.50
N PRO A 4101 18.82 -75.81 -9.21
CA PRO A 4101 17.99 -76.95 -8.81
C PRO A 4101 16.62 -76.94 -9.46
N LEU A 4102 16.01 -75.76 -9.62
CA LEU A 4102 14.72 -75.69 -10.31
C LEU A 4102 14.84 -76.14 -11.76
N GLN A 4103 15.93 -75.78 -12.43
CA GLN A 4103 16.10 -76.16 -13.83
C GLN A 4103 16.19 -77.67 -14.01
N VAL A 4104 16.91 -78.35 -13.12
CA VAL A 4104 17.00 -79.81 -13.22
C VAL A 4104 15.62 -80.43 -13.00
N PHE A 4105 14.91 -80.00 -11.96
CA PHE A 4105 13.60 -80.55 -11.68
C PHE A 4105 12.65 -80.34 -12.84
N ALA A 4106 12.69 -79.15 -13.45
CA ALA A 4106 11.81 -78.82 -14.57
C ALA A 4106 12.21 -79.57 -15.83
N GLY A 4107 13.52 -79.69 -16.08
CA GLY A 4107 14.01 -80.38 -17.26
C GLY A 4107 13.55 -81.81 -17.38
N MET A 4108 13.11 -82.43 -16.28
CA MET A 4108 12.47 -83.73 -16.33
C MET A 4108 10.95 -83.65 -16.42
N GLY A 4109 10.39 -82.47 -16.66
CA GLY A 4109 8.96 -82.37 -16.80
C GLY A 4109 8.20 -82.32 -15.49
N GLY A 4110 8.90 -82.04 -14.38
CA GLY A 4110 8.25 -82.03 -13.08
C GLY A 4110 7.19 -80.96 -12.96
N LEU A 4111 7.38 -79.83 -13.64
CA LEU A 4111 6.48 -78.70 -13.48
C LEU A 4111 5.09 -79.03 -14.01
N ALA A 4112 5.01 -79.89 -15.03
CA ALA A 4112 3.71 -80.38 -15.49
C ALA A 4112 2.97 -81.10 -14.36
N LEU A 4113 3.69 -81.86 -13.55
CA LEU A 4113 3.04 -82.56 -12.44
C LEU A 4113 2.41 -81.58 -11.46
N ILE A 4114 3.10 -80.48 -11.16
CA ILE A 4114 2.52 -79.45 -10.29
C ILE A 4114 1.26 -78.88 -10.92
N ALA A 4115 1.33 -78.55 -12.22
CA ALA A 4115 0.21 -77.91 -12.89
C ALA A 4115 -1.04 -78.76 -12.83
N GLU A 4116 -0.88 -80.09 -12.83
CA GLU A 4116 -2.02 -80.98 -12.67
C GLU A 4116 -2.57 -80.92 -11.25
N ARG A 4117 -1.89 -80.24 -10.34
CA ARG A 4117 -2.32 -80.10 -8.96
C ARG A 4117 -2.65 -78.65 -8.60
N LEU A 4118 -2.43 -77.71 -9.51
CA LEU A 4118 -2.69 -76.30 -9.25
C LEU A 4118 -4.14 -76.08 -8.87
N PRO A 4183 -1.25 -55.01 -12.08
CA PRO A 4183 -1.92 -56.21 -11.55
C PRO A 4183 -2.05 -57.31 -12.60
N ILE A 4184 -1.92 -58.56 -12.16
CA ILE A 4184 -2.07 -59.71 -13.05
C ILE A 4184 -3.55 -60.05 -13.23
N PRO A 4185 -4.06 -60.07 -14.46
CA PRO A 4185 -5.45 -60.51 -14.67
C PRO A 4185 -5.64 -61.94 -14.20
N ALA A 4186 -6.82 -62.22 -13.63
CA ALA A 4186 -7.11 -63.57 -13.18
C ALA A 4186 -7.05 -64.57 -14.33
N HIS A 4187 -7.50 -64.16 -15.52
CA HIS A 4187 -7.45 -65.05 -16.68
C HIS A 4187 -6.00 -65.40 -17.03
N SER A 4188 -5.08 -64.44 -16.87
CA SER A 4188 -3.68 -64.70 -17.17
C SER A 4188 -3.13 -65.81 -16.30
N LEU A 4189 -3.44 -65.78 -15.00
CA LEU A 4189 -2.92 -66.79 -14.09
C LEU A 4189 -3.48 -68.17 -14.43
N ALA A 4190 -4.77 -68.24 -14.75
CA ALA A 4190 -5.37 -69.53 -15.12
C ALA A 4190 -4.70 -70.10 -16.37
N ALA A 4191 -4.44 -69.25 -17.35
CA ALA A 4191 -3.79 -69.73 -18.57
C ALA A 4191 -2.40 -70.28 -18.28
N PHE A 4192 -1.63 -69.63 -17.41
CA PHE A 4192 -0.32 -70.14 -17.06
C PHE A 4192 -0.42 -71.51 -16.40
N GLY A 4193 -1.35 -71.68 -15.48
CA GLY A 4193 -1.51 -72.97 -14.85
C GLY A 4193 -1.85 -74.05 -15.85
N LEU A 4194 -2.70 -73.71 -16.83
CA LEU A 4194 -3.06 -74.66 -17.87
C LEU A 4194 -1.88 -74.98 -18.78
N PHE A 4195 -1.13 -73.95 -19.19
CA PHE A 4195 -0.01 -74.17 -20.12
C PHE A 4195 1.11 -74.98 -19.48
N LEU A 4196 1.28 -74.87 -18.16
CA LEU A 4196 2.35 -75.60 -17.49
C LEU A 4196 2.21 -77.10 -17.63
N ARG A 4197 1.01 -77.59 -17.96
CA ARG A 4197 0.77 -79.01 -18.15
C ARG A 4197 1.18 -79.48 -19.54
N LEU A 4198 1.56 -78.57 -20.43
CA LEU A 4198 1.87 -78.97 -21.80
C LEU A 4198 3.28 -79.55 -21.89
N PRO A 4199 3.51 -80.56 -22.72
CA PRO A 4199 4.86 -81.11 -22.86
C PRO A 4199 5.82 -80.08 -23.44
N GLY A 4200 6.94 -79.88 -22.76
CA GLY A 4200 7.97 -78.97 -23.22
C GLY A 4200 7.71 -77.51 -22.93
N TYR A 4201 6.53 -77.16 -22.44
CA TYR A 4201 6.23 -75.77 -22.12
C TYR A 4201 7.15 -75.25 -21.01
N ALA A 4202 7.41 -76.08 -20.00
CA ALA A 4202 8.28 -75.65 -18.90
C ALA A 4202 9.68 -75.33 -19.39
N GLU A 4203 10.20 -76.14 -20.33
CA GLU A 4203 11.56 -75.89 -20.83
C GLU A 4203 11.65 -74.53 -21.52
N VAL A 4204 10.63 -74.19 -22.32
CA VAL A 4204 10.62 -72.89 -22.98
C VAL A 4204 10.45 -71.78 -21.95
N LEU A 4205 9.65 -72.03 -20.91
CA LEU A 4205 9.41 -71.01 -19.89
C LEU A 4205 10.70 -70.59 -19.20
N LEU A 4206 11.55 -71.55 -18.85
CA LEU A 4206 12.75 -71.25 -18.06
C LEU A 4206 13.86 -70.60 -18.87
N LYS A 4207 13.59 -70.18 -20.11
CA LYS A 4207 14.58 -69.40 -20.85
C LYS A 4207 14.69 -67.98 -20.32
N GLU A 4208 13.66 -67.50 -19.64
CA GLU A 4208 13.67 -66.23 -18.91
C GLU A 4208 13.50 -66.60 -17.43
N ARG A 4209 14.64 -66.83 -16.78
CA ARG A 4209 14.64 -67.47 -15.47
C ARG A 4209 13.91 -66.64 -14.41
N LYS A 4210 14.16 -65.34 -14.37
CA LYS A 4210 13.57 -64.53 -13.30
C LYS A 4210 12.06 -64.37 -13.50
N HIS A 4211 11.64 -64.04 -14.72
CA HIS A 4211 10.21 -63.87 -14.98
C HIS A 4211 9.47 -65.19 -14.78
N ALA A 4212 10.07 -66.30 -15.22
CA ALA A 4212 9.46 -67.60 -14.99
C ALA A 4212 9.31 -67.89 -13.51
N GLN A 4213 10.33 -67.58 -12.71
CA GLN A 4213 10.25 -67.82 -11.28
C GLN A 4213 9.10 -67.04 -10.67
N CYS A 4214 8.91 -65.79 -11.10
CA CYS A 4214 7.79 -65.01 -10.59
C CYS A 4214 6.45 -65.68 -10.92
N LEU A 4215 6.30 -66.17 -12.15
CA LEU A 4215 5.05 -66.80 -12.55
C LEU A 4215 4.77 -68.04 -11.70
N LEU A 4216 5.79 -68.88 -11.49
CA LEU A 4216 5.59 -70.09 -10.68
C LEU A 4216 5.18 -69.73 -9.26
N ARG A 4217 5.79 -68.69 -8.70
CA ARG A 4217 5.41 -68.23 -7.37
C ARG A 4217 3.99 -67.70 -7.35
N LEU A 4218 3.56 -67.03 -8.41
CA LEU A 4218 2.22 -66.45 -8.44
C LEU A 4218 1.16 -67.53 -8.33
N VAL A 4219 1.31 -68.63 -9.08
CA VAL A 4219 0.31 -69.70 -9.05
C VAL A 4219 0.32 -70.48 -7.74
N LEU A 4220 1.40 -70.42 -6.96
CA LEU A 4220 1.45 -71.14 -5.69
C LEU A 4220 0.86 -70.34 -4.53
N GLY A 4221 0.05 -69.33 -4.82
CA GLY A 4221 -0.61 -68.59 -3.76
C GLY A 4221 0.32 -67.69 -2.98
N VAL A 4222 1.46 -67.33 -3.55
CA VAL A 4222 2.44 -66.47 -2.90
C VAL A 4222 2.62 -65.24 -3.77
N THR A 4223 2.46 -64.06 -3.16
CA THR A 4223 2.65 -62.80 -3.88
C THR A 4223 4.05 -62.23 -3.75
N ASP A 4224 4.83 -62.67 -2.77
CA ASP A 4224 6.17 -62.14 -2.54
C ASP A 4224 7.18 -62.93 -3.36
N ASP A 4225 8.18 -62.23 -3.87
CA ASP A 4225 9.23 -62.85 -4.68
C ASP A 4225 10.34 -63.43 -3.82
N GLY A 4226 10.09 -63.68 -2.54
CA GLY A 4226 11.03 -64.31 -1.64
C GLY A 4226 12.01 -63.38 -0.98
N GLU A 4227 12.03 -62.10 -1.34
CA GLU A 4227 12.85 -61.11 -0.68
C GLU A 4227 12.04 -59.90 -0.25
N GLY A 4228 10.74 -60.09 -0.01
CA GLY A 4228 9.88 -59.02 0.48
C GLY A 4228 9.39 -58.07 -0.57
N SER A 4229 9.71 -58.30 -1.84
CA SER A 4229 9.29 -57.43 -2.94
C SER A 4229 8.12 -58.06 -3.68
N HIS A 4230 7.04 -57.28 -3.84
CA HIS A 4230 5.88 -57.78 -4.55
C HIS A 4230 6.23 -58.09 -6.01
N ILE A 4231 5.73 -59.21 -6.50
CA ILE A 4231 6.07 -59.68 -7.84
C ILE A 4231 5.70 -58.64 -8.89
N LEU A 4232 4.54 -58.00 -8.72
CA LEU A 4232 4.07 -57.02 -9.69
C LEU A 4232 5.07 -55.90 -9.95
N GLN A 4233 5.84 -55.51 -8.93
CA GLN A 4233 6.81 -54.43 -9.03
C GLN A 4233 8.17 -54.86 -9.56
N SER A 4234 8.27 -56.05 -10.15
CA SER A 4234 9.58 -56.49 -10.61
C SER A 4234 9.90 -55.93 -11.99
N PRO A 4235 11.17 -55.97 -12.39
CA PRO A 4235 11.54 -55.44 -13.71
C PRO A 4235 10.79 -56.13 -14.83
N SER A 4236 10.35 -55.34 -15.81
CA SER A 4236 9.67 -55.85 -17.00
C SER A 4236 8.52 -56.76 -16.57
N ALA A 4237 7.71 -56.26 -15.65
CA ALA A 4237 6.50 -56.95 -15.21
C ALA A 4237 5.35 -56.81 -16.19
N ASN A 4238 5.42 -55.89 -17.16
CA ASN A 4238 4.33 -55.76 -18.10
C ASN A 4238 4.29 -56.91 -19.09
N VAL A 4239 5.40 -57.66 -19.22
CA VAL A 4239 5.39 -58.84 -20.07
C VAL A 4239 4.88 -60.06 -19.32
N LEU A 4240 4.81 -59.99 -17.98
CA LEU A 4240 4.33 -61.13 -17.21
C LEU A 4240 2.91 -61.54 -17.58
N PRO A 4241 1.93 -60.62 -17.67
CA PRO A 4241 0.56 -61.07 -17.94
C PRO A 4241 0.46 -61.86 -19.23
N THR A 4242 1.22 -61.47 -20.25
CA THR A 4242 1.20 -62.11 -21.55
C THR A 4242 2.39 -63.04 -21.73
N LEU A 4243 3.27 -63.14 -20.74
CA LEU A 4243 4.43 -64.01 -20.88
C LEU A 4243 4.01 -65.46 -21.08
N PRO A 4244 3.06 -66.01 -20.32
CA PRO A 4244 2.69 -67.42 -20.58
C PRO A 4244 2.18 -67.63 -22.00
N PHE A 4245 1.39 -66.69 -22.51
CA PHE A 4245 0.90 -66.83 -23.88
C PHE A 4245 2.02 -66.60 -24.88
N HIS A 4246 2.92 -65.66 -24.57
CA HIS A 4246 4.10 -65.46 -25.41
C HIS A 4246 5.01 -66.69 -25.38
N VAL A 4247 5.17 -67.29 -24.20
CA VAL A 4247 5.93 -68.53 -24.10
C VAL A 4247 5.25 -69.62 -24.90
N LEU A 4248 3.92 -69.68 -24.83
CA LEU A 4248 3.18 -70.67 -25.57
C LEU A 4248 3.37 -70.51 -27.07
N ARG A 4249 3.39 -69.27 -27.56
CA ARG A 4249 3.63 -69.07 -28.99
C ARG A 4249 5.01 -69.58 -29.38
N SER A 4250 6.02 -69.32 -28.55
CA SER A 4250 7.35 -69.85 -28.84
C SER A 4250 7.31 -71.37 -28.86
N LEU A 4251 6.57 -71.97 -27.93
CA LEU A 4251 6.43 -73.42 -27.94
C LEU A 4251 5.75 -73.89 -29.23
N PHE A 4252 4.60 -73.30 -29.55
CA PHE A 4252 3.85 -73.74 -30.74
C PHE A 4252 4.63 -73.46 -32.01
N SER A 4253 5.24 -72.26 -32.10
CA SER A 4253 5.93 -71.87 -33.32
C SER A 4253 7.11 -72.77 -33.63
N THR A 4254 7.79 -73.27 -32.60
CA THR A 4254 8.96 -74.13 -32.77
C THR A 4254 8.60 -75.60 -32.89
N THR A 4255 7.31 -75.93 -32.89
CA THR A 4255 6.83 -77.30 -33.01
C THR A 4255 6.00 -77.39 -34.29
N PRO A 4256 6.61 -77.77 -35.42
CA PRO A 4256 5.85 -77.82 -36.67
C PRO A 4256 4.91 -79.01 -36.72
N LEU A 4257 3.98 -78.96 -37.68
CA LEU A 4257 3.01 -80.04 -37.80
C LEU A 4257 3.68 -81.34 -38.19
N THR A 4258 4.73 -81.27 -39.01
CA THR A 4258 5.36 -82.48 -39.52
C THR A 4258 5.93 -83.31 -38.37
N THR A 4259 6.60 -82.66 -37.43
CA THR A 4259 7.18 -83.35 -36.29
C THR A 4259 6.08 -83.89 -35.39
N ASP A 4260 6.32 -85.08 -34.84
CA ASP A 4260 5.32 -85.71 -33.97
C ASP A 4260 4.97 -84.80 -32.79
N ASP A 4261 5.94 -84.08 -32.26
CA ASP A 4261 5.68 -83.21 -31.12
C ASP A 4261 4.61 -82.17 -31.45
N GLY A 4262 4.57 -81.69 -32.69
CA GLY A 4262 3.55 -80.72 -33.05
C GLY A 4262 2.16 -81.29 -32.92
N VAL A 4263 1.95 -82.50 -33.44
CA VAL A 4263 0.65 -83.14 -33.31
C VAL A 4263 0.33 -83.40 -31.84
N LEU A 4264 1.31 -83.92 -31.10
CA LEU A 4264 1.10 -84.17 -29.68
C LEU A 4264 0.80 -82.89 -28.93
N LEU A 4265 1.60 -81.85 -29.19
CA LEU A 4265 1.40 -80.56 -28.53
C LEU A 4265 0.05 -79.94 -28.90
N ARG A 4266 -0.28 -79.96 -30.19
CA ARG A 4266 -1.55 -79.40 -30.63
C ARG A 4266 -2.74 -80.14 -30.03
N ARG A 4267 -2.67 -81.48 -29.97
CA ARG A 4267 -3.81 -82.25 -29.48
C ARG A 4267 -4.07 -81.96 -28.00
N MET A 4268 -3.01 -81.92 -27.19
CA MET A 4268 -3.21 -81.62 -25.77
C MET A 4268 -3.67 -80.19 -25.55
N ALA A 4269 -3.20 -79.24 -26.35
CA ALA A 4269 -3.65 -77.86 -26.18
C ALA A 4269 -5.15 -77.73 -26.36
N LEU A 4270 -5.71 -78.36 -27.39
CA LEU A 4270 -7.16 -78.34 -27.56
C LEU A 4270 -7.84 -79.14 -26.45
N GLU A 4271 -7.28 -80.28 -26.06
CA GLU A 4271 -7.96 -81.16 -25.12
C GLU A 4271 -8.10 -80.49 -23.76
N ILE A 4272 -6.99 -79.96 -23.23
CA ILE A 4272 -7.02 -79.35 -21.91
C ILE A 4272 -7.94 -78.13 -21.89
N GLY A 4273 -8.07 -77.44 -23.01
CA GLY A 4273 -8.87 -76.24 -23.11
C GLY A 4273 -8.10 -74.95 -23.38
N ALA A 4274 -6.84 -75.03 -23.81
CA ALA A 4274 -6.07 -73.82 -24.08
C ALA A 4274 -6.69 -73.01 -25.21
N LEU A 4275 -7.08 -73.68 -26.29
CA LEU A 4275 -7.72 -72.98 -27.40
C LEU A 4275 -9.06 -72.38 -26.98
N HIS A 4276 -9.83 -73.10 -26.16
CA HIS A 4276 -11.12 -72.58 -25.70
C HIS A 4276 -10.92 -71.28 -24.92
N LEU A 4277 -9.95 -71.25 -24.01
CA LEU A 4277 -9.69 -70.04 -23.25
C LEU A 4277 -9.26 -68.89 -24.17
N ILE A 4278 -8.42 -69.21 -25.16
CA ILE A 4278 -7.96 -68.17 -26.10
C ILE A 4278 -9.15 -67.54 -26.80
N LEU A 4279 -10.09 -68.37 -27.26
CA LEU A 4279 -11.28 -67.85 -27.94
C LEU A 4279 -12.17 -67.08 -26.99
N VAL A 4280 -12.31 -67.57 -25.75
CA VAL A 4280 -13.10 -66.86 -24.75
C VAL A 4280 -12.46 -65.50 -24.45
N CYS A 4281 -11.13 -65.48 -24.32
CA CYS A 4281 -10.43 -64.22 -24.12
C CYS A 4281 -10.63 -63.31 -25.32
N LEU A 4282 -10.62 -63.89 -26.53
CA LEU A 4282 -10.87 -63.10 -27.73
C LEU A 4282 -12.28 -62.52 -27.72
N SER A 4283 -13.28 -63.32 -27.33
CA SER A 4283 -14.64 -62.82 -27.23
C SER A 4283 -14.74 -61.72 -26.19
N ALA A 4284 -14.10 -61.90 -25.03
CA ALA A 4284 -14.17 -60.91 -23.96
C ALA A 4284 -13.40 -59.65 -24.32
N LEU A 4285 -12.30 -59.76 -25.06
CA LEU A 4285 -11.42 -58.61 -25.29
C LEU A 4285 -11.85 -57.83 -26.53
N SER A 4286 -12.19 -58.52 -27.62
CA SER A 4286 -12.73 -57.83 -28.79
C SER A 4286 -14.18 -57.43 -28.60
N HIS A 4287 -14.84 -57.91 -27.55
CA HIS A 4287 -16.21 -57.57 -27.16
C HIS A 4287 -17.27 -58.17 -28.08
N HIS A 4288 -16.88 -58.90 -29.12
CA HIS A 4288 -17.85 -59.61 -29.93
C HIS A 4288 -18.25 -60.90 -29.20
N SER A 4289 -19.12 -61.68 -29.84
CA SER A 4289 -19.68 -62.88 -29.24
C SER A 4289 -19.57 -64.05 -30.19
N PRO A 4290 -19.65 -65.28 -29.68
CA PRO A 4290 -19.58 -66.45 -30.56
C PRO A 4290 -20.67 -66.40 -31.63
N ARG A 4291 -20.30 -66.80 -32.86
CA ARG A 4291 -21.26 -66.79 -33.95
C ARG A 4291 -22.36 -67.82 -33.78
N VAL A 4292 -22.19 -68.78 -32.88
CA VAL A 4292 -23.21 -69.80 -32.64
C VAL A 4292 -23.17 -70.22 -31.16
N ASP A 4336 -10.74 -41.79 -15.80
CA ASP A 4336 -11.88 -42.47 -16.41
C ASP A 4336 -11.68 -42.55 -17.92
N VAL A 4337 -11.75 -41.41 -18.61
CA VAL A 4337 -11.56 -41.40 -20.06
C VAL A 4337 -10.16 -41.91 -20.40
N GLU A 4338 -9.14 -41.39 -19.72
CA GLU A 4338 -7.78 -41.84 -19.97
C GLU A 4338 -7.59 -43.28 -19.53
N GLN A 4339 -8.30 -43.70 -18.49
CA GLN A 4339 -8.22 -45.09 -18.03
C GLN A 4339 -8.77 -46.06 -19.08
N ALA A 4340 -9.91 -45.72 -19.68
CA ALA A 4340 -10.47 -46.56 -20.73
C ALA A 4340 -9.55 -46.67 -21.94
N LEU A 4341 -8.86 -45.59 -22.31
CA LEU A 4341 -7.99 -45.64 -23.48
C LEU A 4341 -6.85 -46.64 -23.30
N THR A 4342 -6.22 -46.65 -22.12
CA THR A 4342 -5.12 -47.59 -21.91
C THR A 4342 -5.63 -49.03 -21.79
N LYS A 4343 -6.82 -49.23 -21.22
CA LYS A 4343 -7.42 -50.55 -21.23
C LYS A 4343 -7.66 -51.03 -22.65
N GLN A 4344 -8.17 -50.15 -23.52
CA GLN A 4344 -8.41 -50.56 -24.90
C GLN A 4344 -7.12 -50.96 -25.60
N ARG A 4345 -6.04 -50.21 -25.38
CA ARG A 4345 -4.77 -50.60 -25.98
C ARG A 4345 -4.30 -51.92 -25.41
N LEU A 4346 -4.45 -52.10 -24.09
CA LEU A 4346 -4.10 -53.36 -23.46
C LEU A 4346 -4.94 -54.50 -24.03
N GLU A 4347 -6.24 -54.26 -24.20
CA GLU A 4347 -7.11 -55.30 -24.78
C GLU A 4347 -6.69 -55.58 -26.21
N GLU A 4348 -6.31 -54.53 -26.95
CA GLU A 4348 -5.84 -54.68 -28.32
C GLU A 4348 -4.53 -55.46 -28.38
N GLU A 4349 -3.63 -55.21 -27.42
CA GLU A 4349 -2.38 -55.96 -27.37
C GLU A 4349 -2.62 -57.44 -27.14
N HIS A 4350 -3.57 -57.78 -26.26
CA HIS A 4350 -3.88 -59.19 -26.04
C HIS A 4350 -4.40 -59.85 -27.32
N VAL A 4351 -5.24 -59.14 -28.07
CA VAL A 4351 -5.71 -59.71 -29.33
C VAL A 4351 -4.53 -59.92 -30.27
N THR A 4352 -3.60 -58.97 -30.32
CA THR A 4352 -2.42 -59.13 -31.17
C THR A 4352 -1.64 -60.38 -30.78
N CYS A 4353 -1.36 -60.56 -29.48
CA CYS A 4353 -0.62 -61.73 -29.05
C CYS A 4353 -1.40 -63.00 -29.31
N LEU A 4354 -2.71 -62.97 -29.07
CA LEU A 4354 -3.53 -64.15 -29.32
C LEU A 4354 -3.55 -64.49 -30.80
N LEU A 4355 -3.64 -63.47 -31.66
CA LEU A 4355 -3.59 -63.72 -33.10
C LEU A 4355 -2.23 -64.32 -33.48
N GLN A 4356 -1.15 -63.81 -32.90
CA GLN A 4356 0.16 -64.40 -33.14
C GLN A 4356 0.21 -65.83 -32.62
N VAL A 4357 -0.41 -66.07 -31.45
CA VAL A 4357 -0.45 -67.42 -30.89
C VAL A 4357 -1.23 -68.34 -31.81
N LEU A 4358 -2.38 -67.87 -32.30
CA LEU A 4358 -3.17 -68.68 -33.22
C LEU A 4358 -2.39 -68.94 -34.50
N ALA A 4359 -1.71 -67.93 -35.03
CA ALA A 4359 -0.91 -68.12 -36.24
C ALA A 4359 0.20 -69.13 -36.02
N SER A 4360 0.92 -69.02 -34.90
CA SER A 4360 1.95 -70.00 -34.60
C SER A 4360 1.35 -71.38 -34.37
N TYR A 4361 0.24 -71.45 -33.64
CA TYR A 4361 -0.41 -72.74 -33.40
C TYR A 4361 -0.91 -73.35 -34.70
N ILE A 4362 -1.39 -72.52 -35.62
CA ILE A 4362 -1.89 -73.02 -36.90
C ILE A 4362 -0.73 -73.25 -37.87
N ASN A 4363 0.08 -72.21 -38.11
CA ASN A 4363 1.13 -72.24 -39.12
C ASN A 4363 2.45 -71.81 -38.48
N PRO A 4364 3.14 -72.72 -37.82
CA PRO A 4364 4.46 -72.38 -37.26
C PRO A 4364 5.47 -72.11 -38.38
N VAL A 4365 6.42 -71.22 -38.09
CA VAL A 4365 7.45 -70.88 -39.05
C VAL A 4365 8.64 -71.84 -38.90
N ALA A 4386 -3.31 -83.93 -38.42
CA ALA A 4386 -2.74 -82.59 -38.35
C ALA A 4386 -3.44 -81.77 -37.27
N LEU A 4387 -4.56 -81.14 -37.64
CA LEU A 4387 -5.34 -80.33 -36.72
C LEU A 4387 -6.63 -81.04 -36.32
N PRO A 4388 -7.10 -80.85 -35.08
CA PRO A 4388 -8.34 -81.50 -34.66
C PRO A 4388 -9.49 -81.15 -35.60
N SER A 4389 -10.30 -82.16 -35.92
CA SER A 4389 -11.42 -81.94 -36.83
C SER A 4389 -12.40 -80.93 -36.27
N VAL A 4390 -12.52 -80.84 -34.94
CA VAL A 4390 -13.40 -79.84 -34.34
C VAL A 4390 -12.80 -78.44 -34.36
N LEU A 4391 -11.57 -78.28 -34.86
CA LEU A 4391 -10.94 -76.96 -34.82
C LEU A 4391 -11.73 -75.95 -35.63
N LEU A 4392 -12.13 -76.33 -36.83
CA LEU A 4392 -12.92 -75.41 -37.66
C LEU A 4392 -14.27 -75.14 -37.02
N GLU A 4393 -14.93 -76.18 -36.51
CA GLU A 4393 -16.22 -75.98 -35.85
C GLU A 4393 -16.09 -75.08 -34.65
N LEU A 4394 -15.05 -75.28 -33.84
CA LEU A 4394 -14.83 -74.42 -32.69
C LEU A 4394 -14.58 -72.98 -33.14
N LEU A 4395 -13.67 -72.80 -34.09
CA LEU A 4395 -13.37 -71.46 -34.58
C LEU A 4395 -14.54 -70.85 -35.34
N SER A 4396 -15.43 -71.68 -35.88
CA SER A 4396 -16.60 -71.17 -36.55
C SER A 4396 -17.70 -70.79 -35.56
N GLN A 4397 -17.91 -71.64 -34.54
CA GLN A 4397 -18.84 -71.35 -33.46
C GLN A 4397 -18.31 -70.32 -32.49
N SER A 4398 -17.02 -69.96 -32.58
CA SER A 4398 -16.38 -69.02 -31.68
C SER A 4398 -16.64 -67.58 -32.14
N CYS A 4399 -16.03 -66.63 -31.41
CA CYS A 4399 -16.07 -65.23 -31.78
C CYS A 4399 -15.02 -64.87 -32.80
N LEU A 4400 -14.21 -65.84 -33.23
CA LEU A 4400 -13.06 -65.54 -34.09
C LEU A 4400 -13.52 -64.88 -35.38
N ILE A 4401 -14.57 -65.41 -35.99
CA ILE A 4401 -15.06 -64.84 -37.24
C ILE A 4401 -15.55 -63.41 -37.03
N PRO A 4402 -16.40 -63.12 -36.04
CA PRO A 4402 -16.78 -61.71 -35.81
C PRO A 4402 -15.60 -60.78 -35.56
N ALA A 4403 -14.62 -61.20 -34.75
CA ALA A 4403 -13.50 -60.33 -34.43
C ALA A 4403 -12.64 -60.05 -35.66
N MET A 4404 -12.27 -61.09 -36.40
CA MET A 4404 -11.45 -60.89 -37.59
C MET A 4404 -12.18 -60.05 -38.63
N SER A 4405 -13.47 -60.29 -38.82
CA SER A 4405 -14.23 -59.52 -39.79
C SER A 4405 -14.27 -58.04 -39.42
N SER A 4406 -14.44 -57.73 -38.14
CA SER A 4406 -14.49 -56.34 -37.71
C SER A 4406 -13.16 -55.64 -37.97
N TYR A 4407 -12.04 -56.28 -37.66
CA TYR A 4407 -10.74 -55.65 -37.93
C TYR A 4407 -10.50 -55.48 -39.43
N LEU A 4408 -11.01 -56.40 -40.25
CA LEU A 4408 -10.83 -56.27 -41.69
C LEU A 4408 -11.73 -55.21 -42.31
N ARG A 4409 -12.75 -54.76 -41.59
CA ARG A 4409 -13.68 -53.76 -42.11
C ARG A 4409 -13.19 -52.33 -41.83
N ASN A 4410 -11.97 -52.03 -42.26
CA ASN A 4410 -11.38 -50.71 -42.06
C ASN A 4410 -11.02 -50.11 -43.42
N ASP A 4411 -11.60 -48.96 -43.73
CA ASP A 4411 -11.36 -48.28 -45.00
C ASP A 4411 -10.41 -47.11 -44.88
N SER A 4412 -9.98 -46.77 -43.66
CA SER A 4412 -9.07 -45.65 -43.41
C SER A 4412 -7.69 -46.20 -43.08
N VAL A 4413 -6.73 -45.96 -43.97
CA VAL A 4413 -5.36 -46.40 -43.74
C VAL A 4413 -4.75 -45.68 -42.54
N LEU A 4414 -5.11 -44.40 -42.33
CA LEU A 4414 -4.62 -43.67 -41.18
C LEU A 4414 -5.06 -44.32 -39.88
N ASP A 4415 -6.32 -44.76 -39.80
CA ASP A 4415 -6.77 -45.50 -38.62
C ASP A 4415 -5.94 -46.75 -38.40
N MET A 4416 -5.64 -47.48 -39.47
CA MET A 4416 -4.75 -48.65 -39.37
C MET A 4416 -3.35 -48.28 -38.92
N ALA A 4417 -2.90 -47.06 -39.23
CA ALA A 4417 -1.53 -46.67 -38.89
C ALA A 4417 -1.30 -46.60 -37.39
N ARG A 4418 -2.32 -46.31 -36.59
CA ARG A 4418 -2.12 -46.26 -35.15
C ARG A 4418 -2.13 -47.64 -34.49
N HIS A 4419 -2.57 -48.68 -35.19
CA HIS A 4419 -2.60 -50.04 -34.66
C HIS A 4419 -1.97 -51.01 -35.64
N VAL A 4420 -0.82 -50.64 -36.20
CA VAL A 4420 -0.16 -51.49 -37.20
C VAL A 4420 0.13 -52.88 -36.65
N PRO A 4421 0.71 -53.04 -35.45
CA PRO A 4421 0.96 -54.40 -34.93
C PRO A 4421 -0.28 -55.27 -34.90
N LEU A 4422 -1.43 -54.72 -34.50
CA LEU A 4422 -2.64 -55.53 -34.42
C LEU A 4422 -3.02 -56.05 -35.79
N TYR A 4423 -2.94 -55.21 -36.82
CA TYR A 4423 -3.28 -55.65 -38.17
C TYR A 4423 -2.24 -56.61 -38.73
N ARG A 4424 -0.97 -56.41 -38.39
CA ARG A 4424 0.06 -57.35 -38.85
C ARG A 4424 -0.18 -58.74 -38.29
N ALA A 4425 -0.55 -58.84 -37.01
CA ALA A 4425 -0.86 -60.15 -36.45
C ALA A 4425 -2.08 -60.75 -37.14
N LEU A 4426 -3.09 -59.93 -37.42
CA LEU A 4426 -4.28 -60.41 -38.13
C LEU A 4426 -3.92 -60.91 -39.52
N LEU A 4427 -3.07 -60.18 -40.23
CA LEU A 4427 -2.67 -60.61 -41.58
C LEU A 4427 -1.85 -61.89 -41.53
N GLU A 4428 -0.99 -62.04 -40.51
CA GLU A 4428 -0.26 -63.28 -40.35
C GLU A 4428 -1.21 -64.44 -40.05
N LEU A 4429 -2.21 -64.22 -39.20
CA LEU A 4429 -3.18 -65.28 -38.92
C LEU A 4429 -3.96 -65.66 -40.16
N LEU A 4430 -4.37 -64.68 -40.97
CA LEU A 4430 -5.07 -65.01 -42.20
C LEU A 4430 -4.16 -65.78 -43.15
N ARG A 4431 -2.88 -65.40 -43.20
CA ARG A 4431 -1.92 -66.17 -43.99
C ARG A 4431 -1.79 -67.59 -43.46
N ALA A 4432 -1.71 -67.74 -42.13
CA ALA A 4432 -1.65 -69.08 -41.54
C ALA A 4432 -2.92 -69.87 -41.84
N ILE A 4433 -4.09 -69.23 -41.70
CA ILE A 4433 -5.35 -69.90 -41.99
C ILE A 4433 -5.43 -70.27 -43.46
N ALA A 4434 -5.02 -69.36 -44.34
CA ALA A 4434 -5.06 -69.63 -45.78
C ALA A 4434 -4.11 -70.75 -46.20
N SER A 4435 -3.13 -71.08 -45.37
CA SER A 4435 -2.20 -72.16 -45.68
C SER A 4435 -2.72 -73.53 -45.28
N CYS A 4436 -3.87 -73.61 -44.61
CA CYS A 4436 -4.47 -74.88 -44.22
C CYS A 4436 -5.84 -74.99 -44.87
N ALA A 4437 -5.92 -75.82 -45.91
CA ALA A 4437 -7.17 -75.96 -46.66
C ALA A 4437 -8.33 -76.38 -45.76
N ALA A 4438 -8.03 -77.07 -44.65
CA ALA A 4438 -9.09 -77.48 -43.74
C ALA A 4438 -9.55 -76.34 -42.83
N MET A 4439 -8.83 -75.22 -42.82
CA MET A 4439 -9.25 -74.04 -42.07
C MET A 4439 -9.69 -72.89 -42.97
N VAL A 4440 -9.42 -72.97 -44.27
CA VAL A 4440 -9.88 -71.97 -45.24
C VAL A 4440 -11.39 -71.76 -45.12
N PRO A 4441 -12.20 -72.83 -45.00
CA PRO A 4441 -13.66 -72.62 -44.92
C PRO A 4441 -14.08 -71.57 -43.90
N LEU A 4442 -13.20 -71.22 -42.96
CA LEU A 4442 -13.50 -70.13 -42.04
C LEU A 4442 -13.44 -68.76 -42.72
N LEU A 4443 -12.84 -68.67 -43.91
CA LEU A 4443 -12.69 -67.41 -44.61
C LEU A 4443 -13.75 -67.19 -45.68
N LEU A 4444 -14.09 -68.23 -46.44
CA LEU A 4444 -15.06 -68.11 -47.51
C LEU A 4444 -16.46 -67.81 -46.96
N PRO A 4445 -17.36 -67.31 -47.81
CA PRO A 4445 -18.69 -66.92 -47.33
C PRO A 4445 -19.30 -67.98 -46.41
N LEU A 4446 -20.10 -67.53 -45.46
CA LEU A 4446 -20.69 -68.40 -44.47
C LEU A 4446 -21.84 -69.21 -45.06
N THR A 4462 -19.80 -61.03 -48.09
CA THR A 4462 -18.93 -60.37 -47.13
C THR A 4462 -18.05 -61.40 -46.41
N SER A 4463 -17.33 -62.20 -47.20
CA SER A 4463 -16.44 -63.19 -46.64
C SER A 4463 -15.17 -62.52 -46.12
N VAL A 4464 -14.39 -63.27 -45.33
CA VAL A 4464 -13.15 -62.72 -44.80
C VAL A 4464 -12.14 -62.47 -45.92
N GLY A 4465 -12.05 -63.39 -46.88
CA GLY A 4465 -11.16 -63.17 -48.00
C GLY A 4465 -11.53 -61.96 -48.82
N THR A 4466 -12.82 -61.77 -49.06
CA THR A 4466 -13.30 -60.57 -49.75
C THR A 4466 -13.02 -59.31 -48.94
N LEU A 4467 -13.19 -59.37 -47.62
CA LEU A 4467 -12.92 -58.20 -46.78
C LEU A 4467 -11.46 -57.78 -46.88
N LEU A 4468 -10.54 -58.74 -46.95
CA LEU A 4468 -9.14 -58.41 -47.15
C LEU A 4468 -8.94 -57.65 -48.46
N ALA A 4469 -9.65 -58.07 -49.51
CA ALA A 4469 -9.56 -57.35 -50.79
C ALA A 4469 -10.04 -55.91 -50.64
N LYS A 4470 -11.13 -55.68 -49.90
CA LYS A 4470 -11.61 -54.31 -49.72
C LYS A 4470 -10.57 -53.45 -49.03
N MET A 4471 -9.93 -53.98 -47.99
CA MET A 4471 -8.86 -53.22 -47.34
C MET A 4471 -7.70 -53.02 -48.29
N LYS A 4472 -7.42 -54.03 -49.12
CA LYS A 4472 -6.37 -53.90 -50.14
C LYS A 4472 -6.69 -52.78 -51.13
N THR A 4473 -7.95 -52.67 -51.56
CA THR A 4473 -8.31 -51.61 -52.49
C THR A 4473 -8.04 -50.24 -51.88
N CYS A 4474 -8.36 -50.06 -50.59
CA CYS A 4474 -8.08 -48.79 -49.94
C CYS A 4474 -6.59 -48.49 -49.93
N VAL A 4475 -5.77 -49.49 -49.58
CA VAL A 4475 -4.32 -49.27 -49.52
C VAL A 4475 -3.73 -49.10 -50.91
N ASP A 4476 -4.18 -49.91 -51.88
CA ASP A 4476 -3.69 -49.75 -53.25
C ASP A 4476 -4.08 -48.40 -53.83
N THR A 4477 -5.33 -47.97 -53.60
CA THR A 4477 -5.74 -46.64 -54.04
C THR A 4477 -4.96 -45.57 -53.28
N TYR A 4478 -4.74 -45.79 -51.99
CA TYR A 4478 -3.96 -44.85 -51.19
C TYR A 4478 -2.53 -44.73 -51.72
N THR A 4479 -1.90 -45.86 -52.08
CA THR A 4479 -0.54 -45.81 -52.59
C THR A 4479 -0.48 -45.04 -53.90
N ASN A 4480 -1.47 -45.21 -54.77
CA ASN A 4480 -1.51 -44.42 -56.00
C ASN A 4480 -1.66 -42.94 -55.67
N ARG A 4481 -2.47 -42.62 -54.67
CA ARG A 4481 -2.61 -41.23 -54.23
C ARG A 4481 -1.28 -40.67 -53.73
N LEU A 4482 -0.52 -41.48 -52.99
CA LEU A 4482 0.79 -41.04 -52.55
C LEU A 4482 1.71 -40.72 -53.73
N ARG A 4483 1.69 -41.57 -54.76
CA ARG A 4483 2.50 -41.28 -55.95
C ARG A 4483 2.06 -39.98 -56.60
N SER A 4484 0.75 -39.77 -56.74
CA SER A 4484 0.27 -38.54 -57.35
C SER A 4484 0.67 -37.32 -56.52
N LYS A 4485 0.54 -37.41 -55.20
CA LYS A 4485 0.90 -36.28 -54.34
C LYS A 4485 2.40 -36.00 -54.41
N ARG A 4486 3.22 -37.05 -54.46
CA ARG A 4486 4.67 -36.91 -54.55
C ARG A 4486 5.05 -36.07 -55.77
N GLY A 4504 3.09 -46.13 -38.53
CA GLY A 4504 4.01 -47.09 -39.10
C GLY A 4504 3.42 -47.81 -40.30
N LEU A 4505 3.09 -47.04 -41.34
CA LEU A 4505 2.51 -47.62 -42.55
C LEU A 4505 3.53 -48.34 -43.40
N THR A 4506 4.83 -48.16 -43.13
CA THR A 4506 5.86 -48.73 -43.99
C THR A 4506 5.80 -50.24 -44.04
N LEU A 4507 5.74 -50.88 -42.86
CA LEU A 4507 5.70 -52.34 -42.80
C LEU A 4507 4.30 -52.91 -42.93
N LEU A 4508 3.26 -52.07 -43.01
CA LEU A 4508 1.91 -52.55 -43.17
C LEU A 4508 1.40 -52.44 -44.61
N VAL A 4509 1.90 -51.47 -45.36
CA VAL A 4509 1.44 -51.24 -46.74
C VAL A 4509 1.84 -52.40 -47.64
N PRO A 4510 2.91 -53.17 -47.36
CA PRO A 4510 3.15 -54.39 -48.15
C PRO A 4510 2.41 -55.60 -47.59
N ASP A 4511 2.14 -55.57 -46.28
CA ASP A 4511 1.48 -56.70 -45.64
C ASP A 4511 0.11 -56.96 -46.24
N ILE A 4512 -0.70 -55.90 -46.40
CA ILE A 4512 -2.05 -56.07 -46.94
C ILE A 4512 -2.00 -56.62 -48.36
N GLN A 4513 -1.07 -56.11 -49.18
CA GLN A 4513 -0.99 -56.57 -50.56
C GLN A 4513 -0.65 -58.06 -50.63
N LYS A 4514 0.41 -58.46 -49.93
CA LYS A 4514 0.85 -59.85 -49.98
C LYS A 4514 -0.18 -60.79 -49.36
N THR A 4515 -0.75 -60.39 -48.22
CA THR A 4515 -1.74 -61.24 -47.57
C THR A 4515 -3.01 -61.37 -48.40
N ALA A 4516 -3.38 -60.32 -49.14
CA ALA A 4516 -4.54 -60.43 -50.02
C ALA A 4516 -4.33 -61.49 -51.09
N GLU A 4517 -3.15 -61.51 -51.71
CA GLU A 4517 -2.86 -62.55 -52.69
C GLU A 4517 -2.95 -63.93 -52.06
N ILE A 4518 -2.32 -64.12 -50.90
CA ILE A 4518 -2.29 -65.44 -50.27
C ILE A 4518 -3.69 -65.86 -49.84
N VAL A 4519 -4.42 -64.97 -49.19
CA VAL A 4519 -5.75 -65.32 -48.70
C VAL A 4519 -6.69 -65.57 -49.87
N TYR A 4520 -6.61 -64.73 -50.91
CA TYR A 4520 -7.47 -64.91 -52.07
C TYR A 4520 -7.18 -66.23 -52.77
N ALA A 4521 -5.92 -66.61 -52.87
CA ALA A 4521 -5.56 -67.88 -53.50
C ALA A 4521 -6.15 -69.07 -52.75
N ALA A 4522 -6.05 -69.07 -51.42
CA ALA A 4522 -6.59 -70.19 -50.65
C ALA A 4522 -8.09 -70.33 -50.82
N THR A 4523 -8.83 -69.21 -50.76
CA THR A 4523 -10.27 -69.28 -50.92
C THR A 4523 -10.65 -69.74 -52.32
N THR A 4524 -9.96 -69.24 -53.34
CA THR A 4524 -10.23 -69.64 -54.72
C THR A 4524 -9.95 -71.13 -54.92
N SER A 4525 -8.87 -71.64 -54.34
CA SER A 4525 -8.56 -73.06 -54.50
C SER A 4525 -9.67 -73.94 -53.95
N LEU A 4526 -10.21 -73.60 -52.79
CA LEU A 4526 -11.30 -74.41 -52.24
C LEU A 4526 -12.51 -74.41 -53.17
N ARG A 4527 -12.88 -73.24 -53.69
CA ARG A 4527 -14.05 -73.16 -54.57
C ARG A 4527 -13.82 -73.92 -55.86
N GLN A 4528 -12.58 -73.92 -56.37
CA GLN A 4528 -12.28 -74.66 -57.59
C GLN A 4528 -12.44 -76.16 -57.36
N ALA A 4529 -12.07 -76.65 -56.17
CA ALA A 4529 -12.30 -78.06 -55.85
C ALA A 4529 -13.78 -78.41 -55.90
N ASN A 4530 -14.63 -77.55 -55.34
CA ASN A 4530 -16.07 -77.77 -55.35
C ASN A 4530 -16.61 -77.82 -56.77
N ASP B 99 -82.43 -46.27 45.15
CA ASP B 99 -83.12 -45.46 44.16
C ASP B 99 -83.50 -46.31 42.95
N GLY B 100 -82.48 -46.81 42.27
CA GLY B 100 -82.66 -47.66 41.10
C GLY B 100 -81.71 -47.21 40.00
N LEU B 101 -81.28 -48.16 39.18
CA LEU B 101 -80.37 -47.90 38.08
C LEU B 101 -81.04 -47.97 36.72
N HIS B 102 -81.79 -49.05 36.46
CA HIS B 102 -82.71 -49.14 35.33
C HIS B 102 -81.97 -49.33 34.00
N SER B 103 -80.64 -49.26 34.00
CA SER B 103 -79.87 -49.45 32.77
C SER B 103 -78.39 -49.51 33.13
N LEU B 104 -77.58 -49.90 32.15
CA LEU B 104 -76.14 -50.06 32.38
C LEU B 104 -75.40 -49.95 31.05
N SER B 105 -74.10 -49.68 31.14
CA SER B 105 -73.20 -49.74 30.01
C SER B 105 -71.77 -49.84 30.53
N TYR B 106 -70.88 -50.34 29.67
CA TYR B 106 -69.48 -50.56 30.06
C TYR B 106 -68.52 -50.07 29.00
N HIS B 107 -67.38 -49.53 29.45
CA HIS B 107 -66.29 -49.05 28.61
C HIS B 107 -65.09 -49.98 28.74
N PRO B 108 -64.66 -50.67 27.68
CA PRO B 108 -63.49 -51.56 27.83
C PRO B 108 -62.18 -50.81 27.96
N ALA B 109 -62.01 -49.69 27.27
CA ALA B 109 -60.77 -48.94 27.39
C ALA B 109 -60.54 -48.51 28.84
N LEU B 110 -61.59 -48.07 29.51
CA LEU B 110 -61.54 -47.88 30.96
C LEU B 110 -61.98 -49.17 31.64
N ASN B 111 -62.21 -49.10 32.94
CA ASN B 111 -62.77 -50.22 33.71
C ASN B 111 -63.95 -49.74 34.54
N ALA B 112 -64.83 -48.99 33.89
CA ALA B 112 -65.91 -48.28 34.58
C ALA B 112 -67.25 -48.71 34.01
N ILE B 113 -68.22 -48.90 34.90
CA ILE B 113 -69.60 -49.17 34.54
C ILE B 113 -70.37 -47.87 34.66
N LEU B 114 -71.00 -47.44 33.57
CA LEU B 114 -71.81 -46.22 33.57
C LEU B 114 -73.26 -46.63 33.77
N ALA B 115 -73.75 -46.47 35.00
CA ALA B 115 -75.14 -46.76 35.34
C ALA B 115 -75.94 -45.47 35.39
N VAL B 116 -77.18 -45.54 34.90
CA VAL B 116 -78.13 -44.45 35.08
C VAL B 116 -78.77 -44.57 36.46
N THR B 117 -79.42 -43.49 36.89
CA THR B 117 -80.25 -43.52 38.09
C THR B 117 -81.67 -43.10 37.73
N SER B 118 -82.63 -43.60 38.51
CA SER B 118 -84.02 -43.20 38.30
C SER B 118 -84.25 -41.72 38.57
N ARG B 119 -83.30 -41.07 39.24
CA ARG B 119 -83.39 -39.64 39.51
C ARG B 119 -82.90 -38.79 38.35
N GLY B 120 -82.32 -39.40 37.33
CA GLY B 120 -81.79 -38.68 36.19
C GLY B 120 -80.29 -38.47 36.20
N THR B 121 -79.58 -39.06 37.15
CA THR B 121 -78.13 -38.96 37.23
C THR B 121 -77.51 -40.21 36.62
N ILE B 122 -76.18 -40.27 36.68
CA ILE B 122 -75.42 -41.44 36.26
C ILE B 122 -74.48 -41.81 37.39
N LYS B 123 -74.47 -43.10 37.75
CA LYS B 123 -73.55 -43.63 38.75
C LYS B 123 -72.49 -44.45 38.04
N VAL B 124 -71.23 -44.05 38.21
CA VAL B 124 -70.07 -44.79 37.71
C VAL B 124 -69.55 -45.63 38.85
N ILE B 125 -69.48 -46.94 38.64
CA ILE B 125 -69.06 -47.88 39.68
C ILE B 125 -67.87 -48.67 39.17
N ASP B 126 -67.01 -49.07 40.10
CA ASP B 126 -65.87 -49.90 39.74
C ASP B 126 -66.34 -51.30 39.37
N GLY B 127 -65.85 -51.80 38.24
CA GLY B 127 -66.27 -53.10 37.75
C GLY B 127 -65.55 -54.26 38.40
N THR B 128 -64.56 -53.99 39.24
CA THR B 128 -63.79 -55.03 39.90
C THR B 128 -64.17 -55.27 41.35
N SER B 129 -64.70 -54.25 42.05
CA SER B 129 -65.04 -54.38 43.46
C SER B 129 -66.49 -54.03 43.80
N GLY B 130 -67.19 -53.29 42.95
CA GLY B 130 -68.55 -52.88 43.26
C GLY B 130 -68.64 -51.64 44.12
N ALA B 131 -67.56 -50.89 44.29
CA ALA B 131 -67.58 -49.65 45.06
C ALA B 131 -67.94 -48.49 44.16
N THR B 132 -68.82 -47.63 44.65
CA THR B 132 -69.25 -46.48 43.84
C THR B 132 -68.06 -45.59 43.53
N LEU B 133 -67.92 -45.18 42.27
CA LEU B 133 -66.85 -44.30 41.84
C LEU B 133 -67.28 -42.84 41.72
N GLN B 134 -68.56 -42.59 41.42
CA GLN B 134 -69.07 -41.23 41.31
C GLN B 134 -70.56 -41.29 41.07
N ALA B 135 -71.25 -40.19 41.40
CA ALA B 135 -72.67 -40.01 41.11
C ALA B 135 -72.84 -38.62 40.52
N SER B 136 -72.97 -38.54 39.21
CA SER B 136 -72.95 -37.28 38.48
C SER B 136 -74.21 -37.13 37.62
N ALA B 137 -74.73 -35.90 37.57
CA ALA B 137 -75.81 -35.53 36.67
C ALA B 137 -75.21 -34.90 35.41
N LEU B 138 -75.64 -35.38 34.25
CA LEU B 138 -75.03 -34.96 32.99
C LEU B 138 -75.50 -33.58 32.53
N SER B 139 -76.20 -32.83 33.37
CA SER B 139 -76.79 -31.55 33.00
C SER B 139 -77.76 -31.69 31.83
N ALA B 140 -78.37 -32.86 31.70
CA ALA B 140 -79.24 -33.17 30.59
C ALA B 140 -80.56 -32.40 30.72
N LYS B 141 -81.42 -32.54 29.72
CA LYS B 141 -82.70 -31.86 29.69
C LYS B 141 -83.78 -32.80 30.23
N GLY B 144 -86.71 -36.75 33.11
CA GLY B 144 -86.86 -37.91 32.23
C GLY B 144 -85.69 -38.87 32.33
N GLN B 145 -85.90 -40.08 31.82
CA GLN B 145 -84.85 -41.09 31.85
C GLN B 145 -83.67 -40.67 30.98
N VAL B 146 -82.48 -41.12 31.36
CA VAL B 146 -81.23 -40.80 30.67
C VAL B 146 -80.61 -42.08 30.15
N LYS B 147 -80.25 -42.10 28.87
CA LYS B 147 -79.57 -43.23 28.25
C LYS B 147 -78.08 -42.97 28.24
N CYS B 148 -77.29 -44.04 28.44
CA CYS B 148 -75.85 -43.90 28.62
C CYS B 148 -75.02 -44.92 27.86
N GLN B 149 -75.60 -45.64 26.88
CA GLN B 149 -74.92 -46.80 26.32
C GLN B 149 -73.62 -46.40 25.63
N TYR B 150 -72.56 -47.14 25.96
CA TYR B 150 -71.29 -47.08 25.24
C TYR B 150 -71.29 -48.04 24.05
N ILE B 151 -70.77 -47.55 22.93
CA ILE B 151 -70.76 -48.27 21.66
C ILE B 151 -69.34 -48.75 21.39
N SER B 152 -69.16 -50.07 21.30
CA SER B 152 -67.83 -50.65 21.20
C SER B 152 -67.19 -50.38 19.84
N ALA B 153 -67.95 -50.55 18.76
CA ALA B 153 -67.39 -50.42 17.42
C ALA B 153 -66.81 -49.02 17.20
N VAL B 154 -67.52 -47.98 17.66
CA VAL B 154 -67.02 -46.62 17.50
C VAL B 154 -66.02 -46.26 18.60
N ASP B 155 -66.03 -46.99 19.71
CA ASP B 155 -65.10 -46.78 20.81
C ASP B 155 -65.27 -45.39 21.43
N LYS B 156 -66.51 -45.07 21.78
CA LYS B 156 -66.82 -43.83 22.49
C LYS B 156 -68.10 -44.05 23.27
N VAL B 157 -68.31 -43.22 24.29
CA VAL B 157 -69.49 -43.32 25.14
C VAL B 157 -70.56 -42.40 24.55
N ILE B 158 -71.70 -42.98 24.20
CA ILE B 158 -72.79 -42.25 23.55
C ILE B 158 -73.91 -42.09 24.56
N PHE B 159 -74.17 -40.85 24.97
CA PHE B 159 -75.30 -40.52 25.83
C PHE B 159 -76.40 -39.92 24.99
N VAL B 160 -77.64 -40.19 25.39
CA VAL B 160 -78.81 -39.66 24.69
C VAL B 160 -79.87 -39.30 25.72
N ASP B 161 -80.34 -38.07 25.66
CA ASP B 161 -81.55 -37.63 26.34
C ASP B 161 -82.64 -37.44 25.28
N ASP B 162 -83.79 -36.92 25.71
CA ASP B 162 -84.91 -36.76 24.80
C ASP B 162 -84.54 -35.90 23.59
N TYR B 163 -83.55 -35.01 23.73
CA TYR B 163 -83.30 -33.98 22.74
C TYR B 163 -81.96 -34.11 22.03
N ALA B 164 -80.86 -34.39 22.75
CA ALA B 164 -79.53 -34.31 22.17
C ALA B 164 -78.77 -35.63 22.32
N VAL B 165 -77.84 -35.85 21.39
CA VAL B 165 -76.96 -37.01 21.37
C VAL B 165 -75.54 -36.52 21.61
N GLY B 166 -75.02 -36.78 22.81
CA GLY B 166 -73.65 -36.42 23.16
C GLY B 166 -72.67 -37.56 22.97
N CYS B 167 -71.41 -37.19 22.75
CA CYS B 167 -70.33 -38.15 22.49
C CYS B 167 -69.09 -37.69 23.23
N ARG B 168 -68.76 -38.39 24.33
CA ARG B 168 -67.63 -38.05 25.18
C ARG B 168 -66.60 -39.17 25.16
N LYS B 169 -65.34 -38.78 25.06
CA LYS B 169 -64.22 -39.71 25.14
C LYS B 169 -63.53 -39.64 26.51
N ASP B 170 -62.81 -40.71 26.81
CA ASP B 170 -62.05 -40.79 28.05
C ASP B 170 -60.83 -39.88 27.98
N LEU B 171 -60.42 -39.37 29.14
CA LEU B 171 -59.29 -38.47 29.24
C LEU B 171 -58.54 -38.81 30.53
N ASN B 172 -57.23 -38.99 30.42
CA ASN B 172 -56.39 -39.32 31.57
C ASN B 172 -56.90 -40.57 32.28
N GLY B 173 -57.47 -41.50 31.51
CA GLY B 173 -58.01 -42.72 32.08
C GLY B 173 -59.36 -42.56 32.74
N ILE B 174 -60.05 -41.44 32.51
CA ILE B 174 -61.35 -41.17 33.12
C ILE B 174 -62.23 -40.51 32.06
N LEU B 175 -63.51 -40.39 32.38
CA LEU B 175 -64.50 -39.76 31.51
C LEU B 175 -65.12 -38.58 32.25
N LEU B 176 -65.15 -37.43 31.60
CA LEU B 176 -65.73 -36.22 32.16
C LEU B 176 -67.22 -36.22 31.84
N LEU B 177 -68.03 -36.61 32.82
CA LEU B 177 -69.44 -36.86 32.64
C LEU B 177 -70.33 -35.75 33.18
N ASP B 178 -69.75 -34.73 33.82
CA ASP B 178 -70.57 -33.71 34.45
C ASP B 178 -71.29 -32.84 33.43
N THR B 179 -70.81 -32.78 32.20
CA THR B 179 -71.44 -31.98 31.15
C THR B 179 -71.46 -32.76 29.84
N ALA B 180 -71.71 -34.07 29.92
CA ALA B 180 -71.72 -34.89 28.72
C ALA B 180 -72.81 -34.47 27.75
N LEU B 181 -74.00 -34.16 28.26
CA LEU B 181 -75.15 -33.84 27.43
C LEU B 181 -75.39 -32.34 27.33
N GLN B 182 -74.49 -31.52 27.87
CA GLN B 182 -74.64 -30.07 27.76
C GLN B 182 -74.45 -29.64 26.32
N THR B 183 -75.33 -28.79 25.84
CA THR B 183 -75.33 -28.29 24.49
C THR B 183 -74.77 -26.88 24.45
N PRO B 184 -74.40 -26.38 23.27
CA PRO B 184 -73.85 -25.03 23.18
C PRO B 184 -74.83 -23.99 23.69
N VAL B 185 -74.29 -22.92 24.27
CA VAL B 185 -75.10 -21.78 24.67
C VAL B 185 -75.28 -20.86 23.47
N SER B 186 -76.24 -19.93 23.59
CA SER B 186 -76.52 -18.98 22.53
C SER B 186 -76.14 -17.54 22.86
N LYS B 187 -75.92 -17.22 24.14
CA LYS B 187 -75.49 -15.89 24.54
C LYS B 187 -74.20 -16.01 25.36
N GLN B 188 -73.28 -15.09 25.14
CA GLN B 188 -72.04 -15.10 25.91
C GLN B 188 -72.33 -14.95 27.40
N ASP B 189 -73.42 -14.26 27.74
CA ASP B 189 -73.86 -14.10 29.12
C ASP B 189 -74.44 -15.37 29.72
N ASP B 190 -74.76 -16.38 28.92
CA ASP B 190 -75.34 -17.61 29.45
C ASP B 190 -74.37 -18.29 30.40
N VAL B 191 -74.93 -18.89 31.45
CA VAL B 191 -74.13 -19.57 32.47
C VAL B 191 -73.81 -20.96 31.93
N VAL B 192 -72.56 -21.17 31.58
CA VAL B 192 -72.07 -22.45 31.09
C VAL B 192 -71.65 -23.32 32.27
N GLN B 193 -71.72 -24.62 32.07
CA GLN B 193 -71.28 -25.60 33.04
C GLN B 193 -70.04 -26.29 32.48
N LEU B 194 -68.97 -26.31 33.27
CA LEU B 194 -67.70 -26.84 32.80
C LEU B 194 -67.02 -27.52 33.97
N GLU B 195 -66.81 -28.83 33.86
CA GLU B 195 -66.18 -29.64 34.89
C GLU B 195 -64.71 -29.81 34.59
N LEU B 196 -63.92 -29.90 35.64
CA LEU B 196 -62.49 -30.16 35.52
C LEU B 196 -62.09 -31.22 36.53
N PRO B 197 -61.06 -32.01 36.23
CA PRO B 197 -60.55 -32.96 37.21
C PRO B 197 -59.99 -32.24 38.42
N VAL B 198 -59.94 -32.96 39.54
CA VAL B 198 -59.44 -32.37 40.79
C VAL B 198 -58.03 -31.85 40.60
N THR B 199 -57.21 -32.57 39.83
CA THR B 199 -55.84 -32.12 39.59
C THR B 199 -55.84 -30.78 38.88
N GLU B 200 -56.63 -30.66 37.81
CA GLU B 200 -56.72 -29.40 37.07
C GLU B 200 -57.32 -28.30 37.94
N ALA B 201 -58.28 -28.65 38.81
CA ALA B 201 -58.81 -27.65 39.73
C ALA B 201 -57.72 -27.13 40.65
N GLN B 202 -56.88 -28.03 41.16
CA GLN B 202 -55.76 -27.60 41.99
C GLN B 202 -54.80 -26.71 41.21
N GLN B 203 -54.53 -27.07 39.95
CA GLN B 203 -53.66 -26.23 39.12
C GLN B 203 -54.24 -24.83 39.01
N LEU B 204 -55.54 -24.72 38.72
CA LEU B 204 -56.16 -23.42 38.54
C LEU B 204 -56.13 -22.61 39.85
N LEU B 205 -56.48 -23.24 40.97
CA LEU B 205 -56.50 -22.51 42.24
C LEU B 205 -55.09 -22.05 42.62
N SER B 206 -54.10 -22.93 42.46
CA SER B 206 -52.73 -22.56 42.79
C SER B 206 -52.26 -21.42 41.90
N ALA B 207 -52.55 -21.50 40.60
CA ALA B 207 -52.14 -20.43 39.69
C ALA B 207 -52.80 -19.11 40.06
N CYS B 208 -54.09 -19.14 40.42
CA CYS B 208 -54.79 -17.90 40.74
C CYS B 208 -54.30 -17.30 42.05
N LEU B 209 -53.94 -18.14 43.02
CA LEU B 209 -53.53 -17.62 44.33
C LEU B 209 -52.04 -17.30 44.43
N GLU B 210 -51.20 -17.92 43.59
CA GLU B 210 -49.76 -17.80 43.68
C GLU B 210 -49.13 -17.19 42.44
N LYS B 211 -49.50 -17.67 41.25
CA LYS B 211 -48.72 -17.40 40.05
C LYS B 211 -49.16 -16.13 39.33
N VAL B 212 -50.46 -15.94 39.13
CA VAL B 212 -50.97 -14.87 38.30
C VAL B 212 -51.86 -13.95 39.15
N ASP B 213 -52.20 -12.81 38.56
CA ASP B 213 -53.00 -11.77 39.20
C ASP B 213 -54.14 -11.37 38.28
N ILE B 214 -54.87 -12.35 37.77
CA ILE B 214 -55.93 -12.09 36.81
C ILE B 214 -57.18 -11.70 37.59
N SER B 215 -57.02 -11.50 38.89
CA SER B 215 -58.12 -11.04 39.74
C SER B 215 -58.68 -9.72 39.24
N SER B 216 -59.87 -9.39 39.72
CA SER B 216 -60.67 -8.23 39.33
C SER B 216 -61.32 -8.45 37.97
N THR B 217 -61.03 -9.56 37.30
CA THR B 217 -61.68 -9.85 36.03
C THR B 217 -63.16 -10.12 36.26
N GLU B 218 -63.97 -9.82 35.25
CA GLU B 218 -65.42 -9.98 35.37
C GLU B 218 -65.76 -11.38 35.86
N GLY B 219 -66.44 -11.44 37.00
CA GLY B 219 -66.85 -12.70 37.59
C GLY B 219 -65.69 -13.57 38.02
N TYR B 220 -64.57 -12.95 38.36
CA TYR B 220 -63.44 -13.71 38.89
C TYR B 220 -63.76 -14.25 40.28
N ASP B 221 -64.50 -13.47 41.07
CA ASP B 221 -64.86 -13.87 42.42
C ASP B 221 -65.70 -15.14 42.42
N LEU B 222 -66.68 -15.21 41.51
CA LEU B 222 -67.52 -16.40 41.44
C LEU B 222 -66.71 -17.62 41.08
N PHE B 223 -65.78 -17.47 40.14
CA PHE B 223 -64.88 -18.57 39.79
C PHE B 223 -64.10 -19.04 41.00
N ILE B 224 -63.51 -18.09 41.74
CA ILE B 224 -62.72 -18.47 42.91
C ILE B 224 -63.58 -19.19 43.92
N THR B 225 -64.79 -18.67 44.17
CA THR B 225 -65.70 -19.29 45.13
C THR B 225 -66.05 -20.72 44.72
N GLN B 226 -66.41 -20.90 43.46
CA GLN B 226 -66.79 -22.23 42.98
C GLN B 226 -65.62 -23.19 43.08
N LEU B 227 -64.43 -22.76 42.66
CA LEU B 227 -63.27 -23.63 42.70
C LEU B 227 -62.97 -24.05 44.14
N LYS B 228 -62.99 -23.07 45.06
CA LYS B 228 -62.65 -23.35 46.45
C LYS B 228 -63.67 -24.29 47.08
N ASP B 229 -64.96 -24.04 46.86
CA ASP B 229 -65.96 -24.89 47.49
C ASP B 229 -65.97 -26.29 46.87
N GLY B 230 -65.71 -26.39 45.56
CA GLY B 230 -65.59 -27.71 44.95
C GLY B 230 -64.46 -28.53 45.54
N LEU B 231 -63.28 -27.92 45.64
CA LEU B 231 -62.15 -28.66 46.23
C LEU B 231 -62.43 -29.01 47.68
N LYS B 232 -63.03 -28.09 48.44
CA LYS B 232 -63.33 -28.36 49.84
C LYS B 232 -64.32 -29.52 49.97
N ASN B 233 -65.36 -29.54 49.13
CA ASN B 233 -66.33 -30.63 49.17
C ASN B 233 -65.67 -31.95 48.80
N THR B 234 -64.79 -31.93 47.79
CA THR B 234 -64.08 -33.15 47.41
C THR B 234 -62.95 -33.49 48.37
N SER B 235 -62.65 -32.61 49.32
CA SER B 235 -61.61 -32.87 50.31
C SER B 235 -61.97 -34.09 51.15
N LYS B 243 -60.57 -44.35 45.08
CA LYS B 243 -60.65 -44.11 43.64
C LYS B 243 -61.62 -42.96 43.35
N VAL B 244 -62.47 -42.63 44.33
CA VAL B 244 -63.41 -41.54 44.13
C VAL B 244 -62.67 -40.21 43.95
N ALA B 245 -61.57 -40.04 44.68
CA ALA B 245 -60.81 -38.80 44.54
C ALA B 245 -60.25 -38.67 43.13
N LYS B 246 -59.79 -39.78 42.54
CA LYS B 246 -59.27 -39.74 41.19
C LYS B 246 -60.36 -39.32 40.21
N TRP B 247 -61.61 -39.71 40.48
CA TRP B 247 -62.74 -39.36 39.65
C TRP B 247 -63.48 -38.14 40.17
N ALA B 248 -63.08 -37.61 41.31
CA ALA B 248 -63.75 -36.45 41.88
C ALA B 248 -63.58 -35.26 40.94
N THR B 249 -64.60 -34.42 40.88
CA THR B 249 -64.58 -33.30 39.96
C THR B 249 -65.29 -32.11 40.59
N VAL B 250 -64.94 -30.93 40.10
CA VAL B 250 -65.58 -29.68 40.49
C VAL B 250 -66.12 -29.04 39.23
N THR B 251 -67.36 -28.55 39.29
CA THR B 251 -68.09 -28.08 38.13
C THR B 251 -68.32 -26.58 38.31
N PHE B 252 -67.62 -25.79 37.50
CA PHE B 252 -67.92 -24.36 37.39
C PHE B 252 -69.25 -24.16 36.67
N HIS B 253 -70.09 -23.28 37.22
CA HIS B 253 -71.35 -22.87 36.60
C HIS B 253 -71.33 -21.35 36.54
N LEU B 254 -70.79 -20.81 35.45
CA LEU B 254 -70.47 -19.40 35.33
C LEU B 254 -70.91 -18.92 33.95
N PRO B 255 -71.18 -17.62 33.81
CA PRO B 255 -71.45 -17.09 32.47
C PRO B 255 -70.30 -17.37 31.52
N HIS B 256 -70.64 -17.69 30.27
CA HIS B 256 -69.61 -18.09 29.31
C HIS B 256 -68.51 -17.05 29.22
N HIS B 257 -68.89 -15.77 29.17
CA HIS B 257 -67.90 -14.72 29.02
C HIS B 257 -66.99 -14.67 30.24
N VAL B 258 -67.53 -14.93 31.43
CA VAL B 258 -66.71 -14.89 32.63
C VAL B 258 -65.59 -15.92 32.54
N LEU B 259 -65.96 -17.17 32.25
CA LEU B 259 -64.95 -18.22 32.19
C LEU B 259 -63.98 -17.98 31.04
N LYS B 260 -64.49 -17.52 29.89
CA LYS B 260 -63.61 -17.26 28.75
C LYS B 260 -62.60 -16.17 29.08
N SER B 261 -63.07 -15.08 29.72
CA SER B 261 -62.18 -14.00 30.11
C SER B 261 -61.15 -14.48 31.12
N ILE B 262 -61.58 -15.31 32.08
CA ILE B 262 -60.64 -15.82 33.07
C ILE B 262 -59.58 -16.68 32.40
N ALA B 263 -59.99 -17.54 31.46
CA ALA B 263 -59.03 -18.38 30.75
C ALA B 263 -58.06 -17.54 29.94
N SER B 264 -58.57 -16.51 29.24
CA SER B 264 -57.70 -15.66 28.45
C SER B 264 -56.70 -14.91 29.34
N ALA B 265 -57.17 -14.38 30.47
CA ALA B 265 -56.28 -13.70 31.38
C ALA B 265 -55.23 -14.64 31.94
N ILE B 266 -55.63 -15.86 32.31
CA ILE B 266 -54.67 -16.83 32.84
C ILE B 266 -53.62 -17.16 31.78
N VAL B 267 -54.05 -17.39 30.55
CA VAL B 267 -53.10 -17.71 29.49
C VAL B 267 -52.13 -16.56 29.29
N ASN B 268 -52.64 -15.33 29.21
CA ASN B 268 -51.76 -14.19 28.97
C ASN B 268 -50.78 -14.00 30.13
N GLU B 269 -51.25 -14.13 31.37
CA GLU B 269 -50.35 -13.93 32.51
C GLU B 269 -49.32 -15.04 32.61
N LEU B 270 -49.74 -16.29 32.38
CA LEU B 270 -48.78 -17.40 32.41
C LEU B 270 -47.76 -17.31 31.30
N LYS B 271 -48.15 -16.78 30.14
CA LYS B 271 -47.17 -16.54 29.08
C LYS B 271 -46.25 -15.39 29.44
N LYS B 272 -46.78 -14.37 30.11
CA LYS B 272 -45.97 -13.22 30.48
C LYS B 272 -44.90 -13.63 31.47
N ILE B 273 -45.29 -14.33 32.55
CA ILE B 273 -44.30 -14.76 33.53
C ILE B 273 -43.36 -15.77 32.89
N ASN B 274 -43.85 -16.54 31.91
CA ASN B 274 -43.09 -17.48 31.10
C ASN B 274 -42.68 -18.73 31.88
N GLN B 275 -43.09 -18.85 33.14
CA GLN B 275 -42.83 -20.03 33.94
C GLN B 275 -43.80 -21.14 33.55
N ASN B 276 -43.33 -22.13 32.81
CA ASN B 276 -44.20 -23.21 32.36
C ASN B 276 -44.77 -23.93 33.59
N VAL B 277 -46.09 -23.84 33.76
CA VAL B 277 -46.78 -24.50 34.85
C VAL B 277 -47.98 -25.24 34.29
N ALA B 278 -48.41 -26.28 35.02
CA ALA B 278 -49.48 -27.13 34.51
C ALA B 278 -50.78 -26.37 34.35
N ALA B 279 -50.90 -25.18 34.93
CA ALA B 279 -52.14 -24.44 34.81
C ALA B 279 -52.32 -23.87 33.41
N LEU B 280 -51.22 -23.64 32.68
CA LEU B 280 -51.35 -23.10 31.33
C LEU B 280 -52.12 -24.05 30.41
N PRO B 281 -51.77 -25.33 30.31
CA PRO B 281 -52.61 -26.23 29.49
C PRO B 281 -54.03 -26.34 29.98
N VAL B 282 -54.26 -26.26 31.30
CA VAL B 282 -55.63 -26.32 31.80
C VAL B 282 -56.42 -25.11 31.31
N ALA B 283 -55.82 -23.93 31.37
CA ALA B 283 -56.51 -22.74 30.88
C ALA B 283 -56.74 -22.82 29.38
N SER B 284 -55.77 -23.35 28.65
CA SER B 284 -55.95 -23.52 27.20
C SER B 284 -57.09 -24.49 26.89
N SER B 285 -57.15 -25.62 27.59
CA SER B 285 -58.24 -26.58 27.37
C SER B 285 -59.58 -25.97 27.74
N VAL B 286 -59.64 -25.22 28.84
CA VAL B 286 -60.90 -24.57 29.23
C VAL B 286 -61.33 -23.59 28.16
N MET B 287 -60.39 -22.79 27.65
CA MET B 287 -60.72 -21.82 26.62
C MET B 287 -61.20 -22.51 25.36
N ASP B 288 -60.55 -23.62 24.99
CA ASP B 288 -60.98 -24.37 23.81
C ASP B 288 -62.39 -24.92 23.99
N ARG B 289 -62.69 -25.43 25.18
CA ARG B 289 -64.03 -25.94 25.46
C ARG B 289 -65.06 -24.83 25.37
N LEU B 290 -64.71 -23.64 25.87
CA LEU B 290 -65.60 -22.50 25.78
C LEU B 290 -65.81 -22.08 24.33
N SER B 291 -64.74 -22.07 23.53
CA SER B 291 -64.88 -21.73 22.12
C SER B 291 -65.80 -22.70 21.40
N TYR B 292 -65.65 -24.00 21.67
CA TYR B 292 -66.55 -24.96 21.04
C TYR B 292 -67.98 -24.76 21.54
N LEU B 293 -68.15 -24.54 22.85
CA LEU B 293 -69.48 -24.34 23.40
C LEU B 293 -70.11 -23.04 22.90
N LEU B 294 -69.32 -22.13 22.36
CA LEU B 294 -69.80 -20.86 21.81
C LEU B 294 -69.28 -20.74 20.39
N PRO B 295 -69.97 -21.32 19.41
CA PRO B 295 -69.52 -21.20 18.02
C PRO B 295 -69.45 -19.77 17.55
N SER B 296 -70.17 -18.86 18.21
CA SER B 296 -70.14 -17.44 17.87
C SER B 296 -68.71 -16.92 17.84
N VAL B 309 -53.75 -18.10 8.80
CA VAL B 309 -54.34 -18.67 10.00
C VAL B 309 -53.69 -18.05 11.24
N ASP B 310 -54.52 -17.71 12.22
CA ASP B 310 -54.04 -17.12 13.46
C ASP B 310 -53.23 -18.15 14.24
N ARG B 311 -51.94 -17.85 14.46
CA ARG B 311 -51.08 -18.81 15.16
C ARG B 311 -51.56 -19.03 16.59
N SER B 312 -52.09 -17.99 17.23
CA SER B 312 -52.56 -18.14 18.61
C SER B 312 -53.72 -19.10 18.70
N LEU B 313 -54.34 -19.45 17.57
CA LEU B 313 -55.45 -20.39 17.53
C LEU B 313 -54.98 -21.82 17.29
N MET B 314 -53.66 -22.05 17.24
CA MET B 314 -53.09 -23.36 16.99
C MET B 314 -52.71 -24.05 18.29
N TYR B 315 -53.06 -23.46 19.42
CA TYR B 315 -52.82 -24.04 20.74
C TYR B 315 -53.63 -25.29 20.98
N SER B 316 -54.61 -25.58 20.12
CA SER B 316 -55.45 -26.76 20.25
C SER B 316 -55.14 -27.74 19.12
N GLU B 317 -55.18 -29.03 19.46
CA GLU B 317 -54.82 -30.05 18.47
C GLU B 317 -55.81 -30.05 17.32
N ALA B 318 -57.09 -29.82 17.62
CA ALA B 318 -58.11 -29.87 16.57
C ALA B 318 -57.87 -28.78 15.53
N ASN B 319 -57.55 -27.56 15.97
CA ASN B 319 -57.31 -26.48 15.02
C ASN B 319 -56.11 -26.79 14.14
N ARG B 320 -55.03 -27.30 14.73
CA ARG B 320 -53.88 -27.70 13.94
C ARG B 320 -54.25 -28.78 12.93
N ARG B 321 -55.02 -29.78 13.37
CA ARG B 321 -55.43 -30.85 12.48
C ARG B 321 -56.22 -30.30 11.29
N GLU B 322 -57.15 -29.38 11.54
CA GLU B 322 -57.90 -28.77 10.45
C GLU B 322 -56.99 -28.04 9.48
N THR B 323 -55.91 -27.44 9.96
CA THR B 323 -55.01 -26.71 9.06
C THR B 323 -54.40 -27.61 8.00
N PHE B 324 -54.32 -28.93 8.25
CA PHE B 324 -53.72 -29.83 7.29
C PHE B 324 -54.68 -30.25 6.19
N THR B 325 -55.76 -29.50 5.98
CA THR B 325 -56.73 -29.85 4.96
C THR B 325 -56.13 -29.80 3.57
N SER B 326 -55.03 -29.08 3.39
CA SER B 326 -54.32 -28.99 2.11
C SER B 326 -52.93 -29.62 2.23
N TRP B 327 -52.83 -30.69 3.00
CA TRP B 327 -51.55 -31.36 3.17
C TRP B 327 -51.26 -32.15 1.89
N PRO B 328 -50.14 -31.90 1.20
CA PRO B 328 -49.89 -32.60 -0.07
C PRO B 328 -49.30 -33.99 0.07
N HIS B 329 -48.79 -34.34 1.25
CA HIS B 329 -48.11 -35.62 1.48
C HIS B 329 -49.03 -36.64 2.15
N VAL B 330 -50.30 -36.66 1.76
CA VAL B 330 -51.26 -37.62 2.33
C VAL B 330 -50.79 -39.06 2.15
N GLY B 331 -49.90 -39.31 1.19
CA GLY B 331 -49.38 -40.64 0.96
C GLY B 331 -48.31 -41.13 1.91
N TYR B 332 -47.89 -40.28 2.86
CA TYR B 332 -46.90 -40.70 3.83
C TYR B 332 -47.52 -41.59 4.88
N ARG B 333 -46.66 -42.30 5.62
CA ARG B 333 -47.13 -43.21 6.65
C ARG B 333 -47.25 -42.55 8.02
N TRP B 334 -46.23 -41.78 8.43
CA TRP B 334 -46.22 -41.18 9.75
C TRP B 334 -46.32 -39.66 9.75
N ALA B 335 -46.13 -39.01 8.61
CA ALA B 335 -46.24 -37.56 8.48
C ALA B 335 -47.65 -37.13 8.06
N GLN B 336 -48.65 -37.94 8.35
CA GLN B 336 -50.00 -37.64 7.91
C GLN B 336 -50.58 -36.46 8.68
N PRO B 337 -51.64 -35.85 8.15
CA PRO B 337 -52.23 -34.67 8.82
C PRO B 337 -52.51 -34.87 10.30
N ASP B 338 -53.25 -35.92 10.66
CA ASP B 338 -53.61 -36.13 12.07
C ASP B 338 -52.37 -36.38 12.92
N PRO B 339 -51.47 -37.29 12.56
CA PRO B 339 -50.26 -37.47 13.38
C PRO B 339 -49.46 -36.19 13.54
N MET B 340 -49.32 -35.38 12.49
CA MET B 340 -48.59 -34.13 12.62
C MET B 340 -49.32 -33.19 13.58
N ALA B 341 -50.65 -33.16 13.51
CA ALA B 341 -51.40 -32.34 14.45
C ALA B 341 -51.16 -32.81 15.88
N GLN B 342 -51.03 -34.12 16.08
CA GLN B 342 -50.78 -34.64 17.42
C GLN B 342 -49.46 -34.13 17.98
N ALA B 343 -48.42 -34.07 17.15
CA ALA B 343 -47.10 -33.64 17.59
C ALA B 343 -46.97 -32.12 17.71
N GLY B 344 -48.05 -31.37 17.51
CA GLY B 344 -48.04 -29.94 17.66
C GLY B 344 -47.89 -29.15 16.37
N PHE B 345 -47.83 -29.83 15.23
CA PHE B 345 -47.68 -29.15 13.95
C PHE B 345 -49.04 -28.79 13.37
N TYR B 346 -49.07 -27.68 12.64
CA TYR B 346 -50.23 -27.24 11.88
C TYR B 346 -49.73 -26.80 10.52
N HIS B 347 -50.59 -26.93 9.52
CA HIS B 347 -50.20 -26.68 8.14
C HIS B 347 -50.55 -25.25 7.78
N GLN B 348 -49.54 -24.47 7.43
CA GLN B 348 -49.70 -23.07 7.02
C GLN B 348 -48.96 -22.91 5.70
N PRO B 349 -49.50 -23.47 4.61
CA PRO B 349 -48.78 -23.44 3.33
C PRO B 349 -48.55 -22.01 2.84
N ALA B 350 -47.41 -21.80 2.20
CA ALA B 350 -47.09 -20.51 1.61
C ALA B 350 -47.22 -20.52 0.09
N SER B 351 -47.36 -21.68 -0.53
CA SER B 351 -47.51 -21.79 -1.98
C SER B 351 -48.35 -23.03 -2.29
N SER B 352 -48.51 -23.31 -3.58
CA SER B 352 -49.26 -24.48 -3.99
C SER B 352 -48.44 -25.74 -3.72
N GLY B 353 -49.06 -26.72 -3.05
CA GLY B 353 -48.34 -27.93 -2.72
C GLY B 353 -47.29 -27.74 -1.67
N ASP B 354 -47.36 -26.66 -0.89
CA ASP B 354 -46.37 -26.39 0.14
C ASP B 354 -46.66 -27.23 1.37
N ASP B 355 -45.71 -28.09 1.73
CA ASP B 355 -45.83 -28.95 2.91
C ASP B 355 -45.20 -28.28 4.12
N ARG B 356 -45.75 -27.12 4.47
CA ARG B 356 -45.15 -26.27 5.51
C ARG B 356 -45.84 -26.58 6.83
N ALA B 357 -45.07 -27.13 7.78
CA ALA B 357 -45.59 -27.50 9.09
C ALA B 357 -44.86 -26.68 10.15
N MET B 358 -45.63 -25.98 10.97
CA MET B 358 -45.11 -25.15 12.04
C MET B 358 -45.69 -25.61 13.36
N CYS B 359 -44.90 -25.46 14.41
CA CYS B 359 -45.36 -25.78 15.75
C CYS B 359 -46.09 -24.58 16.34
N PHE B 360 -47.20 -24.86 17.03
CA PHE B 360 -48.02 -23.78 17.56
C PHE B 360 -47.26 -22.94 18.57
N THR B 361 -46.27 -23.52 19.23
CA THR B 361 -45.53 -22.82 20.27
C THR B 361 -44.03 -22.68 20.01
N CYS B 362 -43.41 -23.64 19.33
CA CYS B 362 -41.96 -23.60 19.17
C CYS B 362 -41.51 -22.55 18.16
N SER B 363 -42.33 -22.25 17.17
CA SER B 363 -42.03 -21.37 16.05
C SER B 363 -41.13 -22.04 15.00
N VAL B 364 -40.77 -23.31 15.17
CA VAL B 364 -39.92 -23.98 14.19
C VAL B 364 -40.65 -24.08 12.86
N CYS B 365 -39.89 -24.13 11.78
CA CYS B 365 -40.42 -24.24 10.42
C CYS B 365 -39.72 -25.37 9.68
N LEU B 366 -40.50 -26.29 9.14
CA LEU B 366 -40.01 -27.48 8.46
C LEU B 366 -40.65 -27.59 7.07
N VAL B 367 -39.86 -28.02 6.09
CA VAL B 367 -40.30 -28.11 4.71
C VAL B 367 -39.66 -29.33 4.06
N CYS B 368 -40.20 -29.71 2.90
CA CYS B 368 -39.65 -30.78 2.07
C CYS B 368 -39.53 -32.09 2.86
N TRP B 369 -40.66 -32.57 3.35
CA TRP B 369 -40.67 -33.79 4.14
C TRP B 369 -40.45 -35.01 3.25
N GLU B 370 -40.15 -36.13 3.90
CA GLU B 370 -39.89 -37.41 3.26
C GLU B 370 -40.75 -38.48 3.92
N PRO B 371 -40.98 -39.60 3.23
CA PRO B 371 -41.91 -40.61 3.77
C PRO B 371 -41.52 -41.09 5.15
N THR B 372 -40.23 -41.14 5.46
CA THR B 372 -39.76 -41.64 6.75
C THR B 372 -39.74 -40.57 7.83
N ASP B 373 -40.00 -39.32 7.50
CA ASP B 373 -39.98 -38.27 8.50
C ASP B 373 -41.11 -38.47 9.49
N GLU B 374 -40.84 -38.19 10.76
CA GLU B 374 -41.81 -38.35 11.83
C GLU B 374 -42.03 -37.05 12.58
N PRO B 375 -43.27 -36.67 12.87
CA PRO B 375 -43.52 -35.40 13.55
C PRO B 375 -42.63 -35.19 14.76
N TRP B 376 -42.65 -36.11 15.72
CA TRP B 376 -41.84 -35.94 16.92
C TRP B 376 -40.35 -35.91 16.58
N SER B 377 -39.90 -36.78 15.68
CA SER B 377 -38.48 -36.83 15.35
C SER B 377 -38.02 -35.54 14.70
N GLU B 378 -38.74 -35.08 13.67
CA GLU B 378 -38.37 -33.83 13.02
C GLU B 378 -38.44 -32.66 13.99
N HIS B 379 -39.49 -32.61 14.80
CA HIS B 379 -39.66 -31.50 15.73
C HIS B 379 -38.51 -31.44 16.73
N GLU B 380 -38.13 -32.59 17.29
CA GLU B 380 -37.04 -32.59 18.26
C GLU B 380 -35.71 -32.26 17.62
N ARG B 381 -35.38 -32.94 16.50
CA ARG B 381 -34.07 -32.75 15.91
C ARG B 381 -33.91 -31.32 15.37
N HIS B 382 -34.94 -30.78 14.73
CA HIS B 382 -34.87 -29.46 14.14
C HIS B 382 -35.03 -28.36 15.19
N SER B 383 -35.60 -28.70 16.35
CA SER B 383 -35.84 -27.75 17.42
C SER B 383 -36.04 -28.54 18.71
N PRO B 384 -34.96 -29.01 19.33
CA PRO B 384 -35.10 -29.72 20.61
C PRO B 384 -35.59 -28.83 21.74
N ASN B 385 -35.52 -27.52 21.58
CA ASN B 385 -35.85 -26.58 22.66
C ASN B 385 -37.33 -26.32 22.79
N CYS B 386 -38.18 -26.93 21.98
CA CYS B 386 -39.60 -26.67 22.09
C CYS B 386 -40.09 -27.10 23.47
N PRO B 387 -40.84 -26.24 24.18
CA PRO B 387 -41.41 -26.70 25.46
C PRO B 387 -42.33 -27.89 25.30
N PHE B 388 -43.10 -27.95 24.21
CA PHE B 388 -44.01 -29.08 24.02
C PHE B 388 -43.24 -30.35 23.71
N VAL B 389 -42.21 -30.25 22.86
CA VAL B 389 -41.39 -31.42 22.54
C VAL B 389 -40.71 -31.91 23.81
N LYS B 390 -40.22 -30.97 24.63
CA LYS B 390 -39.56 -31.31 25.88
C LYS B 390 -40.54 -31.83 26.91
N GLY B 391 -41.83 -31.78 26.63
CA GLY B 391 -42.84 -32.18 27.58
C GLY B 391 -43.22 -31.11 28.57
N GLU B 392 -42.87 -29.86 28.29
CA GLU B 392 -43.15 -28.78 29.22
C GLU B 392 -44.64 -28.45 29.23
N HIS B 393 -44.99 -27.44 30.02
CA HIS B 393 -46.37 -27.01 30.21
C HIS B 393 -46.68 -25.89 29.20
N THR B 394 -46.96 -26.30 27.97
CA THR B 394 -47.26 -25.36 26.90
C THR B 394 -48.75 -25.02 26.90
N GLN B 395 -49.19 -24.34 25.83
CA GLN B 395 -50.58 -23.99 25.63
C GLN B 395 -51.35 -25.10 24.91
N ASN B 396 -50.73 -26.24 24.68
CA ASN B 396 -51.34 -27.29 23.89
C ASN B 396 -52.65 -27.75 24.51
N VAL B 397 -53.65 -27.95 23.65
CA VAL B 397 -54.91 -28.56 24.03
C VAL B 397 -55.06 -29.85 23.23
N PRO B 398 -54.75 -31.01 23.82
CA PRO B 398 -54.79 -32.26 23.06
C PRO B 398 -56.21 -32.59 22.61
N LEU B 399 -56.28 -33.54 21.68
CA LEU B 399 -57.58 -33.99 21.19
C LEU B 399 -58.34 -34.75 22.27
N SER B 400 -57.65 -35.35 23.24
CA SER B 400 -58.33 -36.13 24.25
C SER B 400 -59.24 -35.26 25.11
N VAL B 401 -58.75 -34.09 25.52
CA VAL B 401 -59.59 -33.19 26.33
C VAL B 401 -60.76 -32.65 25.51
N THR B 402 -60.53 -32.37 24.23
CA THR B 402 -61.61 -31.89 23.37
C THR B 402 -62.71 -32.94 23.25
N LEU B 403 -62.33 -34.19 23.03
CA LEU B 403 -63.32 -35.26 22.89
C LEU B 403 -63.97 -35.62 24.22
N ALA B 404 -63.25 -35.42 25.34
CA ALA B 404 -63.78 -35.75 26.65
C ALA B 404 -64.67 -34.68 27.25
N THR B 405 -64.83 -33.52 26.59
CA THR B 405 -65.70 -32.48 27.13
C THR B 405 -66.55 -31.82 26.05
N SER B 406 -66.70 -32.47 24.90
CA SER B 406 -67.46 -31.88 23.81
C SER B 406 -68.95 -31.79 24.19
N PRO B 407 -69.65 -30.75 23.76
CA PRO B 407 -71.08 -30.66 24.05
C PRO B 407 -71.89 -31.58 23.14
N ALA B 408 -73.12 -31.84 23.55
CA ALA B 408 -74.03 -32.63 22.75
C ALA B 408 -74.47 -31.85 21.50
N GLN B 409 -75.16 -32.55 20.61
CA GLN B 409 -75.66 -31.95 19.37
C GLN B 409 -77.07 -32.47 19.12
N PHE B 410 -77.98 -31.56 18.85
CA PHE B 410 -79.35 -31.94 18.57
C PHE B 410 -79.45 -32.64 17.20
N PRO B 411 -80.22 -33.72 17.09
CA PRO B 411 -80.37 -34.35 15.77
C PRO B 411 -81.22 -33.53 14.83
N CYS B 412 -82.30 -32.94 15.32
CA CYS B 412 -83.09 -32.03 14.51
C CYS B 412 -82.34 -30.73 14.28
N THR B 413 -82.67 -30.06 13.16
CA THR B 413 -82.06 -28.77 12.87
C THR B 413 -82.41 -27.74 13.94
N ASP B 414 -83.51 -27.94 14.66
CA ASP B 414 -83.95 -27.07 15.74
C ASP B 414 -83.78 -27.68 17.11
N GLY B 415 -83.79 -29.01 17.21
CA GLY B 415 -83.74 -29.69 18.49
C GLY B 415 -85.05 -29.70 19.24
N THR B 416 -86.15 -29.36 18.58
CA THR B 416 -87.44 -29.28 19.27
C THR B 416 -88.04 -30.64 19.53
N ASP B 417 -87.69 -31.65 18.73
CA ASP B 417 -88.40 -32.91 18.77
C ASP B 417 -87.84 -33.80 19.88
N ARG B 418 -88.34 -35.01 19.97
CA ARG B 418 -87.85 -36.02 20.89
C ARG B 418 -87.09 -37.10 20.13
N ILE B 419 -86.09 -37.67 20.79
CA ILE B 419 -85.26 -38.71 20.19
C ILE B 419 -85.86 -40.06 20.53
N SER B 420 -85.99 -40.91 19.52
CA SER B 420 -86.53 -42.26 19.68
C SER B 420 -85.49 -43.35 19.52
N CYS B 421 -84.48 -43.12 18.67
CA CYS B 421 -83.46 -44.11 18.38
C CYS B 421 -82.08 -43.50 18.54
N PHE B 422 -81.14 -44.33 18.98
CA PHE B 422 -79.75 -43.91 19.13
C PHE B 422 -78.80 -45.02 18.68
N GLY B 423 -79.27 -45.90 17.80
CA GLY B 423 -78.49 -47.06 17.44
C GLY B 423 -77.21 -46.70 16.72
N SER B 424 -76.26 -47.61 16.77
CA SER B 424 -74.98 -47.47 16.10
C SER B 424 -74.82 -48.63 15.11
N GLY B 425 -73.63 -48.70 14.50
CA GLY B 425 -73.33 -49.76 13.56
C GLY B 425 -71.88 -50.19 13.71
N SER B 426 -71.57 -51.34 13.12
CA SER B 426 -70.22 -51.87 13.20
C SER B 426 -69.21 -50.93 12.55
N CYS B 427 -69.65 -50.05 11.67
CA CYS B 427 -68.78 -49.03 11.12
C CYS B 427 -68.38 -48.06 12.22
N PRO B 428 -67.10 -47.70 12.35
CA PRO B 428 -66.67 -46.81 13.44
C PRO B 428 -66.74 -45.33 13.12
N HIS B 429 -67.42 -44.94 12.05
CA HIS B 429 -67.46 -43.55 11.59
C HIS B 429 -68.87 -43.01 11.55
N PHE B 430 -69.86 -43.76 12.04
CA PHE B 430 -71.25 -43.39 11.86
C PHE B 430 -72.04 -43.67 13.13
N LEU B 431 -72.87 -42.71 13.51
CA LEU B 431 -73.90 -42.91 14.53
C LEU B 431 -75.21 -42.36 13.99
N ALA B 432 -76.32 -42.94 14.44
CA ALA B 432 -77.63 -42.58 13.92
C ALA B 432 -78.59 -42.31 15.06
N ALA B 433 -79.49 -41.36 14.82
CA ALA B 433 -80.56 -41.04 15.76
C ALA B 433 -81.79 -40.64 14.95
N ALA B 434 -82.96 -40.81 15.55
CA ALA B 434 -84.22 -40.50 14.89
C ALA B 434 -85.09 -39.66 15.81
N THR B 435 -85.92 -38.81 15.18
CA THR B 435 -86.84 -37.96 15.89
C THR B 435 -88.28 -38.38 15.58
N LYS B 436 -89.19 -37.98 16.48
CA LYS B 436 -90.59 -38.35 16.32
C LYS B 436 -91.18 -37.76 15.04
N ARG B 437 -90.68 -36.61 14.61
CA ARG B 437 -91.16 -35.96 13.40
C ARG B 437 -90.59 -36.56 12.12
N GLY B 438 -89.66 -37.50 12.23
CA GLY B 438 -89.08 -38.15 11.08
C GLY B 438 -87.69 -37.68 10.74
N LYS B 439 -87.21 -36.65 11.43
CA LYS B 439 -85.86 -36.14 11.18
C LYS B 439 -84.85 -37.09 11.78
N ILE B 440 -83.92 -37.57 10.95
CA ILE B 440 -82.88 -38.50 11.37
C ILE B 440 -81.55 -37.80 11.19
N CYS B 441 -80.73 -37.79 12.24
CA CYS B 441 -79.40 -37.21 12.20
C CYS B 441 -78.37 -38.33 12.21
N ILE B 442 -77.29 -38.13 11.46
CA ILE B 442 -76.19 -39.08 11.38
C ILE B 442 -74.90 -38.33 11.64
N TRP B 443 -74.23 -38.65 12.75
CA TRP B 443 -73.00 -37.99 13.13
C TRP B 443 -71.79 -38.79 12.65
N ASP B 444 -70.79 -38.07 12.15
CA ASP B 444 -69.49 -38.65 11.83
C ASP B 444 -68.66 -38.70 13.10
N VAL B 445 -68.93 -39.71 13.92
CA VAL B 445 -68.30 -39.79 15.24
C VAL B 445 -66.78 -39.70 15.11
N SER B 446 -66.26 -40.13 13.95
CA SER B 446 -64.83 -40.11 13.68
C SER B 446 -64.22 -38.75 13.99
N LYS B 447 -63.21 -38.75 14.86
CA LYS B 447 -62.54 -37.52 15.27
C LYS B 447 -63.48 -36.61 16.05
N LEU B 448 -63.94 -35.51 15.44
CA LEU B 448 -64.50 -34.38 16.17
C LEU B 448 -66.02 -34.42 16.24
N MET B 449 -66.63 -35.60 16.19
CA MET B 449 -68.07 -35.75 16.43
C MET B 449 -68.87 -34.83 15.51
N LYS B 450 -68.48 -34.82 14.24
CA LYS B 450 -69.11 -33.99 13.23
C LYS B 450 -70.38 -34.62 12.70
N VAL B 451 -71.42 -33.80 12.52
CA VAL B 451 -72.67 -34.26 11.90
C VAL B 451 -72.38 -34.64 10.44
N HIS B 452 -72.72 -35.88 10.08
CA HIS B 452 -72.43 -36.37 8.74
C HIS B 452 -73.57 -36.14 7.75
N LEU B 453 -74.81 -36.38 8.15
CA LEU B 453 -75.93 -36.24 7.22
C LEU B 453 -77.23 -36.11 8.00
N LYS B 454 -77.97 -35.04 7.71
CA LYS B 454 -79.29 -34.79 8.29
C LYS B 454 -80.31 -34.81 7.16
N PHE B 455 -81.29 -35.70 7.26
CA PHE B 455 -82.34 -35.83 6.25
C PHE B 455 -83.67 -36.04 6.97
N GLU B 456 -84.74 -36.15 6.17
CA GLU B 456 -86.08 -36.34 6.71
C GLU B 456 -86.65 -37.65 6.19
N ILE B 457 -87.45 -38.31 7.03
CA ILE B 457 -88.12 -39.56 6.71
C ILE B 457 -89.60 -39.27 6.52
N ASN B 458 -90.11 -39.53 5.33
CA ASN B 458 -91.50 -39.31 4.99
C ASN B 458 -92.16 -40.65 4.70
N ALA B 459 -93.27 -40.94 5.39
CA ALA B 459 -93.95 -42.21 5.19
C ALA B 459 -94.49 -42.35 3.77
N TYR B 460 -94.83 -41.23 3.12
CA TYR B 460 -95.41 -41.26 1.77
C TYR B 460 -94.32 -41.42 0.72
N ASP B 461 -93.53 -42.48 0.87
CA ASP B 461 -92.43 -42.75 -0.04
C ASP B 461 -92.84 -43.78 -1.09
N PRO B 462 -92.27 -43.72 -2.30
CA PRO B 462 -92.65 -44.71 -3.32
C PRO B 462 -92.44 -46.15 -2.85
N ALA B 463 -91.40 -46.40 -2.05
CA ALA B 463 -91.19 -47.74 -1.52
C ALA B 463 -92.26 -48.10 -0.50
N ILE B 464 -92.56 -47.18 0.42
CA ILE B 464 -93.53 -47.47 1.48
C ILE B 464 -94.90 -47.73 0.90
N VAL B 465 -95.35 -46.90 -0.04
CA VAL B 465 -96.70 -47.01 -0.55
C VAL B 465 -96.93 -48.36 -1.22
N GLN B 466 -95.87 -48.96 -1.78
CA GLN B 466 -96.01 -50.33 -2.30
C GLN B 466 -95.86 -51.35 -1.20
N GLN B 467 -94.96 -51.12 -0.24
CA GLN B 467 -94.79 -52.07 0.85
C GLN B 467 -96.01 -52.07 1.76
N LEU B 468 -96.75 -50.95 1.78
CA LEU B 468 -97.96 -50.85 2.57
C LEU B 468 -99.05 -51.80 2.09
N ILE B 469 -98.95 -52.27 0.84
CA ILE B 469 -99.89 -53.24 0.30
C ILE B 469 -99.46 -54.66 0.67
N GLU B 533 -104.15 -42.56 3.73
CA GLU B 533 -103.32 -41.96 4.77
C GLU B 533 -102.31 -42.96 5.32
N VAL B 534 -101.15 -42.46 5.72
CA VAL B 534 -100.11 -43.29 6.31
C VAL B 534 -99.13 -42.39 7.02
N SER B 535 -98.59 -42.88 8.14
CA SER B 535 -97.56 -42.18 8.90
C SER B 535 -96.50 -43.19 9.29
N LEU B 536 -95.30 -42.69 9.59
CA LEU B 536 -94.18 -43.54 9.93
C LEU B 536 -93.48 -43.02 11.17
N ASP B 537 -93.12 -43.94 12.06
CA ASP B 537 -92.39 -43.66 13.29
C ASP B 537 -91.22 -44.63 13.35
N ILE B 538 -90.01 -44.11 13.43
CA ILE B 538 -88.83 -44.97 13.55
C ILE B 538 -88.71 -45.41 15.01
N THR B 539 -88.42 -46.69 15.21
CA THR B 539 -88.26 -47.24 16.56
C THR B 539 -86.95 -48.00 16.73
N ALA B 540 -86.25 -48.35 15.65
CA ALA B 540 -84.98 -49.02 15.74
C ALA B 540 -84.04 -48.45 14.69
N LEU B 541 -82.74 -48.53 14.96
CA LEU B 541 -81.72 -48.04 14.05
C LEU B 541 -80.54 -49.00 14.06
N SER B 542 -79.84 -49.05 12.93
CA SER B 542 -78.63 -49.85 12.82
C SER B 542 -77.96 -49.54 11.49
N ILE B 543 -76.64 -49.69 11.47
CA ILE B 543 -75.85 -49.52 10.25
C ILE B 543 -74.98 -50.75 10.10
N LEU B 544 -74.86 -51.25 8.88
CA LEU B 544 -74.15 -52.49 8.61
C LEU B 544 -72.83 -52.17 7.91
N GLN B 545 -71.76 -52.79 8.38
CA GLN B 545 -70.48 -52.74 7.71
C GLN B 545 -69.77 -54.08 7.83
N GLN B 546 -68.91 -54.37 6.86
CA GLN B 546 -68.16 -55.62 6.85
C GLN B 546 -67.43 -55.83 8.17
N PHE B 595 -72.40 -47.51 -0.88
CA PHE B 595 -72.68 -48.89 -0.48
C PHE B 595 -73.12 -49.06 0.97
N PRO B 596 -72.54 -48.28 1.90
CA PRO B 596 -73.06 -48.30 3.26
C PRO B 596 -74.51 -47.85 3.29
N CYS B 597 -75.28 -48.47 4.19
CA CYS B 597 -76.71 -48.23 4.27
C CYS B 597 -77.13 -48.13 5.73
N LEU B 598 -78.15 -47.32 5.98
CA LEU B 598 -78.73 -47.15 7.30
C LEU B 598 -79.97 -48.03 7.39
N LEU B 599 -79.99 -48.94 8.36
CA LEU B 599 -81.11 -49.85 8.56
C LEU B 599 -81.92 -49.37 9.76
N ALA B 600 -83.10 -48.82 9.49
CA ALA B 600 -84.01 -48.35 10.53
C ALA B 600 -85.20 -49.30 10.67
N GLY B 601 -85.74 -49.35 11.88
CA GLY B 601 -86.98 -50.03 12.17
C GLY B 601 -88.08 -49.02 12.42
N GLY B 602 -89.25 -49.25 11.80
CA GLY B 602 -90.34 -48.31 11.90
C GLY B 602 -91.67 -49.01 12.08
N LEU B 603 -92.63 -48.26 12.58
CA LEU B 603 -94.01 -48.68 12.70
C LEU B 603 -94.86 -47.77 11.83
N LEU B 604 -95.57 -48.34 10.87
CA LEU B 604 -96.51 -47.61 10.03
C LEU B 604 -97.89 -47.61 10.66
N THR B 605 -98.58 -46.47 10.57
CA THR B 605 -99.92 -46.31 11.12
C THR B 605 -100.82 -45.81 9.99
N TYR B 606 -101.73 -46.67 9.54
CA TYR B 606 -102.59 -46.39 8.40
C TYR B 606 -103.64 -45.34 8.75
N ARG B 655 -107.88 -47.92 11.10
CA ARG B 655 -106.52 -47.49 11.42
C ARG B 655 -105.79 -48.68 12.05
N ARG B 656 -104.84 -49.25 11.32
CA ARG B 656 -104.01 -50.36 11.79
C ARG B 656 -102.54 -49.96 11.79
N THR B 657 -101.70 -50.87 12.32
CA THR B 657 -100.29 -50.62 12.48
C THR B 657 -99.50 -51.81 11.94
N LEU B 658 -98.26 -51.54 11.53
CA LEU B 658 -97.41 -52.55 10.90
C LEU B 658 -95.94 -52.25 11.18
N PRO B 659 -95.20 -53.16 11.82
CA PRO B 659 -93.75 -52.95 11.96
C PRO B 659 -93.01 -53.42 10.71
N VAL B 660 -92.04 -52.62 10.29
CA VAL B 660 -91.30 -52.87 9.05
C VAL B 660 -89.84 -52.45 9.26
N LEU B 661 -89.02 -52.80 8.28
CA LEU B 661 -87.63 -52.39 8.22
C LEU B 661 -87.43 -51.35 7.11
N LEU B 662 -86.47 -50.46 7.31
CA LEU B 662 -86.19 -49.39 6.35
C LEU B 662 -84.69 -49.35 6.11
N LEU B 663 -84.28 -49.69 4.88
CA LEU B 663 -82.87 -49.64 4.49
C LEU B 663 -82.64 -48.34 3.72
N TYR B 664 -81.97 -47.39 4.35
CA TYR B 664 -81.63 -46.11 3.73
C TYR B 664 -80.19 -46.11 3.25
N SER B 665 -79.87 -45.14 2.40
CA SER B 665 -78.53 -44.94 1.89
C SER B 665 -77.86 -43.83 2.69
N ILE B 666 -76.56 -43.99 2.95
CA ILE B 666 -75.79 -43.04 3.73
C ILE B 666 -74.74 -42.32 2.87
N LYS B 667 -73.81 -43.06 2.31
CA LYS B 667 -72.74 -42.47 1.49
C LYS B 667 -73.30 -41.95 0.17
N PRO B 744 -78.10 -40.26 -0.19
CA PRO B 744 -78.43 -39.52 1.03
C PRO B 744 -79.92 -39.26 1.19
N GLY B 745 -80.47 -39.71 2.32
CA GLY B 745 -81.88 -39.51 2.61
C GLY B 745 -82.82 -40.25 1.69
N THR B 746 -82.32 -41.23 0.94
CA THR B 746 -83.11 -42.01 0.01
C THR B 746 -83.28 -43.42 0.55
N LEU B 747 -84.53 -43.87 0.64
CA LEU B 747 -84.84 -45.22 1.12
C LEU B 747 -84.59 -46.22 0.00
N VAL B 748 -83.44 -46.89 0.05
CA VAL B 748 -83.09 -47.85 -0.98
C VAL B 748 -84.08 -49.00 -0.99
N GLN B 749 -84.44 -49.52 0.18
CA GLN B 749 -85.30 -50.69 0.27
C GLN B 749 -86.10 -50.62 1.56
N CYS B 750 -87.42 -50.74 1.44
CA CYS B 750 -88.33 -50.92 2.56
C CYS B 750 -88.74 -52.38 2.67
N LEU B 751 -88.44 -53.00 3.82
CA LEU B 751 -88.63 -54.43 4.01
C LEU B 751 -89.83 -54.64 4.95
N ARG B 752 -90.88 -55.23 4.41
CA ARG B 752 -92.08 -55.57 5.17
C ARG B 752 -91.87 -56.83 5.99
N LEU B 753 -92.21 -56.76 7.27
CA LEU B 753 -92.10 -57.93 8.14
C LEU B 753 -93.27 -58.89 7.90
N PRO B 754 -93.15 -60.14 8.34
CA PRO B 754 -94.15 -61.15 8.01
C PRO B 754 -95.58 -60.70 8.27
N LYS B 755 -96.55 -61.38 7.65
CA LYS B 755 -97.93 -60.95 7.71
C LYS B 755 -98.45 -60.88 9.13
N PHE B 756 -98.05 -61.82 9.99
CA PHE B 756 -98.65 -61.90 11.33
C PHE B 756 -98.42 -60.61 12.12
N ALA B 757 -97.33 -59.88 11.82
CA ALA B 757 -97.06 -58.67 12.57
C ALA B 757 -98.18 -57.64 12.41
N GLU B 758 -98.91 -57.68 11.29
CA GLU B 758 -99.98 -56.72 11.07
C GLU B 758 -101.10 -56.89 12.08
N GLU B 759 -101.45 -58.13 12.42
CA GLU B 759 -102.61 -58.41 13.25
C GLU B 759 -102.25 -58.82 14.68
N GLU B 760 -100.99 -59.16 14.96
CA GLU B 760 -100.59 -59.57 16.30
C GLU B 760 -100.26 -58.39 17.19
N ASN B 761 -100.36 -57.17 16.69
CA ASN B 761 -100.10 -55.97 17.48
C ASN B 761 -98.68 -55.99 18.03
N LEU B 762 -97.72 -55.95 17.12
CA LEU B 762 -96.30 -55.98 17.44
C LEU B 762 -95.61 -54.75 16.87
N CYS B 763 -94.54 -54.33 17.54
CA CYS B 763 -93.68 -53.25 17.07
C CYS B 763 -92.24 -53.65 17.29
N ILE B 764 -91.37 -53.29 16.33
CA ILE B 764 -89.96 -53.60 16.49
C ILE B 764 -89.44 -52.87 17.71
N ASP B 765 -88.66 -53.56 18.54
CA ASP B 765 -88.12 -52.97 19.75
C ASP B 765 -86.60 -52.93 19.77
N SER B 766 -85.93 -53.75 18.97
CA SER B 766 -84.48 -53.77 18.93
C SER B 766 -84.03 -54.32 17.59
N ILE B 767 -82.92 -53.77 17.08
CA ILE B 767 -82.28 -54.28 15.88
C ILE B 767 -80.78 -54.21 16.12
N THR B 768 -80.12 -55.36 16.00
CA THR B 768 -78.69 -55.48 16.26
C THR B 768 -78.05 -56.33 15.17
N PRO B 769 -76.90 -55.92 14.64
CA PRO B 769 -76.17 -56.81 13.73
C PRO B 769 -75.68 -58.04 14.46
N CYS B 770 -75.64 -59.16 13.75
CA CYS B 770 -75.28 -60.43 14.38
C CYS B 770 -74.01 -60.28 15.20
N ALA B 771 -73.91 -61.10 16.25
CA ALA B 771 -72.72 -61.09 17.08
C ALA B 771 -71.49 -61.51 16.29
N ASP B 772 -71.62 -62.53 15.44
CA ASP B 772 -70.49 -62.97 14.63
C ASP B 772 -70.35 -62.11 13.38
N GLY B 773 -71.45 -61.68 12.80
CA GLY B 773 -71.46 -60.90 11.59
C GLY B 773 -72.23 -61.58 10.48
N ILE B 774 -72.24 -60.92 9.32
CA ILE B 774 -72.93 -61.38 8.12
C ILE B 774 -74.33 -61.87 8.46
N HIS B 775 -74.94 -61.27 9.48
CA HIS B 775 -76.31 -61.59 9.84
C HIS B 775 -76.87 -60.44 10.68
N LEU B 776 -78.20 -60.38 10.76
CA LEU B 776 -78.88 -59.28 11.42
C LEU B 776 -80.09 -59.84 12.14
N LEU B 777 -80.24 -59.48 13.42
CA LEU B 777 -81.34 -59.96 14.26
C LEU B 777 -82.24 -58.80 14.61
N VAL B 778 -83.54 -58.97 14.38
CA VAL B 778 -84.55 -57.95 14.66
C VAL B 778 -85.52 -58.53 15.69
N GLY B 779 -85.93 -57.70 16.64
CA GLY B 779 -86.87 -58.10 17.67
C GLY B 779 -88.17 -57.33 17.58
N LEU B 780 -89.27 -58.02 17.87
CA LEU B 780 -90.61 -57.44 17.82
C LEU B 780 -91.32 -57.72 19.14
N ARG B 781 -91.79 -56.66 19.80
CA ARG B 781 -92.58 -56.80 21.02
C ARG B 781 -93.96 -56.22 20.79
N THR B 782 -94.87 -56.51 21.72
CA THR B 782 -96.22 -55.97 21.63
C THR B 782 -96.20 -54.48 21.89
N CYS B 783 -97.07 -53.75 21.20
CA CYS B 783 -97.16 -52.31 21.35
C CYS B 783 -97.56 -51.95 22.78
N GLY B 853 -93.35 -63.48 25.48
CA GLY B 853 -94.32 -62.62 24.83
C GLY B 853 -93.71 -61.71 23.79
N GLY B 854 -93.11 -62.31 22.76
CA GLY B 854 -92.48 -61.52 21.72
C GLY B 854 -91.93 -62.42 20.63
N TYR B 855 -91.31 -61.78 19.64
CA TYR B 855 -90.77 -62.45 18.48
C TYR B 855 -89.33 -62.01 18.24
N LEU B 856 -88.49 -62.94 17.82
CA LEU B 856 -87.12 -62.66 17.41
C LEU B 856 -86.92 -63.19 15.98
N VAL B 857 -86.72 -62.28 15.04
CA VAL B 857 -86.57 -62.62 13.63
C VAL B 857 -85.16 -62.25 13.21
N LEU B 858 -84.49 -63.18 12.53
CA LEU B 858 -83.08 -63.04 12.16
C LEU B 858 -82.97 -62.89 10.65
N TYR B 859 -82.39 -61.77 10.22
CA TYR B 859 -82.16 -61.49 8.82
C TYR B 859 -80.70 -61.68 8.44
N LYS B 860 -80.47 -62.08 7.20
CA LYS B 860 -79.13 -62.11 6.62
C LYS B 860 -78.88 -60.77 5.94
N MET B 861 -77.79 -60.11 6.34
CA MET B 861 -77.51 -58.75 5.88
C MET B 861 -77.45 -58.68 4.37
N ASN B 862 -78.14 -57.68 3.80
CA ASN B 862 -78.35 -57.57 2.37
C ASN B 862 -77.29 -56.66 1.76
N TYR B 863 -76.07 -57.19 1.72
CA TYR B 863 -74.94 -56.47 1.13
C TYR B 863 -75.17 -56.26 -0.36
N GLU B 873 -88.01 -61.52 3.64
CA GLU B 873 -88.41 -62.15 4.89
C GLU B 873 -87.20 -62.76 5.59
N PRO B 874 -87.29 -62.96 6.90
CA PRO B 874 -86.10 -63.39 7.66
C PRO B 874 -85.63 -64.76 7.21
N ILE B 875 -84.43 -65.11 7.69
CA ILE B 875 -83.88 -66.45 7.47
C ILE B 875 -84.04 -67.34 8.69
N LYS B 876 -84.37 -66.78 9.85
CA LYS B 876 -84.68 -67.56 11.05
C LYS B 876 -85.71 -66.79 11.87
N ILE B 877 -86.43 -67.52 12.72
CA ILE B 877 -87.50 -66.94 13.53
C ILE B 877 -87.58 -67.68 14.85
N GLN B 878 -88.01 -66.97 15.89
CA GLN B 878 -88.23 -67.55 17.21
C GLN B 878 -89.34 -66.76 17.90
N HIS B 879 -90.17 -67.45 18.67
CA HIS B 879 -91.30 -66.85 19.37
C HIS B 879 -91.18 -67.08 20.87
N ILE B 880 -91.35 -66.02 21.65
CA ILE B 880 -91.38 -66.06 23.11
C ILE B 880 -92.82 -65.77 23.55
N LYS B 881 -93.42 -66.69 24.30
CA LYS B 881 -94.84 -66.58 24.63
C LYS B 881 -95.13 -66.09 26.05
N ASP B 882 -94.32 -66.45 27.04
CA ASP B 882 -94.65 -66.11 28.42
C ASP B 882 -94.70 -64.60 28.60
N PRO B 883 -95.79 -64.04 29.14
CA PRO B 883 -95.84 -62.58 29.36
C PRO B 883 -94.79 -62.10 30.35
N GLN B 884 -94.25 -62.99 31.18
CA GLN B 884 -93.15 -62.65 32.08
C GLN B 884 -91.79 -62.89 31.46
N ASP B 885 -91.74 -63.41 30.22
CA ASP B 885 -90.49 -63.62 29.51
C ASP B 885 -90.27 -62.57 28.42
N THR B 886 -91.07 -61.51 28.39
CA THR B 886 -90.88 -60.46 27.40
C THR B 886 -89.52 -59.82 27.61
N ILE B 887 -88.79 -59.63 26.51
CA ILE B 887 -87.42 -59.13 26.57
C ILE B 887 -87.40 -57.69 27.04
N THR B 888 -86.42 -57.35 27.87
CA THR B 888 -86.21 -56.00 28.35
C THR B 888 -84.78 -55.52 28.14
N SER B 889 -83.95 -56.29 27.43
CA SER B 889 -82.58 -55.91 27.14
C SER B 889 -82.06 -56.86 26.07
N LEU B 890 -80.85 -56.60 25.60
CA LEU B 890 -80.19 -57.47 24.64
C LEU B 890 -78.71 -57.10 24.55
N ILE B 891 -77.82 -58.08 24.66
CA ILE B 891 -76.39 -57.85 24.58
C ILE B 891 -75.79 -58.46 23.33
N LEU B 892 -76.25 -59.64 22.92
CA LEU B 892 -75.78 -60.29 21.70
C LEU B 892 -74.27 -60.53 21.76
N LEU B 893 -73.87 -61.38 22.71
CA LEU B 893 -72.46 -61.68 22.91
C LEU B 893 -71.86 -62.38 21.69
N PRO B 894 -70.53 -62.27 21.49
CA PRO B 894 -69.87 -62.83 20.32
C PRO B 894 -69.76 -64.35 20.38
N LEU B 931 -73.35 -67.53 15.03
CA LEU B 931 -74.15 -66.36 15.38
C LEU B 931 -73.79 -65.84 16.76
N GLY B 932 -72.58 -66.14 17.22
CA GLY B 932 -72.18 -65.66 18.53
C GLY B 932 -73.08 -66.19 19.63
N HIS B 933 -73.43 -65.31 20.57
CA HIS B 933 -74.27 -65.67 21.69
C HIS B 933 -75.25 -64.53 21.95
N LEU B 934 -76.18 -64.76 22.89
CA LEU B 934 -77.13 -63.73 23.28
C LEU B 934 -77.35 -63.77 24.78
N VAL B 935 -77.57 -62.60 25.36
CA VAL B 935 -77.90 -62.46 26.77
C VAL B 935 -78.99 -61.40 26.87
N ILE B 936 -80.16 -61.79 27.37
CA ILE B 936 -81.29 -60.89 27.49
C ILE B 936 -81.77 -60.91 28.94
N THR B 937 -82.65 -59.96 29.26
CA THR B 937 -83.29 -59.88 30.57
C THR B 937 -84.78 -59.68 30.35
N THR B 938 -85.58 -60.60 30.87
CA THR B 938 -87.01 -60.61 30.62
C THR B 938 -87.75 -59.71 31.60
N GLN B 939 -89.05 -59.55 31.36
CA GLN B 939 -89.89 -58.78 32.28
C GLN B 939 -89.87 -59.39 33.67
N GLY B 940 -89.80 -60.72 33.77
CA GLY B 940 -89.80 -61.37 35.05
C GLY B 940 -88.52 -61.22 35.84
N GLY B 941 -87.51 -60.52 35.31
CA GLY B 941 -86.27 -60.36 36.03
C GLY B 941 -85.31 -61.52 35.88
N TYR B 942 -85.51 -62.36 34.88
CA TYR B 942 -84.68 -63.54 34.65
C TYR B 942 -83.78 -63.26 33.46
N VAL B 943 -82.48 -63.31 33.66
CA VAL B 943 -81.53 -63.27 32.56
C VAL B 943 -81.42 -64.66 31.96
N LYS B 944 -81.34 -64.72 30.63
CA LYS B 944 -81.50 -65.94 29.86
C LYS B 944 -80.30 -66.15 28.94
N ILE B 945 -79.10 -66.10 29.52
CA ILE B 945 -77.87 -66.28 28.76
C ILE B 945 -78.04 -67.45 27.80
N LEU B 946 -77.82 -67.20 26.51
CA LEU B 946 -78.26 -68.12 25.47
C LEU B 946 -77.37 -67.96 24.25
N ASP B 947 -77.38 -69.00 23.40
CA ASP B 947 -76.61 -69.03 22.17
C ASP B 947 -77.56 -68.93 20.99
N LEU B 948 -77.20 -68.08 20.01
CA LEU B 948 -78.06 -67.88 18.83
C LEU B 948 -77.88 -68.94 17.75
N SER B 949 -76.85 -69.77 17.84
CA SER B 949 -76.63 -70.78 16.81
C SER B 949 -77.86 -71.65 16.66
N ASN B 950 -78.41 -72.12 17.78
CA ASN B 950 -79.64 -72.89 17.76
C ASN B 950 -80.56 -72.47 18.90
N PHE B 951 -80.38 -71.25 19.42
CA PHE B 951 -81.23 -70.70 20.47
C PHE B 951 -81.24 -71.63 21.69
N GLU B 952 -80.04 -71.92 22.19
CA GLU B 952 -79.85 -72.76 23.37
C GLU B 952 -79.73 -71.92 24.64
N ILE B 953 -80.69 -72.07 25.55
CA ILE B 953 -80.58 -71.42 26.85
C ILE B 953 -79.44 -72.08 27.61
N LEU B 954 -78.40 -71.31 27.92
CA LEU B 954 -77.29 -71.85 28.69
C LEU B 954 -77.56 -71.78 30.19
N ALA B 955 -78.17 -70.69 30.66
CA ALA B 955 -78.44 -70.53 32.08
C ALA B 955 -79.51 -69.46 32.23
N LYS B 956 -80.65 -69.82 32.81
CA LYS B 956 -81.69 -68.85 33.14
C LYS B 956 -81.60 -68.53 34.62
N VAL B 957 -80.70 -67.60 34.95
CA VAL B 957 -80.58 -67.16 36.33
C VAL B 957 -81.84 -66.38 36.71
N GLU B 958 -82.19 -66.44 37.98
CA GLU B 958 -83.40 -65.84 38.52
C GLU B 958 -83.04 -64.60 39.32
N PRO B 959 -83.94 -63.61 39.41
CA PRO B 959 -83.59 -62.40 40.15
C PRO B 959 -83.44 -62.71 41.63
N PRO B 960 -82.56 -62.00 42.32
CA PRO B 960 -82.39 -62.22 43.76
C PRO B 960 -83.42 -61.46 44.59
N LYS B 961 -83.25 -61.56 45.91
CA LYS B 961 -84.10 -60.85 46.85
C LYS B 961 -83.47 -59.49 47.19
N GLU B 967 -90.05 -59.54 48.10
CA GLU B 967 -90.25 -59.99 46.73
C GLU B 967 -88.96 -59.98 45.92
N GLN B 968 -89.01 -60.63 44.77
CA GLN B 968 -87.86 -60.69 43.88
C GLN B 968 -87.57 -59.31 43.32
N ASP B 969 -86.30 -59.03 43.08
CA ASP B 969 -85.88 -57.77 42.48
C ASP B 969 -85.46 -58.05 41.04
N THR B 970 -86.28 -57.59 40.10
CA THR B 970 -86.12 -58.02 38.72
C THR B 970 -84.90 -57.35 38.10
N PHE B 971 -84.07 -58.15 37.44
CA PHE B 971 -83.01 -57.59 36.62
C PHE B 971 -83.63 -56.81 35.47
N VAL B 972 -83.04 -55.66 35.16
CA VAL B 972 -83.60 -54.78 34.13
C VAL B 972 -82.60 -54.58 33.00
N SER B 973 -81.31 -54.70 33.29
CA SER B 973 -80.30 -54.61 32.26
C SER B 973 -79.04 -55.33 32.71
N VAL B 974 -78.18 -55.60 31.73
CA VAL B 974 -76.96 -56.38 31.94
C VAL B 974 -75.84 -55.71 31.14
N ILE B 975 -74.61 -55.95 31.55
CA ILE B 975 -73.44 -55.49 30.83
C ILE B 975 -72.31 -56.49 31.10
N TYR B 976 -71.31 -56.46 30.22
CA TYR B 976 -70.18 -57.39 30.29
C TYR B 976 -68.90 -56.62 30.58
N CYS B 977 -68.22 -57.02 31.65
CA CYS B 977 -66.94 -56.42 32.05
C CYS B 977 -65.83 -57.19 31.35
N SER B 978 -65.26 -56.61 30.29
CA SER B 978 -64.19 -57.26 29.56
C SER B 978 -62.89 -57.32 30.33
N GLY B 979 -62.78 -56.60 31.45
CA GLY B 979 -61.58 -56.61 32.25
C GLY B 979 -61.61 -57.60 33.39
N THR B 980 -62.81 -58.01 33.81
CA THR B 980 -62.97 -58.94 34.92
C THR B 980 -63.58 -60.28 34.54
N ASP B 981 -64.13 -60.42 33.33
CA ASP B 981 -64.73 -61.64 32.83
C ASP B 981 -66.00 -62.02 33.59
N ARG B 982 -66.51 -61.13 34.43
CA ARG B 982 -67.73 -61.37 35.19
C ARG B 982 -68.85 -60.51 34.62
N LEU B 983 -69.96 -61.15 34.26
CA LEU B 983 -71.11 -60.40 33.82
C LEU B 983 -71.64 -59.56 34.98
N CYS B 984 -72.22 -58.40 34.66
CA CYS B 984 -72.73 -57.49 35.67
C CYS B 984 -74.18 -57.14 35.37
N ALA B 985 -75.00 -57.18 36.42
CA ALA B 985 -76.42 -56.90 36.34
C ALA B 985 -76.79 -55.82 37.35
N CYS B 986 -77.70 -54.93 36.96
CA CYS B 986 -78.18 -53.87 37.83
C CYS B 986 -79.68 -54.01 37.97
N THR B 987 -80.17 -53.94 39.21
CA THR B 987 -81.58 -54.15 39.51
C THR B 987 -82.33 -52.83 39.59
N LYS B 988 -83.66 -52.94 39.63
CA LYS B 988 -84.50 -51.77 39.87
C LYS B 988 -84.30 -51.24 41.28
N GLY B 989 -84.20 -52.14 42.27
CA GLY B 989 -84.10 -51.71 43.66
C GLY B 989 -82.83 -50.94 43.96
N GLY B 990 -81.72 -51.28 43.31
CA GLY B 990 -80.47 -50.60 43.56
C GLY B 990 -79.37 -51.49 44.09
N GLU B 991 -79.40 -52.77 43.76
CA GLU B 991 -78.38 -53.71 44.17
C GLU B 991 -77.55 -54.13 42.97
N LEU B 992 -76.29 -54.47 43.22
CA LEU B 992 -75.36 -54.90 42.18
C LEU B 992 -74.98 -56.36 42.42
N HIS B 993 -75.12 -57.17 41.38
CA HIS B 993 -74.82 -58.60 41.48
C HIS B 993 -73.86 -58.98 40.36
N PHE B 994 -72.84 -59.75 40.72
CA PHE B 994 -71.80 -60.21 39.81
C PHE B 994 -72.08 -61.63 39.34
N LEU B 995 -72.14 -61.82 38.03
CA LEU B 995 -72.38 -63.13 37.45
C LEU B 995 -71.06 -63.67 36.92
N GLN B 996 -70.77 -64.93 37.22
CA GLN B 996 -69.53 -65.56 36.80
C GLN B 996 -69.73 -66.29 35.47
N ILE B 997 -68.78 -66.13 34.56
CA ILE B 997 -68.81 -66.82 33.28
C ILE B 997 -67.43 -67.35 32.94
N ASP B 1041 -42.64 -88.80 29.36
CA ASP B 1041 -43.57 -87.69 29.41
C ASP B 1041 -42.83 -86.39 29.72
N LEU B 1042 -42.34 -86.25 30.95
CA LEU B 1042 -41.58 -85.07 31.32
C LEU B 1042 -40.22 -85.06 30.65
N LEU B 1043 -39.78 -83.88 30.20
CA LEU B 1043 -38.44 -83.75 29.64
C LEU B 1043 -37.36 -84.01 30.67
N VAL B 1044 -37.64 -83.76 31.95
CA VAL B 1044 -36.61 -83.92 32.97
C VAL B 1044 -36.11 -85.36 32.99
N ASP B 1045 -37.02 -86.32 32.85
CA ASP B 1045 -36.62 -87.72 32.96
C ASP B 1045 -36.03 -88.27 31.66
N GLN B 1046 -36.24 -87.59 30.55
CA GLN B 1046 -35.77 -88.09 29.27
C GLN B 1046 -34.29 -87.78 29.07
N PRO B 1047 -33.61 -88.52 28.20
CA PRO B 1047 -32.20 -88.21 27.94
C PRO B 1047 -32.03 -86.81 27.39
N PHE B 1048 -30.93 -86.17 27.78
CA PHE B 1048 -30.66 -84.78 27.40
C PHE B 1048 -29.99 -84.76 26.02
N THR B 1049 -30.79 -85.07 25.01
CA THR B 1049 -30.35 -84.90 23.64
C THR B 1049 -30.47 -83.44 23.21
N LEU B 1050 -29.96 -83.14 22.02
CA LEU B 1050 -30.05 -81.78 21.51
C LEU B 1050 -31.50 -81.34 21.39
N GLU B 1051 -32.39 -82.27 21.04
CA GLU B 1051 -33.81 -81.94 20.94
C GLU B 1051 -34.37 -81.60 22.32
N ILE B 1052 -34.03 -82.39 23.33
CA ILE B 1052 -34.52 -82.14 24.67
C ILE B 1052 -33.97 -80.81 25.18
N LEU B 1053 -32.70 -80.53 24.91
CA LEU B 1053 -32.11 -79.27 25.34
C LEU B 1053 -32.78 -78.09 24.64
N THR B 1054 -33.07 -78.22 23.36
CA THR B 1054 -33.77 -77.16 22.64
C THR B 1054 -35.15 -76.95 23.24
N SER B 1055 -35.83 -78.05 23.60
CA SER B 1055 -37.14 -77.94 24.23
C SER B 1055 -37.04 -77.19 25.55
N LEU B 1056 -36.04 -77.52 26.37
CA LEU B 1056 -35.88 -76.83 27.64
C LEU B 1056 -35.64 -75.34 27.44
N VAL B 1057 -34.77 -75.00 26.50
CA VAL B 1057 -34.47 -73.58 26.26
C VAL B 1057 -35.72 -72.86 25.79
N GLU B 1058 -36.44 -73.44 24.83
CA GLU B 1058 -37.69 -72.84 24.37
C GLU B 1058 -38.66 -72.67 25.52
N LEU B 1059 -38.71 -73.63 26.44
CA LEU B 1059 -39.56 -73.49 27.61
C LEU B 1059 -39.15 -72.30 28.45
N THR B 1060 -37.84 -72.05 28.57
CA THR B 1060 -37.35 -70.96 29.39
C THR B 1060 -37.48 -69.59 28.74
N ARG B 1061 -37.89 -69.53 27.47
CA ARG B 1061 -37.94 -68.25 26.77
C ARG B 1061 -39.13 -67.43 27.26
N PHE B 1062 -39.15 -66.15 26.89
CA PHE B 1062 -40.16 -65.22 27.36
C PHE B 1062 -40.69 -64.36 26.23
N GLU B 1063 -41.90 -63.85 26.43
CA GLU B 1063 -42.49 -62.85 25.54
C GLU B 1063 -43.13 -61.76 26.40
N THR B 1064 -43.31 -60.59 25.80
CA THR B 1064 -43.99 -59.48 26.45
C THR B 1064 -45.49 -59.56 26.21
N LEU B 1065 -46.28 -59.26 27.24
CA LEU B 1065 -47.73 -59.31 27.17
C LEU B 1065 -48.29 -58.31 26.16
N THR B 1066 -48.92 -58.83 25.10
CA THR B 1066 -49.41 -57.96 24.03
C THR B 1066 -50.45 -56.95 24.52
N PRO B 1067 -51.48 -57.33 25.30
CA PRO B 1067 -52.41 -56.34 25.81
C PRO B 1067 -51.99 -55.79 27.17
N ARG B 1068 -52.09 -54.47 27.31
CA ARG B 1068 -51.64 -53.83 28.54
C ARG B 1068 -52.54 -54.20 29.71
N PHE B 1069 -51.90 -54.46 30.86
CA PHE B 1069 -52.60 -54.72 32.10
C PHE B 1069 -53.11 -53.42 32.73
N SER B 1070 -54.13 -53.56 33.57
CA SER B 1070 -54.63 -52.46 34.38
C SER B 1070 -53.97 -52.44 35.75
N ALA B 1071 -53.80 -51.23 36.29
CA ALA B 1071 -53.09 -51.05 37.55
C ALA B 1071 -53.81 -50.02 38.43
N THR B 1072 -53.91 -50.32 39.72
CA THR B 1072 -54.43 -49.40 40.72
C THR B 1072 -53.36 -49.11 41.77
N VAL B 1073 -53.13 -47.83 42.07
CA VAL B 1073 -52.03 -47.41 42.94
C VAL B 1073 -52.52 -46.42 43.99
N PRO B 1074 -51.75 -46.17 45.04
CA PRO B 1074 -52.14 -45.16 46.04
C PRO B 1074 -52.29 -43.79 45.40
N PRO B 1075 -53.05 -42.88 46.03
CA PRO B 1075 -53.27 -41.57 45.40
C PRO B 1075 -52.00 -40.80 45.09
N CYS B 1076 -50.97 -40.90 45.94
CA CYS B 1076 -49.74 -40.14 45.70
C CYS B 1076 -49.05 -40.56 44.41
N TRP B 1077 -49.31 -41.76 43.91
CA TRP B 1077 -48.76 -42.25 42.65
C TRP B 1077 -49.65 -41.84 41.49
N VAL B 1078 -49.07 -41.13 40.52
CA VAL B 1078 -49.79 -40.60 39.36
C VAL B 1078 -49.14 -41.14 38.10
N GLU B 1079 -49.96 -41.71 37.22
CA GLU B 1079 -49.47 -42.37 36.02
C GLU B 1079 -48.92 -41.35 35.02
N VAL B 1080 -48.05 -41.82 34.14
CA VAL B 1080 -47.50 -41.02 33.05
C VAL B 1080 -47.66 -41.79 31.74
N GLN B 1081 -48.10 -41.09 30.70
CA GLN B 1081 -48.26 -41.71 29.39
C GLN B 1081 -46.94 -42.29 28.92
N GLN B 1082 -46.99 -43.50 28.37
CA GLN B 1082 -45.78 -44.18 27.94
C GLN B 1082 -45.09 -43.42 26.80
N GLU B 1083 -45.86 -42.74 25.96
CA GLU B 1083 -45.25 -41.90 24.94
C GLU B 1083 -44.45 -40.78 25.58
N GLN B 1084 -44.96 -40.22 26.66
CA GLN B 1084 -44.20 -39.24 27.42
C GLN B 1084 -42.94 -39.88 27.99
N GLN B 1085 -43.09 -41.07 28.58
CA GLN B 1085 -41.94 -41.74 29.18
C GLN B 1085 -40.90 -42.08 28.12
N GLN B 1086 -41.36 -42.51 26.95
CA GLN B 1086 -40.48 -42.88 25.84
C GLN B 1086 -40.32 -41.76 24.83
N ARG B 1087 -40.59 -40.51 25.24
CA ARG B 1087 -40.45 -39.39 24.32
C ARG B 1087 -39.01 -39.24 23.86
N ARG B 1088 -38.05 -39.43 24.77
CA ARG B 1088 -36.65 -39.32 24.42
C ARG B 1088 -36.28 -40.36 23.37
N HIS B 1089 -36.78 -41.59 23.54
CA HIS B 1089 -36.51 -42.71 22.64
C HIS B 1089 -37.85 -43.33 22.26
N PRO B 1090 -38.57 -42.74 21.30
CA PRO B 1090 -39.89 -43.26 20.97
C PRO B 1090 -39.80 -44.69 20.47
N GLN B 1091 -40.87 -45.45 20.71
CA GLN B 1091 -40.95 -46.85 20.30
C GLN B 1091 -42.04 -47.08 19.26
N HIS B 1092 -42.40 -46.04 18.51
CA HIS B 1092 -43.53 -46.15 17.58
C HIS B 1092 -43.24 -47.19 16.51
N LEU B 1093 -41.98 -47.32 16.09
CA LEU B 1093 -41.66 -48.36 15.11
C LEU B 1093 -41.93 -49.74 15.70
N HIS B 1094 -41.64 -49.91 16.99
CA HIS B 1094 -41.91 -51.18 17.65
C HIS B 1094 -43.39 -51.35 17.96
N GLN B 1095 -44.15 -50.26 17.97
CA GLN B 1095 -45.58 -50.34 18.26
C GLN B 1095 -46.27 -51.31 17.31
N GLN B 1096 -45.75 -51.47 16.10
CA GLN B 1096 -46.40 -52.36 15.12
C GLN B 1096 -46.45 -53.80 15.64
N HIS B 1097 -45.34 -54.29 16.17
CA HIS B 1097 -45.29 -55.63 16.76
C HIS B 1097 -45.39 -55.58 18.27
N HIS B 1098 -46.11 -54.58 18.79
CA HIS B 1098 -46.42 -54.47 20.21
C HIS B 1098 -45.15 -54.41 21.06
N GLY B 1099 -44.10 -53.82 20.52
CA GLY B 1099 -42.86 -53.64 21.24
C GLY B 1099 -42.83 -52.35 22.03
N ASP B 1100 -43.71 -51.42 21.70
CA ASP B 1100 -43.76 -50.13 22.38
C ASP B 1100 -44.26 -50.29 23.81
N ALA B 1101 -43.87 -49.34 24.65
CA ALA B 1101 -44.23 -49.39 26.05
C ALA B 1101 -45.71 -49.15 26.30
N ALA B 1102 -46.42 -48.56 25.34
CA ALA B 1102 -47.84 -48.29 25.55
C ALA B 1102 -48.67 -49.56 25.63
N GLN B 1103 -48.14 -50.68 25.14
CA GLN B 1103 -48.87 -51.94 25.13
C GLN B 1103 -48.54 -52.87 26.29
N HIS B 1104 -47.39 -52.67 26.97
CA HIS B 1104 -47.02 -53.60 28.03
C HIS B 1104 -46.51 -52.95 29.31
N THR B 1105 -46.13 -51.67 29.33
CA THR B 1105 -45.49 -51.07 30.49
C THR B 1105 -46.39 -50.01 31.09
N ARG B 1106 -46.53 -50.04 32.41
CA ARG B 1106 -47.21 -49.01 33.18
C ARG B 1106 -46.19 -48.30 34.06
N THR B 1107 -46.43 -47.02 34.31
CA THR B 1107 -45.46 -46.20 35.04
C THR B 1107 -46.18 -45.23 35.96
N TRP B 1108 -45.59 -45.00 37.14
CA TRP B 1108 -46.12 -44.03 38.08
C TRP B 1108 -44.95 -43.24 38.64
N LYS B 1109 -45.09 -41.91 38.68
CA LYS B 1109 -44.14 -41.07 39.40
C LYS B 1109 -44.62 -40.88 40.83
N LEU B 1110 -43.66 -40.69 41.74
CA LEU B 1110 -43.99 -40.54 43.15
C LEU B 1110 -44.00 -39.06 43.50
N GLN B 1111 -45.06 -38.63 44.16
CA GLN B 1111 -45.14 -37.28 44.72
C GLN B 1111 -44.89 -37.38 46.21
N THR B 1112 -43.92 -36.61 46.71
CA THR B 1112 -43.49 -36.70 48.10
C THR B 1112 -44.57 -36.07 48.98
N ASP B 1113 -45.62 -36.85 49.23
CA ASP B 1113 -46.73 -36.41 50.07
C ASP B 1113 -46.34 -36.58 51.54
N SER B 1114 -47.30 -36.39 52.44
CA SER B 1114 -47.00 -36.51 53.87
C SER B 1114 -46.65 -37.94 54.24
N ASN B 1115 -47.42 -38.92 53.75
CA ASN B 1115 -47.19 -40.33 54.06
C ASN B 1115 -46.64 -41.08 52.85
N SER B 1116 -46.09 -40.36 51.87
CA SER B 1116 -45.51 -41.02 50.70
C SER B 1116 -44.36 -41.93 51.11
N TRP B 1117 -43.69 -41.63 52.21
CA TRP B 1117 -42.55 -42.41 52.67
C TRP B 1117 -42.95 -43.79 53.16
N ASP B 1118 -44.22 -44.05 53.39
CA ASP B 1118 -44.67 -45.27 54.02
C ASP B 1118 -45.06 -46.29 52.97
N GLU B 1119 -45.68 -47.39 53.42
CA GLU B 1119 -46.03 -48.49 52.54
C GLU B 1119 -46.78 -48.02 51.32
N HIS B 1120 -46.56 -48.72 50.22
CA HIS B 1120 -47.35 -48.57 49.00
C HIS B 1120 -47.71 -49.96 48.50
N VAL B 1121 -48.93 -50.10 48.00
CA VAL B 1121 -49.44 -51.37 47.49
C VAL B 1121 -49.98 -51.10 46.10
N PHE B 1122 -49.42 -51.79 45.11
CA PHE B 1122 -49.84 -51.67 43.72
C PHE B 1122 -50.60 -52.94 43.35
N GLU B 1123 -51.89 -52.80 43.08
CA GLU B 1123 -52.73 -53.92 42.71
C GLU B 1123 -52.79 -54.03 41.20
N LEU B 1124 -52.39 -55.18 40.67
CA LEU B 1124 -52.14 -55.37 39.24
C LEU B 1124 -52.96 -56.55 38.77
N VAL B 1125 -54.01 -56.26 38.01
CA VAL B 1125 -54.87 -57.29 37.44
C VAL B 1125 -54.38 -57.52 36.02
N LEU B 1126 -54.11 -58.77 35.67
CA LEU B 1126 -53.59 -59.08 34.36
C LEU B 1126 -54.74 -59.12 33.35
N PRO B 1127 -54.43 -58.89 32.06
CA PRO B 1127 -55.49 -58.98 31.05
C PRO B 1127 -56.14 -60.35 30.99
N LYS B 1128 -55.39 -61.42 31.24
CA LYS B 1128 -55.90 -62.77 31.12
C LYS B 1128 -55.09 -63.67 32.05
N ALA B 1129 -55.67 -64.82 32.39
CA ALA B 1129 -54.89 -65.82 33.10
C ALA B 1129 -53.81 -66.34 32.17
N CYS B 1130 -52.58 -66.45 32.68
CA CYS B 1130 -51.46 -66.84 31.85
C CYS B 1130 -50.37 -67.44 32.73
N MET B 1131 -49.42 -68.10 32.06
CA MET B 1131 -48.26 -68.67 32.74
C MET B 1131 -47.27 -67.52 32.94
N VAL B 1132 -47.42 -66.84 34.07
CA VAL B 1132 -46.63 -65.64 34.34
C VAL B 1132 -45.19 -66.04 34.62
N GLY B 1133 -44.27 -65.43 33.88
CA GLY B 1133 -42.86 -65.72 34.05
C GLY B 1133 -42.24 -64.96 35.20
N HIS B 1134 -42.51 -63.66 35.26
CA HIS B 1134 -41.99 -62.83 36.34
C HIS B 1134 -42.71 -61.49 36.34
N VAL B 1135 -42.45 -60.70 37.38
CA VAL B 1135 -42.95 -59.34 37.48
C VAL B 1135 -41.72 -58.45 37.62
N ASP B 1136 -41.55 -57.54 36.68
CA ASP B 1136 -40.44 -56.59 36.70
C ASP B 1136 -40.86 -55.34 37.45
N PHE B 1137 -40.28 -55.14 38.64
CA PHE B 1137 -40.54 -53.97 39.47
C PHE B 1137 -39.35 -53.04 39.23
N LYS B 1138 -39.52 -52.11 38.30
CA LYS B 1138 -38.49 -51.13 38.01
C LYS B 1138 -38.61 -49.93 38.93
N PHE B 1139 -37.46 -49.36 39.29
CA PHE B 1139 -37.44 -48.24 40.21
C PHE B 1139 -36.31 -47.30 39.82
N VAL B 1140 -36.55 -46.01 39.98
CA VAL B 1140 -35.54 -44.97 39.82
C VAL B 1140 -35.52 -44.17 41.12
N LEU B 1141 -34.35 -44.08 41.74
CA LEU B 1141 -34.19 -43.35 42.99
C LEU B 1141 -33.73 -41.93 42.71
N ASN B 1142 -33.97 -41.05 43.69
CA ASN B 1142 -33.55 -39.66 43.56
C ASN B 1142 -32.05 -39.59 43.30
N SER B 1143 -31.66 -38.73 42.35
CA SER B 1143 -30.26 -38.60 42.03
C SER B 1143 -29.45 -38.12 43.23
N ASN B 1144 -29.98 -37.14 43.96
CA ASN B 1144 -29.33 -36.61 45.16
C ASN B 1144 -29.65 -37.50 46.37
N ILE B 1145 -29.27 -38.76 46.27
CA ILE B 1145 -29.56 -39.75 47.30
C ILE B 1145 -28.25 -40.09 48.00
N THR B 1146 -28.15 -39.70 49.28
CA THR B 1146 -26.94 -39.94 50.03
C THR B 1146 -26.75 -41.42 50.34
N ASN B 1147 -27.81 -42.08 50.79
CA ASN B 1147 -27.74 -43.49 51.18
C ASN B 1147 -28.87 -44.27 50.52
N ILE B 1148 -28.61 -45.56 50.34
CA ILE B 1148 -29.61 -46.46 49.74
C ILE B 1148 -30.69 -46.77 50.77
N PRO B 1149 -31.97 -46.58 50.45
CA PRO B 1149 -33.01 -46.74 51.46
C PRO B 1149 -33.22 -48.22 51.79
N GLN B 1150 -33.81 -48.46 52.96
CA GLN B 1150 -34.13 -49.80 53.41
C GLN B 1150 -35.61 -50.06 53.11
N ILE B 1151 -35.87 -50.47 51.87
CA ILE B 1151 -37.23 -50.74 51.40
C ILE B 1151 -37.31 -52.17 50.92
N GLN B 1152 -38.31 -52.90 51.40
CA GLN B 1152 -38.57 -54.27 50.99
C GLN B 1152 -39.69 -54.29 49.96
N VAL B 1153 -39.48 -55.01 48.87
CA VAL B 1153 -40.47 -55.16 47.80
C VAL B 1153 -40.85 -56.62 47.70
N THR B 1154 -42.14 -56.92 47.77
CA THR B 1154 -42.62 -58.29 47.73
C THR B 1154 -43.86 -58.36 46.83
N LEU B 1155 -44.11 -59.58 46.33
CA LEU B 1155 -45.20 -59.85 45.40
C LEU B 1155 -46.19 -60.81 46.03
N LEU B 1156 -47.48 -60.48 45.93
CA LEU B 1156 -48.55 -61.30 46.48
C LEU B 1156 -49.63 -61.48 45.42
N LYS B 1157 -50.57 -62.37 45.72
CA LYS B 1157 -51.73 -62.61 44.87
C LYS B 1157 -52.99 -62.12 45.56
N ASN B 1158 -53.92 -61.59 44.78
CA ASN B 1158 -55.15 -61.07 45.36
C ASN B 1158 -56.06 -62.25 45.73
N LYS B 1159 -56.98 -61.99 46.66
CA LYS B 1159 -57.90 -63.02 47.11
C LYS B 1159 -58.70 -63.61 45.96
N LEU B 1201 -41.93 -60.49 59.02
CA LEU B 1201 -42.67 -59.93 57.91
C LEU B 1201 -43.50 -58.73 58.35
N CYS B 1202 -43.86 -57.89 57.39
CA CYS B 1202 -44.64 -56.70 57.67
C CYS B 1202 -46.09 -57.07 57.99
N PRO B 1203 -46.81 -56.19 58.70
CA PRO B 1203 -48.20 -56.54 59.10
C PRO B 1203 -49.04 -56.93 57.91
N PHE B 1204 -48.89 -56.23 56.79
CA PHE B 1204 -49.63 -56.57 55.58
C PHE B 1204 -49.26 -57.97 55.11
N LEU B 1205 -47.97 -58.29 55.12
CA LEU B 1205 -47.51 -59.60 54.69
C LEU B 1205 -47.82 -60.67 55.72
N GLU B 1206 -47.82 -60.33 57.01
CA GLU B 1206 -48.23 -61.28 58.03
C GLU B 1206 -49.70 -61.67 57.85
N ASP B 1207 -50.56 -60.69 57.61
CA ASP B 1207 -51.96 -60.97 57.32
C ASP B 1207 -52.11 -61.73 56.00
N HIS B 1208 -51.36 -61.33 54.98
CA HIS B 1208 -51.40 -61.95 53.65
C HIS B 1208 -50.24 -62.90 53.42
N LYS B 1209 -49.78 -63.62 54.45
CA LYS B 1209 -48.60 -64.46 54.28
C LYS B 1209 -48.84 -65.54 53.23
N GLU B 1210 -50.01 -66.18 53.26
CA GLU B 1210 -50.28 -67.25 52.31
C GLU B 1210 -50.43 -66.74 50.87
N ASP B 1211 -50.73 -65.45 50.71
CA ASP B 1211 -50.89 -64.88 49.38
C ASP B 1211 -49.55 -64.37 48.83
N ILE B 1212 -48.48 -64.48 49.62
CA ILE B 1212 -47.16 -64.05 49.19
C ILE B 1212 -46.70 -64.92 48.03
N LEU B 1213 -46.24 -64.29 46.96
CA LEU B 1213 -45.69 -65.01 45.81
C LEU B 1213 -44.19 -64.87 45.67
N CYS B 1214 -43.61 -63.76 46.15
CA CYS B 1214 -42.17 -63.57 46.16
C CYS B 1214 -41.78 -62.98 47.51
N GLY B 1215 -40.91 -63.67 48.24
CA GLY B 1215 -40.50 -63.24 49.55
C GLY B 1215 -39.96 -61.81 49.52
N PRO B 1216 -39.86 -61.18 50.69
CA PRO B 1216 -39.36 -59.80 50.74
C PRO B 1216 -38.02 -59.65 50.04
N VAL B 1217 -37.97 -58.79 49.02
CA VAL B 1217 -36.75 -58.53 48.26
C VAL B 1217 -36.28 -57.13 48.58
N TRP B 1218 -35.03 -57.01 49.03
CA TRP B 1218 -34.47 -55.71 49.34
C TRP B 1218 -34.45 -54.84 48.08
N LEU B 1219 -34.88 -53.58 48.23
CA LEU B 1219 -34.88 -52.68 47.08
C LEU B 1219 -33.47 -52.51 46.52
N ALA B 1220 -32.48 -52.40 47.39
CA ALA B 1220 -31.10 -52.22 46.96
C ALA B 1220 -30.63 -53.33 46.02
N SER B 1221 -31.17 -54.54 46.16
CA SER B 1221 -30.74 -55.65 45.32
C SER B 1221 -30.98 -55.39 43.84
N GLY B 1222 -31.94 -54.54 43.51
CA GLY B 1222 -32.25 -54.22 42.13
C GLY B 1222 -31.51 -53.04 41.57
N LEU B 1223 -30.54 -52.49 42.30
CA LEU B 1223 -29.92 -51.24 41.93
C LEU B 1223 -29.19 -51.36 40.59
N ASP B 1224 -29.13 -50.25 39.86
CA ASP B 1224 -28.34 -50.14 38.64
C ASP B 1224 -26.95 -49.57 38.96
N LEU B 1225 -26.08 -49.60 37.95
CA LEU B 1225 -24.72 -49.10 38.13
C LEU B 1225 -24.68 -47.62 38.49
N SER B 1226 -25.67 -46.85 38.04
CA SER B 1226 -25.67 -45.41 38.30
C SER B 1226 -25.71 -45.08 39.78
N GLY B 1227 -26.14 -46.02 40.62
CA GLY B 1227 -26.23 -45.77 42.05
C GLY B 1227 -27.64 -45.38 42.44
N HIS B 1228 -28.30 -44.61 41.58
CA HIS B 1228 -29.69 -44.21 41.77
C HIS B 1228 -30.45 -44.63 40.53
N ALA B 1229 -30.80 -45.92 40.47
CA ALA B 1229 -31.62 -46.52 39.42
C ALA B 1229 -31.70 -48.01 39.73
N GLY B 1230 -32.50 -48.72 38.97
CA GLY B 1230 -32.44 -50.17 38.95
C GLY B 1230 -33.80 -50.78 38.64
N MET B 1231 -33.87 -52.10 38.82
CA MET B 1231 -35.09 -52.84 38.52
C MET B 1231 -35.04 -54.17 39.25
N LEU B 1232 -36.19 -54.62 39.74
CA LEU B 1232 -36.33 -55.92 40.39
C LEU B 1232 -37.25 -56.81 39.56
N THR B 1233 -36.79 -58.03 39.29
CA THR B 1233 -37.60 -59.02 38.58
C THR B 1233 -38.27 -59.90 39.63
N LEU B 1234 -39.38 -59.40 40.17
CA LEU B 1234 -40.15 -60.16 41.16
C LEU B 1234 -40.67 -61.46 40.55
N THR B 1235 -40.16 -62.58 41.04
CA THR B 1235 -40.50 -63.89 40.51
C THR B 1235 -40.20 -64.92 41.59
N SER B 1236 -40.77 -66.10 41.42
CA SER B 1236 -40.56 -67.18 42.37
C SER B 1236 -41.17 -68.47 41.83
N PRO B 1237 -40.84 -69.61 42.42
CA PRO B 1237 -41.49 -70.86 41.97
C PRO B 1237 -43.00 -70.81 42.08
N LYS B 1238 -43.54 -70.11 43.09
CA LYS B 1238 -44.99 -69.99 43.22
C LYS B 1238 -45.60 -69.27 42.03
N LEU B 1239 -44.97 -68.18 41.57
CA LEU B 1239 -45.52 -67.43 40.45
C LEU B 1239 -45.57 -68.26 39.17
N VAL B 1240 -44.50 -69.00 38.87
CA VAL B 1240 -44.51 -69.85 37.68
C VAL B 1240 -45.52 -70.99 37.84
N LYS B 1241 -45.60 -71.56 39.05
CA LYS B 1241 -46.53 -72.65 39.34
C LYS B 1241 -47.90 -72.07 39.69
N GLY B 1242 -48.58 -71.58 38.67
CA GLY B 1242 -49.89 -71.00 38.88
C GLY B 1242 -50.44 -70.41 37.60
N MET B 1243 -51.65 -69.86 37.73
CA MET B 1243 -52.33 -69.23 36.60
C MET B 1243 -53.20 -68.08 37.07
N ARG B 1249 -54.53 -64.26 38.11
CA ARG B 1249 -54.83 -63.21 37.15
C ARG B 1249 -54.45 -61.83 37.67
N SER B 1250 -54.41 -61.68 38.99
CA SER B 1250 -54.13 -60.39 39.60
C SER B 1250 -53.10 -60.57 40.70
N PHE B 1251 -52.34 -59.50 40.98
CA PHE B 1251 -51.27 -59.56 41.96
C PHE B 1251 -51.24 -58.27 42.76
N LEU B 1252 -50.49 -58.30 43.86
CA LEU B 1252 -50.22 -57.12 44.67
C LEU B 1252 -48.72 -56.97 44.84
N ILE B 1253 -48.22 -55.78 44.58
CA ILE B 1253 -46.83 -55.43 44.85
C ILE B 1253 -46.82 -54.57 46.10
N HIS B 1254 -46.26 -55.10 47.18
CA HIS B 1254 -46.21 -54.44 48.47
C HIS B 1254 -44.81 -53.88 48.71
N VAL B 1255 -44.72 -52.57 48.87
CA VAL B 1255 -43.45 -51.87 49.06
C VAL B 1255 -43.51 -51.11 50.36
N LYS B 1256 -42.79 -51.60 51.37
CA LYS B 1256 -42.80 -51.02 52.71
C LYS B 1256 -41.36 -50.81 53.16
N ALA B 1257 -41.07 -49.61 53.68
CA ALA B 1257 -39.74 -49.29 54.19
C ALA B 1257 -39.64 -49.76 55.64
N VAL B 1258 -38.67 -50.61 55.92
CA VAL B 1258 -38.47 -51.12 57.27
C VAL B 1258 -37.97 -50.00 58.17
N LEU B 1321 -35.96 -36.77 52.76
CA LEU B 1321 -36.83 -37.87 52.36
C LEU B 1321 -36.38 -39.17 53.01
N ARG B 1322 -37.35 -39.99 53.43
CA ARG B 1322 -37.09 -41.21 54.18
C ARG B 1322 -37.72 -42.39 53.46
N GLY B 1323 -36.99 -43.51 53.41
CA GLY B 1323 -37.56 -44.73 52.90
C GLY B 1323 -38.11 -44.55 51.49
N CYS B 1324 -39.36 -44.98 51.29
CA CYS B 1324 -39.93 -44.93 49.95
C CYS B 1324 -40.04 -43.51 49.40
N ASP B 1325 -40.00 -42.50 50.26
CA ASP B 1325 -39.99 -41.13 49.75
C ASP B 1325 -38.75 -40.89 48.89
N LEU B 1326 -37.67 -41.61 49.16
CA LEU B 1326 -36.47 -41.52 48.32
C LEU B 1326 -36.66 -42.24 46.99
N LEU B 1327 -37.71 -43.03 46.87
CA LEU B 1327 -37.99 -43.79 45.64
C LEU B 1327 -38.71 -42.83 44.70
N GLN B 1328 -37.95 -42.17 43.82
CA GLN B 1328 -38.54 -41.14 42.98
C GLN B 1328 -39.57 -41.71 42.03
N GLU B 1329 -39.26 -42.81 41.35
CA GLU B 1329 -40.14 -43.33 40.31
C GLU B 1329 -40.09 -44.85 40.30
N VAL B 1330 -41.25 -45.46 40.01
CA VAL B 1330 -41.39 -46.91 39.88
C VAL B 1330 -42.16 -47.19 38.61
N SER B 1331 -41.91 -48.36 38.03
CA SER B 1331 -42.68 -48.84 36.89
C SER B 1331 -42.71 -50.36 36.91
N VAL B 1332 -43.78 -50.93 36.35
CA VAL B 1332 -44.00 -52.38 36.37
C VAL B 1332 -44.34 -52.85 34.97
N THR B 1333 -43.78 -54.01 34.60
CA THR B 1333 -44.13 -54.72 33.38
C THR B 1333 -44.28 -56.20 33.70
N ILE B 1334 -45.08 -56.90 32.90
CA ILE B 1334 -45.31 -58.32 33.05
C ILE B 1334 -44.83 -59.02 31.78
N ARG B 1335 -44.10 -60.12 31.96
CA ARG B 1335 -43.57 -60.91 30.86
C ARG B 1335 -44.02 -62.34 31.04
N ARG B 1336 -44.61 -62.93 30.00
CA ARG B 1336 -45.08 -64.30 30.07
C ARG B 1336 -44.05 -65.24 29.48
N PHE B 1337 -44.27 -66.54 29.69
CA PHE B 1337 -43.45 -67.56 29.06
C PHE B 1337 -43.84 -67.71 27.60
N LYS B 1338 -42.86 -68.00 26.75
CA LYS B 1338 -43.18 -68.22 25.35
C LYS B 1338 -44.13 -69.40 25.22
N LYS B 1339 -45.02 -69.32 24.24
CA LYS B 1339 -45.96 -70.40 23.97
C LYS B 1339 -45.26 -71.51 23.19
N THR B 1340 -45.18 -72.70 23.78
CA THR B 1340 -44.42 -73.81 23.22
C THR B 1340 -45.35 -74.98 22.95
N SER B 1341 -45.06 -75.70 21.86
CA SER B 1341 -45.84 -76.87 21.49
C SER B 1341 -45.73 -78.00 22.50
N ILE B 1342 -44.75 -77.94 23.40
CA ILE B 1342 -44.56 -79.02 24.36
C ILE B 1342 -45.83 -79.23 25.16
N SER B 1343 -46.20 -80.50 25.33
CA SER B 1343 -47.42 -80.83 26.05
C SER B 1343 -47.23 -80.60 27.55
N LYS B 1344 -48.26 -80.07 28.19
CA LYS B 1344 -48.24 -79.82 29.64
C LYS B 1344 -47.04 -78.96 30.02
N GLU B 1345 -46.79 -77.92 29.21
CA GLU B 1345 -45.58 -77.10 29.39
C GLU B 1345 -45.48 -76.55 30.80
N ARG B 1346 -46.63 -76.25 31.43
CA ARG B 1346 -46.59 -75.79 32.82
C ARG B 1346 -46.03 -76.88 33.72
N VAL B 1347 -46.46 -78.13 33.50
CA VAL B 1347 -45.90 -79.24 34.26
C VAL B 1347 -44.43 -79.43 33.91
N GLN B 1348 -44.01 -79.19 32.67
CA GLN B 1348 -42.60 -79.31 32.33
C GLN B 1348 -41.74 -78.29 33.08
N ARG B 1349 -42.22 -77.05 33.18
CA ARG B 1349 -41.47 -76.06 33.93
C ARG B 1349 -41.49 -76.40 35.42
N CYS B 1350 -42.63 -76.86 35.93
CA CYS B 1350 -42.68 -77.39 37.28
C CYS B 1350 -41.62 -78.45 37.48
N ALA B 1351 -41.45 -79.34 36.50
CA ALA B 1351 -40.47 -80.40 36.59
C ALA B 1351 -39.06 -79.83 36.69
N MET B 1352 -38.74 -78.85 35.84
CA MET B 1352 -37.37 -78.31 35.89
C MET B 1352 -37.12 -77.62 37.22
N LEU B 1353 -38.13 -76.92 37.75
CA LEU B 1353 -37.94 -76.18 38.99
C LEU B 1353 -37.91 -77.08 40.22
N GLN B 1354 -38.66 -78.17 40.21
CA GLN B 1354 -38.81 -78.99 41.42
C GLN B 1354 -37.66 -79.97 41.60
N PHE B 1355 -37.40 -80.78 40.57
CA PHE B 1355 -36.59 -81.98 40.76
C PHE B 1355 -35.12 -81.61 40.98
N SER B 1356 -34.53 -82.15 42.04
CA SER B 1356 -33.11 -81.95 42.28
C SER B 1356 -32.28 -82.80 41.32
N GLU B 1357 -32.76 -83.99 40.98
CA GLU B 1357 -32.05 -84.83 40.03
C GLU B 1357 -31.85 -84.08 38.72
N PHE B 1358 -32.80 -83.23 38.34
CA PHE B 1358 -32.64 -82.43 37.13
C PHE B 1358 -31.43 -81.53 37.25
N HIS B 1359 -31.29 -80.86 38.38
CA HIS B 1359 -30.14 -79.99 38.58
C HIS B 1359 -28.85 -80.78 38.54
N GLU B 1360 -28.83 -81.94 39.19
CA GLU B 1360 -27.64 -82.78 39.20
C GLU B 1360 -27.26 -83.21 37.79
N LYS B 1361 -28.25 -83.63 37.00
CA LYS B 1361 -27.98 -84.06 35.63
C LYS B 1361 -27.49 -82.90 34.79
N LEU B 1362 -28.07 -81.72 34.97
CA LEU B 1362 -27.61 -80.53 34.25
C LEU B 1362 -26.16 -80.24 34.58
N VAL B 1363 -25.81 -80.31 35.85
CA VAL B 1363 -24.42 -80.08 36.26
C VAL B 1363 -23.53 -81.13 35.63
N ASN B 1364 -23.96 -82.39 35.64
CA ASN B 1364 -23.13 -83.47 35.11
C ASN B 1364 -22.85 -83.26 33.63
N THR B 1365 -23.88 -82.93 32.85
CA THR B 1365 -23.66 -82.71 31.42
C THR B 1365 -22.81 -81.47 31.18
N LEU B 1366 -23.04 -80.42 31.98
CA LEU B 1366 -22.20 -79.23 31.86
C LEU B 1366 -20.74 -79.54 32.15
N CYS B 1367 -20.49 -80.41 33.12
CA CYS B 1367 -19.13 -80.76 33.51
C CYS B 1367 -18.50 -81.79 32.60
N ARG B 1368 -19.21 -82.25 31.57
CA ARG B 1368 -18.70 -83.26 30.63
C ARG B 1368 -18.28 -84.54 31.35
N LYS B 1369 -18.95 -84.88 32.44
CA LYS B 1369 -18.72 -86.14 33.15
C LYS B 1369 -19.75 -87.20 32.82
N THR B 1370 -20.39 -87.09 31.66
CA THR B 1370 -21.45 -88.02 31.27
C THR B 1370 -21.44 -88.18 29.76
N ASP B 1371 -21.82 -89.37 29.31
CA ASP B 1371 -21.92 -89.68 27.88
C ASP B 1371 -20.56 -89.59 27.21
N ASP B 1372 -19.52 -90.03 27.93
CA ASP B 1372 -18.15 -90.10 27.40
C ASP B 1372 -17.62 -88.71 27.06
N GLY B 1373 -18.09 -87.69 27.75
CA GLY B 1373 -17.58 -86.35 27.55
C GLY B 1373 -17.72 -85.88 26.12
N GLN B 1374 -18.73 -86.36 25.42
CA GLN B 1374 -18.98 -86.01 24.03
C GLN B 1374 -20.05 -84.93 23.88
N ILE B 1375 -20.29 -84.16 24.94
CA ILE B 1375 -21.31 -83.13 24.90
C ILE B 1375 -20.88 -82.04 23.96
N THR B 1376 -21.75 -81.69 23.01
CA THR B 1376 -21.42 -80.71 22.00
C THR B 1376 -21.45 -79.30 22.58
N GLU B 1377 -20.77 -78.40 21.88
CA GLU B 1377 -20.69 -77.00 22.32
C GLU B 1377 -22.09 -76.40 22.44
N HIS B 1378 -22.96 -76.68 21.48
CA HIS B 1378 -24.33 -76.19 21.54
C HIS B 1378 -25.05 -76.76 22.75
N ALA B 1379 -24.78 -78.01 23.08
CA ALA B 1379 -25.41 -78.62 24.25
C ALA B 1379 -25.00 -77.89 25.53
N GLN B 1380 -23.73 -77.56 25.66
CA GLN B 1380 -23.29 -76.83 26.85
C GLN B 1380 -23.92 -75.44 26.88
N SER B 1381 -24.04 -74.78 25.72
CA SER B 1381 -24.69 -73.48 25.69
C SER B 1381 -26.14 -73.58 26.17
N LEU B 1382 -26.86 -74.60 25.69
CA LEU B 1382 -28.25 -74.77 26.11
C LEU B 1382 -28.36 -75.09 27.59
N VAL B 1383 -27.47 -75.94 28.09
CA VAL B 1383 -27.49 -76.29 29.50
C VAL B 1383 -27.29 -75.04 30.34
N LEU B 1384 -26.37 -74.18 29.91
CA LEU B 1384 -26.12 -72.94 30.65
C LEU B 1384 -27.31 -72.00 30.55
N ASP B 1385 -27.99 -71.97 29.40
CA ASP B 1385 -29.21 -71.17 29.32
C ASP B 1385 -30.22 -71.63 30.36
N THR B 1386 -30.39 -72.95 30.48
CA THR B 1386 -31.31 -73.48 31.48
C THR B 1386 -30.87 -73.09 32.88
N LEU B 1387 -29.57 -73.18 33.15
CA LEU B 1387 -29.06 -72.82 34.48
C LEU B 1387 -29.29 -71.34 34.77
N CYS B 1388 -29.11 -70.49 33.76
CA CYS B 1388 -29.36 -69.07 33.95
C CYS B 1388 -30.82 -68.80 34.26
N TRP B 1389 -31.73 -69.48 33.55
CA TRP B 1389 -33.15 -69.32 33.86
C TRP B 1389 -33.44 -69.75 35.29
N LEU B 1390 -32.87 -70.88 35.72
CA LEU B 1390 -33.10 -71.35 37.08
C LEU B 1390 -32.58 -70.35 38.10
N ALA B 1391 -31.38 -69.81 37.87
CA ALA B 1391 -30.81 -68.85 38.81
C ALA B 1391 -31.66 -67.59 38.88
N GLY B 1392 -32.17 -67.13 37.75
CA GLY B 1392 -33.06 -65.98 37.77
C GLY B 1392 -34.34 -66.27 38.51
N VAL B 1393 -34.88 -67.48 38.33
CA VAL B 1393 -36.13 -67.86 38.98
C VAL B 1393 -35.97 -67.89 40.50
N HIS B 1394 -34.89 -68.49 41.00
CA HIS B 1394 -34.74 -68.55 42.45
C HIS B 1394 -34.62 -67.16 43.04
N SER B 1395 -33.97 -66.23 42.35
CA SER B 1395 -33.87 -64.86 42.83
C SER B 1395 -32.97 -64.02 41.94
N ASN B 1407 -32.46 -75.24 47.61
CA ASN B 1407 -31.80 -76.54 47.61
C ASN B 1407 -30.68 -76.58 46.58
N LEU B 1408 -30.88 -75.84 45.48
CA LEU B 1408 -29.84 -75.72 44.46
C LEU B 1408 -28.55 -75.16 45.04
N LEU B 1409 -28.65 -74.23 46.00
CA LEU B 1409 -27.45 -73.64 46.58
C LEU B 1409 -26.58 -74.68 47.27
N SER B 1410 -27.19 -75.68 47.91
CA SER B 1410 -26.39 -76.73 48.52
C SER B 1410 -25.56 -77.47 47.48
N LYS B 1411 -26.19 -77.82 46.36
CA LYS B 1411 -25.47 -78.49 45.28
C LYS B 1411 -24.38 -77.60 44.70
N THR B 1412 -24.70 -76.32 44.50
CA THR B 1412 -23.72 -75.40 43.93
C THR B 1412 -22.49 -75.27 44.83
N ARG B 1413 -22.71 -75.14 46.14
CA ARG B 1413 -21.57 -75.04 47.06
C ARG B 1413 -20.81 -76.34 47.11
N LYS B 1414 -21.51 -77.47 47.03
CA LYS B 1414 -20.84 -78.76 47.08
C LYS B 1414 -20.05 -79.04 45.80
N PHE B 1415 -20.49 -78.50 44.66
CA PHE B 1415 -19.84 -78.72 43.38
C PHE B 1415 -19.15 -77.46 42.84
N LEU B 1416 -18.89 -76.47 43.69
CA LEU B 1416 -18.39 -75.18 43.21
C LEU B 1416 -17.02 -75.32 42.53
N SER B 1417 -16.11 -76.08 43.13
CA SER B 1417 -14.77 -76.21 42.57
C SER B 1417 -14.81 -76.82 41.17
N ASP B 1418 -15.52 -77.92 41.00
CA ASP B 1418 -15.56 -78.58 39.71
C ASP B 1418 -16.32 -77.76 38.69
N ILE B 1419 -17.40 -77.10 39.12
CA ILE B 1419 -18.14 -76.23 38.21
C ILE B 1419 -17.24 -75.13 37.68
N VAL B 1420 -16.50 -74.48 38.58
CA VAL B 1420 -15.59 -73.42 38.15
C VAL B 1420 -14.53 -73.97 37.21
N ARG B 1421 -13.95 -75.12 37.56
CA ARG B 1421 -12.91 -75.70 36.71
C ARG B 1421 -13.44 -75.92 35.30
N VAL B 1422 -14.56 -76.63 35.19
CA VAL B 1422 -15.05 -77.00 33.87
C VAL B 1422 -15.47 -75.77 33.09
N CYS B 1423 -16.00 -74.75 33.77
CA CYS B 1423 -16.57 -73.63 33.05
C CYS B 1423 -15.55 -72.57 32.68
N PHE B 1424 -14.43 -72.47 33.41
CA PHE B 1424 -13.47 -71.42 33.15
C PHE B 1424 -12.12 -71.92 32.63
N PHE B 1425 -11.82 -73.20 32.78
CA PHE B 1425 -10.54 -73.75 32.35
C PHE B 1425 -10.70 -74.92 31.39
N GLU B 1426 -11.94 -75.34 31.11
CA GLU B 1426 -12.20 -76.46 30.22
C GLU B 1426 -13.27 -76.16 29.19
N ALA B 1427 -13.81 -74.95 29.16
CA ALA B 1427 -14.87 -74.58 28.25
C ALA B 1427 -14.50 -73.31 27.48
N GLY B 1428 -15.43 -72.84 26.66
CA GLY B 1428 -15.21 -71.68 25.81
C GLY B 1428 -15.58 -70.38 26.48
N ARG B 1429 -15.51 -69.29 25.71
CA ARG B 1429 -15.83 -67.98 26.27
C ARG B 1429 -17.27 -67.91 26.74
N SER B 1430 -18.19 -68.45 25.96
CA SER B 1430 -19.60 -68.37 26.31
C SER B 1430 -19.87 -69.07 27.63
N ILE B 1431 -19.26 -70.24 27.83
CA ILE B 1431 -19.51 -70.99 29.06
C ILE B 1431 -18.98 -70.20 30.24
N ALA B 1432 -17.79 -69.61 30.10
CA ALA B 1432 -17.23 -68.82 31.19
C ALA B 1432 -18.09 -67.62 31.50
N HIS B 1433 -18.58 -66.94 30.47
CA HIS B 1433 -19.40 -65.76 30.66
C HIS B 1433 -20.71 -66.11 31.38
N LYS B 1434 -21.34 -67.19 30.94
CA LYS B 1434 -22.60 -67.61 31.55
C LYS B 1434 -22.39 -68.11 32.96
N CYS B 1435 -21.33 -68.89 33.21
CA CYS B 1435 -21.07 -69.36 34.56
C CYS B 1435 -20.75 -68.19 35.49
N ALA B 1436 -20.08 -67.16 34.97
CA ALA B 1436 -19.86 -65.97 35.78
C ALA B 1436 -21.19 -65.30 36.11
N ARG B 1437 -22.09 -65.24 35.14
CA ARG B 1437 -23.41 -64.68 35.40
C ARG B 1437 -24.16 -65.49 36.46
N PHE B 1438 -24.09 -66.82 36.34
CA PHE B 1438 -24.75 -67.71 37.29
C PHE B 1438 -24.19 -67.55 38.69
N LEU B 1439 -22.86 -67.51 38.82
CA LEU B 1439 -22.25 -67.36 40.13
C LEU B 1439 -22.48 -65.98 40.72
N ALA B 1440 -22.51 -64.95 39.88
CA ALA B 1440 -22.86 -63.62 40.36
C ALA B 1440 -24.27 -63.58 40.91
N LEU B 1441 -25.22 -64.19 40.18
CA LEU B 1441 -26.59 -64.25 40.68
C LEU B 1441 -26.67 -65.01 41.98
N CYS B 1442 -25.95 -66.13 42.09
CA CYS B 1442 -25.95 -66.90 43.34
C CYS B 1442 -25.41 -66.05 44.49
N ILE B 1443 -24.34 -65.30 44.24
CA ILE B 1443 -23.77 -64.44 45.27
C ILE B 1443 -24.78 -63.37 45.69
N SER B 1444 -25.51 -62.80 44.74
CA SER B 1444 -26.42 -61.72 45.05
C SER B 1444 -27.47 -62.12 46.08
N ASN B 1445 -27.74 -63.41 46.26
CA ASN B 1445 -28.71 -63.83 47.26
C ASN B 1445 -28.16 -63.57 48.66
N CYS B 1451 -29.93 -67.33 55.38
CA CYS B 1451 -29.40 -67.54 56.72
C CYS B 1451 -28.24 -68.54 56.69
N GLN B 1452 -27.94 -69.05 55.50
CA GLN B 1452 -26.89 -70.04 55.34
C GLN B 1452 -25.52 -69.37 55.42
N PRO B 1453 -24.46 -70.16 55.62
CA PRO B 1453 -23.12 -69.57 55.67
C PRO B 1453 -22.79 -68.84 54.38
N ALA B 1454 -21.97 -67.79 54.52
CA ALA B 1454 -21.61 -66.93 53.41
C ALA B 1454 -20.99 -67.69 52.24
N PHE B 1455 -21.48 -67.39 51.04
CA PHE B 1455 -21.02 -68.03 49.81
C PHE B 1455 -19.70 -67.47 49.30
N GLY B 1456 -19.33 -66.26 49.71
CA GLY B 1456 -18.12 -65.63 49.24
C GLY B 1456 -16.88 -66.42 49.58
N PRO B 1457 -16.74 -66.80 50.84
CA PRO B 1457 -15.58 -67.62 51.22
C PRO B 1457 -15.51 -68.94 50.45
N VAL B 1458 -16.65 -69.59 50.24
CA VAL B 1458 -16.64 -70.88 49.56
C VAL B 1458 -16.24 -70.71 48.10
N LEU B 1459 -16.79 -69.69 47.43
CA LEU B 1459 -16.39 -69.44 46.06
C LEU B 1459 -14.92 -69.08 45.98
N LEU B 1460 -14.42 -68.30 46.93
CA LEU B 1460 -13.00 -67.98 46.94
C LEU B 1460 -12.16 -69.24 47.09
N LYS B 1461 -12.56 -70.14 48.00
CA LYS B 1461 -11.80 -71.37 48.18
C LYS B 1461 -11.80 -72.18 46.90
N ALA B 1462 -12.95 -72.25 46.23
CA ALA B 1462 -13.01 -72.97 44.96
C ALA B 1462 -12.10 -72.33 43.93
N LEU B 1463 -12.11 -71.00 43.85
CA LEU B 1463 -11.27 -70.31 42.88
C LEU B 1463 -9.80 -70.55 43.17
N LEU B 1464 -9.42 -70.55 44.45
CA LEU B 1464 -8.03 -70.77 44.81
C LEU B 1464 -7.60 -72.19 44.46
N ASP B 1465 -8.51 -73.15 44.66
CA ASP B 1465 -8.21 -74.53 44.26
C ASP B 1465 -8.10 -74.62 42.74
N ASN B 1466 -8.91 -73.87 42.02
CA ASN B 1466 -8.90 -73.88 40.57
C ASN B 1466 -7.89 -72.91 39.98
N MET B 1467 -7.35 -72.01 40.79
CA MET B 1467 -6.39 -71.03 40.28
C MET B 1467 -5.19 -71.71 39.63
N SER B 1468 -4.74 -72.84 40.19
CA SER B 1468 -3.56 -73.51 39.69
C SER B 1468 -3.72 -73.97 38.25
N PHE B 1469 -4.95 -74.04 37.75
CA PHE B 1469 -5.20 -74.48 36.39
C PHE B 1469 -5.20 -73.32 35.39
N LEU B 1470 -4.90 -72.11 35.85
CA LEU B 1470 -4.83 -70.96 34.95
C LEU B 1470 -3.86 -71.18 33.79
N PRO B 1471 -2.70 -71.79 33.97
CA PRO B 1471 -1.81 -72.00 32.82
C PRO B 1471 -2.43 -72.85 31.72
N ALA B 1472 -3.40 -73.68 32.07
CA ALA B 1472 -4.07 -74.57 31.13
C ALA B 1472 -5.43 -74.03 30.66
N ALA B 1473 -5.76 -72.78 31.01
CA ALA B 1473 -7.04 -72.22 30.59
C ALA B 1473 -7.20 -72.25 29.08
N THR B 1474 -8.42 -72.58 28.66
CA THR B 1474 -8.69 -72.86 27.24
C THR B 1474 -8.69 -71.60 26.40
N THR B 1475 -9.30 -70.52 26.87
CA THR B 1475 -9.52 -69.33 26.07
C THR B 1475 -9.19 -68.06 26.86
N GLY B 1476 -8.81 -67.02 26.12
CA GLY B 1476 -8.50 -65.76 26.78
C GLY B 1476 -9.72 -65.12 27.41
N GLY B 1477 -10.86 -65.18 26.74
CA GLY B 1477 -12.08 -64.64 27.34
C GLY B 1477 -12.45 -65.36 28.61
N SER B 1478 -12.13 -66.66 28.70
CA SER B 1478 -12.43 -67.42 29.90
C SER B 1478 -11.55 -66.96 31.04
N VAL B 1479 -10.25 -66.79 30.79
CA VAL B 1479 -9.38 -66.28 31.84
C VAL B 1479 -9.80 -64.88 32.24
N TYR B 1480 -10.26 -64.09 31.27
CA TYR B 1480 -10.71 -62.73 31.56
C TYR B 1480 -11.85 -62.76 32.57
N TRP B 1481 -12.89 -63.56 32.30
CA TRP B 1481 -14.02 -63.62 33.22
C TRP B 1481 -13.64 -64.26 34.55
N TYR B 1482 -12.81 -65.30 34.52
CA TYR B 1482 -12.37 -65.92 35.76
C TYR B 1482 -11.71 -64.88 36.65
N PHE B 1483 -10.83 -64.06 36.07
CA PHE B 1483 -10.12 -63.08 36.86
C PHE B 1483 -11.04 -61.95 37.29
N VAL B 1484 -12.06 -61.65 36.49
CA VAL B 1484 -13.06 -60.68 36.91
C VAL B 1484 -13.76 -61.16 38.18
N LEU B 1485 -14.20 -62.42 38.18
CA LEU B 1485 -14.87 -62.94 39.37
C LEU B 1485 -13.93 -62.98 40.56
N LEU B 1486 -12.69 -63.42 40.34
CA LEU B 1486 -11.74 -63.51 41.44
C LEU B 1486 -11.50 -62.14 42.02
N ASN B 1487 -11.41 -61.12 41.16
CA ASN B 1487 -11.24 -59.76 41.63
C ASN B 1487 -12.44 -59.31 42.43
N TYR B 1488 -13.64 -59.70 42.02
CA TYR B 1488 -14.82 -59.31 42.78
C TYR B 1488 -14.87 -59.96 44.15
N VAL B 1489 -14.58 -61.25 44.23
CA VAL B 1489 -14.71 -62.00 45.48
C VAL B 1489 -13.42 -62.00 46.29
N LYS B 1490 -12.45 -61.21 45.87
CA LYS B 1490 -11.19 -61.14 46.58
C LYS B 1490 -11.33 -60.64 48.01
N ASP B 1491 -12.41 -59.92 48.33
CA ASP B 1491 -12.52 -59.27 49.63
C ASP B 1491 -12.37 -60.23 50.80
N GLU B 1492 -12.78 -61.48 50.64
CA GLU B 1492 -12.53 -62.49 51.68
C GLU B 1492 -11.15 -63.11 51.54
N ASP B 1493 -10.58 -63.48 52.69
CA ASP B 1493 -9.30 -64.19 52.76
C ASP B 1493 -8.30 -63.60 51.77
N LEU B 1494 -7.96 -62.34 52.02
CA LEU B 1494 -7.03 -61.62 51.16
C LEU B 1494 -5.69 -62.34 51.09
N ALA B 1495 -5.23 -62.89 52.20
CA ALA B 1495 -3.92 -63.52 52.24
C ALA B 1495 -3.86 -64.72 51.30
N GLY B 1496 -4.92 -65.53 51.25
CA GLY B 1496 -4.89 -66.70 50.38
C GLY B 1496 -4.82 -66.32 48.91
N CYS B 1497 -5.65 -65.37 48.49
CA CYS B 1497 -5.59 -64.92 47.11
C CYS B 1497 -4.23 -64.32 46.78
N SER B 1498 -3.69 -63.53 47.71
CA SER B 1498 -2.39 -62.91 47.49
C SER B 1498 -1.31 -63.97 47.31
N THR B 1499 -1.26 -64.95 48.20
CA THR B 1499 -0.21 -65.95 48.12
C THR B 1499 -0.37 -66.82 46.87
N ALA B 1500 -1.60 -67.18 46.51
CA ALA B 1500 -1.81 -67.98 45.31
C ALA B 1500 -1.35 -67.22 44.08
N CYS B 1501 -1.78 -65.97 43.96
CA CYS B 1501 -1.40 -65.17 42.80
C CYS B 1501 0.11 -64.99 42.75
N ALA B 1502 0.74 -64.72 43.90
CA ALA B 1502 2.17 -64.52 43.91
C ALA B 1502 2.93 -65.78 43.51
N SER B 1503 2.53 -66.93 44.05
CA SER B 1503 3.22 -68.17 43.68
C SER B 1503 3.08 -68.45 42.19
N LEU B 1504 1.86 -68.30 41.66
CA LEU B 1504 1.66 -68.56 40.24
C LEU B 1504 2.47 -67.57 39.42
N LEU B 1505 2.52 -66.32 39.87
CA LEU B 1505 3.27 -65.30 39.16
C LEU B 1505 4.75 -65.61 39.12
N THR B 1506 5.32 -66.04 40.24
CA THR B 1506 6.73 -66.40 40.25
C THR B 1506 7.01 -67.58 39.33
N ALA B 1507 6.15 -68.60 39.39
CA ALA B 1507 6.39 -69.77 38.55
C ALA B 1507 6.29 -69.42 37.07
N VAL B 1508 5.33 -68.58 36.70
CA VAL B 1508 5.14 -68.33 35.29
C VAL B 1508 6.18 -67.33 34.83
N SER B 1509 6.62 -66.42 35.70
CA SER B 1509 7.62 -65.46 35.30
C SER B 1509 8.93 -66.19 35.06
N ARG B 1510 9.24 -67.16 35.92
CA ARG B 1510 10.43 -67.96 35.73
C ARG B 1510 10.37 -68.67 34.39
N GLN B 1511 9.24 -69.32 34.09
CA GLN B 1511 9.14 -70.05 32.83
C GLN B 1511 9.25 -69.12 31.62
N LEU B 1512 8.61 -67.96 31.69
CA LEU B 1512 8.66 -67.03 30.56
C LEU B 1512 10.08 -66.60 30.25
N GLN B 1513 10.86 -66.25 31.28
CA GLN B 1513 12.25 -65.87 31.05
C GLN B 1513 13.04 -67.03 30.49
N ASP B 1514 12.76 -68.25 30.96
CA ASP B 1514 13.50 -69.40 30.48
C ASP B 1514 13.19 -69.72 29.03
N ARG B 1515 12.08 -69.18 28.50
CA ARG B 1515 11.66 -69.45 27.13
C ARG B 1515 12.11 -68.36 26.17
N LEU B 1516 12.84 -67.36 26.65
CA LEU B 1516 13.28 -66.26 25.81
C LEU B 1516 14.33 -66.73 24.81
N THR B 1517 14.14 -66.40 23.56
CA THR B 1517 15.07 -66.76 22.51
C THR B 1517 15.95 -65.57 22.17
N PRO B 1518 17.15 -65.82 21.61
CA PRO B 1518 18.03 -64.70 21.27
C PRO B 1518 17.40 -63.72 20.29
N MET B 1519 16.58 -64.21 19.36
CA MET B 1519 15.92 -63.31 18.42
C MET B 1519 14.86 -62.47 19.12
N GLU B 1520 14.13 -63.04 20.08
CA GLU B 1520 13.17 -62.24 20.83
C GLU B 1520 13.87 -61.13 21.61
N ALA B 1521 14.98 -61.46 22.27
CA ALA B 1521 15.73 -60.44 22.99
C ALA B 1521 16.24 -59.37 22.05
N LEU B 1522 16.77 -59.79 20.89
CA LEU B 1522 17.29 -58.82 19.93
C LEU B 1522 16.19 -57.89 19.44
N LEU B 1523 15.01 -58.43 19.16
CA LEU B 1523 13.92 -57.58 18.72
C LEU B 1523 13.50 -56.63 19.83
N GLN B 1524 13.41 -57.12 21.06
CA GLN B 1524 13.02 -56.26 22.17
C GLN B 1524 14.00 -55.12 22.36
N THR B 1525 15.29 -55.41 22.21
CA THR B 1525 16.31 -54.41 22.52
C THR B 1525 16.47 -53.43 21.36
N ARG B 1526 16.76 -53.94 20.17
CA ARG B 1526 17.03 -53.04 19.05
C ARG B 1526 15.78 -52.29 18.63
N TYR B 1527 14.60 -52.91 18.69
CA TYR B 1527 13.40 -52.33 18.13
C TYR B 1527 12.27 -52.14 19.13
N GLY B 1528 12.34 -52.73 20.32
CA GLY B 1528 11.24 -52.61 21.25
C GLY B 1528 10.01 -53.40 20.85
N LEU B 1529 10.18 -54.42 20.01
CA LEU B 1529 9.07 -55.25 19.54
C LEU B 1529 9.03 -56.50 20.41
N TYR B 1530 7.90 -56.71 21.08
CA TYR B 1530 7.81 -57.73 22.12
C TYR B 1530 6.90 -58.89 21.78
N SER B 1531 6.35 -58.96 20.58
CA SER B 1531 5.58 -60.14 20.22
C SER B 1531 6.53 -61.28 19.87
N SER B 1532 5.98 -62.49 19.78
CA SER B 1532 6.76 -63.65 19.37
C SER B 1532 6.39 -64.05 17.94
N PRO B 1533 6.97 -63.41 16.93
CA PRO B 1533 6.57 -63.73 15.55
C PRO B 1533 6.79 -65.18 15.19
N PHE B 1534 7.72 -65.86 15.84
CA PHE B 1534 7.99 -67.27 15.55
C PHE B 1534 7.18 -68.22 16.42
N ASP B 1535 6.41 -67.70 17.40
CA ASP B 1535 5.56 -68.57 18.21
C ASP B 1535 4.13 -68.41 17.70
N PRO B 1536 3.58 -69.39 16.97
CA PRO B 1536 2.27 -69.17 16.33
C PRO B 1536 1.12 -69.05 17.30
N VAL B 1537 1.23 -69.55 18.51
CA VAL B 1537 0.07 -69.69 19.39
C VAL B 1537 -0.09 -68.40 20.18
N LEU B 1538 -1.23 -67.75 20.00
CA LEU B 1538 -1.67 -66.63 20.82
C LEU B 1538 -2.63 -67.13 21.90
N PHE B 1539 -2.98 -66.24 22.80
CA PHE B 1539 -3.94 -66.58 23.85
C PHE B 1539 -5.09 -65.60 23.92
N ASP B 1540 -4.86 -64.32 23.68
CA ASP B 1540 -5.91 -63.32 23.75
C ASP B 1540 -5.59 -62.22 22.75
N LEU B 1541 -6.64 -61.60 22.23
CA LEU B 1541 -6.49 -60.45 21.35
C LEU B 1541 -7.49 -59.39 21.78
N GLU B 1542 -7.04 -58.13 21.81
CA GLU B 1542 -7.86 -57.03 22.26
C GLU B 1542 -7.72 -55.88 21.27
N MET B 1543 -8.73 -55.01 21.24
CA MET B 1543 -8.76 -53.91 20.30
C MET B 1543 -8.88 -52.56 20.98
N SER B 1544 -9.69 -52.45 22.03
CA SER B 1544 -9.87 -51.20 22.74
C SER B 1544 -10.49 -50.13 21.84
N PHE B 1585 -9.26 -54.69 30.40
CA PHE B 1585 -10.55 -54.56 31.07
C PHE B 1585 -11.33 -53.35 30.56
N THR B 1586 -10.86 -52.76 29.47
CA THR B 1586 -11.57 -51.68 28.80
C THR B 1586 -11.60 -51.90 27.30
N SER B 1587 -11.45 -53.15 26.86
CA SER B 1587 -11.34 -53.49 25.46
C SER B 1587 -12.06 -54.80 25.22
N LEU B 1588 -12.39 -55.05 23.95
CA LEU B 1588 -12.91 -56.34 23.56
C LEU B 1588 -11.86 -57.43 23.76
N THR B 1589 -12.30 -58.58 24.26
CA THR B 1589 -11.39 -59.68 24.56
C THR B 1589 -11.86 -60.94 23.85
N GLY B 1590 -10.92 -61.87 23.68
CA GLY B 1590 -11.23 -63.13 23.01
C GLY B 1590 -11.61 -62.96 21.56
N LEU B 1591 -10.91 -62.09 20.83
CA LEU B 1591 -11.21 -61.87 19.43
C LEU B 1591 -10.57 -62.91 18.52
N LEU B 1592 -9.84 -63.87 19.09
CA LEU B 1592 -9.33 -64.97 18.28
C LEU B 1592 -10.44 -65.95 17.92
N GLU B 1593 -11.51 -65.99 18.72
CA GLU B 1593 -12.64 -66.88 18.48
C GLU B 1593 -13.58 -66.36 17.40
N VAL B 1594 -13.40 -65.13 16.94
CA VAL B 1594 -14.30 -64.52 15.97
C VAL B 1594 -13.51 -64.11 14.75
N GLU B 1595 -14.22 -63.92 13.64
CA GLU B 1595 -13.65 -63.58 12.35
C GLU B 1595 -13.82 -62.09 12.08
N PRO B 1596 -12.85 -61.43 11.43
CA PRO B 1596 -13.11 -60.08 10.93
C PRO B 1596 -14.19 -60.10 9.86
N LEU B 1597 -15.08 -59.11 9.91
CA LEU B 1597 -16.24 -59.05 9.02
C LEU B 1597 -16.07 -57.91 8.03
N HIS B 1598 -15.87 -58.25 6.76
CA HIS B 1598 -15.81 -57.26 5.71
C HIS B 1598 -17.22 -56.86 5.32
N PHE B 1599 -17.39 -55.60 4.92
CA PHE B 1599 -18.71 -55.13 4.53
C PHE B 1599 -18.57 -54.13 3.40
N THR B 1600 -19.65 -53.99 2.63
CA THR B 1600 -19.73 -53.05 1.53
C THR B 1600 -20.88 -52.08 1.76
N CYS B 1601 -20.63 -50.81 1.51
CA CYS B 1601 -21.67 -49.80 1.61
C CYS B 1601 -22.63 -49.90 0.44
N VAL B 1602 -23.91 -50.13 0.73
CA VAL B 1602 -24.92 -50.31 -0.31
C VAL B 1602 -25.84 -49.10 -0.43
N SER B 1603 -26.20 -48.48 0.69
CA SER B 1603 -27.04 -47.29 0.68
C SER B 1603 -26.53 -46.30 1.71
N THR B 1604 -26.69 -45.02 1.41
CA THR B 1604 -26.23 -43.95 2.29
C THR B 1604 -27.29 -42.86 2.36
N SER B 1605 -27.25 -42.10 3.45
CA SER B 1605 -28.14 -40.98 3.62
C SER B 1605 -27.48 -39.73 3.05
N ASP B 1606 -28.20 -39.01 2.19
CA ASP B 1606 -27.68 -37.77 1.61
C ASP B 1606 -26.42 -38.11 0.82
N GLY B 1607 -25.46 -37.19 0.79
CA GLY B 1607 -24.21 -37.38 0.07
C GLY B 1607 -23.10 -38.02 0.88
N THR B 1608 -23.39 -38.53 2.07
CA THR B 1608 -22.35 -39.16 2.88
C THR B 1608 -21.86 -40.43 2.22
N ARG B 1609 -20.64 -40.82 2.58
CA ARG B 1609 -20.05 -42.05 2.06
C ARG B 1609 -18.99 -42.54 3.04
N ILE B 1610 -18.35 -43.66 2.69
CA ILE B 1610 -17.30 -44.26 3.48
C ILE B 1610 -16.03 -44.36 2.65
N GLU B 1611 -14.88 -44.22 3.30
CA GLU B 1611 -13.59 -44.34 2.63
C GLU B 1611 -12.61 -45.09 3.51
N ARG B 1612 -11.67 -45.79 2.86
CA ARG B 1612 -10.70 -46.65 3.55
C ARG B 1612 -9.58 -45.78 4.14
N ASP B 1613 -9.96 -44.96 5.11
CA ASP B 1613 -9.01 -44.09 5.80
C ASP B 1613 -9.35 -43.98 7.28
N GLN B 1802 -8.99 -62.34 7.50
CA GLN B 1802 -8.23 -61.11 7.33
C GLN B 1802 -9.04 -59.93 7.88
N PRO B 1803 -8.37 -58.87 8.27
CA PRO B 1803 -9.07 -57.74 8.91
C PRO B 1803 -9.63 -56.77 7.88
N PRO B 1804 -10.80 -56.18 8.16
CA PRO B 1804 -11.32 -55.17 7.25
C PRO B 1804 -10.47 -53.91 7.30
N PRO B 1805 -10.34 -53.19 6.19
CA PRO B 1805 -9.61 -51.92 6.23
C PRO B 1805 -10.32 -50.91 7.12
N HIS B 1806 -9.54 -50.08 7.79
CA HIS B 1806 -10.12 -49.01 8.58
C HIS B 1806 -10.93 -48.09 7.68
N GLN B 1807 -12.18 -47.84 8.05
CA GLN B 1807 -13.09 -47.05 7.25
C GLN B 1807 -13.81 -46.04 8.12
N SER B 1808 -14.05 -44.85 7.56
CA SER B 1808 -14.71 -43.78 8.27
C SER B 1808 -15.76 -43.15 7.35
N ILE B 1809 -16.82 -42.64 7.95
CA ILE B 1809 -17.86 -41.94 7.20
C ILE B 1809 -17.44 -40.50 6.99
N ILE B 1810 -17.33 -40.09 5.73
CA ILE B 1810 -17.11 -38.69 5.38
C ILE B 1810 -18.47 -38.04 5.13
N ILE B 1811 -18.74 -36.96 5.85
CA ILE B 1811 -19.99 -36.21 5.71
C ILE B 1811 -19.61 -34.82 5.25
N GLU B 1812 -20.19 -34.38 4.14
CA GLU B 1812 -19.81 -33.09 3.57
C GLU B 1812 -20.40 -31.95 4.37
N ARG B 1813 -21.58 -32.15 4.94
CA ARG B 1813 -22.27 -31.12 5.71
C ARG B 1813 -22.88 -31.80 6.95
N MET B 1814 -22.32 -31.49 8.13
CA MET B 1814 -22.76 -32.12 9.36
C MET B 1814 -23.91 -31.36 10.03
N HIS B 1815 -23.90 -30.03 9.93
CA HIS B 1815 -24.91 -29.20 10.58
C HIS B 1815 -24.85 -29.48 12.09
N SER B 1816 -25.97 -29.25 12.79
CA SER B 1816 -26.06 -29.51 14.21
C SER B 1816 -27.31 -30.32 14.48
N GLY B 1817 -27.18 -31.36 15.30
CA GLY B 1817 -28.30 -32.21 15.59
C GLY B 1817 -28.91 -32.88 14.39
N ALA B 1818 -28.17 -32.99 13.29
CA ALA B 1818 -28.70 -33.53 12.04
C ALA B 1818 -28.41 -35.02 11.98
N ARG B 1819 -29.42 -35.80 11.63
CA ARG B 1819 -29.29 -37.24 11.54
C ARG B 1819 -28.82 -37.64 10.16
N ARG B 1820 -27.84 -38.54 10.11
CA ARG B 1820 -27.45 -39.21 8.88
C ARG B 1820 -27.33 -40.70 9.17
N PHE B 1821 -27.42 -41.51 8.13
CA PHE B 1821 -27.33 -42.95 8.29
C PHE B 1821 -26.54 -43.54 7.13
N VAL B 1822 -25.90 -44.68 7.39
CA VAL B 1822 -25.20 -45.46 6.39
C VAL B 1822 -25.59 -46.93 6.58
N THR B 1823 -25.83 -47.61 5.47
CA THR B 1823 -26.23 -49.01 5.47
C THR B 1823 -25.09 -49.86 4.94
N LEU B 1824 -24.71 -50.88 5.70
CA LEU B 1824 -23.59 -51.76 5.37
C LEU B 1824 -24.11 -53.14 5.03
N ASP B 1825 -23.68 -53.69 3.90
CA ASP B 1825 -24.05 -55.02 3.44
C ASP B 1825 -22.85 -55.94 3.57
N PHE B 1826 -22.94 -56.93 4.45
CA PHE B 1826 -21.88 -57.92 4.56
C PHE B 1826 -21.84 -58.87 3.38
N GLY B 1827 -22.85 -58.85 2.52
CA GLY B 1827 -22.91 -59.75 1.40
C GLY B 1827 -23.48 -61.11 1.73
N ARG B 1828 -23.91 -61.32 2.96
CA ARG B 1828 -24.48 -62.59 3.41
C ARG B 1828 -24.98 -62.42 4.84
N PRO B 1829 -25.94 -63.24 5.26
CA PRO B 1829 -26.25 -63.32 6.69
C PRO B 1829 -25.04 -63.82 7.46
N ILE B 1830 -24.53 -62.98 8.36
CA ILE B 1830 -23.34 -63.27 9.14
C ILE B 1830 -23.72 -63.28 10.61
N LEU B 1831 -23.21 -64.27 11.34
CA LEU B 1831 -23.42 -64.32 12.78
C LEU B 1831 -22.59 -63.23 13.43
N LEU B 1832 -23.20 -62.07 13.67
CA LEU B 1832 -22.49 -60.94 14.26
C LEU B 1832 -22.31 -61.18 15.74
N THR B 1833 -21.06 -61.04 16.21
CA THR B 1833 -20.72 -61.35 17.59
C THR B 1833 -20.05 -60.20 18.33
N ASP B 1834 -19.30 -59.33 17.63
CA ASP B 1834 -18.62 -58.24 18.29
C ASP B 1834 -18.58 -57.04 17.37
N VAL B 1835 -18.74 -55.86 17.97
CA VAL B 1835 -18.73 -54.60 17.23
C VAL B 1835 -17.93 -53.59 18.04
N LEU B 1836 -17.12 -52.79 17.35
CA LEU B 1836 -16.29 -51.78 17.98
C LEU B 1836 -16.24 -50.56 17.08
N ILE B 1837 -16.76 -49.44 17.57
CA ILE B 1837 -16.71 -48.17 16.85
C ILE B 1837 -15.92 -47.18 17.70
N PRO B 1838 -14.79 -46.66 17.22
CA PRO B 1838 -14.05 -45.67 18.00
C PRO B 1838 -14.90 -44.47 18.33
N THR B 1839 -14.64 -43.88 19.50
CA THR B 1839 -15.38 -42.71 19.92
C THR B 1839 -15.29 -41.62 18.87
N CYS B 1840 -16.43 -41.00 18.56
CA CYS B 1840 -16.52 -39.92 17.58
C CYS B 1840 -17.21 -38.74 18.24
N GLY B 1841 -16.44 -37.70 18.53
CA GLY B 1841 -16.98 -36.50 19.15
C GLY B 1841 -17.74 -35.58 18.20
N ASP B 1842 -17.70 -35.84 16.89
CA ASP B 1842 -18.40 -35.01 15.94
C ASP B 1842 -19.90 -35.25 15.93
N LEU B 1843 -20.37 -36.33 16.55
CA LEU B 1843 -21.78 -36.67 16.56
C LEU B 1843 -22.24 -36.81 18.01
N ALA B 1844 -23.53 -36.55 18.23
CA ALA B 1844 -24.10 -36.62 19.57
C ALA B 1844 -24.53 -38.03 19.93
N SER B 1845 -25.07 -38.78 18.99
CA SER B 1845 -25.53 -40.14 19.26
C SER B 1845 -25.41 -40.96 18.00
N LEU B 1846 -25.32 -42.28 18.19
CA LEU B 1846 -25.18 -43.22 17.10
C LEU B 1846 -26.09 -44.40 17.35
N SER B 1847 -26.94 -44.73 16.39
CA SER B 1847 -27.85 -45.85 16.48
C SER B 1847 -27.48 -46.87 15.41
N ILE B 1848 -27.56 -48.15 15.79
CA ILE B 1848 -27.21 -49.24 14.90
C ILE B 1848 -28.44 -50.14 14.76
N ASP B 1849 -28.90 -50.30 13.52
CA ASP B 1849 -30.00 -51.20 13.21
C ASP B 1849 -29.50 -52.29 12.28
N ILE B 1850 -30.11 -53.46 12.40
CA ILE B 1850 -29.68 -54.65 11.68
C ILE B 1850 -30.90 -55.38 11.14
N TRP B 1851 -30.78 -55.88 9.91
CA TRP B 1851 -31.86 -56.62 9.28
C TRP B 1851 -31.29 -57.61 8.29
N THR B 1852 -31.93 -58.77 8.20
CA THR B 1852 -31.51 -59.78 7.22
C THR B 1852 -32.28 -59.60 5.91
N LEU B 1853 -33.61 -59.64 5.98
CA LEU B 1853 -34.43 -59.55 4.79
C LEU B 1853 -34.70 -58.09 4.40
N GLY B 1854 -35.21 -57.29 5.35
CA GLY B 1854 -35.49 -55.90 5.09
C GLY B 1854 -35.63 -55.12 6.38
N GLU B 1855 -35.41 -53.81 6.27
CA GLU B 1855 -35.48 -52.95 7.45
C GLU B 1855 -36.85 -53.03 8.12
N GLU B 1856 -37.92 -52.97 7.34
CA GLU B 1856 -39.27 -53.03 7.90
C GLU B 1856 -39.82 -54.45 7.96
N VAL B 1857 -39.02 -55.45 7.58
CA VAL B 1857 -39.47 -56.84 7.58
C VAL B 1857 -38.98 -57.51 8.84
N ASP B 1858 -37.65 -57.54 9.02
CA ASP B 1858 -37.05 -58.12 10.22
C ASP B 1858 -36.04 -57.16 10.83
N GLY B 1859 -36.25 -55.86 10.64
CA GLY B 1859 -35.36 -54.86 11.18
C GLY B 1859 -35.26 -54.91 12.68
N ARG B 1860 -34.03 -54.86 13.21
CA ARG B 1860 -33.80 -54.81 14.64
C ARG B 1860 -32.88 -53.64 14.94
N ARG B 1861 -33.09 -53.04 16.11
CA ARG B 1861 -32.20 -52.02 16.64
C ARG B 1861 -31.11 -52.71 17.42
N LEU B 1862 -29.88 -52.69 16.90
CA LEU B 1862 -28.78 -53.34 17.59
C LEU B 1862 -28.38 -52.57 18.83
N VAL B 1863 -28.25 -51.25 18.73
CA VAL B 1863 -27.80 -50.44 19.86
C VAL B 1863 -28.10 -48.98 19.58
N VAL B 1864 -28.23 -48.20 20.64
CA VAL B 1864 -28.26 -46.74 20.61
C VAL B 1864 -27.30 -46.26 21.69
N ALA B 1865 -26.31 -45.47 21.29
CA ALA B 1865 -25.30 -44.96 22.20
C ALA B 1865 -25.48 -43.46 22.41
N THR B 1866 -25.66 -43.07 23.67
CA THR B 1866 -25.83 -41.66 24.01
C THR B 1866 -24.52 -41.01 24.44
N ASP B 1867 -23.53 -41.80 24.88
CA ASP B 1867 -22.21 -41.29 25.22
C ASP B 1867 -21.18 -41.62 24.15
N ILE B 1868 -21.62 -41.80 22.90
CA ILE B 1868 -20.71 -42.12 21.81
C ILE B 1868 -19.77 -40.98 21.48
N SER B 1869 -20.07 -39.77 21.97
CA SER B 1869 -19.18 -38.65 21.74
C SER B 1869 -17.98 -38.66 22.69
N THR B 1870 -18.13 -39.25 23.87
CA THR B 1870 -17.05 -39.35 24.84
C THR B 1870 -16.62 -40.78 25.13
N HIS B 1871 -17.26 -41.78 24.55
CA HIS B 1871 -16.85 -43.16 24.72
C HIS B 1871 -17.03 -43.90 23.41
N SER B 1872 -16.17 -44.89 23.18
CA SER B 1872 -16.30 -45.74 22.01
C SER B 1872 -17.40 -46.77 22.22
N LEU B 1873 -17.98 -47.22 21.11
CA LEU B 1873 -19.05 -48.21 21.16
C LEU B 1873 -18.43 -49.59 21.29
N ILE B 1874 -18.75 -50.28 22.38
CA ILE B 1874 -18.19 -51.59 22.70
C ILE B 1874 -19.34 -52.54 23.02
N LEU B 1875 -19.63 -53.45 22.11
CA LEU B 1875 -20.59 -54.53 22.35
C LEU B 1875 -19.77 -55.78 22.62
N HIS B 1876 -19.83 -56.27 23.85
CA HIS B 1876 -18.95 -57.33 24.34
C HIS B 1876 -19.74 -58.62 24.52
N ASP B 1877 -19.45 -59.60 23.67
CA ASP B 1877 -19.94 -60.97 23.82
C ASP B 1877 -21.47 -61.00 23.81
N LEU B 1878 -22.04 -60.60 22.67
CA LEU B 1878 -23.48 -60.72 22.45
C LEU B 1878 -23.95 -62.14 22.66
N ILE B 1879 -24.80 -62.34 23.66
CA ILE B 1879 -25.20 -63.69 24.08
C ILE B 1879 -26.21 -64.26 23.08
N PRO B 1880 -27.21 -63.50 22.65
CA PRO B 1880 -28.01 -63.91 21.50
C PRO B 1880 -27.48 -63.29 20.21
N PRO B 1881 -26.37 -63.80 19.67
CA PRO B 1881 -25.72 -63.12 18.57
C PRO B 1881 -26.69 -62.88 17.43
N PRO B 1882 -26.75 -61.67 16.88
CA PRO B 1882 -27.63 -61.44 15.73
C PRO B 1882 -27.12 -62.16 14.49
N VAL B 1883 -28.05 -62.46 13.58
CA VAL B 1883 -27.75 -63.20 12.36
C VAL B 1883 -27.95 -62.29 11.16
N CYS B 1884 -27.74 -61.00 11.34
CA CYS B 1884 -28.06 -60.02 10.31
C CYS B 1884 -27.13 -60.15 9.10
N ARG B 1885 -27.47 -59.39 8.05
CA ARG B 1885 -26.62 -59.28 6.88
C ARG B 1885 -26.37 -57.81 6.55
N PHE B 1886 -27.35 -56.95 6.87
CA PHE B 1886 -27.31 -55.54 6.54
C PHE B 1886 -27.26 -54.71 7.82
N MET B 1887 -26.44 -53.66 7.80
CA MET B 1887 -26.08 -52.91 9.00
C MET B 1887 -26.30 -51.43 8.75
N LYS B 1888 -27.30 -50.86 9.42
CA LYS B 1888 -27.61 -49.44 9.33
C LYS B 1888 -27.04 -48.71 10.53
N ILE B 1889 -26.13 -47.76 10.28
CA ILE B 1889 -25.56 -46.90 11.30
C ILE B 1889 -26.15 -45.51 11.11
N THR B 1890 -26.87 -45.02 12.11
CA THR B 1890 -27.49 -43.70 12.07
C THR B 1890 -26.74 -42.77 13.02
N VAL B 1891 -26.15 -41.70 12.46
CA VAL B 1891 -25.33 -40.75 13.20
C VAL B 1891 -26.07 -39.43 13.27
N ILE B 1892 -26.14 -38.86 14.48
CA ILE B 1892 -26.75 -37.56 14.72
C ILE B 1892 -25.63 -36.56 15.01
N GLY B 1893 -25.51 -35.54 14.16
CA GLY B 1893 -24.48 -34.54 14.33
C GLY B 1893 -24.48 -33.91 15.70
N ARG B 1894 -23.35 -33.34 16.12
CA ARG B 1894 -23.26 -32.73 17.43
C ARG B 1894 -24.18 -31.52 17.52
N TYR B 1895 -24.83 -31.37 18.67
CA TYR B 1895 -25.66 -30.19 18.92
C TYR B 1895 -24.79 -28.96 19.12
N GLY B 1896 -25.22 -27.83 18.55
CA GLY B 1896 -24.43 -26.63 18.60
C GLY B 1896 -23.12 -26.77 17.86
N SER B 1897 -23.18 -27.21 16.61
CA SER B 1897 -21.97 -27.46 15.83
C SER B 1897 -22.25 -27.27 14.34
N THR B 1898 -21.31 -26.64 13.66
CA THR B 1898 -21.37 -26.42 12.22
C THR B 1898 -20.04 -26.79 11.58
N ASN B 1899 -19.47 -27.91 12.02
CA ASN B 1899 -18.28 -28.44 11.38
C ASN B 1899 -18.62 -28.90 9.97
N ALA B 1900 -18.08 -28.21 8.97
CA ALA B 1900 -18.45 -28.49 7.59
C ALA B 1900 -18.37 -29.99 7.30
N ARG B 1901 -17.17 -30.55 7.41
CA ARG B 1901 -16.91 -31.94 7.11
C ARG B 1901 -16.72 -32.73 8.39
N ALA B 1902 -17.29 -33.93 8.45
CA ALA B 1902 -17.16 -34.83 9.58
C ALA B 1902 -16.61 -36.16 9.11
N LYS B 1903 -15.69 -36.73 9.88
CA LYS B 1903 -15.12 -38.04 9.62
C LYS B 1903 -15.40 -38.94 10.82
N ILE B 1904 -16.38 -39.83 10.68
CA ILE B 1904 -16.84 -40.70 11.76
C ILE B 1904 -16.24 -42.08 11.53
N PRO B 1905 -15.29 -42.53 12.35
CA PRO B 1905 -14.75 -43.88 12.18
C PRO B 1905 -15.86 -44.92 12.23
N LEU B 1906 -16.00 -45.68 11.14
CA LEU B 1906 -17.01 -46.72 11.08
C LEU B 1906 -16.78 -47.77 12.17
N GLY B 1907 -15.53 -48.13 12.39
CA GLY B 1907 -15.19 -49.09 13.42
C GLY B 1907 -14.86 -50.48 12.89
N PHE B 1908 -15.06 -51.49 13.74
CA PHE B 1908 -14.73 -52.85 13.41
C PHE B 1908 -15.85 -53.77 13.88
N TYR B 1909 -16.08 -54.83 13.11
CA TYR B 1909 -17.18 -55.76 13.38
C TYR B 1909 -16.65 -57.17 13.21
N TYR B 1910 -16.98 -58.04 14.15
CA TYR B 1910 -16.48 -59.41 14.14
C TYR B 1910 -17.61 -60.39 14.41
N GLY B 1911 -17.38 -61.63 14.02
CA GLY B 1911 -18.35 -62.68 14.21
C GLY B 1911 -18.01 -63.92 13.40
N HIS B 1912 -19.00 -64.48 12.70
CA HIS B 1912 -18.75 -65.65 11.88
C HIS B 1912 -19.53 -65.54 10.57
N THR B 1913 -18.93 -66.04 9.49
CA THR B 1913 -19.57 -66.09 8.19
C THR B 1913 -20.18 -67.45 7.87
N TYR B 1914 -20.16 -68.38 8.83
CA TYR B 1914 -20.75 -69.71 8.66
C TYR B 1914 -21.64 -69.99 9.87
N ILE B 1915 -22.91 -69.64 9.77
CA ILE B 1915 -23.83 -69.80 10.88
C ILE B 1915 -24.14 -71.28 11.04
N LEU B 1916 -24.05 -71.78 12.28
CA LEU B 1916 -24.40 -73.16 12.52
C LEU B 1916 -25.91 -73.35 12.44
N PRO B 1917 -26.37 -74.57 12.16
CA PRO B 1917 -27.82 -74.77 12.00
C PRO B 1917 -28.64 -74.45 13.25
N TRP B 1918 -28.11 -74.77 14.43
CA TRP B 1918 -28.80 -74.41 15.67
C TRP B 1918 -28.67 -72.92 15.98
N GLU B 1919 -27.55 -72.31 15.62
CA GLU B 1919 -27.38 -70.88 15.84
C GLU B 1919 -28.40 -70.08 15.06
N SER B 1920 -28.68 -70.49 13.83
CA SER B 1920 -29.66 -69.80 12.98
C SER B 1920 -31.10 -70.07 13.38
N GLU B 1921 -31.37 -71.11 14.16
CA GLU B 1921 -32.74 -71.42 14.55
C GLU B 1921 -33.43 -70.20 15.11
N LEU B 1922 -34.51 -69.78 14.44
CA LEU B 1922 -35.27 -68.60 14.81
C LEU B 1922 -36.28 -68.86 15.92
N LYS B 1923 -36.47 -70.11 16.30
CA LYS B 1923 -37.40 -70.47 17.37
C LYS B 1923 -36.78 -70.43 18.76
N LEU B 1924 -35.46 -70.41 18.85
CA LEU B 1924 -34.75 -70.41 20.13
C LEU B 1924 -34.44 -69.01 20.66
N MET B 1925 -34.93 -67.97 19.97
CA MET B 1925 -34.64 -66.59 20.32
C MET B 1925 -35.89 -65.96 20.93
N HIS B 1926 -35.76 -64.71 21.37
CA HIS B 1926 -36.88 -63.95 21.91
C HIS B 1926 -37.42 -63.02 20.83
N ASP B 1927 -38.74 -63.04 20.63
CA ASP B 1927 -39.41 -62.15 19.70
C ASP B 1927 -38.72 -62.20 18.35
N PRO B 1928 -38.76 -63.35 17.65
CA PRO B 1928 -38.16 -63.40 16.30
C PRO B 1928 -38.88 -62.52 15.29
N LEU B 1929 -38.36 -62.50 14.07
CA LEU B 1929 -38.96 -61.72 12.99
C LEU B 1929 -38.90 -62.51 11.69
N ASP B 1942 -20.21 -79.78 6.93
CA ASP B 1942 -18.95 -80.47 7.22
C ASP B 1942 -17.90 -80.20 6.15
N GLN B 1943 -18.36 -80.02 4.92
CA GLN B 1943 -17.43 -79.68 3.84
C GLN B 1943 -16.75 -78.35 4.11
N HIS B 1944 -17.51 -77.37 4.60
CA HIS B 1944 -16.91 -76.08 4.94
C HIS B 1944 -15.79 -76.26 5.95
N LEU B 1945 -15.92 -77.21 6.86
CA LEU B 1945 -14.84 -77.47 7.82
C LEU B 1945 -13.58 -77.91 7.08
N ALA B 1946 -13.74 -78.78 6.08
CA ALA B 1946 -12.59 -79.20 5.28
C ALA B 1946 -11.98 -78.02 4.54
N MET B 1947 -12.83 -77.15 3.99
CA MET B 1947 -12.31 -75.97 3.31
C MET B 1947 -11.54 -75.09 4.29
N MET B 1948 -12.05 -74.95 5.50
CA MET B 1948 -11.39 -74.15 6.53
C MET B 1948 -10.05 -74.76 6.91
N VAL B 1949 -9.97 -76.08 6.98
CA VAL B 1949 -8.71 -76.73 7.29
C VAL B 1949 -7.71 -76.51 6.16
N ALA B 1950 -8.18 -76.57 4.92
CA ALA B 1950 -7.30 -76.25 3.79
C ALA B 1950 -6.79 -74.81 3.89
N LEU B 1951 -7.68 -73.88 4.21
CA LEU B 1951 -7.28 -72.49 4.37
C LEU B 1951 -6.27 -72.33 5.51
N GLN B 1952 -6.49 -73.06 6.61
CA GLN B 1952 -5.59 -72.99 7.74
C GLN B 1952 -4.21 -73.50 7.35
N GLU B 1953 -4.15 -74.59 6.57
CA GLU B 1953 -2.86 -75.07 6.10
C GLU B 1953 -2.18 -74.06 5.18
N ASP B 1954 -2.96 -73.41 4.31
CA ASP B 1954 -2.38 -72.38 3.46
C ASP B 1954 -1.78 -71.26 4.30
N ILE B 1955 -2.51 -70.83 5.33
CA ILE B 1955 -2.02 -69.76 6.19
C ILE B 1955 -0.79 -70.24 6.96
N GLN B 1956 -0.76 -71.52 7.34
CA GLN B 1956 0.42 -72.08 7.98
C GLN B 1956 1.63 -71.94 7.08
N CYS B 1957 1.45 -72.26 5.79
CA CYS B 1957 2.55 -72.14 4.84
C CYS B 1957 3.01 -70.69 4.72
N ARG B 1958 2.05 -69.77 4.60
CA ARG B 1958 2.42 -68.36 4.45
C ARG B 1958 3.13 -67.83 5.69
N TYR B 1959 2.67 -68.23 6.87
CA TYR B 1959 3.28 -67.80 8.12
C TYR B 1959 4.67 -68.38 8.27
N ASN B 1960 4.87 -69.63 7.87
CA ASN B 1960 6.20 -70.23 7.88
C ASN B 1960 7.15 -69.50 6.94
N LEU B 1961 6.66 -69.14 5.75
CA LEU B 1961 7.50 -68.38 4.82
C LEU B 1961 7.88 -67.03 5.42
N ALA B 1962 6.93 -66.34 6.04
CA ALA B 1962 7.22 -65.05 6.65
C ALA B 1962 8.23 -65.20 7.79
N CYS B 1963 8.08 -66.25 8.60
CA CYS B 1963 9.03 -66.49 9.68
C CYS B 1963 10.43 -66.75 9.14
N HIS B 1964 10.53 -67.50 8.05
CA HIS B 1964 11.83 -67.71 7.43
C HIS B 1964 12.42 -66.40 6.94
N ARG B 1965 11.59 -65.54 6.35
CA ARG B 1965 12.08 -64.24 5.90
C ARG B 1965 12.63 -63.43 7.07
N LEU B 1966 11.88 -63.40 8.18
CA LEU B 1966 12.31 -62.63 9.34
C LEU B 1966 13.61 -63.20 9.92
N GLU B 1967 13.73 -64.52 9.98
CA GLU B 1967 14.95 -65.13 10.50
C GLU B 1967 16.14 -64.77 9.63
N THR B 1968 15.98 -64.86 8.31
CA THR B 1968 17.10 -64.54 7.43
C THR B 1968 17.48 -63.09 7.55
N LEU B 1969 16.51 -62.19 7.67
CA LEU B 1969 16.86 -60.78 7.82
C LEU B 1969 17.51 -60.51 9.18
N LEU B 1970 17.21 -61.31 10.20
CA LEU B 1970 17.85 -61.11 11.49
C LEU B 1970 19.25 -61.68 11.54
N GLN B 1971 19.56 -62.66 10.69
CA GLN B 1971 20.94 -63.13 10.59
C GLN B 1971 21.92 -62.00 10.33
N SER B 1972 21.50 -60.98 9.58
CA SER B 1972 22.40 -59.89 9.20
C SER B 1972 22.37 -58.73 10.20
N ILE B 1973 21.58 -58.82 11.26
CA ILE B 1973 21.51 -57.78 12.28
C ILE B 1973 22.49 -58.09 13.40
N ASP B 1974 23.31 -57.10 13.76
CA ASP B 1974 24.26 -57.23 14.86
C ASP B 1974 24.07 -56.04 15.78
N LEU B 1975 24.08 -56.31 17.09
CA LEU B 1975 23.93 -55.25 18.09
C LEU B 1975 25.22 -55.02 18.86
N PRO B 1976 25.95 -53.92 18.63
CA PRO B 1976 27.07 -53.58 19.51
C PRO B 1976 26.58 -53.28 20.92
N PRO B 1977 27.24 -53.79 21.96
CA PRO B 1977 26.85 -53.41 23.32
C PRO B 1977 27.19 -51.96 23.61
N LEU B 1978 26.38 -51.34 24.46
CA LEU B 1978 26.59 -49.94 24.84
C LEU B 1978 27.54 -49.86 26.04
N ASN B 1979 28.83 -50.07 25.76
CA ASN B 1979 29.84 -50.04 26.80
C ASN B 1979 31.09 -49.27 26.38
N SER B 1980 31.04 -48.54 25.27
CA SER B 1980 32.19 -47.76 24.81
C SER B 1980 31.69 -46.53 24.07
N ALA B 1981 32.58 -45.56 23.90
CA ALA B 1981 32.21 -44.32 23.22
C ALA B 1981 31.84 -44.58 21.77
N ASN B 1982 32.53 -45.52 21.11
CA ASN B 1982 32.21 -45.82 19.72
C ASN B 1982 30.80 -46.40 19.59
N ASN B 1983 30.42 -47.28 20.51
CA ASN B 1983 29.06 -47.81 20.51
C ASN B 1983 28.04 -46.71 20.77
N ALA B 1984 28.36 -45.80 21.68
CA ALA B 1984 27.48 -44.66 21.93
C ALA B 1984 27.31 -43.80 20.70
N GLN B 1985 28.39 -43.59 19.95
CA GLN B 1985 28.29 -42.82 18.70
C GLN B 1985 27.47 -43.57 17.67
N TYR B 1986 27.65 -44.89 17.57
CA TYR B 1986 26.81 -45.68 16.67
C TYR B 1986 25.34 -45.49 17.01
N PHE B 1987 25.00 -45.48 18.30
CA PHE B 1987 23.60 -45.30 18.70
C PHE B 1987 23.14 -43.86 18.52
N LEU B 1988 24.04 -42.89 18.57
CA LEU B 1988 23.64 -41.49 18.49
C LEU B 1988 23.18 -41.10 17.09
N ARG B 1989 23.94 -41.45 16.06
CA ARG B 1989 23.57 -41.17 14.67
C ARG B 1989 23.48 -42.48 13.90
N LYS B 1990 22.26 -42.95 13.70
CA LYS B 1990 22.00 -44.18 12.95
C LYS B 1990 22.33 -43.98 11.47
N PRO B 1991 23.24 -44.76 10.89
CA PRO B 1991 23.56 -44.57 9.47
C PRO B 1991 22.40 -44.93 8.55
N ASP B 1992 22.44 -44.36 7.34
CA ASP B 1992 21.33 -44.52 6.40
C ASP B 1992 21.09 -45.99 6.04
N LYS B 1993 22.16 -46.75 5.77
CA LYS B 1993 21.98 -48.17 5.49
C LYS B 1993 21.33 -48.88 6.67
N ALA B 1994 21.69 -48.48 7.90
CA ALA B 1994 21.00 -49.02 9.07
C ALA B 1994 19.52 -48.69 9.02
N VAL B 1995 19.18 -47.50 8.51
CA VAL B 1995 17.78 -47.12 8.37
C VAL B 1995 17.08 -48.06 7.39
N GLU B 1996 17.74 -48.37 6.26
CA GLU B 1996 17.13 -49.28 5.30
C GLU B 1996 16.93 -50.67 5.90
N GLU B 1997 17.93 -51.17 6.63
CA GLU B 1997 17.78 -52.47 7.26
C GLU B 1997 16.65 -52.47 8.28
N ASP B 1998 16.53 -51.39 9.06
CA ASP B 1998 15.45 -51.32 10.04
C ASP B 1998 14.09 -51.26 9.36
N SER B 1999 13.98 -50.54 8.24
CA SER B 1999 12.72 -50.50 7.51
C SER B 1999 12.35 -51.88 6.98
N ARG B 2000 13.32 -52.59 6.40
CA ARG B 2000 13.03 -53.94 5.91
C ARG B 2000 12.63 -54.86 7.04
N VAL B 2001 13.32 -54.76 8.18
CA VAL B 2001 12.98 -55.61 9.32
C VAL B 2001 11.57 -55.31 9.82
N PHE B 2002 11.21 -54.02 9.87
CA PHE B 2002 9.87 -53.68 10.31
C PHE B 2002 8.82 -54.23 9.35
N SER B 2003 9.07 -54.13 8.05
CA SER B 2003 8.12 -54.67 7.08
C SER B 2003 7.96 -56.18 7.27
N ALA B 2004 9.07 -56.88 7.39
CA ALA B 2004 9.00 -58.33 7.57
C ALA B 2004 8.29 -58.70 8.85
N TYR B 2005 8.54 -57.95 9.93
CA TYR B 2005 7.89 -58.23 11.19
C TYR B 2005 6.39 -57.99 11.11
N GLN B 2006 5.97 -56.92 10.43
CA GLN B 2006 4.54 -56.68 10.25
C GLN B 2006 3.91 -57.81 9.46
N ASP B 2007 4.57 -58.26 8.38
CA ASP B 2007 4.04 -59.39 7.64
C ASP B 2007 3.89 -60.62 8.53
N CYS B 2008 4.90 -60.89 9.35
CA CYS B 2008 4.83 -62.06 10.22
C CYS B 2008 3.68 -61.95 11.21
N ILE B 2009 3.48 -60.77 11.81
CA ILE B 2009 2.41 -60.63 12.80
C ILE B 2009 1.04 -60.76 12.14
N GLN B 2010 0.85 -60.15 10.96
CA GLN B 2010 -0.43 -60.29 10.28
C GLN B 2010 -0.71 -61.75 9.94
N LEU B 2011 0.29 -62.44 9.40
CA LEU B 2011 0.10 -63.83 9.02
C LEU B 2011 -0.16 -64.69 10.24
N GLN B 2012 0.49 -64.40 11.36
CA GLN B 2012 0.25 -65.14 12.58
C GLN B 2012 -1.17 -64.92 13.09
N LEU B 2013 -1.65 -63.69 13.06
CA LEU B 2013 -3.04 -63.44 13.45
C LEU B 2013 -4.00 -64.21 12.56
N GLN B 2014 -3.74 -64.21 11.24
CA GLN B 2014 -4.61 -64.98 10.36
C GLN B 2014 -4.56 -66.47 10.70
N LEU B 2015 -3.37 -66.98 11.02
CA LEU B 2015 -3.27 -68.39 11.36
C LEU B 2015 -4.05 -68.70 12.62
N ASN B 2016 -3.98 -67.83 13.63
CA ASN B 2016 -4.71 -68.08 14.86
C ASN B 2016 -6.22 -68.00 14.63
N LEU B 2017 -6.65 -67.03 13.81
CA LEU B 2017 -8.07 -66.95 13.47
C LEU B 2017 -8.55 -68.21 12.75
N ALA B 2018 -7.74 -68.69 11.79
CA ALA B 2018 -8.12 -69.89 11.06
C ALA B 2018 -8.18 -71.10 11.97
N HIS B 2019 -7.19 -71.23 12.87
CA HIS B 2019 -7.20 -72.35 13.79
C HIS B 2019 -8.42 -72.29 14.71
N ASN B 2020 -8.78 -71.10 15.18
CA ASN B 2020 -9.93 -70.99 16.06
C ASN B 2020 -11.23 -71.29 15.32
N ALA B 2021 -11.35 -70.86 14.06
CA ALA B 2021 -12.53 -71.20 13.28
C ALA B 2021 -12.62 -72.71 13.04
N VAL B 2022 -11.50 -73.33 12.69
CA VAL B 2022 -11.49 -74.77 12.49
C VAL B 2022 -11.83 -75.49 13.78
N GLN B 2023 -11.36 -74.99 14.92
CA GLN B 2023 -11.68 -75.61 16.20
C GLN B 2023 -13.15 -75.43 16.55
N ARG B 2024 -13.72 -74.28 16.20
CA ARG B 2024 -15.15 -74.09 16.37
C ARG B 2024 -15.94 -75.11 15.56
N LEU B 2025 -15.56 -75.30 14.30
CA LEU B 2025 -16.26 -76.26 13.45
C LEU B 2025 -16.09 -77.69 13.96
N LYS B 2026 -14.90 -78.03 14.44
CA LYS B 2026 -14.65 -79.38 14.95
C LYS B 2026 -15.27 -79.60 16.33
N VAL B 2027 -15.58 -78.54 17.06
CA VAL B 2027 -16.27 -78.69 18.34
C VAL B 2027 -17.78 -78.68 18.15
N ALA B 2028 -18.27 -78.02 17.10
CA ALA B 2028 -19.67 -78.15 16.73
C ALA B 2028 -20.00 -79.62 16.50
N LEU B 2029 -19.20 -80.29 15.68
CA LEU B 2029 -19.25 -81.73 15.62
C LEU B 2029 -18.81 -82.29 16.97
N GLY B 2030 -19.38 -83.42 17.35
CA GLY B 2030 -19.06 -83.99 18.64
C GLY B 2030 -17.56 -84.16 18.82
N ALA B 2031 -16.97 -83.34 19.68
CA ALA B 2031 -15.54 -83.42 19.93
C ALA B 2031 -15.22 -82.67 21.22
N SER B 2032 -14.00 -82.90 21.70
CA SER B 2032 -13.50 -82.30 22.93
C SER B 2032 -12.24 -81.52 22.63
N ARG B 2033 -12.09 -80.34 23.25
CA ARG B 2033 -10.86 -79.57 23.10
C ARG B 2033 -9.84 -80.16 24.07
N LYS B 2034 -8.99 -81.05 23.56
CA LYS B 2034 -7.99 -81.74 24.37
C LYS B 2034 -8.66 -82.44 25.55
N PRO B 2042 0.88 -80.21 38.17
CA PRO B 2042 0.79 -78.83 38.64
C PRO B 2042 1.82 -77.91 37.98
N GLU B 2043 3.10 -78.23 38.16
CA GLU B 2043 4.15 -77.47 37.48
C GLU B 2043 4.21 -77.84 36.01
N ASP B 2044 3.84 -79.08 35.66
CA ASP B 2044 3.76 -79.46 34.26
C ASP B 2044 2.77 -78.59 33.52
N LEU B 2045 1.71 -78.15 34.19
CA LEU B 2045 0.76 -77.22 33.56
C LEU B 2045 1.48 -75.97 33.07
N ILE B 2046 2.26 -75.35 33.94
CA ILE B 2046 3.02 -74.16 33.55
C ILE B 2046 4.02 -74.51 32.46
N GLN B 2047 4.65 -75.68 32.56
CA GLN B 2047 5.61 -76.10 31.55
C GLN B 2047 4.96 -76.17 30.18
N THR B 2048 3.72 -76.61 30.12
CA THR B 2048 3.01 -76.86 28.88
C THR B 2048 2.24 -75.68 28.34
N SER B 2049 2.23 -74.53 29.03
CA SER B 2049 1.53 -73.37 28.48
C SER B 2049 2.34 -72.74 27.35
N SER B 2050 1.63 -72.02 26.49
CA SER B 2050 2.25 -71.27 25.41
C SER B 2050 2.87 -69.98 25.94
N THR B 2051 3.84 -69.45 25.18
CA THR B 2051 4.48 -68.20 25.59
C THR B 2051 3.46 -67.08 25.68
N GLU B 2052 2.58 -66.98 24.69
CA GLU B 2052 1.58 -65.93 24.70
C GLU B 2052 0.61 -66.12 25.85
N GLN B 2053 0.29 -67.38 26.14
CA GLN B 2053 -0.55 -67.68 27.30
C GLN B 2053 0.13 -67.23 28.58
N LEU B 2054 1.43 -67.46 28.68
CA LEU B 2054 2.15 -67.02 29.86
C LEU B 2054 2.14 -65.51 29.97
N ARG B 2055 2.31 -64.81 28.84
CA ARG B 2055 2.31 -63.35 28.90
C ARG B 2055 0.97 -62.82 29.36
N THR B 2056 -0.12 -63.36 28.81
CA THR B 2056 -1.44 -62.90 29.21
C THR B 2056 -1.72 -63.22 30.67
N ILE B 2057 -1.35 -64.42 31.11
CA ILE B 2057 -1.56 -64.80 32.49
C ILE B 2057 -0.78 -63.88 33.42
N ILE B 2058 0.45 -63.55 33.03
CA ILE B 2058 1.27 -62.68 33.87
C ILE B 2058 0.64 -61.30 33.96
N ARG B 2059 0.15 -60.77 32.84
CA ARG B 2059 -0.53 -59.48 32.89
C ARG B 2059 -1.70 -59.52 33.85
N TYR B 2060 -2.55 -60.55 33.73
CA TYR B 2060 -3.71 -60.60 34.60
C TYR B 2060 -3.31 -60.73 36.05
N LEU B 2061 -2.29 -61.53 36.35
CA LEU B 2061 -1.86 -61.69 37.73
C LEU B 2061 -1.30 -60.38 38.28
N LEU B 2062 -0.55 -59.65 37.46
CA LEU B 2062 -0.01 -58.38 37.91
C LEU B 2062 -1.13 -57.41 38.23
N ASP B 2063 -2.14 -57.36 37.36
CA ASP B 2063 -3.28 -56.49 37.61
C ASP B 2063 -4.00 -56.89 38.89
N THR B 2064 -4.17 -58.20 39.11
CA THR B 2064 -4.82 -58.66 40.32
C THR B 2064 -4.04 -58.23 41.55
N LEU B 2065 -2.71 -58.39 41.51
CA LEU B 2065 -1.89 -58.02 42.67
C LEU B 2065 -1.95 -56.52 42.90
N LEU B 2066 -1.95 -55.74 41.83
CA LEU B 2066 -2.06 -54.29 41.97
C LEU B 2066 -3.38 -53.91 42.63
N SER B 2067 -4.47 -54.56 42.22
CA SER B 2067 -5.75 -54.28 42.84
C SER B 2067 -5.75 -54.71 44.30
N LEU B 2068 -5.09 -55.81 44.62
CA LEU B 2068 -4.99 -56.24 46.01
C LEU B 2068 -4.30 -55.19 46.86
N LEU B 2069 -3.17 -54.67 46.37
CA LEU B 2069 -2.47 -53.64 47.13
C LEU B 2069 -3.33 -52.39 47.26
N HIS B 2070 -4.06 -52.04 46.21
CA HIS B 2070 -4.93 -50.87 46.27
C HIS B 2070 -6.00 -51.02 47.34
N ALA B 2071 -6.53 -52.23 47.51
CA ALA B 2071 -7.61 -52.44 48.47
C ALA B 2071 -7.11 -52.66 49.89
N SER B 2072 -5.81 -52.62 50.13
CA SER B 2072 -5.27 -52.80 51.46
C SER B 2072 -5.95 -51.88 52.47
N SER B 2076 -3.95 -56.61 57.45
CA SER B 2076 -3.00 -57.70 57.55
C SER B 2076 -2.46 -58.09 56.17
N VAL B 2077 -3.03 -57.51 55.12
CA VAL B 2077 -2.57 -57.79 53.76
C VAL B 2077 -1.12 -57.37 53.62
N PRO B 2078 -0.61 -56.37 54.35
CA PRO B 2078 0.82 -56.09 54.29
C PRO B 2078 1.64 -57.09 55.08
N ALA B 2079 1.04 -57.76 56.06
CA ALA B 2079 1.76 -58.81 56.79
C ALA B 2079 2.09 -59.98 55.88
N VAL B 2080 1.12 -60.41 55.07
CA VAL B 2080 1.43 -61.36 53.99
C VAL B 2080 2.09 -60.58 52.86
N LEU B 2081 2.69 -61.32 51.91
CA LEU B 2081 3.56 -60.79 50.87
C LEU B 2081 4.91 -60.36 51.42
N GLN B 2082 5.19 -60.68 52.68
CA GLN B 2082 6.52 -60.52 53.23
C GLN B 2082 7.25 -61.85 53.40
N SER B 2083 6.52 -62.92 53.69
CA SER B 2083 7.10 -64.25 53.57
C SER B 2083 7.53 -64.53 52.14
N THR B 2084 6.73 -64.09 51.17
CA THR B 2084 7.13 -64.00 49.78
C THR B 2084 7.51 -62.56 49.45
N PHE B 2085 8.00 -62.36 48.24
CA PHE B 2085 8.47 -61.05 47.80
C PHE B 2085 9.52 -60.52 48.78
N HIS B 2086 10.40 -61.43 49.20
CA HIS B 2086 11.58 -61.04 49.97
C HIS B 2086 12.66 -60.62 48.96
N ALA B 2087 13.88 -60.43 49.45
CA ALA B 2087 14.94 -59.94 48.57
C ALA B 2087 15.14 -60.85 47.37
N GLN B 2088 15.24 -62.15 47.61
CA GLN B 2088 15.52 -63.07 46.52
C GLN B 2088 14.33 -63.19 45.57
N ALA B 2089 13.11 -63.29 46.11
CA ALA B 2089 11.95 -63.39 45.24
C ALA B 2089 11.75 -62.12 44.42
N CYS B 2090 11.92 -60.96 45.05
CA CYS B 2090 11.79 -59.70 44.31
C CYS B 2090 12.86 -59.60 43.23
N GLU B 2091 14.10 -59.95 43.56
CA GLU B 2091 15.16 -59.89 42.56
C GLU B 2091 14.87 -60.81 41.40
N GLU B 2092 14.43 -62.04 41.70
CA GLU B 2092 14.14 -62.99 40.63
C GLU B 2092 13.01 -62.49 39.76
N LEU B 2093 11.95 -61.98 40.36
CA LEU B 2093 10.82 -61.48 39.60
C LEU B 2093 11.22 -60.34 38.70
N PHE B 2094 11.98 -59.38 39.24
CA PHE B 2094 12.43 -58.27 38.42
C PHE B 2094 13.29 -58.74 37.27
N LYS B 2095 14.22 -59.66 37.55
CA LYS B 2095 15.12 -60.13 36.50
C LYS B 2095 14.34 -60.85 35.40
N HIS B 2096 13.34 -61.63 35.78
CA HIS B 2096 12.59 -62.42 34.81
C HIS B 2096 11.63 -61.58 33.99
N LEU B 2097 11.00 -60.58 34.60
CA LEU B 2097 9.90 -59.87 33.95
C LEU B 2097 10.29 -58.51 33.41
N CYS B 2098 11.04 -57.73 34.17
CA CYS B 2098 11.34 -56.36 33.74
C CYS B 2098 12.38 -56.34 32.63
N ILE B 2099 13.27 -57.32 32.58
CA ILE B 2099 14.31 -57.31 31.58
C ILE B 2099 13.75 -57.74 30.23
N SER B 2100 13.08 -58.90 30.19
CA SER B 2100 12.59 -59.49 28.96
C SER B 2100 11.10 -59.28 28.73
N GLY B 2101 10.34 -58.86 29.74
CA GLY B 2101 8.90 -58.78 29.61
C GLY B 2101 8.46 -57.69 28.65
N THR B 2102 7.16 -57.68 28.40
CA THR B 2102 6.57 -56.66 27.56
C THR B 2102 6.59 -55.31 28.27
N PRO B 2103 6.47 -54.21 27.51
CA PRO B 2103 6.50 -52.88 28.15
C PRO B 2103 5.46 -52.73 29.24
N LYS B 2104 4.26 -53.23 29.02
CA LYS B 2104 3.23 -53.13 30.05
C LYS B 2104 3.58 -54.03 31.22
N ILE B 2105 4.02 -55.25 30.95
CA ILE B 2105 4.46 -56.14 32.02
C ILE B 2105 5.64 -55.52 32.76
N ARG B 2106 6.61 -54.99 32.01
CA ARG B 2106 7.76 -54.36 32.65
C ARG B 2106 7.31 -53.25 33.60
N LEU B 2107 6.50 -52.32 33.10
CA LEU B 2107 6.08 -51.19 33.91
C LEU B 2107 5.30 -51.66 35.13
N HIS B 2108 4.36 -52.59 34.94
CA HIS B 2108 3.53 -53.00 36.06
C HIS B 2108 4.35 -53.76 37.09
N THR B 2109 5.29 -54.59 36.64
CA THR B 2109 6.17 -55.26 37.59
C THR B 2109 6.96 -54.24 38.39
N GLY B 2110 7.50 -53.22 37.72
CA GLY B 2110 8.25 -52.21 38.44
C GLY B 2110 7.40 -51.51 39.48
N LEU B 2111 6.21 -51.07 39.09
CA LEU B 2111 5.34 -50.36 40.02
C LEU B 2111 4.90 -51.25 41.18
N LEU B 2112 4.55 -52.50 40.90
CA LEU B 2112 4.19 -53.41 41.97
C LEU B 2112 5.35 -53.61 42.93
N LEU B 2113 6.56 -53.76 42.39
CA LEU B 2113 7.72 -53.97 43.24
C LEU B 2113 7.97 -52.76 44.12
N VAL B 2114 7.77 -51.56 43.57
CA VAL B 2114 7.92 -50.35 44.40
C VAL B 2114 6.87 -50.35 45.50
N GLN B 2115 5.60 -50.54 45.14
CA GLN B 2115 4.54 -50.43 46.13
C GLN B 2115 4.69 -51.46 47.24
N LEU B 2116 5.23 -52.63 46.91
CA LEU B 2116 5.37 -53.68 47.92
C LEU B 2116 6.65 -53.54 48.72
N CYS B 2117 7.80 -53.48 48.05
CA CYS B 2117 9.10 -53.55 48.70
C CYS B 2117 9.85 -52.23 48.65
N GLY B 2118 9.26 -51.17 48.10
CA GLY B 2118 9.96 -49.89 48.04
C GLY B 2118 10.39 -49.41 49.40
N GLY B 2119 9.65 -49.77 50.45
CA GLY B 2119 9.93 -49.35 51.80
C GLY B 2119 10.75 -50.33 52.61
N GLU B 2120 11.31 -51.36 51.98
CA GLU B 2120 12.11 -52.33 52.72
C GLU B 2120 13.57 -51.90 52.74
N ARG B 2121 14.26 -52.34 53.79
CA ARG B 2121 15.64 -51.89 53.99
C ARG B 2121 16.54 -52.39 52.86
N TRP B 2122 16.31 -53.60 52.38
CA TRP B 2122 17.12 -54.17 51.32
C TRP B 2122 16.76 -53.59 49.96
N TRP B 2123 15.76 -52.70 49.91
CA TRP B 2123 15.28 -52.21 48.62
C TRP B 2123 16.39 -51.51 47.86
N GLY B 2124 17.11 -50.60 48.51
CA GLY B 2124 18.21 -49.94 47.86
C GLY B 2124 19.27 -50.93 47.43
N GLN B 2125 19.54 -51.92 48.29
CA GLN B 2125 20.46 -52.98 47.92
C GLN B 2125 19.98 -53.72 46.69
N PHE B 2126 18.67 -53.97 46.61
CA PHE B 2126 18.13 -54.64 45.43
C PHE B 2126 18.34 -53.80 44.18
N LEU B 2127 18.06 -52.51 44.26
CA LEU B 2127 18.23 -51.65 43.09
C LEU B 2127 19.70 -51.58 42.68
N SER B 2128 20.60 -51.44 43.64
CA SER B 2128 22.02 -51.37 43.32
C SER B 2128 22.51 -52.68 42.71
N ASN B 2129 22.07 -53.81 43.26
CA ASN B 2129 22.46 -55.10 42.72
C ASN B 2129 21.92 -55.27 41.31
N VAL B 2130 20.68 -54.86 41.07
CA VAL B 2130 20.12 -54.94 39.74
C VAL B 2130 20.95 -54.11 38.78
N LEU B 2131 21.28 -52.89 39.18
CA LEU B 2131 22.08 -52.02 38.33
C LEU B 2131 23.43 -52.64 38.01
N GLN B 2132 24.12 -53.15 39.05
CA GLN B 2132 25.40 -53.80 38.83
C GLN B 2132 25.28 -54.97 37.88
N GLU B 2133 24.37 -55.89 38.17
CA GLU B 2133 24.29 -57.13 37.40
C GLU B 2133 23.89 -56.84 35.95
N LEU B 2134 22.97 -55.90 35.75
CA LEU B 2134 22.41 -55.70 34.42
C LEU B 2134 23.24 -54.76 33.57
N TYR B 2135 23.97 -53.83 34.17
CA TYR B 2135 24.67 -52.82 33.40
C TYR B 2135 26.18 -52.85 33.56
N ASN B 2136 26.73 -53.69 34.43
CA ASN B 2136 28.16 -53.87 34.46
C ASN B 2136 28.65 -54.48 33.17
N SER B 2137 29.89 -54.18 32.81
CA SER B 2137 30.40 -54.53 31.50
C SER B 2137 30.62 -56.03 31.32
N GLU B 2138 30.51 -56.82 32.39
CA GLU B 2138 30.63 -58.26 32.25
C GLU B 2138 29.33 -58.92 31.86
N GLN B 2139 28.25 -58.16 31.75
CA GLN B 2139 26.95 -58.71 31.35
C GLN B 2139 26.87 -58.85 29.84
N LEU B 2140 26.71 -60.09 29.37
CA LEU B 2140 26.50 -60.37 27.95
C LEU B 2140 25.02 -60.38 27.58
N LEU B 2141 24.13 -60.39 28.55
CA LEU B 2141 22.70 -60.47 28.27
C LEU B 2141 22.27 -59.29 27.42
N ILE B 2142 21.52 -59.57 26.35
CA ILE B 2142 21.00 -58.53 25.48
C ILE B 2142 19.58 -58.20 25.93
N PHE B 2143 19.34 -56.92 26.23
CA PHE B 2143 18.05 -56.47 26.71
C PHE B 2143 17.97 -54.97 26.48
N PRO B 2144 16.76 -54.38 26.56
CA PRO B 2144 16.64 -52.94 26.29
C PRO B 2144 17.21 -52.07 27.39
N GLN B 2145 18.53 -51.82 27.33
CA GLN B 2145 19.20 -51.06 28.38
C GLN B 2145 18.52 -49.73 28.63
N ASP B 2146 18.14 -49.03 27.57
CA ASP B 2146 17.52 -47.72 27.73
C ASP B 2146 16.18 -47.81 28.45
N ARG B 2147 15.32 -48.75 28.04
CA ARG B 2147 14.01 -48.86 28.67
C ARG B 2147 14.12 -49.38 30.10
N VAL B 2148 15.01 -50.33 30.34
CA VAL B 2148 15.17 -50.84 31.69
C VAL B 2148 15.74 -49.75 32.58
N PHE B 2149 16.63 -48.92 32.05
CA PHE B 2149 17.19 -47.83 32.82
C PHE B 2149 16.14 -46.78 33.14
N MET B 2150 15.28 -46.45 32.18
CA MET B 2150 14.18 -45.53 32.48
C MET B 2150 13.29 -46.12 33.55
N LEU B 2151 13.01 -47.41 33.46
CA LEU B 2151 12.22 -48.07 34.51
C LEU B 2151 12.91 -47.93 35.86
N LEU B 2152 14.22 -48.16 35.90
CA LEU B 2152 14.95 -48.07 37.15
C LEU B 2152 14.90 -46.66 37.72
N SER B 2153 15.03 -45.66 36.84
CA SER B 2153 14.97 -44.28 37.29
C SER B 2153 13.61 -43.97 37.90
N CYS B 2154 12.54 -44.38 37.21
CA CYS B 2154 11.20 -44.20 37.77
C CYS B 2154 11.07 -44.92 39.10
N ILE B 2155 11.59 -46.14 39.18
CA ILE B 2155 11.41 -46.95 40.38
C ILE B 2155 12.11 -46.26 41.55
N GLY B 2156 13.31 -45.75 41.33
CA GLY B 2156 14.01 -45.06 42.39
C GLY B 2156 13.32 -43.77 42.77
N GLN B 2157 12.79 -43.05 41.78
CA GLN B 2157 12.06 -41.82 42.08
C GLN B 2157 10.86 -42.09 42.97
N ARG B 2158 10.10 -43.14 42.68
CA ARG B 2158 8.94 -43.43 43.51
C ARG B 2158 9.30 -44.13 44.81
N SER B 2159 10.53 -44.58 44.97
CA SER B 2159 10.99 -45.17 46.22
C SER B 2159 12.09 -44.35 46.86
N LEU B 2160 12.30 -43.12 46.40
CA LEU B 2160 13.40 -42.30 46.89
C LEU B 2160 13.22 -41.88 48.33
N SER B 2161 12.02 -42.03 48.89
CA SER B 2161 11.82 -41.78 50.30
C SER B 2161 12.61 -42.72 51.19
N ASN B 2162 12.99 -43.89 50.67
CA ASN B 2162 13.84 -44.82 51.41
C ASN B 2162 15.29 -44.35 51.30
N SER B 2163 15.87 -43.93 52.43
CA SER B 2163 17.24 -43.43 52.43
C SER B 2163 18.21 -44.46 51.89
N GLY B 2164 17.87 -45.75 52.00
CA GLY B 2164 18.80 -46.76 51.58
C GLY B 2164 18.99 -46.77 50.08
N VAL B 2165 18.06 -46.19 49.34
CA VAL B 2165 18.18 -46.16 47.89
C VAL B 2165 19.41 -45.35 47.50
N LEU B 2166 19.44 -44.08 47.89
CA LEU B 2166 20.57 -43.24 47.55
C LEU B 2166 21.83 -43.67 48.29
N GLU B 2167 21.70 -44.13 49.54
CA GLU B 2167 22.89 -44.62 50.24
C GLU B 2167 23.55 -45.75 49.46
N SER B 2168 22.77 -46.75 49.04
CA SER B 2168 23.33 -47.88 48.33
C SER B 2168 23.82 -47.48 46.94
N LEU B 2169 23.11 -46.58 46.27
CA LEU B 2169 23.58 -46.17 44.95
C LEU B 2169 24.93 -45.47 45.05
N LEU B 2170 25.10 -44.64 46.08
CA LEU B 2170 26.37 -43.96 46.25
C LEU B 2170 27.45 -44.92 46.72
N ASN B 2171 27.09 -45.94 47.48
CA ASN B 2171 28.06 -46.97 47.83
C ASN B 2171 28.52 -47.73 46.59
N LEU B 2172 27.59 -47.99 45.66
CA LEU B 2172 27.99 -48.62 44.41
C LEU B 2172 28.95 -47.74 43.64
N LEU B 2173 28.67 -46.44 43.58
CA LEU B 2173 29.58 -45.54 42.89
C LEU B 2173 30.93 -45.51 43.60
N ASP B 2174 30.92 -45.52 44.93
CA ASP B 2174 32.16 -45.59 45.70
C ASP B 2174 32.99 -46.82 45.30
N ASN B 2175 32.35 -47.98 45.26
CA ASN B 2175 33.06 -49.20 44.91
C ASN B 2175 33.57 -49.14 43.48
N LEU B 2176 32.78 -48.56 42.59
CA LEU B 2176 33.22 -48.46 41.20
C LEU B 2176 34.42 -47.55 41.05
N LEU B 2177 34.50 -46.51 41.89
CA LEU B 2177 35.59 -45.55 41.85
C LEU B 2177 36.77 -45.92 42.74
N SER B 2178 36.63 -46.96 43.57
CA SER B 2178 37.72 -47.40 44.42
C SER B 2178 39.05 -47.56 43.71
N PRO B 2179 39.12 -48.03 42.47
CA PRO B 2179 40.44 -48.21 41.83
C PRO B 2179 41.31 -46.97 41.82
N LEU B 2180 40.74 -45.78 41.68
CA LEU B 2180 41.55 -44.57 41.71
C LEU B 2180 42.27 -44.44 43.05
N GLN B 2181 41.57 -44.68 44.14
CA GLN B 2181 42.14 -44.54 45.47
C GLN B 2181 42.75 -45.85 45.94
N VAL B 2193 40.72 -51.84 38.18
CA VAL B 2193 40.43 -51.13 36.95
C VAL B 2193 39.04 -50.53 37.05
N LEU B 2194 38.87 -49.33 36.51
CA LEU B 2194 37.58 -48.65 36.52
C LEU B 2194 36.70 -49.17 35.40
N ASP B 2195 35.42 -49.35 35.71
CA ASP B 2195 34.42 -49.75 34.74
C ASP B 2195 33.63 -48.50 34.38
N ILE B 2196 34.17 -47.75 33.41
CA ILE B 2196 33.62 -46.44 33.11
C ILE B 2196 32.18 -46.50 32.63
N PRO B 2197 31.78 -47.41 31.75
CA PRO B 2197 30.35 -47.47 31.37
C PRO B 2197 29.43 -47.75 32.54
N MET B 2198 29.79 -48.68 33.41
CA MET B 2198 28.98 -48.92 34.59
C MET B 2198 28.91 -47.66 35.43
N ILE B 2199 30.05 -46.99 35.58
CA ILE B 2199 30.07 -45.72 36.33
C ILE B 2199 29.17 -44.69 35.66
N SER B 2200 29.13 -44.67 34.32
CA SER B 2200 28.28 -43.71 33.63
C SER B 2200 26.82 -43.97 33.94
N TRP B 2201 26.39 -45.23 33.85
CA TRP B 2201 25.02 -45.55 34.20
C TRP B 2201 24.72 -45.14 35.63
N VAL B 2202 25.61 -45.47 36.55
CA VAL B 2202 25.35 -45.20 37.96
C VAL B 2202 25.30 -43.69 38.20
N VAL B 2203 26.21 -42.95 37.58
CA VAL B 2203 26.28 -41.51 37.76
C VAL B 2203 25.04 -40.84 37.21
N MET B 2204 24.58 -41.25 36.03
CA MET B 2204 23.38 -40.64 35.47
C MET B 2204 22.16 -40.96 36.32
N LEU B 2205 22.05 -42.20 36.80
CA LEU B 2205 20.93 -42.51 37.68
C LEU B 2205 20.99 -41.66 38.95
N VAL B 2206 22.17 -41.55 39.55
CA VAL B 2206 22.29 -40.78 40.78
C VAL B 2206 22.00 -39.31 40.53
N SER B 2207 22.44 -38.79 39.39
CA SER B 2207 22.17 -37.40 39.05
C SER B 2207 20.68 -37.14 38.92
N ARG B 2208 19.97 -38.01 38.20
CA ARG B 2208 18.54 -37.83 38.05
C ARG B 2208 17.83 -37.96 39.40
N LEU B 2209 18.25 -38.91 40.22
CA LEU B 2209 17.60 -39.07 41.51
C LEU B 2209 17.85 -37.86 42.40
N LEU B 2210 19.07 -37.34 42.39
CA LEU B 2210 19.38 -36.19 43.24
C LEU B 2210 18.66 -34.95 42.78
N ASP B 2211 18.67 -34.68 41.47
CA ASP B 2211 17.95 -33.50 40.98
C ASP B 2211 16.45 -33.64 41.21
N TYR B 2212 15.95 -34.87 41.31
CA TYR B 2212 14.56 -35.04 41.70
C TYR B 2212 14.38 -34.74 43.18
N VAL B 2213 15.42 -34.93 43.98
CA VAL B 2213 15.33 -34.62 45.40
C VAL B 2213 15.37 -33.11 45.58
N ASN B 2230 19.06 -24.30 40.12
CA ASN B 2230 18.63 -23.67 38.88
C ASN B 2230 19.82 -23.53 37.92
N GLN B 2231 21.02 -23.39 38.49
CA GLN B 2231 22.22 -23.23 37.68
C GLN B 2231 22.49 -24.45 36.81
N TRP B 2232 21.98 -25.62 37.19
CA TRP B 2232 22.21 -26.85 36.45
C TRP B 2232 21.09 -27.16 35.46
N SER B 2233 20.13 -26.26 35.28
CA SER B 2233 19.05 -26.51 34.34
C SER B 2233 19.57 -26.69 32.92
N PHE B 2234 20.78 -26.22 32.62
CA PHE B 2234 21.35 -26.43 31.30
C PHE B 2234 21.61 -27.88 30.99
N ILE B 2235 21.74 -28.73 32.02
CA ILE B 2235 21.99 -30.16 31.79
C ILE B 2235 20.72 -30.88 31.37
N ASN B 2236 19.57 -30.44 31.85
CA ASN B 2236 18.29 -31.06 31.48
C ASN B 2236 18.08 -31.02 29.96
N HIS B 2356 28.68 -38.13 57.72
CA HIS B 2356 28.81 -37.95 56.28
C HIS B 2356 30.18 -38.36 55.78
N GLU B 2357 30.75 -39.38 56.43
CA GLU B 2357 32.10 -39.81 56.09
C GLU B 2357 32.12 -40.54 54.77
N ARG B 2358 31.14 -41.42 54.54
CA ARG B 2358 31.07 -42.13 53.27
C ARG B 2358 30.80 -41.16 52.13
N CYS B 2359 30.01 -40.12 52.39
CA CYS B 2359 29.81 -39.06 51.41
C CYS B 2359 31.14 -38.40 51.08
N ILE B 2360 31.95 -38.13 52.08
CA ILE B 2360 33.27 -37.55 51.82
C ILE B 2360 34.09 -38.50 50.97
N SER B 2361 34.06 -39.79 51.28
CA SER B 2361 34.84 -40.75 50.52
C SER B 2361 34.44 -40.73 49.04
N VAL B 2362 33.14 -40.79 48.78
CA VAL B 2362 32.69 -40.85 47.39
C VAL B 2362 32.97 -39.52 46.69
N VAL B 2363 32.83 -38.41 47.39
CA VAL B 2363 33.09 -37.10 46.78
C VAL B 2363 34.57 -36.96 46.45
N GLN B 2364 35.43 -37.42 47.36
CA GLN B 2364 36.87 -37.39 47.12
C GLN B 2364 37.23 -38.24 45.92
N LYS B 2365 36.62 -39.42 45.80
CA LYS B 2365 36.90 -40.26 44.65
C LYS B 2365 36.37 -39.64 43.37
N LEU B 2366 35.24 -38.93 43.44
CA LEU B 2366 34.75 -38.22 42.28
C LEU B 2366 35.70 -37.12 41.86
N VAL B 2367 36.27 -36.41 42.83
CA VAL B 2367 37.25 -35.38 42.49
C VAL B 2367 38.47 -36.00 41.86
N LEU B 2368 38.95 -37.13 42.41
CA LEU B 2368 40.06 -37.83 41.78
C LEU B 2368 39.72 -38.20 40.35
N PHE B 2369 38.49 -38.66 40.12
CA PHE B 2369 38.07 -38.99 38.77
C PHE B 2369 38.13 -37.77 37.87
N LEU B 2370 37.58 -36.65 38.34
CA LEU B 2370 37.66 -35.41 37.56
C LEU B 2370 39.10 -35.09 37.22
N LEU B 2371 39.99 -35.21 38.22
CA LEU B 2371 41.39 -34.91 38.04
C LEU B 2371 42.09 -35.97 37.22
N SER B 2372 41.50 -37.16 37.14
CA SER B 2372 42.05 -38.29 36.40
C SER B 2372 41.52 -38.38 34.98
N MET B 2373 40.60 -37.50 34.59
CA MET B 2373 39.99 -37.60 33.27
C MET B 2373 41.01 -37.21 32.21
N ASP B 2374 41.26 -38.13 31.29
CA ASP B 2374 42.12 -37.87 30.16
C ASP B 2374 41.36 -38.20 28.89
N PHE B 2375 42.06 -38.28 27.75
CA PHE B 2375 41.38 -38.43 26.48
C PHE B 2375 40.49 -39.68 26.43
N THR B 2376 40.74 -40.65 27.31
CA THR B 2376 39.87 -41.82 27.38
C THR B 2376 38.54 -41.54 28.06
N CYS B 2377 38.41 -40.43 28.78
CA CYS B 2377 37.13 -40.03 29.34
C CYS B 2377 36.50 -38.95 28.48
N HIS B 2378 35.23 -38.66 28.73
CA HIS B 2378 34.45 -37.82 27.86
C HIS B 2378 33.80 -36.68 28.63
N ALA B 2379 33.68 -35.54 27.95
CA ALA B 2379 33.22 -34.31 28.60
C ALA B 2379 31.78 -34.45 29.07
N ASP B 2380 30.94 -35.13 28.29
CA ASP B 2380 29.54 -35.27 28.67
C ASP B 2380 29.41 -35.95 30.02
N LEU B 2381 30.21 -36.98 30.27
CA LEU B 2381 30.23 -37.57 31.59
C LEU B 2381 30.79 -36.59 32.61
N LEU B 2382 31.73 -35.75 32.21
CA LEU B 2382 32.30 -34.79 33.14
C LEU B 2382 31.23 -33.84 33.66
N LEU B 2383 30.32 -33.42 32.78
CA LEU B 2383 29.27 -32.51 33.21
C LEU B 2383 28.48 -33.12 34.35
N PHE B 2384 28.07 -34.38 34.20
CA PHE B 2384 27.31 -35.04 35.25
C PHE B 2384 28.17 -35.32 36.47
N VAL B 2385 29.46 -35.59 36.28
CA VAL B 2385 30.32 -35.79 37.43
C VAL B 2385 30.35 -34.52 38.27
N CYS B 2386 30.51 -33.38 37.61
CA CYS B 2386 30.51 -32.10 38.32
C CYS B 2386 29.17 -31.84 39.00
N LYS B 2387 28.07 -32.10 38.30
CA LYS B 2387 26.75 -31.88 38.88
C LYS B 2387 26.57 -32.75 40.12
N VAL B 2388 26.94 -34.01 40.02
CA VAL B 2388 26.76 -34.94 41.13
C VAL B 2388 27.66 -34.55 42.29
N LEU B 2389 28.89 -34.16 42.00
CA LEU B 2389 29.80 -33.69 43.03
C LEU B 2389 29.20 -32.53 43.80
N ALA B 2390 28.75 -31.51 43.07
CA ALA B 2390 28.17 -30.34 43.72
C ALA B 2390 26.94 -30.71 44.53
N ARG B 2391 26.07 -31.54 43.96
CA ARG B 2391 24.82 -31.89 44.64
C ARG B 2391 25.09 -32.66 45.92
N ILE B 2392 26.02 -33.60 45.87
CA ILE B 2392 26.37 -34.36 47.07
C ILE B 2392 26.99 -33.43 48.11
N ALA B 2393 27.87 -32.54 47.66
CA ALA B 2393 28.51 -31.62 48.58
C ALA B 2393 27.49 -30.77 49.30
N ASN B 2394 26.48 -30.29 48.59
CA ASN B 2394 25.46 -29.43 49.18
C ASN B 2394 24.32 -30.22 49.81
N ALA B 2395 24.34 -31.54 49.71
CA ALA B 2395 23.26 -32.36 50.23
C ALA B 2395 23.47 -32.82 51.67
N THR B 2396 24.71 -32.88 52.13
CA THR B 2396 24.98 -33.39 53.46
C THR B 2396 24.63 -32.36 54.53
N ARG B 2397 24.21 -32.85 55.70
CA ARG B 2397 23.83 -31.94 56.78
C ARG B 2397 24.98 -31.04 57.17
N PRO B 2398 26.15 -31.55 57.55
CA PRO B 2398 27.34 -30.71 57.60
C PRO B 2398 27.97 -30.60 56.23
N THR B 2399 27.47 -29.66 55.42
CA THR B 2399 27.88 -29.55 54.03
C THR B 2399 29.37 -29.76 53.87
N ILE B 2400 29.74 -30.54 52.87
CA ILE B 2400 31.15 -30.85 52.63
C ILE B 2400 31.84 -29.62 52.08
N HIS B 2401 32.93 -29.22 52.72
CA HIS B 2401 33.71 -28.06 52.30
C HIS B 2401 34.78 -28.48 51.30
N LEU B 2402 35.14 -27.56 50.41
CA LEU B 2402 36.15 -27.87 49.41
C LEU B 2402 37.46 -28.32 50.04
N CYS B 2403 37.79 -27.82 51.23
CA CYS B 2403 39.01 -28.25 51.90
C CYS B 2403 38.91 -29.70 52.36
N GLU B 2404 37.70 -30.15 52.70
CA GLU B 2404 37.50 -31.54 53.08
C GLU B 2404 37.57 -32.48 51.88
N ILE B 2405 37.44 -31.94 50.68
CA ILE B 2405 37.43 -32.77 49.48
C ILE B 2405 38.82 -32.90 48.88
N VAL B 2406 39.57 -31.81 48.79
CA VAL B 2406 40.85 -31.79 48.11
C VAL B 2406 41.94 -31.39 49.09
N ASN B 2407 43.16 -31.74 48.73
CA ASN B 2407 44.37 -31.19 49.34
C ASN B 2407 45.00 -30.21 48.37
N GLU B 2408 46.05 -29.53 48.82
CA GLU B 2408 46.58 -28.40 48.06
C GLU B 2408 46.97 -28.77 46.63
N PRO B 2409 47.76 -29.82 46.37
CA PRO B 2409 48.05 -30.14 44.97
C PRO B 2409 46.80 -30.45 44.16
N GLN B 2410 45.82 -31.11 44.76
CA GLN B 2410 44.61 -31.45 44.03
C GLN B 2410 43.82 -30.21 43.66
N LEU B 2411 43.64 -29.30 44.63
CA LEU B 2411 42.92 -28.07 44.32
C LEU B 2411 43.66 -27.22 43.31
N GLU B 2412 44.99 -27.17 43.42
CA GLU B 2412 45.76 -26.44 42.42
C GLU B 2412 45.55 -27.01 41.03
N ARG B 2413 45.57 -28.34 40.90
CA ARG B 2413 45.31 -28.95 39.61
C ARG B 2413 43.89 -28.64 39.15
N LEU B 2414 42.93 -28.67 40.08
CA LEU B 2414 41.55 -28.39 39.75
C LEU B 2414 41.41 -27.00 39.13
N LEU B 2415 42.00 -26.00 39.77
CA LEU B 2415 41.91 -24.64 39.25
C LEU B 2415 42.74 -24.48 37.99
N LEU B 2416 43.83 -25.23 37.85
CA LEU B 2416 44.64 -25.12 36.66
C LEU B 2416 43.92 -25.70 35.45
N LEU B 2417 43.00 -26.65 35.69
CA LEU B 2417 42.13 -27.12 34.63
C LEU B 2417 41.32 -25.97 34.05
N LEU B 2418 40.92 -25.03 34.89
CA LEU B 2418 40.11 -23.90 34.44
C LEU B 2418 40.96 -22.77 33.87
N VAL B 2419 42.15 -22.55 34.44
CA VAL B 2419 42.88 -21.33 34.15
C VAL B 2419 44.29 -21.62 33.65
N GLY B 2420 44.73 -22.86 33.78
CA GLY B 2420 46.09 -23.20 33.39
C GLY B 2420 46.26 -23.21 31.88
N THR B 2421 47.44 -22.79 31.43
CA THR B 2421 47.71 -22.77 30.00
C THR B 2421 48.15 -24.13 29.49
N ASP B 2422 48.46 -25.08 30.37
CA ASP B 2422 48.69 -26.45 29.94
C ASP B 2422 47.39 -27.19 29.70
N PHE B 2423 46.28 -26.70 30.25
CA PHE B 2423 44.96 -27.29 30.01
C PHE B 2423 44.07 -26.41 29.15
N ASN B 2424 44.39 -25.12 28.99
CA ASN B 2424 43.59 -24.19 28.22
C ASN B 2424 44.52 -23.46 27.27
N ARG B 2425 44.10 -23.31 26.03
CA ARG B 2425 44.93 -22.68 25.00
C ARG B 2425 44.17 -21.55 24.31
N GLY B 2426 43.53 -20.70 25.11
CA GLY B 2426 42.82 -19.57 24.54
C GLY B 2426 41.43 -19.95 24.06
N ASP B 2427 41.26 -20.02 22.74
CA ASP B 2427 39.98 -20.43 22.19
C ASP B 2427 39.63 -21.87 22.50
N ILE B 2428 40.62 -22.70 22.81
CA ILE B 2428 40.41 -24.09 23.17
C ILE B 2428 40.54 -24.22 24.68
N SER B 2429 39.46 -24.60 25.35
CA SER B 2429 39.46 -24.79 26.79
C SER B 2429 39.29 -26.26 27.12
N TRP B 2430 39.81 -26.65 28.27
CA TRP B 2430 39.74 -28.05 28.67
C TRP B 2430 38.31 -28.50 28.86
N GLY B 2431 37.92 -29.53 28.14
CA GLY B 2431 36.57 -30.05 28.20
C GLY B 2431 35.51 -29.19 27.52
N GLY B 2432 35.89 -28.11 26.86
CA GLY B 2432 34.93 -27.25 26.21
C GLY B 2432 34.26 -26.27 27.15
N ALA B 2433 33.47 -25.39 26.57
CA ALA B 2433 32.79 -24.37 27.36
C ALA B 2433 31.90 -25.00 28.41
N TRP B 2434 31.23 -26.10 28.06
CA TRP B 2434 30.32 -26.74 29.00
C TRP B 2434 31.07 -27.33 30.18
N ALA B 2435 32.22 -27.96 29.93
CA ALA B 2435 33.02 -28.46 31.04
C ALA B 2435 33.52 -27.32 31.92
N GLN B 2436 33.97 -26.23 31.30
CA GLN B 2436 34.42 -25.09 32.07
C GLN B 2436 33.30 -24.57 32.97
N TYR B 2437 32.12 -24.40 32.40
CA TYR B 2437 30.98 -23.90 33.15
C TYR B 2437 30.60 -24.86 34.27
N SER B 2438 30.63 -26.15 34.00
CA SER B 2438 30.24 -27.11 35.03
C SER B 2438 31.23 -27.10 36.18
N LEU B 2439 32.53 -27.06 35.89
CA LEU B 2439 33.52 -26.98 36.95
C LEU B 2439 33.35 -25.71 37.76
N THR B 2440 33.16 -24.57 37.08
CA THR B 2440 32.98 -23.32 37.79
C THR B 2440 31.75 -23.39 38.67
N CYS B 2441 30.65 -23.95 38.15
CA CYS B 2441 29.42 -24.05 38.92
C CYS B 2441 29.61 -24.95 40.13
N MET B 2442 30.35 -26.05 39.97
CA MET B 2442 30.59 -26.94 41.09
C MET B 2442 31.40 -26.24 42.16
N LEU B 2443 32.45 -25.55 41.76
CA LEU B 2443 33.28 -24.83 42.71
C LEU B 2443 32.46 -23.78 43.45
N GLN B 2444 31.65 -23.02 42.70
CA GLN B 2444 30.82 -22.00 43.32
C GLN B 2444 29.81 -22.62 44.27
N ASP B 2445 29.20 -23.74 43.89
CA ASP B 2445 28.22 -24.38 44.74
C ASP B 2445 28.86 -24.87 46.03
N ILE B 2446 30.03 -25.48 45.92
CA ILE B 2446 30.72 -25.97 47.11
C ILE B 2446 31.06 -24.80 48.02
N LEU B 2447 31.59 -23.72 47.45
CA LEU B 2447 31.93 -22.54 48.24
C LEU B 2447 30.69 -21.98 48.93
N ALA B 2448 29.60 -21.87 48.18
CA ALA B 2448 28.38 -21.31 48.75
C ALA B 2448 27.86 -22.19 49.89
N GLY B 2449 27.93 -23.51 49.72
CA GLY B 2449 27.59 -24.39 50.81
C GLY B 2449 28.47 -24.13 52.02
N GLU B 2450 29.75 -23.89 51.79
CA GLU B 2450 30.63 -23.51 52.89
C GLU B 2450 30.21 -22.18 53.48
N LEU B 2451 29.94 -21.21 52.62
CA LEU B 2451 29.54 -19.88 53.05
C LEU B 2451 28.03 -19.80 53.29
N GLN B 2596 -22.97 -48.74 31.26
CA GLN B 2596 -22.65 -47.79 30.21
C GLN B 2596 -23.10 -48.29 28.84
N ALA B 2597 -24.20 -47.74 28.34
CA ALA B 2597 -24.65 -48.00 26.98
C ALA B 2597 -24.82 -49.50 26.75
N LEU B 2598 -25.75 -50.09 27.49
CA LEU B 2598 -26.10 -51.48 27.25
C LEU B 2598 -26.95 -51.64 26.00
N ASP B 2599 -26.88 -52.82 25.40
CA ASP B 2599 -27.74 -53.15 24.27
C ASP B 2599 -29.18 -53.29 24.74
N ALA B 2600 -30.10 -52.64 24.04
CA ALA B 2600 -31.49 -52.59 24.46
C ALA B 2600 -32.18 -53.95 24.40
N ARG B 2601 -31.58 -54.94 23.74
CA ARG B 2601 -32.23 -56.25 23.60
C ARG B 2601 -32.05 -57.12 24.83
N LEU B 2602 -31.23 -56.72 25.80
CA LEU B 2602 -31.10 -57.50 27.02
C LEU B 2602 -32.27 -57.35 27.97
N GLU B 2603 -33.06 -56.28 27.84
CA GLU B 2603 -34.21 -56.12 28.73
C GLU B 2603 -35.26 -57.20 28.48
N VAL B 2604 -35.26 -57.81 27.30
CA VAL B 2604 -36.27 -58.80 26.96
C VAL B 2604 -36.06 -60.06 27.78
N GLY B 2605 -34.80 -60.48 27.92
CA GLY B 2605 -34.46 -61.70 28.62
C GLY B 2605 -34.15 -61.43 30.07
N LEU B 2606 -33.46 -62.38 30.70
CA LEU B 2606 -33.10 -62.28 32.11
C LEU B 2606 -31.63 -61.90 32.31
N GLU B 2607 -30.97 -61.38 31.27
CA GLU B 2607 -29.54 -61.13 31.31
C GLU B 2607 -29.18 -59.66 31.36
N GLN B 2608 -30.14 -58.77 31.63
CA GLN B 2608 -29.81 -57.35 31.72
C GLN B 2608 -29.08 -57.05 33.03
N GLN B 2609 -29.57 -57.59 34.14
CA GLN B 2609 -28.90 -57.39 35.42
C GLN B 2609 -27.53 -58.06 35.42
N ALA B 2610 -27.43 -59.25 34.84
CA ALA B 2610 -26.15 -59.94 34.77
C ALA B 2610 -25.14 -59.15 33.95
N GLU B 2611 -25.56 -58.62 32.81
CA GLU B 2611 -24.64 -57.84 31.98
C GLU B 2611 -24.23 -56.55 32.68
N LEU B 2612 -25.17 -55.87 33.35
CA LEU B 2612 -24.82 -54.67 34.08
C LEU B 2612 -23.82 -54.95 35.18
N MET B 2613 -24.03 -56.02 35.95
CA MET B 2613 -23.13 -56.31 37.05
C MET B 2613 -21.77 -56.77 36.56
N LEU B 2614 -21.72 -57.55 35.47
CA LEU B 2614 -20.42 -57.94 34.93
C LEU B 2614 -19.66 -56.73 34.39
N LYS B 2615 -20.33 -55.84 33.66
CA LYS B 2615 -19.64 -54.66 33.16
C LYS B 2615 -19.18 -53.78 34.32
N MET B 2616 -19.97 -53.71 35.39
CA MET B 2616 -19.54 -52.97 36.57
C MET B 2616 -18.30 -53.61 37.18
N MET B 2617 -18.25 -54.95 37.19
CA MET B 2617 -17.04 -55.64 37.62
C MET B 2617 -15.84 -55.19 36.80
N SER B 2618 -15.98 -55.23 35.47
CA SER B 2618 -14.86 -54.85 34.61
C SER B 2618 -14.45 -53.41 34.87
N THR B 2619 -15.42 -52.51 35.02
CA THR B 2619 -15.09 -51.11 35.25
C THR B 2619 -14.40 -50.91 36.60
N LEU B 2620 -14.86 -51.61 37.63
CA LEU B 2620 -14.21 -51.52 38.93
C LEU B 2620 -12.78 -52.04 38.85
N GLU B 2621 -12.56 -53.13 38.11
CA GLU B 2621 -11.22 -53.65 37.96
C GLU B 2621 -10.32 -52.65 37.24
N ALA B 2622 -10.83 -52.03 36.18
CA ALA B 2622 -10.04 -51.03 35.46
C ALA B 2622 -9.72 -49.84 36.36
N ASP B 2623 -10.71 -49.38 37.13
CA ASP B 2623 -10.46 -48.26 38.04
C ASP B 2623 -9.44 -48.61 39.10
N SER B 2624 -9.53 -49.82 39.66
CA SER B 2624 -8.56 -50.23 40.67
C SER B 2624 -7.16 -50.27 40.07
N ILE B 2625 -7.02 -50.83 38.86
CA ILE B 2625 -5.70 -50.88 38.24
C ILE B 2625 -5.17 -49.47 38.00
N LEU B 2626 -6.00 -48.58 37.46
CA LEU B 2626 -5.52 -47.24 37.17
C LEU B 2626 -5.10 -46.51 38.44
N GLN B 2627 -5.90 -46.64 39.51
CA GLN B 2627 -5.54 -46.00 40.75
C GLN B 2627 -4.26 -46.58 41.34
N ALA B 2628 -4.09 -47.90 41.24
CA ALA B 2628 -2.86 -48.51 41.73
C ALA B 2628 -1.65 -48.01 40.97
N LEU B 2629 -1.78 -47.84 39.66
CA LEU B 2629 -0.65 -47.39 38.85
C LEU B 2629 -0.30 -45.93 39.13
N THR B 2630 -1.24 -45.15 39.65
CA THR B 2630 -1.05 -43.72 39.86
C THR B 2630 -0.96 -43.36 41.33
N ASN B 2631 -0.32 -44.21 42.12
CA ASN B 2631 -0.13 -43.93 43.53
C ASN B 2631 0.96 -42.88 43.73
N GLN B 2663 34.19 -28.73 58.87
CA GLN B 2663 34.57 -27.92 60.02
C GLN B 2663 35.57 -26.84 59.65
N LEU B 2664 36.60 -27.22 58.91
CA LEU B 2664 37.63 -26.28 58.50
C LEU B 2664 37.16 -25.45 57.30
N SER B 2665 37.55 -24.19 57.29
CA SER B 2665 37.21 -23.30 56.19
C SER B 2665 38.17 -23.49 55.03
N SER B 2666 37.66 -23.36 53.81
CA SER B 2666 38.47 -23.46 52.61
C SER B 2666 39.13 -22.15 52.25
N VAL B 2667 38.80 -21.07 52.96
CA VAL B 2667 39.31 -19.76 52.59
C VAL B 2667 40.84 -19.72 52.68
N PRO B 2668 41.48 -20.22 53.73
CA PRO B 2668 42.95 -20.22 53.73
C PRO B 2668 43.53 -20.98 52.56
N MET B 2669 42.95 -22.14 52.27
CA MET B 2669 43.41 -22.96 51.16
C MET B 2669 43.20 -22.24 49.84
N LEU B 2670 42.03 -21.63 49.65
CA LEU B 2670 41.78 -20.89 48.42
C LEU B 2670 42.71 -19.70 48.28
N ASN B 2671 42.99 -19.01 49.39
CA ASN B 2671 43.91 -17.88 49.34
C ASN B 2671 45.28 -18.35 48.88
N VAL B 2672 45.76 -19.45 49.46
CA VAL B 2672 47.05 -20.00 49.05
C VAL B 2672 47.02 -20.35 47.57
N CYS B 2673 45.97 -21.03 47.14
N CYS B 2673 45.97 -21.03 47.14
CA CYS B 2673 45.90 -21.50 45.76
CA CYS B 2673 45.90 -21.50 45.76
C CYS B 2673 45.89 -20.34 44.78
C CYS B 2673 45.89 -20.34 44.78
N PHE B 2674 45.11 -19.29 45.07
CA PHE B 2674 45.04 -18.18 44.13
C PHE B 2674 46.30 -17.34 44.16
N ASN B 2675 46.93 -17.22 45.33
CA ASN B 2675 48.20 -16.52 45.39
C ASN B 2675 49.23 -17.25 44.56
N LYS B 2676 49.26 -18.58 44.64
CA LYS B 2676 50.15 -19.35 43.78
C LYS B 2676 49.80 -19.12 42.32
N LEU B 2677 48.51 -19.13 41.99
CA LEU B 2677 48.11 -18.91 40.61
C LEU B 2677 48.51 -17.51 40.15
N PHE B 2678 48.28 -16.50 41.00
CA PHE B 2678 48.67 -15.15 40.61
C PHE B 2678 50.18 -15.07 40.44
N SER B 2679 50.92 -15.73 41.31
CA SER B 2679 52.37 -15.78 41.16
C SER B 2679 52.77 -16.48 39.87
N MET B 2680 51.87 -17.28 39.30
CA MET B 2680 52.13 -17.98 38.06
C MET B 2680 51.78 -17.14 36.84
N LEU B 2681 51.15 -15.98 37.04
CA LEU B 2681 50.71 -15.18 35.91
C LEU B 2681 51.89 -14.73 35.07
N GLN B 2682 52.96 -14.28 35.73
CA GLN B 2682 54.08 -13.69 35.02
C GLN B 2682 54.77 -14.69 34.12
N VAL B 2683 54.87 -15.95 34.55
CA VAL B 2683 55.58 -16.98 33.79
C VAL B 2683 54.66 -17.62 32.75
N HIS B 2684 53.45 -17.08 32.61
CA HIS B 2684 52.49 -17.55 31.60
C HIS B 2684 51.99 -18.95 31.90
N HIS B 2685 51.90 -19.32 33.17
CA HIS B 2685 51.29 -20.58 33.55
C HIS B 2685 49.81 -20.46 33.88
N VAL B 2686 49.27 -19.25 33.90
CA VAL B 2686 47.87 -19.01 34.19
C VAL B 2686 47.38 -17.93 33.23
N GLN B 2687 46.21 -18.13 32.64
CA GLN B 2687 45.63 -17.12 31.77
C GLN B 2687 44.94 -16.03 32.58
N LEU B 2688 45.24 -14.78 32.22
CA LEU B 2688 44.72 -13.65 32.97
C LEU B 2688 43.20 -13.59 32.93
N GLU B 2689 42.62 -13.78 31.74
CA GLU B 2689 41.18 -13.62 31.60
C GLU B 2689 40.44 -14.64 32.44
N SER B 2690 40.80 -15.92 32.30
CA SER B 2690 40.11 -16.98 33.03
C SER B 2690 40.40 -16.90 34.52
N LEU B 2691 41.62 -16.54 34.91
CA LEU B 2691 41.91 -16.39 36.33
C LEU B 2691 41.06 -15.30 36.94
N LEU B 2692 40.96 -14.16 36.26
CA LEU B 2692 40.15 -13.08 36.78
C LEU B 2692 38.69 -13.49 36.85
N GLN B 2693 38.20 -14.16 35.80
CA GLN B 2693 36.81 -14.60 35.80
C GLN B 2693 36.54 -15.54 36.96
N LEU B 2694 37.43 -16.50 37.18
CA LEU B 2694 37.27 -17.46 38.25
C LEU B 2694 37.35 -16.80 39.62
N TRP B 2695 38.32 -15.90 39.81
CA TRP B 2695 38.46 -15.27 41.13
C TRP B 2695 37.24 -14.43 41.43
N LEU B 2696 36.74 -13.69 40.44
CA LEU B 2696 35.54 -12.89 40.61
C LEU B 2696 34.36 -13.78 40.93
N THR B 2697 34.20 -14.88 40.18
CA THR B 2697 33.05 -15.75 40.37
C THR B 2697 33.08 -16.39 41.76
N LEU B 2698 34.24 -16.88 42.17
CA LEU B 2698 34.33 -17.62 43.43
C LEU B 2698 34.29 -16.71 44.63
N SER B 2699 34.78 -15.48 44.49
CA SER B 2699 34.84 -14.53 45.59
C SER B 2699 33.57 -13.70 45.75
N LEU B 2700 32.63 -13.80 44.82
CA LEU B 2700 31.37 -13.06 44.89
C LEU B 2700 30.33 -13.93 45.58
N ASN B 2701 30.21 -13.76 46.89
CA ASN B 2701 29.19 -14.46 47.65
C ASN B 2701 28.86 -13.70 48.93
N PHE B 2715 25.01 -13.32 44.40
CA PHE B 2715 26.04 -13.63 43.41
C PHE B 2715 26.19 -12.48 42.41
N LEU B 2716 25.37 -11.45 42.57
CA LEU B 2716 25.42 -10.30 41.70
C LEU B 2716 26.63 -9.44 42.03
N TYR B 2717 27.36 -9.01 40.99
CA TYR B 2717 28.52 -8.17 41.20
C TYR B 2717 28.09 -6.83 41.81
N ASN B 2718 28.94 -6.31 42.70
CA ASN B 2718 28.69 -5.04 43.34
C ASN B 2718 30.03 -4.50 43.82
N ALA B 2719 30.24 -3.21 43.62
CA ALA B 2719 31.54 -2.61 43.91
C ALA B 2719 31.87 -2.60 45.40
N ASN B 2720 30.89 -2.80 46.28
CA ASN B 2720 31.14 -2.74 47.72
C ASN B 2720 31.32 -4.11 48.36
N ARG B 2721 31.38 -5.18 47.57
CA ARG B 2721 31.53 -6.50 48.13
C ARG B 2721 32.99 -6.74 48.51
N ILE B 2722 33.20 -7.30 49.69
CA ILE B 2722 34.54 -7.68 50.14
C ILE B 2722 34.81 -9.11 49.65
N PRO B 2723 35.82 -9.33 48.82
CA PRO B 2723 36.07 -10.69 48.32
C PRO B 2723 36.36 -11.66 49.46
N VAL B 2724 35.81 -12.87 49.32
CA VAL B 2724 36.15 -13.95 50.23
C VAL B 2724 37.61 -14.34 50.09
N ILE B 2725 38.11 -14.37 48.86
CA ILE B 2725 39.47 -14.80 48.58
C ILE B 2725 40.36 -13.57 48.57
N SER B 2726 41.29 -13.52 49.52
CA SER B 2726 42.19 -12.38 49.68
C SER B 2726 43.53 -12.67 49.02
N LEU B 2727 43.93 -11.80 48.11
CA LEU B 2727 45.27 -11.87 47.52
C LEU B 2727 46.24 -11.05 48.37
N ASN B 2728 47.52 -11.41 48.28
CA ASN B 2728 48.56 -10.74 49.03
C ASN B 2728 49.24 -9.68 48.17
N GLN B 2729 50.14 -8.93 48.79
CA GLN B 2729 50.78 -7.81 48.11
C GLN B 2729 51.53 -8.27 46.88
N ALA B 2730 52.25 -9.40 46.98
CA ALA B 2730 52.95 -9.92 45.82
C ALA B 2730 51.98 -10.26 44.71
N SER B 2731 50.83 -10.84 45.07
CA SER B 2731 49.84 -11.20 44.05
C SER B 2731 49.34 -9.97 43.31
N ILE B 2732 49.01 -8.91 44.04
CA ILE B 2732 48.50 -7.70 43.40
C ILE B 2732 49.58 -7.07 42.53
N THR B 2733 50.81 -7.05 43.04
CA THR B 2733 51.91 -6.49 42.26
C THR B 2733 52.10 -7.26 40.96
N SER B 2734 52.03 -8.58 41.03
N SER B 2734 52.03 -8.59 41.04
CA SER B 2734 52.16 -9.40 39.83
CA SER B 2734 52.15 -9.42 39.84
C SER B 2734 51.01 -9.15 38.88
C SER B 2734 51.01 -9.15 38.87
N PHE B 2735 49.80 -8.99 39.41
CA PHE B 2735 48.66 -8.69 38.57
C PHE B 2735 48.87 -7.38 37.82
N LEU B 2736 49.29 -6.34 38.54
CA LEU B 2736 49.50 -5.05 37.90
C LEU B 2736 50.62 -5.11 36.89
N THR B 2737 51.70 -5.83 37.19
CA THR B 2737 52.80 -5.96 36.25
C THR B 2737 52.33 -6.62 34.97
N VAL B 2738 51.60 -7.73 35.10
CA VAL B 2738 51.11 -8.45 33.95
C VAL B 2738 50.22 -7.54 33.10
N LEU B 2739 49.32 -6.82 33.77
CA LEU B 2739 48.46 -5.90 33.05
C LEU B 2739 49.26 -4.85 32.33
N ALA B 2740 50.32 -4.35 32.97
CA ALA B 2740 51.15 -3.33 32.35
C ALA B 2740 51.77 -3.85 31.07
N TRP B 2741 52.19 -5.11 31.05
CA TRP B 2741 52.76 -5.67 29.82
C TRP B 2741 51.78 -6.50 29.02
N TYR B 2742 50.62 -6.84 29.57
CA TYR B 2742 49.69 -7.70 28.85
C TYR B 2742 49.34 -7.06 27.52
N PRO B 2743 49.69 -7.66 26.39
CA PRO B 2743 49.43 -6.99 25.11
C PRO B 2743 48.01 -7.15 24.59
N ASN B 2744 47.43 -8.34 24.76
CA ASN B 2744 46.09 -8.66 24.26
C ASN B 2744 45.07 -8.50 25.38
N THR B 2745 44.69 -7.25 25.65
CA THR B 2745 43.66 -6.95 26.64
C THR B 2745 42.45 -6.41 25.91
N LEU B 2746 41.51 -7.31 25.58
CA LEU B 2746 40.27 -6.92 24.93
C LEU B 2746 39.28 -6.39 25.97
N LEU B 2747 38.12 -5.92 25.47
CA LEU B 2747 37.19 -5.20 26.34
C LEU B 2747 36.64 -6.08 27.45
N ARG B 2748 36.29 -7.33 27.17
CA ARG B 2748 35.81 -8.17 28.27
C ARG B 2748 36.91 -8.35 29.28
N THR B 2749 38.14 -8.53 28.81
CA THR B 2749 39.27 -8.61 29.72
C THR B 2749 39.37 -7.34 30.55
N TRP B 2750 39.17 -6.18 29.93
CA TRP B 2750 39.24 -4.92 30.66
C TRP B 2750 38.14 -4.80 31.70
N CYS B 2751 36.93 -5.23 31.36
CA CYS B 2751 35.84 -5.19 32.34
C CYS B 2751 36.16 -6.08 33.51
N LEU B 2752 36.70 -7.27 33.23
CA LEU B 2752 37.15 -8.15 34.29
C LEU B 2752 38.23 -7.49 35.13
N VAL B 2753 39.19 -6.84 34.49
CA VAL B 2753 40.29 -6.21 35.20
C VAL B 2753 39.78 -5.13 36.13
N LEU B 2754 38.90 -4.28 35.62
CA LEU B 2754 38.38 -3.16 36.39
C LEU B 2754 37.51 -3.65 37.55
N HIS B 2755 36.62 -4.62 37.29
CA HIS B 2755 35.81 -5.18 38.36
C HIS B 2755 36.69 -5.81 39.43
N SER B 2756 37.72 -6.54 39.01
N SER B 2756 37.72 -6.54 39.01
CA SER B 2756 38.58 -7.19 39.97
CA SER B 2756 38.60 -7.20 39.95
C SER B 2756 39.38 -6.17 40.77
C SER B 2756 39.37 -6.17 40.78
N LEU B 2757 39.85 -5.10 40.13
CA LEU B 2757 40.57 -4.07 40.85
C LEU B 2757 39.65 -3.38 41.85
N THR B 2758 38.40 -3.15 41.46
CA THR B 2758 37.42 -2.60 42.39
C THR B 2758 37.33 -3.47 43.63
N LEU B 2759 37.15 -4.78 43.43
CA LEU B 2759 37.04 -5.68 44.57
C LEU B 2759 38.34 -5.74 45.38
N MET B 2760 39.49 -5.65 44.71
CA MET B 2760 40.76 -5.66 45.42
C MET B 2760 40.92 -4.47 46.34
N THR B 2761 40.51 -3.29 45.88
CA THR B 2761 40.55 -2.14 46.79
C THR B 2761 39.77 -2.43 48.06
N ASN B 2762 38.75 -3.28 47.99
CA ASN B 2762 38.00 -3.68 49.17
C ASN B 2762 38.70 -4.75 49.99
N MET B 2763 39.87 -5.23 49.59
CA MET B 2763 40.54 -6.27 50.36
C MET B 2763 41.27 -5.66 51.54
N GLN B 2764 41.39 -6.44 52.61
CA GLN B 2764 42.23 -6.11 53.74
C GLN B 2764 43.55 -6.85 53.57
N LEU B 2765 44.62 -6.12 53.28
CA LEU B 2765 45.91 -6.75 53.04
C LEU B 2765 46.57 -7.14 54.36
N GLU B 2777 49.35 -1.16 55.65
CA GLU B 2777 49.13 -0.50 54.37
C GLU B 2777 47.83 -0.98 53.71
N SER B 2778 46.94 -0.05 53.41
CA SER B 2778 45.71 -0.43 52.71
C SER B 2778 46.03 -0.85 51.28
N THR B 2779 45.18 -1.69 50.72
N THR B 2779 45.17 -1.70 50.72
CA THR B 2779 45.38 -2.16 49.35
CA THR B 2779 45.39 -2.15 49.35
C THR B 2779 45.30 -1.02 48.35
C THR B 2779 45.31 -1.00 48.36
N ALA B 2780 44.41 -0.05 48.60
CA ALA B 2780 44.29 1.08 47.70
C ALA B 2780 45.58 1.87 47.62
N HIS B 2781 46.24 2.06 48.76
CA HIS B 2781 47.53 2.75 48.75
C HIS B 2781 48.55 1.99 47.93
N LEU B 2782 48.57 0.66 48.08
CA LEU B 2782 49.48 -0.16 47.28
C LEU B 2782 49.19 0.01 45.79
N LEU B 2783 47.92 0.05 45.41
CA LEU B 2783 47.57 0.18 44.00
C LEU B 2783 48.00 1.53 43.47
N VAL B 2784 47.65 2.60 44.17
N VAL B 2784 47.65 2.60 44.17
CA VAL B 2784 47.94 3.94 43.66
CA VAL B 2784 47.94 3.94 43.66
C VAL B 2784 49.44 4.20 43.65
C VAL B 2784 49.44 4.20 43.65
N SER B 2785 50.15 3.71 44.66
CA SER B 2785 51.59 3.89 44.74
C SER B 2785 52.34 3.14 43.64
N ASP B 2786 51.69 2.25 42.91
CA ASP B 2786 52.36 1.49 41.88
C ASP B 2786 52.27 2.24 40.55
N PRO B 2787 53.39 2.57 39.91
CA PRO B 2787 53.31 3.20 38.59
C PRO B 2787 52.61 2.34 37.56
N ASN B 2788 52.66 1.02 37.75
CA ASN B 2788 52.00 0.13 36.82
C ASN B 2788 50.50 0.40 36.77
N LEU B 2789 49.92 0.91 37.85
CA LEU B 2789 48.49 1.25 37.80
C LEU B 2789 48.23 2.34 36.78
N ILE B 2790 49.08 3.37 36.76
CA ILE B 2790 48.95 4.41 35.75
C ILE B 2790 49.19 3.84 34.37
N HIS B 2791 50.19 2.97 34.23
CA HIS B 2791 50.39 2.34 32.91
C HIS B 2791 49.14 1.63 32.46
N VAL B 2792 48.49 0.93 33.40
CA VAL B 2792 47.31 0.13 33.07
C VAL B 2792 46.16 1.02 32.64
N LEU B 2793 45.87 2.07 33.42
CA LEU B 2793 44.77 2.94 33.06
C LEU B 2793 45.07 3.72 31.79
N VAL B 2794 46.34 4.04 31.54
CA VAL B 2794 46.67 4.70 30.28
C VAL B 2794 46.41 3.78 29.11
N LYS B 2795 46.81 2.50 29.21
CA LYS B 2795 46.48 1.56 28.15
C LYS B 2795 44.98 1.45 27.96
N PHE B 2796 44.23 1.37 29.07
CA PHE B 2796 42.78 1.24 28.98
C PHE B 2796 42.17 2.42 28.25
N LEU B 2797 42.58 3.63 28.60
CA LEU B 2797 42.02 4.82 28.00
C LEU B 2797 42.63 5.15 26.65
N SER B 2798 43.69 4.46 26.24
CA SER B 2798 44.31 4.68 24.95
C SER B 2798 43.75 3.76 23.87
N GLY B 2799 42.88 2.82 24.23
CA GLY B 2799 42.31 1.92 23.25
C GLY B 2799 43.32 0.91 22.77
N GLN B 2807 34.83 -3.69 12.54
CA GLN B 2807 34.47 -2.29 12.69
C GLN B 2807 33.72 -2.11 13.99
N HIS B 2808 34.40 -1.56 14.99
CA HIS B 2808 33.84 -1.28 16.29
C HIS B 2808 33.89 0.22 16.58
N SER B 2809 32.91 0.70 17.31
CA SER B 2809 32.95 2.09 17.75
C SER B 2809 34.05 2.25 18.79
N PRO B 2810 34.78 3.37 18.78
CA PRO B 2810 35.83 3.56 19.79
C PRO B 2810 35.31 3.52 21.21
N GLN B 2811 34.03 3.76 21.44
CA GLN B 2811 33.52 3.74 22.80
C GLN B 2811 33.71 2.36 23.41
N VAL B 2812 33.50 2.27 24.73
CA VAL B 2812 33.46 0.99 25.41
C VAL B 2812 32.08 0.61 25.90
N GLY B 2813 31.10 1.50 25.79
CA GLY B 2813 29.76 1.19 26.22
C GLY B 2813 29.55 1.57 27.67
N PRO B 2814 28.30 1.69 28.10
CA PRO B 2814 28.04 2.10 29.48
C PRO B 2814 28.59 1.15 30.52
N THR B 2815 28.62 -0.15 30.24
CA THR B 2815 29.02 -1.10 31.28
C THR B 2815 30.51 -0.99 31.57
N ALA B 2816 31.35 -0.98 30.53
CA ALA B 2816 32.78 -0.85 30.75
C ALA B 2816 33.12 0.50 31.36
N THR B 2817 32.49 1.57 30.86
CA THR B 2817 32.70 2.89 31.41
C THR B 2817 32.22 2.96 32.86
N GLN B 2818 31.09 2.35 33.15
CA GLN B 2818 30.58 2.35 34.52
C GLN B 2818 31.53 1.61 35.45
N ALA B 2819 32.15 0.54 34.95
CA ALA B 2819 33.13 -0.18 35.76
C ALA B 2819 34.34 0.71 36.06
N MET B 2820 34.82 1.44 35.06
CA MET B 2820 35.95 2.34 35.29
C MET B 2820 35.60 3.41 36.31
N GLN B 2821 34.41 4.00 36.20
CA GLN B 2821 33.99 4.97 37.20
C GLN B 2821 33.89 4.34 38.57
N GLU B 2822 33.35 3.13 38.64
CA GLU B 2822 33.23 2.44 39.93
C GLU B 2822 34.60 2.18 40.53
N PHE B 2823 35.57 1.79 39.68
CA PHE B 2823 36.92 1.57 40.16
C PHE B 2823 37.52 2.83 40.76
N LEU B 2824 37.41 3.94 40.04
CA LEU B 2824 37.98 5.19 40.53
C LEU B 2824 37.26 5.63 41.80
N THR B 2825 35.95 5.46 41.86
CA THR B 2825 35.21 5.84 43.05
C THR B 2825 35.71 5.07 44.27
N ARG B 2826 35.99 3.78 44.10
CA ARG B 2826 36.47 2.99 45.22
C ARG B 2826 37.85 3.44 45.67
N LEU B 2827 38.76 3.73 44.73
CA LEU B 2827 40.05 4.29 45.10
C LEU B 2827 39.87 5.55 45.93
N GLN B 2828 39.01 6.45 45.47
CA GLN B 2828 38.81 7.71 46.16
C GLN B 2828 38.27 7.48 47.57
N VAL B 2829 37.29 6.61 47.72
CA VAL B 2829 36.67 6.42 49.03
C VAL B 2829 37.67 5.86 50.03
N HIS B 2830 38.47 4.88 49.60
CA HIS B 2830 39.40 4.25 50.53
C HIS B 2830 40.54 5.19 50.91
N LEU B 2831 40.90 6.12 50.04
CA LEU B 2831 41.98 7.05 50.31
C LEU B 2831 41.52 8.33 50.98
N SER B 2832 40.21 8.57 51.09
CA SER B 2832 39.74 9.85 51.60
C SER B 2832 40.27 10.12 53.01
N SER B 2833 40.12 9.14 53.89
CA SER B 2833 40.43 9.34 55.30
C SER B 2833 41.91 9.21 55.63
N THR B 2834 42.75 8.81 54.68
CA THR B 2834 44.16 8.57 54.99
C THR B 2834 45.13 9.38 54.16
N CYS B 2835 44.93 9.47 52.85
CA CYS B 2835 45.95 10.10 52.02
C CYS B 2835 45.41 10.44 50.64
N PRO B 2836 44.45 11.35 50.54
CA PRO B 2836 43.88 11.66 49.22
C PRO B 2836 44.81 12.42 48.30
N GLN B 2837 45.90 13.00 48.81
CA GLN B 2837 46.78 13.75 47.93
C GLN B 2837 47.43 12.87 46.88
N ILE B 2838 47.77 11.63 47.25
CA ILE B 2838 48.35 10.72 46.26
C ILE B 2838 47.34 10.34 45.20
N PHE B 2839 46.07 10.16 45.59
CA PHE B 2839 45.07 9.86 44.57
C PHE B 2839 44.89 11.05 43.63
N SER B 2840 44.81 12.27 44.18
N SER B 2840 44.81 12.27 44.18
CA SER B 2840 44.69 13.44 43.34
CA SER B 2840 44.69 13.44 43.34
C SER B 2840 45.95 13.61 42.49
C SER B 2840 45.95 13.61 42.49
N GLU B 2841 47.12 13.37 43.09
CA GLU B 2841 48.35 13.43 42.32
C GLU B 2841 48.31 12.38 41.22
N PHE B 2842 47.80 11.21 41.55
CA PHE B 2842 47.64 10.15 40.57
C PHE B 2842 46.71 10.59 39.45
N LEU B 2843 45.61 11.24 39.78
CA LEU B 2843 44.69 11.69 38.74
C LEU B 2843 45.37 12.68 37.80
N LEU B 2844 46.11 13.64 38.34
CA LEU B 2844 46.76 14.63 37.49
C LEU B 2844 47.89 14.00 36.69
N LYS B 2845 48.63 13.08 37.31
CA LYS B 2845 49.65 12.36 36.57
C LYS B 2845 49.03 11.55 35.46
N LEU B 2846 47.90 10.91 35.75
CA LEU B 2846 47.19 10.17 34.72
C LEU B 2846 46.75 11.09 33.60
N ILE B 2847 46.12 12.22 33.94
CA ILE B 2847 45.65 13.15 32.93
C ILE B 2847 46.80 13.77 32.18
N HIS B 2848 47.90 14.05 32.88
CA HIS B 2848 49.08 14.59 32.23
C HIS B 2848 49.61 13.64 31.17
N ILE B 2849 49.80 12.37 31.55
CA ILE B 2849 50.32 11.39 30.60
C ILE B 2849 49.40 11.28 29.39
N LEU B 2850 48.09 11.27 29.63
CA LEU B 2850 47.16 11.15 28.54
C LEU B 2850 47.18 12.38 27.65
N SER B 2851 47.49 13.55 28.20
N SER B 2851 47.49 13.54 28.23
CA SER B 2851 47.46 14.78 27.43
CA SER B 2851 47.47 14.80 27.49
C SER B 2851 48.82 15.19 26.87
C SER B 2851 48.80 15.12 26.82
N THR B 2852 49.91 14.54 27.29
CA THR B 2852 51.20 14.85 26.70
C THR B 2852 51.18 14.50 25.22
N GLU B 2853 52.13 15.06 24.47
CA GLU B 2853 52.15 14.79 23.04
C GLU B 2853 52.21 13.29 22.82
N ARG B 2854 51.46 12.82 21.82
CA ARG B 2854 51.26 11.40 21.56
C ARG B 2854 50.48 10.71 22.66
N GLY B 2855 49.83 11.46 23.54
CA GLY B 2855 48.97 10.87 24.53
C GLY B 2855 47.59 10.60 23.97
N ALA B 2856 46.73 10.03 24.81
CA ALA B 2856 45.40 9.64 24.35
C ALA B 2856 44.60 10.85 23.88
N PHE B 2857 44.57 11.91 24.69
CA PHE B 2857 43.79 13.08 24.34
C PHE B 2857 44.31 13.76 23.07
N GLN B 2858 45.64 13.90 22.94
CA GLN B 2858 46.16 14.61 21.80
C GLN B 2858 45.82 13.89 20.50
N THR B 2859 45.91 12.57 20.51
CA THR B 2859 45.63 11.79 19.31
C THR B 2859 44.16 11.41 19.17
N GLY B 2860 43.32 11.79 20.14
CA GLY B 2860 41.90 11.50 20.04
C GLY B 2860 41.57 10.03 19.99
N GLN B 2861 42.36 9.20 20.66
CA GLN B 2861 42.14 7.77 20.69
C GLN B 2861 41.59 7.32 22.03
N GLY B 2862 41.11 6.08 22.06
CA GLY B 2862 40.63 5.51 23.29
C GLY B 2862 39.14 5.74 23.45
N PRO B 2863 38.56 5.15 24.48
CA PRO B 2863 37.13 5.34 24.69
C PRO B 2863 36.81 6.77 25.05
N LEU B 2864 36.18 7.47 24.11
CA LEU B 2864 35.83 8.86 24.37
C LEU B 2864 34.85 8.96 25.51
N ASP B 2865 33.89 8.05 25.56
CA ASP B 2865 32.93 8.06 26.66
C ASP B 2865 33.63 7.84 28.00
N ALA B 2866 34.56 6.90 28.06
CA ALA B 2866 35.25 6.63 29.32
C ALA B 2866 36.18 7.78 29.69
N GLN B 2867 36.86 8.37 28.70
CA GLN B 2867 37.74 9.50 28.99
C GLN B 2867 36.96 10.66 29.56
N VAL B 2868 35.80 10.96 28.98
CA VAL B 2868 35.00 12.07 29.49
C VAL B 2868 34.50 11.75 30.89
N LYS B 2869 34.14 10.49 31.13
CA LYS B 2869 33.74 10.12 32.48
C LYS B 2869 34.89 10.28 33.44
N LEU B 2870 36.10 9.92 33.02
CA LEU B 2870 37.28 10.14 33.86
C LEU B 2870 37.45 11.62 34.16
N LEU B 2871 37.33 12.45 33.12
CA LEU B 2871 37.47 13.88 33.32
C LEU B 2871 36.38 14.42 34.23
N GLU B 2872 35.15 13.95 34.03
CA GLU B 2872 34.06 14.38 34.89
C GLU B 2872 34.30 13.98 36.34
N PHE B 2873 34.81 12.77 36.55
CA PHE B 2873 35.13 12.34 37.91
C PHE B 2873 36.24 13.20 38.51
N THR B 2874 37.29 13.50 37.73
CA THR B 2874 38.40 14.24 38.28
C THR B 2874 37.99 15.64 38.69
N LEU B 2875 37.08 16.25 37.93
CA LEU B 2875 36.66 17.61 38.21
C LEU B 2875 35.96 17.73 39.55
N GLU B 2876 35.50 16.63 40.13
CA GLU B 2876 34.82 16.64 41.41
C GLU B 2876 35.75 16.31 42.57
N GLN B 2877 37.04 16.15 42.31
CA GLN B 2877 38.00 15.78 43.34
C GLN B 2877 38.64 17.01 43.93
N ASN B 2878 39.24 16.83 45.11
CA ASN B 2878 39.93 17.87 45.84
C ASN B 2878 41.43 17.75 45.62
N PHE B 2879 42.06 18.83 45.14
CA PHE B 2879 43.46 18.83 44.75
C PHE B 2879 44.35 19.52 45.77
N GLU B 2880 43.97 19.49 47.05
CA GLU B 2880 44.81 20.06 48.09
C GLU B 2880 46.04 19.20 48.32
N VAL B 2881 47.14 19.87 48.68
CA VAL B 2881 48.40 19.21 49.00
C VAL B 2881 48.87 18.37 47.81
N VAL B 2882 48.69 18.89 46.61
CA VAL B 2882 49.22 18.26 45.41
C VAL B 2882 50.46 19.03 45.00
N SER B 2883 51.51 18.31 44.63
CA SER B 2883 52.76 19.00 44.34
C SER B 2883 52.54 19.98 43.21
N VAL B 2884 53.19 21.14 43.30
CA VAL B 2884 53.03 22.15 42.27
C VAL B 2884 53.68 21.74 40.98
N SER B 2885 54.68 20.86 41.04
CA SER B 2885 55.35 20.43 39.82
C SER B 2885 54.39 19.74 38.89
N THR B 2886 53.59 18.79 39.41
CA THR B 2886 52.62 18.10 38.57
C THR B 2886 51.53 19.05 38.07
N ILE B 2887 51.04 19.95 38.93
CA ILE B 2887 49.99 20.86 38.52
C ILE B 2887 50.46 21.70 37.34
N SER B 2888 51.68 22.24 37.45
CA SER B 2888 52.19 23.02 36.34
C SER B 2888 52.38 22.16 35.11
N ALA B 2889 52.76 20.89 35.32
CA ALA B 2889 52.91 19.97 34.20
C ALA B 2889 51.58 19.74 33.48
N VAL B 2890 50.50 19.51 34.25
CA VAL B 2890 49.21 19.25 33.62
C VAL B 2890 48.67 20.51 32.96
N ILE B 2891 48.81 21.66 33.63
CA ILE B 2891 48.32 22.90 33.05
C ILE B 2891 49.04 23.19 31.74
N GLU B 2892 50.36 23.01 31.72
CA GLU B 2892 51.11 23.25 30.49
C GLU B 2892 50.61 22.34 29.39
N SER B 2893 50.47 21.05 29.69
CA SER B 2893 50.01 20.08 28.71
C SER B 2893 48.58 20.37 28.25
N VAL B 2894 47.70 20.73 29.18
CA VAL B 2894 46.30 20.93 28.84
C VAL B 2894 46.13 22.15 27.95
N THR B 2895 46.82 23.24 28.30
CA THR B 2895 46.72 24.46 27.49
C THR B 2895 47.29 24.23 26.09
N PHE B 2896 48.42 23.54 25.99
CA PHE B 2896 48.93 23.20 24.67
C PHE B 2896 47.92 22.33 23.94
N LEU B 2897 47.34 21.35 24.64
CA LEU B 2897 46.37 20.47 24.02
C LEU B 2897 45.15 21.25 23.53
N VAL B 2898 44.59 22.11 24.39
CA VAL B 2898 43.40 22.85 24.02
C VAL B 2898 43.75 23.87 22.95
N HIS B 2899 44.92 24.47 23.05
CA HIS B 2899 45.37 25.36 21.99
C HIS B 2899 45.54 24.57 20.69
N HIS B 2900 46.10 23.38 20.79
CA HIS B 2900 46.20 22.52 19.62
C HIS B 2900 44.83 22.21 19.04
N TYR B 2901 43.87 21.92 19.92
CA TYR B 2901 42.51 21.59 19.45
C TYR B 2901 41.90 22.74 18.67
N ILE B 2902 42.04 23.96 19.19
CA ILE B 2902 41.41 25.11 18.53
C ILE B 2902 42.12 25.43 17.23
N THR B 2903 43.44 25.33 17.20
CA THR B 2903 44.15 25.64 15.96
C THR B 2903 43.99 24.52 14.96
N CYS B 2904 43.76 23.29 15.41
CA CYS B 2904 43.65 22.14 14.54
C CYS B 2904 42.20 21.76 14.23
N SER B 2905 41.28 22.70 14.32
CA SER B 2905 39.89 22.37 14.05
C SER B 2905 39.73 21.99 12.57
N ASP B 2906 38.75 21.13 12.31
CA ASP B 2906 38.57 20.64 10.95
C ASP B 2906 38.04 21.76 10.06
N LYS B 2907 38.34 21.65 8.76
CA LYS B 2907 37.91 22.67 7.82
C LYS B 2907 36.40 22.62 7.58
N VAL B 2908 35.83 21.43 7.53
CA VAL B 2908 34.41 21.27 7.32
C VAL B 2908 33.75 20.93 8.65
N MET B 2909 32.42 21.03 8.69
CA MET B 2909 31.65 20.66 9.85
C MET B 2909 30.38 19.98 9.40
N SER B 2910 30.17 18.76 9.85
CA SER B 2910 29.00 17.95 9.47
C SER B 2910 28.40 17.40 10.74
N ARG B 2911 27.20 17.85 11.08
CA ARG B 2911 26.49 17.37 12.25
C ARG B 2911 25.11 16.86 11.82
N SER B 2912 24.61 15.90 12.58
CA SER B 2912 23.25 15.45 12.38
C SER B 2912 22.26 16.49 12.89
N GLY B 2913 21.05 16.46 12.34
CA GLY B 2913 20.02 17.37 12.80
C GLY B 2913 19.76 17.25 14.29
N SER B 2914 19.98 16.05 14.84
CA SER B 2914 19.84 15.86 16.28
C SER B 2914 20.89 16.68 17.03
N ASP B 2915 22.12 16.71 16.51
CA ASP B 2915 23.19 17.44 17.18
C ASP B 2915 22.89 18.93 17.21
N SER B 2916 23.01 19.51 18.41
CA SER B 2916 22.79 20.93 18.61
C SER B 2916 23.92 21.55 19.41
N SER B 2917 25.10 20.93 19.39
CA SER B 2917 26.24 21.46 20.11
C SER B 2917 26.74 22.75 19.48
N VAL B 2918 27.52 23.49 20.25
CA VAL B 2918 28.10 24.75 19.83
C VAL B 2918 29.54 24.49 19.39
N GLY B 2919 29.90 24.99 18.21
CA GLY B 2919 31.26 24.83 17.72
C GLY B 2919 32.28 25.27 18.74
N ALA B 2920 33.51 24.76 18.66
CA ALA B 2920 34.53 25.13 19.62
C ALA B 2920 34.83 26.62 19.59
N ARG B 2921 34.92 27.19 18.39
CA ARG B 2921 35.23 28.61 18.21
C ARG B 2921 33.97 29.47 18.32
N ALA B 2922 33.26 29.32 19.43
CA ALA B 2922 32.04 30.09 19.66
C ALA B 2922 31.86 30.31 21.15
N CYS B 2923 31.70 31.56 21.55
CA CYS B 2923 31.72 31.94 22.95
C CYS B 2923 30.36 32.48 23.38
N PHE B 2924 30.14 32.44 24.70
CA PHE B 2924 28.93 33.00 25.32
C PHE B 2924 27.67 32.38 24.73
N GLY B 2925 27.71 31.07 24.49
CA GLY B 2925 26.55 30.37 23.97
C GLY B 2925 25.38 30.41 24.95
N THR B 2945 31.16 13.75 22.48
CA THR B 2945 31.91 14.56 21.54
C THR B 2945 33.22 15.04 22.15
N ARG B 2946 34.24 15.24 21.30
CA ARG B 2946 35.54 15.69 21.79
C ARG B 2946 35.45 17.06 22.43
N ASP B 2947 34.47 17.87 22.01
CA ASP B 2947 34.28 19.18 22.62
C ASP B 2947 34.03 19.07 24.11
N GLN B 2948 33.22 18.11 24.54
CA GLN B 2948 33.00 17.95 25.96
C GLN B 2948 34.30 17.62 26.68
N LEU B 2949 35.14 16.80 26.05
CA LEU B 2949 36.42 16.47 26.66
C LEU B 2949 37.29 17.72 26.82
N MET B 2950 37.36 18.54 25.78
CA MET B 2950 38.17 19.75 25.87
C MET B 2950 37.61 20.69 26.94
N PHE B 2951 36.28 20.82 26.99
CA PHE B 2951 35.69 21.67 28.02
C PHE B 2951 35.96 21.15 29.41
N ASP B 2952 35.93 19.83 29.59
CA ASP B 2952 36.23 19.26 30.91
C ASP B 2952 37.69 19.49 31.27
N LEU B 2953 38.58 19.42 30.29
CA LEU B 2953 39.98 19.74 30.54
C LEU B 2953 40.14 21.19 30.97
N LEU B 2954 39.43 22.10 30.30
CA LEU B 2954 39.48 23.50 30.67
C LEU B 2954 38.89 23.74 32.06
N LYS B 2955 37.81 23.06 32.40
CA LYS B 2955 37.30 23.17 33.77
C LYS B 2955 38.35 22.68 34.75
N LEU B 2956 39.07 21.63 34.40
CA LEU B 2956 40.12 21.14 35.27
C LEU B 2956 41.19 22.20 35.50
N VAL B 2957 41.61 22.87 34.42
CA VAL B 2957 42.60 23.94 34.55
C VAL B 2957 42.04 25.06 35.42
N ASN B 2958 40.77 25.41 35.22
CA ASN B 2958 40.15 26.46 36.03
C ASN B 2958 40.15 26.10 37.50
N ILE B 2959 39.83 24.85 37.83
CA ILE B 2959 39.88 24.42 39.22
C ILE B 2959 41.30 24.48 39.75
N LEU B 2960 42.28 24.13 38.91
CA LEU B 2960 43.66 24.04 39.39
C LEU B 2960 44.25 25.40 39.69
N VAL B 2961 44.00 26.39 38.81
CA VAL B 2961 44.60 27.70 38.99
C VAL B 2961 44.09 28.40 40.25
N GLN B 2962 42.96 27.99 40.79
CA GLN B 2962 42.43 28.60 42.00
C GLN B 2962 43.06 28.04 43.27
N LEU B 2963 43.91 27.04 43.17
CA LEU B 2963 44.45 26.41 44.37
C LEU B 2963 45.41 27.36 45.09
N PRO B 2964 45.23 27.59 46.38
CA PRO B 2964 46.25 28.35 47.12
C PRO B 2964 47.54 27.55 47.21
N LEU B 2965 48.65 28.25 47.24
CA LEU B 2965 49.95 27.61 47.35
C LEU B 2965 50.38 27.58 48.82
N SER B 2966 51.10 26.53 49.18
CA SER B 2966 51.64 26.41 50.53
C SER B 2966 52.72 27.45 50.77
N GLY B 2967 53.22 27.49 52.00
CA GLY B 2967 54.21 28.49 52.36
C GLY B 2967 55.43 28.45 51.46
N ASN B 2968 55.89 27.25 51.12
CA ASN B 2968 57.07 27.08 50.29
C ASN B 2968 56.76 27.02 48.80
N ARG B 2969 55.51 27.23 48.41
CA ARG B 2969 55.12 27.29 47.01
C ARG B 2969 55.40 25.98 46.27
N GLU B 2970 55.41 24.87 46.98
CA GLU B 2970 55.60 23.57 46.34
C GLU B 2970 54.36 22.70 46.36
N TYR B 2971 53.38 22.98 47.21
CA TYR B 2971 52.16 22.20 47.28
C TYR B 2971 50.98 23.12 47.49
N SER B 2972 49.81 22.69 47.03
CA SER B 2972 48.58 23.39 47.34
C SER B 2972 48.32 23.33 48.84
N ALA B 2973 47.84 24.44 49.40
CA ALA B 2973 47.71 24.56 50.84
C ALA B 2973 46.47 23.80 51.33
N ARG B 2974 46.29 23.79 52.65
CA ARG B 2974 45.15 23.14 53.29
C ARG B 2974 45.23 21.63 53.13
N PRO B 3008 48.84 34.04 50.62
CA PRO B 3008 47.62 34.10 49.81
C PRO B 3008 47.90 34.00 48.30
N ALA B 3009 49.03 33.41 47.94
CA ALA B 3009 49.36 33.25 46.54
C ALA B 3009 48.55 32.12 45.93
N TYR B 3010 48.63 31.99 44.60
CA TYR B 3010 47.86 31.00 43.89
C TYR B 3010 48.69 30.44 42.74
N VAL B 3011 48.27 29.27 42.26
CA VAL B 3011 48.91 28.69 41.08
C VAL B 3011 48.77 29.65 39.92
N ALA B 3012 47.74 30.48 39.94
CA ALA B 3012 47.55 31.48 38.89
C ALA B 3012 48.79 32.34 38.76
N ASP B 3013 49.46 32.64 39.88
CA ASP B 3013 50.67 33.44 39.82
C ASP B 3013 51.77 32.72 39.05
N LEU B 3014 51.93 31.42 39.30
CA LEU B 3014 52.93 30.65 38.55
C LEU B 3014 52.59 30.59 37.08
N VAL B 3015 51.31 30.42 36.76
CA VAL B 3015 50.91 30.38 35.36
C VAL B 3015 51.20 31.71 34.69
N LEU B 3016 50.85 32.81 35.36
CA LEU B 3016 51.05 34.13 34.80
C LEU B 3016 52.53 34.41 34.60
N ALA B 3017 53.36 33.97 35.55
CA ALA B 3017 54.79 34.12 35.38
C ALA B 3017 55.32 33.20 34.30
N ASN B 3018 54.52 32.23 33.86
CA ASN B 3018 54.93 31.31 32.81
C ASN B 3018 54.50 31.91 31.48
N GLN B 3019 55.47 32.36 30.69
CA GLN B 3019 55.14 33.07 29.47
C GLN B 3019 54.52 32.14 28.44
N GLN B 3020 54.98 30.88 28.38
CA GLN B 3020 54.46 29.97 27.37
C GLN B 3020 52.99 29.64 27.61
N ILE B 3021 52.61 29.36 28.85
CA ILE B 3021 51.22 29.01 29.15
C ILE B 3021 50.30 30.18 28.80
N MET B 3022 50.66 31.38 29.23
CA MET B 3022 49.82 32.54 28.98
C MET B 3022 49.76 32.84 27.49
N SER B 3023 50.88 32.70 26.79
CA SER B 3023 50.87 32.91 25.35
C SER B 3023 49.92 31.95 24.67
N GLN B 3024 49.97 30.67 25.05
CA GLN B 3024 49.07 29.70 24.46
C GLN B 3024 47.62 30.04 24.73
N ILE B 3025 47.28 30.37 25.98
CA ILE B 3025 45.89 30.66 26.31
C ILE B 3025 45.40 31.88 25.54
N LEU B 3026 46.20 32.94 25.53
CA LEU B 3026 45.74 34.18 24.89
C LEU B 3026 45.62 34.01 23.38
N SER B 3027 46.60 33.37 22.75
CA SER B 3027 46.50 33.15 21.32
C SER B 3027 45.31 32.25 20.99
N ALA B 3028 45.05 31.26 21.85
CA ALA B 3028 43.90 30.38 21.63
C ALA B 3028 42.59 31.16 21.66
N LEU B 3029 42.40 32.01 22.68
CA LEU B 3029 41.18 32.79 22.77
C LEU B 3029 41.05 33.75 21.60
N GLY B 3030 42.18 34.21 21.06
CA GLY B 3030 42.14 35.09 19.90
C GLY B 3030 41.67 34.40 18.64
N LEU B 3031 41.74 33.08 18.57
CA LEU B 3031 41.21 32.33 17.45
C LEU B 3031 39.74 31.96 17.62
N CYS B 3032 39.12 32.29 18.74
CA CYS B 3032 37.70 32.09 18.92
C CYS B 3032 36.93 33.30 18.40
N ASN B 3033 35.61 33.17 18.35
CA ASN B 3033 34.76 34.28 17.94
C ASN B 3033 33.53 34.31 18.83
N SER B 3034 32.82 35.44 18.79
CA SER B 3034 31.65 35.64 19.61
C SER B 3034 30.67 34.48 19.50
N ILE B 3061 27.91 25.60 27.07
CA ILE B 3061 29.23 26.23 27.20
C ILE B 3061 30.20 25.46 26.32
N SER B 3062 31.11 26.16 25.66
CA SER B 3062 32.02 25.57 24.69
C SER B 3062 33.47 25.79 25.12
N VAL B 3063 34.39 25.44 24.21
CA VAL B 3063 35.83 25.55 24.50
C VAL B 3063 36.23 27.00 24.70
N GLY B 3064 35.78 27.88 23.81
CA GLY B 3064 36.10 29.28 23.96
C GLY B 3064 35.62 29.85 25.29
N ASP B 3065 34.44 29.43 25.73
CA ASP B 3065 33.99 29.84 27.05
C ASP B 3065 34.91 29.33 28.14
N GLY B 3066 35.45 28.12 27.97
CA GLY B 3066 36.38 27.63 28.97
C GLY B 3066 37.66 28.44 29.03
N LEU B 3067 38.20 28.81 27.87
CA LEU B 3067 39.38 29.67 27.87
C LEU B 3067 39.08 31.02 28.51
N PHE B 3068 37.93 31.58 28.18
CA PHE B 3068 37.55 32.87 28.76
C PHE B 3068 37.43 32.77 30.27
N THR B 3069 36.81 31.69 30.77
CA THR B 3069 36.68 31.50 32.20
C THR B 3069 38.04 31.35 32.86
N ILE B 3070 38.95 30.62 32.21
CA ILE B 3070 40.29 30.45 32.78
C ILE B 3070 40.99 31.80 32.90
N LEU B 3071 40.90 32.61 31.84
CA LEU B 3071 41.55 33.92 31.87
C LEU B 3071 40.93 34.81 32.93
N THR B 3072 39.60 34.80 33.03
CA THR B 3072 38.94 35.58 34.07
C THR B 3072 39.36 35.13 35.46
N THR B 3073 39.46 33.82 35.68
CA THR B 3073 39.90 33.33 36.97
C THR B 3073 41.33 33.76 37.26
N LEU B 3074 42.19 33.73 36.25
CA LEU B 3074 43.56 34.18 36.43
C LEU B 3074 43.59 35.64 36.85
N SER B 3075 42.77 36.48 36.20
CA SER B 3075 42.73 37.88 36.58
C SER B 3075 42.23 38.06 38.01
N LYS B 3076 41.20 37.31 38.39
CA LYS B 3076 40.67 37.43 39.74
C LYS B 3076 41.70 37.02 40.78
N LYS B 3077 42.47 35.98 40.50
CA LYS B 3077 43.42 35.44 41.47
C LYS B 3077 44.82 36.02 41.32
N ALA B 3078 45.07 36.86 40.32
CA ALA B 3078 46.39 37.44 40.16
C ALA B 3078 46.78 38.23 41.41
N SER B 3079 48.02 38.02 41.85
CA SER B 3079 48.50 38.69 43.07
C SER B 3079 48.51 40.20 42.88
N THR B 3080 48.98 40.68 41.73
CA THR B 3080 48.99 42.10 41.43
C THR B 3080 48.49 42.31 40.01
N VAL B 3081 47.96 43.51 39.76
CA VAL B 3081 47.43 43.82 38.44
C VAL B 3081 48.54 43.75 37.40
N HIS B 3082 49.78 43.98 37.80
CA HIS B 3082 50.89 43.88 36.87
C HIS B 3082 51.06 42.44 36.39
N MET B 3083 50.85 41.47 37.29
CA MET B 3083 50.99 40.08 36.90
C MET B 3083 50.04 39.73 35.76
N MET B 3084 48.79 40.20 35.85
CA MET B 3084 47.83 39.91 34.80
C MET B 3084 48.10 40.73 33.55
N LEU B 3085 48.52 41.99 33.73
CA LEU B 3085 48.66 42.87 32.58
C LEU B 3085 49.87 42.50 31.73
N GLN B 3086 50.94 42.04 32.36
CA GLN B 3086 52.17 41.76 31.62
C GLN B 3086 51.98 40.73 30.51
N PRO B 3087 51.36 39.57 30.75
CA PRO B 3087 51.13 38.65 29.62
C PRO B 3087 50.27 39.27 28.53
N ILE B 3088 49.27 40.04 28.92
CA ILE B 3088 48.40 40.68 27.93
C ILE B 3088 49.21 41.64 27.08
N LEU B 3089 50.04 42.46 27.72
CA LEU B 3089 50.84 43.43 26.99
C LEU B 3089 51.85 42.72 26.09
N THR B 3090 52.43 41.63 26.58
CA THR B 3090 53.36 40.87 25.76
C THR B 3090 52.68 40.33 24.51
N TYR B 3091 51.48 39.78 24.68
CA TYR B 3091 50.75 39.29 23.51
C TYR B 3091 50.41 40.42 22.55
N MET B 3092 49.95 41.55 23.08
CA MET B 3092 49.60 42.68 22.23
C MET B 3092 50.81 43.27 21.54
N ALA B 3093 52.01 43.01 22.04
CA ALA B 3093 53.23 43.56 21.47
C ALA B 3093 53.83 42.70 20.37
N CYS B 3094 53.24 41.54 20.07
CA CYS B 3094 53.78 40.64 19.07
C CYS B 3094 52.69 40.21 18.09
N GLY B 3095 53.12 39.60 17.00
CA GLY B 3095 52.25 39.11 15.96
C GLY B 3095 51.93 37.63 16.11
N TYR B 3096 51.76 36.97 14.97
CA TYR B 3096 51.46 35.54 14.94
C TYR B 3096 52.57 34.74 15.61
N MET B 3097 52.21 33.92 16.60
CA MET B 3097 53.16 33.09 17.33
C MET B 3097 54.33 33.91 17.87
N GLY B 3098 54.02 35.08 18.42
CA GLY B 3098 55.03 35.92 19.00
C GLY B 3098 55.98 36.58 18.04
N ARG B 3099 55.67 36.59 16.75
CA ARG B 3099 56.56 37.22 15.79
C ARG B 3099 56.59 38.72 15.99
N GLN B 3100 57.65 39.34 15.48
CA GLN B 3100 57.79 40.78 15.39
C GLN B 3100 57.74 41.17 13.92
N GLY B 3101 57.73 42.47 13.66
CA GLY B 3101 57.64 42.98 12.30
C GLY B 3101 56.80 44.24 12.24
N SER B 3102 57.03 45.02 11.19
CA SER B 3102 56.34 46.31 11.07
C SER B 3102 54.84 46.12 11.06
N LEU B 3103 54.34 45.25 10.19
CA LEU B 3103 52.91 45.05 10.03
C LEU B 3103 52.38 43.87 10.81
N ALA B 3104 53.20 43.21 11.61
CA ALA B 3104 52.71 42.10 12.41
C ALA B 3104 52.01 42.65 13.64
N THR B 3105 50.79 42.19 13.87
N THR B 3105 50.77 42.21 13.85
CA THR B 3105 50.03 42.61 15.05
CA THR B 3105 50.00 42.59 15.01
C THR B 3105 49.18 41.43 15.54
C THR B 3105 49.24 41.39 15.54
N CYS B 3106 48.94 41.41 16.84
CA CYS B 3106 48.31 40.27 17.46
C CYS B 3106 46.86 40.13 17.00
N GLN B 3107 46.36 38.90 17.03
CA GLN B 3107 44.98 38.61 16.70
C GLN B 3107 44.07 38.88 17.89
N LEU B 3108 43.09 39.76 17.71
CA LEU B 3108 42.05 39.99 18.70
C LEU B 3108 40.76 39.29 18.28
N SER B 3109 39.92 39.02 19.28
CA SER B 3109 38.62 38.44 19.05
C SER B 3109 37.66 39.05 20.06
N GLU B 3110 36.38 39.01 19.73
CA GLU B 3110 35.37 39.55 20.63
C GLU B 3110 35.49 38.99 22.03
N PRO B 3111 35.67 37.68 22.25
CA PRO B 3111 35.91 37.21 23.61
C PRO B 3111 37.20 37.75 24.19
N LEU B 3112 38.27 37.77 23.40
CA LEU B 3112 39.55 38.28 23.90
C LEU B 3112 39.48 39.77 24.19
N LEU B 3113 38.88 40.55 23.29
CA LEU B 3113 38.72 41.97 23.54
C LEU B 3113 37.85 42.21 24.77
N TRP B 3114 36.76 41.44 24.90
CA TRP B 3114 35.91 41.58 26.07
C TRP B 3114 36.70 41.29 27.34
N PHE B 3115 37.53 40.25 27.30
CA PHE B 3115 38.35 39.95 28.48
C PHE B 3115 39.31 41.07 28.79
N ILE B 3116 39.98 41.62 27.78
CA ILE B 3116 40.93 42.70 28.03
C ILE B 3116 40.21 43.87 28.65
N LEU B 3117 39.03 44.19 28.14
CA LEU B 3117 38.26 45.29 28.71
C LEU B 3117 37.88 45.01 30.16
N ARG B 3118 37.49 43.79 30.48
CA ARG B 3118 37.21 43.47 31.88
C ARG B 3118 38.46 43.62 32.75
N VAL B 3119 39.61 43.20 32.25
CA VAL B 3119 40.85 43.35 33.00
C VAL B 3119 41.19 44.83 33.18
N LEU B 3120 40.92 45.64 32.17
CA LEU B 3120 41.16 47.07 32.20
C LEU B 3120 39.98 47.84 32.78
N ASP B 3121 39.16 47.18 33.58
CA ASP B 3121 37.95 47.80 34.10
C ASP B 3121 38.20 48.76 35.25
N THR B 3122 39.28 48.56 36.01
CA THR B 3122 39.53 49.34 37.21
C THR B 3122 40.51 50.47 36.95
N SER B 3123 40.48 51.46 37.84
CA SER B 3123 41.40 52.59 37.72
C SER B 3123 42.83 52.14 37.94
N ASP B 3124 43.06 51.22 38.87
CA ASP B 3124 44.42 50.72 39.10
C ASP B 3124 44.94 49.98 37.87
N ALA B 3125 44.08 49.15 37.28
CA ALA B 3125 44.49 48.43 36.07
C ALA B 3125 44.79 49.38 34.94
N LEU B 3126 43.95 50.41 34.77
CA LEU B 3126 44.18 51.38 33.71
C LEU B 3126 45.47 52.16 33.96
N LYS B 3127 45.73 52.53 35.20
CA LYS B 3127 46.96 53.24 35.52
C LYS B 3127 48.18 52.38 35.24
N ALA B 3128 48.14 51.11 35.63
CA ALA B 3128 49.25 50.21 35.35
C ALA B 3128 49.42 50.02 33.85
N PHE B 3129 48.32 49.87 33.12
CA PHE B 3129 48.39 49.73 31.68
C PHE B 3129 49.06 50.94 31.05
N HIS B 3130 48.68 52.14 31.50
CA HIS B 3130 49.30 53.36 31.01
C HIS B 3130 50.79 53.41 31.36
N ASP B 3131 51.13 53.07 32.61
CA ASP B 3131 52.51 53.17 33.06
C ASP B 3131 53.41 52.20 32.31
N MET B 3132 52.88 51.10 31.81
CA MET B 3132 53.65 50.08 31.13
C MET B 3132 53.63 50.25 29.62
N GLY B 3133 53.27 51.45 29.15
CA GLY B 3133 53.26 51.69 27.71
C GLY B 3133 52.12 51.03 27.00
N GLY B 3134 51.04 50.71 27.72
CA GLY B 3134 49.94 50.01 27.10
C GLY B 3134 49.19 50.86 26.08
N VAL B 3135 48.92 52.12 26.43
CA VAL B 3135 48.14 52.99 25.55
C VAL B 3135 48.90 53.23 24.25
N GLN B 3136 50.19 53.53 24.35
CA GLN B 3136 50.99 53.72 23.15
C GLN B 3136 50.98 52.46 22.31
N LEU B 3137 51.05 51.31 22.98
CA LEU B 3137 51.04 50.04 22.28
C LEU B 3137 49.75 49.85 21.49
N ILE B 3138 48.61 50.09 22.13
CA ILE B 3138 47.35 49.84 21.43
C ILE B 3138 47.19 50.83 20.30
N CYS B 3139 47.65 52.06 20.48
CA CYS B 3139 47.55 53.05 19.39
C CYS B 3139 48.45 52.67 18.22
N ASN B 3140 49.68 52.25 18.49
CA ASN B 3140 50.56 51.79 17.43
C ASN B 3140 49.96 50.60 16.71
N ASN B 3141 49.37 49.68 17.47
CA ASN B 3141 48.72 48.52 16.86
C ASN B 3141 47.52 48.95 16.02
N MET B 3142 46.76 49.91 16.50
CA MET B 3142 45.63 50.40 15.73
C MET B 3142 46.10 50.91 14.38
N VAL B 3143 47.12 51.77 14.39
CA VAL B 3143 47.63 52.31 13.13
C VAL B 3143 48.10 51.18 12.23
N THR B 3144 48.91 50.27 12.78
CA THR B 3144 49.51 49.22 11.98
C THR B 3144 48.45 48.28 11.40
N SER B 3145 47.54 47.79 12.25
CA SER B 3145 46.52 46.86 11.77
C SER B 3145 45.61 47.52 10.76
N THR B 3146 45.27 48.79 10.96
CA THR B 3146 44.49 49.49 9.96
C THR B 3146 45.24 49.55 8.64
N ARG B 3147 46.57 49.69 8.71
CA ARG B 3147 47.36 49.60 7.49
C ARG B 3147 47.28 48.21 6.87
N ALA B 3148 47.19 47.18 7.70
CA ALA B 3148 47.37 45.80 7.28
C ALA B 3148 46.08 45.12 6.86
N ILE B 3149 44.95 45.85 6.83
N ILE B 3149 44.95 45.85 6.83
CA ILE B 3149 43.66 45.27 6.49
CA ILE B 3149 43.66 45.27 6.49
C ILE B 3149 43.02 46.09 5.39
C ILE B 3149 43.02 46.09 5.39
N VAL B 3150 42.29 45.42 4.51
CA VAL B 3150 41.49 46.06 3.47
C VAL B 3150 40.03 45.81 3.79
N ASN B 3151 39.19 46.82 3.62
CA ASN B 3151 37.80 46.70 4.01
C ASN B 3151 37.07 45.78 3.04
N THR B 3152 36.49 44.71 3.57
CA THR B 3152 35.67 43.82 2.77
C THR B 3152 34.20 44.23 2.72
N ALA B 3153 33.80 45.24 3.49
CA ALA B 3153 32.44 45.75 3.39
C ALA B 3153 32.18 46.25 1.99
N ARG B 3154 30.96 46.00 1.50
CA ARG B 3154 30.62 46.39 0.14
C ARG B 3154 30.56 47.89 0.00
N SER B 3155 31.01 48.37 -1.16
CA SER B 3155 31.11 49.79 -1.45
C SER B 3155 30.44 50.13 -2.77
N MET B 3156 30.69 51.35 -3.26
CA MET B 3156 30.01 51.81 -4.45
C MET B 3156 30.29 50.94 -5.67
N VAL B 3157 31.37 50.16 -5.68
CA VAL B 3157 31.56 49.23 -6.78
C VAL B 3157 30.50 48.12 -6.74
N SER B 3158 30.23 47.58 -5.55
CA SER B 3158 29.17 46.60 -5.42
C SER B 3158 27.81 47.20 -5.76
N THR B 3159 27.58 48.45 -5.38
CA THR B 3159 26.33 49.12 -5.73
C THR B 3159 26.21 49.25 -7.24
N ILE B 3160 27.30 49.62 -7.91
CA ILE B 3160 27.27 49.76 -9.37
C ILE B 3160 27.00 48.41 -10.02
N MET B 3161 27.63 47.36 -9.53
CA MET B 3161 27.36 46.04 -10.07
C MET B 3161 25.90 45.66 -9.88
N LYS B 3162 25.33 45.97 -8.72
CA LYS B 3162 23.91 45.71 -8.50
C LYS B 3162 23.04 46.49 -9.49
N PHE B 3163 23.37 47.75 -9.72
CA PHE B 3163 22.64 48.55 -10.71
C PHE B 3163 22.75 47.92 -12.09
N LEU B 3164 23.85 47.24 -12.39
CA LEU B 3164 23.98 46.50 -13.64
C LEU B 3164 23.38 45.10 -13.54
N ASP B 3165 22.46 44.88 -12.60
CA ASP B 3165 21.80 43.58 -12.42
C ASP B 3165 22.81 42.52 -12.01
N GLY B 3190 19.84 32.06 3.85
CA GLY B 3190 20.36 33.31 3.33
C GLY B 3190 21.19 33.11 2.07
N ILE B 3191 21.87 31.98 2.01
CA ILE B 3191 22.71 31.67 0.86
C ILE B 3191 21.85 31.02 -0.22
N HIS B 3192 22.39 30.96 -1.43
CA HIS B 3192 21.64 30.61 -2.62
C HIS B 3192 22.14 29.30 -3.20
N ASN B 3193 21.21 28.43 -3.56
CA ASN B 3193 21.55 27.13 -4.12
C ASN B 3193 21.95 27.26 -5.57
N PHE B 3194 23.20 26.92 -5.88
CA PHE B 3194 23.70 26.96 -7.23
C PHE B 3194 23.73 25.60 -7.90
N ALA B 3195 23.37 24.54 -7.17
CA ALA B 3195 23.33 23.22 -7.80
C ALA B 3195 22.42 23.22 -9.01
N PRO B 3196 21.22 23.80 -8.97
CA PRO B 3196 20.36 23.76 -10.16
C PRO B 3196 21.00 24.38 -11.37
N LEU B 3197 21.87 25.36 -11.18
CA LEU B 3197 22.53 26.00 -12.31
C LEU B 3197 23.68 25.16 -12.85
N GLY B 3198 24.13 24.16 -12.09
CA GLY B 3198 25.30 23.39 -12.47
C GLY B 3198 24.98 22.15 -13.27
N THR B 3199 26.04 21.52 -13.75
CA THR B 3199 25.96 20.26 -14.46
C THR B 3199 26.65 19.18 -13.62
N ILE B 3200 25.97 18.07 -13.40
CA ILE B 3200 26.44 17.01 -12.52
C ILE B 3200 26.82 15.82 -13.38
N THR B 3201 28.06 15.36 -13.24
CA THR B 3201 28.57 14.21 -13.97
C THR B 3201 29.23 13.23 -13.01
N SER B 3202 29.55 12.06 -13.52
CA SER B 3202 30.23 11.03 -12.74
C SER B 3202 31.28 10.37 -13.63
N SER B 3203 32.36 9.90 -12.99
CA SER B 3203 33.42 9.23 -13.73
C SER B 3203 33.04 7.84 -14.18
N SER B 3204 32.07 7.20 -13.53
CA SER B 3204 31.65 5.86 -13.92
C SER B 3204 30.75 5.94 -15.15
N PRO B 3205 31.13 5.32 -16.27
CA PRO B 3205 30.29 5.41 -17.47
C PRO B 3205 28.89 4.82 -17.29
N THR B 3206 28.70 3.91 -16.36
CA THR B 3206 27.43 3.22 -16.23
C THR B 3206 26.48 3.88 -15.25
N ALA B 3207 26.86 5.00 -14.66
CA ALA B 3207 26.00 5.65 -13.69
C ALA B 3207 24.79 6.26 -14.39
N GLN B 3208 23.64 6.20 -13.72
CA GLN B 3208 22.47 6.88 -14.23
C GLN B 3208 22.70 8.39 -14.19
N PRO B 3209 22.27 9.14 -15.20
CA PRO B 3209 22.39 10.59 -15.13
C PRO B 3209 21.70 11.13 -13.89
N ALA B 3210 22.37 12.05 -13.21
CA ALA B 3210 21.95 12.53 -11.89
C ALA B 3210 21.34 13.92 -11.91
N GLU B 3211 21.00 14.45 -13.09
CA GLU B 3211 20.48 15.81 -13.13
C GLU B 3211 19.27 15.98 -12.21
N VAL B 3212 18.50 14.91 -12.00
CA VAL B 3212 17.35 14.99 -11.12
C VAL B 3212 17.76 15.43 -9.73
N LEU B 3213 18.99 15.11 -9.33
CA LEU B 3213 19.46 15.53 -8.01
C LEU B 3213 19.58 17.04 -7.90
N LEU B 3214 19.93 17.72 -9.01
CA LEU B 3214 20.16 19.16 -8.99
C LEU B 3214 18.88 19.99 -8.97
N GLN B 3215 17.73 19.41 -9.28
CA GLN B 3215 16.52 20.22 -9.40
C GLN B 3215 16.25 20.99 -8.10
N ALA B 3216 15.92 22.27 -8.26
CA ALA B 3216 15.71 23.13 -7.11
C ALA B 3216 14.57 22.63 -6.24
N THR B 3217 13.54 22.06 -6.85
CA THR B 3217 12.41 21.56 -6.10
C THR B 3217 12.68 20.12 -5.70
N PRO B 3218 12.74 19.80 -4.41
CA PRO B 3218 13.07 18.44 -4.02
C PRO B 3218 11.94 17.50 -4.36
N PRO B 3219 12.21 16.21 -4.50
CA PRO B 3219 11.11 15.26 -4.70
C PRO B 3219 10.31 15.13 -3.42
N HIS B 3220 9.14 14.52 -3.53
CA HIS B 3220 8.31 14.36 -2.35
C HIS B 3220 9.06 13.57 -1.29
N ARG B 3221 8.91 13.99 -0.03
CA ARG B 3221 9.63 13.35 1.06
C ARG B 3221 9.34 11.85 1.12
N ARG B 3222 8.20 11.42 0.60
CA ARG B 3222 7.85 10.01 0.56
C ARG B 3222 8.08 9.39 -0.81
N ALA B 3223 8.80 10.08 -1.70
CA ALA B 3223 9.08 9.53 -3.02
C ALA B 3223 9.61 8.11 -2.84
N ARG B 3224 8.85 7.14 -3.31
CA ARG B 3224 9.12 5.75 -2.98
C ARG B 3224 10.32 5.20 -3.75
N SER B 3225 10.71 5.84 -4.84
CA SER B 3225 11.86 5.43 -5.64
C SER B 3225 12.93 6.52 -5.58
N ALA B 3226 14.16 6.13 -5.31
CA ALA B 3226 15.26 7.09 -5.27
C ALA B 3226 15.36 7.80 -6.61
N ALA B 3227 15.46 9.13 -6.57
CA ALA B 3227 15.59 9.88 -7.81
C ALA B 3227 16.81 9.43 -8.62
N TRP B 3228 17.90 9.11 -7.93
CA TRP B 3228 19.10 8.61 -8.57
C TRP B 3228 19.65 7.45 -7.76
N SER B 3229 20.13 6.43 -8.46
CA SER B 3229 20.70 5.25 -7.81
C SER B 3229 21.98 4.86 -8.54
N TYR B 3230 22.94 4.33 -7.79
CA TYR B 3230 24.19 3.87 -8.34
C TYR B 3230 24.40 2.41 -7.95
N ILE B 3231 24.64 1.56 -8.95
CA ILE B 3231 24.90 0.14 -8.72
C ILE B 3231 26.39 -0.06 -8.61
N PHE B 3232 26.84 -0.52 -7.45
CA PHE B 3232 28.27 -0.69 -7.22
C PHE B 3232 28.77 -2.00 -7.82
N LEU B 3233 29.84 -1.91 -8.60
CA LEU B 3233 30.57 -3.11 -8.98
C LEU B 3233 31.20 -3.73 -7.73
N PRO B 3234 31.43 -5.04 -7.73
CA PRO B 3234 31.94 -5.69 -6.52
C PRO B 3234 33.27 -5.14 -6.04
N GLU B 3235 34.10 -4.58 -6.93
CA GLU B 3235 35.40 -4.06 -6.56
C GLU B 3235 35.42 -2.55 -6.36
N GLU B 3236 34.28 -1.88 -6.45
CA GLU B 3236 34.21 -0.43 -6.34
C GLU B 3236 33.78 -0.03 -4.94
N ALA B 3237 34.58 0.82 -4.30
CA ALA B 3237 34.26 1.36 -2.98
C ALA B 3237 33.71 2.77 -3.02
N TRP B 3238 34.11 3.58 -3.99
CA TRP B 3238 33.72 4.98 -4.06
C TRP B 3238 33.06 5.27 -5.40
N CYS B 3239 31.98 6.04 -5.36
CA CYS B 3239 31.41 6.67 -6.54
C CYS B 3239 31.57 8.17 -6.41
N ASP B 3240 31.74 8.84 -7.54
CA ASP B 3240 32.03 10.27 -7.55
C ASP B 3240 30.97 11.02 -8.34
N LEU B 3241 30.66 12.22 -7.88
CA LEU B 3241 29.70 13.11 -8.54
C LEU B 3241 30.32 14.50 -8.58
N THR B 3242 30.67 14.95 -9.79
CA THR B 3242 31.29 16.26 -9.97
C THR B 3242 30.22 17.25 -10.42
N ILE B 3243 29.98 18.28 -9.62
CA ILE B 3243 29.06 19.35 -9.96
C ILE B 3243 29.90 20.52 -10.44
N HIS B 3244 29.83 20.83 -11.72
CA HIS B 3244 30.49 22.02 -12.24
C HIS B 3244 29.50 23.17 -12.27
N LEU B 3245 29.90 24.29 -11.75
CA LEU B 3245 29.05 25.46 -11.79
C LEU B 3245 29.44 26.35 -12.95
N PRO B 3246 28.51 27.13 -13.50
CA PRO B 3246 28.89 28.02 -14.61
C PRO B 3246 29.97 29.03 -14.25
N ALA B 3247 29.99 29.50 -13.01
CA ALA B 3247 31.02 30.44 -12.56
C ALA B 3247 31.31 30.17 -11.10
N ALA B 3248 32.47 30.63 -10.66
CA ALA B 3248 32.87 30.41 -9.27
C ALA B 3248 31.92 31.12 -8.32
N VAL B 3249 31.62 30.44 -7.22
CA VAL B 3249 30.77 31.00 -6.16
C VAL B 3249 31.47 30.75 -4.84
N LEU B 3250 31.11 31.56 -3.85
CA LEU B 3250 31.58 31.34 -2.49
C LEU B 3250 30.76 30.23 -1.87
N LEU B 3251 31.25 29.00 -1.99
CA LEU B 3251 30.54 27.85 -1.44
C LEU B 3251 30.65 27.84 0.08
N LYS B 3252 29.52 27.65 0.74
CA LYS B 3252 29.47 27.62 2.20
C LYS B 3252 28.95 26.31 2.75
N GLU B 3253 28.00 25.67 2.09
CA GLU B 3253 27.46 24.39 2.54
C GLU B 3253 27.19 23.50 1.34
N ILE B 3254 27.21 22.20 1.57
CA ILE B 3254 26.79 21.21 0.57
C ILE B 3254 25.78 20.29 1.25
N HIS B 3255 24.56 20.26 0.72
CA HIS B 3255 23.50 19.41 1.23
C HIS B 3255 23.27 18.26 0.27
N ILE B 3256 23.26 17.04 0.80
CA ILE B 3256 22.94 15.84 0.04
C ILE B 3256 21.74 15.18 0.69
N GLN B 3257 20.70 14.90 -0.11
CA GLN B 3257 19.48 14.28 0.38
C GLN B 3257 19.45 12.83 -0.05
N PRO B 3258 19.63 11.87 0.85
CA PRO B 3258 19.52 10.46 0.46
C PRO B 3258 18.07 10.05 0.29
N HIS B 3259 17.87 8.94 -0.41
CA HIS B 3259 16.53 8.39 -0.57
C HIS B 3259 16.03 7.90 0.79
N LEU B 3260 15.03 8.59 1.34
CA LEU B 3260 14.61 8.29 2.71
C LEU B 3260 13.87 6.96 2.81
N ALA B 3261 13.23 6.52 1.71
CA ALA B 3261 12.50 5.27 1.76
C ALA B 3261 13.43 4.07 1.97
N SER B 3262 14.60 4.09 1.35
CA SER B 3262 15.59 3.01 1.48
C SER B 3262 16.90 3.63 1.93
N LEU B 3263 17.08 3.75 3.25
CA LEU B 3263 18.31 4.30 3.78
C LEU B 3263 19.47 3.33 3.66
N ALA B 3264 19.22 2.05 3.41
CA ALA B 3264 20.31 1.12 3.21
C ALA B 3264 21.18 1.52 2.03
N THR B 3265 20.64 2.30 1.10
CA THR B 3265 21.41 2.78 -0.04
C THR B 3265 22.08 4.11 0.23
N CYS B 3266 21.91 4.68 1.42
CA CYS B 3266 22.61 5.91 1.75
C CYS B 3266 24.11 5.64 1.79
N PRO B 3267 24.93 6.55 1.25
CA PRO B 3267 26.39 6.33 1.30
C PRO B 3267 26.88 6.24 2.73
N SER B 3268 27.87 5.36 2.94
CA SER B 3268 28.42 5.22 4.28
C SER B 3268 29.25 6.42 4.68
N SER B 3269 29.94 7.04 3.74
CA SER B 3269 30.70 8.25 4.02
C SER B 3269 30.83 9.08 2.75
N VAL B 3270 31.13 10.37 2.94
CA VAL B 3270 31.19 11.32 1.85
C VAL B 3270 32.50 12.09 1.96
N SER B 3271 33.27 12.09 0.88
CA SER B 3271 34.50 12.88 0.77
C SER B 3271 34.24 14.02 -0.19
N VAL B 3272 34.32 15.25 0.31
CA VAL B 3272 34.04 16.44 -0.48
C VAL B 3272 35.35 17.00 -0.99
N GLU B 3273 35.46 17.16 -2.29
CA GLU B 3273 36.56 17.89 -2.91
C GLU B 3273 36.00 19.15 -3.57
N VAL B 3274 36.76 20.24 -3.47
CA VAL B 3274 36.36 21.54 -4.00
C VAL B 3274 37.45 22.03 -4.93
N SER B 3275 37.06 22.63 -6.04
CA SER B 3275 38.01 23.22 -6.98
C SER B 3275 37.60 24.67 -7.21
N ALA B 3276 38.45 25.61 -6.78
CA ALA B 3276 38.16 27.00 -7.04
C ALA B 3276 38.20 27.29 -8.54
N ASP B 3277 39.17 26.71 -9.23
CA ASP B 3277 39.26 26.83 -10.67
C ASP B 3277 38.46 25.76 -11.40
N GLY B 3278 37.89 24.80 -10.67
CA GLY B 3278 37.07 23.77 -11.27
C GLY B 3278 37.84 22.67 -11.96
N VAL B 3279 39.17 22.63 -11.81
CA VAL B 3279 40.01 21.67 -12.51
C VAL B 3279 40.80 20.80 -11.54
N ASN B 3280 41.42 21.42 -10.54
CA ASN B 3280 42.26 20.72 -9.58
C ASN B 3280 41.45 20.57 -8.29
N MET B 3281 40.87 19.40 -8.10
CA MET B 3281 40.07 19.12 -6.93
C MET B 3281 40.96 18.97 -5.71
N LEU B 3282 40.48 19.43 -4.56
CA LEU B 3282 41.22 19.33 -3.31
C LEU B 3282 40.28 18.84 -2.21
N PRO B 3283 40.56 17.71 -1.57
CA PRO B 3283 39.68 17.27 -0.47
C PRO B 3283 39.58 18.32 0.61
N LEU B 3284 38.36 18.56 1.05
CA LEU B 3284 38.16 19.49 2.15
C LEU B 3284 38.66 18.89 3.45
N SER B 3285 38.30 17.66 3.73
CA SER B 3285 38.69 16.98 4.95
C SER B 3285 38.58 15.49 4.73
N THR B 3286 38.84 14.73 5.78
CA THR B 3286 38.67 13.29 5.70
C THR B 3286 37.18 12.98 5.52
N PRO B 3287 36.86 11.83 4.93
CA PRO B 3287 35.46 11.56 4.61
C PRO B 3287 34.62 11.62 5.89
N VAL B 3288 33.42 12.18 5.74
N VAL B 3288 33.42 12.19 5.74
CA VAL B 3288 32.48 12.30 6.85
CA VAL B 3288 32.46 12.30 6.81
C VAL B 3288 31.61 11.06 6.88
C VAL B 3288 31.64 11.02 6.87
N VAL B 3289 31.48 10.46 8.06
CA VAL B 3289 30.68 9.25 8.20
C VAL B 3289 29.22 9.65 8.03
N THR B 3290 28.53 9.04 7.06
CA THR B 3290 27.18 9.43 6.70
C THR B 3290 26.15 8.31 6.80
N SER B 3291 26.56 7.08 7.09
CA SER B 3291 25.59 6.02 7.26
C SER B 3291 24.67 6.32 8.43
N GLY B 3292 23.37 6.08 8.23
CA GLY B 3292 22.38 6.35 9.25
C GLY B 3292 21.87 7.77 9.32
N LEU B 3293 22.25 8.62 8.38
CA LEU B 3293 21.81 10.00 8.34
C LEU B 3293 20.70 10.17 7.31
N THR B 3294 19.58 10.74 7.74
CA THR B 3294 18.51 11.06 6.81
C THR B 3294 18.85 12.28 5.97
N TYR B 3295 19.71 13.16 6.46
CA TYR B 3295 20.11 14.36 5.75
C TYR B 3295 21.58 14.65 6.00
N ILE B 3296 22.29 14.94 4.92
CA ILE B 3296 23.73 15.18 4.96
C ILE B 3296 23.96 16.67 4.75
N LYS B 3297 24.35 17.37 5.81
CA LYS B 3297 24.65 18.80 5.75
C LYS B 3297 26.13 19.01 6.05
N ILE B 3298 26.91 19.33 5.02
CA ILE B 3298 28.35 19.56 5.16
C ILE B 3298 28.57 21.07 5.10
N GLN B 3299 28.82 21.67 6.25
CA GLN B 3299 29.07 23.11 6.34
C GLN B 3299 30.57 23.38 6.30
N LEU B 3300 31.01 24.22 5.37
CA LEU B 3300 32.39 24.67 5.36
C LEU B 3300 32.59 25.75 6.41
N VAL B 3301 33.47 25.49 7.37
CA VAL B 3301 33.77 26.49 8.39
C VAL B 3301 34.32 27.76 7.74
N LYS B 3302 35.22 27.59 6.77
CA LYS B 3302 35.76 28.70 6.01
C LYS B 3302 35.23 28.61 4.59
N ALA B 3303 34.41 29.59 4.20
CA ALA B 3303 33.83 29.57 2.87
C ALA B 3303 34.94 29.53 1.84
N GLU B 3304 34.75 28.72 0.82
CA GLU B 3304 35.77 28.50 -0.20
C GLU B 3304 35.20 28.85 -1.56
N VAL B 3305 36.01 29.51 -2.37
CA VAL B 3305 35.63 29.74 -3.76
C VAL B 3305 35.65 28.41 -4.49
N ALA B 3306 34.56 28.10 -5.18
CA ALA B 3306 34.37 26.78 -5.77
C ALA B 3306 33.63 26.93 -7.08
N SER B 3307 34.26 26.54 -8.18
CA SER B 3307 33.58 26.39 -9.46
C SER B 3307 33.22 24.96 -9.78
N ALA B 3308 33.74 23.99 -9.02
CA ALA B 3308 33.35 22.60 -9.16
C ALA B 3308 33.40 21.94 -7.79
N VAL B 3309 32.49 21.00 -7.56
CA VAL B 3309 32.46 20.22 -6.32
C VAL B 3309 32.32 18.76 -6.68
N CYS B 3310 33.29 17.94 -6.24
CA CYS B 3310 33.26 16.49 -6.46
C CYS B 3310 32.91 15.80 -5.15
N LEU B 3311 31.75 15.15 -5.11
CA LEU B 3311 31.34 14.34 -3.97
C LEU B 3311 31.70 12.88 -4.23
N ARG B 3312 32.55 12.33 -3.38
CA ARG B 3312 32.91 10.92 -3.44
C ARG B 3312 32.14 10.20 -2.33
N LEU B 3313 31.19 9.37 -2.74
CA LEU B 3313 30.29 8.68 -1.82
C LEU B 3313 30.75 7.24 -1.67
N HIS B 3314 30.95 6.80 -0.43
CA HIS B 3314 31.40 5.45 -0.17
C HIS B 3314 30.25 4.47 -0.23
N ARG B 3315 30.53 3.28 -0.78
CA ARG B 3315 29.53 2.22 -0.85
C ARG B 3315 28.84 2.07 0.50
N PRO B 3316 27.52 1.90 0.53
CA PRO B 3316 26.86 1.70 1.82
C PRO B 3316 27.38 0.45 2.49
N ARG B 3317 27.23 0.41 3.81
CA ARG B 3317 27.68 -0.76 4.55
C ARG B 3317 26.95 -2.02 4.10
N ASP B 3318 25.65 -1.92 3.88
CA ASP B 3318 24.77 -3.06 3.69
C ASP B 3318 23.89 -2.90 2.46
N ALA B 3319 24.50 -2.51 1.34
CA ALA B 3319 23.75 -2.42 0.10
C ALA B 3319 24.73 -2.26 -1.04
N SER B 3320 24.38 -2.80 -2.19
CA SER B 3320 25.20 -2.66 -3.38
C SER B 3320 24.79 -1.49 -4.26
N THR B 3321 23.72 -0.77 -3.89
CA THR B 3321 23.26 0.36 -4.66
C THR B 3321 23.17 1.60 -3.79
N LEU B 3322 23.59 2.73 -4.35
CA LEU B 3322 23.57 4.01 -3.66
C LEU B 3322 22.45 4.86 -4.24
N GLY B 3323 21.52 5.28 -3.39
CA GLY B 3323 20.38 6.05 -3.85
C GLY B 3323 20.37 7.47 -3.30
N LEU B 3324 20.32 8.47 -4.19
CA LEU B 3324 20.31 9.87 -3.79
C LEU B 3324 19.10 10.59 -4.37
N SER B 3325 18.61 11.57 -3.63
CA SER B 3325 17.48 12.39 -4.04
C SER B 3325 17.88 13.75 -4.59
N GLN B 3326 18.68 14.51 -3.85
CA GLN B 3326 18.99 15.88 -4.24
C GLN B 3326 20.35 16.28 -3.69
N ILE B 3327 21.03 17.16 -4.42
CA ILE B 3327 22.26 17.80 -3.97
C ILE B 3327 22.08 19.31 -4.07
N LYS B 3328 22.30 20.01 -2.95
CA LYS B 3328 22.29 21.47 -2.94
C LYS B 3328 23.69 22.00 -2.69
N LEU B 3329 24.08 23.01 -3.46
CA LEU B 3329 25.32 23.74 -3.23
C LEU B 3329 24.94 25.16 -2.82
N LEU B 3330 24.90 25.40 -1.52
CA LEU B 3330 24.50 26.71 -1.01
C LEU B 3330 25.72 27.61 -0.88
N GLY B 3331 25.52 28.89 -1.16
CA GLY B 3331 26.62 29.84 -1.04
C GLY B 3331 26.23 31.20 -1.56
N LEU B 3332 27.24 31.97 -1.97
CA LEU B 3332 27.06 33.33 -2.44
C LEU B 3332 27.86 33.55 -3.71
N THR B 3333 27.47 34.57 -4.47
CA THR B 3333 28.25 35.08 -5.57
C THR B 3333 29.01 36.33 -5.15
N ALA B 3334 29.99 36.71 -5.97
CA ALA B 3334 30.77 37.92 -5.68
C ALA B 3334 29.88 39.15 -5.70
N PHE B 3335 29.00 39.27 -6.69
CA PHE B 3335 28.13 40.42 -6.83
C PHE B 3335 26.73 39.94 -7.24
N GLY B 3336 25.83 40.89 -7.40
CA GLY B 3336 24.47 40.56 -7.80
C GLY B 3336 23.56 40.37 -6.61
N THR B 3337 22.34 39.92 -6.92
CA THR B 3337 21.36 39.71 -5.86
C THR B 3337 21.78 38.57 -4.94
N THR B 3338 22.49 37.58 -5.48
CA THR B 3338 22.94 36.42 -4.74
C THR B 3338 24.19 36.69 -3.89
N SER B 3339 24.64 37.94 -3.83
CA SER B 3339 25.84 38.30 -3.08
C SER B 3339 25.54 38.70 -1.64
N SER B 3340 24.36 38.33 -1.13
CA SER B 3340 23.97 38.63 0.25
C SER B 3340 25.13 38.42 1.21
N ASP B 3352 32.81 37.97 13.97
CA ASP B 3352 33.73 38.77 14.76
C ASP B 3352 34.39 39.85 13.92
N GLN B 3353 33.82 41.07 13.97
CA GLN B 3353 34.40 42.17 13.23
C GLN B 3353 35.78 42.53 13.77
N VAL B 3354 35.96 42.44 15.09
CA VAL B 3354 37.23 42.76 15.70
C VAL B 3354 38.36 41.90 15.12
N SER B 3355 38.04 40.67 14.73
CA SER B 3355 39.08 39.77 14.26
C SER B 3355 39.56 40.14 12.85
N LYS B 3356 38.70 40.74 12.03
CA LYS B 3356 39.01 40.98 10.63
C LYS B 3356 39.27 42.45 10.33
N THR B 3357 39.20 43.33 11.33
CA THR B 3357 39.42 44.76 11.18
C THR B 3357 40.32 45.24 12.31
N SER B 3358 40.71 46.51 12.24
CA SER B 3358 41.51 47.13 13.30
C SER B 3358 40.66 47.76 14.39
N ILE B 3359 39.34 47.56 14.34
CA ILE B 3359 38.44 48.28 15.23
C ILE B 3359 38.67 47.93 16.69
N GLY B 3360 39.16 46.73 16.98
CA GLY B 3360 39.36 46.35 18.37
C GLY B 3360 40.31 47.28 19.09
N TRP B 3361 41.35 47.73 18.40
CA TRP B 3361 42.28 48.66 19.01
C TRP B 3361 41.59 49.97 19.34
N LEU B 3362 40.71 50.44 18.45
CA LEU B 3362 39.98 51.67 18.72
C LEU B 3362 39.01 51.51 19.87
N ARG B 3363 38.39 50.34 20.00
CA ARG B 3363 37.52 50.10 21.14
C ARG B 3363 38.31 50.09 22.43
N LEU B 3364 39.51 49.52 22.40
CA LEU B 3364 40.37 49.54 23.57
C LEU B 3364 40.74 50.97 23.95
N LEU B 3365 41.10 51.77 22.95
CA LEU B 3365 41.47 53.15 23.21
C LEU B 3365 40.29 53.94 23.77
N HIS B 3366 39.11 53.72 23.20
CA HIS B 3366 37.91 54.39 23.73
C HIS B 3366 37.63 53.98 25.15
N HIS B 3367 37.77 52.69 25.48
CA HIS B 3367 37.54 52.27 26.85
C HIS B 3367 38.50 52.96 27.79
N CYS B 3368 39.78 53.04 27.39
CA CYS B 3368 40.76 53.71 28.24
C CYS B 3368 40.39 55.18 28.43
N LEU B 3369 39.98 55.84 27.36
CA LEU B 3369 39.71 57.27 27.43
C LEU B 3369 38.44 57.59 28.22
N THR B 3370 37.43 56.72 28.16
CA THR B 3370 36.12 57.07 28.66
C THR B 3370 35.70 56.29 29.89
N HIS B 3371 36.25 55.09 30.12
CA HIS B 3371 35.74 54.25 31.19
C HIS B 3371 35.91 54.94 32.54
N ILE B 3372 37.08 55.52 32.78
CA ILE B 3372 37.37 56.25 34.01
C ILE B 3372 37.66 57.68 33.62
N SER B 3373 36.71 58.58 33.91
CA SER B 3373 36.87 59.97 33.50
C SER B 3373 38.09 60.61 34.14
N ASP B 3374 38.34 60.30 35.41
CA ASP B 3374 39.44 60.95 36.14
C ASP B 3374 40.79 60.68 35.50
N LEU B 3375 40.91 59.62 34.71
CA LEU B 3375 42.16 59.30 34.03
C LEU B 3375 42.19 59.79 32.60
N GLU B 3376 41.04 60.22 32.06
CA GLU B 3376 40.94 60.63 30.66
C GLU B 3376 42.15 61.45 30.21
N GLY B 3377 42.41 62.55 30.90
CA GLY B 3377 43.54 63.41 30.59
C GLY B 3377 44.83 62.64 30.35
N MET B 3378 45.27 61.90 31.37
CA MET B 3378 46.49 61.11 31.24
C MET B 3378 46.43 60.21 30.01
N MET B 3379 45.32 59.46 29.89
CA MET B 3379 45.16 58.54 28.76
C MET B 3379 45.33 59.28 27.44
N ALA B 3380 44.63 60.41 27.28
CA ALA B 3380 44.75 61.16 26.03
C ALA B 3380 46.18 61.61 25.80
N SER B 3381 46.85 62.09 26.85
CA SER B 3381 48.23 62.52 26.71
C SER B 3381 49.11 61.36 26.26
N ALA B 3382 48.81 60.16 26.72
CA ALA B 3382 49.59 59.00 26.30
C ALA B 3382 49.25 58.59 24.88
N ALA B 3383 48.04 58.92 24.42
CA ALA B 3383 47.58 58.49 23.11
C ALA B 3383 47.82 59.54 22.04
N ALA B 3384 47.79 60.82 22.39
CA ALA B 3384 47.94 61.86 21.38
C ALA B 3384 49.25 61.78 20.61
N PRO B 3385 50.41 61.56 21.24
CA PRO B 3385 51.68 61.69 20.50
C PRO B 3385 51.82 60.75 19.31
N THR B 3386 51.26 59.55 19.38
CA THR B 3386 51.57 58.54 18.37
C THR B 3386 51.23 59.04 16.97
N ALA B 3387 52.15 58.80 16.04
CA ALA B 3387 51.98 59.29 14.69
C ALA B 3387 50.80 58.60 14.01
N ASN B 3388 50.05 59.38 13.25
CA ASN B 3388 48.96 58.91 12.41
C ASN B 3388 47.79 58.33 13.20
N LEU B 3389 47.72 58.56 14.50
CA LEU B 3389 46.57 58.07 15.26
C LEU B 3389 45.29 58.79 14.85
N LEU B 3390 45.35 60.12 14.75
CA LEU B 3390 44.15 60.87 14.41
C LEU B 3390 43.69 60.56 12.99
N GLN B 3391 44.63 60.43 12.04
CA GLN B 3391 44.22 60.07 10.70
C GLN B 3391 43.53 58.72 10.69
N THR B 3392 44.06 57.75 11.45
CA THR B 3392 43.44 56.43 11.52
C THR B 3392 42.06 56.49 12.15
N CYS B 3393 41.91 57.24 13.24
CA CYS B 3393 40.60 57.34 13.88
C CYS B 3393 39.60 58.01 12.97
N ALA B 3394 40.04 59.00 12.19
CA ALA B 3394 39.15 59.62 11.21
C ALA B 3394 38.77 58.62 10.13
N ALA B 3395 39.72 57.82 9.65
CA ALA B 3395 39.41 56.82 8.65
C ALA B 3395 38.40 55.81 9.17
N LEU B 3396 38.57 55.36 10.40
CA LEU B 3396 37.61 54.44 11.00
C LEU B 3396 36.28 55.13 11.26
N LEU B 3397 36.29 56.45 11.46
CA LEU B 3397 35.05 57.19 11.68
C LEU B 3397 34.17 57.16 10.43
N MET B 3398 34.77 57.32 9.25
CA MET B 3398 34.03 57.44 8.01
C MET B 3398 33.80 56.11 7.31
N SER B 3399 34.19 55.00 7.90
N SER B 3399 34.18 55.00 7.90
CA SER B 3399 33.97 53.68 7.31
CA SER B 3399 33.96 53.70 7.30
C SER B 3399 32.61 53.13 7.72
C SER B 3399 32.63 53.11 7.73
N PRO B 3400 32.06 52.21 6.93
CA PRO B 3400 30.82 51.55 7.34
C PRO B 3400 30.99 50.79 8.63
N TYR B 3401 29.91 50.71 9.40
CA TYR B 3401 29.94 50.04 10.69
C TYR B 3401 30.74 48.76 10.61
N CYS B 3402 31.77 48.65 11.45
CA CYS B 3402 32.67 47.51 11.49
C CYS B 3402 32.93 47.07 12.92
N GLY B 3403 31.86 47.01 13.71
CA GLY B 3403 31.95 46.55 15.08
C GLY B 3403 32.13 47.66 16.08
N MET B 3404 32.12 48.92 15.65
CA MET B 3404 32.22 50.06 16.53
C MET B 3404 31.34 51.16 15.98
N HIS B 3405 30.39 51.64 16.79
CA HIS B 3405 29.50 52.67 16.31
C HIS B 3405 30.24 53.99 16.18
N SER B 3406 29.82 54.79 15.21
CA SER B 3406 30.51 56.05 14.94
C SER B 3406 30.64 56.94 16.16
N PRO B 3407 29.64 57.08 17.03
CA PRO B 3407 29.78 58.00 18.18
C PRO B 3407 31.01 57.72 19.03
N ASN B 3408 31.37 56.45 19.23
CA ASN B 3408 32.56 56.16 20.01
C ASN B 3408 33.82 56.65 19.30
N ILE B 3409 33.88 56.48 17.98
CA ILE B 3409 35.02 57.00 17.23
C ILE B 3409 35.08 58.51 17.36
N GLU B 3410 33.92 59.16 17.33
CA GLU B 3410 33.87 60.60 17.52
C GLU B 3410 34.39 60.99 18.89
N VAL B 3411 34.01 60.23 19.92
CA VAL B 3411 34.49 60.53 21.26
C VAL B 3411 36.01 60.42 21.30
N VAL B 3412 36.55 59.38 20.67
CA VAL B 3412 38.00 59.23 20.64
C VAL B 3412 38.66 60.43 19.98
N LEU B 3413 38.17 60.81 18.79
CA LEU B 3413 38.79 61.91 18.07
C LEU B 3413 38.69 63.22 18.86
N VAL B 3414 37.54 63.50 19.44
CA VAL B 3414 37.37 64.74 20.18
C VAL B 3414 38.25 64.77 21.42
N LYS B 3415 38.28 63.68 22.19
CA LYS B 3415 39.07 63.70 23.41
C LYS B 3415 40.56 63.76 23.10
N ILE B 3416 41.01 63.15 22.01
CA ILE B 3416 42.41 63.27 21.65
C ILE B 3416 42.71 64.69 21.21
N GLY B 3417 41.84 65.27 20.37
CA GLY B 3417 42.08 66.59 19.82
C GLY B 3417 42.02 67.70 20.85
N LEU B 3418 41.37 67.49 21.98
CA LEU B 3418 41.20 68.52 23.00
C LEU B 3418 42.31 68.55 24.04
N GLN B 3419 43.21 67.57 24.05
CA GLN B 3419 44.24 67.55 25.08
C GLN B 3419 45.38 68.52 24.81
N SER B 3420 45.49 69.07 23.60
CA SER B 3420 46.44 70.14 23.33
C SER B 3420 46.09 70.79 22.00
N THR B 3421 46.54 72.04 21.84
CA THR B 3421 46.17 72.83 20.67
C THR B 3421 46.75 72.27 19.39
N ARG B 3422 47.99 71.78 19.43
CA ARG B 3422 48.67 71.34 18.21
C ARG B 3422 47.89 70.23 17.52
N ILE B 3423 47.44 69.23 18.28
N ILE B 3423 47.44 69.23 18.28
CA ILE B 3423 46.68 68.16 17.67
CA ILE B 3423 46.68 68.16 17.67
C ILE B 3423 45.26 68.59 17.34
C ILE B 3423 45.26 68.59 17.34
N GLY B 3424 44.74 69.62 18.01
CA GLY B 3424 43.47 70.18 17.58
C GLY B 3424 43.59 70.77 16.20
N LEU B 3425 44.68 71.49 15.93
CA LEU B 3425 44.91 72.00 14.59
C LEU B 3425 45.11 70.86 13.59
N LYS B 3426 45.83 69.82 13.99
CA LYS B 3426 46.02 68.68 13.10
C LYS B 3426 44.69 68.02 12.76
N LEU B 3427 43.82 67.86 13.76
CA LEU B 3427 42.51 67.27 13.58
C LEU B 3427 41.64 68.12 12.68
N ILE B 3428 41.70 69.44 12.86
CA ILE B 3428 40.95 70.34 12.00
C ILE B 3428 41.44 70.18 10.57
N ASP B 3429 42.76 70.09 10.38
CA ASP B 3429 43.28 69.89 9.04
C ASP B 3429 42.78 68.58 8.45
N ILE B 3430 42.75 67.54 9.27
CA ILE B 3430 42.32 66.22 8.82
C ILE B 3430 40.85 66.25 8.41
N LEU B 3431 40.00 66.86 9.24
CA LEU B 3431 38.57 66.86 8.94
C LEU B 3431 38.24 67.80 7.80
N LEU B 3432 39.00 68.88 7.64
CA LEU B 3432 38.67 69.92 6.68
C LEU B 3432 39.62 69.97 5.48
N ARG B 3433 40.92 69.74 5.69
CA ARG B 3433 41.92 70.03 4.67
C ARG B 3433 42.57 68.78 4.11
N ASN B 3434 43.21 67.96 4.95
CA ASN B 3434 44.02 66.86 4.44
C ASN B 3434 44.05 65.74 5.49
N CYS B 3435 43.32 64.66 5.22
CA CYS B 3435 43.24 63.52 6.11
C CYS B 3435 44.24 62.42 5.79
N ALA B 3436 45.08 62.60 4.78
CA ALA B 3436 46.03 61.57 4.40
C ALA B 3436 47.14 61.42 5.43
N ALA B 3437 47.75 60.24 5.43
CA ALA B 3437 48.77 59.90 6.42
C ALA B 3437 49.98 60.82 6.30
N SER B 3438 50.58 61.14 7.45
CA SER B 3438 51.77 61.96 7.50
C SER B 3438 53.03 61.13 7.27
N LEU B 3445 56.49 50.53 2.18
CA LEU B 3445 55.28 49.75 2.03
C LEU B 3445 54.64 49.46 3.38
N ASN B 3446 55.30 49.84 4.46
CA ASN B 3446 54.79 49.64 5.81
C ASN B 3446 54.17 50.89 6.41
N SER B 3447 54.38 52.05 5.79
CA SER B 3447 53.87 53.28 6.37
C SER B 3447 52.37 53.40 6.15
N PRO B 3448 51.62 53.90 7.13
CA PRO B 3448 50.18 54.14 6.91
C PRO B 3448 49.96 55.11 5.77
N LEU B 3449 48.93 54.85 4.97
CA LEU B 3449 48.62 55.67 3.80
C LEU B 3449 47.26 56.35 3.92
N LEU B 3450 46.20 55.60 4.14
CA LEU B 3450 44.84 56.14 4.25
C LEU B 3450 44.51 57.02 3.05
N PHE B 3451 44.81 56.51 1.86
CA PHE B 3451 44.49 57.20 0.62
C PHE B 3451 43.02 57.08 0.25
N GLY B 3452 42.28 56.21 0.93
CA GLY B 3452 41.01 55.75 0.43
C GLY B 3452 39.86 56.72 0.54
N ARG B 3453 40.01 57.82 1.27
CA ARG B 3453 38.88 58.69 1.59
C ARG B 3453 39.11 60.09 1.05
N LEU B 3454 38.05 60.68 0.50
CA LEU B 3454 38.08 62.05 0.02
C LEU B 3454 38.29 63.02 1.17
N ASN B 3455 39.00 64.10 0.87
CA ASN B 3455 39.28 65.12 1.88
C ASN B 3455 38.04 65.93 2.19
N GLY B 3456 37.84 66.24 3.45
CA GLY B 3456 36.80 67.17 3.83
C GLY B 3456 35.39 66.63 3.83
N LEU B 3457 35.19 65.35 3.56
CA LEU B 3457 33.83 64.82 3.57
C LEU B 3457 33.20 65.00 4.93
N SER B 3458 31.91 65.27 4.93
CA SER B 3458 31.18 65.56 6.14
C SER B 3458 30.12 64.50 6.37
N SER B 3459 29.88 64.22 7.64
CA SER B 3459 28.79 63.39 8.08
C SER B 3459 28.27 64.00 9.37
N ASP B 3460 27.21 63.41 9.92
CA ASP B 3460 26.78 63.84 11.24
C ASP B 3460 27.95 63.79 12.21
N SER B 3461 28.81 62.78 12.05
CA SER B 3461 29.94 62.61 12.96
C SER B 3461 30.92 63.77 12.85
N THR B 3462 31.35 64.11 11.64
CA THR B 3462 32.31 65.19 11.48
C THR B 3462 31.73 66.51 11.96
N ILE B 3463 30.45 66.74 11.67
CA ILE B 3463 29.80 67.96 12.11
C ILE B 3463 29.80 68.05 13.64
N ASP B 3464 29.44 66.95 14.31
CA ASP B 3464 29.45 66.99 15.78
C ASP B 3464 30.86 67.22 16.32
N ILE B 3465 31.85 66.57 15.71
CA ILE B 3465 33.23 66.75 16.16
C ILE B 3465 33.65 68.20 16.03
N LEU B 3466 33.36 68.79 14.86
CA LEU B 3466 33.76 70.17 14.62
C LEU B 3466 33.05 71.12 15.56
N TYR B 3467 31.75 70.89 15.80
CA TYR B 3467 31.02 71.76 16.72
C TYR B 3467 31.57 71.67 18.14
N GLN B 3468 31.86 70.46 18.63
CA GLN B 3468 32.40 70.36 19.98
C GLN B 3468 33.78 70.98 20.07
N LEU B 3469 34.61 70.81 19.03
CA LEU B 3469 35.90 71.47 19.05
C LEU B 3469 35.74 72.99 19.09
N GLY B 3470 34.81 73.53 18.30
CA GLY B 3470 34.66 74.97 18.26
C GLY B 3470 34.11 75.54 19.55
N THR B 3471 33.13 74.86 20.15
CA THR B 3471 32.39 75.39 21.29
C THR B 3471 32.92 74.90 22.62
N THR B 3472 34.01 74.15 22.62
CA THR B 3472 34.65 73.72 23.85
C THR B 3472 35.52 74.84 24.41
N GLN B 3473 35.37 75.12 25.70
CA GLN B 3473 36.02 76.26 26.33
C GLN B 3473 37.36 75.79 26.89
N ASP B 3474 38.45 76.30 26.33
CA ASP B 3474 39.78 75.95 26.82
C ASP B 3474 40.82 76.91 26.26
N PRO B 3475 42.08 76.81 26.68
CA PRO B 3475 43.08 77.75 26.16
C PRO B 3475 43.19 77.73 24.65
N GLY B 3476 43.04 76.57 24.03
CA GLY B 3476 43.20 76.46 22.60
C GLY B 3476 42.01 76.93 21.79
N THR B 3477 40.87 77.16 22.46
CA THR B 3477 39.64 77.50 21.75
C THR B 3477 39.90 78.56 20.69
N LYS B 3478 40.46 79.69 21.10
CA LYS B 3478 40.78 80.76 20.16
C LYS B 3478 41.52 80.24 18.94
N ASP B 3479 42.64 79.57 19.16
CA ASP B 3479 43.44 79.05 18.05
C ASP B 3479 42.61 78.17 17.13
N ARG B 3480 41.81 77.26 17.70
CA ARG B 3480 40.96 76.41 16.87
C ARG B 3480 40.04 77.24 15.99
N ILE B 3481 39.36 78.21 16.60
CA ILE B 3481 38.49 79.11 15.83
C ILE B 3481 39.28 79.76 14.70
N GLN B 3482 40.48 80.24 15.04
CA GLN B 3482 41.35 80.84 14.04
C GLN B 3482 41.54 79.90 12.86
N ALA B 3483 41.91 78.65 13.15
CA ALA B 3483 42.09 77.66 12.10
C ALA B 3483 40.84 77.52 11.25
N LEU B 3484 39.69 77.40 11.90
CA LEU B 3484 38.43 77.30 11.17
C LEU B 3484 38.27 78.46 10.19
N LEU B 3485 38.42 79.68 10.70
CA LEU B 3485 38.24 80.87 9.87
C LEU B 3485 39.26 80.88 8.74
N LYS B 3486 40.49 80.47 9.04
CA LYS B 3486 41.51 80.35 8.01
C LYS B 3486 41.04 79.43 6.90
N TRP B 3487 40.54 78.25 7.24
CA TRP B 3487 40.05 77.34 6.21
C TRP B 3487 38.93 77.99 5.41
N VAL B 3488 38.09 78.78 6.08
CA VAL B 3488 37.01 79.47 5.37
C VAL B 3488 37.60 80.40 4.32
N SER B 3489 38.51 81.27 4.75
CA SER B 3489 39.11 82.24 3.85
C SER B 3489 39.82 81.54 2.70
N ASP B 3490 40.63 80.53 3.02
CA ASP B 3490 41.30 79.74 2.01
C ASP B 3490 40.33 79.22 0.97
N SER B 3491 39.23 78.61 1.43
CA SER B 3491 38.22 78.09 0.51
C SER B 3491 37.71 79.20 -0.41
N ALA B 3492 37.28 80.32 0.18
CA ALA B 3492 36.78 81.43 -0.62
C ALA B 3492 37.80 81.90 -1.64
N ARG B 3493 39.04 82.09 -1.21
CA ARG B 3493 40.09 82.56 -2.11
C ARG B 3493 40.31 81.58 -3.26
N VAL B 3494 40.38 80.28 -2.94
CA VAL B 3494 40.59 79.29 -3.99
C VAL B 3494 39.43 79.29 -4.96
N ALA B 3495 38.22 79.52 -4.44
CA ALA B 3495 37.06 79.64 -5.32
C ALA B 3495 37.17 80.86 -6.21
N ALA B 3496 37.79 81.93 -5.71
CA ALA B 3496 37.86 83.17 -6.46
C ALA B 3496 38.77 83.09 -7.67
N MET B 3497 39.62 82.06 -7.76
CA MET B 3497 40.52 81.92 -8.90
C MET B 3497 39.90 81.06 -9.99
N GLU B 3514 44.05 69.69 -0.33
CA GLU B 3514 43.64 70.84 -1.13
C GLU B 3514 42.23 70.65 -1.64
N TYR B 3515 41.79 69.39 -1.73
CA TYR B 3515 40.40 69.12 -2.09
C TYR B 3515 39.44 69.70 -1.06
N GLY B 3516 39.82 69.62 0.22
CA GLY B 3516 38.99 70.22 1.25
C GLY B 3516 38.77 71.70 1.02
N LEU B 3517 39.75 72.37 0.41
CA LEU B 3517 39.57 73.75 -0.01
C LEU B 3517 38.73 73.85 -1.27
N LEU B 3518 38.94 72.95 -2.23
CA LEU B 3518 38.20 73.02 -3.48
C LEU B 3518 36.72 72.70 -3.30
N MET B 3519 36.39 71.85 -2.33
CA MET B 3519 35.01 71.40 -2.12
C MET B 3519 34.67 71.52 -0.64
N PRO B 3520 34.49 72.73 -0.14
CA PRO B 3520 34.09 72.88 1.25
C PRO B 3520 32.71 72.29 1.45
N SER B 3521 32.58 71.48 2.48
CA SER B 3521 31.29 70.88 2.77
C SER B 3521 30.33 71.98 3.17
N PRO B 3522 29.17 72.12 2.51
CA PRO B 3522 28.17 73.06 3.00
C PRO B 3522 27.80 72.80 4.44
N SER B 3523 27.77 71.54 4.86
CA SER B 3523 27.53 71.26 6.27
C SER B 3523 28.65 71.78 7.15
N HIS B 3524 29.89 71.69 6.68
CA HIS B 3524 31.01 72.20 7.47
C HIS B 3524 30.99 73.72 7.52
N LEU B 3525 30.65 74.38 6.41
CA LEU B 3525 30.51 75.84 6.44
C LEU B 3525 29.41 76.25 7.39
N HIS B 3526 28.28 75.54 7.36
CA HIS B 3526 27.21 75.82 8.30
C HIS B 3526 27.66 75.56 9.73
N CYS B 3527 28.52 74.57 9.93
CA CYS B 3527 29.05 74.30 11.26
C CYS B 3527 29.94 75.45 11.72
N VAL B 3528 30.75 76.01 10.81
CA VAL B 3528 31.57 77.16 11.16
C VAL B 3528 30.68 78.33 11.55
N ALA B 3529 29.61 78.54 10.78
CA ALA B 3529 28.68 79.62 11.10
C ALA B 3529 28.02 79.40 12.45
N ALA B 3530 27.60 78.17 12.73
CA ALA B 3530 26.98 77.87 14.02
C ALA B 3530 27.97 78.05 15.15
N ILE B 3531 29.23 77.68 14.92
CA ILE B 3531 30.27 77.87 15.92
C ILE B 3531 30.39 79.35 16.26
N LEU B 3532 30.48 80.18 15.22
CA LEU B 3532 30.59 81.61 15.43
C LEU B 3532 29.37 82.14 16.18
N TRP B 3533 28.19 81.73 15.73
CA TRP B 3533 26.95 82.19 16.36
C TRP B 3533 26.91 81.84 17.83
N HIS B 3534 27.16 80.57 18.15
CA HIS B 3534 27.00 80.13 19.53
C HIS B 3534 28.11 80.68 20.42
N SER B 3535 29.29 80.91 19.87
CA SER B 3535 30.34 81.56 20.66
C SER B 3535 30.00 83.02 20.92
N TYR B 3536 29.44 83.71 19.93
CA TYR B 3536 29.00 85.08 20.15
C TYR B 3536 27.91 85.15 21.21
N GLU B 3537 26.96 84.22 21.15
CA GLU B 3537 25.88 84.22 22.14
C GLU B 3537 26.30 83.58 23.46
N LEU B 3538 27.50 82.99 23.54
CA LEU B 3538 27.96 82.35 24.76
C LEU B 3538 28.85 83.24 25.60
N LEU B 3539 29.22 84.43 25.11
CA LEU B 3539 30.07 85.34 25.87
C LEU B 3539 31.39 84.68 26.22
N VAL B 3540 32.15 84.34 25.18
CA VAL B 3540 33.42 83.65 25.37
C VAL B 3540 34.42 84.58 26.04
N GLU B 3541 35.50 84.00 26.55
CA GLU B 3541 36.54 84.74 27.26
C GLU B 3541 37.73 85.10 26.38
N TYR B 3542 37.61 84.93 25.06
CA TYR B 3542 38.63 85.38 24.13
C TYR B 3542 37.99 86.43 23.22
N ASP B 3543 38.81 87.08 22.40
CA ASP B 3543 38.34 88.18 21.57
C ASP B 3543 37.73 87.61 20.30
N LEU B 3544 36.49 87.14 20.42
CA LEU B 3544 35.78 86.60 19.26
C LEU B 3544 35.55 87.64 18.18
N PRO B 3545 35.04 88.84 18.48
CA PRO B 3545 34.81 89.81 17.40
C PRO B 3545 36.07 90.19 16.62
N ALA B 3546 37.22 90.23 17.28
CA ALA B 3546 38.45 90.62 16.59
C ALA B 3546 38.80 89.66 15.46
N LEU B 3547 38.46 88.38 15.60
CA LEU B 3547 38.77 87.42 14.56
C LEU B 3547 37.95 87.65 13.30
N LEU B 3548 36.73 88.17 13.45
CA LEU B 3548 35.84 88.39 12.31
C LEU B 3548 36.12 89.78 11.74
N ASP B 3549 37.17 89.85 10.94
CA ASP B 3549 37.53 91.11 10.33
C ASP B 3549 36.66 91.38 9.11
N GLN B 3550 36.68 92.64 8.68
CA GLN B 3550 35.85 93.03 7.55
C GLN B 3550 36.31 92.38 6.26
N GLU B 3551 37.61 92.11 6.13
CA GLU B 3551 38.10 91.51 4.89
C GLU B 3551 37.48 90.14 4.68
N LEU B 3552 37.39 89.35 5.75
CA LEU B 3552 36.75 88.04 5.63
C LEU B 3552 35.30 88.18 5.24
N PHE B 3553 34.61 89.18 5.80
CA PHE B 3553 33.21 89.42 5.46
C PHE B 3553 33.07 89.77 3.99
N GLU B 3554 33.96 90.61 3.47
CA GLU B 3554 33.91 90.96 2.06
C GLU B 3554 34.18 89.73 1.20
N LEU B 3555 35.13 88.90 1.60
CA LEU B 3555 35.41 87.68 0.85
C LEU B 3555 34.16 86.79 0.80
N LEU B 3556 33.49 86.61 1.93
CA LEU B 3556 32.31 85.75 1.96
C LEU B 3556 31.20 86.33 1.10
N PHE B 3557 31.03 87.65 1.14
CA PHE B 3557 30.01 88.27 0.31
C PHE B 3557 30.32 88.04 -1.16
N ASN B 3558 31.57 88.25 -1.55
CA ASN B 3558 31.96 88.03 -2.94
C ASN B 3558 31.72 86.58 -3.34
N TRP B 3559 32.07 85.66 -2.44
CA TRP B 3559 31.85 84.23 -2.69
C TRP B 3559 30.40 83.96 -2.98
N SER B 3560 29.50 84.40 -2.09
CA SER B 3560 28.09 84.12 -2.26
C SER B 3560 27.54 84.75 -3.53
N MET B 3561 27.99 85.98 -3.84
CA MET B 3561 27.52 86.64 -5.06
C MET B 3561 28.05 85.95 -6.31
N SER B 3562 29.15 85.20 -6.20
CA SER B 3562 29.65 84.48 -7.36
C SER B 3562 28.87 83.21 -7.65
N LEU B 3563 28.06 82.68 -6.65
CA LEU B 3563 27.38 81.41 -6.79
C LEU B 3563 25.97 81.58 -7.34
N PRO B 3564 25.45 80.58 -8.05
CA PRO B 3564 24.05 80.63 -8.50
C PRO B 3564 23.09 80.51 -7.33
N CYS B 3565 21.87 81.00 -7.55
CA CYS B 3565 20.88 81.06 -6.49
C CYS B 3565 20.33 79.68 -6.15
N ASN B 3566 19.92 79.52 -4.90
CA ASN B 3566 19.36 78.30 -4.34
C ASN B 3566 20.37 77.17 -4.23
N MET B 3567 21.62 77.36 -4.65
CA MET B 3567 22.62 76.32 -4.47
C MET B 3567 22.91 76.17 -2.98
N VAL B 3568 23.01 74.92 -2.53
CA VAL B 3568 23.18 74.67 -1.10
C VAL B 3568 24.48 75.29 -0.60
N LEU B 3569 25.54 75.25 -1.41
CA LEU B 3569 26.78 75.89 -1.03
C LEU B 3569 26.59 77.39 -0.84
N LYS B 3570 25.83 78.02 -1.74
CA LYS B 3570 25.54 79.44 -1.59
C LYS B 3570 24.76 79.68 -0.31
N LYS B 3571 23.84 78.77 0.01
CA LYS B 3571 23.10 78.90 1.27
C LYS B 3571 24.03 78.84 2.46
N ALA B 3572 25.03 77.96 2.41
CA ALA B 3572 25.97 77.86 3.52
C ALA B 3572 26.84 79.10 3.65
N VAL B 3573 27.33 79.62 2.52
CA VAL B 3573 28.12 80.84 2.57
C VAL B 3573 27.28 81.99 3.11
N ASP B 3574 26.00 82.01 2.75
CA ASP B 3574 25.11 83.04 3.27
C ASP B 3574 24.81 82.85 4.74
N SER B 3575 24.79 81.62 5.23
CA SER B 3575 24.69 81.40 6.66
C SER B 3575 25.91 81.94 7.39
N LEU B 3576 27.10 81.75 6.80
CA LEU B 3576 28.30 82.34 7.38
C LEU B 3576 28.18 83.87 7.40
N LEU B 3577 27.70 84.45 6.31
CA LEU B 3577 27.51 85.89 6.27
C LEU B 3577 26.51 86.34 7.33
N CYS B 3578 25.45 85.56 7.53
CA CYS B 3578 24.47 85.87 8.56
C CYS B 3578 25.12 85.89 9.93
N SER B 3579 25.95 84.90 10.22
CA SER B 3579 26.62 84.86 11.52
C SER B 3579 27.55 86.06 11.70
N MET B 3580 28.31 86.41 10.65
CA MET B 3580 29.22 87.54 10.75
C MET B 3580 28.44 88.84 10.96
N CYS B 3581 27.31 88.99 10.27
CA CYS B 3581 26.46 90.15 10.48
C CYS B 3581 25.93 90.18 11.90
N HIS B 3582 25.58 89.03 12.44
CA HIS B 3582 25.10 88.99 13.82
C HIS B 3582 26.21 89.40 14.79
N VAL B 3583 27.46 89.08 14.47
CA VAL B 3583 28.56 89.51 15.33
C VAL B 3583 28.87 90.99 15.11
N HIS B 3584 28.96 91.43 13.86
CA HIS B 3584 29.16 92.83 13.52
C HIS B 3584 27.93 93.33 12.78
N PRO B 3585 26.96 93.92 13.47
CA PRO B 3585 25.79 94.45 12.76
C PRO B 3585 26.16 95.48 11.72
N ASN B 3586 27.14 96.32 12.02
CA ASN B 3586 27.56 97.35 11.06
C ASN B 3586 28.01 96.73 9.74
N TYR B 3587 28.59 95.54 9.77
CA TYR B 3587 28.92 94.85 8.52
C TYR B 3587 27.69 94.73 7.64
N PHE B 3588 26.53 94.43 8.24
CA PHE B 3588 25.30 94.33 7.47
C PHE B 3588 25.03 95.60 6.70
N SER B 3589 25.17 96.75 7.36
CA SER B 3589 25.06 98.03 6.66
C SER B 3589 25.99 98.05 5.46
N LEU B 3590 27.26 97.69 5.68
CA LEU B 3590 28.20 97.61 4.57
C LEU B 3590 27.71 96.68 3.49
N LEU B 3591 27.16 95.52 3.89
CA LEU B 3591 26.58 94.60 2.91
C LEU B 3591 25.55 95.30 2.04
N MET B 3592 24.57 95.94 2.67
CA MET B 3592 23.54 96.63 1.90
C MET B 3592 24.14 97.72 1.04
N GLY B 3593 25.24 98.32 1.49
CA GLY B 3593 25.90 99.30 0.66
C GLY B 3593 26.49 98.67 -0.59
N TRP B 3594 26.97 97.44 -0.46
CA TRP B 3594 27.62 96.78 -1.59
C TRP B 3594 26.62 96.32 -2.64
N MET B 3595 25.35 96.15 -2.26
CA MET B 3595 24.31 95.76 -3.21
C MET B 3595 23.57 96.94 -3.81
N GLY B 3596 23.85 98.16 -3.37
CA GLY B 3596 23.25 99.34 -3.93
C GLY B 3596 22.13 99.96 -3.12
N ILE B 3597 21.83 99.44 -1.94
CA ILE B 3597 20.81 100.05 -1.10
C ILE B 3597 21.44 101.18 -0.30
N LEU B 3634 18.21 101.74 -8.95
CA LEU B 3634 18.49 100.52 -8.18
C LEU B 3634 18.28 99.29 -9.05
N ALA B 3635 19.17 98.30 -8.90
CA ALA B 3635 19.08 97.06 -9.65
C ALA B 3635 19.39 95.89 -8.71
N LEU B 3636 18.35 95.25 -8.18
CA LEU B 3636 18.51 94.11 -7.30
C LEU B 3636 18.20 92.84 -8.07
N THR B 3637 19.21 91.98 -8.25
CA THR B 3637 18.97 90.69 -8.89
C THR B 3637 18.42 89.72 -7.86
N GLU B 3638 17.96 88.56 -8.34
CA GLU B 3638 17.42 87.57 -7.41
C GLU B 3638 18.51 87.07 -6.47
N SER B 3639 19.76 87.02 -6.94
CA SER B 3639 20.87 86.64 -6.07
C SER B 3639 21.06 87.64 -4.95
N HIS B 3640 20.99 88.93 -5.28
CA HIS B 3640 21.08 89.95 -4.24
C HIS B 3640 19.99 89.76 -3.20
N LEU B 3641 18.77 89.50 -3.65
CA LEU B 3641 17.67 89.30 -2.71
C LEU B 3641 17.91 88.08 -1.84
N ALA B 3642 18.37 86.99 -2.43
CA ALA B 3642 18.62 85.78 -1.65
C ALA B 3642 19.69 86.04 -0.60
N THR B 3643 20.78 86.67 -1.00
CA THR B 3643 21.88 86.93 -0.07
C THR B 3643 21.42 87.83 1.07
N LEU B 3644 20.68 88.91 0.74
CA LEU B 3644 20.22 89.82 1.78
C LEU B 3644 19.24 89.12 2.71
N ALA B 3645 18.34 88.33 2.17
CA ALA B 3645 17.37 87.63 3.00
C ALA B 3645 18.07 86.68 3.96
N SER B 3646 19.08 85.96 3.46
CA SER B 3646 19.80 85.03 4.31
C SER B 3646 20.59 85.77 5.39
N SER B 3647 21.35 86.79 4.99
CA SER B 3647 22.22 87.50 5.92
C SER B 3647 21.44 88.38 6.88
N SER B 3648 20.21 88.73 6.56
CA SER B 3648 19.43 89.66 7.36
C SER B 3648 18.72 89.00 8.54
N GLN B 3649 18.93 87.71 8.75
CA GLN B 3649 18.21 86.99 9.78
C GLN B 3649 18.84 87.19 11.16
N SER B 3650 19.01 88.43 11.58
CA SER B 3650 19.46 88.73 12.94
C SER B 3650 18.66 89.90 13.50
N PRO B 3651 18.53 89.99 14.82
CA PRO B 3651 17.79 91.14 15.38
C PRO B 3651 18.36 92.46 14.94
N GLU B 3652 19.67 92.68 15.12
CA GLU B 3652 20.29 93.91 14.64
C GLU B 3652 20.20 94.00 13.12
N ALA B 3653 20.47 92.90 12.44
CA ALA B 3653 20.45 92.92 10.98
C ALA B 3653 19.04 93.19 10.46
N ILE B 3654 18.02 92.58 11.08
CA ILE B 3654 16.66 92.81 10.62
C ILE B 3654 16.24 94.25 10.91
N LYS B 3655 16.63 94.78 12.07
CA LYS B 3655 16.31 96.15 12.38
C LYS B 3655 16.93 97.11 11.38
N GLN B 3656 18.20 96.89 11.03
CA GLN B 3656 18.84 97.74 10.02
C GLN B 3656 18.20 97.56 8.65
N LEU B 3657 17.83 96.33 8.30
CA LEU B 3657 17.17 96.14 7.01
C LEU B 3657 15.88 96.92 6.94
N LEU B 3658 15.09 96.88 8.01
CA LEU B 3658 13.86 97.66 8.04
C LEU B 3658 14.15 99.14 7.91
N ASP B 3659 15.16 99.62 8.64
CA ASP B 3659 15.49 101.03 8.61
C ASP B 3659 16.13 101.48 7.30
N SER B 3660 16.54 100.56 6.43
CA SER B 3660 17.07 100.95 5.14
C SER B 3660 15.98 101.38 4.16
N GLY B 3661 14.74 101.01 4.41
CA GLY B 3661 13.65 101.35 3.52
C GLY B 3661 13.47 100.40 2.35
N LEU B 3662 14.35 99.42 2.19
CA LEU B 3662 14.20 98.48 1.08
C LEU B 3662 12.92 97.66 1.20
N PRO B 3663 12.55 97.10 2.35
CA PRO B 3663 11.29 96.35 2.39
C PRO B 3663 10.09 97.20 2.01
N SER B 3664 10.04 98.45 2.48
CA SER B 3664 8.94 99.33 2.11
C SER B 3664 8.94 99.62 0.62
N LEU B 3665 10.12 99.88 0.05
CA LEU B 3665 10.20 100.15 -1.37
C LEU B 3665 9.72 98.96 -2.18
N LEU B 3666 10.14 97.76 -1.80
CA LEU B 3666 9.69 96.56 -2.50
C LEU B 3666 8.18 96.39 -2.39
N VAL B 3667 7.62 96.58 -1.19
CA VAL B 3667 6.19 96.38 -1.01
C VAL B 3667 5.41 97.39 -1.85
N ARG B 3668 5.82 98.65 -1.82
CA ARG B 3668 5.12 99.67 -2.61
C ARG B 3668 5.25 99.39 -4.10
N SER B 3669 6.44 99.00 -4.57
CA SER B 3669 6.61 98.71 -5.98
C SER B 3669 5.77 97.51 -6.39
N LEU B 3670 5.68 96.50 -5.54
CA LEU B 3670 4.87 95.33 -5.84
C LEU B 3670 3.39 95.69 -5.91
N ALA B 3671 2.91 96.52 -4.98
CA ALA B 3671 1.52 96.93 -5.04
C ALA B 3671 1.25 97.73 -6.30
N SER B 3672 2.17 98.62 -6.67
CA SER B 3672 2.00 99.39 -7.90
C SER B 3672 1.95 98.48 -9.11
N PHE B 3673 2.80 97.45 -9.14
CA PHE B 3673 2.75 96.49 -10.24
C PHE B 3673 1.41 95.78 -10.26
N CYS B 3674 0.92 95.36 -9.09
CA CYS B 3674 -0.32 94.59 -9.03
C CYS B 3674 -1.49 95.40 -9.55
N PHE B 3675 -1.57 96.67 -9.16
CA PHE B 3675 -2.71 97.48 -9.58
C PHE B 3675 -2.62 97.88 -11.04
N SER B 3676 -1.50 97.62 -11.72
CA SER B 3676 -1.36 97.93 -13.13
C SER B 3676 -1.83 96.76 -13.99
N LYS B 3706 8.22 102.86 -5.99
CA LYS B 3706 9.15 103.75 -6.68
C LYS B 3706 10.23 102.99 -7.46
N MET B 3707 10.14 101.66 -7.46
CA MET B 3707 11.08 100.87 -8.24
C MET B 3707 10.34 100.13 -9.36
N PRO B 3708 10.93 100.02 -10.55
CA PRO B 3708 10.29 99.24 -11.62
C PRO B 3708 10.30 97.75 -11.30
N ILE B 3709 9.11 97.17 -11.22
CA ILE B 3709 8.93 95.77 -10.87
C ILE B 3709 8.19 95.10 -12.02
N THR B 3710 8.72 93.97 -12.48
CA THR B 3710 8.09 93.18 -13.53
C THR B 3710 7.54 91.89 -12.94
N ALA B 3711 6.64 91.25 -13.70
CA ALA B 3711 6.00 90.03 -13.22
C ALA B 3711 7.01 88.94 -12.91
N ASP B 3712 8.16 88.94 -13.58
CA ASP B 3712 9.15 87.90 -13.32
C ASP B 3712 9.79 88.08 -11.95
N LEU B 3713 9.94 89.32 -11.50
CA LEU B 3713 10.54 89.59 -10.21
C LEU B 3713 9.55 89.49 -9.06
N VAL B 3714 8.27 89.35 -9.36
CA VAL B 3714 7.26 89.28 -8.31
C VAL B 3714 7.48 88.05 -7.43
N ALA B 3715 7.59 86.88 -8.06
CA ALA B 3715 7.82 85.67 -7.28
C ALA B 3715 9.13 85.71 -6.53
N PRO B 3716 10.26 86.09 -7.13
CA PRO B 3716 11.48 86.25 -6.33
C PRO B 3716 11.28 87.21 -5.18
N ILE B 3717 10.55 88.30 -5.39
CA ILE B 3717 10.36 89.28 -4.33
C ILE B 3717 9.45 88.71 -3.24
N LEU B 3718 8.42 87.97 -3.64
CA LEU B 3718 7.56 87.34 -2.63
C LEU B 3718 8.34 86.35 -1.79
N ARG B 3719 9.21 85.55 -2.41
CA ARG B 3719 10.04 84.63 -1.65
C ARG B 3719 11.00 85.38 -0.75
N PHE B 3720 11.58 86.47 -1.26
CA PHE B 3720 12.49 87.27 -0.45
C PHE B 3720 11.78 87.80 0.78
N LEU B 3721 10.57 88.32 0.60
CA LEU B 3721 9.79 88.82 1.72
C LEU B 3721 9.44 87.69 2.68
N THR B 3722 9.15 86.51 2.15
CA THR B 3722 8.86 85.37 3.00
C THR B 3722 10.05 85.03 3.89
N GLU B 3723 11.24 84.95 3.29
CA GLU B 3723 12.43 84.57 4.05
C GLU B 3723 12.73 85.58 5.14
N VAL B 3724 12.67 86.87 4.81
CA VAL B 3724 12.96 87.88 5.82
C VAL B 3724 11.85 87.93 6.86
N GLY B 3725 10.64 87.54 6.49
CA GLY B 3725 9.54 87.51 7.44
C GLY B 3725 9.59 86.38 8.43
N ASN B 3726 10.48 85.40 8.24
CA ASN B 3726 10.79 84.43 9.27
C ASN B 3726 10.95 85.09 10.63
N SER B 3727 11.58 86.26 10.66
CA SER B 3727 11.70 87.01 11.91
C SER B 3727 10.34 87.55 12.32
N HIS B 3728 10.09 87.59 13.63
CA HIS B 3728 8.80 88.10 14.09
C HIS B 3728 8.67 89.59 13.86
N ILE B 3729 9.78 90.33 13.89
CA ILE B 3729 9.71 91.77 13.64
C ILE B 3729 9.29 92.04 12.20
N MET B 3730 9.93 91.36 11.25
CA MET B 3730 9.52 91.53 9.86
C MET B 3730 8.14 90.93 9.63
N LYS B 3731 7.74 89.94 10.43
CA LYS B 3731 6.38 89.42 10.31
C LYS B 3731 5.35 90.46 10.73
N ASP B 3732 5.62 91.20 11.81
CA ASP B 3732 4.75 92.30 12.18
C ASP B 3732 4.74 93.39 11.13
N TRP B 3733 5.92 93.72 10.58
CA TRP B 3733 5.98 94.75 9.55
C TRP B 3733 5.19 94.36 8.31
N LEU B 3734 5.32 93.12 7.86
CA LEU B 3734 4.60 92.71 6.66
C LEU B 3734 3.09 92.73 6.88
N GLY B 3735 2.66 92.50 8.11
CA GLY B 3735 1.26 92.56 8.47
C GLY B 3735 0.80 93.93 8.94
N GLY B 3736 1.61 94.96 8.78
CA GLY B 3736 1.26 96.27 9.23
C GLY B 3736 0.36 96.99 8.25
N SER B 3737 -0.05 98.19 8.65
CA SER B 3737 -0.99 98.96 7.84
C SER B 3737 -0.40 99.30 6.48
N GLU B 3738 0.89 99.63 6.42
CA GLU B 3738 1.47 100.04 5.14
C GLU B 3738 1.51 98.91 4.13
N VAL B 3739 1.56 97.66 4.58
CA VAL B 3739 1.74 96.54 3.66
C VAL B 3739 0.44 95.78 3.40
N ASN B 3740 -0.53 95.85 4.29
CA ASN B 3740 -1.74 95.06 4.12
C ASN B 3740 -2.48 95.44 2.83
N PRO B 3741 -2.30 96.66 2.29
CA PRO B 3741 -2.84 96.91 0.94
C PRO B 3741 -2.23 96.01 -0.10
N LEU B 3742 -0.97 95.60 0.07
CA LEU B 3742 -0.32 94.76 -0.92
C LEU B 3742 -1.02 93.41 -1.00
N TRP B 3743 -1.57 92.95 0.13
CA TRP B 3743 -2.28 91.69 0.16
C TRP B 3743 -3.48 91.72 -0.77
N THR B 3744 -4.30 92.77 -0.65
CA THR B 3744 -5.43 92.96 -1.55
C THR B 3744 -4.95 93.13 -2.98
N ALA B 3745 -3.83 93.83 -3.17
CA ALA B 3745 -3.31 94.02 -4.52
C ALA B 3745 -2.99 92.69 -5.17
N LEU B 3746 -2.32 91.81 -4.45
CA LEU B 3746 -2.00 90.48 -4.98
C LEU B 3746 -3.26 89.68 -5.25
N LEU B 3747 -4.19 89.68 -4.28
CA LEU B 3747 -5.40 88.89 -4.47
C LEU B 3747 -6.18 89.35 -5.69
N PHE B 3748 -6.27 90.68 -5.88
CA PHE B 3748 -6.91 91.21 -7.08
C PHE B 3748 -6.15 90.80 -8.33
N LEU B 3749 -4.82 90.85 -8.28
CA LEU B 3749 -4.03 90.49 -9.45
C LEU B 3749 -4.28 89.05 -9.85
N LEU B 3750 -4.48 88.16 -8.88
CA LEU B 3750 -4.68 86.75 -9.18
C LEU B 3750 -6.13 86.36 -9.32
N CYS B 3751 -7.06 87.16 -8.79
CA CYS B 3751 -8.48 86.89 -8.92
C CYS B 3751 -9.16 87.98 -9.73
N LEU B 3782 -0.30 88.40 -17.30
CA LEU B 3782 0.55 87.37 -16.71
C LEU B 3782 0.55 86.12 -17.58
N THR B 3783 1.72 85.55 -17.80
CA THR B 3783 1.81 84.27 -18.49
C THR B 3783 1.47 83.13 -17.54
N THR B 3784 1.10 81.98 -18.12
CA THR B 3784 0.66 80.87 -17.30
C THR B 3784 1.74 80.43 -16.33
N GLN B 3785 2.99 80.31 -16.81
CA GLN B 3785 4.08 79.96 -15.91
C GLN B 3785 4.31 81.06 -14.88
N GLN B 3786 4.30 82.32 -15.32
CA GLN B 3786 4.45 83.43 -14.40
C GLN B 3786 3.32 83.45 -13.38
N ARG B 3787 2.09 83.22 -13.85
CA ARG B 3787 0.95 83.21 -12.95
C ARG B 3787 1.06 82.08 -11.93
N THR B 3788 1.49 80.89 -12.37
CA THR B 3788 1.64 79.78 -11.43
C THR B 3788 2.72 80.06 -10.40
N ALA B 3789 3.85 80.61 -10.85
CA ALA B 3789 4.91 80.93 -9.91
C ALA B 3789 4.44 81.97 -8.90
N ILE B 3790 3.72 82.99 -9.37
CA ILE B 3790 3.25 84.03 -8.47
C ILE B 3790 2.22 83.46 -7.50
N GLU B 3791 1.38 82.56 -7.97
CA GLU B 3791 0.39 81.94 -7.10
C GLU B 3791 1.07 81.14 -5.99
N ASN B 3792 2.05 80.33 -6.36
CA ASN B 3792 2.75 79.52 -5.36
C ASN B 3792 3.47 80.43 -4.35
N ALA B 3793 4.16 81.45 -4.85
CA ALA B 3793 4.88 82.35 -3.97
C ALA B 3793 3.92 83.09 -3.06
N THR B 3794 2.76 83.48 -3.58
CA THR B 3794 1.78 84.22 -2.79
C THR B 3794 1.18 83.34 -1.69
N VAL B 3795 0.85 82.10 -2.02
CA VAL B 3795 0.34 81.19 -1.00
C VAL B 3795 1.37 81.00 0.10
N ALA B 3796 2.62 80.76 -0.29
CA ALA B 3796 3.68 80.60 0.70
C ALA B 3796 3.85 81.86 1.52
N PHE B 3797 3.77 83.02 0.87
CA PHE B 3797 3.96 84.29 1.53
C PHE B 3797 2.89 84.52 2.60
N PHE B 3798 1.63 84.26 2.25
CA PHE B 3798 0.55 84.45 3.22
C PHE B 3798 0.65 83.43 4.35
N LEU B 3799 0.97 82.18 4.03
CA LEU B 3799 1.12 81.18 5.07
C LEU B 3799 2.22 81.56 6.05
N GLN B 3800 3.31 82.10 5.54
CA GLN B 3800 4.39 82.56 6.42
C GLN B 3800 3.94 83.77 7.23
N CYS B 3801 3.23 84.70 6.59
CA CYS B 3801 2.83 85.91 7.27
C CYS B 3801 1.91 85.60 8.45
N ILE B 3802 0.95 84.70 8.25
CA ILE B 3802 -0.01 84.39 9.31
C ILE B 3802 0.41 83.23 10.19
N SER B 3803 1.56 82.60 9.90
CA SER B 3803 1.98 81.43 10.65
C SER B 3803 2.16 81.77 12.12
N CYS B 3804 1.24 81.27 12.95
CA CYS B 3804 1.27 81.51 14.41
C CYS B 3804 1.36 83.00 14.72
N HIS B 3805 0.66 83.81 13.92
CA HIS B 3805 0.64 85.27 14.08
C HIS B 3805 -0.82 85.69 14.10
N PRO B 3806 -1.41 85.83 15.29
CA PRO B 3806 -2.84 86.18 15.35
C PRO B 3806 -3.19 87.43 14.57
N ASN B 3807 -2.34 88.46 14.61
CA ASN B 3807 -2.65 89.70 13.92
C ASN B 3807 -2.72 89.48 12.41
N ASN B 3808 -1.74 88.79 11.85
CA ASN B 3808 -1.77 88.52 10.42
C ASN B 3808 -2.87 87.55 10.04
N GLN B 3809 -3.23 86.61 10.93
CA GLN B 3809 -4.37 85.75 10.65
C GLN B 3809 -5.65 86.57 10.54
N LYS B 3810 -5.85 87.50 11.48
CA LYS B 3810 -7.00 88.38 11.42
C LYS B 3810 -6.99 89.20 10.14
N LEU B 3811 -5.83 89.75 9.79
CA LEU B 3811 -5.75 90.58 8.60
C LEU B 3811 -6.09 89.80 7.34
N MET B 3812 -5.57 88.58 7.22
CA MET B 3812 -5.82 87.83 5.99
C MET B 3812 -7.27 87.35 5.94
N ALA B 3813 -7.83 86.96 7.08
CA ALA B 3813 -9.24 86.58 7.10
C ALA B 3813 -10.11 87.77 6.68
N GLN B 3814 -9.80 88.96 7.19
CA GLN B 3814 -10.55 90.15 6.79
C GLN B 3814 -10.42 90.40 5.30
N VAL B 3815 -9.20 90.27 4.76
CA VAL B 3815 -9.00 90.51 3.33
C VAL B 3815 -9.82 89.52 2.51
N LEU B 3816 -9.82 88.25 2.90
CA LEU B 3816 -10.59 87.26 2.15
C LEU B 3816 -12.09 87.51 2.25
N CYS B 3817 -12.57 87.88 3.43
CA CYS B 3817 -13.99 88.20 3.56
C CYS B 3817 -14.35 89.36 2.67
N GLU B 3818 -13.49 90.38 2.61
CA GLU B 3818 -13.71 91.49 1.69
C GLU B 3818 -13.72 91.02 0.25
N LEU B 3819 -12.82 90.09 -0.10
CA LEU B 3819 -12.78 89.57 -1.46
C LEU B 3819 -14.09 88.91 -1.83
N PHE B 3820 -14.69 88.15 -0.92
CA PHE B 3820 -15.93 87.46 -1.26
C PHE B 3820 -17.14 88.38 -1.29
N GLN B 3821 -17.07 89.55 -0.65
CA GLN B 3821 -18.16 90.50 -0.66
C GLN B 3821 -17.90 91.59 -1.68
N ILE B 3835 -16.74 80.77 -5.88
CA ILE B 3835 -15.57 80.26 -5.16
C ILE B 3835 -14.92 79.17 -6.00
N SER B 3836 -14.08 79.59 -6.93
CA SER B 3836 -13.42 78.66 -7.85
C SER B 3836 -12.15 79.30 -8.38
N GLY B 3837 -11.25 78.45 -8.88
CA GLY B 3837 -10.00 78.91 -9.42
C GLY B 3837 -8.89 79.06 -8.38
N PHE B 3838 -8.12 80.13 -8.47
CA PHE B 3838 -7.01 80.33 -7.54
C PHE B 3838 -7.49 80.48 -6.11
N ILE B 3839 -8.63 81.15 -5.91
CA ILE B 3839 -9.06 81.48 -4.56
C ILE B 3839 -9.39 80.21 -3.78
N ARG B 3840 -10.01 79.23 -4.45
CA ARG B 3840 -10.32 77.98 -3.76
C ARG B 3840 -9.05 77.27 -3.32
N ARG B 3841 -8.05 77.22 -4.20
CA ARG B 3841 -6.77 76.60 -3.85
C ARG B 3841 -6.12 77.32 -2.69
N LEU B 3842 -6.13 78.65 -2.72
CA LEU B 3842 -5.53 79.43 -1.64
C LEU B 3842 -6.22 79.12 -0.32
N PHE B 3843 -7.55 79.11 -0.32
CA PHE B 3843 -8.27 78.82 0.92
C PHE B 3843 -7.94 77.42 1.42
N LEU B 3844 -7.86 76.45 0.50
CA LEU B 3844 -7.55 75.08 0.91
C LEU B 3844 -6.17 74.99 1.54
N GLN B 3845 -5.18 75.63 0.91
CA GLN B 3845 -3.81 75.52 1.39
C GLN B 3845 -3.59 76.30 2.67
N LEU B 3846 -4.27 77.43 2.84
CA LEU B 3846 -3.96 78.35 3.92
C LEU B 3846 -4.73 78.03 5.19
N MET B 3847 -6.05 77.85 5.09
CA MET B 3847 -6.89 77.63 6.25
C MET B 3847 -7.27 76.16 6.43
N LEU B 3848 -7.45 75.42 5.34
CA LEU B 3848 -7.84 74.02 5.41
C LEU B 3848 -6.65 73.08 5.49
N GLU B 3849 -5.51 73.57 5.99
CA GLU B 3849 -4.38 72.70 6.30
C GLU B 3849 -3.85 73.04 7.69
N ASP B 3850 -3.40 72.01 8.40
CA ASP B 3850 -2.93 72.17 9.76
C ASP B 3850 -1.68 73.05 9.77
N GLU B 3851 -1.59 73.93 10.77
CA GLU B 3851 -0.44 74.81 10.87
C GLU B 3851 0.80 74.03 11.28
N LYS B 3852 1.91 74.33 10.63
CA LYS B 3852 3.20 73.70 10.93
C LYS B 3852 4.13 74.73 11.54
N VAL B 3853 4.72 74.39 12.68
CA VAL B 3853 5.66 75.26 13.36
C VAL B 3853 7.01 74.56 13.39
N THR B 3854 8.08 75.34 13.33
CA THR B 3854 9.43 74.81 13.43
C THR B 3854 9.83 74.76 14.89
N MET B 3855 10.24 73.58 15.34
CA MET B 3855 10.62 73.33 16.72
C MET B 3855 12.14 73.18 16.81
N PHE B 3856 12.75 73.94 17.72
CA PHE B 3856 14.20 73.94 17.92
C PHE B 3856 14.49 73.26 19.25
N LEU B 3857 15.11 72.08 19.18
CA LEU B 3857 15.39 71.26 20.35
C LEU B 3857 16.87 71.34 20.70
N GLN B 3858 17.15 71.67 21.96
CA GLN B 3858 18.49 71.58 22.52
C GLN B 3858 18.54 70.44 23.52
N SER B 3859 19.71 69.81 23.63
CA SER B 3859 19.93 68.76 24.61
C SER B 3859 21.35 68.83 25.15
N PRO B 3860 21.58 68.39 26.40
CA PRO B 3860 22.95 68.22 26.87
C PRO B 3860 23.63 66.97 26.34
N CYS B 3861 22.88 66.08 25.70
CA CYS B 3861 23.42 64.83 25.17
C CYS B 3861 23.00 64.68 23.71
N PRO B 3862 23.78 63.95 22.91
CA PRO B 3862 23.44 63.83 21.49
C PRO B 3862 22.10 63.14 21.31
N LEU B 3863 21.38 63.57 20.27
CA LEU B 3863 20.10 62.98 19.90
C LEU B 3863 20.28 62.28 18.55
N TYR B 3864 20.46 60.96 18.59
CA TYR B 3864 20.78 60.21 17.38
C TYR B 3864 19.55 59.71 16.65
N LYS B 3865 18.44 59.50 17.35
CA LYS B 3865 17.26 58.93 16.70
C LYS B 3865 16.78 59.84 15.59
N GLY B 3866 16.35 59.23 14.49
CA GLY B 3866 15.84 59.96 13.35
C GLY B 3866 16.89 60.34 12.32
N ARG B 3867 18.13 59.92 12.53
CA ARG B 3867 19.25 60.28 11.66
C ARG B 3867 19.69 59.09 10.83
N ILE B 3868 20.25 59.39 9.67
CA ILE B 3868 20.74 58.39 8.73
C ILE B 3868 22.24 58.60 8.55
N ASN B 3869 23.00 57.50 8.53
CA ASN B 3869 24.45 57.58 8.43
C ASN B 3869 24.91 58.25 7.14
N ALA B 3870 24.07 58.28 6.11
CA ALA B 3870 24.46 58.87 4.85
C ALA B 3870 24.55 60.38 4.96
N THR B 3871 25.18 60.98 3.96
CA THR B 3871 25.38 62.42 3.94
C THR B 3871 24.06 63.13 3.70
N SER B 3872 23.77 64.13 4.54
CA SER B 3872 22.57 64.94 4.39
C SER B 3872 22.92 66.38 4.68
N HIS B 3873 22.54 67.27 3.76
CA HIS B 3873 22.85 68.69 3.87
C HIS B 3873 21.60 69.40 4.34
N VAL B 3874 21.48 69.60 5.64
CA VAL B 3874 20.38 70.35 6.22
C VAL B 3874 20.96 71.73 6.56
N ILE B 3875 20.82 72.67 5.64
CA ILE B 3875 21.36 74.02 5.81
C ILE B 3875 20.23 74.85 6.42
N GLN B 3876 20.22 74.94 7.74
CA GLN B 3876 19.28 75.77 8.46
C GLN B 3876 19.97 77.02 8.97
N HIS B 3877 19.21 77.86 9.66
CA HIS B 3877 19.79 79.06 10.23
C HIS B 3877 20.80 78.67 11.31
N PRO B 3878 21.98 79.30 11.36
CA PRO B 3878 22.99 78.86 12.31
C PRO B 3878 22.52 78.88 13.74
N MET B 3879 21.54 79.71 14.09
CA MET B 3879 21.04 79.71 15.46
C MET B 3879 20.37 78.39 15.82
N TYR B 3880 20.02 77.58 14.82
CA TYR B 3880 19.50 76.25 15.06
C TYR B 3880 20.59 75.24 15.33
N GLY B 3881 21.83 75.70 15.44
CA GLY B 3881 22.95 74.88 15.85
C GLY B 3881 23.38 73.86 14.82
N ALA B 3882 24.24 72.95 15.28
CA ALA B 3882 24.76 71.87 14.47
C ALA B 3882 25.16 70.74 15.39
N GLY B 3883 25.31 69.56 14.81
CA GLY B 3883 25.74 68.40 15.57
C GLY B 3883 24.57 67.60 16.14
N HIS B 3884 24.91 66.75 17.09
CA HIS B 3884 23.94 65.81 17.64
C HIS B 3884 23.14 66.36 18.81
N LYS B 3885 23.55 67.48 19.39
CA LYS B 3885 22.83 68.02 20.54
C LYS B 3885 21.77 69.04 20.16
N PHE B 3886 21.62 69.33 18.87
CA PHE B 3886 20.61 70.26 18.37
C PHE B 3886 19.80 69.58 17.28
N ARG B 3887 18.49 69.82 17.29
CA ARG B 3887 17.62 69.32 16.25
C ARG B 3887 16.56 70.36 15.95
N THR B 3888 16.14 70.40 14.68
CA THR B 3888 15.10 71.31 14.24
C THR B 3888 14.07 70.53 13.43
N LEU B 3889 12.82 70.60 13.88
CA LEU B 3889 11.73 69.86 13.27
C LEU B 3889 10.68 70.83 12.74
N HIS B 3890 9.99 70.41 11.69
CA HIS B 3890 8.88 71.16 11.09
C HIS B 3890 7.62 70.31 11.25
N LEU B 3891 6.87 70.56 12.33
CA LEU B 3891 5.79 69.69 12.74
C LEU B 3891 4.46 70.43 12.78
N PRO B 3892 3.35 69.74 12.48
CA PRO B 3892 2.03 70.37 12.65
C PRO B 3892 1.80 70.80 14.09
N VAL B 3893 1.12 71.94 14.25
CA VAL B 3893 0.87 72.46 15.59
C VAL B 3893 0.03 71.50 16.42
N SER B 3894 -0.63 70.54 15.78
CA SER B 3894 -1.38 69.52 16.49
C SER B 3894 -0.49 68.43 17.06
N THR B 3895 0.77 68.36 16.62
CA THR B 3895 1.66 67.31 17.06
C THR B 3895 1.85 67.36 18.57
N THR B 3896 1.71 66.21 19.22
CA THR B 3896 1.92 66.13 20.65
C THR B 3896 3.41 66.13 20.97
N LEU B 3897 3.75 66.68 22.13
CA LEU B 3897 5.15 66.74 22.55
C LEU B 3897 5.75 65.34 22.66
N SER B 3898 4.93 64.35 23.01
CA SER B 3898 5.43 62.97 23.07
C SER B 3898 5.93 62.52 21.70
N ASP B 3899 5.21 62.87 20.63
CA ASP B 3899 5.68 62.54 19.30
C ASP B 3899 6.99 63.27 19.00
N VAL B 3900 7.09 64.53 19.41
CA VAL B 3900 8.33 65.28 19.20
C VAL B 3900 9.50 64.55 19.86
N LEU B 3901 9.33 64.15 21.12
CA LEU B 3901 10.40 63.45 21.82
C LEU B 3901 10.70 62.12 21.16
N ASP B 3902 9.67 61.39 20.73
CA ASP B 3902 9.89 60.11 20.08
C ASP B 3902 10.65 60.28 18.77
N ARG B 3903 10.56 61.47 18.16
CA ARG B 3903 11.33 61.76 16.96
C ARG B 3903 12.81 61.97 17.24
N VAL B 3904 13.20 62.12 18.51
CA VAL B 3904 14.59 62.37 18.85
C VAL B 3904 15.08 61.35 19.87
N SER B 3905 14.17 60.51 20.37
CA SER B 3905 14.56 59.49 21.34
C SER B 3905 13.45 58.45 21.52
N VAL B 3995 14.29 58.75 31.12
CA VAL B 3995 13.15 59.53 30.66
C VAL B 3995 13.64 60.92 30.24
N PHE B 3996 13.21 61.36 29.07
CA PHE B 3996 13.57 62.68 28.53
C PHE B 3996 12.42 63.66 28.69
N HIS B 3997 12.74 64.86 29.16
CA HIS B 3997 11.76 65.91 29.44
C HIS B 3997 12.11 67.13 28.61
N LEU B 3998 11.09 67.76 28.02
CA LEU B 3998 11.28 68.96 27.23
C LEU B 3998 11.07 70.20 28.09
N PHE B 3999 12.00 71.14 27.99
CA PHE B 3999 11.93 72.39 28.74
C PHE B 3999 12.03 73.59 27.80
N HIS B 4000 11.43 74.69 28.23
CA HIS B 4000 11.58 75.99 27.59
C HIS B 4000 12.12 76.99 28.61
N LYS B 4001 12.94 77.93 28.12
CA LYS B 4001 13.56 78.90 29.00
C LYS B 4001 12.53 79.75 29.71
N LEU B 4002 11.46 80.12 29.00
CA LEU B 4002 10.41 80.94 29.60
C LEU B 4002 9.74 80.23 30.78
N LEU B 4003 9.41 78.95 30.61
CA LEU B 4003 8.87 78.15 31.73
C LEU B 4003 10.02 77.47 32.47
N ALA B 4004 10.83 78.31 33.12
CA ALA B 4004 12.03 77.81 33.77
C ALA B 4004 11.66 76.84 34.88
N GLY B 4005 12.38 75.72 34.93
CA GLY B 4005 12.23 74.76 36.00
C GLY B 4005 10.83 74.21 36.21
N GLN B 4006 10.17 73.82 35.13
CA GLN B 4006 8.82 73.25 35.21
C GLN B 4006 8.72 72.27 34.05
N PRO B 4007 8.79 70.96 34.30
CA PRO B 4007 8.68 70.00 33.21
C PRO B 4007 7.36 70.14 32.45
N LEU B 4008 7.46 70.10 31.12
CA LEU B 4008 6.28 70.20 30.26
C LEU B 4008 5.64 68.83 30.07
N PRO B 4009 4.33 68.69 30.22
CA PRO B 4009 3.69 67.40 29.92
C PRO B 4009 3.89 67.00 28.46
N ALA B 4010 4.05 65.69 28.24
CA ALA B 4010 4.40 65.18 26.92
C ALA B 4010 3.22 65.20 25.95
N GLU B 4011 2.01 65.46 26.43
CA GLU B 4011 0.81 65.44 25.60
C GLU B 4011 0.23 66.84 25.42
N MET B 4012 1.03 67.88 25.68
CA MET B 4012 0.51 69.24 25.62
C MET B 4012 0.07 69.59 24.21
N THR B 4013 0.82 69.18 23.20
CA THR B 4013 0.58 69.58 21.81
C THR B 4013 1.08 71.00 21.59
N LEU B 4014 1.54 71.30 20.37
CA LEU B 4014 2.21 72.56 20.13
C LEU B 4014 1.26 73.75 20.23
N ALA B 4015 -0.04 73.54 20.02
CA ALA B 4015 -0.98 74.64 20.18
C ALA B 4015 -1.03 75.13 21.62
N GLN B 4016 -1.09 74.20 22.58
CA GLN B 4016 -1.11 74.59 23.98
C GLN B 4016 0.20 75.25 24.37
N LEU B 4017 1.31 74.72 23.88
CA LEU B 4017 2.61 75.33 24.16
C LEU B 4017 2.69 76.74 23.61
N LEU B 4018 2.18 76.95 22.39
CA LEU B 4018 2.16 78.30 21.82
C LEU B 4018 1.28 79.23 22.66
N THR B 4019 0.14 78.73 23.12
CA THR B 4019 -0.71 79.53 24.00
C THR B 4019 0.06 79.98 25.23
N LEU B 4020 0.75 79.03 25.88
CA LEU B 4020 1.54 79.39 27.06
C LEU B 4020 2.62 80.40 26.72
N LEU B 4021 3.35 80.18 25.62
CA LEU B 4021 4.47 81.05 25.30
C LEU B 4021 4.01 82.46 24.99
N TYR B 4022 2.91 82.60 24.25
CA TYR B 4022 2.35 83.91 24.00
C TYR B 4022 1.84 84.54 25.29
N ASP B 4023 1.28 83.71 26.18
CA ASP B 4023 0.95 84.21 27.51
C ASP B 4023 2.20 84.62 28.26
N ARG B 4024 3.32 83.94 28.00
CA ARG B 4024 4.60 84.26 28.62
C ARG B 4024 5.43 85.24 27.81
N LYS B 4025 4.79 86.01 26.92
CA LYS B 4025 5.39 87.14 26.22
C LYS B 4025 6.41 86.74 25.17
N LEU B 4026 6.33 85.54 24.62
CA LEU B 4026 7.14 85.23 23.45
C LEU B 4026 6.65 86.08 22.28
N PRO B 4027 7.52 86.80 21.59
CA PRO B 4027 7.05 87.66 20.50
C PRO B 4027 6.19 86.87 19.52
N GLN B 4028 5.06 87.43 19.15
CA GLN B 4028 4.17 86.74 18.24
C GLN B 4028 4.81 86.62 16.87
N GLY B 4029 4.65 85.46 16.26
CA GLY B 4029 5.33 85.18 15.00
C GLY B 4029 6.79 84.85 15.15
N TYR B 4030 7.25 84.52 16.35
CA TYR B 4030 8.64 84.11 16.54
C TYR B 4030 8.94 82.91 15.65
N ARG B 4031 10.12 82.92 15.04
CA ARG B 4031 10.39 81.96 13.96
C ARG B 4031 10.20 80.53 14.40
N SER B 4032 10.61 80.19 15.63
CA SER B 4032 10.58 78.80 16.06
C SER B 4032 10.40 78.71 17.56
N ILE B 4033 9.92 77.56 18.00
CA ILE B 4033 9.79 77.24 19.41
C ILE B 4033 11.07 76.55 19.85
N ASP B 4034 11.85 77.21 20.72
CA ASP B 4034 13.13 76.70 21.17
C ASP B 4034 12.95 75.95 22.48
N LEU B 4035 12.99 74.62 22.43
CA LEU B 4035 12.91 73.78 23.61
C LEU B 4035 14.24 73.12 23.89
N THR B 4036 14.40 72.69 25.15
CA THR B 4036 15.58 71.99 25.63
C THR B 4036 15.17 70.61 26.09
N VAL B 4037 15.91 69.60 25.67
CA VAL B 4037 15.60 68.20 25.97
C VAL B 4037 16.46 67.80 27.16
N LYS B 4038 15.85 67.81 28.34
CA LYS B 4038 16.51 67.48 29.60
C LYS B 4038 15.98 66.15 30.13
N LEU B 4039 16.57 65.71 31.24
CA LEU B 4039 16.11 64.49 31.90
C LEU B 4039 16.53 64.46 33.37
N LEU B 4092 -2.33 71.58 33.29
CA LEU B 4092 -2.31 72.57 32.22
C LEU B 4092 -2.82 71.98 30.91
N LEU B 4093 -3.11 70.68 30.92
CA LEU B 4093 -3.59 70.02 29.72
C LEU B 4093 -4.91 70.62 29.26
N GLU B 4094 -5.69 71.19 30.17
CA GLU B 4094 -6.95 71.84 29.81
C GLU B 4094 -6.74 73.11 29.01
N THR B 4095 -5.51 73.59 28.88
CA THR B 4095 -5.27 74.83 28.15
C THR B 4095 -5.81 74.70 26.73
N CYS B 4096 -6.49 75.73 26.27
CA CYS B 4096 -7.05 75.68 24.92
C CYS B 4096 -5.95 75.83 23.88
N PRO B 4097 -5.99 75.08 22.80
CA PRO B 4097 -5.04 75.28 21.70
C PRO B 4097 -5.22 76.64 21.04
N ILE B 4098 -4.11 77.17 20.53
CA ILE B 4098 -4.13 78.46 19.87
C ILE B 4098 -5.08 78.42 18.69
N GLN B 4099 -5.81 79.50 18.47
CA GLN B 4099 -6.79 79.54 17.40
C GLN B 4099 -6.09 79.34 16.06
N SER B 4100 -6.59 78.39 15.28
CA SER B 4100 -6.10 78.13 13.95
C SER B 4100 -6.65 79.17 12.98
N PRO B 4101 -6.02 79.32 11.80
CA PRO B 4101 -6.59 80.25 10.81
C PRO B 4101 -8.03 79.95 10.47
N LEU B 4102 -8.39 78.67 10.39
CA LEU B 4102 -9.78 78.32 10.14
C LEU B 4102 -10.68 78.81 11.26
N GLN B 4103 -10.23 78.65 12.52
CA GLN B 4103 -11.05 79.06 13.65
C GLN B 4103 -11.23 80.58 13.66
N VAL B 4104 -10.17 81.33 13.37
CA VAL B 4104 -10.30 82.78 13.31
C VAL B 4104 -11.24 83.18 12.18
N PHE B 4105 -11.07 82.57 11.00
CA PHE B 4105 -11.92 82.90 9.87
C PHE B 4105 -13.38 82.62 10.18
N ALA B 4106 -13.67 81.50 10.83
CA ALA B 4106 -15.04 81.16 11.18
C ALA B 4106 -15.60 82.09 12.24
N GLY B 4107 -14.78 82.46 13.22
CA GLY B 4107 -15.20 83.38 14.26
C GLY B 4107 -15.67 84.73 13.73
N MET B 4108 -15.30 85.07 12.49
CA MET B 4108 -15.82 86.24 11.81
C MET B 4108 -17.06 85.91 10.96
N GLY B 4109 -17.64 84.74 11.14
CA GLY B 4109 -18.84 84.39 10.42
C GLY B 4109 -18.59 83.96 8.99
N GLY B 4110 -17.34 83.62 8.67
CA GLY B 4110 -17.01 83.25 7.30
C GLY B 4110 -17.67 81.97 6.87
N LEU B 4111 -17.83 81.02 7.79
CA LEU B 4111 -18.36 79.71 7.41
C LEU B 4111 -19.81 79.82 6.92
N ALA B 4112 -20.60 80.72 7.50
CA ALA B 4112 -21.93 80.99 6.96
C ALA B 4112 -21.84 81.54 5.55
N LEU B 4113 -20.88 82.43 5.29
CA LEU B 4113 -20.70 82.97 3.95
C LEU B 4113 -20.33 81.89 2.95
N ILE B 4114 -19.49 80.94 3.35
CA ILE B 4114 -19.10 79.85 2.46
C ILE B 4114 -20.31 79.07 2.00
N ALA B 4115 -21.19 78.70 2.92
CA ALA B 4115 -22.33 77.86 2.56
C ALA B 4115 -23.22 78.50 1.50
N GLU B 4116 -23.34 79.81 1.52
CA GLU B 4116 -24.12 80.52 0.50
C GLU B 4116 -23.46 80.50 -0.87
N ARG B 4117 -22.22 80.04 -0.97
CA ARG B 4117 -21.51 79.97 -2.25
C ARG B 4117 -21.20 78.54 -2.67
N LEU B 4118 -21.54 77.55 -1.85
CA LEU B 4118 -21.25 76.16 -2.17
C LEU B 4118 -21.86 75.75 -3.50
N PRO B 4183 -18.36 55.34 1.95
CA PRO B 4183 -18.57 56.54 1.13
C PRO B 4183 -19.43 57.59 1.81
N ILE B 4184 -19.12 58.86 1.59
CA ILE B 4184 -19.93 59.95 2.14
C ILE B 4184 -21.13 60.16 1.23
N PRO B 4185 -22.36 60.06 1.74
CA PRO B 4185 -23.52 60.35 0.88
C PRO B 4185 -23.51 61.78 0.36
N ALA B 4186 -23.91 61.95 -0.89
CA ALA B 4186 -24.01 63.29 -1.45
C ALA B 4186 -25.05 64.11 -0.69
N HIS B 4187 -26.14 63.46 -0.29
CA HIS B 4187 -27.19 64.15 0.48
C HIS B 4187 -26.66 64.65 1.82
N SER B 4188 -25.77 63.88 2.46
CA SER B 4188 -25.18 64.34 3.71
C SER B 4188 -24.38 65.61 3.48
N LEU B 4189 -23.60 65.65 2.39
CA LEU B 4189 -22.81 66.82 2.09
C LEU B 4189 -23.71 68.02 1.79
N ALA B 4190 -24.79 67.79 1.06
CA ALA B 4190 -25.74 68.86 0.79
C ALA B 4190 -26.33 69.41 2.08
N ALA B 4191 -26.67 68.52 3.01
CA ALA B 4191 -27.22 68.95 4.30
C ALA B 4191 -26.20 69.78 5.05
N PHE B 4192 -24.94 69.36 5.05
CA PHE B 4192 -23.91 70.14 5.73
C PHE B 4192 -23.77 71.52 5.10
N GLY B 4193 -23.75 71.57 3.77
CA GLY B 4193 -23.64 72.85 3.11
C GLY B 4193 -24.81 73.76 3.45
N LEU B 4194 -26.00 73.20 3.51
CA LEU B 4194 -27.18 73.99 3.86
C LEU B 4194 -27.12 74.46 5.32
N PHE B 4195 -26.75 73.58 6.24
CA PHE B 4195 -26.77 73.95 7.66
C PHE B 4195 -25.73 75.02 8.00
N LEU B 4196 -24.63 75.08 7.25
CA LEU B 4196 -23.58 76.05 7.55
C LEU B 4196 -24.03 77.50 7.43
N ARG B 4197 -25.16 77.76 6.75
CA ARG B 4197 -25.63 79.13 6.61
C ARG B 4197 -26.32 79.65 7.85
N LEU B 4198 -26.55 78.81 8.85
CA LEU B 4198 -27.27 79.23 10.04
C LEU B 4198 -26.35 80.01 10.99
N PRO B 4199 -26.89 81.00 11.71
CA PRO B 4199 -26.07 81.75 12.68
C PRO B 4199 -25.62 80.86 13.83
N GLY B 4200 -24.32 80.78 14.05
CA GLY B 4200 -23.76 80.03 15.15
C GLY B 4200 -23.53 78.56 14.88
N TYR B 4201 -23.98 78.05 13.73
CA TYR B 4201 -23.75 76.63 13.43
C TYR B 4201 -22.26 76.33 13.38
N ALA B 4202 -21.48 77.26 12.82
CA ALA B 4202 -20.04 77.07 12.73
C ALA B 4202 -19.40 76.89 14.10
N GLU B 4203 -19.88 77.65 15.10
CA GLU B 4203 -19.30 77.54 16.43
C GLU B 4203 -19.50 76.13 17.00
N VAL B 4204 -20.69 75.57 16.80
CA VAL B 4204 -20.95 74.20 17.25
C VAL B 4204 -20.11 73.22 16.44
N LEU B 4205 -19.94 73.51 15.15
CA LEU B 4205 -19.17 72.64 14.27
C LEU B 4205 -17.73 72.48 14.72
N LEU B 4206 -17.09 73.58 15.10
CA LEU B 4206 -15.65 73.54 15.34
C LEU B 4206 -15.26 72.85 16.64
N LYS B 4207 -16.20 72.31 17.41
CA LYS B 4207 -15.81 71.53 18.57
C LYS B 4207 -15.06 70.26 18.19
N GLU B 4208 -15.23 69.77 16.97
CA GLU B 4208 -14.43 68.67 16.44
C GLU B 4208 -13.61 69.20 15.27
N ARG B 4209 -12.40 69.68 15.57
CA ARG B 4209 -11.63 70.43 14.59
C ARG B 4209 -11.27 69.58 13.37
N LYS B 4210 -10.84 68.34 13.59
CA LYS B 4210 -10.38 67.51 12.47
C LYS B 4210 -11.54 67.12 11.56
N HIS B 4211 -12.66 66.70 12.16
CA HIS B 4211 -13.82 66.29 11.36
C HIS B 4211 -14.38 67.49 10.61
N ALA B 4212 -14.43 68.65 11.26
CA ALA B 4212 -14.88 69.86 10.58
C ALA B 4212 -13.97 70.19 9.41
N GLN B 4213 -12.66 70.06 9.59
CA GLN B 4213 -11.74 70.30 8.48
C GLN B 4213 -12.01 69.33 7.33
N CYS B 4214 -12.23 68.05 7.65
CA CYS B 4214 -12.49 67.07 6.62
C CYS B 4214 -13.76 67.42 5.85
N LEU B 4215 -14.82 67.79 6.57
CA LEU B 4215 -16.06 68.17 5.91
C LEU B 4215 -15.86 69.39 5.02
N LEU B 4216 -15.10 70.38 5.52
CA LEU B 4216 -14.88 71.59 4.74
C LEU B 4216 -14.12 71.29 3.47
N ARG B 4217 -13.15 70.38 3.55
CA ARG B 4217 -12.45 69.95 2.34
C ARG B 4217 -13.40 69.22 1.40
N LEU B 4218 -14.30 68.41 1.95
CA LEU B 4218 -15.23 67.64 1.13
C LEU B 4218 -16.15 68.56 0.33
N VAL B 4219 -16.70 69.59 0.98
CA VAL B 4219 -17.65 70.46 0.30
C VAL B 4219 -16.98 71.31 -0.79
N LEU B 4220 -15.67 71.52 -0.71
CA LEU B 4220 -14.94 72.27 -1.73
C LEU B 4220 -14.47 71.41 -2.89
N GLY B 4221 -15.07 70.24 -3.10
CA GLY B 4221 -14.67 69.44 -4.24
C GLY B 4221 -13.33 68.77 -4.09
N VAL B 4222 -12.87 68.59 -2.86
CA VAL B 4222 -11.57 67.98 -2.57
C VAL B 4222 -11.82 66.72 -1.76
N THR B 4223 -11.30 65.60 -2.25
CA THR B 4223 -11.45 64.32 -1.55
C THR B 4223 -10.28 63.97 -0.65
N ASP B 4224 -9.13 64.63 -0.80
CA ASP B 4224 -7.95 64.32 -0.02
C ASP B 4224 -7.90 65.16 1.25
N ASP B 4225 -7.46 64.54 2.33
CA ASP B 4225 -7.38 65.18 3.64
C ASP B 4225 -6.12 66.02 3.82
N GLY B 4226 -5.42 66.34 2.72
CA GLY B 4226 -4.24 67.17 2.77
C GLY B 4226 -2.95 66.46 3.04
N GLU B 4227 -2.98 65.14 3.30
CA GLU B 4227 -1.77 64.35 3.48
C GLU B 4227 -1.78 63.13 2.56
N GLY B 4228 -2.40 63.25 1.39
CA GLY B 4228 -2.39 62.19 0.40
C GLY B 4228 -3.36 61.06 0.66
N SER B 4229 -4.14 61.14 1.73
CA SER B 4229 -5.09 60.09 2.09
C SER B 4229 -6.51 60.52 1.72
N HIS B 4230 -7.20 59.65 0.98
CA HIS B 4230 -8.59 59.96 0.62
C HIS B 4230 -9.42 60.08 1.89
N ILE B 4231 -10.27 61.11 1.92
CA ILE B 4231 -11.03 61.41 3.14
C ILE B 4231 -11.91 60.23 3.53
N LEU B 4232 -12.57 59.61 2.56
CA LEU B 4232 -13.43 58.47 2.87
C LEU B 4232 -12.66 57.35 3.55
N GLN B 4233 -11.40 57.15 3.19
CA GLN B 4233 -10.56 56.14 3.81
C GLN B 4233 -9.82 56.67 5.03
N SER B 4234 -10.19 57.85 5.53
CA SER B 4234 -9.48 58.45 6.65
C SER B 4234 -10.05 57.95 7.97
N PRO B 4235 -9.31 58.17 9.07
CA PRO B 4235 -9.80 57.74 10.38
C PRO B 4235 -11.14 58.37 10.72
N SER B 4236 -12.01 57.57 11.31
CA SER B 4236 -13.34 58.03 11.76
C SER B 4236 -14.07 58.75 10.65
N ALA B 4237 -14.04 58.14 9.45
CA ALA B 4237 -14.84 58.63 8.33
C ALA B 4237 -16.31 58.27 8.46
N ASN B 4238 -16.63 57.27 9.29
CA ASN B 4238 -18.02 56.87 9.48
C ASN B 4238 -18.85 57.90 10.24
N VAL B 4239 -18.20 58.82 10.97
CA VAL B 4239 -18.97 59.88 11.61
C VAL B 4239 -19.21 61.05 10.67
N LEU B 4240 -18.47 61.15 9.57
CA LEU B 4240 -18.67 62.25 8.62
C LEU B 4240 -20.08 62.27 8.05
N PRO B 4241 -20.66 61.16 7.57
CA PRO B 4241 -21.97 61.25 6.92
C PRO B 4241 -23.06 61.85 7.79
N THR B 4242 -23.09 61.52 9.08
CA THR B 4242 -24.13 62.00 9.98
C THR B 4242 -23.67 63.15 10.87
N LEU B 4243 -22.42 63.56 10.77
CA LEU B 4243 -21.92 64.62 11.65
C LEU B 4243 -22.66 65.93 11.48
N PRO B 4244 -22.96 66.40 10.26
CA PRO B 4244 -23.65 67.69 10.14
C PRO B 4244 -24.97 67.72 10.88
N PHE B 4245 -25.73 66.63 10.85
CA PHE B 4245 -27.02 66.61 11.54
C PHE B 4245 -26.84 66.58 13.06
N HIS B 4246 -25.82 65.88 13.54
CA HIS B 4246 -25.53 65.90 14.98
C HIS B 4246 -25.15 67.31 15.43
N VAL B 4247 -24.34 67.99 14.63
CA VAL B 4247 -23.95 69.37 14.95
C VAL B 4247 -25.18 70.26 14.96
N LEU B 4248 -26.06 70.09 13.97
CA LEU B 4248 -27.27 70.90 13.91
C LEU B 4248 -28.18 70.64 15.11
N ARG B 4249 -28.29 69.37 15.52
CA ARG B 4249 -29.11 69.07 16.70
C ARG B 4249 -28.53 69.75 17.94
N SER B 4250 -27.21 69.68 18.10
CA SER B 4250 -26.58 70.36 19.23
C SER B 4250 -26.85 71.86 19.17
N LEU B 4251 -26.80 72.43 17.96
CA LEU B 4251 -27.09 73.85 17.80
C LEU B 4251 -28.50 74.18 18.24
N PHE B 4252 -29.48 73.42 17.74
CA PHE B 4252 -30.88 73.70 18.04
C PHE B 4252 -31.18 73.50 19.52
N SER B 4253 -30.62 72.44 20.12
CA SER B 4253 -30.95 72.11 21.50
C SER B 4253 -30.56 73.22 22.47
N THR B 4254 -29.51 73.97 22.18
CA THR B 4254 -29.04 75.01 23.08
C THR B 4254 -29.68 76.36 22.82
N THR B 4255 -30.62 76.46 21.89
CA THR B 4255 -31.31 77.71 21.58
C THR B 4255 -32.80 77.58 21.88
N PRO B 4256 -33.25 77.97 23.06
CA PRO B 4256 -34.67 77.79 23.42
C PRO B 4256 -35.58 78.77 22.70
N LEU B 4257 -36.87 78.46 22.71
CA LEU B 4257 -37.85 79.31 22.03
C LEU B 4257 -37.93 80.69 22.68
N THR B 4258 -37.85 80.74 24.02
CA THR B 4258 -38.08 81.99 24.72
C THR B 4258 -37.08 83.05 24.29
N THR B 4259 -35.82 82.69 24.20
CA THR B 4259 -34.79 83.63 23.76
C THR B 4259 -35.00 83.94 22.28
N ASP B 4260 -34.76 85.20 21.91
CA ASP B 4260 -34.96 85.62 20.53
C ASP B 4260 -34.14 84.77 19.56
N ASP B 4261 -32.94 84.38 19.99
CA ASP B 4261 -32.05 83.59 19.15
C ASP B 4261 -32.71 82.28 18.70
N GLY B 4262 -33.53 81.67 19.54
CA GLY B 4262 -34.19 80.43 19.13
C GLY B 4262 -35.13 80.65 17.96
N VAL B 4263 -35.96 81.69 18.03
CA VAL B 4263 -36.86 82.00 16.93
C VAL B 4263 -36.07 82.36 15.68
N LEU B 4264 -35.01 83.15 15.85
CA LEU B 4264 -34.19 83.53 14.71
C LEU B 4264 -33.61 82.30 14.01
N LEU B 4265 -33.03 81.39 14.80
CA LEU B 4265 -32.43 80.18 14.26
C LEU B 4265 -33.47 79.32 13.55
N ARG B 4266 -34.63 79.11 14.20
CA ARG B 4266 -35.67 78.28 13.58
C ARG B 4266 -36.15 78.91 12.27
N ARG B 4267 -36.34 80.23 12.26
CA ARG B 4267 -36.84 80.90 11.07
C ARG B 4267 -35.87 80.79 9.92
N MET B 4268 -34.57 80.99 10.18
CA MET B 4268 -33.59 80.83 9.11
C MET B 4268 -33.49 79.38 8.66
N ALA B 4269 -33.62 78.43 9.59
CA ALA B 4269 -33.60 77.02 9.21
C ALA B 4269 -34.75 76.70 8.26
N LEU B 4270 -35.95 77.20 8.56
CA LEU B 4270 -37.07 76.99 7.64
C LEU B 4270 -36.84 77.69 6.32
N GLU B 4271 -36.28 78.91 6.37
CA GLU B 4271 -36.14 79.70 5.15
C GLU B 4271 -35.20 79.02 4.17
N ILE B 4272 -34.02 78.61 4.65
CA ILE B 4272 -33.06 77.98 3.75
C ILE B 4272 -33.60 76.69 3.16
N GLY B 4273 -34.45 75.98 3.90
CA GLY B 4273 -34.99 74.71 3.47
C GLY B 4273 -34.55 73.51 4.30
N ALA B 4274 -34.00 73.72 5.49
CA ALA B 4274 -33.52 72.61 6.32
C ALA B 4274 -34.65 71.65 6.69
N LEU B 4275 -35.80 72.18 7.11
CA LEU B 4275 -36.93 71.32 7.44
C LEU B 4275 -37.44 70.54 6.23
N HIS B 4276 -37.56 71.19 5.08
CA HIS B 4276 -38.02 70.49 3.88
C HIS B 4276 -37.06 69.36 3.52
N LEU B 4277 -35.75 69.63 3.55
CA LEU B 4277 -34.78 68.59 3.26
C LEU B 4277 -34.88 67.46 4.27
N ILE B 4278 -35.07 67.82 5.54
CA ILE B 4278 -35.18 66.79 6.58
C ILE B 4278 -36.36 65.88 6.28
N LEU B 4279 -37.48 66.47 5.88
CA LEU B 4279 -38.68 65.68 5.59
C LEU B 4279 -38.47 64.82 4.36
N VAL B 4280 -37.76 65.35 3.35
CA VAL B 4280 -37.49 64.56 2.15
C VAL B 4280 -36.60 63.37 2.50
N CYS B 4281 -35.58 63.59 3.32
CA CYS B 4281 -34.73 62.49 3.76
C CYS B 4281 -35.52 61.47 4.57
N LEU B 4282 -36.44 61.92 5.40
CA LEU B 4282 -37.26 60.98 6.16
C LEU B 4282 -38.13 60.14 5.23
N SER B 4283 -38.73 60.78 4.23
CA SER B 4283 -39.56 60.03 3.27
C SER B 4283 -38.71 59.03 2.49
N ALA B 4284 -37.49 59.41 2.11
CA ALA B 4284 -36.65 58.52 1.33
C ALA B 4284 -36.10 57.37 2.17
N LEU B 4285 -35.84 57.61 3.46
CA LEU B 4285 -35.17 56.64 4.31
C LEU B 4285 -36.13 55.68 4.99
N SER B 4286 -37.28 56.19 5.46
CA SER B 4286 -38.32 55.34 6.02
C SER B 4286 -39.18 54.69 4.96
N HIS B 4287 -39.01 55.07 3.70
CA HIS B 4287 -39.73 54.53 2.54
C HIS B 4287 -41.18 54.99 2.50
N HIS B 4288 -41.62 55.79 3.46
CA HIS B 4288 -42.95 56.37 3.39
C HIS B 4288 -42.92 57.57 2.45
N SER B 4289 -44.08 58.16 2.22
CA SER B 4289 -44.25 59.23 1.26
C SER B 4289 -44.98 60.39 1.93
N PRO B 4290 -44.89 61.60 1.36
CA PRO B 4290 -45.60 62.72 1.96
C PRO B 4290 -47.08 62.40 2.10
N ARG B 4291 -47.65 62.78 3.24
CA ARG B 4291 -49.07 62.52 3.48
C ARG B 4291 -49.95 63.28 2.50
N VAL B 4292 -49.45 64.36 1.91
CA VAL B 4292 -50.17 65.10 0.88
C VAL B 4292 -49.23 65.41 -0.27
N ASP B 4336 -25.04 40.36 0.31
CA ASP B 4336 -26.32 40.72 -0.29
C ASP B 4336 -27.35 40.97 0.81
N VAL B 4337 -27.75 39.90 1.50
CA VAL B 4337 -28.71 40.03 2.59
C VAL B 4337 -28.12 40.89 3.69
N GLU B 4338 -26.87 40.64 4.06
CA GLU B 4338 -26.22 41.44 5.07
C GLU B 4338 -25.99 42.87 4.59
N GLN B 4339 -25.78 43.04 3.28
CA GLN B 4339 -25.65 44.39 2.73
C GLN B 4339 -26.95 45.16 2.90
N ALA B 4340 -28.08 44.54 2.56
CA ALA B 4340 -29.36 45.19 2.75
C ALA B 4340 -29.63 45.45 4.23
N LEU B 4341 -29.27 44.51 5.10
CA LEU B 4341 -29.51 44.71 6.53
C LEU B 4341 -28.69 45.88 7.07
N THR B 4342 -27.42 45.98 6.67
CA THR B 4342 -26.60 47.09 7.16
C THR B 4342 -27.03 48.41 6.54
N LYS B 4343 -27.48 48.42 5.29
CA LYS B 4343 -28.07 49.63 4.72
C LYS B 4343 -29.29 50.05 5.51
N GLN B 4344 -30.15 49.08 5.85
CA GLN B 4344 -31.33 49.37 6.65
C GLN B 4344 -30.94 49.91 8.02
N ARG B 4345 -29.91 49.34 8.63
CA ARG B 4345 -29.46 49.83 9.93
C ARG B 4345 -28.93 51.26 9.84
N LEU B 4346 -28.16 51.57 8.80
CA LEU B 4346 -27.71 52.95 8.60
C LEU B 4346 -28.90 53.87 8.41
N GLU B 4347 -29.88 53.45 7.61
CA GLU B 4347 -31.06 54.27 7.39
C GLU B 4347 -31.84 54.47 8.67
N GLU B 4348 -31.89 53.42 9.52
CA GLU B 4348 -32.55 53.52 10.81
C GLU B 4348 -31.85 54.54 11.70
N GLU B 4349 -30.52 54.55 11.67
CA GLU B 4349 -29.78 55.55 12.42
C GLU B 4349 -30.07 56.94 11.88
N HIS B 4350 -30.16 57.07 10.56
CA HIS B 4350 -30.50 58.36 9.96
C HIS B 4350 -31.88 58.82 10.41
N VAL B 4351 -32.84 57.90 10.44
CA VAL B 4351 -34.19 58.25 10.90
C VAL B 4351 -34.19 58.64 12.37
N THR B 4352 -33.44 57.90 13.20
CA THR B 4352 -33.35 58.25 14.61
C THR B 4352 -32.78 59.65 14.79
N CYS B 4353 -31.67 59.95 14.10
CA CYS B 4353 -31.04 61.25 14.24
C CYS B 4353 -31.96 62.35 13.72
N LEU B 4354 -32.64 62.11 12.60
CA LEU B 4354 -33.56 63.10 12.06
C LEU B 4354 -34.73 63.36 12.99
N LEU B 4355 -35.30 62.31 13.59
CA LEU B 4355 -36.38 62.50 14.55
C LEU B 4355 -35.90 63.29 15.77
N GLN B 4356 -34.69 62.98 16.26
CA GLN B 4356 -34.14 63.76 17.36
C GLN B 4356 -33.91 65.21 16.93
N VAL B 4357 -33.46 65.43 15.70
CA VAL B 4357 -33.22 66.78 15.19
C VAL B 4357 -34.52 67.56 15.14
N LEU B 4358 -35.58 66.93 14.63
CA LEU B 4358 -36.88 67.58 14.60
C LEU B 4358 -37.39 67.87 16.00
N ALA B 4359 -37.24 66.93 16.93
CA ALA B 4359 -37.68 67.16 18.30
C ALA B 4359 -36.93 68.33 18.93
N SER B 4360 -35.61 68.38 18.75
CA SER B 4360 -34.83 69.50 19.28
C SER B 4360 -35.24 70.80 18.61
N TYR B 4361 -35.51 70.76 17.30
CA TYR B 4361 -35.95 71.95 16.59
C TYR B 4361 -37.27 72.43 17.15
N ILE B 4362 -38.12 71.49 17.57
CA ILE B 4362 -39.41 71.80 18.17
C ILE B 4362 -39.23 72.18 19.64
N ASN B 4363 -38.61 71.30 20.41
CA ASN B 4363 -38.47 71.44 21.86
C ASN B 4363 -37.00 71.28 22.20
N PRO B 4364 -36.20 72.34 22.06
CA PRO B 4364 -34.79 72.27 22.43
C PRO B 4364 -34.57 72.09 23.91
N VAL B 4365 -33.48 71.40 24.24
CA VAL B 4365 -33.10 71.17 25.62
C VAL B 4365 -32.23 72.32 26.11
N ALA B 4386 -42.81 81.21 19.02
CA ALA B 4386 -41.93 80.06 19.14
C ALA B 4386 -41.68 79.43 17.77
N LEU B 4387 -42.57 78.53 17.35
CA LEU B 4387 -42.45 77.85 16.07
C LEU B 4387 -43.47 78.40 15.09
N PRO B 4388 -43.16 78.43 13.80
CA PRO B 4388 -44.14 78.94 12.83
C PRO B 4388 -45.45 78.17 12.92
N SER B 4389 -46.55 78.90 12.91
CA SER B 4389 -47.87 78.25 12.98
C SER B 4389 -48.07 77.32 11.80
N VAL B 4390 -47.44 77.61 10.67
CA VAL B 4390 -47.51 76.80 9.46
C VAL B 4390 -46.74 75.49 9.66
N LEU B 4391 -46.10 75.34 10.82
CA LEU B 4391 -45.28 74.15 11.04
C LEU B 4391 -46.14 72.90 10.94
N LEU B 4392 -47.35 72.93 11.50
CA LEU B 4392 -48.23 71.79 11.44
C LEU B 4392 -48.56 71.44 10.00
N GLU B 4393 -48.78 72.45 9.16
CA GLU B 4393 -49.08 72.18 7.75
C GLU B 4393 -47.94 71.41 7.09
N LEU B 4394 -46.70 71.83 7.33
CA LEU B 4394 -45.56 71.13 6.73
C LEU B 4394 -45.45 69.70 7.25
N LEU B 4395 -45.50 69.53 8.57
CA LEU B 4395 -45.38 68.19 9.15
C LEU B 4395 -46.54 67.29 8.80
N SER B 4396 -47.71 67.86 8.50
CA SER B 4396 -48.86 67.05 8.08
C SER B 4396 -48.73 66.66 6.62
N GLN B 4397 -48.31 67.59 5.76
CA GLN B 4397 -48.07 67.27 4.36
C GLN B 4397 -46.83 66.40 4.18
N SER B 4398 -46.03 66.24 5.22
CA SER B 4398 -44.80 65.47 5.15
C SER B 4398 -45.10 63.97 5.33
N CYS B 4399 -44.04 63.17 5.32
CA CYS B 4399 -44.13 61.75 5.60
C CYS B 4399 -44.09 61.45 7.09
N LEU B 4400 -43.95 62.49 7.93
CA LEU B 4400 -43.74 62.26 9.36
C LEU B 4400 -44.89 61.47 9.96
N ILE B 4401 -46.13 61.88 9.65
CA ILE B 4401 -47.29 61.19 10.20
C ILE B 4401 -47.35 59.74 9.74
N PRO B 4402 -47.22 59.42 8.44
CA PRO B 4402 -47.19 58.01 8.05
C PRO B 4402 -46.11 57.22 8.74
N ALA B 4403 -44.91 57.80 8.87
CA ALA B 4403 -43.80 57.07 9.47
C ALA B 4403 -44.08 56.78 10.93
N MET B 4404 -44.51 57.79 11.69
CA MET B 4404 -44.81 57.57 13.10
C MET B 4404 -45.95 56.59 13.27
N SER B 4405 -46.98 56.66 12.41
CA SER B 4405 -48.09 55.74 12.52
C SER B 4405 -47.64 54.31 12.28
N SER B 4406 -46.82 54.09 11.26
CA SER B 4406 -46.33 52.74 10.97
C SER B 4406 -45.44 52.22 12.10
N TYR B 4407 -44.53 53.05 12.61
CA TYR B 4407 -43.63 52.61 13.68
C TYR B 4407 -44.36 52.37 15.00
N LEU B 4408 -45.41 53.14 15.29
CA LEU B 4408 -46.15 52.95 16.53
C LEU B 4408 -47.02 51.71 16.50
N ARG B 4409 -47.30 51.16 15.31
CA ARG B 4409 -48.11 49.95 15.19
C ARG B 4409 -47.25 48.69 15.35
N ASN B 4410 -46.56 48.64 16.49
CA ASN B 4410 -45.70 47.52 16.83
C ASN B 4410 -46.23 46.92 18.12
N ASP B 4411 -46.60 45.65 18.07
CA ASP B 4411 -47.18 44.93 19.20
C ASP B 4411 -46.18 44.00 19.88
N SER B 4412 -44.94 43.94 19.40
CA SER B 4412 -43.91 43.09 19.97
C SER B 4412 -42.90 43.98 20.71
N VAL B 4413 -42.87 43.84 22.04
CA VAL B 4413 -41.93 44.62 22.84
C VAL B 4413 -40.49 44.22 22.54
N LEU B 4414 -40.24 42.95 22.25
CA LEU B 4414 -38.90 42.55 21.88
C LEU B 4414 -38.44 43.27 20.62
N ASP B 4415 -39.35 43.45 19.65
CA ASP B 4415 -39.02 44.25 18.47
C ASP B 4415 -38.60 45.65 18.87
N MET B 4416 -39.30 46.26 19.83
CA MET B 4416 -38.90 47.56 20.35
C MET B 4416 -37.52 47.50 21.02
N ALA B 4417 -37.18 46.34 21.60
CA ALA B 4417 -35.88 46.20 22.26
C ALA B 4417 -34.73 46.21 21.28
N ARG B 4418 -34.97 45.80 20.03
CA ARG B 4418 -33.93 45.76 19.01
C ARG B 4418 -33.63 47.11 18.36
N HIS B 4419 -34.49 48.10 18.54
CA HIS B 4419 -34.30 49.45 17.97
C HIS B 4419 -34.44 50.51 19.05
N VAL B 4420 -33.78 50.30 20.19
CA VAL B 4420 -33.96 51.20 21.32
C VAL B 4420 -33.68 52.65 20.94
N PRO B 4421 -32.56 52.99 20.30
CA PRO B 4421 -32.35 54.39 19.91
C PRO B 4421 -33.47 54.97 19.05
N LEU B 4422 -33.95 54.20 18.08
CA LEU B 4422 -35.01 54.71 17.20
C LEU B 4422 -36.29 54.98 17.97
N TYR B 4423 -36.68 54.05 18.85
CA TYR B 4423 -37.91 54.23 19.60
C TYR B 4423 -37.77 55.34 20.63
N ARG B 4424 -36.58 55.49 21.22
CA ARG B 4424 -36.35 56.62 22.13
C ARG B 4424 -36.49 57.94 21.39
N ALA B 4425 -35.95 58.03 20.18
CA ALA B 4425 -36.10 59.26 19.40
C ALA B 4425 -37.56 59.51 19.04
N LEU B 4426 -38.28 58.45 18.64
CA LEU B 4426 -39.69 58.61 18.30
C LEU B 4426 -40.50 59.08 19.50
N LEU B 4427 -40.23 58.50 20.67
CA LEU B 4427 -40.95 58.91 21.88
C LEU B 4427 -40.61 60.34 22.26
N GLU B 4428 -39.35 60.75 22.08
CA GLU B 4428 -38.97 62.13 22.36
C GLU B 4428 -39.72 63.08 21.43
N LEU B 4429 -39.83 62.73 20.15
CA LEU B 4429 -40.58 63.57 19.22
C LEU B 4429 -42.05 63.65 19.60
N LEU B 4430 -42.64 62.51 19.99
CA LEU B 4430 -44.04 62.51 20.38
C LEU B 4430 -44.28 63.35 21.63
N ARG B 4431 -43.36 63.25 22.60
CA ARG B 4431 -43.45 64.09 23.80
C ARG B 4431 -43.31 65.57 23.46
N ALA B 4432 -42.36 65.91 22.59
CA ALA B 4432 -42.19 67.32 22.20
C ALA B 4432 -43.45 67.84 21.51
N ILE B 4433 -44.02 67.05 20.59
CA ILE B 4433 -45.23 67.49 19.90
C ILE B 4433 -46.39 67.66 20.90
N ALA B 4434 -46.56 66.69 21.80
CA ALA B 4434 -47.64 66.78 22.78
C ALA B 4434 -47.44 67.93 23.76
N SER B 4435 -46.22 68.45 23.88
CA SER B 4435 -45.94 69.59 24.74
C SER B 4435 -46.18 70.92 24.05
N CYS B 4436 -46.47 70.93 22.75
CA CYS B 4436 -46.74 72.13 21.98
C CYS B 4436 -48.17 72.04 21.45
N ALA B 4437 -49.06 72.85 22.04
CA ALA B 4437 -50.47 72.79 21.70
C ALA B 4437 -50.74 73.06 20.22
N ALA B 4438 -49.84 73.77 19.54
CA ALA B 4438 -50.04 74.00 18.10
C ALA B 4438 -49.58 72.81 17.25
N MET B 4439 -48.90 71.84 17.85
CA MET B 4439 -48.49 70.63 17.16
C MET B 4439 -49.25 69.39 17.63
N VAL B 4440 -49.96 69.47 18.76
CA VAL B 4440 -50.75 68.35 19.26
C VAL B 4440 -51.68 67.83 18.18
N PRO B 4441 -52.40 68.70 17.43
CA PRO B 4441 -53.31 68.19 16.40
C PRO B 4441 -52.69 67.15 15.49
N LEU B 4442 -51.35 67.07 15.45
CA LEU B 4442 -50.68 66.03 14.68
C LEU B 4442 -50.84 64.66 15.31
N LEU B 4443 -51.28 64.58 16.58
CA LEU B 4443 -51.41 63.31 17.29
C LEU B 4443 -52.84 62.79 17.28
N LEU B 4444 -53.83 63.67 17.46
CA LEU B 4444 -55.22 63.26 17.42
C LEU B 4444 -55.58 62.86 16.00
N PRO B 4445 -56.67 62.12 15.81
CA PRO B 4445 -57.01 61.66 14.45
C PRO B 4445 -56.92 62.79 13.44
N LEU B 4446 -56.55 62.43 12.22
CA LEU B 4446 -56.35 63.42 11.16
C LEU B 4446 -57.67 63.94 10.61
N THR B 4462 -57.11 56.05 13.09
CA THR B 4462 -55.72 55.59 13.10
C THR B 4462 -54.79 56.74 13.45
N SER B 4463 -55.05 57.41 14.58
CA SER B 4463 -54.21 58.51 15.00
C SER B 4463 -52.90 57.99 15.60
N VAL B 4464 -51.93 58.90 15.70
CA VAL B 4464 -50.65 58.55 16.30
C VAL B 4464 -50.76 58.38 17.80
N GLY B 4465 -51.54 59.24 18.45
CA GLY B 4465 -51.72 59.13 19.90
C GLY B 4465 -52.38 57.83 20.32
N THR B 4466 -53.39 57.39 19.58
CA THR B 4466 -54.03 56.12 19.89
C THR B 4466 -53.03 54.98 19.76
N LEU B 4467 -52.19 55.02 18.73
CA LEU B 4467 -51.18 53.99 18.56
C LEU B 4467 -50.20 54.00 19.73
N LEU B 4468 -49.81 55.19 20.18
CA LEU B 4468 -48.94 55.30 21.36
C LEU B 4468 -49.60 54.70 22.59
N ALA B 4469 -50.90 54.95 22.78
CA ALA B 4469 -51.61 54.36 23.91
C ALA B 4469 -51.63 52.84 23.81
N LYS B 4470 -51.86 52.30 22.61
CA LYS B 4470 -51.85 50.85 22.45
C LYS B 4470 -50.47 50.28 22.76
N MET B 4471 -49.41 50.95 22.31
CA MET B 4471 -48.08 50.46 22.63
C MET B 4471 -47.82 50.52 24.14
N LYS B 4472 -48.34 51.56 24.81
CA LYS B 4472 -48.23 51.60 26.26
C LYS B 4472 -48.93 50.41 26.91
N THR B 4473 -50.14 50.09 26.44
CA THR B 4473 -50.83 48.93 26.99
C THR B 4473 -50.05 47.66 26.75
N CYS B 4474 -49.47 47.51 25.55
CA CYS B 4474 -48.66 46.33 25.25
C CYS B 4474 -47.48 46.23 26.19
N VAL B 4475 -46.79 47.35 26.43
CA VAL B 4475 -45.59 47.30 27.28
C VAL B 4475 -45.98 47.00 28.73
N ASP B 4476 -47.07 47.58 29.21
CA ASP B 4476 -47.52 47.28 30.57
C ASP B 4476 -47.89 45.81 30.71
N THR B 4477 -48.60 45.26 29.71
CA THR B 4477 -48.94 43.83 29.76
C THR B 4477 -47.69 42.96 29.72
N TYR B 4478 -46.71 43.33 28.89
CA TYR B 4478 -45.46 42.56 28.84
C TYR B 4478 -44.76 42.60 30.19
N THR B 4479 -44.73 43.77 30.83
CA THR B 4479 -44.09 43.88 32.13
C THR B 4479 -44.82 43.05 33.17
N ASN B 4480 -46.16 43.03 33.09
CA ASN B 4480 -46.93 42.19 34.01
C ASN B 4480 -46.61 40.71 33.79
N ARG B 4481 -46.48 40.31 32.53
CA ARG B 4481 -46.10 38.93 32.23
C ARG B 4481 -44.72 38.60 32.77
N LEU B 4482 -43.78 39.53 32.62
CA LEU B 4482 -42.44 39.31 33.18
C LEU B 4482 -42.51 39.17 34.69
N ARG B 4483 -43.32 40.00 35.35
CA ARG B 4483 -43.48 39.91 36.79
C ARG B 4483 -44.04 38.55 37.18
N SER B 4484 -45.03 38.07 36.44
CA SER B 4484 -45.60 36.75 36.72
C SER B 4484 -44.55 35.66 36.56
N LYS B 4485 -43.74 35.74 35.50
CA LYS B 4485 -42.70 34.74 35.29
C LYS B 4485 -41.66 34.77 36.41
N ARG B 4486 -41.31 35.96 36.88
CA ARG B 4486 -40.35 36.12 37.96
C ARG B 4486 -40.78 35.35 39.21
N GLY B 4504 -32.28 46.69 25.11
CA GLY B 4504 -32.19 47.70 26.14
C GLY B 4504 -33.53 48.23 26.57
N LEU B 4505 -34.38 47.35 27.11
CA LEU B 4505 -35.70 47.75 27.57
C LEU B 4505 -35.67 48.51 28.88
N THR B 4506 -34.55 48.50 29.60
CA THR B 4506 -34.50 49.13 30.91
C THR B 4506 -34.74 50.63 30.80
N LEU B 4507 -34.00 51.29 29.91
CA LEU B 4507 -34.15 52.73 29.70
C LEU B 4507 -35.25 53.05 28.70
N LEU B 4508 -35.85 52.03 28.09
CA LEU B 4508 -36.92 52.20 27.11
C LEU B 4508 -38.30 51.95 27.70
N VAL B 4509 -38.40 51.07 28.69
CA VAL B 4509 -39.69 50.70 29.28
C VAL B 4509 -40.30 51.88 30.04
N PRO B 4510 -39.50 52.86 30.56
CA PRO B 4510 -40.14 54.06 31.13
C PRO B 4510 -40.44 55.11 30.06
N ASP B 4511 -39.67 55.08 28.98
CA ASP B 4511 -39.87 56.05 27.91
C ASP B 4511 -41.28 55.93 27.34
N ILE B 4512 -41.70 54.70 27.04
CA ILE B 4512 -43.02 54.49 26.45
C ILE B 4512 -44.11 54.95 27.42
N GLN B 4513 -43.98 54.60 28.69
CA GLN B 4513 -44.98 55.01 29.68
C GLN B 4513 -45.07 56.53 29.76
N LYS B 4514 -43.94 57.20 29.93
CA LYS B 4514 -43.97 58.65 30.11
C LYS B 4514 -44.52 59.35 28.88
N THR B 4515 -44.06 58.95 27.69
CA THR B 4515 -44.54 59.61 26.49
C THR B 4515 -46.02 59.32 26.24
N ALA B 4516 -46.48 58.11 26.55
CA ALA B 4516 -47.89 57.80 26.43
C ALA B 4516 -48.72 58.64 27.40
N GLU B 4517 -48.28 58.75 28.65
CA GLU B 4517 -48.98 59.56 29.63
C GLU B 4517 -49.09 61.01 29.18
N ILE B 4518 -47.97 61.59 28.74
CA ILE B 4518 -47.97 62.99 28.35
C ILE B 4518 -48.84 63.20 27.10
N VAL B 4519 -48.72 62.32 26.11
CA VAL B 4519 -49.50 62.48 24.89
C VAL B 4519 -50.99 62.36 25.20
N TYR B 4520 -51.36 61.40 26.05
CA TYR B 4520 -52.76 61.23 26.42
C TYR B 4520 -53.27 62.46 27.17
N ALA B 4521 -52.47 63.00 28.09
CA ALA B 4521 -52.87 64.20 28.80
C ALA B 4521 -53.05 65.38 27.84
N ALA B 4522 -52.11 65.55 26.92
CA ALA B 4522 -52.21 66.64 25.95
C ALA B 4522 -53.45 66.50 25.08
N THR B 4523 -53.71 65.28 24.60
CA THR B 4523 -54.88 65.07 23.76
C THR B 4523 -56.16 65.33 24.54
N THR B 4524 -56.23 64.88 25.79
CA THR B 4524 -57.42 65.15 26.60
C THR B 4524 -57.61 66.64 26.83
N SER B 4525 -56.52 67.35 27.11
CA SER B 4525 -56.61 68.80 27.29
C SER B 4525 -57.13 69.47 26.01
N LEU B 4526 -56.61 69.04 24.86
CA LEU B 4526 -57.08 69.59 23.60
C LEU B 4526 -58.57 69.30 23.41
N ARG B 4527 -58.99 68.08 23.72
CA ARG B 4527 -60.39 67.71 23.52
C ARG B 4527 -61.30 68.53 24.42
N GLN B 4528 -60.86 68.81 25.65
CA GLN B 4528 -61.63 69.70 26.51
C GLN B 4528 -61.65 71.12 25.95
N ALA B 4529 -60.52 71.55 25.38
CA ALA B 4529 -60.46 72.87 24.75
C ALA B 4529 -61.50 72.99 23.63
N ASN B 4530 -61.66 71.95 22.82
CA ASN B 4530 -62.62 71.96 21.73
C ASN B 4530 -64.03 72.20 22.25
N SER C 13 -16.65 -15.54 21.48
CA SER C 13 -17.70 -14.82 20.78
C SER C 13 -17.89 -15.40 19.38
N LEU C 14 -18.91 -16.27 19.24
CA LEU C 14 -19.13 -16.96 17.98
C LEU C 14 -19.29 -15.98 16.83
N SER C 15 -20.23 -15.03 16.97
CA SER C 15 -20.47 -14.08 15.89
C SER C 15 -19.24 -13.26 15.58
N SER C 16 -18.53 -12.79 16.61
CA SER C 16 -17.39 -11.91 16.38
C SER C 16 -16.32 -12.60 15.54
N GLU C 17 -15.93 -13.81 15.94
CA GLU C 17 -14.89 -14.51 15.19
C GLU C 17 -15.39 -14.96 13.82
N ALA C 18 -16.64 -15.39 13.72
CA ALA C 18 -17.18 -15.80 12.43
C ALA C 18 -17.15 -14.64 11.45
N LEU C 19 -17.67 -13.49 11.86
CA LEU C 19 -17.67 -12.31 10.99
C LEU C 19 -16.25 -11.86 10.68
N MET C 20 -15.36 -11.91 11.67
CA MET C 20 -13.98 -11.48 11.42
C MET C 20 -13.29 -12.38 10.41
N ARG C 21 -13.51 -13.70 10.52
CA ARG C 21 -13.05 -14.63 9.50
C ARG C 21 -13.61 -14.29 8.13
N ARG C 22 -14.92 -14.04 8.06
CA ARG C 22 -15.52 -13.66 6.78
C ARG C 22 -14.89 -12.39 6.22
N ALA C 23 -14.68 -11.40 7.08
CA ALA C 23 -14.04 -10.16 6.65
C ALA C 23 -12.62 -10.40 6.14
N VAL C 24 -11.87 -11.27 6.80
CA VAL C 24 -10.55 -11.61 6.28
C VAL C 24 -10.63 -12.34 4.96
N SER C 25 -11.70 -13.11 4.74
CA SER C 25 -11.91 -13.67 3.41
C SER C 25 -12.18 -12.58 2.39
N LEU C 26 -12.87 -11.51 2.80
CA LEU C 26 -13.06 -10.39 1.90
C LEU C 26 -11.74 -9.69 1.59
N VAL C 27 -10.91 -9.46 2.62
CA VAL C 27 -9.61 -8.88 2.39
C VAL C 27 -8.78 -9.76 1.48
N THR C 28 -8.88 -11.07 1.66
CA THR C 28 -8.10 -11.98 0.84
C THR C 28 -8.53 -11.91 -0.61
N ASP C 29 -9.84 -11.88 -0.86
CA ASP C 29 -10.30 -11.91 -2.24
C ASP C 29 -10.13 -10.55 -2.91
N SER C 30 -10.28 -9.47 -2.15
CA SER C 30 -9.98 -8.14 -2.67
C SER C 30 -8.50 -8.01 -3.01
N THR C 31 -7.62 -8.38 -2.08
CA THR C 31 -6.19 -8.34 -2.35
C THR C 31 -5.80 -9.26 -3.48
N SER C 32 -6.54 -10.35 -3.68
CA SER C 32 -6.24 -11.23 -4.81
C SER C 32 -6.62 -10.55 -6.11
N THR C 33 -7.81 -9.94 -6.16
CA THR C 33 -8.23 -9.24 -7.36
C THR C 33 -7.30 -8.07 -7.68
N PHE C 34 -7.02 -7.24 -6.67
CA PHE C 34 -6.01 -6.20 -6.81
C PHE C 34 -4.69 -6.71 -7.34
N LEU C 35 -4.11 -7.73 -6.69
CA LEU C 35 -2.84 -8.26 -7.17
C LEU C 35 -2.97 -8.78 -8.59
N SER C 36 -4.15 -9.25 -8.98
CA SER C 36 -4.35 -9.71 -10.35
C SER C 36 -4.33 -8.53 -11.32
N GLN C 37 -5.08 -7.47 -11.00
CA GLN C 37 -5.04 -6.26 -11.82
C GLN C 37 -3.64 -5.68 -11.88
N THR C 38 -2.89 -5.76 -10.78
CA THR C 38 -1.53 -5.24 -10.76
C THR C 38 -0.62 -6.09 -11.61
N THR C 39 -0.82 -7.41 -11.56
CA THR C 39 -0.07 -8.30 -12.44
C THR C 39 -0.43 -8.04 -13.88
N TYR C 40 -1.68 -7.69 -14.15
CA TYR C 40 -2.10 -7.43 -15.52
C TYR C 40 -1.48 -6.15 -16.05
N ALA C 41 -1.52 -5.08 -15.27
CA ALA C 41 -0.84 -3.85 -15.65
C ALA C 41 0.66 -4.07 -15.80
N LEU C 42 1.27 -4.80 -14.86
CA LEU C 42 2.68 -5.13 -14.96
C LEU C 42 2.96 -5.90 -16.24
N ILE C 43 2.16 -6.92 -16.51
CA ILE C 43 2.31 -7.73 -17.72
C ILE C 43 2.14 -6.87 -18.96
N GLU C 44 1.18 -5.94 -18.92
CA GLU C 44 0.97 -5.03 -20.04
C GLU C 44 2.23 -4.23 -20.33
N ALA C 45 2.79 -3.59 -19.30
CA ALA C 45 3.96 -2.76 -19.53
C ALA C 45 5.21 -3.60 -19.83
N ILE C 46 5.31 -4.79 -19.22
CA ILE C 46 6.34 -5.74 -19.61
C ILE C 46 6.19 -6.14 -21.07
N THR C 47 4.95 -6.30 -21.53
CA THR C 47 4.70 -6.69 -22.91
C THR C 47 5.11 -5.57 -23.85
N GLU C 48 4.73 -4.33 -23.53
CA GLU C 48 5.16 -3.19 -24.31
C GLU C 48 6.68 -3.09 -24.32
N TYR C 49 7.32 -3.34 -23.18
CA TYR C 49 8.78 -3.38 -23.12
C TYR C 49 9.33 -4.45 -24.05
N THR C 50 8.77 -5.65 -23.98
CA THR C 50 9.17 -6.75 -24.86
C THR C 50 9.03 -6.36 -26.32
N LYS C 51 7.88 -5.80 -26.69
CA LYS C 51 7.66 -5.31 -28.03
C LYS C 51 8.78 -4.35 -28.44
N ALA C 52 9.06 -3.37 -27.58
CA ALA C 52 10.12 -2.41 -27.88
C ALA C 52 11.46 -3.11 -28.02
N VAL C 53 11.69 -4.15 -27.21
CA VAL C 53 12.92 -4.93 -27.28
C VAL C 53 13.06 -5.58 -28.64
N TYR C 54 12.01 -6.27 -29.09
CA TYR C 54 12.06 -6.89 -30.41
C TYR C 54 12.21 -5.85 -31.52
N THR C 55 11.56 -4.70 -31.35
CA THR C 55 11.72 -3.62 -32.32
C THR C 55 13.17 -3.17 -32.39
N LEU C 56 13.77 -2.89 -31.24
CA LEU C 56 15.18 -2.51 -31.18
C LEU C 56 16.07 -3.60 -31.77
N THR C 57 15.74 -4.86 -31.52
CA THR C 57 16.47 -5.98 -32.14
C THR C 57 16.45 -5.89 -33.66
N SER C 58 15.26 -5.74 -34.24
CA SER C 58 15.14 -5.61 -35.69
C SER C 58 15.87 -4.36 -36.19
N LEU C 59 15.79 -3.27 -35.43
CA LEU C 59 16.45 -2.02 -35.80
C LEU C 59 17.97 -2.16 -35.73
N TYR C 60 18.48 -2.94 -34.78
CA TYR C 60 19.89 -3.28 -34.74
C TYR C 60 20.30 -4.05 -35.98
N ARG C 61 19.47 -5.02 -36.38
CA ARG C 61 19.76 -5.74 -37.62
C ARG C 61 19.80 -4.78 -38.80
N GLN C 62 18.83 -3.87 -38.88
CA GLN C 62 18.83 -2.86 -39.94
C GLN C 62 20.13 -2.07 -39.95
N TYR C 63 20.48 -1.48 -38.80
CA TYR C 63 21.68 -0.66 -38.73
C TYR C 63 22.91 -1.48 -39.11
N THR C 64 22.96 -2.74 -38.68
CA THR C 64 24.05 -3.61 -39.07
C THR C 64 24.08 -3.81 -40.58
N SER C 65 22.90 -3.91 -41.21
CA SER C 65 22.84 -4.01 -42.66
C SER C 65 23.29 -2.71 -43.32
N LEU C 66 23.31 -1.60 -42.58
CA LEU C 66 23.72 -0.31 -43.13
C LEU C 66 25.12 0.11 -42.68
N LEU C 67 25.86 -0.79 -42.04
CA LEU C 67 27.21 -0.48 -41.59
C LEU C 67 28.17 -0.30 -42.76
N GLY C 68 29.25 0.42 -42.50
CA GLY C 68 30.11 0.98 -43.52
C GLY C 68 29.57 2.30 -44.05
N LYS C 69 30.48 3.15 -44.56
CA LYS C 69 30.12 4.47 -45.03
C LYS C 69 29.17 4.45 -46.23
N MET C 70 27.94 4.90 -46.01
CA MET C 70 26.88 4.89 -47.01
C MET C 70 25.96 6.07 -46.72
N ASN C 71 24.79 6.08 -47.36
CA ASN C 71 23.82 7.16 -47.19
C ASN C 71 23.50 7.34 -45.70
N SER C 72 23.97 8.45 -45.12
CA SER C 72 23.55 8.81 -43.77
C SER C 72 22.04 9.00 -43.66
N GLU C 73 21.37 9.44 -44.74
CA GLU C 73 19.91 9.50 -44.72
C GLU C 73 19.27 8.13 -44.55
N GLU C 74 20.03 7.06 -44.75
CA GLU C 74 19.63 5.73 -44.31
C GLU C 74 20.29 5.36 -42.99
N GLU C 75 21.61 5.34 -42.93
CA GLU C 75 22.31 4.79 -41.77
C GLU C 75 21.93 5.55 -40.50
N ASP C 76 22.15 6.87 -40.49
CA ASP C 76 21.90 7.66 -39.30
C ASP C 76 20.42 7.93 -39.06
N GLU C 77 19.56 7.79 -40.08
CA GLU C 77 18.13 7.84 -39.82
C GLU C 77 17.64 6.55 -39.15
N VAL C 78 18.16 5.41 -39.57
CA VAL C 78 17.92 4.17 -38.82
C VAL C 78 18.47 4.32 -37.40
N TRP C 79 19.63 4.94 -37.25
CA TRP C 79 20.15 5.21 -35.91
C TRP C 79 19.20 6.10 -35.10
N GLN C 80 18.65 7.15 -35.72
CA GLN C 80 17.69 8.01 -35.04
C GLN C 80 16.45 7.22 -34.60
N VAL C 81 15.94 6.37 -35.49
CA VAL C 81 14.81 5.54 -35.13
C VAL C 81 15.20 4.60 -33.99
N ILE C 82 16.45 4.11 -34.00
CA ILE C 82 16.97 3.32 -32.89
C ILE C 82 16.94 4.12 -31.59
N ILE C 83 17.25 5.42 -31.67
CA ILE C 83 17.18 6.27 -30.47
C ILE C 83 15.74 6.37 -29.99
N GLY C 84 14.81 6.58 -30.92
CA GLY C 84 13.40 6.60 -30.55
C GLY C 84 12.96 5.31 -29.90
N ALA C 85 13.36 4.18 -30.49
CA ALA C 85 13.06 2.88 -29.91
C ALA C 85 13.65 2.74 -28.52
N ARG C 86 14.90 3.18 -28.34
CA ARG C 86 15.53 3.13 -27.03
C ARG C 86 14.75 3.96 -26.02
N ALA C 87 14.35 5.16 -26.40
CA ALA C 87 13.56 6.00 -25.50
C ALA C 87 12.26 5.32 -25.12
N GLU C 88 11.56 4.77 -26.12
CA GLU C 88 10.33 4.03 -25.85
C GLU C 88 10.59 2.88 -24.88
N MET C 89 11.58 2.05 -25.19
CA MET C 89 11.90 0.90 -24.35
C MET C 89 12.24 1.34 -22.94
N THR C 90 13.03 2.39 -22.80
CA THR C 90 13.49 2.80 -21.48
C THR C 90 12.37 3.41 -20.66
N SER C 91 11.55 4.27 -21.28
CA SER C 91 10.40 4.83 -20.58
C SER C 91 9.43 3.75 -20.15
N LYS C 92 9.12 2.80 -21.03
CA LYS C 92 8.25 1.70 -20.66
C LYS C 92 8.90 0.82 -19.61
N HIS C 93 10.23 0.64 -19.68
CA HIS C 93 10.95 -0.08 -18.65
C HIS C 93 10.77 0.58 -17.29
N GLN C 94 10.96 1.89 -17.24
CA GLN C 94 10.77 2.64 -16.00
C GLN C 94 9.34 2.53 -15.49
N GLU C 95 8.37 2.58 -16.40
CA GLU C 95 6.98 2.50 -15.99
C GLU C 95 6.61 1.11 -15.48
N TYR C 96 7.04 0.06 -16.18
CA TYR C 96 6.81 -1.29 -15.68
C TYR C 96 7.61 -1.55 -14.41
N LEU C 97 8.73 -0.86 -14.21
CA LEU C 97 9.44 -1.00 -12.94
C LEU C 97 8.66 -0.36 -11.79
N LYS C 98 8.04 0.80 -12.05
CA LYS C 98 7.13 1.36 -11.06
C LYS C 98 5.97 0.41 -10.79
N LEU C 99 5.38 -0.12 -11.85
CA LEU C 99 4.32 -1.10 -11.71
C LEU C 99 4.80 -2.29 -10.91
N GLU C 100 6.02 -2.75 -11.15
CA GLU C 100 6.54 -3.93 -10.46
C GLU C 100 6.83 -3.65 -9.01
N THR C 101 7.24 -2.42 -8.68
CA THR C 101 7.37 -2.03 -7.28
C THR C 101 6.01 -2.07 -6.58
N THR C 102 5.00 -1.50 -7.21
CA THR C 102 3.64 -1.62 -6.68
C THR C 102 3.20 -3.07 -6.63
N TRP C 103 3.62 -3.87 -7.59
CA TRP C 103 3.25 -5.28 -7.64
C TRP C 103 3.84 -6.04 -6.46
N MET C 104 5.09 -5.76 -6.13
CA MET C 104 5.71 -6.31 -4.94
C MET C 104 5.03 -5.82 -3.67
N THR C 105 4.57 -4.57 -3.65
CA THR C 105 3.77 -4.11 -2.52
C THR C 105 2.46 -4.90 -2.43
N ALA C 106 1.90 -5.25 -3.59
CA ALA C 106 0.65 -5.99 -3.61
C ALA C 106 0.87 -7.40 -3.10
N VAL C 107 1.93 -8.05 -3.58
CA VAL C 107 2.34 -9.35 -3.05
C VAL C 107 2.49 -9.28 -1.54
N GLY C 108 3.14 -8.24 -1.04
CA GLY C 108 3.27 -8.09 0.41
C GLY C 108 1.94 -7.98 1.11
N LEU C 109 1.00 -7.24 0.52
CA LEU C 109 -0.33 -7.14 1.10
C LEU C 109 -1.03 -8.50 1.11
N SER C 110 -0.93 -9.25 0.02
CA SER C 110 -1.54 -10.56 -0.04
C SER C 110 -0.96 -11.50 1.01
N GLU C 111 0.36 -11.44 1.19
CA GLU C 111 1.01 -12.27 2.20
C GLU C 111 0.56 -11.88 3.61
N MET C 112 0.48 -10.59 3.88
CA MET C 112 0.01 -10.13 5.18
C MET C 112 -1.45 -10.54 5.39
N ALA C 113 -2.24 -10.52 4.32
CA ALA C 113 -3.61 -10.99 4.40
C ALA C 113 -3.68 -12.48 4.73
N ALA C 114 -2.82 -13.28 4.11
CA ALA C 114 -2.77 -14.70 4.45
C ALA C 114 -2.42 -14.91 5.91
N GLU C 115 -1.51 -14.09 6.44
CA GLU C 115 -1.18 -14.20 7.87
C GLU C 115 -2.36 -13.79 8.74
N ALA C 116 -3.07 -12.74 8.35
CA ALA C 116 -4.30 -12.38 9.07
C ALA C 116 -5.31 -13.51 9.03
N ALA C 117 -5.41 -14.18 7.88
CA ALA C 117 -6.34 -15.29 7.75
C ALA C 117 -5.98 -16.41 8.71
N TYR C 118 -4.70 -16.74 8.82
CA TYR C 118 -4.30 -17.69 9.87
C TYR C 118 -4.72 -17.20 11.25
N GLN C 119 -4.33 -15.98 11.61
CA GLN C 119 -4.57 -15.54 12.99
C GLN C 119 -6.05 -15.59 13.35
N THR C 120 -6.92 -15.35 12.38
CA THR C 120 -8.36 -15.47 12.62
C THR C 120 -8.83 -16.92 12.54
N GLY C 121 -8.19 -17.74 11.72
CA GLY C 121 -8.60 -19.11 11.52
C GLY C 121 -9.32 -19.34 10.21
N ALA C 122 -9.34 -18.35 9.32
CA ALA C 122 -9.84 -18.52 7.96
C ALA C 122 -8.81 -19.24 7.10
N ASP C 123 -8.32 -20.38 7.59
CA ASP C 123 -7.25 -21.08 6.88
C ASP C 123 -7.65 -21.44 5.46
N GLN C 124 -8.94 -21.63 5.20
CA GLN C 124 -9.39 -21.81 3.83
C GLN C 124 -9.09 -20.56 3.00
N ALA C 125 -9.36 -19.38 3.56
CA ALA C 125 -9.00 -18.15 2.90
C ALA C 125 -7.50 -17.98 2.80
N SER C 126 -6.76 -18.33 3.85
CA SER C 126 -5.31 -18.25 3.79
C SER C 126 -4.76 -19.14 2.67
N ILE C 127 -5.31 -20.35 2.54
CA ILE C 127 -4.87 -21.26 1.50
C ILE C 127 -5.19 -20.71 0.13
N THR C 128 -6.42 -20.20 -0.06
CA THR C 128 -6.78 -19.64 -1.35
C THR C 128 -5.89 -18.45 -1.69
N ALA C 129 -5.58 -17.62 -0.67
CA ALA C 129 -4.61 -16.54 -0.86
C ALA C 129 -3.29 -17.08 -1.35
N ARG C 130 -2.73 -18.05 -0.64
CA ARG C 130 -1.45 -18.63 -1.03
C ARG C 130 -1.50 -19.18 -2.45
N ASN C 131 -2.59 -19.87 -2.79
CA ASN C 131 -2.77 -20.39 -4.14
C ASN C 131 -2.72 -19.27 -5.17
N HIS C 132 -3.50 -18.22 -4.95
CA HIS C 132 -3.52 -17.10 -5.89
C HIS C 132 -2.16 -16.44 -5.98
N ILE C 133 -1.52 -16.23 -4.83
CA ILE C 133 -0.18 -15.65 -4.80
C ILE C 133 0.75 -16.47 -5.66
N GLN C 134 0.71 -17.78 -5.51
CA GLN C 134 1.60 -18.64 -6.28
C GLN C 134 1.27 -18.57 -7.77
N LEU C 135 -0.01 -18.65 -8.13
CA LEU C 135 -0.38 -18.58 -9.54
C LEU C 135 0.08 -17.27 -10.17
N VAL C 136 -0.19 -16.16 -9.47
CA VAL C 136 0.22 -14.85 -9.97
C VAL C 136 1.73 -14.78 -10.10
N LYS C 137 2.46 -15.14 -9.05
CA LYS C 137 3.91 -15.08 -9.08
C LYS C 137 4.47 -15.96 -10.18
N LEU C 138 3.91 -17.16 -10.36
CA LEU C 138 4.33 -18.03 -11.44
C LEU C 138 4.15 -17.35 -12.80
N GLN C 139 2.94 -16.87 -13.09
CA GLN C 139 2.72 -16.23 -14.38
C GLN C 139 3.60 -15.00 -14.55
N VAL C 140 3.83 -14.26 -13.47
CA VAL C 140 4.69 -13.09 -13.52
C VAL C 140 6.12 -13.50 -13.87
N GLU C 141 6.62 -14.52 -13.19
CA GLU C 141 7.93 -15.06 -13.51
C GLU C 141 7.98 -15.59 -14.94
N GLU C 142 6.85 -16.08 -15.45
CA GLU C 142 6.78 -16.56 -16.82
C GLU C 142 6.92 -15.40 -17.82
N VAL C 143 6.16 -14.33 -17.60
CA VAL C 143 6.33 -13.16 -18.45
C VAL C 143 7.69 -12.53 -18.24
N HIS C 144 8.27 -12.70 -17.05
CA HIS C 144 9.66 -12.30 -16.84
C HIS C 144 10.59 -13.13 -17.69
N GLN C 145 10.30 -14.42 -17.83
CA GLN C 145 11.06 -15.26 -18.74
C GLN C 145 10.90 -14.81 -20.18
N LEU C 146 9.68 -14.46 -20.59
CA LEU C 146 9.49 -13.89 -21.92
C LEU C 146 10.32 -12.61 -22.10
N SER C 147 10.32 -11.75 -21.08
CA SER C 147 11.12 -10.54 -21.12
C SER C 147 12.59 -10.87 -21.28
N ARG C 148 13.08 -11.79 -20.46
CA ARG C 148 14.47 -12.24 -20.54
C ARG C 148 14.79 -12.83 -21.90
N LYS C 149 13.85 -13.59 -22.47
CA LYS C 149 14.06 -14.11 -23.83
C LYS C 149 14.26 -12.98 -24.82
N ALA C 150 13.33 -12.02 -24.82
CA ALA C 150 13.45 -10.88 -25.72
C ALA C 150 14.76 -10.14 -25.48
N GLU C 151 15.10 -9.91 -24.21
CA GLU C 151 16.34 -9.20 -23.87
C GLU C 151 17.56 -9.97 -24.29
N THR C 152 17.54 -11.29 -24.17
CA THR C 152 18.65 -12.12 -24.63
C THR C 152 18.81 -12.03 -26.14
N LYS C 153 17.70 -12.05 -26.88
CA LYS C 153 17.80 -11.93 -28.33
C LYS C 153 18.24 -10.52 -28.73
N LEU C 154 17.80 -9.51 -27.98
CA LEU C 154 18.29 -8.15 -28.16
C LEU C 154 19.80 -8.09 -27.93
N ALA C 155 20.27 -8.71 -26.85
CA ALA C 155 21.70 -8.79 -26.59
C ALA C 155 22.44 -9.50 -27.71
N GLU C 156 21.86 -10.58 -28.24
CA GLU C 156 22.43 -11.27 -29.40
C GLU C 156 22.54 -10.34 -30.61
N ALA C 157 21.50 -9.56 -30.87
CA ALA C 157 21.56 -8.61 -31.99
C ALA C 157 22.55 -7.48 -31.71
N GLN C 158 22.66 -7.07 -30.46
CA GLN C 158 23.72 -6.14 -30.07
C GLN C 158 25.10 -6.73 -30.35
N ILE C 159 25.27 -8.01 -30.04
CA ILE C 159 26.57 -8.66 -30.26
C ILE C 159 26.87 -8.76 -31.75
N GLU C 160 25.88 -9.12 -32.55
CA GLU C 160 26.06 -9.11 -34.01
C GLU C 160 26.43 -7.72 -34.51
N GLU C 161 25.69 -6.70 -34.06
CA GLU C 161 25.99 -5.33 -34.45
C GLU C 161 27.39 -4.93 -34.02
N LEU C 162 27.79 -5.34 -32.81
CA LEU C 162 29.15 -5.08 -32.34
C LEU C 162 30.18 -5.74 -33.25
N ARG C 163 30.01 -7.03 -33.54
CA ARG C 163 30.96 -7.70 -34.42
C ARG C 163 31.11 -6.96 -35.74
N GLN C 164 29.97 -6.64 -36.38
CA GLN C 164 30.03 -5.99 -37.68
C GLN C 164 30.65 -4.60 -37.57
N LYS C 165 30.12 -3.78 -36.66
CA LYS C 165 30.59 -2.42 -36.47
C LYS C 165 32.09 -2.42 -36.22
N THR C 166 32.55 -3.17 -35.22
CA THR C 166 33.97 -3.24 -34.89
C THR C 166 34.79 -3.71 -36.09
N GLN C 167 34.29 -4.69 -36.83
CA GLN C 167 34.99 -5.15 -38.03
C GLN C 167 35.24 -3.97 -38.96
N GLU C 168 34.17 -3.28 -39.36
CA GLU C 168 34.30 -2.13 -40.23
C GLU C 168 35.27 -1.11 -39.64
N GLU C 169 35.10 -0.81 -38.35
CA GLU C 169 35.97 0.16 -37.67
C GLU C 169 37.43 -0.19 -37.84
N GLY C 170 37.80 -1.41 -37.44
CA GLY C 170 39.20 -1.82 -37.54
C GLY C 170 39.72 -1.82 -38.96
N GLU C 171 38.89 -2.27 -39.91
CA GLU C 171 39.28 -2.22 -41.31
C GLU C 171 39.62 -0.80 -41.73
N GLU C 172 38.68 0.13 -41.48
CA GLU C 172 38.90 1.53 -41.82
C GLU C 172 40.14 2.07 -41.12
N ARG C 173 40.34 1.71 -39.86
CA ARG C 173 41.50 2.19 -39.11
C ARG C 173 42.80 1.74 -39.78
N ALA C 174 42.90 0.45 -40.08
CA ALA C 174 44.04 -0.08 -40.82
C ALA C 174 44.27 0.70 -42.12
N GLU C 175 43.23 0.84 -42.93
CA GLU C 175 43.35 1.58 -44.18
C GLU C 175 43.80 3.02 -43.94
N SER C 176 43.33 3.64 -42.87
CA SER C 176 43.73 5.00 -42.56
C SER C 176 45.20 5.08 -42.15
N GLU C 177 45.67 4.08 -41.42
CA GLU C 177 47.11 4.00 -41.12
C GLU C 177 47.93 3.85 -42.40
N GLN C 178 47.48 2.99 -43.32
CA GLN C 178 48.21 2.82 -44.58
C GLN C 178 48.19 4.11 -45.40
N GLU C 179 47.06 4.81 -45.42
CA GLU C 179 46.97 6.05 -46.18
C GLU C 179 47.80 7.15 -45.55
N ALA C 180 47.90 7.17 -44.22
CA ALA C 180 48.84 8.08 -43.59
C ALA C 180 50.27 7.69 -43.90
N TYR C 181 50.54 6.39 -44.05
CA TYR C 181 51.87 5.96 -44.44
C TYR C 181 52.18 6.30 -45.89
N LEU C 182 51.17 6.64 -46.69
CA LEU C 182 51.45 6.98 -48.08
C LEU C 182 52.20 8.31 -48.18
N ARG C 183 52.19 9.12 -47.12
CA ARG C 183 52.59 10.51 -47.18
C ARG C 183 53.62 10.83 -46.10
N GLU C 184 54.63 11.62 -46.47
CA GLU C 184 55.67 12.13 -45.56
C GLU C 184 56.59 11.09 -44.97
N ASP C 185 56.16 9.83 -44.88
CA ASP C 185 57.00 8.79 -44.30
C ASP C 185 58.08 8.33 -45.27
N SER D 13 -0.91 4.47 -20.14
CA SER D 13 -2.35 4.28 -20.18
C SER D 13 -3.02 4.87 -18.95
N LEU D 14 -3.65 6.05 -19.13
CA LEU D 14 -4.33 6.69 -18.01
C LEU D 14 -5.53 5.87 -17.56
N SER D 15 -6.26 5.27 -18.51
CA SER D 15 -7.37 4.40 -18.13
C SER D 15 -6.89 3.20 -17.32
N SER D 16 -5.81 2.56 -17.76
CA SER D 16 -5.26 1.43 -17.01
C SER D 16 -4.91 1.85 -15.60
N GLU D 17 -4.19 2.97 -15.45
CA GLU D 17 -3.77 3.39 -14.12
C GLU D 17 -4.96 3.84 -13.28
N ALA D 18 -6.02 4.34 -13.91
CA ALA D 18 -7.21 4.76 -13.17
C ALA D 18 -7.98 3.56 -12.64
N LEU D 19 -8.16 2.55 -13.49
CA LEU D 19 -8.75 1.31 -13.01
C LEU D 19 -7.90 0.69 -11.90
N MET D 20 -6.58 0.73 -12.07
CA MET D 20 -5.68 0.31 -11.00
C MET D 20 -5.95 1.07 -9.70
N ARG D 21 -6.03 2.39 -9.80
CA ARG D 21 -6.30 3.22 -8.62
C ARG D 21 -7.62 2.85 -7.96
N ARG D 22 -8.65 2.60 -8.75
CA ARG D 22 -9.93 2.18 -8.17
C ARG D 22 -9.84 0.79 -7.57
N ALA D 23 -9.05 -0.10 -8.16
CA ALA D 23 -8.84 -1.42 -7.56
C ALA D 23 -8.20 -1.27 -6.19
N VAL D 24 -7.18 -0.42 -6.10
CA VAL D 24 -6.54 -0.16 -4.82
C VAL D 24 -7.51 0.49 -3.85
N SER D 25 -8.40 1.36 -4.35
CA SER D 25 -9.48 1.87 -3.52
C SER D 25 -10.35 0.76 -2.97
N LEU D 26 -10.59 -0.27 -3.78
CA LEU D 26 -11.35 -1.43 -3.30
C LEU D 26 -10.58 -2.17 -2.22
N VAL D 27 -9.29 -2.37 -2.43
CA VAL D 27 -8.47 -2.99 -1.39
C VAL D 27 -8.52 -2.16 -0.13
N THR D 28 -8.52 -0.83 -0.28
CA THR D 28 -8.45 0.05 0.87
C THR D 28 -9.74 0.03 1.66
N ASP D 29 -10.87 -0.05 0.97
CA ASP D 29 -12.14 -0.08 1.68
C ASP D 29 -12.44 -1.46 2.24
N SER D 30 -11.95 -2.52 1.60
CA SER D 30 -12.12 -3.85 2.17
C SER D 30 -11.20 -4.06 3.37
N THR D 31 -9.98 -3.53 3.31
CA THR D 31 -9.13 -3.50 4.49
C THR D 31 -9.68 -2.60 5.58
N SER D 32 -10.34 -1.50 5.22
CA SER D 32 -10.99 -0.70 6.25
C SER D 32 -12.18 -1.42 6.86
N THR D 33 -12.88 -2.24 6.08
CA THR D 33 -13.95 -3.04 6.62
C THR D 33 -13.41 -4.09 7.58
N PHE D 34 -12.41 -4.85 7.15
CA PHE D 34 -11.79 -5.83 8.03
C PHE D 34 -11.19 -5.19 9.28
N LEU D 35 -10.48 -4.07 9.12
CA LEU D 35 -9.93 -3.37 10.27
C LEU D 35 -11.02 -2.90 11.22
N SER D 36 -12.13 -2.38 10.69
CA SER D 36 -13.25 -1.99 11.54
C SER D 36 -13.83 -3.20 12.28
N GLN D 37 -14.03 -4.30 11.56
CA GLN D 37 -14.56 -5.50 12.20
C GLN D 37 -13.64 -6.01 13.29
N THR D 38 -12.34 -6.05 13.01
CA THR D 38 -11.38 -6.53 14.00
C THR D 38 -11.31 -5.58 15.18
N THR D 39 -11.47 -4.28 14.93
CA THR D 39 -11.52 -3.31 16.01
C THR D 39 -12.75 -3.51 16.86
N TYR D 40 -13.89 -3.81 16.23
CA TYR D 40 -15.13 -4.01 16.98
C TYR D 40 -15.06 -5.28 17.82
N ALA D 41 -14.63 -6.39 17.22
CA ALA D 41 -14.39 -7.60 17.98
C ALA D 41 -13.40 -7.38 19.11
N LEU D 42 -12.30 -6.68 18.83
CA LEU D 42 -11.30 -6.39 19.86
C LEU D 42 -11.92 -5.56 20.98
N ILE D 43 -12.70 -4.54 20.63
CA ILE D 43 -13.30 -3.68 21.64
C ILE D 43 -14.27 -4.48 22.50
N GLU D 44 -15.08 -5.33 21.88
CA GLU D 44 -15.95 -6.22 22.64
C GLU D 44 -15.14 -7.08 23.62
N ALA D 45 -14.12 -7.77 23.11
CA ALA D 45 -13.35 -8.67 23.95
C ALA D 45 -12.64 -7.91 25.07
N ILE D 46 -12.04 -6.76 24.75
CA ILE D 46 -11.47 -5.88 25.75
C ILE D 46 -12.52 -5.52 26.79
N THR D 47 -13.74 -5.22 26.35
CA THR D 47 -14.79 -4.81 27.28
C THR D 47 -15.14 -5.94 28.24
N GLU D 48 -15.32 -7.15 27.71
CA GLU D 48 -15.64 -8.28 28.57
C GLU D 48 -14.47 -8.63 29.49
N TYR D 49 -13.24 -8.51 29.00
CA TYR D 49 -12.08 -8.65 29.87
C TYR D 49 -12.15 -7.65 31.01
N THR D 50 -12.35 -6.37 30.69
CA THR D 50 -12.47 -5.32 31.69
C THR D 50 -13.59 -5.62 32.67
N LYS D 51 -14.69 -6.18 32.18
CA LYS D 51 -15.78 -6.61 33.05
C LYS D 51 -15.28 -7.64 34.05
N ALA D 52 -14.63 -8.69 33.57
CA ALA D 52 -14.08 -9.70 34.48
C ALA D 52 -13.04 -9.10 35.42
N VAL D 53 -12.28 -8.12 34.95
CA VAL D 53 -11.29 -7.45 35.78
C VAL D 53 -11.96 -6.74 36.95
N TYR D 54 -12.90 -5.85 36.65
CA TYR D 54 -13.61 -5.13 37.72
C TYR D 54 -14.37 -6.09 38.62
N THR D 55 -14.92 -7.17 38.05
CA THR D 55 -15.58 -8.19 38.86
C THR D 55 -14.61 -8.80 39.86
N LEU D 56 -13.49 -9.32 39.36
CA LEU D 56 -12.48 -9.91 40.23
C LEU D 56 -11.96 -8.91 41.25
N THR D 57 -11.85 -7.64 40.86
CA THR D 57 -11.47 -6.58 41.80
C THR D 57 -12.45 -6.52 42.97
N SER D 58 -13.74 -6.38 42.67
CA SER D 58 -14.75 -6.32 43.72
C SER D 58 -14.76 -7.61 44.53
N LEU D 59 -14.56 -8.75 43.87
CA LEU D 59 -14.52 -10.04 44.56
C LEU D 59 -13.36 -10.11 45.54
N TYR D 60 -12.19 -9.61 45.14
CA TYR D 60 -11.06 -9.53 46.05
C TYR D 60 -11.34 -8.59 47.21
N ARG D 61 -12.02 -7.47 46.95
CA ARG D 61 -12.38 -6.56 48.04
C ARG D 61 -13.29 -7.26 49.05
N GLN D 62 -14.30 -7.95 48.55
CA GLN D 62 -15.17 -8.75 49.43
C GLN D 62 -14.36 -9.78 50.21
N TYR D 63 -13.51 -10.53 49.53
CA TYR D 63 -12.70 -11.55 50.21
C TYR D 63 -11.82 -10.92 51.28
N THR D 64 -11.26 -9.75 50.99
CA THR D 64 -10.50 -9.02 51.99
C THR D 64 -11.37 -8.67 53.20
N SER D 65 -12.64 -8.34 52.95
CA SER D 65 -13.56 -8.12 54.06
C SER D 65 -13.86 -9.42 54.80
N LEU D 66 -13.67 -10.57 54.16
CA LEU D 66 -13.92 -11.87 54.77
C LEU D 66 -12.66 -12.53 55.32
N LEU D 67 -11.52 -11.83 55.31
CA LEU D 67 -10.27 -12.41 55.81
C LEU D 67 -10.41 -12.83 57.27
N GLY D 68 -9.68 -13.88 57.63
CA GLY D 68 -9.81 -14.50 58.94
C GLY D 68 -11.00 -15.44 59.03
N LYS D 69 -11.14 -16.03 60.22
CA LYS D 69 -12.18 -17.01 60.48
C LYS D 69 -13.58 -16.42 60.57
N MET D 70 -13.72 -15.09 60.46
CA MET D 70 -14.99 -14.44 60.73
C MET D 70 -16.14 -15.16 60.04
N ASN D 71 -15.95 -15.58 58.78
CA ASN D 71 -16.96 -16.40 58.09
C ASN D 71 -16.24 -17.31 57.08
N SER D 72 -15.66 -18.41 57.59
CA SER D 72 -15.02 -19.38 56.70
C SER D 72 -16.02 -19.96 55.71
N GLU D 73 -17.24 -20.26 56.17
CA GLU D 73 -18.34 -20.71 55.34
C GLU D 73 -18.76 -19.66 54.30
N GLU D 74 -18.10 -18.51 54.32
CA GLU D 74 -18.16 -17.51 53.27
C GLU D 74 -16.83 -17.30 52.60
N GLU D 75 -15.75 -17.25 53.38
CA GLU D 75 -14.42 -17.06 52.82
C GLU D 75 -14.10 -18.11 51.76
N ASP D 76 -14.37 -19.39 52.03
CA ASP D 76 -14.07 -20.43 51.05
C ASP D 76 -14.95 -20.34 49.80
N GLU D 77 -16.16 -19.81 49.92
CA GLU D 77 -17.03 -19.75 48.74
C GLU D 77 -16.68 -18.54 47.88
N VAL D 78 -16.36 -17.42 48.53
CA VAL D 78 -15.85 -16.27 47.78
C VAL D 78 -14.52 -16.63 47.14
N TRP D 79 -13.69 -17.42 47.82
CA TRP D 79 -12.46 -17.93 47.21
C TRP D 79 -12.74 -18.72 45.94
N GLN D 80 -13.65 -19.70 46.01
CA GLN D 80 -14.01 -20.47 44.81
C GLN D 80 -14.51 -19.57 43.69
N VAL D 81 -15.41 -18.64 44.02
CA VAL D 81 -15.91 -17.70 43.03
C VAL D 81 -14.76 -16.89 42.43
N ILE D 82 -13.81 -16.47 43.28
CA ILE D 82 -12.63 -15.76 42.81
C ILE D 82 -11.82 -16.62 41.85
N ILE D 83 -11.78 -17.93 42.08
CA ILE D 83 -11.07 -18.81 41.15
C ILE D 83 -11.74 -18.80 39.80
N GLY D 84 -13.07 -18.92 39.80
CA GLY D 84 -13.79 -18.85 38.54
C GLY D 84 -13.61 -17.51 37.84
N ALA D 85 -13.60 -16.43 38.61
CA ALA D 85 -13.37 -15.11 38.05
C ALA D 85 -11.97 -15.00 37.44
N ARG D 86 -10.96 -15.50 38.15
CA ARG D 86 -9.61 -15.53 37.61
C ARG D 86 -9.57 -16.27 36.30
N ALA D 87 -10.17 -17.46 36.25
CA ALA D 87 -10.16 -18.25 35.02
C ALA D 87 -10.82 -17.49 33.88
N GLU D 88 -12.01 -16.96 34.12
CA GLU D 88 -12.71 -16.21 33.08
C GLU D 88 -11.88 -15.02 32.61
N MET D 89 -11.35 -14.24 33.56
CA MET D 89 -10.58 -13.06 33.20
C MET D 89 -9.35 -13.42 32.38
N THR D 90 -8.64 -14.48 32.77
CA THR D 90 -7.40 -14.82 32.09
C THR D 90 -7.65 -15.40 30.70
N SER D 91 -8.65 -16.28 30.59
CA SER D 91 -9.03 -16.78 29.27
C SER D 91 -9.48 -15.65 28.35
N LYS D 92 -10.18 -14.67 28.90
CA LYS D 92 -10.58 -13.52 28.09
C LYS D 92 -9.39 -12.64 27.77
N HIS D 93 -8.43 -12.53 28.68
CA HIS D 93 -7.19 -11.82 28.39
C HIS D 93 -6.48 -12.43 27.18
N GLN D 94 -6.21 -13.73 27.23
CA GLN D 94 -5.60 -14.40 26.08
C GLN D 94 -6.44 -14.23 24.82
N GLU D 95 -7.77 -14.36 24.94
CA GLU D 95 -8.62 -14.24 23.76
C GLU D 95 -8.48 -12.86 23.13
N TYR D 96 -8.70 -11.80 23.93
CA TYR D 96 -8.60 -10.46 23.39
C TYR D 96 -7.17 -10.09 23.00
N LEU D 97 -6.16 -10.78 23.53
CA LEU D 97 -4.81 -10.54 23.03
C LEU D 97 -4.57 -11.17 21.67
N LYS D 98 -5.11 -12.36 21.44
CA LYS D 98 -5.11 -12.88 20.06
C LYS D 98 -5.89 -11.95 19.16
N LEU D 99 -7.01 -11.44 19.66
CA LEU D 99 -7.81 -10.50 18.88
C LEU D 99 -7.02 -9.24 18.58
N GLU D 100 -6.27 -8.73 19.56
CA GLU D 100 -5.45 -7.54 19.33
C GLU D 100 -4.28 -7.81 18.41
N THR D 101 -3.72 -9.02 18.46
CA THR D 101 -2.73 -9.42 17.47
C THR D 101 -3.32 -9.34 16.08
N THR D 102 -4.54 -9.87 15.93
CA THR D 102 -5.24 -9.76 14.64
C THR D 102 -5.53 -8.30 14.29
N TRP D 103 -5.80 -7.48 15.30
CA TRP D 103 -6.06 -6.07 15.07
C TRP D 103 -4.83 -5.35 14.54
N MET D 104 -3.68 -5.61 15.15
CA MET D 104 -2.42 -5.05 14.67
C MET D 104 -2.07 -5.60 13.30
N THR D 105 -2.44 -6.85 13.03
CA THR D 105 -2.31 -7.40 11.69
C THR D 105 -3.13 -6.59 10.70
N ALA D 106 -4.36 -6.25 11.08
CA ALA D 106 -5.24 -5.48 10.21
C ALA D 106 -4.73 -4.05 10.04
N VAL D 107 -4.21 -3.46 11.10
CA VAL D 107 -3.60 -2.13 11.01
C VAL D 107 -2.44 -2.15 10.02
N GLY D 108 -1.54 -3.13 10.17
CA GLY D 108 -0.45 -3.27 9.22
C GLY D 108 -0.93 -3.46 7.80
N LEU D 109 -1.98 -4.27 7.62
CA LEU D 109 -2.57 -4.44 6.30
C LEU D 109 -3.09 -3.12 5.74
N SER D 110 -3.86 -2.38 6.53
CA SER D 110 -4.40 -1.12 6.05
C SER D 110 -3.30 -0.11 5.75
N GLU D 111 -2.19 -0.18 6.49
CA GLU D 111 -1.08 0.72 6.21
C GLU D 111 -0.39 0.35 4.91
N MET D 112 -0.12 -0.94 4.71
CA MET D 112 0.40 -1.39 3.43
C MET D 112 -0.55 -1.05 2.29
N ALA D 113 -1.85 -1.02 2.58
CA ALA D 113 -2.81 -0.64 1.54
C ALA D 113 -2.71 0.84 1.22
N ALA D 114 -2.54 1.67 2.24
CA ALA D 114 -2.26 3.08 2.00
C ALA D 114 -0.96 3.26 1.21
N GLU D 115 0.00 2.37 1.44
CA GLU D 115 1.27 2.41 0.73
C GLU D 115 1.08 2.13 -0.76
N ALA D 116 0.26 1.11 -1.06
CA ALA D 116 -0.10 0.84 -2.45
C ALA D 116 -0.90 1.98 -3.06
N ALA D 117 -1.79 2.58 -2.27
CA ALA D 117 -2.56 3.72 -2.75
C ALA D 117 -1.63 4.85 -3.17
N TYR D 118 -0.78 5.29 -2.24
CA TYR D 118 0.13 6.37 -2.57
C TYR D 118 0.91 6.01 -3.81
N GLN D 119 1.27 4.73 -3.97
CA GLN D 119 2.05 4.33 -5.14
C GLN D 119 1.27 4.53 -6.42
N THR D 120 -0.02 4.23 -6.41
CA THR D 120 -0.83 4.33 -7.61
C THR D 120 -1.46 5.69 -7.79
N GLY D 121 -1.22 6.62 -6.87
CA GLY D 121 -1.81 7.94 -6.97
C GLY D 121 -3.25 8.02 -6.53
N ALA D 122 -3.79 6.95 -5.94
CA ALA D 122 -5.06 7.03 -5.25
C ALA D 122 -4.88 7.73 -3.91
N ASP D 123 -4.38 8.97 -3.94
CA ASP D 123 -4.05 9.67 -2.71
C ASP D 123 -5.30 9.86 -1.85
N GLN D 124 -6.43 10.13 -2.49
CA GLN D 124 -7.68 10.28 -1.73
C GLN D 124 -7.97 9.01 -0.94
N ALA D 125 -7.83 7.85 -1.59
CA ALA D 125 -7.99 6.59 -0.87
C ALA D 125 -6.96 6.44 0.22
N SER D 126 -5.70 6.80 -0.06
CA SER D 126 -4.66 6.66 0.95
C SER D 126 -4.99 7.46 2.20
N ILE D 127 -5.40 8.71 2.00
CA ILE D 127 -5.72 9.59 3.12
C ILE D 127 -6.95 9.09 3.86
N THR D 128 -7.97 8.65 3.12
CA THR D 128 -9.14 8.05 3.76
C THR D 128 -8.73 6.89 4.66
N ALA D 129 -7.86 6.02 4.15
CA ALA D 129 -7.39 4.89 4.93
C ALA D 129 -6.62 5.35 6.15
N ARG D 130 -5.74 6.32 5.98
CA ARG D 130 -4.93 6.81 7.08
C ARG D 130 -5.80 7.41 8.17
N ASN D 131 -6.80 8.21 7.80
CA ASN D 131 -7.70 8.79 8.79
C ASN D 131 -8.57 7.72 9.45
N HIS D 132 -8.98 6.70 8.69
CA HIS D 132 -9.66 5.56 9.30
C HIS D 132 -8.78 4.87 10.33
N ILE D 133 -7.51 4.65 9.98
CA ILE D 133 -6.58 4.03 10.90
C ILE D 133 -6.43 4.86 12.15
N GLN D 134 -6.28 6.18 12.00
CA GLN D 134 -6.15 7.04 13.18
C GLN D 134 -7.39 6.97 14.06
N LEU D 135 -8.58 7.08 13.46
CA LEU D 135 -9.81 6.97 14.24
C LEU D 135 -9.85 5.65 14.99
N VAL D 136 -9.60 4.56 14.27
CA VAL D 136 -9.67 3.23 14.86
C VAL D 136 -8.66 3.08 15.98
N LYS D 137 -7.41 3.48 15.73
CA LYS D 137 -6.36 3.37 16.72
C LYS D 137 -6.68 4.19 17.96
N LEU D 138 -7.21 5.40 17.79
CA LEU D 138 -7.58 6.21 18.94
C LEU D 138 -8.68 5.52 19.75
N GLN D 139 -9.73 5.05 19.08
CA GLN D 139 -10.82 4.38 19.80
C GLN D 139 -10.34 3.11 20.49
N VAL D 140 -9.50 2.33 19.80
CA VAL D 140 -8.87 1.16 20.39
C VAL D 140 -8.09 1.54 21.63
N GLU D 141 -7.21 2.53 21.51
CA GLU D 141 -6.42 2.95 22.67
C GLU D 141 -7.27 3.58 23.76
N GLU D 142 -8.49 4.03 23.45
CA GLU D 142 -9.40 4.46 24.50
C GLU D 142 -9.92 3.26 25.28
N VAL D 143 -10.37 2.22 24.58
CA VAL D 143 -10.81 1.03 25.29
C VAL D 143 -9.62 0.37 25.98
N HIS D 144 -8.42 0.55 25.41
CA HIS D 144 -7.20 0.04 26.04
C HIS D 144 -6.88 0.81 27.31
N GLN D 145 -7.11 2.12 27.31
CA GLN D 145 -6.98 2.93 28.51
C GLN D 145 -7.96 2.45 29.59
N LEU D 146 -9.21 2.21 29.20
CA LEU D 146 -10.17 1.66 30.15
C LEU D 146 -9.69 0.32 30.69
N SER D 147 -9.16 -0.54 29.82
CA SER D 147 -8.66 -1.83 30.26
C SER D 147 -7.47 -1.69 31.20
N ARG D 148 -6.61 -0.71 30.94
CA ARG D 148 -5.42 -0.52 31.78
C ARG D 148 -5.77 0.10 33.11
N LYS D 149 -6.75 1.00 33.15
CA LYS D 149 -7.32 1.45 34.43
C LYS D 149 -7.91 0.28 35.20
N ALA D 150 -8.71 -0.55 34.54
CA ALA D 150 -9.31 -1.68 35.23
C ALA D 150 -8.24 -2.62 35.78
N GLU D 151 -7.20 -2.86 35.00
CA GLU D 151 -6.09 -3.70 35.46
C GLU D 151 -5.34 -3.05 36.61
N THR D 152 -5.13 -1.74 36.55
CA THR D 152 -4.50 -1.03 37.67
C THR D 152 -5.34 -1.15 38.93
N LYS D 153 -6.67 -1.02 38.80
CA LYS D 153 -7.53 -1.08 39.98
C LYS D 153 -7.61 -2.49 40.54
N LEU D 154 -7.58 -3.50 39.66
CA LEU D 154 -7.48 -4.88 40.10
C LEU D 154 -6.15 -5.13 40.82
N ALA D 155 -5.06 -4.64 40.26
CA ALA D 155 -3.76 -4.75 40.91
C ALA D 155 -3.76 -4.10 42.28
N GLU D 156 -4.28 -2.87 42.38
CA GLU D 156 -4.36 -2.20 43.67
C GLU D 156 -5.22 -2.98 44.67
N ALA D 157 -6.39 -3.47 44.23
CA ALA D 157 -7.23 -4.25 45.13
C ALA D 157 -6.54 -5.53 45.57
N GLN D 158 -5.82 -6.18 44.65
CA GLN D 158 -5.06 -7.37 45.01
C GLN D 158 -3.94 -7.02 45.99
N ILE D 159 -3.29 -5.87 45.78
CA ILE D 159 -2.24 -5.42 46.68
C ILE D 159 -2.80 -5.23 48.09
N GLU D 160 -3.95 -4.57 48.19
CA GLU D 160 -4.57 -4.36 49.49
C GLU D 160 -5.05 -5.67 50.09
N GLU D 161 -5.54 -6.58 49.26
CA GLU D 161 -5.85 -7.93 49.71
C GLU D 161 -4.62 -8.63 50.29
N LEU D 162 -3.49 -8.51 49.60
CA LEU D 162 -2.26 -9.12 50.09
C LEU D 162 -1.79 -8.48 51.39
N ARG D 163 -1.81 -7.14 51.46
CA ARG D 163 -1.50 -6.46 52.72
C ARG D 163 -2.39 -6.95 53.85
N GLN D 164 -3.70 -6.94 53.66
CA GLN D 164 -4.62 -7.32 54.73
C GLN D 164 -4.42 -8.78 55.12
N LYS D 165 -4.28 -9.67 54.13
CA LYS D 165 -4.04 -11.08 54.44
C LYS D 165 -2.74 -11.25 55.22
N THR D 166 -1.65 -10.65 54.72
CA THR D 166 -0.37 -10.82 55.39
C THR D 166 -0.36 -10.21 56.78
N GLN D 167 -1.10 -9.12 56.98
CA GLN D 167 -1.18 -8.52 58.31
C GLN D 167 -1.99 -9.41 59.24
N GLU D 168 -3.22 -9.76 58.85
CA GLU D 168 -4.09 -10.51 59.74
C GLU D 168 -3.51 -11.89 60.02
N GLU D 169 -3.06 -12.59 58.98
CA GLU D 169 -2.41 -13.89 59.18
C GLU D 169 -1.06 -13.78 59.88
N GLY D 170 -0.36 -12.64 59.76
CA GLY D 170 0.87 -12.48 60.52
C GLY D 170 0.60 -12.33 61.99
N GLU D 171 -0.41 -11.52 62.34
CA GLU D 171 -0.81 -11.39 63.73
C GLU D 171 -1.35 -12.72 64.26
N GLU D 172 -2.14 -13.42 63.47
CA GLU D 172 -2.60 -14.76 63.86
C GLU D 172 -1.46 -15.76 63.99
N ARG D 173 -0.41 -15.63 63.18
CA ARG D 173 0.75 -16.51 63.30
C ARG D 173 1.55 -16.19 64.56
N ALA D 174 1.73 -14.91 64.87
CA ALA D 174 2.34 -14.52 66.13
C ALA D 174 1.53 -15.03 67.31
N GLU D 175 0.19 -14.87 67.24
CA GLU D 175 -0.69 -15.41 68.26
C GLU D 175 -0.58 -16.92 68.35
N SER D 176 -0.40 -17.62 67.23
CA SER D 176 -0.26 -19.07 67.27
C SER D 176 1.05 -19.47 67.95
N GLU D 177 2.13 -18.72 67.71
CA GLU D 177 3.38 -18.95 68.44
C GLU D 177 3.19 -18.70 69.93
N GLN D 178 2.52 -17.60 70.29
CA GLN D 178 2.27 -17.30 71.69
C GLN D 178 1.38 -18.36 72.33
N GLU D 179 0.39 -18.86 71.60
CA GLU D 179 -0.51 -19.88 72.11
C GLU D 179 0.20 -21.21 72.28
N ALA D 180 1.16 -21.50 71.40
CA ALA D 180 1.98 -22.68 71.62
C ALA D 180 2.85 -22.49 72.86
N TYR D 181 3.30 -21.26 73.11
CA TYR D 181 4.05 -21.00 74.34
C TYR D 181 3.18 -20.98 75.59
N LEU D 182 1.86 -20.87 75.47
CA LEU D 182 1.05 -20.80 76.67
C LEU D 182 1.02 -22.12 77.44
N ARG D 183 1.35 -23.23 76.79
CA ARG D 183 1.08 -24.56 77.35
C ARG D 183 2.32 -25.43 77.27
N GLU D 184 2.54 -26.20 78.34
CA GLU D 184 3.60 -27.20 78.41
C GLU D 184 5.02 -26.64 78.38
N ASP D 185 5.22 -25.44 77.84
CA ASP D 185 6.56 -24.87 77.77
C ASP D 185 6.99 -24.34 79.14
N UNK E 1 14.53 -19.52 -42.56
CA UNK E 1 13.07 -19.63 -42.57
C UNK E 1 12.55 -20.09 -41.23
N UNK E 2 12.86 -21.34 -40.87
CA UNK E 2 12.15 -21.98 -39.77
C UNK E 2 12.32 -21.24 -38.45
N UNK E 3 13.45 -20.58 -38.25
CA UNK E 3 13.62 -19.78 -37.03
C UNK E 3 12.60 -18.67 -36.94
N UNK E 4 12.30 -18.01 -38.07
CA UNK E 4 11.30 -16.96 -38.08
C UNK E 4 9.91 -17.54 -37.85
N UNK E 5 9.60 -18.65 -38.53
CA UNK E 5 8.29 -19.28 -38.36
C UNK E 5 8.05 -19.63 -36.89
N UNK E 6 9.05 -20.26 -36.26
CA UNK E 6 8.93 -20.62 -34.85
C UNK E 6 8.79 -19.40 -33.95
N UNK E 7 9.57 -18.34 -34.20
CA UNK E 7 9.45 -17.12 -33.42
C UNK E 7 8.05 -16.54 -33.54
N UNK E 8 7.53 -16.46 -34.77
CA UNK E 8 6.19 -15.92 -34.98
C UNK E 8 5.13 -16.76 -34.29
N UNK E 9 5.23 -18.09 -34.40
CA UNK E 9 4.29 -18.97 -33.71
C UNK E 9 4.31 -18.73 -32.21
N UNK E 10 5.51 -18.73 -31.61
CA UNK E 10 5.60 -18.57 -30.17
C UNK E 10 5.09 -17.20 -29.74
N UNK E 11 5.40 -16.15 -30.49
CA UNK E 11 4.87 -14.83 -30.20
C UNK E 11 3.34 -14.83 -30.21
N UNK E 12 2.74 -15.30 -31.30
CA UNK E 12 1.29 -15.34 -31.40
C UNK E 12 0.68 -16.11 -30.24
N UNK E 13 1.23 -17.30 -29.96
CA UNK E 13 0.74 -18.11 -28.85
C UNK E 13 0.80 -17.35 -27.54
N UNK E 14 1.95 -16.74 -27.25
CA UNK E 14 2.12 -16.03 -25.98
C UNK E 14 1.14 -14.87 -25.88
N UNK E 15 0.94 -14.14 -26.97
CA UNK E 15 -0.02 -13.04 -26.96
C UNK E 15 -1.43 -13.55 -26.67
N UNK E 16 -1.86 -14.56 -27.42
CA UNK E 16 -3.18 -15.13 -27.19
C UNK E 16 -3.35 -15.60 -25.76
N UNK E 17 -2.33 -16.28 -25.22
CA UNK E 17 -2.39 -16.76 -23.84
C UNK E 17 -2.52 -15.60 -22.86
N UNK E 18 -1.71 -14.57 -23.01
CA UNK E 18 -1.80 -13.42 -22.11
C UNK E 18 -3.19 -12.78 -22.20
N UNK E 19 -3.70 -12.60 -23.42
CA UNK E 19 -5.04 -12.07 -23.60
C UNK E 19 -6.07 -12.91 -22.86
N UNK E 20 -6.06 -14.22 -23.08
CA UNK E 20 -7.03 -15.10 -22.44
C UNK E 20 -6.90 -15.04 -20.93
N UNK E 21 -5.66 -15.05 -20.43
CA UNK E 21 -5.43 -14.94 -18.99
C UNK E 21 -6.05 -13.66 -18.45
N UNK E 22 -5.82 -12.53 -19.12
CA UNK E 22 -6.40 -11.27 -18.67
C UNK E 22 -7.92 -11.32 -18.69
N UNK E 23 -8.51 -11.87 -19.75
CA UNK E 23 -9.96 -11.96 -19.82
C UNK E 23 -10.51 -12.82 -18.70
N UNK E 24 -9.89 -13.98 -18.45
CA UNK E 24 -10.32 -14.83 -17.36
C UNK E 24 -10.13 -14.15 -16.02
N UNK E 25 -9.07 -13.35 -15.88
CA UNK E 25 -8.87 -12.58 -14.66
C UNK E 25 -10.01 -11.59 -14.47
N UNK E 26 -10.39 -10.89 -15.53
CA UNK E 26 -11.50 -9.94 -15.41
C UNK E 26 -12.80 -10.64 -15.05
N UNK E 27 -13.09 -11.77 -15.70
CA UNK E 27 -14.24 -12.58 -15.30
C UNK E 27 -14.17 -12.97 -13.82
N UNK E 28 -13.01 -13.46 -13.39
CA UNK E 28 -12.84 -13.87 -12.00
C UNK E 28 -13.02 -12.70 -11.04
N UNK E 29 -12.56 -11.52 -11.46
CA UNK E 29 -12.75 -10.33 -10.63
C UNK E 29 -14.21 -9.92 -10.55
N UNK E 30 -14.95 -10.04 -11.66
CA UNK E 30 -16.40 -9.89 -11.60
C UNK E 30 -17.03 -10.88 -10.61
N UNK E 31 -16.57 -12.13 -10.63
CA UNK E 31 -17.13 -13.12 -9.71
C UNK E 31 -16.75 -12.81 -8.26
N UNK E 32 -15.51 -12.41 -8.03
CA UNK E 32 -15.10 -11.95 -6.70
C UNK E 32 -15.95 -10.78 -6.23
N UNK E 33 -16.26 -9.85 -7.13
CA UNK E 33 -17.05 -8.69 -6.74
C UNK E 33 -18.49 -9.06 -6.45
N UNK E 34 -19.05 -10.03 -7.17
CA UNK E 34 -20.39 -10.51 -6.81
C UNK E 34 -20.38 -11.28 -5.50
N UNK E 35 -19.36 -12.10 -5.26
CA UNK E 35 -19.23 -12.74 -3.96
C UNK E 35 -19.05 -11.74 -2.84
N UNK E 36 -18.37 -10.62 -3.11
CA UNK E 36 -18.22 -9.58 -2.11
C UNK E 36 -19.52 -8.83 -1.88
N UNK E 37 -20.32 -8.63 -2.93
CA UNK E 37 -21.66 -8.09 -2.75
C UNK E 37 -22.50 -9.02 -1.85
N UNK E 38 -22.44 -10.31 -2.13
CA UNK E 38 -23.15 -11.28 -1.29
C UNK E 38 -22.68 -11.21 0.15
N UNK E 39 -21.35 -11.21 0.35
CA UNK E 39 -20.80 -11.05 1.69
C UNK E 39 -21.28 -9.78 2.36
N UNK E 40 -21.33 -8.67 1.63
CA UNK E 40 -21.86 -7.43 2.17
C UNK E 40 -23.30 -7.61 2.63
N UNK E 41 -24.14 -8.17 1.77
CA UNK E 41 -25.53 -8.39 2.15
C UNK E 41 -25.59 -9.20 3.43
N UNK E 42 -24.91 -10.34 3.43
CA UNK E 42 -24.83 -11.22 4.59
C UNK E 42 -24.50 -10.42 5.84
N UNK E 43 -23.35 -9.74 5.83
CA UNK E 43 -22.81 -9.14 7.04
C UNK E 43 -23.65 -7.95 7.49
N UNK E 44 -24.12 -7.12 6.55
CA UNK E 44 -25.02 -6.04 6.93
C UNK E 44 -26.32 -6.56 7.53
N UNK E 45 -26.81 -7.71 7.05
CA UNK E 45 -28.01 -8.28 7.62
C UNK E 45 -27.73 -8.84 9.01
N UNK E 46 -26.58 -9.48 9.18
CA UNK E 46 -26.17 -9.94 10.50
C UNK E 46 -26.03 -8.77 11.46
N UNK E 47 -25.47 -7.67 11.00
CA UNK E 47 -25.32 -6.48 11.84
C UNK E 47 -26.68 -5.87 12.20
N UNK E 48 -27.63 -5.86 11.26
CA UNK E 48 -28.99 -5.43 11.60
C UNK E 48 -29.64 -6.36 12.62
N UNK E 49 -29.46 -7.67 12.45
CA UNK E 49 -29.93 -8.62 13.46
C UNK E 49 -29.24 -8.42 14.80
N UNK E 50 -27.99 -7.96 14.79
CA UNK E 50 -27.27 -7.74 16.04
C UNK E 50 -27.72 -6.44 16.71
N UNK E 51 -28.04 -5.42 15.91
CA UNK E 51 -28.68 -4.24 16.45
C UNK E 51 -30.01 -4.60 17.11
N UNK E 52 -30.84 -5.39 16.41
CA UNK E 52 -32.07 -5.88 17.00
C UNK E 52 -31.82 -6.61 18.32
N UNK E 53 -30.84 -7.52 18.33
CA UNK E 53 -30.51 -8.24 19.56
C UNK E 53 -30.08 -7.31 20.68
N UNK E 54 -29.25 -6.30 20.36
CA UNK E 54 -28.76 -5.39 21.39
C UNK E 54 -29.87 -4.48 21.90
N UNK E 55 -30.82 -4.12 21.03
CA UNK E 55 -32.02 -3.43 21.49
C UNK E 55 -32.87 -4.33 22.38
N UNK E 56 -32.88 -5.63 22.09
CA UNK E 56 -33.62 -6.55 22.96
C UNK E 56 -32.90 -6.76 24.29
N UNK E 57 -31.57 -6.69 24.28
CA UNK E 57 -30.79 -6.91 25.50
C UNK E 57 -31.09 -5.83 26.53
N UNK F 1 -18.96 10.76 54.83
CA UNK F 1 -19.52 11.34 53.62
C UNK F 1 -18.55 11.21 52.46
N UNK F 2 -17.44 11.94 52.53
CA UNK F 2 -16.58 12.12 51.37
C UNK F 2 -16.13 10.79 50.80
N UNK F 3 -15.87 9.81 51.65
CA UNK F 3 -15.51 8.47 51.19
C UNK F 3 -16.63 7.84 50.37
N UNK F 4 -17.86 7.86 50.90
CA UNK F 4 -18.98 7.38 50.10
C UNK F 4 -19.23 8.25 48.88
N UNK F 5 -19.03 9.57 48.98
CA UNK F 5 -19.14 10.38 47.78
C UNK F 5 -18.14 9.92 46.72
N UNK F 6 -16.95 9.52 47.17
CA UNK F 6 -15.92 8.98 46.27
C UNK F 6 -16.40 7.71 45.60
N UNK F 7 -16.97 6.79 46.38
CA UNK F 7 -17.49 5.55 45.80
C UNK F 7 -18.65 5.83 44.85
N UNK F 8 -19.48 6.81 45.18
CA UNK F 8 -20.58 7.18 44.29
C UNK F 8 -20.07 7.79 43.00
N UNK F 9 -18.99 8.56 43.08
CA UNK F 9 -18.36 9.10 41.87
C UNK F 9 -17.73 8.01 41.02
N UNK F 10 -17.06 7.05 41.64
CA UNK F 10 -16.57 5.89 40.91
C UNK F 10 -17.71 5.16 40.20
N UNK F 11 -18.83 4.96 40.89
CA UNK F 11 -20.00 4.33 40.28
C UNK F 11 -20.52 5.16 39.10
N UNK F 12 -20.65 6.47 39.31
CA UNK F 12 -21.07 7.38 38.25
C UNK F 12 -20.17 7.24 37.02
N UNK F 13 -18.85 7.25 37.24
CA UNK F 13 -17.91 7.11 36.13
C UNK F 13 -18.08 5.76 35.44
N UNK F 14 -18.32 4.70 36.21
CA UNK F 14 -18.49 3.38 35.60
C UNK F 14 -19.76 3.33 34.74
N UNK F 15 -20.86 3.87 35.25
CA UNK F 15 -22.10 3.87 34.47
C UNK F 15 -21.99 4.78 33.25
N UNK F 16 -21.35 5.93 33.39
CA UNK F 16 -21.06 6.79 32.25
C UNK F 16 -20.26 6.05 31.20
N UNK F 17 -19.21 5.35 31.62
CA UNK F 17 -18.42 4.55 30.70
C UNK F 17 -19.29 3.52 29.99
N UNK F 18 -20.11 2.79 30.75
CA UNK F 18 -20.97 1.77 30.15
C UNK F 18 -21.91 2.38 29.10
N UNK F 19 -22.50 3.53 29.40
CA UNK F 19 -23.41 4.17 28.47
C UNK F 19 -22.68 4.67 27.22
N UNK F 20 -21.58 5.39 27.41
CA UNK F 20 -20.80 5.88 26.28
C UNK F 20 -20.27 4.73 25.44
N UNK F 21 -19.90 3.62 26.09
CA UNK F 21 -19.48 2.42 25.37
C UNK F 21 -20.60 1.89 24.50
N UNK F 22 -21.78 1.68 25.07
CA UNK F 22 -22.88 1.14 24.27
C UNK F 22 -23.21 2.07 23.12
N UNK F 23 -23.25 3.39 23.38
CA UNK F 23 -23.48 4.37 22.33
C UNK F 23 -22.45 4.24 21.22
N UNK F 24 -21.17 4.31 21.59
CA UNK F 24 -20.10 4.23 20.60
C UNK F 24 -20.20 2.94 19.79
N UNK F 25 -20.40 1.81 20.48
CA UNK F 25 -20.41 0.53 19.81
C UNK F 25 -21.58 0.42 18.84
N UNK F 26 -22.76 0.88 19.25
CA UNK F 26 -23.90 0.88 18.33
C UNK F 26 -23.66 1.81 17.14
N UNK F 27 -23.09 2.99 17.39
CA UNK F 27 -22.80 3.91 16.30
C UNK F 27 -21.81 3.31 15.33
N UNK F 28 -20.72 2.72 15.85
CA UNK F 28 -19.75 2.03 15.01
C UNK F 28 -20.38 0.85 14.27
N UNK F 29 -21.32 0.16 14.90
CA UNK F 29 -22.01 -0.93 14.22
C UNK F 29 -22.81 -0.41 13.03
N UNK F 30 -23.55 0.68 13.22
CA UNK F 30 -24.28 1.28 12.12
C UNK F 30 -23.34 1.79 11.04
N UNK F 31 -22.23 2.40 11.43
CA UNK F 31 -21.25 2.87 10.46
C UNK F 31 -20.57 1.73 9.72
N UNK F 32 -20.36 0.59 10.39
CA UNK F 32 -19.85 -0.59 9.69
C UNK F 32 -20.87 -1.18 8.73
N UNK F 33 -22.15 -1.12 9.07
CA UNK F 33 -23.19 -1.49 8.12
C UNK F 33 -23.16 -0.58 6.89
N UNK F 34 -23.09 0.73 7.13
CA UNK F 34 -23.02 1.67 6.02
C UNK F 34 -21.76 1.47 5.21
N UNK F 35 -20.64 1.21 5.87
CA UNK F 35 -19.40 0.92 5.18
C UNK F 35 -19.50 -0.34 4.35
N UNK F 36 -20.23 -1.35 4.84
CA UNK F 36 -20.42 -2.57 4.05
C UNK F 36 -21.31 -2.33 2.85
N UNK F 37 -22.32 -1.48 2.99
CA UNK F 37 -23.11 -1.07 1.83
C UNK F 37 -22.25 -0.30 0.82
N UNK F 38 -21.37 0.57 1.32
CA UNK F 38 -20.44 1.27 0.45
C UNK F 38 -19.47 0.31 -0.23
N UNK F 39 -18.99 -0.69 0.51
CA UNK F 39 -18.17 -1.74 -0.08
C UNK F 39 -18.92 -2.48 -1.17
N UNK F 40 -20.21 -2.76 -0.97
CA UNK F 40 -20.99 -3.41 -2.02
C UNK F 40 -21.15 -2.50 -3.23
N UNK F 41 -21.33 -1.20 -3.00
CA UNK F 41 -21.39 -0.26 -4.12
C UNK F 41 -20.07 -0.21 -4.88
N UNK F 42 -18.95 -0.18 -4.15
CA UNK F 42 -17.64 -0.21 -4.78
C UNK F 42 -17.42 -1.50 -5.56
N UNK F 43 -17.80 -2.65 -4.99
CA UNK F 43 -17.76 -3.89 -5.74
C UNK F 43 -18.59 -3.80 -7.03
N UNK F 44 -19.73 -3.11 -6.96
CA UNK F 44 -20.60 -3.03 -8.12
C UNK F 44 -19.96 -2.16 -9.20
N UNK F 45 -19.44 -1.00 -8.79
CA UNK F 45 -18.74 -0.13 -9.73
C UNK F 45 -17.55 -0.86 -10.35
N UNK F 46 -16.77 -1.57 -9.52
CA UNK F 46 -15.66 -2.36 -10.03
C UNK F 46 -16.13 -3.33 -11.10
N UNK F 47 -17.18 -4.11 -10.80
CA UNK F 47 -17.62 -5.13 -11.74
C UNK F 47 -18.15 -4.52 -13.03
N UNK F 48 -18.89 -3.41 -12.93
CA UNK F 48 -19.33 -2.70 -14.12
C UNK F 48 -18.15 -2.21 -14.96
N UNK F 49 -17.15 -1.61 -14.31
CA UNK F 49 -15.98 -1.15 -15.03
C UNK F 49 -15.23 -2.30 -15.67
N UNK F 50 -15.19 -3.45 -14.99
CA UNK F 50 -14.53 -4.62 -15.55
C UNK F 50 -15.27 -5.14 -16.75
N UNK F 51 -16.61 -5.10 -16.72
CA UNK F 51 -17.37 -5.48 -17.89
C UNK F 51 -17.14 -4.50 -19.04
N UNK F 52 -17.08 -3.21 -18.73
CA UNK F 52 -16.72 -2.22 -19.74
C UNK F 52 -15.36 -2.51 -20.36
N UNK F 53 -14.38 -2.87 -19.54
CA UNK F 53 -13.06 -3.21 -20.07
C UNK F 53 -13.10 -4.49 -20.89
N UNK F 54 -13.88 -5.48 -20.44
CA UNK F 54 -14.00 -6.73 -21.19
C UNK F 54 -14.58 -6.47 -22.57
N UNK F 55 -15.59 -5.60 -22.65
CA UNK F 55 -16.08 -5.19 -23.96
C UNK F 55 -14.99 -4.45 -24.72
N UNK F 56 -14.28 -3.55 -24.03
CA UNK F 56 -13.20 -2.82 -24.67
C UNK F 56 -12.05 -3.75 -25.05
N UNK F 57 -11.91 -4.87 -24.34
CA UNK F 57 -10.92 -5.88 -24.68
C UNK F 57 -11.21 -6.50 -26.04
#